data_7CZ9
#
_entry.id   7CZ9
#
_cell.length_a   128.947
_cell.length_b   128.780
_cell.length_c   137.262
_cell.angle_alpha   91.28
_cell.angle_beta   90.01
_cell.angle_gamma   103.57
#
_symmetry.space_group_name_H-M   'P 1'
#
loop_
_entity.id
_entity.type
_entity.pdbx_description
1 polymer 'Efflux pump membrane transporter'
2 non-polymer DODECYL-BETA-D-MALTOSIDE
3 non-polymer PHOSPHATIDYLETHANOLAMINE
4 non-polymer GLYCEROL
5 water water
#
_entity_poly.entity_id   1
_entity_poly.type   'polypeptide(L)'
_entity_poly.pdbx_seq_one_letter_code
;MDFSRFFIDRPIFAAVLSILIFITGLIAIPLLPVSEYPDVVPPSVQVRAEYPGANPKVIAETVATPLEEAINGVENMMYM
KSVAGSDGVLVTTVTFRPGTDPDQAQVQVQNRVAQAEARLPEDVRRLGITTQKQSPTLTLVVHLFSPNGKYDSLYMRNYA
TLKVKDELARLPGVGQIQIFGSGEYAMRVWLDPNKVAARGLTASDVVTAMQEQNVQVSAGQLGAEPLPQESDFLISINAQ
GRLHTEEEFGNIILKTAQDGSLVRLRDVARIEMGSGSYALRSQLNNKDAVGIGIFQSPGANAIDLSNAVRAKMAELATRF
PEDMQWAAPYDPTVFVRDSIRAVVQTLLEAVVLVVLVVILFLQTWRASIIPLIAVPVSVVGTFSILYLLGFSLNTLSLFG
LVLAIGIVVDDAIVVVENVERNIEEGLAPLAAAHQAMREVSGPIIAIALVLCAVFVPMAFLSGVTGQFYKQFAVTIAIST
VISAINSLTLSPALAALLLKPHGAKKDLPTRLIDRLFGWIFRPFNRFFLRSSNGYQGLVSKTLGRRGAVFAVYLLLLCAA
GVMFKVVPGGFIPTQDKLYLIGGVKMPEGSSLARTDAVIRKMSEIGMNTEGVDYAVAFPGLNALQFTNTPNTGTVFFGLK
PFDQRKHTAAEINAEINAKIAQIQQGFGFSILPPPILGLGQGSGYSLYIQDRGGLGYGALQSAVNAMSGAIMQTPGMHFP
ISTYQANVPQLDVQVDRDKAKAQGVSLTELFGTLQTYLGSSYVNDFNQFGRTWRVMAQADGPYRESVEDIANLRTRNNQG
EMVPIGSMVNISTTYGPDPVIRYNGYPAADLIGDADPRVLSSSQAMTHLEELSKQILPNGMNIEWTDLSFQQATQGNTAL
IVFPVAVLLAFLVLAALYESWTLPLAVILIVPMTMLSALFGVWLTGGDNNVFVQVGLVVLMGLACKNAILIVEFARELEI
QGKGIMEAALEACRLRLRPIVMTSIAFIAGTIPLILGHGAGAEVRGVTGITVFSGMLGVTLFGLFLTPVFYVTLRKLVTR
RK
;
_entity_poly.pdbx_strand_id   A,B,C,D,E,F
#
loop_
_chem_comp.id
_chem_comp.type
_chem_comp.name
_chem_comp.formula
GOL non-polymer GLYCEROL 'C3 H8 O3'
LMT D-saccharide DODECYL-BETA-D-MALTOSIDE 'C24 H46 O11'
PTY non-polymer PHOSPHATIDYLETHANOLAMINE 'C40 H80 N O8 P'
#
# COMPACT_ATOMS: atom_id res chain seq x y z
N MET A 1 -9.90 -18.18 68.02
CA MET A 1 -9.21 -17.57 66.92
C MET A 1 -7.73 -17.61 67.24
N ASP A 2 -7.37 -18.52 68.12
CA ASP A 2 -5.97 -18.86 68.40
C ASP A 2 -5.55 -20.01 67.46
N PHE A 3 -5.18 -19.63 66.23
CA PHE A 3 -4.65 -20.64 65.28
C PHE A 3 -3.36 -21.29 65.77
N SER A 4 -2.70 -20.74 66.81
CA SER A 4 -1.46 -21.31 67.34
C SER A 4 -1.65 -22.20 68.55
N ARG A 5 -2.89 -22.42 68.99
CA ARG A 5 -3.10 -22.97 70.32
C ARG A 5 -2.37 -24.30 70.51
N PHE A 6 -2.49 -25.19 69.51
CA PHE A 6 -1.93 -26.53 69.62
C PHE A 6 -0.41 -26.45 69.80
N PHE A 7 0.23 -25.54 69.06
CA PHE A 7 1.68 -25.48 69.05
C PHE A 7 2.24 -24.78 70.27
N ILE A 8 1.50 -23.80 70.79
CA ILE A 8 1.87 -23.20 72.07
C ILE A 8 1.85 -24.26 73.17
N ASP A 9 0.78 -25.05 73.22
CA ASP A 9 0.71 -26.05 74.30
C ASP A 9 1.65 -27.23 74.11
N ARG A 10 2.08 -27.53 72.88
CA ARG A 10 2.92 -28.69 72.62
C ARG A 10 4.08 -28.18 71.78
N PRO A 11 4.96 -27.40 72.40
CA PRO A 11 6.02 -26.74 71.64
C PRO A 11 6.94 -27.69 70.88
N ILE A 12 7.04 -28.96 71.27
CA ILE A 12 7.94 -29.85 70.54
C ILE A 12 7.42 -30.11 69.13
N PHE A 13 6.09 -30.06 68.90
CA PHE A 13 5.54 -30.16 67.55
C PHE A 13 5.90 -28.94 66.73
N ALA A 14 5.92 -27.76 67.34
CA ALA A 14 6.42 -26.61 66.61
C ALA A 14 7.90 -26.76 66.28
N ALA A 15 8.69 -27.21 67.24
CA ALA A 15 10.10 -27.43 66.99
C ALA A 15 10.30 -28.39 65.81
N VAL A 16 9.59 -29.52 65.82
CA VAL A 16 9.81 -30.55 64.81
C VAL A 16 9.40 -30.03 63.43
N LEU A 17 8.27 -29.32 63.37
CA LEU A 17 7.82 -28.76 62.09
C LEU A 17 8.87 -27.81 61.51
N SER A 18 9.42 -26.91 62.34
CA SER A 18 10.43 -25.96 61.89
C SER A 18 11.73 -26.65 61.49
N ILE A 19 12.14 -27.66 62.25
CA ILE A 19 13.34 -28.39 61.91
C ILE A 19 13.17 -29.12 60.60
N LEU A 20 11.97 -29.65 60.34
CA LEU A 20 11.69 -30.31 59.05
C LEU A 20 11.85 -29.33 57.91
N ILE A 21 11.22 -28.16 58.05
CA ILE A 21 11.36 -27.12 57.03
C ILE A 21 12.82 -26.79 56.81
N PHE A 22 13.56 -26.58 57.90
CA PHE A 22 14.98 -26.27 57.83
C PHE A 22 15.75 -27.38 57.13
N ILE A 23 15.50 -28.64 57.54
CA ILE A 23 16.27 -29.77 57.01
C ILE A 23 16.01 -29.90 55.52
N THR A 24 14.73 -29.78 55.12
CA THR A 24 14.43 -29.91 53.70
C THR A 24 15.12 -28.81 52.90
N GLY A 25 15.17 -27.59 53.46
CA GLY A 25 15.87 -26.51 52.79
C GLY A 25 17.37 -26.76 52.69
N LEU A 26 18.00 -27.31 53.75
CA LEU A 26 19.42 -27.61 53.64
C LEU A 26 19.68 -28.65 52.56
N ILE A 27 18.83 -29.68 52.46
CA ILE A 27 18.98 -30.72 51.45
C ILE A 27 18.86 -30.12 50.06
N ALA A 28 17.96 -29.14 49.93
CA ALA A 28 17.77 -28.54 48.64
C ALA A 28 18.96 -27.70 48.21
N ILE A 29 19.67 -27.04 49.15
CA ILE A 29 20.67 -26.06 48.72
C ILE A 29 21.66 -26.65 47.70
N PRO A 30 22.30 -27.80 47.94
CA PRO A 30 23.27 -28.33 46.95
C PRO A 30 22.62 -28.84 45.67
N LEU A 31 21.32 -29.06 45.66
CA LEU A 31 20.65 -29.47 44.43
C LEU A 31 20.29 -28.30 43.54
N LEU A 32 20.27 -27.08 44.03
CA LEU A 32 19.83 -25.96 43.20
C LEU A 32 20.89 -25.66 42.13
N PRO A 33 20.49 -25.47 40.86
CA PRO A 33 21.36 -24.81 39.87
C PRO A 33 21.79 -23.42 40.35
N VAL A 34 22.92 -22.94 39.85
CA VAL A 34 23.52 -21.68 40.27
C VAL A 34 24.01 -20.94 39.03
N SER A 35 23.55 -19.71 38.81
CA SER A 35 23.99 -18.98 37.61
C SER A 35 23.82 -17.51 37.90
N GLU A 36 24.46 -16.65 37.10
CA GLU A 36 24.23 -15.20 37.27
C GLU A 36 22.75 -14.84 37.11
N TYR A 37 22.12 -15.33 36.05
CA TYR A 37 20.77 -14.91 35.67
C TYR A 37 19.91 -16.14 35.48
N PRO A 38 18.57 -15.99 35.62
CA PRO A 38 17.69 -17.06 35.16
C PRO A 38 17.84 -17.24 33.63
N ASP A 39 17.10 -18.16 33.05
CA ASP A 39 17.23 -18.53 31.61
C ASP A 39 16.50 -17.50 30.74
N VAL A 40 17.16 -16.42 30.35
CA VAL A 40 16.47 -15.33 29.66
C VAL A 40 16.88 -15.18 28.19
N VAL A 41 17.98 -15.81 27.75
CA VAL A 41 18.46 -15.62 26.38
C VAL A 41 17.60 -16.54 25.51
N PRO A 42 16.92 -16.02 24.48
CA PRO A 42 16.12 -16.90 23.58
C PRO A 42 17.00 -17.96 22.96
N PRO A 43 16.49 -19.18 22.79
CA PRO A 43 17.33 -20.26 22.29
C PRO A 43 17.71 -19.97 20.87
N SER A 44 18.88 -20.40 20.52
CA SER A 44 19.22 -20.22 19.12
C SER A 44 20.05 -21.40 18.64
N VAL A 45 20.07 -21.54 17.30
CA VAL A 45 20.73 -22.67 16.65
C VAL A 45 21.57 -22.05 15.56
N GLN A 46 22.85 -22.46 15.49
CA GLN A 46 23.73 -22.00 14.41
C GLN A 46 23.92 -23.08 13.36
N VAL A 47 23.84 -22.68 12.10
CA VAL A 47 24.12 -23.55 10.97
C VAL A 47 25.40 -23.00 10.36
N ARG A 48 26.38 -23.85 10.12
CA ARG A 48 27.65 -23.37 9.62
CA ARG A 48 27.64 -23.34 9.60
C ARG A 48 27.98 -24.12 8.36
N ALA A 49 28.40 -23.40 7.30
CA ALA A 49 28.77 -24.01 6.05
C ALA A 49 29.99 -23.28 5.50
N GLU A 50 30.69 -23.93 4.56
CA GLU A 50 31.90 -23.28 4.08
C GLU A 50 32.04 -23.54 2.58
N TYR A 51 32.46 -22.51 1.85
CA TYR A 51 32.63 -22.61 0.39
C TYR A 51 33.96 -21.94 0.09
N PRO A 52 35.07 -22.68 0.21
CA PRO A 52 36.40 -22.03 0.19
C PRO A 52 36.62 -21.25 -1.09
N GLY A 53 37.03 -19.98 -0.94
CA GLY A 53 37.27 -19.10 -2.05
C GLY A 53 36.08 -18.37 -2.57
N ALA A 54 34.86 -18.71 -2.14
CA ALA A 54 33.70 -18.05 -2.75
C ALA A 54 33.52 -16.65 -2.19
N ASN A 55 33.14 -15.72 -3.09
CA ASN A 55 32.84 -14.35 -2.72
C ASN A 55 31.65 -14.37 -1.72
N PRO A 56 31.60 -13.43 -0.78
CA PRO A 56 30.39 -13.28 0.06
C PRO A 56 29.11 -13.27 -0.77
N LYS A 57 29.09 -12.57 -1.93
CA LYS A 57 27.90 -12.55 -2.78
C LYS A 57 27.49 -13.94 -3.23
N VAL A 58 28.45 -14.77 -3.66
CA VAL A 58 28.11 -16.13 -4.10
C VAL A 58 27.63 -17.01 -2.94
N ILE A 59 28.29 -16.91 -1.79
CA ILE A 59 27.81 -17.63 -0.60
C ILE A 59 26.40 -17.24 -0.24
N ALA A 60 26.09 -15.94 -0.25
CA ALA A 60 24.75 -15.48 0.11
C ALA A 60 23.72 -16.01 -0.89
N GLU A 61 24.06 -15.95 -2.19
CA GLU A 61 23.08 -16.32 -3.21
C GLU A 61 22.89 -17.83 -3.33
N THR A 62 23.95 -18.64 -3.16
CA THR A 62 23.89 -20.04 -3.54
C THR A 62 23.98 -20.97 -2.32
N VAL A 63 24.17 -20.42 -1.14
CA VAL A 63 24.29 -21.21 0.08
C VAL A 63 23.30 -20.66 1.11
N ALA A 64 23.45 -19.39 1.50
CA ALA A 64 22.50 -18.84 2.52
C ALA A 64 21.07 -18.88 1.98
N THR A 65 20.86 -18.46 0.73
CA THR A 65 19.47 -18.35 0.24
C THR A 65 18.76 -19.70 0.27
N PRO A 66 19.31 -20.77 -0.29
CA PRO A 66 18.59 -22.05 -0.15
C PRO A 66 18.46 -22.55 1.28
N LEU A 67 19.47 -22.39 2.13
CA LEU A 67 19.28 -22.80 3.53
C LEU A 67 18.12 -22.06 4.18
N GLU A 68 18.06 -20.75 3.97
CA GLU A 68 17.00 -19.98 4.58
C GLU A 68 15.64 -20.38 4.03
N GLU A 69 15.58 -20.67 2.71
CA GLU A 69 14.34 -21.09 2.09
C GLU A 69 13.84 -22.37 2.77
N ALA A 70 14.75 -23.27 3.14
CA ALA A 70 14.34 -24.52 3.80
C ALA A 70 13.97 -24.29 5.28
N ILE A 71 14.71 -23.39 5.96
CA ILE A 71 14.50 -23.17 7.40
C ILE A 71 13.22 -22.36 7.67
N ASN A 72 12.92 -21.38 6.82
CA ASN A 72 11.93 -20.34 7.12
C ASN A 72 10.63 -20.99 7.51
N GLY A 73 10.01 -20.48 8.58
CA GLY A 73 8.77 -21.07 8.96
C GLY A 73 8.89 -22.24 9.91
N VAL A 74 10.13 -22.66 10.25
CA VAL A 74 10.30 -23.71 11.24
C VAL A 74 9.57 -23.31 12.54
N GLU A 75 9.02 -24.27 13.23
CA GLU A 75 8.07 -23.89 14.31
C GLU A 75 8.72 -23.10 15.45
N ASN A 76 8.02 -22.04 15.89
CA ASN A 76 8.44 -21.15 16.96
C ASN A 76 9.64 -20.26 16.65
N MET A 77 10.06 -20.15 15.42
CA MET A 77 11.19 -19.30 15.11
C MET A 77 10.77 -17.85 15.24
N MET A 78 11.64 -17.02 15.77
CA MET A 78 11.38 -15.58 15.89
C MET A 78 11.99 -14.85 14.71
N TYR A 79 13.23 -15.18 14.38
CA TYR A 79 13.89 -14.54 13.26
C TYR A 79 15.15 -15.37 12.96
N MET A 80 15.78 -15.07 11.83
CA MET A 80 16.99 -15.75 11.40
C MET A 80 17.86 -14.77 10.65
N LYS A 81 19.18 -14.94 10.77
CA LYS A 81 20.07 -14.07 10.03
C LYS A 81 21.18 -14.94 9.47
N SER A 82 21.78 -14.45 8.39
CA SER A 82 22.88 -15.19 7.81
C SER A 82 24.03 -14.22 7.58
N VAL A 83 25.27 -14.68 7.83
CA VAL A 83 26.43 -13.78 7.65
C VAL A 83 27.46 -14.53 6.83
N ALA A 84 27.81 -14.00 5.66
CA ALA A 84 28.65 -14.74 4.70
C ALA A 84 29.90 -13.92 4.51
N GLY A 85 31.08 -14.49 4.77
CA GLY A 85 32.29 -13.68 4.80
C GLY A 85 33.33 -14.09 3.75
N SER A 86 34.33 -13.21 3.57
CA SER A 86 35.41 -13.53 2.61
C SER A 86 36.32 -14.62 3.11
N ASP A 87 36.14 -15.11 4.31
CA ASP A 87 36.82 -16.33 4.74
C ASP A 87 36.14 -17.57 4.16
N GLY A 88 35.11 -17.42 3.36
CA GLY A 88 34.42 -18.56 2.78
C GLY A 88 33.40 -19.21 3.71
N VAL A 89 33.14 -18.62 4.88
CA VAL A 89 32.27 -19.26 5.87
C VAL A 89 30.91 -18.54 5.92
N LEU A 90 29.84 -19.33 5.97
CA LEU A 90 28.48 -18.85 6.24
C LEU A 90 28.12 -19.22 7.66
N VAL A 91 27.66 -18.25 8.45
CA VAL A 91 27.05 -18.56 9.73
C VAL A 91 25.59 -18.08 9.67
N THR A 92 24.65 -19.02 9.83
CA THR A 92 23.22 -18.73 9.80
C THR A 92 22.70 -19.01 11.22
N THR A 93 22.12 -18.02 11.84
CA THR A 93 21.65 -18.14 13.22
C THR A 93 20.14 -18.06 13.26
N VAL A 94 19.49 -19.08 13.80
CA VAL A 94 18.02 -19.17 13.85
C VAL A 94 17.65 -18.99 15.33
N THR A 95 16.79 -18.02 15.63
CA THR A 95 16.48 -17.71 17.04
C THR A 95 15.02 -18.01 17.29
N PHE A 96 14.71 -18.64 18.45
CA PHE A 96 13.39 -19.14 18.74
C PHE A 96 12.79 -18.43 19.96
N ARG A 97 11.48 -18.51 20.02
CA ARG A 97 10.73 -17.76 21.04
C ARG A 97 11.12 -18.25 22.44
N PRO A 98 11.23 -17.35 23.42
CA PRO A 98 11.47 -17.77 24.81
C PRO A 98 10.54 -18.90 25.19
N GLY A 99 11.04 -19.86 25.91
CA GLY A 99 10.23 -21.05 26.20
C GLY A 99 10.39 -22.20 25.23
N THR A 100 10.85 -21.96 24.00
CA THR A 100 11.10 -23.08 23.08
C THR A 100 12.12 -24.05 23.68
N ASP A 101 11.84 -25.33 23.55
CA ASP A 101 12.84 -26.33 23.91
C ASP A 101 14.04 -26.28 22.94
N PRO A 102 15.24 -26.03 23.42
CA PRO A 102 16.42 -25.85 22.52
C PRO A 102 16.80 -27.10 21.80
N ASP A 103 16.56 -28.28 22.39
CA ASP A 103 16.85 -29.51 21.66
C ASP A 103 15.82 -29.77 20.55
N GLN A 104 14.59 -29.36 20.75
CA GLN A 104 13.61 -29.45 19.69
C GLN A 104 13.94 -28.48 18.57
N ALA A 105 14.38 -27.28 18.91
CA ALA A 105 14.74 -26.31 17.87
C ALA A 105 15.91 -26.83 17.06
N GLN A 106 16.90 -27.40 17.72
CA GLN A 106 18.05 -27.92 16.99
C GLN A 106 17.65 -29.02 16.00
N VAL A 107 16.81 -29.96 16.43
CA VAL A 107 16.41 -31.06 15.55
C VAL A 107 15.58 -30.54 14.39
N GLN A 108 14.66 -29.61 14.67
CA GLN A 108 13.81 -29.14 13.58
C GLN A 108 14.66 -28.35 12.57
N VAL A 109 15.63 -27.54 13.05
CA VAL A 109 16.53 -26.86 12.09
C VAL A 109 17.38 -27.85 11.33
N GLN A 110 17.96 -28.82 12.05
CA GLN A 110 18.84 -29.74 11.31
C GLN A 110 18.08 -30.50 10.23
N ASN A 111 16.80 -30.83 10.46
CA ASN A 111 15.99 -31.48 9.39
C ASN A 111 15.77 -30.55 8.16
N ARG A 112 15.51 -29.26 8.40
CA ARG A 112 15.42 -28.33 7.25
C ARG A 112 16.75 -28.21 6.53
N VAL A 113 17.87 -28.13 7.29
CA VAL A 113 19.21 -28.13 6.64
C VAL A 113 19.38 -29.36 5.74
N ALA A 114 19.01 -30.54 6.26
CA ALA A 114 19.09 -31.77 5.48
C ALA A 114 18.25 -31.67 4.22
N GLN A 115 17.07 -31.04 4.28
CA GLN A 115 16.25 -30.89 3.09
C GLN A 115 16.87 -29.91 2.09
N ALA A 116 17.58 -28.89 2.58
CA ALA A 116 18.27 -27.93 1.69
C ALA A 116 19.54 -28.52 1.04
N GLU A 117 20.08 -29.60 1.61
CA GLU A 117 21.46 -30.01 1.25
C GLU A 117 21.60 -30.25 -0.26
N ALA A 118 20.55 -30.80 -0.89
CA ALA A 118 20.61 -31.03 -2.35
C ALA A 118 20.63 -29.74 -3.17
N ARG A 119 20.25 -28.60 -2.59
CA ARG A 119 20.36 -27.33 -3.29
C ARG A 119 21.78 -26.74 -3.23
N LEU A 120 22.69 -27.30 -2.41
CA LEU A 120 23.88 -26.51 -2.14
C LEU A 120 24.99 -26.85 -3.14
N PRO A 121 26.01 -25.98 -3.28
CA PRO A 121 27.12 -26.30 -4.22
C PRO A 121 27.87 -27.54 -3.77
N GLU A 122 28.42 -28.28 -4.75
CA GLU A 122 29.05 -29.55 -4.45
C GLU A 122 30.16 -29.38 -3.42
N ASP A 123 31.01 -28.37 -3.55
CA ASP A 123 32.12 -28.25 -2.60
C ASP A 123 31.64 -27.95 -1.18
N VAL A 124 30.50 -27.25 -1.06
CA VAL A 124 29.94 -27.03 0.29
C VAL A 124 29.48 -28.36 0.91
N ARG A 125 28.78 -29.17 0.11
CA ARG A 125 28.33 -30.47 0.56
C ARG A 125 29.49 -31.37 0.94
N ARG A 126 30.56 -31.33 0.14
CA ARG A 126 31.70 -32.18 0.45
C ARG A 126 32.30 -31.83 1.78
N LEU A 127 32.43 -30.55 2.10
CA LEU A 127 32.93 -30.19 3.42
C LEU A 127 31.98 -30.60 4.53
N GLY A 128 30.69 -30.47 4.26
CA GLY A 128 29.69 -30.81 5.27
C GLY A 128 29.21 -29.56 5.99
N ILE A 129 27.95 -29.58 6.40
CA ILE A 129 27.31 -28.45 7.07
C ILE A 129 27.00 -28.91 8.50
N THR A 130 27.13 -28.02 9.48
CA THR A 130 26.85 -28.39 10.87
C THR A 130 25.70 -27.55 11.41
N THR A 131 24.96 -28.15 12.34
CA THR A 131 23.80 -27.49 12.95
C THR A 131 23.99 -27.67 14.46
N GLN A 132 24.09 -26.58 15.21
CA GLN A 132 24.42 -26.71 16.63
C GLN A 132 23.57 -25.80 17.50
N LYS A 133 22.92 -26.36 18.52
CA LYS A 133 22.31 -25.41 19.45
C LYS A 133 23.38 -24.66 20.23
N GLN A 134 23.05 -23.42 20.59
CA GLN A 134 24.01 -22.55 21.23
C GLN A 134 23.73 -22.58 22.72
N SER A 135 24.76 -22.66 23.53
CA SER A 135 24.59 -22.55 25.00
C SER A 135 24.87 -21.10 25.31
N PRO A 136 23.94 -20.34 25.81
CA PRO A 136 24.21 -18.92 25.96
C PRO A 136 25.06 -18.58 27.18
N THR A 137 25.14 -19.43 28.22
CA THR A 137 25.68 -18.93 29.49
C THR A 137 27.16 -19.26 29.62
N LEU A 138 27.97 -18.22 29.48
CA LEU A 138 29.43 -18.33 29.64
C LEU A 138 29.78 -18.55 31.10
N THR A 139 30.70 -19.44 31.36
CA THR A 139 31.17 -19.69 32.71
C THR A 139 32.59 -19.24 32.94
N LEU A 140 33.49 -19.50 31.99
CA LEU A 140 34.89 -19.21 32.24
C LEU A 140 35.55 -19.05 30.87
N VAL A 141 36.51 -18.15 30.77
CA VAL A 141 37.36 -18.06 29.60
C VAL A 141 38.74 -18.51 30.03
N VAL A 142 39.33 -19.47 29.27
CA VAL A 142 40.66 -20.00 29.50
C VAL A 142 41.45 -19.74 28.23
N HIS A 143 42.68 -19.27 28.38
CA HIS A 143 43.60 -19.14 27.25
C HIS A 143 44.83 -20.03 27.50
N LEU A 144 45.34 -20.61 26.42
CA LEU A 144 46.72 -21.13 26.39
C LEU A 144 47.58 -20.07 25.70
N PHE A 145 48.84 -19.95 26.09
CA PHE A 145 49.70 -18.98 25.45
C PHE A 145 51.14 -19.43 25.67
N SER A 146 52.03 -18.86 24.89
CA SER A 146 53.42 -19.30 24.84
C SER A 146 54.30 -18.10 25.25
N PRO A 147 54.72 -17.99 26.52
CA PRO A 147 55.43 -16.78 26.96
C PRO A 147 56.75 -16.52 26.24
N ASN A 148 57.55 -17.54 25.99
CA ASN A 148 58.84 -17.27 25.34
C ASN A 148 58.78 -17.48 23.82
N GLY A 149 57.59 -17.64 23.27
CA GLY A 149 57.38 -17.75 21.85
C GLY A 149 57.74 -19.06 21.17
N LYS A 150 57.84 -20.18 21.90
CA LYS A 150 58.13 -21.44 21.20
C LYS A 150 56.99 -21.86 20.28
N TYR A 151 55.74 -21.62 20.67
CA TYR A 151 54.57 -22.13 19.98
C TYR A 151 53.77 -20.96 19.45
N ASP A 152 53.18 -21.13 18.25
CA ASP A 152 52.23 -20.13 17.75
C ASP A 152 50.80 -20.61 17.98
N SER A 153 49.84 -19.75 17.61
CA SER A 153 48.42 -20.07 17.85
C SER A 153 47.98 -21.35 17.15
N LEU A 154 48.53 -21.64 15.93
CA LEU A 154 48.16 -22.90 15.27
C LEU A 154 48.48 -24.10 16.14
N TYR A 155 49.71 -24.17 16.66
CA TYR A 155 50.07 -25.30 17.50
C TYR A 155 49.14 -25.38 18.71
N MET A 156 48.96 -24.24 19.41
CA MET A 156 48.22 -24.24 20.66
C MET A 156 46.76 -24.51 20.45
N ARG A 157 46.20 -24.03 19.33
CA ARG A 157 44.78 -24.34 19.07
C ARG A 157 44.58 -25.85 18.89
N ASN A 158 45.47 -26.47 18.10
CA ASN A 158 45.34 -27.92 17.89
C ASN A 158 45.75 -28.72 19.11
N TYR A 159 46.68 -28.21 19.91
CA TYR A 159 46.91 -28.83 21.22
C TYR A 159 45.62 -28.83 22.07
N ALA A 160 44.97 -27.68 22.13
CA ALA A 160 43.72 -27.59 22.87
C ALA A 160 42.68 -28.59 22.32
N THR A 161 42.56 -28.68 20.99
CA THR A 161 41.62 -29.63 20.39
C THR A 161 41.96 -31.05 20.79
N LEU A 162 43.24 -31.42 20.70
CA LEU A 162 43.67 -32.78 20.94
C LEU A 162 43.81 -33.13 22.40
N LYS A 163 44.16 -32.18 23.28
CA LYS A 163 44.48 -32.56 24.63
C LYS A 163 43.61 -31.92 25.70
N VAL A 164 42.94 -30.81 25.41
CA VAL A 164 42.25 -30.01 26.42
C VAL A 164 40.74 -30.09 26.26
N LYS A 165 40.25 -29.89 25.04
CA LYS A 165 38.81 -29.67 24.82
C LYS A 165 37.96 -30.82 25.36
N ASP A 166 38.28 -32.05 24.98
CA ASP A 166 37.44 -33.20 25.38
C ASP A 166 37.49 -33.42 26.90
N GLU A 167 38.59 -33.03 27.57
CA GLU A 167 38.70 -33.23 29.02
C GLU A 167 37.82 -32.23 29.74
N LEU A 168 37.77 -31.00 29.25
CA LEU A 168 36.88 -30.00 29.81
C LEU A 168 35.43 -30.33 29.46
N ALA A 169 35.20 -30.81 28.25
CA ALA A 169 33.84 -31.06 27.77
C ALA A 169 33.12 -32.07 28.65
N ARG A 170 33.88 -32.94 29.29
CA ARG A 170 33.39 -34.03 30.12
C ARG A 170 33.14 -33.65 31.57
N LEU A 171 33.44 -32.41 31.97
CA LEU A 171 33.20 -32.06 33.34
C LEU A 171 31.68 -31.95 33.60
N PRO A 172 31.21 -32.31 34.78
CA PRO A 172 29.79 -32.08 35.12
C PRO A 172 29.42 -30.63 34.88
N GLY A 173 28.30 -30.41 34.18
CA GLY A 173 27.77 -29.06 34.02
C GLY A 173 28.16 -28.32 32.75
N VAL A 174 28.99 -28.89 31.87
CA VAL A 174 29.39 -28.16 30.65
C VAL A 174 28.28 -28.26 29.62
N GLY A 175 27.94 -27.15 28.98
CA GLY A 175 27.06 -27.29 27.84
C GLY A 175 27.80 -27.19 26.52
N GLN A 176 28.85 -26.35 26.46
CA GLN A 176 29.49 -26.13 25.15
C GLN A 176 30.91 -25.65 25.41
N ILE A 177 31.83 -26.01 24.54
CA ILE A 177 33.20 -25.52 24.59
C ILE A 177 33.47 -24.94 23.21
N GLN A 178 33.79 -23.64 23.18
CA GLN A 178 34.09 -22.93 21.93
C GLN A 178 35.59 -22.61 21.89
N ILE A 179 36.25 -22.79 20.74
CA ILE A 179 37.67 -22.45 20.64
C ILE A 179 37.82 -21.33 19.62
N PHE A 180 38.62 -20.33 19.96
CA PHE A 180 38.82 -19.13 19.17
C PHE A 180 40.29 -18.94 18.87
N GLY A 181 40.60 -18.89 17.57
CA GLY A 181 41.94 -18.54 17.09
C GLY A 181 42.56 -19.61 16.21
N SER A 182 43.16 -19.15 15.11
CA SER A 182 43.86 -20.01 14.14
C SER A 182 42.83 -20.99 13.57
N GLY A 183 43.24 -22.20 13.25
CA GLY A 183 42.33 -23.14 12.60
C GLY A 183 42.80 -24.54 12.86
N GLU A 184 41.99 -25.49 12.43
CA GLU A 184 42.37 -26.91 12.53
C GLU A 184 43.53 -27.17 11.61
N TYR A 185 44.41 -28.05 12.03
CA TYR A 185 45.46 -28.47 11.10
C TYR A 185 44.86 -28.88 9.76
N ALA A 186 45.63 -28.65 8.69
CA ALA A 186 45.26 -29.14 7.36
C ALA A 186 46.56 -29.38 6.63
N MET A 187 46.59 -30.42 5.78
CA MET A 187 47.77 -30.60 4.91
C MET A 187 47.62 -29.61 3.77
N ARG A 188 48.50 -28.60 3.71
CA ARG A 188 48.42 -27.54 2.71
C ARG A 188 49.43 -27.83 1.59
N VAL A 189 48.94 -27.89 0.37
CA VAL A 189 49.74 -28.02 -0.86
C VAL A 189 49.69 -26.63 -1.50
N TRP A 190 50.81 -25.90 -1.45
CA TRP A 190 50.88 -24.53 -1.97
C TRP A 190 51.54 -24.57 -3.35
N LEU A 191 50.73 -24.57 -4.41
CA LEU A 191 51.20 -24.77 -5.77
C LEU A 191 51.92 -23.55 -6.31
N ASP A 192 52.91 -23.80 -7.19
CA ASP A 192 53.47 -22.72 -7.99
C ASP A 192 52.84 -22.88 -9.37
N PRO A 193 51.88 -22.04 -9.76
CA PRO A 193 51.18 -22.24 -11.04
C PRO A 193 52.13 -22.24 -12.22
N ASN A 194 53.19 -21.46 -12.15
CA ASN A 194 54.18 -21.48 -13.24
C ASN A 194 54.82 -22.85 -13.41
N LYS A 195 55.23 -23.49 -12.29
CA LYS A 195 55.85 -24.82 -12.41
C LYS A 195 54.86 -25.90 -12.84
N VAL A 196 53.61 -25.83 -12.36
CA VAL A 196 52.56 -26.74 -12.83
C VAL A 196 52.37 -26.62 -14.34
N ALA A 197 52.20 -25.40 -14.83
CA ALA A 197 51.89 -25.22 -16.24
C ALA A 197 53.11 -25.55 -17.09
N ALA A 198 54.31 -25.25 -16.60
CA ALA A 198 55.55 -25.63 -17.31
C ALA A 198 55.64 -27.12 -17.57
N ARG A 199 55.08 -27.96 -16.67
CA ARG A 199 54.97 -29.39 -16.95
C ARG A 199 53.73 -29.77 -17.72
N GLY A 200 53.01 -28.81 -18.31
CA GLY A 200 51.87 -29.25 -19.11
C GLY A 200 50.69 -29.71 -18.24
N LEU A 201 50.64 -29.27 -16.96
CA LEU A 201 49.63 -29.73 -16.02
C LEU A 201 48.64 -28.61 -15.73
N THR A 202 47.43 -29.00 -15.35
CA THR A 202 46.44 -28.05 -14.86
C THR A 202 46.24 -28.25 -13.36
N ALA A 203 45.59 -27.25 -12.76
CA ALA A 203 45.17 -27.39 -11.36
C ALA A 203 44.34 -28.67 -11.19
N SER A 204 43.44 -28.94 -12.16
CA SER A 204 42.56 -30.09 -12.01
C SER A 204 43.31 -31.40 -12.13
N ASP A 205 44.38 -31.47 -12.94
CA ASP A 205 45.22 -32.66 -12.92
C ASP A 205 45.78 -32.90 -11.53
N VAL A 206 46.29 -31.84 -10.89
CA VAL A 206 46.91 -32.00 -9.59
C VAL A 206 45.88 -32.51 -8.56
N VAL A 207 44.69 -31.90 -8.55
CA VAL A 207 43.67 -32.30 -7.56
C VAL A 207 43.28 -33.77 -7.80
N THR A 208 43.10 -34.17 -9.07
CA THR A 208 42.77 -35.56 -9.34
C THR A 208 43.86 -36.49 -8.88
N ALA A 209 45.12 -36.15 -9.14
CA ALA A 209 46.21 -37.06 -8.73
C ALA A 209 46.24 -37.22 -7.20
N MET A 210 46.01 -36.12 -6.50
CA MET A 210 45.96 -36.20 -5.02
C MET A 210 44.81 -37.06 -4.52
N GLN A 211 43.65 -36.93 -5.18
CA GLN A 211 42.49 -37.74 -4.78
C GLN A 211 42.71 -39.22 -5.10
N GLU A 212 43.40 -39.52 -6.24
CA GLU A 212 43.70 -40.89 -6.57
C GLU A 212 44.71 -41.51 -5.62
N GLN A 213 45.71 -40.74 -5.19
CA GLN A 213 46.85 -41.34 -4.48
C GLN A 213 46.80 -41.20 -2.95
N ASN A 214 45.76 -40.56 -2.39
CA ASN A 214 45.56 -40.55 -0.92
C ASN A 214 44.13 -41.01 -0.72
N VAL A 215 43.90 -42.32 -0.57
CA VAL A 215 42.54 -42.81 -0.61
C VAL A 215 42.46 -44.08 0.22
N GLN A 216 41.29 -44.26 0.83
CA GLN A 216 40.93 -45.49 1.55
C GLN A 216 40.87 -46.66 0.57
N VAL A 217 41.47 -47.81 0.95
CA VAL A 217 41.51 -49.00 0.11
C VAL A 217 40.81 -50.17 0.79
N SER A 218 39.94 -50.86 0.07
CA SER A 218 39.31 -52.10 0.55
C SER A 218 40.03 -53.25 -0.18
N ALA A 219 40.72 -54.09 0.57
CA ALA A 219 41.69 -55.00 -0.02
C ALA A 219 41.20 -56.44 -0.06
N GLY A 220 40.07 -56.73 0.62
CA GLY A 220 39.46 -58.07 0.64
C GLY A 220 40.22 -59.11 1.46
N GLN A 221 39.92 -60.40 1.16
CA GLN A 221 40.33 -61.57 1.96
C GLN A 221 40.63 -62.74 1.05
N LEU A 222 41.43 -63.71 1.56
CA LEU A 222 41.59 -65.04 0.93
C LEU A 222 40.86 -66.09 1.77
N GLY A 223 40.24 -67.06 1.11
CA GLY A 223 39.60 -68.16 1.84
C GLY A 223 38.18 -67.88 2.25
N ALA A 224 37.63 -66.73 1.88
CA ALA A 224 36.21 -66.49 2.13
C ALA A 224 35.33 -67.33 1.20
N GLU A 225 34.10 -67.52 1.68
CA GLU A 225 33.06 -68.18 0.91
C GLU A 225 32.80 -67.46 -0.42
N PRO A 226 32.19 -68.16 -1.38
CA PRO A 226 31.76 -69.56 -1.43
C PRO A 226 32.82 -70.44 -2.06
N LEU A 227 33.05 -71.62 -1.51
CA LEU A 227 34.05 -72.56 -1.98
C LEU A 227 33.42 -73.93 -2.06
N PRO A 228 33.83 -74.77 -3.02
CA PRO A 228 33.24 -76.11 -3.09
C PRO A 228 33.63 -76.97 -1.89
N GLN A 229 34.82 -76.78 -1.34
CA GLN A 229 35.27 -77.49 -0.16
C GLN A 229 35.62 -76.48 0.91
N GLU A 230 35.36 -76.84 2.16
CA GLU A 230 35.50 -75.89 3.26
C GLU A 230 36.93 -75.37 3.40
N SER A 231 37.06 -74.07 3.52
CA SER A 231 38.37 -73.49 3.73
C SER A 231 38.79 -73.68 5.21
N ASP A 232 40.09 -73.75 5.44
CA ASP A 232 40.57 -73.84 6.80
C ASP A 232 40.92 -72.49 7.39
N PHE A 233 41.04 -71.48 6.56
CA PHE A 233 41.58 -70.22 7.02
C PHE A 233 40.81 -69.10 6.36
N LEU A 234 40.78 -67.97 7.01
CA LEU A 234 40.25 -66.76 6.40
C LEU A 234 41.31 -65.72 6.65
N ILE A 235 41.87 -65.16 5.58
CA ILE A 235 43.04 -64.30 5.68
C ILE A 235 42.66 -62.93 5.10
N SER A 236 42.67 -61.90 5.95
CA SER A 236 42.41 -60.52 5.54
C SER A 236 43.65 -59.92 4.91
N ILE A 237 43.42 -59.03 3.96
CA ILE A 237 44.52 -58.42 3.21
C ILE A 237 44.59 -56.95 3.61
N ASN A 238 45.79 -56.42 3.68
CA ASN A 238 46.02 -55.00 3.91
C ASN A 238 46.69 -54.42 2.66
N ALA A 239 46.18 -53.31 2.16
CA ALA A 239 46.94 -52.52 1.18
C ALA A 239 46.81 -51.06 1.58
N GLN A 240 47.91 -50.35 1.68
CA GLN A 240 47.88 -48.98 2.20
C GLN A 240 47.50 -48.00 1.09
N GLY A 241 46.51 -47.19 1.34
CA GLY A 241 46.15 -46.23 0.29
C GLY A 241 46.34 -44.79 0.73
N ARG A 242 46.12 -44.52 2.02
CA ARG A 242 46.14 -43.15 2.52
C ARG A 242 47.57 -42.72 2.84
N LEU A 243 47.87 -41.44 2.63
CA LEU A 243 49.16 -40.86 2.97
C LEU A 243 49.07 -40.12 4.30
N HIS A 244 50.21 -39.97 5.01
CA HIS A 244 50.21 -39.38 6.36
C HIS A 244 51.16 -38.19 6.49
N THR A 245 52.31 -38.21 5.82
CA THR A 245 53.30 -37.19 6.09
C THR A 245 53.44 -36.19 4.94
N GLU A 246 54.05 -35.04 5.25
CA GLU A 246 54.36 -34.11 4.17
C GLU A 246 55.20 -34.79 3.08
N GLU A 247 56.15 -35.65 3.47
CA GLU A 247 57.02 -36.33 2.47
C GLU A 247 56.22 -37.22 1.54
N GLU A 248 55.27 -37.99 2.08
CA GLU A 248 54.45 -38.84 1.22
C GLU A 248 53.59 -38.00 0.30
N PHE A 249 52.96 -36.94 0.83
CA PHE A 249 52.22 -36.08 -0.08
C PHE A 249 53.16 -35.49 -1.14
N GLY A 250 54.37 -35.07 -0.74
CA GLY A 250 55.30 -34.56 -1.77
C GLY A 250 55.70 -35.57 -2.83
N ASN A 251 55.58 -36.87 -2.53
CA ASN A 251 55.97 -37.94 -3.45
C ASN A 251 54.87 -38.36 -4.41
N ILE A 252 53.68 -37.76 -4.29
CA ILE A 252 52.61 -38.03 -5.24
C ILE A 252 53.09 -37.78 -6.67
N ILE A 253 52.67 -38.67 -7.58
CA ILE A 253 53.16 -38.67 -8.97
C ILE A 253 52.14 -37.92 -9.85
N LEU A 254 52.57 -36.82 -10.49
CA LEU A 254 51.66 -36.07 -11.37
C LEU A 254 51.72 -36.54 -12.82
N LYS A 255 52.85 -37.06 -13.26
CA LYS A 255 52.97 -37.47 -14.67
C LYS A 255 54.35 -38.03 -14.89
N THR A 256 54.57 -38.54 -16.10
CA THR A 256 55.89 -38.99 -16.50
C THR A 256 56.48 -37.93 -17.44
N ALA A 257 57.65 -37.42 -17.09
CA ALA A 257 58.25 -36.35 -17.88
C ALA A 257 58.78 -36.95 -19.20
N GLN A 258 59.31 -36.08 -20.07
CA GLN A 258 59.83 -36.56 -21.35
C GLN A 258 60.98 -37.54 -21.14
N ASP A 259 61.93 -37.20 -20.28
CA ASP A 259 63.11 -38.03 -20.05
C ASP A 259 62.80 -39.35 -19.34
N GLY A 260 61.53 -39.67 -19.09
CA GLY A 260 61.17 -40.89 -18.42
C GLY A 260 61.07 -40.81 -16.91
N SER A 261 61.55 -39.73 -16.31
CA SER A 261 61.46 -39.69 -14.87
C SER A 261 60.03 -39.27 -14.45
N LEU A 262 59.80 -39.27 -13.17
CA LEU A 262 58.47 -38.96 -12.64
C LEU A 262 58.43 -37.52 -12.14
N VAL A 263 57.37 -36.78 -12.49
CA VAL A 263 57.11 -35.46 -11.91
C VAL A 263 56.33 -35.67 -10.61
N ARG A 264 56.87 -35.22 -9.50
CA ARG A 264 56.28 -35.35 -8.15
C ARG A 264 55.61 -34.07 -7.75
N LEU A 265 54.67 -34.18 -6.80
CA LEU A 265 54.03 -32.98 -6.31
C LEU A 265 55.05 -32.02 -5.72
N ARG A 266 56.05 -32.54 -4.98
CA ARG A 266 57.00 -31.60 -4.40
C ARG A 266 57.82 -30.84 -5.46
N ASP A 267 57.72 -31.24 -6.74
CA ASP A 267 58.39 -30.49 -7.81
C ASP A 267 57.64 -29.26 -8.26
N VAL A 268 56.35 -29.07 -7.86
CA VAL A 268 55.57 -27.95 -8.36
C VAL A 268 54.88 -27.26 -7.18
N ALA A 269 55.19 -27.68 -5.96
CA ALA A 269 54.50 -27.18 -4.77
C ALA A 269 55.36 -27.30 -3.53
N ARG A 270 54.99 -26.51 -2.52
CA ARG A 270 55.52 -26.55 -1.17
C ARG A 270 54.43 -27.21 -0.32
N ILE A 271 54.78 -28.20 0.48
CA ILE A 271 53.80 -29.00 1.20
C ILE A 271 54.05 -28.81 2.70
N GLU A 272 53.01 -28.51 3.47
CA GLU A 272 53.21 -28.32 4.90
C GLU A 272 51.92 -28.61 5.67
N MET A 273 52.09 -29.28 6.77
CA MET A 273 51.01 -29.36 7.73
C MET A 273 50.73 -27.96 8.30
N GLY A 274 49.69 -27.27 7.80
CA GLY A 274 49.47 -25.87 8.13
C GLY A 274 48.08 -25.64 8.71
N SER A 275 47.49 -24.46 8.47
CA SER A 275 46.19 -24.14 9.04
C SER A 275 45.10 -24.31 8.01
N GLY A 276 43.96 -24.78 8.48
CA GLY A 276 42.75 -24.77 7.70
C GLY A 276 42.13 -23.41 7.58
N SER A 277 42.56 -22.45 8.42
CA SER A 277 41.94 -21.14 8.38
C SER A 277 42.93 -20.10 8.85
N TYR A 278 43.09 -19.03 8.09
CA TYR A 278 43.93 -17.89 8.48
C TYR A 278 43.11 -16.66 8.88
N ALA A 279 41.81 -16.81 9.02
CA ALA A 279 40.93 -15.66 9.16
C ALA A 279 40.94 -15.05 10.56
N LEU A 280 41.26 -15.82 11.62
CA LEU A 280 41.14 -15.31 12.99
C LEU A 280 42.46 -15.52 13.76
N ARG A 281 42.99 -14.45 14.36
CA ARG A 281 44.16 -14.56 15.22
C ARG A 281 43.74 -14.40 16.68
N SER A 282 44.64 -14.80 17.58
CA SER A 282 44.32 -14.74 19.04
C SER A 282 45.63 -14.41 19.75
N GLN A 283 45.61 -13.36 20.55
CA GLN A 283 46.74 -13.00 21.40
C GLN A 283 46.25 -12.83 22.83
N LEU A 284 47.17 -13.04 23.78
CA LEU A 284 46.92 -12.67 25.18
C LEU A 284 48.08 -11.80 25.65
N ASN A 285 47.79 -10.54 25.98
CA ASN A 285 48.84 -9.56 26.31
C ASN A 285 49.93 -9.58 25.24
N ASN A 286 49.51 -9.63 23.97
CA ASN A 286 50.36 -9.54 22.80
C ASN A 286 51.28 -10.77 22.64
N LYS A 287 51.03 -11.85 23.36
CA LYS A 287 51.64 -13.16 23.07
C LYS A 287 50.66 -14.00 22.24
N ASP A 288 51.17 -14.89 21.35
CA ASP A 288 50.25 -15.80 20.66
C ASP A 288 49.47 -16.61 21.69
N ALA A 289 48.19 -16.84 21.39
CA ALA A 289 47.34 -17.57 22.32
C ALA A 289 46.28 -18.34 21.55
N VAL A 290 45.46 -19.10 22.27
CA VAL A 290 44.19 -19.58 21.76
C VAL A 290 43.20 -19.37 22.91
N GLY A 291 41.98 -18.94 22.61
CA GLY A 291 40.98 -18.71 23.65
C GLY A 291 40.00 -19.87 23.67
N ILE A 292 39.53 -20.22 24.88
CA ILE A 292 38.56 -21.28 25.08
C ILE A 292 37.42 -20.71 25.93
N GLY A 293 36.20 -20.73 25.40
CA GLY A 293 35.02 -20.39 26.20
C GLY A 293 34.37 -21.66 26.69
N ILE A 294 34.10 -21.70 27.99
CA ILE A 294 33.39 -22.81 28.61
C ILE A 294 32.02 -22.30 28.99
N PHE A 295 31.00 -22.92 28.42
CA PHE A 295 29.61 -22.52 28.68
C PHE A 295 28.91 -23.61 29.48
N GLN A 296 28.06 -23.22 30.46
CA GLN A 296 27.41 -24.22 31.30
C GLN A 296 26.12 -24.71 30.64
N SER A 297 25.66 -25.85 31.11
CA SER A 297 24.34 -26.31 30.72
C SER A 297 23.31 -25.73 31.70
N PRO A 298 22.03 -25.72 31.35
CA PRO A 298 21.03 -25.04 32.23
C PRO A 298 21.01 -25.46 33.71
N GLY A 299 21.24 -26.72 34.03
CA GLY A 299 21.08 -26.95 35.46
C GLY A 299 22.35 -26.91 36.27
N ALA A 300 23.44 -26.40 35.71
CA ALA A 300 24.72 -26.46 36.33
C ALA A 300 24.78 -25.57 37.56
N ASN A 301 25.78 -25.84 38.39
CA ASN A 301 26.26 -24.94 39.43
C ASN A 301 27.45 -24.21 38.80
N ALA A 302 27.27 -22.94 38.41
CA ALA A 302 28.34 -22.24 37.70
C ALA A 302 29.60 -22.10 38.55
N ILE A 303 29.45 -21.96 39.87
CA ILE A 303 30.61 -21.83 40.74
C ILE A 303 31.37 -23.15 40.79
N ASP A 304 30.65 -24.25 40.97
CA ASP A 304 31.30 -25.56 40.92
C ASP A 304 32.04 -25.79 39.60
N LEU A 305 31.41 -25.42 38.48
CA LEU A 305 32.01 -25.65 37.17
C LEU A 305 33.26 -24.79 36.97
N SER A 306 33.20 -23.52 37.35
CA SER A 306 34.41 -22.69 37.32
C SER A 306 35.56 -23.34 38.11
N ASN A 307 35.29 -23.80 39.34
CA ASN A 307 36.32 -24.46 40.16
C ASN A 307 36.84 -25.71 39.47
N ALA A 308 35.94 -26.52 38.91
CA ALA A 308 36.34 -27.77 38.31
C ALA A 308 37.17 -27.53 37.06
N VAL A 309 36.82 -26.50 36.28
CA VAL A 309 37.62 -26.21 35.08
C VAL A 309 39.01 -25.81 35.48
N ARG A 310 39.13 -24.99 36.53
CA ARG A 310 40.44 -24.52 36.97
C ARG A 310 41.26 -25.68 37.48
N ALA A 311 40.61 -26.58 38.22
CA ALA A 311 41.34 -27.75 38.74
C ALA A 311 41.79 -28.65 37.60
N LYS A 312 40.91 -28.87 36.59
CA LYS A 312 41.28 -29.69 35.45
C LYS A 312 42.41 -29.06 34.66
N MET A 313 42.33 -27.73 34.39
CA MET A 313 43.43 -27.05 33.70
C MET A 313 44.78 -27.22 34.45
N ALA A 314 44.77 -27.08 35.79
CA ALA A 314 46.01 -27.27 36.52
C ALA A 314 46.53 -28.68 36.32
N GLU A 315 45.64 -29.66 36.30
CA GLU A 315 46.11 -31.03 36.08
C GLU A 315 46.65 -31.19 34.67
N LEU A 316 45.93 -30.70 33.67
CA LEU A 316 46.46 -30.77 32.29
C LEU A 316 47.78 -30.01 32.13
N ALA A 317 47.96 -28.92 32.89
CA ALA A 317 49.18 -28.10 32.75
C ALA A 317 50.42 -28.87 33.19
N THR A 318 50.25 -29.87 34.06
CA THR A 318 51.41 -30.69 34.49
C THR A 318 51.94 -31.53 33.34
N ARG A 319 51.20 -31.61 32.23
CA ARG A 319 51.64 -32.34 31.05
C ARG A 319 51.84 -31.41 29.87
N PHE A 320 51.74 -30.10 30.07
CA PHE A 320 51.97 -29.25 28.91
C PHE A 320 53.39 -29.44 28.40
N PRO A 321 53.62 -29.18 27.14
CA PRO A 321 55.00 -29.04 26.68
C PRO A 321 55.59 -27.77 27.29
N GLU A 322 56.92 -27.73 27.33
CA GLU A 322 57.58 -26.58 27.94
C GLU A 322 57.28 -25.34 27.10
N ASP A 323 57.03 -24.20 27.77
CA ASP A 323 56.71 -22.93 27.15
C ASP A 323 55.26 -22.87 26.68
N MET A 324 54.38 -23.68 27.26
CA MET A 324 52.95 -23.35 27.22
C MET A 324 52.53 -22.99 28.62
N GLN A 325 51.56 -22.06 28.73
CA GLN A 325 50.99 -21.76 30.04
C GLN A 325 49.49 -21.62 29.82
N TRP A 326 48.71 -21.59 30.91
CA TRP A 326 47.30 -21.25 30.73
C TRP A 326 46.94 -20.12 31.69
N ALA A 327 45.86 -19.39 31.34
CA ALA A 327 45.34 -18.37 32.26
C ALA A 327 43.84 -18.46 32.14
N ALA A 328 43.12 -17.81 33.08
CA ALA A 328 41.66 -17.71 32.99
C ALA A 328 41.36 -16.21 33.02
N PRO A 329 41.43 -15.53 31.87
CA PRO A 329 41.33 -14.06 31.90
C PRO A 329 39.92 -13.56 32.21
N TYR A 330 38.89 -14.40 32.18
CA TYR A 330 37.57 -13.83 32.51
C TYR A 330 36.73 -14.87 33.24
N ASP A 331 36.14 -14.51 34.39
CA ASP A 331 35.40 -15.48 35.18
C ASP A 331 34.13 -14.79 35.70
N PRO A 332 33.04 -14.87 34.96
CA PRO A 332 31.82 -14.18 35.37
C PRO A 332 31.10 -14.86 36.51
N THR A 333 31.54 -16.05 36.98
CA THR A 333 30.87 -16.61 38.14
C THR A 333 31.11 -15.79 39.40
N VAL A 334 31.97 -14.76 39.33
CA VAL A 334 32.18 -13.91 40.50
C VAL A 334 30.87 -13.19 40.87
N PHE A 335 29.98 -12.93 39.89
CA PHE A 335 28.79 -12.12 40.20
C PHE A 335 27.83 -12.88 41.09
N VAL A 336 27.54 -14.15 40.75
CA VAL A 336 26.70 -14.92 41.63
C VAL A 336 27.43 -15.31 42.93
N ARG A 337 28.76 -15.53 42.92
CA ARG A 337 29.43 -15.72 44.22
C ARG A 337 29.22 -14.54 45.15
N ASP A 338 29.34 -13.32 44.62
CA ASP A 338 29.20 -12.15 45.44
C ASP A 338 27.78 -12.00 45.93
N SER A 339 26.82 -12.33 45.07
CA SER A 339 25.43 -12.24 45.51
C SER A 339 25.17 -13.23 46.65
N ILE A 340 25.77 -14.43 46.59
CA ILE A 340 25.61 -15.41 47.68
C ILE A 340 26.28 -14.88 48.96
N ARG A 341 27.45 -14.26 48.84
CA ARG A 341 28.07 -13.65 50.01
C ARG A 341 27.18 -12.56 50.61
N ALA A 342 26.48 -11.79 49.75
CA ALA A 342 25.55 -10.76 50.23
C ALA A 342 24.40 -11.36 51.01
N VAL A 343 23.86 -12.47 50.55
CA VAL A 343 22.75 -13.07 51.28
C VAL A 343 23.20 -13.45 52.67
N VAL A 344 24.36 -14.08 52.77
CA VAL A 344 24.87 -14.54 54.06
C VAL A 344 25.20 -13.35 54.94
N GLN A 345 25.86 -12.33 54.39
CA GLN A 345 26.16 -11.16 55.21
C GLN A 345 24.89 -10.45 55.68
N THR A 346 23.89 -10.32 54.81
CA THR A 346 22.68 -9.59 55.20
C THR A 346 21.87 -10.36 56.24
N LEU A 347 21.79 -11.67 56.09
CA LEU A 347 21.17 -12.48 57.11
C LEU A 347 21.87 -12.27 58.46
N LEU A 348 23.21 -12.29 58.48
CA LEU A 348 23.92 -12.12 59.75
C LEU A 348 23.71 -10.74 60.33
N GLU A 349 23.79 -9.69 59.51
CA GLU A 349 23.51 -8.36 60.02
C GLU A 349 22.07 -8.21 60.49
N ALA A 350 21.13 -8.80 59.78
CA ALA A 350 19.73 -8.61 60.17
C ALA A 350 19.48 -9.29 61.51
N VAL A 351 20.07 -10.47 61.71
CA VAL A 351 19.79 -11.19 62.93
C VAL A 351 20.45 -10.48 64.09
N VAL A 352 21.66 -9.95 63.89
CA VAL A 352 22.29 -9.15 64.94
C VAL A 352 21.44 -7.92 65.25
N LEU A 353 20.99 -7.21 64.22
CA LEU A 353 20.27 -5.97 64.46
C LEU A 353 18.93 -6.23 65.16
N VAL A 354 18.24 -7.31 64.79
CA VAL A 354 16.94 -7.56 65.42
C VAL A 354 17.14 -8.00 66.85
N VAL A 355 18.20 -8.75 67.11
CA VAL A 355 18.51 -9.14 68.48
C VAL A 355 18.74 -7.93 69.35
N LEU A 356 19.52 -6.97 68.84
CA LEU A 356 19.81 -5.76 69.62
C LEU A 356 18.56 -4.97 69.84
N VAL A 357 17.74 -4.86 68.80
CA VAL A 357 16.54 -4.02 68.88
C VAL A 357 15.53 -4.63 69.84
N VAL A 358 15.42 -5.96 69.85
CA VAL A 358 14.53 -6.60 70.81
C VAL A 358 15.03 -6.39 72.23
N ILE A 359 16.35 -6.55 72.45
CA ILE A 359 16.89 -6.34 73.80
C ILE A 359 16.68 -4.90 74.22
N LEU A 360 16.94 -3.95 73.33
CA LEU A 360 16.76 -2.56 73.70
C LEU A 360 15.31 -2.23 74.07
N PHE A 361 14.33 -2.70 73.27
CA PHE A 361 12.94 -2.30 73.53
C PHE A 361 12.22 -3.19 74.55
N LEU A 362 12.48 -4.50 74.53
CA LEU A 362 11.82 -5.47 75.41
C LEU A 362 12.68 -5.84 76.62
N GLN A 363 13.98 -5.56 76.55
CA GLN A 363 14.85 -5.66 77.72
C GLN A 363 14.82 -7.05 78.32
N THR A 364 14.66 -8.07 77.50
CA THR A 364 14.97 -9.41 77.99
C THR A 364 15.66 -10.19 76.87
N TRP A 365 16.80 -10.79 77.18
CA TRP A 365 17.46 -11.54 76.12
C TRP A 365 16.57 -12.70 75.66
N ARG A 366 15.58 -13.13 76.47
CA ARG A 366 14.84 -14.29 76.04
C ARG A 366 13.89 -13.97 74.89
N ALA A 367 13.47 -12.70 74.75
CA ALA A 367 12.71 -12.28 73.59
C ALA A 367 13.55 -12.38 72.32
N SER A 368 14.88 -12.19 72.44
CA SER A 368 15.82 -12.22 71.29
C SER A 368 15.83 -13.56 70.61
N ILE A 369 15.62 -14.63 71.36
CA ILE A 369 15.72 -15.96 70.81
C ILE A 369 14.74 -16.18 69.69
N ILE A 370 13.56 -15.56 69.77
CA ILE A 370 12.51 -15.88 68.81
C ILE A 370 12.98 -15.46 67.42
N PRO A 371 13.37 -14.22 67.16
CA PRO A 371 13.85 -13.95 65.80
C PRO A 371 15.22 -14.57 65.52
N LEU A 372 16.08 -14.76 66.52
CA LEU A 372 17.34 -15.47 66.27
C LEU A 372 17.08 -16.79 65.57
N ILE A 373 16.06 -17.51 66.01
CA ILE A 373 15.77 -18.82 65.41
C ILE A 373 14.87 -18.69 64.21
N ALA A 374 13.81 -17.90 64.34
CA ALA A 374 12.80 -17.92 63.27
C ALA A 374 13.32 -17.33 61.98
N VAL A 375 14.21 -16.35 62.06
CA VAL A 375 14.58 -15.68 60.81
C VAL A 375 15.41 -16.65 59.98
N PRO A 376 16.47 -17.29 60.52
CA PRO A 376 17.21 -18.28 59.69
C PRO A 376 16.38 -19.44 59.20
N VAL A 377 15.49 -19.97 60.04
CA VAL A 377 14.64 -21.08 59.61
C VAL A 377 13.79 -20.72 58.41
N SER A 378 13.24 -19.49 58.40
CA SER A 378 12.37 -19.12 57.29
C SER A 378 13.17 -18.91 56.01
N VAL A 379 14.34 -18.29 56.12
CA VAL A 379 15.18 -18.07 54.95
C VAL A 379 15.67 -19.41 54.40
N VAL A 380 16.25 -20.26 55.26
CA VAL A 380 16.74 -21.54 54.74
C VAL A 380 15.59 -22.39 54.21
N GLY A 381 14.45 -22.36 54.90
CA GLY A 381 13.31 -23.11 54.37
C GLY A 381 12.88 -22.70 52.98
N THR A 382 13.15 -21.45 52.58
CA THR A 382 12.69 -21.01 51.24
C THR A 382 13.33 -21.87 50.12
N PHE A 383 14.53 -22.41 50.34
CA PHE A 383 15.22 -23.12 49.25
C PHE A 383 14.51 -24.39 48.81
N SER A 384 13.82 -25.07 49.74
CA SER A 384 13.06 -26.28 49.43
C SER A 384 12.05 -26.04 48.32
N ILE A 385 11.25 -24.99 48.48
CA ILE A 385 10.19 -24.70 47.54
C ILE A 385 10.77 -24.16 46.25
N LEU A 386 11.81 -23.31 46.35
CA LEU A 386 12.47 -22.86 45.13
C LEU A 386 12.94 -24.07 44.35
N TYR A 387 13.51 -25.06 45.03
CA TYR A 387 13.99 -26.26 44.34
C TYR A 387 12.84 -27.01 43.68
N LEU A 388 11.75 -27.27 44.43
CA LEU A 388 10.62 -27.99 43.88
C LEU A 388 9.98 -27.26 42.70
N LEU A 389 9.98 -25.93 42.70
CA LEU A 389 9.39 -25.23 41.59
C LEU A 389 10.33 -25.06 40.40
N GLY A 390 11.56 -25.60 40.49
CA GLY A 390 12.47 -25.53 39.36
C GLY A 390 13.23 -24.22 39.21
N PHE A 391 13.39 -23.46 40.30
CA PHE A 391 14.14 -22.21 40.27
C PHE A 391 15.62 -22.47 40.49
N SER A 392 16.42 -21.50 40.13
CA SER A 392 17.84 -21.55 40.41
C SER A 392 18.19 -20.47 41.42
N LEU A 393 19.38 -20.60 41.97
CA LEU A 393 20.00 -19.54 42.73
C LEU A 393 20.74 -18.64 41.76
N ASN A 394 20.32 -17.39 41.65
CA ASN A 394 20.91 -16.48 40.66
C ASN A 394 20.87 -15.11 41.31
N THR A 395 21.48 -14.12 40.65
CA THR A 395 21.58 -12.86 41.37
C THR A 395 20.22 -12.18 41.54
N LEU A 396 19.21 -12.63 40.81
CA LEU A 396 17.84 -12.10 41.02
C LEU A 396 17.09 -12.82 42.13
N SER A 397 16.98 -14.16 42.07
CA SER A 397 16.29 -14.84 43.17
C SER A 397 16.98 -14.58 44.51
N LEU A 398 18.32 -14.47 44.51
CA LEU A 398 19.03 -14.17 45.77
C LEU A 398 18.75 -12.73 46.23
N PHE A 399 18.57 -11.80 45.29
CA PHE A 399 18.16 -10.44 45.66
C PHE A 399 16.76 -10.43 46.28
N GLY A 400 15.81 -11.14 45.69
CA GLY A 400 14.51 -11.26 46.36
C GLY A 400 14.62 -11.85 47.76
N LEU A 401 15.48 -12.85 47.90
CA LEU A 401 15.67 -13.50 49.20
C LEU A 401 16.20 -12.51 50.24
N VAL A 402 17.10 -11.63 49.82
CA VAL A 402 17.63 -10.63 50.71
C VAL A 402 16.52 -9.68 51.14
N LEU A 403 15.73 -9.22 50.17
CA LEU A 403 14.68 -8.27 50.50
C LEU A 403 13.64 -8.94 51.35
N ALA A 404 13.36 -10.22 51.09
CA ALA A 404 12.36 -10.92 51.93
C ALA A 404 12.74 -10.95 53.41
N ILE A 405 14.05 -10.92 53.74
CA ILE A 405 14.47 -11.01 55.14
C ILE A 405 13.79 -9.91 55.96
N GLY A 406 13.59 -8.74 55.36
CA GLY A 406 12.82 -7.69 56.01
C GLY A 406 11.41 -8.10 56.44
N ILE A 407 10.71 -8.87 55.59
CA ILE A 407 9.34 -9.34 55.90
C ILE A 407 9.39 -10.36 57.02
N VAL A 408 10.39 -11.23 56.97
CA VAL A 408 10.58 -12.28 57.96
C VAL A 408 10.91 -11.68 59.34
N VAL A 409 11.78 -10.66 59.37
CA VAL A 409 12.13 -9.99 60.62
C VAL A 409 10.88 -9.32 61.21
N ASP A 410 10.13 -8.62 60.38
CA ASP A 410 8.92 -7.97 60.86
C ASP A 410 7.96 -9.00 61.48
N ASP A 411 7.71 -10.12 60.79
CA ASP A 411 6.84 -11.17 61.34
C ASP A 411 7.31 -11.61 62.71
N ALA A 412 8.64 -11.81 62.89
CA ALA A 412 9.11 -12.28 64.19
C ALA A 412 8.96 -11.19 65.26
N ILE A 413 9.23 -9.93 64.89
CA ILE A 413 9.03 -8.86 65.85
C ILE A 413 7.55 -8.79 66.25
N VAL A 414 6.62 -8.92 65.28
CA VAL A 414 5.18 -8.87 65.61
C VAL A 414 4.82 -9.91 66.66
N VAL A 415 5.24 -11.16 66.44
CA VAL A 415 4.87 -12.23 67.39
C VAL A 415 5.48 -11.95 68.77
N VAL A 416 6.79 -11.71 68.85
CA VAL A 416 7.39 -11.70 70.18
C VAL A 416 7.00 -10.44 70.93
N GLU A 417 6.89 -9.32 70.23
CA GLU A 417 6.45 -8.08 70.88
C GLU A 417 5.02 -8.21 71.42
N ASN A 418 4.14 -8.91 70.69
CA ASN A 418 2.76 -9.01 71.13
C ASN A 418 2.61 -9.99 72.29
N VAL A 419 3.44 -11.03 72.32
CA VAL A 419 3.45 -11.92 73.49
C VAL A 419 4.00 -11.18 74.69
N GLU A 420 5.13 -10.50 74.51
CA GLU A 420 5.71 -9.74 75.60
C GLU A 420 4.73 -8.65 76.09
N ARG A 421 4.00 -7.99 75.18
CA ARG A 421 3.03 -6.97 75.65
C ARG A 421 1.97 -7.61 76.56
N ASN A 422 1.50 -8.81 76.20
CA ASN A 422 0.52 -9.50 77.04
C ASN A 422 1.11 -9.94 78.39
N ILE A 423 2.43 -10.16 78.45
CA ILE A 423 3.09 -10.40 79.73
C ILE A 423 3.15 -9.10 80.52
N GLU A 424 3.46 -7.98 79.86
CA GLU A 424 3.37 -6.69 80.57
C GLU A 424 1.97 -6.43 81.09
N GLU A 425 0.94 -6.90 80.38
CA GLU A 425 -0.47 -6.81 80.82
C GLU A 425 -0.77 -7.69 82.02
N GLY A 426 0.17 -8.52 82.46
CA GLY A 426 0.05 -9.33 83.66
C GLY A 426 -0.28 -10.79 83.45
N LEU A 427 -0.37 -11.28 82.20
CA LEU A 427 -0.67 -12.69 81.97
C LEU A 427 0.60 -13.49 82.14
N ALA A 428 0.50 -14.70 82.68
CA ALA A 428 1.64 -15.59 82.67
C ALA A 428 2.04 -15.92 81.20
N PRO A 429 3.29 -16.27 80.96
CA PRO A 429 3.76 -16.53 79.57
C PRO A 429 2.88 -17.46 78.76
N LEU A 430 2.51 -18.64 79.27
CA LEU A 430 1.62 -19.48 78.47
C LEU A 430 0.34 -18.74 78.11
N ALA A 431 -0.33 -18.16 79.10
CA ALA A 431 -1.60 -17.52 78.80
C ALA A 431 -1.38 -16.29 77.91
N ALA A 432 -0.27 -15.58 78.12
CA ALA A 432 0.06 -14.43 77.28
C ALA A 432 0.28 -14.83 75.82
N ALA A 433 0.93 -15.97 75.57
CA ALA A 433 1.10 -16.40 74.18
C ALA A 433 -0.22 -16.77 73.53
N HIS A 434 -1.08 -17.48 74.26
CA HIS A 434 -2.41 -17.76 73.74
C HIS A 434 -3.15 -16.47 73.40
N GLN A 435 -3.11 -15.49 74.30
CA GLN A 435 -3.89 -14.28 74.07
C GLN A 435 -3.28 -13.47 72.93
N ALA A 436 -1.97 -13.38 72.91
CA ALA A 436 -1.30 -12.77 71.77
C ALA A 436 -1.74 -13.40 70.45
N MET A 437 -1.83 -14.74 70.38
CA MET A 437 -2.10 -15.33 69.05
C MET A 437 -3.59 -15.28 68.74
N ARG A 438 -4.47 -15.19 69.78
CA ARG A 438 -5.84 -14.84 69.47
C ARG A 438 -5.88 -13.50 68.77
N GLU A 439 -5.02 -12.55 69.19
CA GLU A 439 -5.01 -11.20 68.60
C GLU A 439 -4.39 -11.18 67.21
N VAL A 440 -3.33 -11.96 66.99
CA VAL A 440 -2.61 -11.79 65.72
C VAL A 440 -2.61 -13.01 64.82
N SER A 441 -3.02 -14.20 65.26
CA SER A 441 -2.77 -15.36 64.39
C SER A 441 -3.64 -15.30 63.14
N GLY A 442 -4.90 -14.94 63.30
CA GLY A 442 -5.76 -14.76 62.16
C GLY A 442 -5.29 -13.66 61.21
N PRO A 443 -4.95 -12.49 61.74
CA PRO A 443 -4.38 -11.45 60.85
C PRO A 443 -3.08 -11.89 60.15
N ILE A 444 -2.21 -12.68 60.83
CA ILE A 444 -0.97 -13.14 60.17
C ILE A 444 -1.31 -13.97 58.95
N ILE A 445 -2.30 -14.86 59.06
CA ILE A 445 -2.76 -15.62 57.89
C ILE A 445 -3.23 -14.66 56.81
N ALA A 446 -4.12 -13.74 57.17
CA ALA A 446 -4.62 -12.78 56.20
C ALA A 446 -3.49 -12.00 55.55
N ILE A 447 -2.49 -11.58 56.34
CA ILE A 447 -1.43 -10.73 55.81
C ILE A 447 -0.60 -11.51 54.82
N ALA A 448 -0.41 -12.80 55.09
CA ALA A 448 0.36 -13.61 54.16
C ALA A 448 -0.41 -13.78 52.86
N LEU A 449 -1.74 -13.95 52.94
CA LEU A 449 -2.56 -14.02 51.75
C LEU A 449 -2.52 -12.68 51.00
N VAL A 450 -2.50 -11.56 51.73
CA VAL A 450 -2.43 -10.26 51.03
C VAL A 450 -1.10 -10.14 50.30
N LEU A 451 0.01 -10.47 50.99
CA LEU A 451 1.31 -10.37 50.35
C LEU A 451 1.39 -11.30 49.15
N CYS A 452 0.83 -12.52 49.27
CA CYS A 452 0.83 -13.37 48.07
C CYS A 452 -0.03 -12.80 46.96
N ALA A 453 -1.13 -12.14 47.34
CA ALA A 453 -2.01 -11.51 46.37
C ALA A 453 -1.28 -10.44 45.60
N VAL A 454 -0.33 -9.78 46.25
CA VAL A 454 0.43 -8.72 45.58
C VAL A 454 1.59 -9.36 44.80
N PHE A 455 2.36 -10.24 45.47
CA PHE A 455 3.60 -10.76 44.89
C PHE A 455 3.33 -11.79 43.78
N VAL A 456 2.46 -12.80 44.04
CA VAL A 456 2.30 -13.90 43.08
C VAL A 456 1.83 -13.41 41.72
N PRO A 457 0.88 -12.49 41.62
CA PRO A 457 0.52 -12.03 40.24
C PRO A 457 1.70 -11.40 39.51
N MET A 458 2.69 -10.88 40.24
CA MET A 458 3.84 -10.26 39.60
C MET A 458 4.79 -11.28 38.99
N ALA A 459 4.60 -12.57 39.29
CA ALA A 459 5.30 -13.64 38.60
C ALA A 459 4.79 -13.83 37.18
N PHE A 460 3.69 -13.19 36.78
CA PHE A 460 3.13 -13.43 35.46
C PHE A 460 3.23 -12.20 34.54
N LEU A 461 4.23 -11.34 34.74
CA LEU A 461 4.38 -10.20 33.85
C LEU A 461 5.13 -10.67 32.60
N SER A 462 5.11 -9.83 31.58
CA SER A 462 5.56 -10.24 30.24
C SER A 462 7.00 -9.76 29.95
N GLY A 463 7.60 -10.34 28.91
CA GLY A 463 8.87 -9.85 28.46
C GLY A 463 9.99 -10.40 29.33
N VAL A 464 11.20 -9.94 28.99
CA VAL A 464 12.39 -10.25 29.77
C VAL A 464 12.28 -9.67 31.16
N THR A 465 11.81 -8.43 31.24
CA THR A 465 11.62 -7.81 32.54
C THR A 465 10.71 -8.69 33.40
N GLY A 466 9.66 -9.26 32.80
CA GLY A 466 8.79 -10.15 33.54
C GLY A 466 9.48 -11.40 34.05
N GLN A 467 10.45 -11.92 33.28
CA GLN A 467 11.31 -12.97 33.81
C GLN A 467 12.11 -12.51 35.02
N PHE A 468 12.55 -11.25 35.04
CA PHE A 468 13.26 -10.77 36.22
C PHE A 468 12.30 -10.67 37.39
N TYR A 469 11.13 -10.06 37.16
CA TYR A 469 10.20 -9.87 38.28
C TYR A 469 9.83 -11.20 38.90
N LYS A 470 9.62 -12.19 38.07
CA LYS A 470 9.22 -13.48 38.57
C LYS A 470 10.26 -14.08 39.53
N GLN A 471 11.58 -13.95 39.21
CA GLN A 471 12.58 -14.40 40.19
C GLN A 471 12.36 -13.74 41.55
N PHE A 472 12.19 -12.42 41.55
CA PHE A 472 12.01 -11.72 42.81
C PHE A 472 10.74 -12.18 43.45
N ALA A 473 9.64 -12.25 42.66
CA ALA A 473 8.30 -12.33 43.24
C ALA A 473 8.05 -13.69 43.89
N VAL A 474 8.45 -14.75 43.23
CA VAL A 474 8.20 -16.10 43.73
C VAL A 474 8.99 -16.36 45.02
N THR A 475 10.27 -15.95 45.04
CA THR A 475 11.16 -16.12 46.19
C THR A 475 10.57 -15.39 47.40
N ILE A 476 10.17 -14.14 47.18
CA ILE A 476 9.58 -13.36 48.27
C ILE A 476 8.28 -13.97 48.74
N ALA A 477 7.43 -14.43 47.80
CA ALA A 477 6.15 -15.04 48.22
C ALA A 477 6.41 -16.32 49.02
N ILE A 478 7.42 -17.08 48.62
CA ILE A 478 7.73 -18.31 49.36
C ILE A 478 8.19 -17.96 50.77
N SER A 479 9.10 -16.98 50.88
CA SER A 479 9.62 -16.66 52.19
C SER A 479 8.51 -16.10 53.07
N THR A 480 7.57 -15.41 52.45
CA THR A 480 6.43 -14.87 53.21
C THR A 480 5.61 -16.00 53.82
N VAL A 481 5.33 -17.01 53.03
CA VAL A 481 4.48 -18.09 53.50
C VAL A 481 5.19 -18.91 54.56
N ILE A 482 6.47 -19.27 54.33
CA ILE A 482 7.22 -20.00 55.38
C ILE A 482 7.29 -19.19 56.67
N SER A 483 7.55 -17.88 56.57
CA SER A 483 7.64 -17.06 57.75
C SER A 483 6.29 -17.03 58.46
N ALA A 484 5.18 -17.06 57.68
CA ALA A 484 3.85 -17.10 58.31
C ALA A 484 3.64 -18.41 59.05
N ILE A 485 4.07 -19.52 58.49
CA ILE A 485 3.94 -20.81 59.18
C ILE A 485 4.74 -20.80 60.50
N ASN A 486 5.99 -20.32 60.41
CA ASN A 486 6.80 -20.20 61.62
C ASN A 486 6.19 -19.22 62.63
N SER A 487 5.64 -18.09 62.16
CA SER A 487 4.97 -17.15 63.08
C SER A 487 3.75 -17.77 63.80
N LEU A 488 3.13 -18.78 63.24
CA LEU A 488 1.96 -19.43 63.86
C LEU A 488 2.33 -20.62 64.70
N THR A 489 3.58 -21.07 64.63
CA THR A 489 3.94 -22.33 65.29
C THR A 489 5.15 -22.11 66.19
N LEU A 490 6.32 -22.10 65.60
CA LEU A 490 7.60 -21.94 66.32
C LEU A 490 7.65 -20.67 67.19
N SER A 491 7.37 -19.51 66.61
CA SER A 491 7.59 -18.26 67.31
C SER A 491 6.74 -18.13 68.56
N PRO A 492 5.42 -18.42 68.54
CA PRO A 492 4.69 -18.29 69.80
C PRO A 492 4.99 -19.43 70.76
N ALA A 493 5.33 -20.61 70.22
CA ALA A 493 5.75 -21.73 71.07
C ALA A 493 7.01 -21.37 71.85
N LEU A 494 8.03 -20.85 71.16
CA LEU A 494 9.26 -20.40 71.83
C LEU A 494 8.99 -19.27 72.82
N ALA A 495 8.12 -18.31 72.45
CA ALA A 495 7.79 -17.22 73.37
C ALA A 495 7.23 -17.76 74.69
N ALA A 496 6.26 -18.68 74.61
CA ALA A 496 5.62 -19.18 75.82
C ALA A 496 6.59 -19.98 76.64
N LEU A 497 7.61 -20.54 75.99
CA LEU A 497 8.58 -21.37 76.68
C LEU A 497 9.66 -20.54 77.34
N LEU A 498 10.06 -19.45 76.71
CA LEU A 498 11.23 -18.76 77.18
C LEU A 498 10.97 -17.47 77.93
N LEU A 499 9.90 -16.77 77.60
CA LEU A 499 9.69 -15.48 78.21
C LEU A 499 9.32 -15.70 79.67
N LYS A 500 9.74 -14.77 80.53
CA LYS A 500 9.45 -14.92 81.98
C LYS A 500 8.49 -13.85 82.47
N PRO A 501 7.75 -14.12 83.56
CA PRO A 501 6.98 -13.04 84.21
C PRO A 501 7.92 -11.93 84.67
N HIS A 502 7.45 -10.69 84.55
CA HIS A 502 8.27 -9.56 84.98
C HIS A 502 8.53 -9.58 86.49
N GLY A 503 9.62 -8.92 86.87
CA GLY A 503 9.98 -8.83 88.27
C GLY A 503 10.38 -10.17 88.86
N ALA A 504 10.01 -11.25 88.20
CA ALA A 504 10.40 -12.58 88.67
C ALA A 504 11.89 -12.77 88.42
N LYS A 505 12.64 -13.01 89.50
CA LYS A 505 14.07 -13.35 89.48
C LYS A 505 14.84 -12.48 88.49
N LYS A 506 15.90 -13.05 87.91
CA LYS A 506 16.87 -12.42 87.02
C LYS A 506 18.02 -13.40 86.90
N ASP A 507 18.16 -14.04 85.73
CA ASP A 507 19.20 -15.04 85.56
C ASP A 507 20.54 -14.36 85.27
N LEU A 508 21.59 -15.17 85.08
CA LEU A 508 22.92 -14.60 84.88
C LEU A 508 23.01 -13.72 83.64
N PRO A 509 22.60 -14.15 82.44
CA PRO A 509 22.72 -13.24 81.27
C PRO A 509 22.00 -11.92 81.44
N THR A 510 20.80 -11.90 82.03
CA THR A 510 20.14 -10.61 82.17
C THR A 510 20.88 -9.74 83.18
N ARG A 511 21.40 -10.36 84.25
CA ARG A 511 22.25 -9.63 85.18
C ARG A 511 23.45 -9.01 84.47
N LEU A 512 24.11 -9.79 83.61
CA LEU A 512 25.20 -9.26 82.79
C LEU A 512 24.73 -8.05 81.99
N ILE A 513 23.68 -8.24 81.17
CA ILE A 513 23.21 -7.16 80.31
C ILE A 513 22.79 -5.97 81.15
N ASP A 514 22.10 -6.23 82.27
CA ASP A 514 21.57 -5.14 83.09
C ASP A 514 22.69 -4.31 83.69
N ARG A 515 23.80 -4.94 84.08
CA ARG A 515 24.96 -4.21 84.56
C ARG A 515 25.87 -3.75 83.43
N LEU A 516 25.78 -4.37 82.26
CA LEU A 516 26.55 -3.92 81.12
C LEU A 516 25.82 -2.86 80.30
N PHE A 517 24.48 -2.78 80.40
CA PHE A 517 23.72 -1.84 79.59
C PHE A 517 22.52 -1.23 80.31
N GLY A 518 22.37 -1.47 81.63
CA GLY A 518 21.29 -0.82 82.37
C GLY A 518 21.34 0.69 82.27
N TRP A 519 22.49 1.24 81.91
CA TRP A 519 22.58 2.70 81.83
C TRP A 519 21.91 3.25 80.60
N ILE A 520 21.62 2.41 79.59
CA ILE A 520 20.84 2.83 78.43
C ILE A 520 19.36 2.60 78.67
N PHE A 521 19.04 1.46 79.31
CA PHE A 521 17.65 1.06 79.57
C PHE A 521 16.86 2.16 80.27
N ARG A 522 17.37 2.66 81.41
CA ARG A 522 16.62 3.64 82.18
C ARG A 522 16.31 4.93 81.40
N PRO A 523 17.30 5.66 80.88
CA PRO A 523 16.91 6.83 80.07
C PRO A 523 16.12 6.46 78.82
N PHE A 524 16.41 5.30 78.19
CA PHE A 524 15.64 4.91 77.00
C PHE A 524 14.16 4.76 77.35
N ASN A 525 13.87 4.06 78.45
CA ASN A 525 12.48 3.90 78.88
C ASN A 525 11.82 5.24 79.11
N ARG A 526 12.51 6.16 79.79
CA ARG A 526 11.91 7.47 80.01
C ARG A 526 11.67 8.18 78.70
N PHE A 527 12.67 8.14 77.81
CA PHE A 527 12.51 8.74 76.49
C PHE A 527 11.38 8.08 75.69
N PHE A 528 11.28 6.75 75.73
CA PHE A 528 10.24 6.10 74.96
C PHE A 528 8.85 6.37 75.53
N LEU A 529 8.71 6.39 76.86
CA LEU A 529 7.43 6.78 77.45
C LEU A 529 7.06 8.18 77.01
N ARG A 530 8.03 9.11 77.05
CA ARG A 530 7.76 10.48 76.67
C ARG A 530 7.38 10.59 75.20
N SER A 531 8.12 9.91 74.33
CA SER A 531 7.79 10.01 72.91
C SER A 531 6.49 9.30 72.61
N SER A 532 6.21 8.21 73.30
CA SER A 532 4.90 7.57 73.09
C SER A 532 3.77 8.52 73.49
N ASN A 533 3.86 9.12 74.69
CA ASN A 533 2.82 10.10 75.04
C ASN A 533 2.77 11.23 74.03
N GLY A 534 3.95 11.69 73.57
CA GLY A 534 3.94 12.79 72.60
C GLY A 534 3.35 12.36 71.27
N TYR A 535 3.62 11.12 70.86
CA TYR A 535 3.03 10.60 69.63
C TYR A 535 1.52 10.58 69.73
N GLN A 536 0.99 10.09 70.85
CA GLN A 536 -0.46 9.97 71.01
C GLN A 536 -1.15 11.34 70.92
N GLY A 537 -0.56 12.36 71.55
CA GLY A 537 -1.10 13.71 71.39
C GLY A 537 -1.01 14.24 69.97
N LEU A 538 0.07 13.88 69.26
CA LEU A 538 0.18 14.21 67.84
C LEU A 538 -0.92 13.58 67.01
N VAL A 539 -1.12 12.28 67.16
CA VAL A 539 -2.20 11.67 66.37
C VAL A 539 -3.53 12.28 66.72
N SER A 540 -3.69 12.65 67.98
CA SER A 540 -4.93 13.31 68.40
C SER A 540 -5.15 14.62 67.64
N LYS A 541 -4.13 15.47 67.55
CA LYS A 541 -4.27 16.72 66.80
C LYS A 541 -4.55 16.43 65.34
N THR A 542 -3.89 15.42 64.79
CA THR A 542 -4.10 15.07 63.40
C THR A 542 -5.55 14.73 63.15
N LEU A 543 -6.13 13.93 64.04
CA LEU A 543 -7.51 13.51 63.87
C LEU A 543 -8.50 14.68 63.98
N GLY A 544 -8.09 15.80 64.59
CA GLY A 544 -8.93 16.99 64.54
C GLY A 544 -8.87 17.75 63.23
N ARG A 545 -7.97 17.39 62.32
CA ARG A 545 -7.75 18.13 61.08
C ARG A 545 -7.81 17.19 59.89
N ARG A 546 -8.76 16.25 59.91
CA ARG A 546 -8.79 15.23 58.87
C ARG A 546 -8.91 15.87 57.50
N GLY A 547 -9.65 16.98 57.43
CA GLY A 547 -9.77 17.69 56.16
C GLY A 547 -8.43 18.16 55.65
N ALA A 548 -7.66 18.82 56.52
CA ALA A 548 -6.30 19.19 56.17
C ALA A 548 -5.49 17.99 55.70
N VAL A 549 -5.52 16.88 56.47
CA VAL A 549 -4.77 15.68 56.08
C VAL A 549 -5.14 15.24 54.67
N PHE A 550 -6.43 15.10 54.40
CA PHE A 550 -6.85 14.69 53.06
C PHE A 550 -6.40 15.67 51.98
N ALA A 551 -6.26 16.96 52.32
CA ALA A 551 -5.71 17.89 51.34
C ALA A 551 -4.29 17.51 50.99
N VAL A 552 -3.44 17.36 52.02
CA VAL A 552 -2.06 16.93 51.78
C VAL A 552 -2.04 15.62 51.00
N TYR A 553 -2.91 14.67 51.37
CA TYR A 553 -2.88 13.34 50.74
C TYR A 553 -3.06 13.46 49.23
N LEU A 554 -4.02 14.28 48.78
CA LEU A 554 -4.17 14.48 47.34
C LEU A 554 -2.98 15.22 46.73
N LEU A 555 -2.38 16.16 47.47
CA LEU A 555 -1.15 16.78 47.00
C LEU A 555 -0.05 15.74 46.82
N LEU A 556 0.04 14.79 47.75
CA LEU A 556 1.09 13.78 47.64
C LEU A 556 0.79 12.78 46.54
N LEU A 557 -0.48 12.42 46.37
CA LEU A 557 -0.86 11.58 45.23
C LEU A 557 -0.44 12.22 43.92
N CYS A 558 -0.69 13.53 43.80
CA CYS A 558 -0.16 14.28 42.67
C CYS A 558 1.35 14.12 42.57
N ALA A 559 2.06 14.19 43.70
CA ALA A 559 3.52 14.11 43.67
C ALA A 559 4.01 12.74 43.22
N ALA A 560 3.30 11.67 43.61
CA ALA A 560 3.67 10.34 43.14
C ALA A 560 3.51 10.22 41.63
N GLY A 561 2.54 10.94 41.05
CA GLY A 561 2.43 10.96 39.60
C GLY A 561 3.62 11.63 38.95
N VAL A 562 4.04 12.77 39.50
CA VAL A 562 5.19 13.48 38.96
C VAL A 562 6.48 12.65 39.11
N MET A 563 6.63 11.91 40.21
CA MET A 563 7.83 11.09 40.40
C MET A 563 7.97 10.06 39.29
N PHE A 564 6.85 9.46 38.88
CA PHE A 564 6.87 8.53 37.76
C PHE A 564 7.15 9.22 36.45
N LYS A 565 6.95 10.52 36.36
CA LYS A 565 7.27 11.23 35.12
C LYS A 565 8.76 11.48 35.01
N VAL A 566 9.38 11.99 36.07
CA VAL A 566 10.74 12.51 35.98
C VAL A 566 11.81 11.49 36.40
N VAL A 567 11.45 10.37 37.02
CA VAL A 567 12.43 9.36 37.36
C VAL A 567 12.55 8.43 36.16
N PRO A 568 13.65 8.44 35.44
CA PRO A 568 13.75 7.64 34.22
C PRO A 568 13.44 6.17 34.50
N GLY A 569 12.60 5.59 33.65
CA GLY A 569 12.38 4.16 33.71
C GLY A 569 13.62 3.38 33.34
N GLY A 570 13.57 2.09 33.62
CA GLY A 570 14.81 1.35 33.43
C GLY A 570 14.57 -0.14 33.37
N PHE A 571 15.64 -0.82 33.04
CA PHE A 571 15.64 -2.26 32.96
C PHE A 571 16.70 -2.67 33.95
N ILE A 572 17.83 -3.14 33.46
CA ILE A 572 18.98 -3.49 34.29
C ILE A 572 19.88 -2.29 34.38
N PRO A 573 20.33 -1.92 35.56
CA PRO A 573 21.37 -0.90 35.64
C PRO A 573 22.66 -1.40 34.99
N THR A 574 23.34 -0.53 34.26
CA THR A 574 24.66 -0.88 33.77
C THR A 574 25.58 -1.03 34.98
N GLN A 575 26.26 -2.18 35.06
CA GLN A 575 27.16 -2.49 36.16
C GLN A 575 28.50 -2.84 35.54
N ASP A 576 29.56 -2.57 36.29
CA ASP A 576 30.92 -3.04 35.99
C ASP A 576 30.87 -4.54 35.80
N LYS A 577 31.09 -5.06 34.59
CA LYS A 577 31.21 -6.51 34.44
C LYS A 577 32.68 -6.97 34.41
N LEU A 578 33.61 -6.13 34.79
CA LEU A 578 35.04 -6.43 34.94
C LEU A 578 35.75 -6.72 33.62
N TYR A 579 35.21 -6.18 32.52
CA TYR A 579 35.92 -6.09 31.24
C TYR A 579 35.35 -4.92 30.43
N LEU A 580 36.08 -4.53 29.42
CA LEU A 580 35.66 -3.55 28.43
C LEU A 580 35.81 -4.18 27.05
N ILE A 581 35.01 -3.72 26.08
CA ILE A 581 35.06 -4.27 24.72
C ILE A 581 35.73 -3.23 23.85
N GLY A 582 36.92 -3.55 23.33
CA GLY A 582 37.55 -2.65 22.39
C GLY A 582 37.54 -3.29 21.01
N GLY A 583 37.81 -2.49 20.01
CA GLY A 583 37.95 -3.06 18.67
C GLY A 583 38.16 -1.97 17.64
N VAL A 584 38.34 -2.40 16.39
CA VAL A 584 38.69 -1.44 15.37
C VAL A 584 38.02 -1.83 14.07
N LYS A 585 37.71 -0.82 13.27
CA LYS A 585 37.35 -0.98 11.88
C LYS A 585 38.44 -0.27 11.08
N MET A 586 39.20 -1.04 10.35
CA MET A 586 40.22 -0.52 9.46
C MET A 586 39.57 -0.13 8.13
N PRO A 587 40.24 0.68 7.31
CA PRO A 587 39.65 1.05 6.01
C PRO A 587 39.26 -0.19 5.22
N GLU A 588 38.11 -0.12 4.55
CA GLU A 588 37.66 -1.22 3.69
C GLU A 588 38.76 -1.70 2.77
N GLY A 589 38.94 -3.01 2.69
CA GLY A 589 39.97 -3.59 1.85
C GLY A 589 41.27 -3.92 2.59
N SER A 590 41.43 -3.43 3.83
CA SER A 590 42.63 -3.75 4.62
C SER A 590 42.76 -5.26 4.82
N SER A 591 43.99 -5.72 4.89
CA SER A 591 44.31 -7.09 5.24
C SER A 591 44.21 -7.33 6.75
N LEU A 592 44.07 -8.61 7.14
CA LEU A 592 44.18 -8.98 8.56
C LEU A 592 45.50 -8.52 9.17
N ALA A 593 46.62 -8.56 8.42
CA ALA A 593 47.90 -8.09 8.94
C ALA A 593 47.84 -6.63 9.37
N ARG A 594 47.16 -5.79 8.58
CA ARG A 594 47.04 -4.40 9.00
C ARG A 594 46.19 -4.28 10.26
N THR A 595 45.04 -4.97 10.30
CA THR A 595 44.23 -4.96 11.53
C THR A 595 45.04 -5.41 12.73
N ASP A 596 45.81 -6.48 12.57
CA ASP A 596 46.59 -7.04 13.67
C ASP A 596 47.52 -5.99 14.24
N ALA A 597 48.21 -5.23 13.37
CA ALA A 597 49.13 -4.22 13.89
C ALA A 597 48.42 -3.24 14.81
N VAL A 598 47.20 -2.81 14.42
CA VAL A 598 46.48 -1.83 15.21
C VAL A 598 45.95 -2.46 16.49
N ILE A 599 45.37 -3.66 16.39
CA ILE A 599 44.91 -4.35 17.61
C ILE A 599 46.07 -4.48 18.61
N ARG A 600 47.27 -4.85 18.13
CA ARG A 600 48.39 -4.98 19.05
C ARG A 600 48.72 -3.66 19.73
N LYS A 601 48.60 -2.53 19.01
CA LYS A 601 48.76 -1.23 19.69
C LYS A 601 47.66 -1.02 20.71
N MET A 602 46.41 -1.36 20.34
CA MET A 602 45.33 -1.21 21.31
C MET A 602 45.57 -2.07 22.54
N SER A 603 46.07 -3.30 22.33
CA SER A 603 46.37 -4.16 23.48
C SER A 603 47.44 -3.51 24.37
N GLU A 604 48.46 -2.91 23.76
CA GLU A 604 49.49 -2.24 24.57
C GLU A 604 48.87 -1.07 25.35
N ILE A 605 48.03 -0.29 24.69
CA ILE A 605 47.34 0.81 25.36
C ILE A 605 46.55 0.30 26.55
N GLY A 606 45.73 -0.74 26.35
CA GLY A 606 45.02 -1.28 27.50
C GLY A 606 45.97 -1.75 28.59
N MET A 607 47.01 -2.51 28.21
CA MET A 607 47.93 -3.02 29.21
C MET A 607 48.67 -1.89 29.94
N ASN A 608 48.90 -0.76 29.29
CA ASN A 608 49.58 0.35 29.94
C ASN A 608 48.61 1.27 30.70
N THR A 609 47.34 0.86 30.85
CA THR A 609 46.31 1.62 31.57
C THR A 609 46.11 0.97 32.94
N GLU A 610 46.27 1.75 34.02
CA GLU A 610 46.16 1.19 35.35
C GLU A 610 44.79 0.59 35.62
N GLY A 611 44.76 -0.62 36.17
CA GLY A 611 43.50 -1.33 36.46
C GLY A 611 43.11 -2.40 35.45
N VAL A 612 43.82 -2.49 34.32
CA VAL A 612 43.57 -3.50 33.28
C VAL A 612 44.54 -4.67 33.54
N ASP A 613 44.06 -5.91 33.49
CA ASP A 613 45.02 -7.01 33.67
C ASP A 613 45.34 -7.73 32.35
N TYR A 614 44.35 -8.01 31.51
CA TYR A 614 44.57 -8.77 30.29
C TYR A 614 43.97 -8.03 29.13
N ALA A 615 44.69 -8.07 28.05
CA ALA A 615 44.20 -7.70 26.74
C ALA A 615 44.00 -9.00 25.97
N VAL A 616 42.75 -9.37 25.80
CA VAL A 616 42.39 -10.59 25.15
C VAL A 616 42.01 -10.23 23.71
N ALA A 617 42.96 -10.40 22.77
CA ALA A 617 42.84 -9.78 21.46
C ALA A 617 42.48 -10.80 20.37
N PHE A 618 41.60 -10.37 19.45
CA PHE A 618 41.20 -11.21 18.32
C PHE A 618 41.17 -10.37 17.05
N PRO A 619 42.33 -10.18 16.42
CA PRO A 619 42.35 -9.59 15.08
C PRO A 619 41.56 -10.46 14.15
N GLY A 620 40.66 -9.83 13.37
CA GLY A 620 39.81 -10.60 12.49
C GLY A 620 38.38 -10.78 13.03
N LEU A 621 38.20 -10.69 14.33
CA LEU A 621 36.88 -10.95 14.88
C LEU A 621 36.02 -9.70 14.78
N ASN A 622 34.86 -9.80 14.16
CA ASN A 622 33.90 -8.69 14.16
C ASN A 622 32.94 -8.92 15.35
N ALA A 623 33.00 -8.09 16.35
CA ALA A 623 32.29 -8.41 17.58
C ALA A 623 30.79 -8.22 17.46
N LEU A 624 30.31 -7.43 16.48
CA LEU A 624 28.86 -7.33 16.28
C LEU A 624 28.27 -8.64 15.80
N GLN A 625 29.02 -9.44 15.02
CA GLN A 625 28.47 -10.69 14.55
C GLN A 625 29.17 -11.91 15.08
N PHE A 626 30.35 -11.73 15.71
CA PHE A 626 31.21 -12.86 16.08
C PHE A 626 31.45 -13.74 14.88
N THR A 627 31.75 -13.11 13.74
CA THR A 627 32.26 -13.80 12.58
C THR A 627 33.56 -13.07 12.20
N ASN A 628 34.26 -13.57 11.19
CA ASN A 628 35.59 -13.06 10.88
C ASN A 628 35.52 -12.13 9.68
N THR A 629 36.19 -10.98 9.75
CA THR A 629 36.23 -10.00 8.67
C THR A 629 37.64 -9.41 8.73
N PRO A 630 38.37 -9.38 7.60
CA PRO A 630 39.80 -9.02 7.63
C PRO A 630 40.08 -7.60 8.10
N ASN A 631 39.14 -6.64 7.93
CA ASN A 631 39.41 -5.27 8.35
C ASN A 631 38.79 -4.93 9.70
N THR A 632 38.45 -5.95 10.51
CA THR A 632 37.87 -5.70 11.82
C THR A 632 38.62 -6.53 12.87
N GLY A 633 38.67 -6.04 14.09
CA GLY A 633 39.28 -6.82 15.16
C GLY A 633 38.56 -6.44 16.43
N THR A 634 38.66 -7.31 17.41
CA THR A 634 38.10 -7.08 18.74
C THR A 634 39.21 -7.30 19.76
N VAL A 635 39.20 -6.53 20.86
CA VAL A 635 40.11 -6.84 21.97
C VAL A 635 39.37 -6.52 23.27
N PHE A 636 39.22 -7.53 24.11
CA PHE A 636 38.55 -7.37 25.41
C PHE A 636 39.60 -6.99 26.45
N PHE A 637 39.34 -5.95 27.23
CA PHE A 637 40.26 -5.55 28.29
C PHE A 637 39.69 -5.98 29.61
N GLY A 638 40.35 -6.91 30.30
CA GLY A 638 39.89 -7.32 31.60
C GLY A 638 40.31 -6.28 32.63
N LEU A 639 39.43 -6.07 33.63
CA LEU A 639 39.70 -5.15 34.72
C LEU A 639 39.90 -5.93 35.99
N LYS A 640 40.86 -5.47 36.77
CA LYS A 640 41.09 -6.08 38.07
C LYS A 640 39.89 -5.87 38.98
N PRO A 641 39.78 -6.64 40.05
CA PRO A 641 38.69 -6.38 41.02
C PRO A 641 38.81 -4.92 41.50
N PHE A 642 37.64 -4.30 41.72
CA PHE A 642 37.56 -2.88 42.07
C PHE A 642 38.50 -2.52 43.24
N ASP A 643 38.65 -3.44 44.19
CA ASP A 643 39.50 -3.25 45.37
C ASP A 643 40.99 -3.18 45.03
N GLN A 644 41.40 -3.57 43.83
CA GLN A 644 42.82 -3.52 43.47
C GLN A 644 43.13 -2.40 42.50
N ARG A 645 42.24 -1.43 42.37
CA ARG A 645 42.47 -0.37 41.40
C ARG A 645 41.78 0.90 41.88
N LYS A 646 42.34 2.03 41.47
CA LYS A 646 41.79 3.32 41.85
C LYS A 646 40.64 3.76 40.95
N HIS A 647 40.66 3.44 39.67
CA HIS A 647 39.66 4.01 38.79
C HIS A 647 38.51 3.04 38.56
N THR A 648 37.34 3.61 38.24
CA THR A 648 36.18 2.84 37.86
C THR A 648 36.31 2.38 36.41
N ALA A 649 35.46 1.42 36.05
CA ALA A 649 35.41 0.96 34.66
C ALA A 649 35.13 2.10 33.69
N ALA A 650 34.20 3.02 34.05
CA ALA A 650 33.93 4.13 33.15
C ALA A 650 35.15 5.02 32.98
N GLU A 651 35.86 5.28 34.07
CA GLU A 651 37.08 6.10 34.00
C GLU A 651 38.17 5.43 33.17
N ILE A 652 38.42 4.14 33.43
CA ILE A 652 39.42 3.41 32.63
C ILE A 652 39.00 3.41 31.16
N ASN A 653 37.70 3.17 30.89
CA ASN A 653 37.24 3.19 29.51
C ASN A 653 37.50 4.53 28.85
N ALA A 654 37.24 5.65 29.56
CA ALA A 654 37.52 6.99 29.03
C ALA A 654 38.99 7.17 28.71
N GLU A 655 39.86 6.68 29.57
CA GLU A 655 41.30 6.88 29.40
C GLU A 655 41.80 6.08 28.20
N ILE A 656 41.36 4.82 28.09
CA ILE A 656 41.69 4.04 26.90
C ILE A 656 41.19 4.74 25.64
N ASN A 657 39.95 5.25 25.68
CA ASN A 657 39.43 5.88 24.46
C ASN A 657 40.29 7.07 24.02
N ALA A 658 40.77 7.86 24.98
CA ALA A 658 41.63 9.00 24.64
C ALA A 658 42.95 8.54 24.03
N LYS A 659 43.54 7.47 24.56
CA LYS A 659 44.75 6.94 23.91
C LYS A 659 44.45 6.33 22.54
N ILE A 660 43.31 5.61 22.42
CA ILE A 660 42.93 4.97 21.14
C ILE A 660 42.71 6.00 20.05
N ALA A 661 42.13 7.14 20.44
CA ALA A 661 41.87 8.23 19.51
C ALA A 661 43.14 8.70 18.82
N GLN A 662 44.32 8.44 19.39
CA GLN A 662 45.56 8.88 18.75
C GLN A 662 46.08 7.93 17.68
N ILE A 663 45.49 6.75 17.52
CA ILE A 663 45.81 5.85 16.41
C ILE A 663 45.08 6.31 15.16
N GLN A 664 45.81 6.63 14.10
CA GLN A 664 45.10 7.10 12.92
C GLN A 664 44.90 6.03 11.85
N GLN A 665 45.60 4.89 11.91
CA GLN A 665 45.44 3.83 10.92
C GLN A 665 44.06 3.17 10.93
N GLY A 666 43.20 3.46 11.92
CA GLY A 666 41.84 2.96 11.76
C GLY A 666 40.96 3.52 12.86
N PHE A 667 39.66 3.23 12.77
CA PHE A 667 38.70 3.70 13.77
C PHE A 667 38.61 2.71 14.94
N GLY A 668 39.30 3.02 16.02
CA GLY A 668 39.27 2.20 17.21
C GLY A 668 38.26 2.74 18.21
N PHE A 669 37.74 1.86 19.05
CA PHE A 669 36.79 2.25 20.08
C PHE A 669 36.97 1.33 21.28
N SER A 670 36.41 1.76 22.41
CA SER A 670 36.25 0.84 23.53
C SER A 670 34.97 1.27 24.25
N ILE A 671 34.17 0.30 24.71
CA ILE A 671 32.86 0.55 25.29
C ILE A 671 32.68 -0.31 26.53
N LEU A 672 31.73 0.10 27.37
CA LEU A 672 31.31 -0.69 28.49
C LEU A 672 30.50 -1.88 28.03
N PRO A 673 30.55 -2.98 28.76
CA PRO A 673 29.93 -4.23 28.28
C PRO A 673 28.46 -4.27 28.61
N PRO A 674 27.72 -5.19 28.02
CA PRO A 674 26.29 -5.36 28.37
C PRO A 674 26.13 -6.13 29.66
N PRO A 675 25.02 -5.92 30.39
CA PRO A 675 24.87 -6.63 31.66
C PRO A 675 24.62 -8.10 31.46
N ILE A 676 24.04 -8.50 30.32
CA ILE A 676 23.72 -9.89 30.04
C ILE A 676 24.27 -10.29 28.69
N LEU A 677 25.02 -11.37 28.66
CA LEU A 677 25.51 -11.88 27.38
C LEU A 677 24.37 -12.51 26.58
N GLY A 678 24.08 -11.96 25.41
CA GLY A 678 23.07 -12.57 24.56
C GLY A 678 21.76 -11.84 24.47
N LEU A 679 21.56 -10.75 25.21
CA LEU A 679 20.44 -9.85 24.96
C LEU A 679 20.84 -8.57 24.23
N GLY A 680 22.14 -8.31 24.06
CA GLY A 680 22.59 -7.12 23.36
C GLY A 680 23.02 -5.96 24.23
N GLN A 681 22.25 -5.68 25.30
CA GLN A 681 22.42 -4.61 26.28
C GLN A 681 21.10 -4.45 27.04
N GLY A 682 21.09 -3.76 28.16
CA GLY A 682 19.85 -3.46 28.85
C GLY A 682 19.41 -2.04 28.54
N SER A 683 19.78 -1.59 27.34
CA SER A 683 19.50 -0.24 26.88
C SER A 683 19.83 -0.19 25.39
N GLY A 684 19.37 0.86 24.74
CA GLY A 684 19.62 0.91 23.32
C GLY A 684 18.63 0.07 22.53
N TYR A 685 19.01 -0.22 21.30
CA TYR A 685 18.07 -0.87 20.42
C TYR A 685 18.93 -1.63 19.43
N SER A 686 18.28 -2.53 18.71
CA SER A 686 18.92 -3.40 17.74
C SER A 686 17.94 -3.55 16.60
N LEU A 687 18.39 -3.30 15.37
CA LEU A 687 17.45 -3.47 14.27
C LEU A 687 18.22 -3.96 13.05
N TYR A 688 17.48 -4.43 12.06
CA TYR A 688 18.02 -4.60 10.70
C TYR A 688 17.23 -3.78 9.69
N ILE A 689 17.93 -3.25 8.71
CA ILE A 689 17.31 -2.68 7.52
C ILE A 689 17.27 -3.78 6.48
N GLN A 690 16.07 -4.15 6.02
CA GLN A 690 15.94 -5.10 4.92
C GLN A 690 15.72 -4.43 3.56
N ASP A 691 16.42 -4.97 2.56
CA ASP A 691 16.14 -4.66 1.18
C ASP A 691 15.20 -5.72 0.62
N ARG A 692 13.89 -5.41 0.52
CA ARG A 692 12.96 -6.39 -0.05
C ARG A 692 12.71 -6.17 -1.53
N GLY A 693 13.17 -5.07 -2.09
CA GLY A 693 12.82 -4.73 -3.46
C GLY A 693 13.92 -4.97 -4.47
N GLY A 694 14.98 -5.69 -4.10
CA GLY A 694 16.04 -5.87 -5.07
C GLY A 694 16.72 -4.57 -5.41
N LEU A 695 16.85 -3.67 -4.46
CA LEU A 695 17.44 -2.35 -4.73
C LEU A 695 18.97 -2.41 -4.75
N GLY A 696 19.58 -3.42 -4.14
CA GLY A 696 21.00 -3.60 -4.31
C GLY A 696 21.83 -3.06 -3.13
N TYR A 697 23.12 -3.43 -3.17
CA TYR A 697 24.03 -3.23 -2.02
C TYR A 697 24.35 -1.75 -1.83
N GLY A 698 24.46 -1.00 -2.93
CA GLY A 698 24.69 0.44 -2.84
C GLY A 698 23.50 1.19 -2.25
N ALA A 699 22.30 0.86 -2.69
CA ALA A 699 21.13 1.48 -2.08
C ALA A 699 21.05 1.19 -0.57
N LEU A 700 21.34 -0.05 -0.19
CA LEU A 700 21.31 -0.41 1.22
C LEU A 700 22.33 0.40 2.01
N GLN A 701 23.51 0.62 1.41
CA GLN A 701 24.52 1.44 2.08
C GLN A 701 24.02 2.86 2.25
N SER A 702 23.34 3.41 1.23
CA SER A 702 22.81 4.78 1.38
C SER A 702 21.74 4.85 2.46
N ALA A 703 20.92 3.81 2.58
CA ALA A 703 19.92 3.77 3.65
C ALA A 703 20.57 3.75 5.03
N VAL A 704 21.62 2.92 5.22
CA VAL A 704 22.35 2.87 6.48
C VAL A 704 22.90 4.25 6.80
N ASN A 705 23.56 4.87 5.81
CA ASN A 705 24.14 6.18 6.06
C ASN A 705 23.06 7.19 6.50
N ALA A 706 21.93 7.22 5.79
CA ALA A 706 20.91 8.26 6.05
C ALA A 706 20.19 7.99 7.37
N MET A 707 19.78 6.74 7.61
CA MET A 707 19.28 6.40 8.95
C MET A 707 20.27 6.79 10.02
N SER A 708 21.56 6.48 9.79
CA SER A 708 22.52 6.66 10.85
C SER A 708 22.72 8.14 11.14
N GLY A 709 22.74 8.97 10.08
CA GLY A 709 22.75 10.42 10.30
C GLY A 709 21.51 10.93 11.04
N ALA A 710 20.33 10.42 10.69
CA ALA A 710 19.12 10.88 11.39
C ALA A 710 19.14 10.46 12.85
N ILE A 711 19.54 9.23 13.13
CA ILE A 711 19.69 8.82 14.51
C ILE A 711 20.70 9.71 15.23
N MET A 712 21.82 10.01 14.60
CA MET A 712 22.80 10.82 15.33
C MET A 712 22.28 12.23 15.62
N GLN A 713 21.41 12.75 14.77
CA GLN A 713 20.87 14.09 14.94
C GLN A 713 19.75 14.12 15.96
N THR A 714 19.31 12.95 16.46
CA THR A 714 18.31 12.84 17.50
C THR A 714 18.91 13.10 18.87
N PRO A 715 18.33 14.01 19.66
CA PRO A 715 18.99 14.42 20.92
C PRO A 715 19.48 13.30 21.85
N GLY A 716 18.68 12.28 22.17
CA GLY A 716 19.35 11.38 23.12
C GLY A 716 20.24 10.26 22.56
N MET A 717 20.61 10.32 21.27
CA MET A 717 21.12 9.13 20.58
C MET A 717 22.45 9.42 19.89
N HIS A 718 23.39 8.48 19.99
CA HIS A 718 24.65 8.55 19.26
C HIS A 718 24.57 7.79 17.95
N PHE A 719 25.53 8.09 17.05
CA PHE A 719 25.65 7.42 15.78
C PHE A 719 25.61 5.91 16.00
N PRO A 720 24.74 5.17 15.33
CA PRO A 720 24.67 3.72 15.55
C PRO A 720 25.81 3.00 14.85
N ILE A 721 26.01 1.74 15.23
CA ILE A 721 27.09 0.96 14.65
C ILE A 721 26.50 -0.15 13.77
N SER A 722 27.26 -0.53 12.74
CA SER A 722 26.79 -1.53 11.80
C SER A 722 27.96 -2.42 11.38
N THR A 723 27.65 -3.67 11.03
CA THR A 723 28.63 -4.55 10.39
C THR A 723 28.73 -4.27 8.89
N TYR A 724 27.69 -3.64 8.33
CA TYR A 724 27.55 -3.57 6.90
C TYR A 724 28.54 -2.58 6.31
N GLN A 725 29.18 -2.96 5.19
CA GLN A 725 30.16 -2.09 4.55
C GLN A 725 30.16 -2.50 3.08
N ALA A 726 29.41 -1.75 2.28
CA ALA A 726 29.20 -2.09 0.88
C ALA A 726 30.35 -1.70 -0.03
N ASN A 727 31.30 -0.89 0.42
CA ASN A 727 32.35 -0.31 -0.43
C ASN A 727 33.69 -0.99 -0.22
N VAL A 728 33.69 -2.30 -0.07
CA VAL A 728 34.93 -3.03 0.06
C VAL A 728 35.47 -3.20 -1.37
N PRO A 729 36.71 -2.75 -1.67
CA PRO A 729 37.24 -2.88 -3.03
C PRO A 729 37.45 -4.33 -3.40
N GLN A 730 37.04 -4.68 -4.62
CA GLN A 730 37.08 -6.04 -5.11
C GLN A 730 37.52 -6.06 -6.57
N LEU A 731 37.66 -7.26 -7.12
CA LEU A 731 37.95 -7.44 -8.52
C LEU A 731 36.85 -8.25 -9.19
N ASP A 732 36.56 -7.90 -10.45
CA ASP A 732 35.59 -8.66 -11.24
C ASP A 732 36.31 -9.29 -12.42
N VAL A 733 36.22 -10.61 -12.54
CA VAL A 733 36.83 -11.35 -13.64
C VAL A 733 35.66 -11.77 -14.54
N GLN A 734 35.45 -11.01 -15.60
CA GLN A 734 34.40 -11.26 -16.59
C GLN A 734 34.92 -12.20 -17.68
N VAL A 735 34.37 -13.41 -17.74
CA VAL A 735 34.81 -14.37 -18.73
C VAL A 735 34.11 -14.05 -20.05
N ASP A 736 34.90 -13.91 -21.12
CA ASP A 736 34.37 -13.84 -22.48
C ASP A 736 34.08 -15.27 -22.92
N ARG A 737 32.83 -15.72 -22.79
CA ARG A 737 32.55 -17.15 -22.97
C ARG A 737 32.70 -17.55 -24.43
N ASP A 738 32.35 -16.66 -25.36
CA ASP A 738 32.57 -16.99 -26.78
C ASP A 738 34.04 -17.14 -27.06
N LYS A 739 34.86 -16.26 -26.47
CA LYS A 739 36.30 -16.40 -26.69
C LYS A 739 36.84 -17.69 -26.10
N ALA A 740 36.40 -18.07 -24.87
CA ALA A 740 36.82 -19.36 -24.31
C ALA A 740 36.47 -20.51 -25.26
N LYS A 741 35.26 -20.50 -25.84
CA LYS A 741 34.97 -21.51 -26.86
C LYS A 741 35.91 -21.41 -28.07
N ALA A 742 36.15 -20.21 -28.58
CA ALA A 742 36.96 -20.10 -29.80
C ALA A 742 38.37 -20.60 -29.56
N GLN A 743 38.86 -20.53 -28.33
CA GLN A 743 40.20 -20.98 -28.04
C GLN A 743 40.24 -22.39 -27.48
N GLY A 744 39.13 -23.13 -27.53
CA GLY A 744 39.16 -24.52 -27.11
C GLY A 744 39.27 -24.80 -25.61
N VAL A 745 38.84 -23.86 -24.76
CA VAL A 745 38.91 -23.98 -23.30
C VAL A 745 37.49 -24.07 -22.75
N SER A 746 37.15 -25.17 -22.05
CA SER A 746 35.83 -25.23 -21.42
C SER A 746 35.77 -24.31 -20.20
N LEU A 747 34.54 -23.79 -19.93
CA LEU A 747 34.28 -23.02 -18.72
C LEU A 747 34.64 -23.81 -17.47
N THR A 748 34.37 -25.12 -17.47
CA THR A 748 34.69 -25.92 -16.30
C THR A 748 36.20 -25.85 -16.01
N GLU A 749 37.04 -25.90 -17.05
CA GLU A 749 38.48 -25.80 -16.85
C GLU A 749 38.90 -24.39 -16.45
N LEU A 750 38.28 -23.37 -17.04
CA LEU A 750 38.60 -21.99 -16.70
C LEU A 750 38.21 -21.65 -15.25
N PHE A 751 36.93 -21.86 -14.90
CA PHE A 751 36.49 -21.66 -13.53
C PHE A 751 37.32 -22.49 -12.56
N GLY A 752 37.67 -23.73 -12.93
CA GLY A 752 38.34 -24.62 -12.00
C GLY A 752 39.76 -24.15 -11.72
N THR A 753 40.41 -23.59 -12.74
CA THR A 753 41.73 -22.98 -12.59
C THR A 753 41.66 -21.81 -11.63
N LEU A 754 40.65 -20.98 -11.79
CA LEU A 754 40.51 -19.87 -10.85
C LEU A 754 40.23 -20.39 -9.45
N GLN A 755 39.32 -21.35 -9.33
CA GLN A 755 38.93 -21.84 -8.00
CA GLN A 755 38.92 -21.86 -8.02
C GLN A 755 40.13 -22.43 -7.26
N THR A 756 40.80 -23.38 -7.87
CA THR A 756 41.87 -24.05 -7.13
C THR A 756 42.99 -23.08 -6.83
N TYR A 757 43.53 -22.43 -7.87
CA TYR A 757 44.73 -21.61 -7.65
C TYR A 757 44.43 -20.42 -6.74
N LEU A 758 43.33 -19.69 -7.01
CA LEU A 758 43.10 -18.45 -6.27
C LEU A 758 42.24 -18.68 -5.01
N GLY A 759 41.30 -19.60 -5.03
CA GLY A 759 40.40 -19.78 -3.89
C GLY A 759 40.67 -20.96 -2.96
N SER A 760 41.51 -21.91 -3.41
CA SER A 760 41.80 -23.22 -2.81
C SER A 760 40.70 -24.24 -3.13
N SER A 761 41.08 -25.49 -3.11
CA SER A 761 40.17 -26.60 -3.33
C SER A 761 40.35 -27.58 -2.20
N TYR A 762 39.23 -28.02 -1.63
CA TYR A 762 39.25 -29.16 -0.73
C TYR A 762 39.43 -30.43 -1.54
N VAL A 763 40.53 -31.17 -1.27
CA VAL A 763 40.91 -32.36 -2.02
C VAL A 763 40.21 -33.58 -1.42
N ASN A 764 40.54 -33.89 -0.17
CA ASN A 764 39.96 -35.00 0.59
C ASN A 764 40.56 -34.96 2.00
N ASP A 765 40.46 -36.06 2.74
CA ASP A 765 40.96 -36.02 4.12
C ASP A 765 42.20 -36.89 4.28
N PHE A 766 42.89 -36.69 5.40
CA PHE A 766 43.93 -37.61 5.84
C PHE A 766 43.92 -37.72 7.38
N ASN A 767 44.61 -38.72 7.93
CA ASN A 767 44.60 -39.00 9.36
C ASN A 767 45.96 -38.64 9.97
N GLN A 768 45.93 -37.96 11.11
CA GLN A 768 47.14 -37.70 11.89
C GLN A 768 46.72 -37.49 13.32
N PHE A 769 47.57 -37.89 14.28
CA PHE A 769 47.25 -37.68 15.71
C PHE A 769 45.93 -38.38 16.07
N GLY A 770 45.56 -39.43 15.34
CA GLY A 770 44.32 -40.12 15.69
C GLY A 770 43.07 -39.43 15.23
N ARG A 771 43.18 -38.33 14.48
CA ARG A 771 42.00 -37.56 14.07
C ARG A 771 42.03 -37.45 12.53
N THR A 772 40.98 -36.79 11.99
CA THR A 772 40.82 -36.56 10.54
C THR A 772 41.01 -35.07 10.25
N TRP A 773 41.69 -34.72 9.16
CA TRP A 773 41.98 -33.33 8.82
C TRP A 773 41.82 -33.19 7.32
N ARG A 774 41.69 -31.96 6.83
CA ARG A 774 41.54 -31.71 5.39
CA ARG A 774 41.53 -31.74 5.40
C ARG A 774 42.90 -31.66 4.71
N VAL A 775 42.88 -32.02 3.42
CA VAL A 775 43.98 -31.75 2.48
C VAL A 775 43.46 -30.66 1.55
N MET A 776 44.15 -29.56 1.46
CA MET A 776 43.74 -28.40 0.65
C MET A 776 44.85 -28.12 -0.39
N ALA A 777 44.45 -27.71 -1.58
CA ALA A 777 45.40 -27.29 -2.59
C ALA A 777 45.06 -25.85 -2.99
N GLN A 778 46.08 -25.03 -3.18
CA GLN A 778 45.90 -23.63 -3.56
C GLN A 778 47.24 -23.15 -4.08
N ALA A 779 47.23 -22.05 -4.84
CA ALA A 779 48.53 -21.41 -5.20
C ALA A 779 49.16 -20.93 -3.92
N ASP A 780 50.50 -20.94 -3.89
CA ASP A 780 51.18 -20.24 -2.81
C ASP A 780 50.84 -18.75 -2.89
N GLY A 781 50.86 -18.09 -1.73
CA GLY A 781 50.52 -16.67 -1.60
C GLY A 781 51.19 -15.74 -2.62
N PRO A 782 52.51 -15.89 -2.83
CA PRO A 782 53.20 -15.00 -3.80
C PRO A 782 52.67 -15.10 -5.21
N TYR A 783 51.95 -16.14 -5.59
CA TYR A 783 51.46 -16.27 -6.97
C TYR A 783 50.02 -15.81 -7.14
N ARG A 784 49.46 -15.15 -6.14
CA ARG A 784 48.09 -14.67 -6.23
C ARG A 784 48.00 -13.33 -5.49
N GLU A 785 48.83 -12.39 -5.93
CA GLU A 785 48.88 -11.07 -5.33
C GLU A 785 48.44 -9.96 -6.26
N SER A 786 48.53 -10.14 -7.57
CA SER A 786 48.28 -9.05 -8.50
C SER A 786 47.29 -9.47 -9.59
N VAL A 787 46.75 -8.49 -10.30
CA VAL A 787 45.91 -8.79 -11.46
C VAL A 787 46.70 -9.56 -12.51
N GLU A 788 48.01 -9.33 -12.60
CA GLU A 788 48.81 -10.08 -13.55
C GLU A 788 48.84 -11.56 -13.19
N ASP A 789 48.94 -11.85 -11.90
CA ASP A 789 48.96 -13.24 -11.43
C ASP A 789 47.72 -14.00 -11.89
N ILE A 790 46.54 -13.33 -11.85
CA ILE A 790 45.32 -13.96 -12.36
C ILE A 790 45.45 -14.25 -13.85
N ALA A 791 45.77 -13.21 -14.63
CA ALA A 791 45.88 -13.35 -16.08
C ALA A 791 46.86 -14.46 -16.49
N ASN A 792 47.91 -14.69 -15.71
CA ASN A 792 48.97 -15.62 -16.11
C ASN A 792 48.72 -17.05 -15.68
N LEU A 793 47.68 -17.33 -14.87
CA LEU A 793 47.28 -18.71 -14.64
C LEU A 793 47.01 -19.40 -15.97
N ARG A 794 47.43 -20.66 -16.10
CA ARG A 794 47.25 -21.37 -17.36
C ARG A 794 46.36 -22.60 -17.20
N THR A 795 45.46 -22.79 -18.15
CA THR A 795 44.80 -24.06 -18.29
C THR A 795 45.13 -24.63 -19.66
N ARG A 796 44.55 -25.78 -19.96
CA ARG A 796 44.90 -26.51 -21.16
C ARG A 796 43.71 -26.50 -22.11
N ASN A 797 43.98 -26.32 -23.41
CA ASN A 797 42.88 -26.32 -24.36
C ASN A 797 42.67 -27.73 -24.94
N ASN A 798 41.64 -27.85 -25.80
CA ASN A 798 41.31 -29.13 -26.42
C ASN A 798 42.41 -29.61 -27.38
N GLN A 799 43.29 -28.73 -27.82
CA GLN A 799 44.50 -29.08 -28.57
C GLN A 799 45.69 -29.43 -27.67
N GLY A 800 45.49 -29.47 -26.35
CA GLY A 800 46.55 -29.83 -25.45
C GLY A 800 47.60 -28.77 -25.23
N GLU A 801 47.35 -27.53 -25.63
CA GLU A 801 48.29 -26.46 -25.29
C GLU A 801 47.86 -25.73 -24.01
N MET A 802 48.87 -25.25 -23.27
CA MET A 802 48.70 -24.47 -22.04
C MET A 802 48.48 -23.01 -22.39
N VAL A 803 47.29 -22.54 -22.05
CA VAL A 803 46.70 -21.27 -22.48
C VAL A 803 46.57 -20.40 -21.24
N PRO A 804 47.12 -19.18 -21.23
CA PRO A 804 46.84 -18.25 -20.11
C PRO A 804 45.40 -17.77 -20.12
N ILE A 805 44.83 -17.65 -18.93
CA ILE A 805 43.44 -17.29 -18.92
C ILE A 805 43.22 -15.80 -19.15
N GLY A 806 44.29 -15.00 -19.08
CA GLY A 806 44.15 -13.59 -19.42
C GLY A 806 43.55 -13.35 -20.80
N SER A 807 43.81 -14.23 -21.78
CA SER A 807 43.26 -14.02 -23.12
C SER A 807 41.74 -14.23 -23.18
N MET A 808 41.11 -14.70 -22.13
CA MET A 808 39.69 -15.03 -22.19
C MET A 808 38.88 -14.26 -21.15
N VAL A 809 39.51 -13.35 -20.41
CA VAL A 809 38.82 -12.65 -19.34
C VAL A 809 39.17 -11.18 -19.42
N ASN A 810 38.28 -10.37 -18.87
CA ASN A 810 38.57 -8.96 -18.62
C ASN A 810 38.44 -8.71 -17.13
N ILE A 811 39.50 -8.15 -16.54
CA ILE A 811 39.57 -7.94 -15.11
C ILE A 811 39.38 -6.46 -14.84
N SER A 812 38.45 -6.12 -13.97
CA SER A 812 38.29 -4.73 -13.56
C SER A 812 38.01 -4.63 -12.06
N THR A 813 38.11 -3.41 -11.57
CA THR A 813 37.88 -3.13 -10.16
C THR A 813 36.41 -2.81 -9.95
N THR A 814 35.90 -3.19 -8.78
CA THR A 814 34.51 -3.04 -8.40
C THR A 814 34.47 -2.94 -6.86
N TYR A 815 33.29 -2.91 -6.30
CA TYR A 815 33.06 -2.83 -4.87
C TYR A 815 32.02 -3.87 -4.52
N GLY A 816 32.04 -4.28 -3.25
CA GLY A 816 31.08 -5.22 -2.76
C GLY A 816 31.09 -5.31 -1.24
N PRO A 817 30.02 -5.82 -0.65
CA PRO A 817 29.99 -5.93 0.81
C PRO A 817 30.75 -7.16 1.28
N ASP A 818 31.35 -7.01 2.46
CA ASP A 818 32.06 -8.11 3.13
C ASP A 818 31.95 -7.88 4.63
N PRO A 819 31.13 -8.66 5.37
CA PRO A 819 30.32 -9.79 4.94
C PRO A 819 29.05 -9.34 4.19
N VAL A 820 28.38 -10.28 3.54
CA VAL A 820 27.01 -10.04 3.12
C VAL A 820 26.11 -10.55 4.24
N ILE A 821 25.13 -9.73 4.66
CA ILE A 821 24.20 -10.05 5.74
C ILE A 821 22.81 -10.21 5.18
N ARG A 822 22.08 -11.24 5.65
CA ARG A 822 20.68 -11.41 5.34
C ARG A 822 19.93 -11.52 6.66
N TYR A 823 18.72 -10.98 6.70
CA TYR A 823 17.86 -11.08 7.88
C TYR A 823 16.46 -11.49 7.46
N ASN A 824 15.94 -12.58 8.02
CA ASN A 824 14.67 -13.14 7.58
C ASN A 824 14.57 -13.28 6.04
N GLY A 825 15.65 -13.72 5.38
CA GLY A 825 15.53 -14.03 3.98
C GLY A 825 15.65 -12.85 3.01
N TYR A 826 16.10 -11.70 3.46
CA TYR A 826 16.38 -10.54 2.60
C TYR A 826 17.77 -10.01 2.87
N PRO A 827 18.46 -9.52 1.82
CA PRO A 827 19.67 -8.73 2.05
C PRO A 827 19.39 -7.66 3.08
N ALA A 828 20.36 -7.44 3.99
CA ALA A 828 20.04 -6.57 5.11
C ALA A 828 21.30 -5.96 5.73
N ALA A 829 21.09 -4.99 6.60
CA ALA A 829 22.18 -4.35 7.34
C ALA A 829 21.77 -4.16 8.81
N ASP A 830 22.70 -4.41 9.75
CA ASP A 830 22.36 -4.26 11.16
C ASP A 830 22.60 -2.82 11.58
N LEU A 831 21.84 -2.35 12.57
CA LEU A 831 22.10 -1.09 13.25
C LEU A 831 21.89 -1.34 14.74
N ILE A 832 22.90 -1.08 15.56
CA ILE A 832 22.83 -1.14 17.02
C ILE A 832 23.20 0.24 17.54
N GLY A 833 22.43 0.75 18.50
CA GLY A 833 22.87 1.99 19.09
C GLY A 833 22.30 2.20 20.48
N ASP A 834 22.48 3.41 20.99
CA ASP A 834 22.13 3.74 22.38
C ASP A 834 21.05 4.81 22.40
N ALA A 835 20.37 4.91 23.55
CA ALA A 835 19.29 5.87 23.73
C ALA A 835 19.35 6.31 25.19
N ASP A 836 19.79 7.54 25.46
CA ASP A 836 19.98 7.98 26.84
C ASP A 836 18.62 8.05 27.54
N PRO A 837 18.37 7.18 28.51
CA PRO A 837 17.03 7.14 29.12
C PRO A 837 16.67 8.42 29.90
N ARG A 838 17.65 9.22 30.30
CA ARG A 838 17.29 10.53 30.86
C ARG A 838 16.71 11.47 29.82
N VAL A 839 16.83 11.11 28.53
CA VAL A 839 16.32 11.94 27.44
C VAL A 839 15.10 11.31 26.79
N LEU A 840 15.10 9.99 26.65
CA LEU A 840 13.99 9.31 26.00
C LEU A 840 14.06 7.85 26.41
N SER A 841 12.88 7.24 26.57
CA SER A 841 12.77 5.86 26.97
C SER A 841 13.04 4.92 25.78
N SER A 842 13.27 3.65 26.11
CA SER A 842 13.30 2.59 25.11
C SER A 842 12.14 2.70 24.15
N SER A 843 10.92 2.78 24.68
CA SER A 843 9.73 2.74 23.84
C SER A 843 9.64 3.98 22.97
N GLN A 844 10.11 5.12 23.48
CA GLN A 844 10.07 6.35 22.71
C GLN A 844 11.10 6.31 21.58
N ALA A 845 12.31 5.87 21.88
CA ALA A 845 13.35 5.67 20.88
C ALA A 845 12.90 4.77 19.74
N MET A 846 12.27 3.64 20.08
CA MET A 846 11.75 2.74 19.06
C MET A 846 10.70 3.42 18.17
N THR A 847 9.75 4.16 18.77
CA THR A 847 8.75 4.86 17.94
C THR A 847 9.42 5.87 17.02
N HIS A 848 10.35 6.64 17.57
CA HIS A 848 11.09 7.59 16.77
C HIS A 848 11.77 6.88 15.61
N LEU A 849 12.42 5.75 15.87
CA LEU A 849 13.16 5.10 14.78
C LEU A 849 12.21 4.55 13.76
N GLU A 850 11.02 4.06 14.21
CA GLU A 850 10.02 3.65 13.24
C GLU A 850 9.59 4.82 12.36
N GLU A 851 9.37 5.99 12.98
CA GLU A 851 9.03 7.20 12.24
C GLU A 851 10.13 7.55 11.24
N LEU A 852 11.38 7.63 11.72
CA LEU A 852 12.53 7.91 10.85
C LEU A 852 12.52 7.03 9.61
N SER A 853 12.20 5.75 9.78
CA SER A 853 12.41 4.82 8.68
C SER A 853 11.35 4.99 7.60
N LYS A 854 10.15 5.39 8.01
CA LYS A 854 9.11 5.72 7.05
C LYS A 854 9.49 6.95 6.23
N GLN A 855 10.10 7.94 6.89
CA GLN A 855 10.54 9.16 6.21
C GLN A 855 11.72 8.93 5.28
N ILE A 856 12.60 7.98 5.62
CA ILE A 856 13.93 7.88 5.03
C ILE A 856 14.01 6.73 4.04
N LEU A 857 13.44 5.59 4.36
CA LEU A 857 13.76 4.44 3.56
C LEU A 857 12.96 4.45 2.26
N PRO A 858 13.58 4.06 1.15
CA PRO A 858 12.85 3.94 -0.11
C PRO A 858 11.83 2.81 -0.07
N ASN A 859 10.80 2.95 -0.89
CA ASN A 859 9.88 1.86 -1.12
C ASN A 859 10.63 0.58 -1.44
N GLY A 860 10.29 -0.50 -0.74
CA GLY A 860 11.02 -1.74 -0.88
C GLY A 860 12.06 -1.99 0.23
N MET A 861 12.33 -1.00 1.07
CA MET A 861 13.09 -1.22 2.30
C MET A 861 12.28 -0.96 3.57
N ASN A 862 12.65 -1.65 4.66
CA ASN A 862 11.95 -1.50 5.94
C ASN A 862 12.92 -1.84 7.08
N ILE A 863 12.52 -1.54 8.31
CA ILE A 863 13.28 -2.02 9.47
C ILE A 863 12.57 -3.18 10.13
N GLU A 864 13.35 -4.00 10.85
CA GLU A 864 12.82 -5.03 11.73
C GLU A 864 13.60 -4.94 13.00
N TRP A 865 12.91 -5.00 14.13
CA TRP A 865 13.57 -5.07 15.40
C TRP A 865 14.13 -6.47 15.58
N THR A 866 15.21 -6.58 16.33
CA THR A 866 15.77 -7.88 16.67
C THR A 866 16.22 -7.86 18.13
N ASP A 867 16.66 -9.01 18.61
CA ASP A 867 17.13 -9.15 20.01
C ASP A 867 16.11 -8.55 21.00
N LEU A 868 16.60 -7.79 21.98
CA LEU A 868 15.71 -7.32 23.04
C LEU A 868 14.66 -6.35 22.50
N SER A 869 15.02 -5.51 21.50
CA SER A 869 14.01 -4.66 20.88
C SER A 869 12.87 -5.46 20.27
N PHE A 870 13.15 -6.64 19.66
CA PHE A 870 12.03 -7.39 19.08
C PHE A 870 11.09 -7.87 20.20
N GLN A 871 11.67 -8.26 21.33
CA GLN A 871 10.82 -8.65 22.46
C GLN A 871 10.00 -7.48 22.96
N GLN A 872 10.64 -6.31 23.15
CA GLN A 872 9.88 -5.10 23.51
C GLN A 872 8.76 -4.83 22.52
N ALA A 873 9.01 -4.97 21.23
CA ALA A 873 7.97 -4.63 20.26
C ALA A 873 6.86 -5.66 20.18
N THR A 874 7.04 -6.89 20.65
CA THR A 874 5.99 -7.88 20.40
C THR A 874 5.32 -8.33 21.70
N GLN A 875 5.82 -7.87 22.83
CA GLN A 875 5.23 -8.19 24.11
C GLN A 875 4.07 -7.24 24.40
N GLY A 876 2.98 -7.77 24.95
CA GLY A 876 1.96 -6.88 25.47
C GLY A 876 2.33 -6.44 26.88
N ASN A 877 1.63 -5.43 27.39
CA ASN A 877 1.77 -5.07 28.81
C ASN A 877 0.68 -5.80 29.59
N THR A 878 1.01 -6.99 30.11
CA THR A 878 0.05 -7.65 30.98
C THR A 878 -0.06 -6.96 32.33
N ALA A 879 0.78 -5.94 32.60
CA ALA A 879 0.68 -5.19 33.84
C ALA A 879 -0.69 -4.56 33.99
N LEU A 880 -1.34 -4.35 32.85
CA LEU A 880 -2.65 -3.74 32.88
C LEU A 880 -3.68 -4.69 33.45
N ILE A 881 -3.45 -6.00 33.37
CA ILE A 881 -4.28 -6.98 34.02
C ILE A 881 -3.71 -7.38 35.39
N VAL A 882 -2.40 -7.55 35.48
CA VAL A 882 -1.79 -8.02 36.73
C VAL A 882 -2.04 -7.05 37.87
N PHE A 883 -1.83 -5.74 37.66
CA PHE A 883 -1.93 -4.82 38.78
C PHE A 883 -3.35 -4.75 39.30
N PRO A 884 -4.38 -4.59 38.49
CA PRO A 884 -5.73 -4.56 39.07
C PRO A 884 -6.08 -5.87 39.70
N VAL A 885 -5.65 -7.01 39.14
CA VAL A 885 -5.92 -8.30 39.82
C VAL A 885 -5.30 -8.34 41.22
N ALA A 886 -4.04 -7.92 41.34
CA ALA A 886 -3.39 -7.91 42.65
C ALA A 886 -4.15 -7.05 43.65
N VAL A 887 -4.50 -5.81 43.29
CA VAL A 887 -5.24 -4.94 44.21
C VAL A 887 -6.57 -5.59 44.64
N LEU A 888 -7.29 -6.13 43.66
CA LEU A 888 -8.61 -6.71 43.97
C LEU A 888 -8.48 -7.92 44.85
N LEU A 889 -7.48 -8.79 44.61
CA LEU A 889 -7.33 -9.94 45.51
C LEU A 889 -6.97 -9.46 46.91
N ALA A 890 -6.14 -8.43 47.01
CA ALA A 890 -5.74 -8.04 48.34
C ALA A 890 -6.94 -7.43 49.05
N PHE A 891 -7.71 -6.62 48.31
CA PHE A 891 -8.96 -6.04 48.86
C PHE A 891 -9.92 -7.11 49.40
N LEU A 892 -10.10 -8.16 48.64
CA LEU A 892 -11.01 -9.25 49.02
C LEU A 892 -10.54 -9.95 50.27
N VAL A 893 -9.25 -10.31 50.36
CA VAL A 893 -8.75 -10.87 51.64
C VAL A 893 -9.05 -9.94 52.83
N LEU A 894 -8.77 -8.66 52.67
CA LEU A 894 -8.99 -7.75 53.78
C LEU A 894 -10.49 -7.60 54.06
N ALA A 895 -11.34 -7.68 53.01
CA ALA A 895 -12.78 -7.54 53.24
C ALA A 895 -13.25 -8.67 54.14
N ALA A 896 -12.75 -9.87 53.87
CA ALA A 896 -13.05 -11.01 54.72
C ALA A 896 -12.48 -10.81 56.11
N LEU A 897 -11.22 -10.37 56.21
CA LEU A 897 -10.60 -10.20 57.53
C LEU A 897 -11.43 -9.23 58.38
N TYR A 898 -11.76 -8.09 57.83
CA TYR A 898 -12.44 -7.05 58.59
C TYR A 898 -13.97 -7.17 58.55
N GLU A 899 -14.53 -8.15 57.83
CA GLU A 899 -15.98 -8.24 57.52
C GLU A 899 -16.55 -6.89 57.12
N SER A 900 -15.92 -6.25 56.15
CA SER A 900 -16.29 -4.88 55.78
C SER A 900 -15.88 -4.67 54.36
N TRP A 901 -16.78 -4.10 53.52
CA TRP A 901 -16.37 -3.74 52.16
C TRP A 901 -15.58 -2.43 52.13
N THR A 902 -15.56 -1.67 53.23
CA THR A 902 -14.95 -0.34 53.21
C THR A 902 -13.66 -0.23 54.03
N LEU A 903 -13.54 -0.95 55.14
CA LEU A 903 -12.34 -0.86 55.97
C LEU A 903 -11.06 -1.23 55.20
N PRO A 904 -11.08 -2.17 54.23
CA PRO A 904 -9.84 -2.40 53.45
C PRO A 904 -9.23 -1.16 52.86
N LEU A 905 -10.04 -0.14 52.58
CA LEU A 905 -9.45 1.08 52.00
C LEU A 905 -8.55 1.81 52.99
N ALA A 906 -8.76 1.66 54.31
CA ALA A 906 -7.83 2.30 55.25
C ALA A 906 -6.38 1.77 55.08
N VAL A 907 -6.22 0.57 54.55
CA VAL A 907 -4.90 0.00 54.27
C VAL A 907 -4.45 0.36 52.86
N ILE A 908 -5.31 0.06 51.89
CA ILE A 908 -4.92 0.12 50.49
C ILE A 908 -4.55 1.55 50.10
N LEU A 909 -5.26 2.56 50.65
CA LEU A 909 -5.02 3.92 50.20
C LEU A 909 -3.72 4.49 50.74
N ILE A 910 -3.16 3.84 51.76
CA ILE A 910 -1.93 4.26 52.38
C ILE A 910 -0.69 3.91 51.52
N VAL A 911 -0.75 2.81 50.75
CA VAL A 911 0.47 2.30 50.07
C VAL A 911 1.04 3.23 49.00
N PRO A 912 0.24 4.00 48.25
CA PRO A 912 0.88 4.97 47.35
C PRO A 912 1.85 5.90 48.04
N MET A 913 1.68 6.21 49.34
CA MET A 913 2.58 7.12 50.02
C MET A 913 3.94 6.48 50.31
N THR A 914 3.99 5.19 50.56
CA THR A 914 5.29 4.54 50.74
C THR A 914 6.07 4.49 49.44
N MET A 915 5.37 4.27 48.33
CA MET A 915 6.02 4.25 47.03
C MET A 915 6.58 5.63 46.68
N LEU A 916 5.87 6.68 47.09
CA LEU A 916 6.30 8.04 46.80
C LEU A 916 7.50 8.41 47.64
N SER A 917 7.55 7.94 48.88
CA SER A 917 8.69 8.23 49.73
C SER A 917 9.97 7.64 49.15
N ALA A 918 9.90 6.37 48.75
CA ALA A 918 11.06 5.70 48.17
C ALA A 918 11.49 6.36 46.85
N LEU A 919 10.55 6.60 45.95
CA LEU A 919 10.86 7.19 44.66
C LEU A 919 11.41 8.61 44.80
N PHE A 920 10.95 9.33 45.83
CA PHE A 920 11.54 10.62 46.18
C PHE A 920 13.02 10.49 46.56
N GLY A 921 13.37 9.44 47.29
CA GLY A 921 14.78 9.20 47.58
C GLY A 921 15.59 8.95 46.32
N VAL A 922 15.03 8.16 45.40
CA VAL A 922 15.69 7.93 44.12
C VAL A 922 15.86 9.24 43.37
N TRP A 923 14.75 9.97 43.19
CA TRP A 923 14.80 11.27 42.51
C TRP A 923 15.88 12.17 43.12
N LEU A 924 15.92 12.27 44.46
CA LEU A 924 16.85 13.17 45.14
C LEU A 924 18.30 12.79 44.91
N THR A 925 18.56 11.51 44.72
CA THR A 925 19.92 11.03 44.57
C THR A 925 20.29 10.81 43.12
N GLY A 926 19.37 11.08 42.19
CA GLY A 926 19.68 10.95 40.79
C GLY A 926 19.56 9.55 40.23
N GLY A 927 18.86 8.64 40.92
CA GLY A 927 18.71 7.29 40.45
C GLY A 927 17.66 7.17 39.37
N ASP A 928 17.46 5.93 38.93
CA ASP A 928 16.41 5.60 38.01
C ASP A 928 15.55 4.51 38.65
N ASN A 929 14.49 4.11 37.95
CA ASN A 929 13.52 3.15 38.50
C ASN A 929 13.74 1.83 37.77
N ASN A 930 14.91 1.26 38.00
CA ASN A 930 15.25 0.02 37.35
C ASN A 930 14.54 -1.13 38.04
N VAL A 931 14.67 -2.31 37.47
CA VAL A 931 13.89 -3.44 38.01
C VAL A 931 14.22 -3.73 39.46
N PHE A 932 15.46 -3.46 39.92
CA PHE A 932 15.75 -3.69 41.33
C PHE A 932 15.04 -2.70 42.22
N VAL A 933 14.99 -1.43 41.79
CA VAL A 933 14.24 -0.44 42.55
C VAL A 933 12.77 -0.82 42.59
N GLN A 934 12.22 -1.28 41.45
CA GLN A 934 10.80 -1.60 41.38
C GLN A 934 10.42 -2.71 42.35
N VAL A 935 11.22 -3.78 42.43
CA VAL A 935 10.91 -4.80 43.43
C VAL A 935 10.99 -4.20 44.83
N GLY A 936 11.97 -3.31 45.07
CA GLY A 936 12.06 -2.70 46.37
C GLY A 936 10.81 -1.90 46.73
N LEU A 937 10.32 -1.10 45.79
CA LEU A 937 9.03 -0.42 45.99
C LEU A 937 7.94 -1.39 46.44
N VAL A 938 7.79 -2.52 45.74
CA VAL A 938 6.69 -3.42 46.08
C VAL A 938 6.91 -4.03 47.46
N VAL A 939 8.16 -4.41 47.81
CA VAL A 939 8.38 -4.94 49.16
C VAL A 939 8.08 -3.86 50.21
N LEU A 940 8.46 -2.62 49.93
CA LEU A 940 8.17 -1.58 50.92
C LEU A 940 6.67 -1.35 51.05
N MET A 941 5.94 -1.46 49.94
CA MET A 941 4.48 -1.35 50.01
C MET A 941 3.90 -2.52 50.78
N GLY A 942 4.48 -3.71 50.60
CA GLY A 942 4.13 -4.87 51.42
C GLY A 942 4.30 -4.61 52.90
N LEU A 943 5.46 -4.09 53.31
CA LEU A 943 5.69 -3.85 54.73
C LEU A 943 4.69 -2.81 55.26
N ALA A 944 4.44 -1.76 54.51
CA ALA A 944 3.41 -0.80 54.91
C ALA A 944 2.05 -1.46 55.14
N CYS A 945 1.66 -2.37 54.25
CA CYS A 945 0.42 -3.14 54.39
C CYS A 945 0.45 -3.96 55.65
N LYS A 946 1.54 -4.72 55.88
CA LYS A 946 1.65 -5.54 57.08
C LYS A 946 1.37 -4.70 58.31
N ASN A 947 2.00 -3.50 58.37
CA ASN A 947 1.86 -2.67 59.56
C ASN A 947 0.45 -2.13 59.69
N ALA A 948 -0.11 -1.64 58.59
CA ALA A 948 -1.43 -0.99 58.67
C ALA A 948 -2.54 -2.01 58.91
N ILE A 949 -2.40 -3.22 58.35
CA ILE A 949 -3.44 -4.22 58.57
C ILE A 949 -3.63 -4.43 60.06
N LEU A 950 -2.53 -4.46 60.82
CA LEU A 950 -2.63 -4.67 62.25
C LEU A 950 -3.17 -3.44 62.97
N ILE A 951 -2.81 -2.23 62.55
CA ILE A 951 -3.43 -1.06 63.19
C ILE A 951 -4.93 -1.12 62.99
N VAL A 952 -5.36 -1.39 61.77
CA VAL A 952 -6.80 -1.40 61.49
C VAL A 952 -7.50 -2.54 62.24
N GLU A 953 -6.89 -3.73 62.25
CA GLU A 953 -7.52 -4.83 62.98
C GLU A 953 -7.60 -4.53 64.46
N PHE A 954 -6.51 -4.00 65.05
CA PHE A 954 -6.59 -3.69 66.49
C PHE A 954 -7.71 -2.69 66.80
N ALA A 955 -7.82 -1.62 66.00
CA ALA A 955 -8.88 -0.63 66.24
C ALA A 955 -10.28 -1.26 66.08
N ARG A 956 -10.43 -2.06 65.03
CA ARG A 956 -11.69 -2.77 64.79
C ARG A 956 -12.09 -3.63 65.99
N GLU A 957 -11.14 -4.34 66.57
CA GLU A 957 -11.42 -5.18 67.72
C GLU A 957 -11.75 -4.34 68.94
N LEU A 958 -11.11 -3.17 69.07
CA LEU A 958 -11.40 -2.31 70.22
C LEU A 958 -12.82 -1.76 70.13
N GLU A 959 -13.28 -1.42 68.91
CA GLU A 959 -14.68 -1.01 68.74
C GLU A 959 -15.65 -2.13 69.08
N ILE A 960 -15.32 -3.37 68.74
CA ILE A 960 -16.17 -4.48 69.14
C ILE A 960 -16.27 -4.54 70.65
N GLN A 961 -15.20 -4.16 71.37
CA GLN A 961 -15.21 -4.21 72.80
C GLN A 961 -15.96 -3.03 73.38
N GLY A 962 -16.36 -2.06 72.57
CA GLY A 962 -17.15 -0.95 73.08
C GLY A 962 -16.46 0.39 73.01
N LYS A 963 -15.22 0.46 72.50
CA LYS A 963 -14.63 1.80 72.39
C LYS A 963 -15.30 2.54 71.24
N GLY A 964 -15.36 3.88 71.36
CA GLY A 964 -15.74 4.71 70.25
C GLY A 964 -14.66 4.66 69.13
N ILE A 965 -15.02 5.21 67.96
CA ILE A 965 -14.15 5.19 66.75
C ILE A 965 -12.82 5.91 67.01
N MET A 966 -12.91 7.10 67.62
CA MET A 966 -11.75 7.94 67.91
C MET A 966 -10.79 7.23 68.86
N GLU A 967 -11.31 6.76 69.99
CA GLU A 967 -10.46 6.10 70.98
C GLU A 967 -9.85 4.82 70.40
N ALA A 968 -10.67 4.08 69.65
CA ALA A 968 -10.22 2.83 69.06
C ALA A 968 -9.01 3.06 68.16
N ALA A 969 -9.09 4.06 67.28
CA ALA A 969 -8.00 4.36 66.37
C ALA A 969 -6.74 4.79 67.12
N LEU A 970 -6.92 5.65 68.13
CA LEU A 970 -5.79 6.20 68.89
C LEU A 970 -5.13 5.13 69.73
N GLU A 971 -5.93 4.29 70.37
CA GLU A 971 -5.35 3.24 71.20
C GLU A 971 -4.70 2.17 70.33
N ALA A 972 -5.33 1.86 69.20
CA ALA A 972 -4.70 0.91 68.26
C ALA A 972 -3.33 1.40 67.84
N CYS A 973 -3.25 2.65 67.38
CA CYS A 973 -1.97 3.28 67.03
C CYS A 973 -0.95 3.20 68.17
N ARG A 974 -1.38 3.49 69.41
CA ARG A 974 -0.48 3.41 70.53
C ARG A 974 0.06 1.98 70.71
N LEU A 975 -0.77 0.98 70.48
CA LEU A 975 -0.31 -0.37 70.76
C LEU A 975 0.62 -0.86 69.62
N ARG A 976 0.43 -0.34 68.42
CA ARG A 976 1.28 -0.76 67.31
C ARG A 976 2.54 0.09 67.21
N LEU A 977 2.65 1.16 68.01
CA LEU A 977 3.79 2.06 67.88
C LEU A 977 5.11 1.33 68.10
N ARG A 978 5.22 0.58 69.21
CA ARG A 978 6.49 -0.08 69.53
C ARG A 978 6.93 -1.05 68.42
N PRO A 979 6.13 -2.07 68.07
CA PRO A 979 6.60 -3.02 67.02
C PRO A 979 6.89 -2.32 65.69
N ILE A 980 6.07 -1.34 65.29
CA ILE A 980 6.37 -0.62 64.06
C ILE A 980 7.75 0.02 64.12
N VAL A 981 8.00 0.78 65.18
CA VAL A 981 9.29 1.46 65.35
C VAL A 981 10.45 0.45 65.43
N MET A 982 10.26 -0.69 66.10
CA MET A 982 11.33 -1.68 66.20
C MET A 982 11.76 -2.16 64.82
N THR A 983 10.78 -2.53 64.01
CA THR A 983 11.08 -2.96 62.63
C THR A 983 11.78 -1.84 61.87
N SER A 984 11.19 -0.65 61.91
CA SER A 984 11.73 0.50 61.18
C SER A 984 13.16 0.79 61.57
N ILE A 985 13.43 0.84 62.89
CA ILE A 985 14.79 1.05 63.38
C ILE A 985 15.73 0.01 62.81
N ALA A 986 15.33 -1.26 62.87
CA ALA A 986 16.20 -2.33 62.42
C ALA A 986 16.48 -2.21 60.92
N PHE A 987 15.45 -1.97 60.11
CA PHE A 987 15.65 -1.84 58.66
C PHE A 987 16.56 -0.68 58.33
N ILE A 988 16.39 0.42 59.04
CA ILE A 988 17.07 1.65 58.63
C ILE A 988 18.56 1.52 58.89
N ALA A 989 18.93 1.04 60.09
CA ALA A 989 20.32 0.69 60.38
C ALA A 989 20.87 -0.30 59.35
N GLY A 990 20.06 -1.26 58.92
CA GLY A 990 20.46 -2.28 57.98
C GLY A 990 20.67 -1.83 56.56
N THR A 991 20.43 -0.54 56.27
CA THR A 991 20.71 0.04 54.97
C THR A 991 22.05 0.76 54.95
N ILE A 992 22.61 1.03 56.13
CA ILE A 992 23.93 1.67 56.18
C ILE A 992 24.99 0.92 55.39
N PRO A 993 25.21 -0.39 55.60
CA PRO A 993 26.19 -1.11 54.76
C PRO A 993 25.85 -1.14 53.28
N LEU A 994 24.66 -0.66 52.89
CA LEU A 994 24.28 -0.59 51.48
C LEU A 994 24.68 0.72 50.82
N ILE A 995 24.36 1.85 51.46
CA ILE A 995 24.71 3.13 50.88
C ILE A 995 26.23 3.31 50.89
N LEU A 996 26.88 3.06 52.03
CA LEU A 996 28.34 3.05 52.13
C LEU A 996 28.87 1.76 51.51
N GLY A 997 28.95 1.76 50.18
CA GLY A 997 29.33 0.58 49.41
C GLY A 997 30.29 0.86 48.28
N HIS A 998 31.56 0.53 48.49
CA HIS A 998 32.65 0.78 47.56
C HIS A 998 33.28 -0.56 47.18
N GLY A 999 32.73 -1.22 46.16
CA GLY A 999 33.27 -2.50 45.74
C GLY A 999 32.39 -3.32 44.82
N ALA A 1000 32.09 -4.56 45.23
CA ALA A 1000 31.37 -5.53 44.40
C ALA A 1000 29.86 -5.41 44.59
N GLY A 1001 29.13 -5.46 43.48
CA GLY A 1001 27.70 -5.20 43.50
C GLY A 1001 27.32 -3.84 44.03
N ALA A 1002 28.27 -2.88 44.02
CA ALA A 1002 28.06 -1.57 44.63
C ALA A 1002 26.98 -0.78 43.91
N GLU A 1003 26.78 -1.03 42.61
CA GLU A 1003 25.68 -0.41 41.89
C GLU A 1003 24.33 -0.84 42.47
N VAL A 1004 24.09 -2.15 42.57
CA VAL A 1004 22.77 -2.62 43.02
C VAL A 1004 22.61 -2.38 44.53
N ARG A 1005 23.65 -2.64 45.31
CA ARG A 1005 23.55 -2.37 46.74
C ARG A 1005 23.09 -0.94 46.97
N GLY A 1006 23.76 0.02 46.30
CA GLY A 1006 23.35 1.40 46.24
C GLY A 1006 21.84 1.55 45.99
N VAL A 1007 21.43 1.51 44.70
CA VAL A 1007 20.08 1.85 44.18
C VAL A 1007 19.01 1.34 45.13
N THR A 1008 19.18 0.10 45.63
CA THR A 1008 18.19 -0.44 46.54
C THR A 1008 18.35 0.09 47.97
N GLY A 1009 19.58 0.23 48.47
CA GLY A 1009 19.78 0.89 49.76
C GLY A 1009 19.11 2.26 49.85
N ILE A 1010 19.26 3.07 48.80
CA ILE A 1010 18.59 4.38 48.74
C ILE A 1010 17.06 4.20 48.74
N THR A 1011 16.55 3.35 47.85
CA THR A 1011 15.12 2.99 47.76
C THR A 1011 14.55 2.53 49.11
N VAL A 1012 15.19 1.53 49.73
CA VAL A 1012 14.63 1.00 50.97
C VAL A 1012 14.83 1.97 52.17
N PHE A 1013 15.92 2.74 52.24
CA PHE A 1013 16.00 3.74 53.33
C PHE A 1013 14.89 4.78 53.26
N SER A 1014 14.69 5.37 52.07
CA SER A 1014 13.69 6.44 51.93
C SER A 1014 12.29 5.90 52.15
N GLY A 1015 12.03 4.70 51.63
CA GLY A 1015 10.73 4.08 51.78
C GLY A 1015 10.36 3.83 53.22
N MET A 1016 11.33 3.48 54.06
CA MET A 1016 11.01 3.12 55.44
C MET A 1016 10.60 4.33 56.26
N LEU A 1017 11.19 5.50 56.01
CA LEU A 1017 10.67 6.72 56.62
C LEU A 1017 9.19 6.85 56.32
N GLY A 1018 8.83 6.64 55.05
CA GLY A 1018 7.43 6.75 54.64
C GLY A 1018 6.57 5.65 55.23
N VAL A 1019 7.03 4.38 55.14
CA VAL A 1019 6.34 3.29 55.83
C VAL A 1019 5.97 3.69 57.27
N THR A 1020 6.97 4.14 58.05
CA THR A 1020 6.75 4.47 59.47
C THR A 1020 5.82 5.67 59.66
N LEU A 1021 6.12 6.80 59.00
CA LEU A 1021 5.37 8.03 59.22
C LEU A 1021 3.96 7.95 58.64
N PHE A 1022 3.81 7.42 57.44
CA PHE A 1022 2.46 7.35 56.90
C PHE A 1022 1.66 6.25 57.62
N GLY A 1023 2.33 5.18 58.02
CA GLY A 1023 1.63 4.16 58.77
C GLY A 1023 1.07 4.70 60.07
N LEU A 1024 1.90 5.47 60.79
CA LEU A 1024 1.56 5.90 62.15
C LEU A 1024 0.67 7.12 62.18
N PHE A 1025 0.54 7.85 61.07
CA PHE A 1025 -0.26 9.07 61.11
C PHE A 1025 -1.38 9.09 60.09
N LEU A 1026 -1.18 8.46 58.93
CA LEU A 1026 -2.24 8.49 57.92
C LEU A 1026 -3.26 7.37 58.11
N THR A 1027 -2.84 6.18 58.53
CA THR A 1027 -3.78 5.08 58.80
C THR A 1027 -4.87 5.46 59.80
N PRO A 1028 -4.60 6.05 60.94
CA PRO A 1028 -5.73 6.39 61.85
C PRO A 1028 -6.70 7.42 61.26
N VAL A 1029 -6.21 8.38 60.46
CA VAL A 1029 -7.11 9.31 59.78
C VAL A 1029 -8.06 8.56 58.83
N PHE A 1030 -7.51 7.72 57.97
CA PHE A 1030 -8.35 6.98 57.07
C PHE A 1030 -9.31 6.10 57.84
N TYR A 1031 -8.84 5.46 58.92
CA TYR A 1031 -9.72 4.57 59.65
C TYR A 1031 -10.93 5.38 60.18
N VAL A 1032 -10.66 6.49 60.81
CA VAL A 1032 -11.74 7.25 61.46
C VAL A 1032 -12.67 7.83 60.39
N THR A 1033 -12.09 8.26 59.27
CA THR A 1033 -12.92 8.76 58.17
C THR A 1033 -13.84 7.68 57.62
N LEU A 1034 -13.31 6.49 57.35
CA LEU A 1034 -14.16 5.47 56.76
C LEU A 1034 -15.23 5.01 57.75
N ARG A 1035 -14.87 4.94 59.04
CA ARG A 1035 -15.84 4.51 60.03
C ARG A 1035 -16.95 5.54 60.18
N LYS A 1036 -16.60 6.84 60.19
CA LYS A 1036 -17.62 7.87 60.28
C LYS A 1036 -18.50 7.86 59.04
N LEU A 1037 -17.91 7.57 57.88
CA LEU A 1037 -18.66 7.60 56.65
C LEU A 1037 -19.78 6.55 56.64
N VAL A 1038 -19.57 5.38 57.25
CA VAL A 1038 -20.58 4.32 57.20
C VAL A 1038 -21.47 4.29 58.45
N THR A 1039 -21.21 5.13 59.44
CA THR A 1039 -21.99 5.24 60.68
C THR A 1039 -22.62 6.63 60.69
N ARG A 1040 -23.71 6.80 59.97
CA ARG A 1040 -24.33 8.13 59.94
C ARG A 1040 -25.56 8.24 60.83
N ARG A 1041 -26.26 7.13 61.08
CA ARG A 1041 -27.43 7.09 61.98
C ARG A 1041 -28.43 8.23 61.76
N MET B 1 -5.85 -39.65 72.22
CA MET B 1 -6.89 -39.24 71.27
C MET B 1 -7.44 -40.35 70.37
N ASP B 2 -8.75 -40.38 70.18
CA ASP B 2 -9.38 -41.42 69.36
C ASP B 2 -9.59 -40.93 67.94
N PHE B 3 -8.51 -41.03 67.12
CA PHE B 3 -8.62 -40.64 65.71
C PHE B 3 -9.66 -41.47 64.97
N SER B 4 -10.00 -42.65 65.47
CA SER B 4 -10.96 -43.56 64.85
C SER B 4 -12.41 -43.33 65.29
N ARG B 5 -12.65 -42.40 66.20
CA ARG B 5 -13.97 -42.28 66.83
C ARG B 5 -15.13 -42.33 65.81
N PHE B 6 -15.00 -41.59 64.71
CA PHE B 6 -16.10 -41.49 63.74
C PHE B 6 -16.34 -42.80 63.00
N PHE B 7 -15.26 -43.49 62.60
CA PHE B 7 -15.35 -44.76 61.90
C PHE B 7 -15.87 -45.90 62.78
N ILE B 8 -15.42 -45.94 64.03
CA ILE B 8 -15.99 -46.91 64.97
C ILE B 8 -17.50 -46.72 65.08
N ASP B 9 -17.94 -45.45 65.22
CA ASP B 9 -19.35 -45.18 65.50
C ASP B 9 -20.22 -45.29 64.25
N ARG B 10 -19.63 -45.14 63.06
CA ARG B 10 -20.35 -45.21 61.80
C ARG B 10 -19.59 -46.12 60.84
N PRO B 11 -19.65 -47.45 61.10
CA PRO B 11 -18.73 -48.40 60.41
C PRO B 11 -18.92 -48.42 58.92
N ILE B 12 -20.09 -48.03 58.44
CA ILE B 12 -20.32 -48.07 57.01
C ILE B 12 -19.39 -47.11 56.27
N PHE B 13 -19.02 -46.00 56.92
CA PHE B 13 -18.03 -45.10 56.31
C PHE B 13 -16.67 -45.78 56.17
N ALA B 14 -16.29 -46.57 57.17
CA ALA B 14 -15.04 -47.33 57.08
C ALA B 14 -15.12 -48.42 56.02
N ALA B 15 -16.26 -49.12 55.96
CA ALA B 15 -16.48 -50.08 54.88
C ALA B 15 -16.35 -49.41 53.52
N VAL B 16 -16.96 -48.23 53.36
CA VAL B 16 -16.98 -47.59 52.05
C VAL B 16 -15.57 -47.12 51.68
N LEU B 17 -14.79 -46.60 52.66
CA LEU B 17 -13.42 -46.16 52.34
C LEU B 17 -12.53 -47.33 51.95
N SER B 18 -12.63 -48.45 52.68
CA SER B 18 -11.88 -49.66 52.37
C SER B 18 -12.22 -50.20 50.98
N ILE B 19 -13.51 -50.27 50.66
CA ILE B 19 -13.94 -50.76 49.35
C ILE B 19 -13.40 -49.85 48.26
N LEU B 20 -13.47 -48.55 48.50
CA LEU B 20 -12.91 -47.63 47.53
C LEU B 20 -11.41 -47.89 47.29
N ILE B 21 -10.63 -48.02 48.35
CA ILE B 21 -9.21 -48.34 48.23
C ILE B 21 -9.04 -49.65 47.46
N PHE B 22 -9.81 -50.66 47.84
CA PHE B 22 -9.75 -51.96 47.18
C PHE B 22 -10.06 -51.87 45.69
N ILE B 23 -11.14 -51.20 45.33
CA ILE B 23 -11.57 -51.20 43.93
C ILE B 23 -10.56 -50.46 43.05
N THR B 24 -9.99 -49.36 43.54
CA THR B 24 -9.03 -48.63 42.72
C THR B 24 -7.76 -49.46 42.53
N GLY B 25 -7.43 -50.30 43.50
CA GLY B 25 -6.32 -51.21 43.36
C GLY B 25 -6.58 -52.25 42.28
N LEU B 26 -7.78 -52.84 42.31
CA LEU B 26 -8.21 -53.79 41.29
C LEU B 26 -8.18 -53.15 39.91
N ILE B 27 -8.70 -51.93 39.79
CA ILE B 27 -8.65 -51.21 38.51
C ILE B 27 -7.20 -51.03 38.06
N ALA B 28 -6.30 -50.71 39.00
CA ALA B 28 -4.92 -50.41 38.63
C ALA B 28 -4.18 -51.64 38.13
N ILE B 29 -4.53 -52.83 38.64
CA ILE B 29 -3.72 -54.02 38.37
C ILE B 29 -3.52 -54.28 36.87
N PRO B 30 -4.54 -54.30 36.02
CA PRO B 30 -4.30 -54.55 34.59
C PRO B 30 -3.71 -53.37 33.85
N LEU B 31 -3.55 -52.22 34.46
CA LEU B 31 -2.91 -51.11 33.78
C LEU B 31 -1.41 -51.05 34.05
N LEU B 32 -0.90 -51.86 34.96
CA LEU B 32 0.51 -51.79 35.32
C LEU B 32 1.36 -52.51 34.26
N PRO B 33 2.43 -51.90 33.77
CA PRO B 33 3.40 -52.66 32.97
C PRO B 33 3.94 -53.83 33.77
N VAL B 34 4.45 -54.84 33.06
CA VAL B 34 4.88 -56.10 33.68
C VAL B 34 6.19 -56.50 33.03
N SER B 35 7.25 -56.64 33.83
CA SER B 35 8.54 -57.09 33.31
C SER B 35 9.33 -57.71 34.44
N GLU B 36 10.40 -58.46 34.09
CA GLU B 36 11.19 -59.09 35.14
C GLU B 36 11.81 -58.06 36.09
N TYR B 37 12.33 -56.96 35.54
CA TYR B 37 13.14 -56.01 36.30
C TYR B 37 12.67 -54.61 35.96
N PRO B 38 12.87 -53.61 36.85
CA PRO B 38 12.60 -52.24 36.41
C PRO B 38 13.61 -51.85 35.32
N ASP B 39 13.53 -50.64 34.76
CA ASP B 39 14.42 -50.18 33.69
C ASP B 39 15.76 -49.80 34.31
N VAL B 40 16.72 -50.72 34.29
CA VAL B 40 18.01 -50.47 34.93
C VAL B 40 19.18 -50.47 33.96
N VAL B 41 19.01 -50.94 32.73
CA VAL B 41 20.12 -50.93 31.78
C VAL B 41 20.30 -49.50 31.26
N PRO B 42 21.52 -48.95 31.27
CA PRO B 42 21.74 -47.64 30.64
C PRO B 42 21.33 -47.67 29.17
N PRO B 43 20.71 -46.60 28.70
CA PRO B 43 20.28 -46.51 27.32
C PRO B 43 21.49 -46.53 26.42
N SER B 44 21.32 -47.20 25.29
CA SER B 44 22.41 -47.24 24.34
C SER B 44 21.84 -47.15 22.93
N VAL B 45 22.71 -46.69 22.04
CA VAL B 45 22.39 -46.42 20.66
C VAL B 45 23.49 -47.07 19.85
N GLN B 46 23.11 -47.87 18.85
CA GLN B 46 24.11 -48.47 17.96
C GLN B 46 24.09 -47.75 16.63
N VAL B 47 25.29 -47.42 16.16
CA VAL B 47 25.54 -47.01 14.78
C VAL B 47 26.19 -48.15 14.04
N ARG B 48 25.63 -48.49 12.88
CA ARG B 48 26.16 -49.61 12.11
C ARG B 48 26.50 -49.17 10.70
N ALA B 49 27.71 -49.52 10.24
CA ALA B 49 28.14 -49.12 8.93
C ALA B 49 28.82 -50.33 8.29
N GLU B 50 28.93 -50.30 6.95
CA GLU B 50 29.52 -51.45 6.25
C GLU B 50 30.43 -50.98 5.14
N TYR B 51 31.60 -51.61 5.06
CA TYR B 51 32.64 -51.28 4.09
C TYR B 51 33.11 -52.63 3.51
N PRO B 52 32.40 -53.16 2.52
CA PRO B 52 32.67 -54.53 2.05
C PRO B 52 34.11 -54.68 1.61
N GLY B 53 34.76 -55.69 2.17
CA GLY B 53 36.14 -56.00 1.85
C GLY B 53 37.20 -55.27 2.64
N ALA B 54 36.84 -54.21 3.42
CA ALA B 54 37.84 -53.40 4.08
C ALA B 54 38.41 -54.11 5.31
N ASN B 55 39.72 -54.02 5.50
CA ASN B 55 40.38 -54.60 6.67
C ASN B 55 39.82 -53.91 7.91
N PRO B 56 39.64 -54.64 9.07
CA PRO B 56 39.31 -53.98 10.35
C PRO B 56 40.08 -52.69 10.58
N LYS B 57 41.36 -52.67 10.22
CA LYS B 57 42.18 -51.49 10.50
C LYS B 57 41.74 -50.30 9.66
N VAL B 58 41.41 -50.52 8.38
CA VAL B 58 40.90 -49.42 7.56
C VAL B 58 39.52 -48.97 8.07
N ILE B 59 38.66 -49.91 8.47
CA ILE B 59 37.36 -49.50 8.99
C ILE B 59 37.52 -48.64 10.23
N ALA B 60 38.45 -49.02 11.12
CA ALA B 60 38.64 -48.25 12.35
C ALA B 60 39.19 -46.85 12.03
N GLU B 61 40.14 -46.77 11.12
CA GLU B 61 40.78 -45.48 10.87
C GLU B 61 39.91 -44.55 10.03
N THR B 62 39.16 -45.09 9.08
CA THR B 62 38.49 -44.25 8.10
C THR B 62 36.97 -44.25 8.25
N VAL B 63 36.41 -45.14 9.07
CA VAL B 63 34.97 -45.13 9.37
C VAL B 63 34.69 -44.85 10.85
N ALA B 64 35.19 -45.71 11.77
CA ALA B 64 34.95 -45.49 13.19
C ALA B 64 35.51 -44.15 13.65
N THR B 65 36.68 -43.78 13.17
CA THR B 65 37.29 -42.55 13.67
C THR B 65 36.44 -41.32 13.36
N PRO B 66 36.06 -41.08 12.13
CA PRO B 66 35.20 -39.88 11.89
C PRO B 66 33.84 -39.96 12.50
N LEU B 67 33.22 -41.15 12.59
CA LEU B 67 31.95 -41.23 13.34
C LEU B 67 32.12 -40.82 14.80
N GLU B 68 33.18 -41.31 15.44
CA GLU B 68 33.46 -40.95 16.84
C GLU B 68 33.76 -39.46 16.99
N GLU B 69 34.53 -38.89 16.05
CA GLU B 69 34.81 -37.45 16.07
C GLU B 69 33.51 -36.65 16.07
N ALA B 70 32.54 -37.10 15.29
CA ALA B 70 31.26 -36.37 15.21
C ALA B 70 30.43 -36.59 16.47
N ILE B 71 30.45 -37.81 17.00
CA ILE B 71 29.58 -38.17 18.09
C ILE B 71 30.07 -37.57 19.41
N ASN B 72 31.40 -37.51 19.58
CA ASN B 72 32.06 -36.81 20.70
C ASN B 72 31.34 -35.53 21.06
N GLY B 73 30.95 -35.39 22.32
CA GLY B 73 30.27 -34.22 22.74
C GLY B 73 28.78 -34.39 22.98
N VAL B 74 28.16 -35.46 22.46
CA VAL B 74 26.71 -35.60 22.63
C VAL B 74 26.39 -35.65 24.16
N GLU B 75 25.24 -35.10 24.52
CA GLU B 75 24.94 -34.92 25.93
C GLU B 75 24.68 -36.24 26.62
N ASN B 76 25.10 -36.33 27.88
CA ASN B 76 24.79 -37.45 28.77
C ASN B 76 25.46 -38.77 28.35
N MET B 77 26.45 -38.72 27.46
CA MET B 77 27.18 -39.92 27.09
C MET B 77 28.10 -40.38 28.23
N MET B 78 28.04 -41.66 28.63
CA MET B 78 29.01 -42.21 29.58
C MET B 78 30.27 -42.76 28.89
N TYR B 79 30.10 -43.46 27.79
CA TYR B 79 31.26 -44.02 27.04
C TYR B 79 30.80 -44.49 25.67
N MET B 80 31.76 -44.78 24.81
CA MET B 80 31.45 -45.15 23.44
C MET B 80 32.47 -46.18 23.01
N LYS B 81 32.04 -47.24 22.32
CA LYS B 81 33.03 -48.20 21.82
C LYS B 81 32.71 -48.49 20.38
N SER B 82 33.74 -48.91 19.68
CA SER B 82 33.54 -49.25 18.25
C SER B 82 34.22 -50.58 17.97
N VAL B 83 33.56 -51.44 17.23
CA VAL B 83 34.09 -52.77 16.93
C VAL B 83 34.03 -52.97 15.44
N ALA B 84 35.20 -53.16 14.79
CA ALA B 84 35.27 -53.32 13.34
C ALA B 84 35.78 -54.71 13.03
N GLY B 85 35.00 -55.48 12.21
CA GLY B 85 35.28 -56.87 11.93
C GLY B 85 35.72 -57.14 10.49
N SER B 86 36.30 -58.32 10.25
CA SER B 86 36.65 -58.75 8.91
C SER B 86 35.40 -59.03 8.09
N ASP B 87 34.19 -58.96 8.70
CA ASP B 87 33.00 -59.03 7.86
C ASP B 87 32.68 -57.70 7.22
N GLY B 88 33.53 -56.70 7.42
CA GLY B 88 33.32 -55.41 6.79
C GLY B 88 32.34 -54.55 7.57
N VAL B 89 31.89 -55.02 8.73
CA VAL B 89 30.87 -54.33 9.51
C VAL B 89 31.51 -53.58 10.69
N LEU B 90 31.11 -52.34 10.86
CA LEU B 90 31.39 -51.54 12.03
C LEU B 90 30.15 -51.48 12.91
N VAL B 91 30.31 -51.78 14.20
CA VAL B 91 29.27 -51.45 15.19
C VAL B 91 29.88 -50.53 16.23
N THR B 92 29.37 -49.30 16.28
CA THR B 92 29.66 -48.32 17.32
C THR B 92 28.48 -48.27 18.28
N THR B 93 28.75 -48.49 19.56
CA THR B 93 27.74 -48.43 20.62
C THR B 93 28.03 -47.24 21.51
N VAL B 94 27.03 -46.34 21.63
CA VAL B 94 27.10 -45.16 22.47
C VAL B 94 26.19 -45.39 23.67
N THR B 95 26.78 -45.34 24.88
CA THR B 95 26.01 -45.58 26.09
C THR B 95 25.83 -44.28 26.87
N PHE B 96 24.59 -44.07 27.37
CA PHE B 96 24.21 -42.87 28.07
C PHE B 96 23.93 -43.13 29.55
N ARG B 97 24.09 -42.06 30.34
CA ARG B 97 23.82 -42.12 31.80
C ARG B 97 22.40 -42.62 32.11
N PRO B 98 22.25 -43.44 33.15
CA PRO B 98 20.91 -43.85 33.61
C PRO B 98 20.04 -42.62 33.78
N GLY B 99 18.79 -42.73 33.37
CA GLY B 99 17.85 -41.61 33.37
C GLY B 99 17.88 -40.74 32.12
N THR B 100 18.80 -40.96 31.19
CA THR B 100 18.78 -40.23 29.92
C THR B 100 17.54 -40.67 29.14
N ASP B 101 16.89 -39.77 28.51
CA ASP B 101 15.79 -40.20 27.61
C ASP B 101 16.34 -40.90 26.37
N PRO B 102 15.98 -42.17 26.10
CA PRO B 102 16.65 -42.88 25.00
C PRO B 102 16.32 -42.27 23.66
N ASP B 103 15.14 -41.63 23.56
CA ASP B 103 14.76 -40.97 22.31
C ASP B 103 15.55 -39.72 22.08
N GLN B 104 15.89 -38.98 23.12
CA GLN B 104 16.78 -37.85 22.93
C GLN B 104 18.19 -38.30 22.58
N ALA B 105 18.66 -39.39 23.20
CA ALA B 105 20.01 -39.87 22.85
C ALA B 105 20.01 -40.35 21.40
N GLN B 106 18.97 -41.07 20.99
CA GLN B 106 18.91 -41.54 19.61
C GLN B 106 19.02 -40.37 18.64
N VAL B 107 18.21 -39.33 18.85
CA VAL B 107 18.20 -38.25 17.87
C VAL B 107 19.52 -37.49 17.90
N GLN B 108 20.09 -37.25 19.08
CA GLN B 108 21.35 -36.54 19.07
C GLN B 108 22.41 -37.35 18.33
N VAL B 109 22.46 -38.67 18.59
CA VAL B 109 23.47 -39.46 17.87
C VAL B 109 23.18 -39.45 16.37
N GLN B 110 21.90 -39.64 15.99
CA GLN B 110 21.61 -39.80 14.56
C GLN B 110 21.94 -38.51 13.81
N ASN B 111 21.75 -37.37 14.46
CA ASN B 111 22.13 -36.10 13.80
C ASN B 111 23.66 -35.87 13.76
N ARG B 112 24.42 -36.38 14.71
CA ARG B 112 25.87 -36.30 14.56
C ARG B 112 26.36 -37.23 13.47
N VAL B 113 25.80 -38.44 13.40
CA VAL B 113 26.18 -39.34 12.30
C VAL B 113 25.91 -38.68 10.97
N ALA B 114 24.76 -38.00 10.85
CA ALA B 114 24.40 -37.35 9.60
C ALA B 114 25.46 -36.31 9.22
N GLN B 115 26.03 -35.64 10.22
CA GLN B 115 27.11 -34.70 9.99
C GLN B 115 28.44 -35.40 9.68
N ALA B 116 28.68 -36.62 10.18
CA ALA B 116 29.92 -37.35 9.82
C ALA B 116 29.90 -37.92 8.39
N GLU B 117 28.73 -37.98 7.76
CA GLU B 117 28.60 -38.79 6.53
C GLU B 117 29.52 -38.29 5.42
N ALA B 118 29.71 -36.98 5.32
CA ALA B 118 30.63 -36.42 4.33
C ALA B 118 32.07 -36.88 4.49
N ARG B 119 32.48 -37.33 5.69
CA ARG B 119 33.84 -37.82 5.94
C ARG B 119 34.02 -39.28 5.58
N LEU B 120 32.90 -40.04 5.28
CA LEU B 120 33.01 -41.50 5.19
C LEU B 120 33.44 -41.90 3.79
N PRO B 121 33.98 -43.11 3.65
CA PRO B 121 34.33 -43.59 2.28
C PRO B 121 33.07 -43.72 1.43
N GLU B 122 33.23 -43.48 0.12
CA GLU B 122 32.06 -43.47 -0.77
C GLU B 122 31.28 -44.77 -0.66
N ASP B 123 31.99 -45.91 -0.66
CA ASP B 123 31.32 -47.20 -0.60
C ASP B 123 30.51 -47.39 0.68
N VAL B 124 30.94 -46.82 1.81
CA VAL B 124 30.15 -46.90 3.05
C VAL B 124 28.88 -46.04 2.91
N ARG B 125 29.04 -44.86 2.34
CA ARG B 125 27.88 -43.99 2.13
C ARG B 125 26.86 -44.62 1.18
N ARG B 126 27.32 -45.25 0.08
CA ARG B 126 26.34 -45.86 -0.84
C ARG B 126 25.55 -46.98 -0.17
N LEU B 127 26.18 -47.72 0.77
CA LEU B 127 25.40 -48.75 1.48
C LEU B 127 24.47 -48.16 2.50
N GLY B 128 24.83 -47.02 3.10
CA GLY B 128 23.94 -46.47 4.08
C GLY B 128 24.37 -46.81 5.52
N ILE B 129 24.26 -45.88 6.44
CA ILE B 129 24.60 -46.08 7.86
C ILE B 129 23.30 -46.07 8.65
N THR B 130 23.19 -46.91 9.69
CA THR B 130 21.97 -46.89 10.49
C THR B 130 22.28 -46.50 11.93
N THR B 131 21.35 -45.80 12.56
CA THR B 131 21.48 -45.40 13.97
C THR B 131 20.21 -45.85 14.65
N GLN B 132 20.35 -46.67 15.68
CA GLN B 132 19.18 -47.33 16.27
C GLN B 132 19.27 -47.40 17.79
N LYS B 133 18.26 -46.89 18.49
CA LYS B 133 18.27 -47.02 19.93
C LYS B 133 18.05 -48.50 20.27
N GLN B 134 18.72 -48.98 21.29
CA GLN B 134 18.65 -50.41 21.59
C GLN B 134 17.56 -50.62 22.63
N SER B 135 16.79 -51.70 22.48
CA SER B 135 15.73 -52.02 23.43
C SER B 135 16.29 -53.12 24.32
N PRO B 136 16.61 -52.86 25.58
CA PRO B 136 17.36 -53.85 26.35
C PRO B 136 16.55 -55.07 26.82
N THR B 137 15.24 -55.09 26.72
CA THR B 137 14.46 -56.09 27.45
C THR B 137 13.92 -57.18 26.53
N LEU B 138 14.54 -58.34 26.57
CA LEU B 138 14.10 -59.47 25.79
C LEU B 138 12.78 -60.02 26.33
N THR B 139 11.84 -60.35 25.43
CA THR B 139 10.62 -61.03 25.84
C THR B 139 10.55 -62.48 25.40
N LEU B 140 10.99 -62.82 24.18
CA LEU B 140 10.81 -64.15 23.68
C LEU B 140 11.86 -64.35 22.59
N VAL B 141 12.42 -65.56 22.51
CA VAL B 141 13.21 -65.99 21.34
C VAL B 141 12.39 -66.99 20.54
N VAL B 142 12.31 -66.78 19.23
CA VAL B 142 11.60 -67.67 18.31
C VAL B 142 12.54 -68.08 17.19
N HIS B 143 12.56 -69.37 16.82
CA HIS B 143 13.38 -69.82 15.70
C HIS B 143 12.50 -70.43 14.61
N LEU B 144 12.86 -70.24 13.34
CA LEU B 144 12.41 -71.16 12.29
C LEU B 144 13.50 -72.20 12.07
N PHE B 145 13.08 -73.42 11.74
CA PHE B 145 14.06 -74.45 11.41
C PHE B 145 13.43 -75.43 10.43
N SER B 146 14.29 -76.20 9.76
CA SER B 146 13.86 -77.20 8.78
C SER B 146 14.14 -78.61 9.31
N PRO B 147 13.13 -79.36 9.73
CA PRO B 147 13.41 -80.70 10.29
C PRO B 147 14.13 -81.62 9.30
N ASN B 148 13.73 -81.66 8.03
CA ASN B 148 14.28 -82.63 7.09
C ASN B 148 15.26 -82.01 6.11
N GLY B 149 15.68 -80.77 6.36
CA GLY B 149 16.75 -80.18 5.58
C GLY B 149 16.33 -79.62 4.26
N LYS B 150 15.02 -79.55 3.96
CA LYS B 150 14.56 -78.99 2.70
C LYS B 150 14.93 -77.51 2.54
N TYR B 151 14.98 -76.78 3.64
CA TYR B 151 15.26 -75.35 3.57
C TYR B 151 16.51 -75.03 4.37
N ASP B 152 17.31 -74.10 3.87
CA ASP B 152 18.50 -73.73 4.63
C ASP B 152 18.25 -72.36 5.31
N SER B 153 19.25 -71.91 6.06
CA SER B 153 19.14 -70.69 6.82
C SER B 153 18.87 -69.49 5.92
N LEU B 154 19.50 -69.44 4.73
CA LEU B 154 19.26 -68.31 3.85
C LEU B 154 17.78 -68.18 3.49
N TYR B 155 17.16 -69.30 3.11
CA TYR B 155 15.73 -69.30 2.79
C TYR B 155 14.91 -68.91 3.99
N MET B 156 15.21 -69.48 5.15
CA MET B 156 14.36 -69.25 6.30
C MET B 156 14.50 -67.82 6.83
N ARG B 157 15.72 -67.27 6.78
CA ARG B 157 15.90 -65.90 7.25
C ARG B 157 15.07 -64.92 6.41
N ASN B 158 15.10 -65.11 5.10
CA ASN B 158 14.36 -64.20 4.23
C ASN B 158 12.86 -64.48 4.27
N TYR B 159 12.45 -65.72 4.53
CA TYR B 159 11.03 -65.99 4.84
C TYR B 159 10.61 -65.16 6.03
N ALA B 160 11.45 -65.16 7.08
CA ALA B 160 11.12 -64.37 8.29
C ALA B 160 11.02 -62.88 7.96
N THR B 161 12.02 -62.36 7.26
CA THR B 161 11.96 -60.97 6.80
C THR B 161 10.72 -60.70 5.99
N LEU B 162 10.33 -61.63 5.13
CA LEU B 162 9.23 -61.33 4.20
C LEU B 162 7.84 -61.56 4.82
N LYS B 163 7.71 -62.55 5.72
CA LYS B 163 6.42 -63.09 6.17
C LYS B 163 6.18 -62.98 7.67
N VAL B 164 7.21 -62.88 8.50
CA VAL B 164 7.08 -62.94 9.96
C VAL B 164 7.41 -61.60 10.61
N LYS B 165 8.61 -61.09 10.38
CA LYS B 165 9.12 -59.91 11.08
C LYS B 165 8.09 -58.78 11.18
N ASP B 166 7.43 -58.45 10.05
CA ASP B 166 6.55 -57.27 10.06
C ASP B 166 5.26 -57.53 10.78
N GLU B 167 4.81 -58.78 10.79
CA GLU B 167 3.59 -59.11 11.50
C GLU B 167 3.84 -59.15 13.01
N LEU B 168 5.04 -59.55 13.42
CA LEU B 168 5.40 -59.46 14.83
C LEU B 168 5.55 -58.01 15.26
N ALA B 169 6.15 -57.17 14.42
CA ALA B 169 6.48 -55.81 14.79
C ALA B 169 5.24 -54.96 15.08
N ARG B 170 4.07 -55.42 14.66
CA ARG B 170 2.82 -54.72 14.90
C ARG B 170 2.16 -55.13 16.20
N LEU B 171 2.61 -56.20 16.84
CA LEU B 171 1.96 -56.64 18.07
C LEU B 171 2.11 -55.56 19.13
N PRO B 172 1.08 -55.32 19.93
CA PRO B 172 1.21 -54.35 21.04
C PRO B 172 2.40 -54.67 21.94
N GLY B 173 3.21 -53.65 22.23
CA GLY B 173 4.27 -53.80 23.22
C GLY B 173 5.66 -54.16 22.68
N VAL B 174 5.82 -54.27 21.36
CA VAL B 174 7.13 -54.62 20.78
C VAL B 174 8.01 -53.38 20.74
N GLY B 175 9.25 -53.53 21.13
CA GLY B 175 10.19 -52.42 20.99
C GLY B 175 11.21 -52.64 19.88
N GLN B 176 11.58 -53.91 19.62
CA GLN B 176 12.63 -54.21 18.64
C GLN B 176 12.49 -55.71 18.30
N ILE B 177 12.67 -56.04 17.02
CA ILE B 177 12.80 -57.41 16.54
C ILE B 177 14.17 -57.54 15.90
N GLN B 178 14.98 -58.46 16.40
CA GLN B 178 16.30 -58.73 15.84
C GLN B 178 16.29 -60.11 15.20
N ILE B 179 16.88 -60.22 14.00
CA ILE B 179 16.99 -61.47 13.24
C ILE B 179 18.45 -61.88 13.26
N PHE B 180 18.73 -63.13 13.59
CA PHE B 180 20.09 -63.64 13.71
C PHE B 180 20.28 -64.83 12.79
N GLY B 181 21.17 -64.68 11.83
CA GLY B 181 21.57 -65.82 11.00
C GLY B 181 21.45 -65.57 9.51
N SER B 182 22.43 -66.06 8.77
CA SER B 182 22.56 -65.90 7.32
C SER B 182 22.53 -64.40 7.01
N GLY B 183 21.96 -64.01 5.87
CA GLY B 183 21.86 -62.61 5.50
C GLY B 183 20.67 -62.41 4.56
N GLU B 184 20.40 -61.16 4.22
CA GLU B 184 19.42 -60.79 3.23
C GLU B 184 19.82 -61.40 1.89
N TYR B 185 18.82 -61.78 1.09
CA TYR B 185 19.14 -62.15 -0.29
C TYR B 185 19.95 -61.07 -0.97
N ALA B 186 20.84 -61.49 -1.88
CA ALA B 186 21.50 -60.50 -2.73
C ALA B 186 21.71 -61.22 -4.06
N MET B 187 21.63 -60.50 -5.16
CA MET B 187 22.02 -61.09 -6.45
C MET B 187 23.56 -61.12 -6.50
N ARG B 188 24.15 -62.32 -6.49
CA ARG B 188 25.60 -62.48 -6.42
C ARG B 188 26.16 -62.78 -7.82
N VAL B 189 27.07 -61.96 -8.29
CA VAL B 189 27.80 -62.20 -9.56
C VAL B 189 29.19 -62.63 -9.15
N TRP B 190 29.54 -63.91 -9.36
CA TRP B 190 30.82 -64.48 -8.94
C TRP B 190 31.70 -64.56 -10.19
N LEU B 191 32.58 -63.57 -10.33
CA LEU B 191 33.41 -63.43 -11.51
C LEU B 191 34.51 -64.47 -11.54
N ASP B 192 34.86 -64.93 -12.76
CA ASP B 192 36.11 -65.65 -12.93
C ASP B 192 37.09 -64.63 -13.48
N PRO B 193 38.03 -64.14 -12.68
CA PRO B 193 38.89 -63.04 -13.11
C PRO B 193 39.72 -63.43 -14.36
N ASN B 194 40.09 -64.70 -14.47
CA ASN B 194 40.80 -65.13 -15.71
C ASN B 194 39.93 -64.92 -16.96
N LYS B 195 38.63 -65.26 -16.89
CA LYS B 195 37.76 -65.09 -18.08
C LYS B 195 37.48 -63.62 -18.38
N VAL B 196 37.26 -62.82 -17.33
CA VAL B 196 37.06 -61.39 -17.53
C VAL B 196 38.25 -60.78 -18.25
N ALA B 197 39.45 -61.06 -17.73
CA ALA B 197 40.64 -60.43 -18.27
C ALA B 197 40.92 -60.99 -19.66
N ALA B 198 40.57 -62.26 -19.88
CA ALA B 198 40.77 -62.82 -21.24
C ALA B 198 39.94 -62.12 -22.30
N ARG B 199 38.76 -61.56 -21.93
CA ARG B 199 37.98 -60.74 -22.85
C ARG B 199 38.44 -59.31 -22.90
N GLY B 200 39.57 -58.99 -22.32
CA GLY B 200 40.05 -57.61 -22.32
C GLY B 200 39.30 -56.74 -21.32
N LEU B 201 38.69 -57.32 -20.31
CA LEU B 201 37.86 -56.50 -19.41
C LEU B 201 38.48 -56.35 -18.03
N THR B 202 38.20 -55.22 -17.35
CA THR B 202 38.56 -55.01 -15.95
C THR B 202 37.32 -55.24 -15.08
N ALA B 203 37.56 -55.40 -13.77
CA ALA B 203 36.43 -55.46 -12.86
C ALA B 203 35.60 -54.20 -12.95
N SER B 204 36.24 -53.04 -13.15
CA SER B 204 35.46 -51.80 -13.22
C SER B 204 34.56 -51.77 -14.46
N ASP B 205 35.02 -52.30 -15.60
CA ASP B 205 34.13 -52.45 -16.76
C ASP B 205 32.86 -53.21 -16.43
N VAL B 206 33.02 -54.31 -15.71
CA VAL B 206 31.94 -55.20 -15.39
C VAL B 206 30.94 -54.45 -14.51
N VAL B 207 31.45 -53.80 -13.46
CA VAL B 207 30.55 -53.06 -12.57
C VAL B 207 29.81 -51.98 -13.34
N THR B 208 30.55 -51.20 -14.15
CA THR B 208 29.87 -50.15 -14.95
C THR B 208 28.75 -50.71 -15.86
N ALA B 209 29.02 -51.82 -16.57
CA ALA B 209 28.01 -52.43 -17.42
C ALA B 209 26.77 -52.86 -16.60
N MET B 210 27.00 -53.43 -15.42
CA MET B 210 25.88 -53.85 -14.58
C MET B 210 25.09 -52.63 -14.09
N GLN B 211 25.75 -51.51 -13.81
CA GLN B 211 25.02 -50.31 -13.39
C GLN B 211 24.27 -49.67 -14.57
N GLU B 212 24.81 -49.80 -15.78
CA GLU B 212 24.13 -49.33 -16.99
C GLU B 212 22.87 -50.13 -17.29
N GLN B 213 22.88 -51.45 -17.06
CA GLN B 213 21.86 -52.30 -17.63
C GLN B 213 20.85 -52.82 -16.61
N ASN B 214 21.03 -52.46 -15.35
CA ASN B 214 20.03 -52.77 -14.30
C ASN B 214 19.77 -51.45 -13.60
N VAL B 215 18.84 -50.66 -14.14
CA VAL B 215 18.75 -49.28 -13.66
C VAL B 215 17.30 -48.85 -13.70
N GLN B 216 16.93 -47.91 -12.78
CA GLN B 216 15.63 -47.25 -12.81
C GLN B 216 15.49 -46.39 -14.08
N VAL B 217 14.34 -46.48 -14.79
CA VAL B 217 14.11 -45.64 -15.95
C VAL B 217 12.91 -44.73 -15.82
N SER B 218 13.07 -43.46 -16.25
CA SER B 218 11.97 -42.48 -16.35
C SER B 218 11.56 -42.37 -17.84
N ALA B 219 10.38 -42.86 -18.23
CA ALA B 219 10.05 -42.92 -19.67
C ALA B 219 9.16 -41.77 -20.18
N GLY B 220 8.63 -40.94 -19.31
CA GLY B 220 7.92 -39.77 -19.77
C GLY B 220 6.46 -40.08 -20.12
N GLN B 221 5.85 -39.14 -20.89
CA GLN B 221 4.43 -39.12 -21.24
C GLN B 221 4.23 -38.47 -22.60
N LEU B 222 3.13 -38.84 -23.25
CA LEU B 222 2.65 -38.11 -24.43
C LEU B 222 1.47 -37.24 -24.04
N GLY B 223 1.36 -36.05 -24.66
CA GLY B 223 0.14 -35.25 -24.49
C GLY B 223 0.20 -34.33 -23.28
N ALA B 224 1.36 -34.23 -22.61
CA ALA B 224 1.47 -33.30 -21.50
C ALA B 224 1.74 -31.87 -22.05
N GLU B 225 1.50 -30.90 -21.22
CA GLU B 225 1.77 -29.50 -21.53
C GLU B 225 3.27 -29.22 -21.78
N PRO B 226 3.62 -28.10 -22.46
CA PRO B 226 2.71 -27.12 -23.05
C PRO B 226 2.41 -27.41 -24.51
N LEU B 227 1.12 -27.19 -24.84
CA LEU B 227 0.65 -27.43 -26.19
C LEU B 227 -0.10 -26.21 -26.69
N PRO B 228 0.03 -25.85 -27.97
CA PRO B 228 -0.76 -24.71 -28.49
C PRO B 228 -2.26 -24.94 -28.43
N GLN B 229 -2.72 -26.18 -28.56
CA GLN B 229 -4.13 -26.46 -28.37
C GLN B 229 -4.30 -27.54 -27.32
N GLU B 230 -5.50 -27.68 -26.82
CA GLU B 230 -5.72 -28.52 -25.65
C GLU B 230 -5.58 -29.99 -26.02
N SER B 231 -4.69 -30.69 -25.32
CA SER B 231 -4.62 -32.14 -25.48
C SER B 231 -5.91 -32.79 -24.98
N ASP B 232 -6.29 -33.89 -25.60
CA ASP B 232 -7.40 -34.70 -25.11
C ASP B 232 -6.99 -35.84 -24.19
N PHE B 233 -5.72 -36.24 -24.20
CA PHE B 233 -5.26 -37.44 -23.52
C PHE B 233 -3.89 -37.18 -22.89
N LEU B 234 -3.63 -37.85 -21.78
CA LEU B 234 -2.31 -37.88 -21.14
C LEU B 234 -1.93 -39.34 -21.08
N ILE B 235 -0.88 -39.75 -21.79
CA ILE B 235 -0.55 -41.17 -21.88
C ILE B 235 0.83 -41.36 -21.24
N SER B 236 0.90 -42.09 -20.12
CA SER B 236 2.20 -42.38 -19.51
C SER B 236 2.93 -43.45 -20.31
N ILE B 237 4.27 -43.40 -20.29
CA ILE B 237 5.07 -44.38 -21.04
C ILE B 237 5.79 -45.29 -20.04
N ASN B 238 5.98 -46.55 -20.42
CA ASN B 238 6.67 -47.53 -19.58
C ASN B 238 7.87 -48.02 -20.37
N ALA B 239 9.01 -48.18 -19.71
CA ALA B 239 10.19 -48.82 -20.32
C ALA B 239 10.96 -49.55 -19.22
N GLN B 240 11.31 -50.81 -19.41
CA GLN B 240 11.85 -51.59 -18.31
C GLN B 240 13.36 -51.42 -18.27
N GLY B 241 13.90 -50.83 -17.21
CA GLY B 241 15.35 -50.74 -17.12
C GLY B 241 15.94 -51.76 -16.16
N ARG B 242 15.14 -52.24 -15.19
CA ARG B 242 15.65 -53.08 -14.12
C ARG B 242 15.50 -54.53 -14.50
N LEU B 243 16.40 -55.35 -13.98
CA LEU B 243 16.40 -56.79 -14.21
C LEU B 243 15.94 -57.52 -12.95
N HIS B 244 15.36 -58.71 -13.13
CA HIS B 244 14.80 -59.47 -12.00
C HIS B 244 15.40 -60.84 -11.77
N THR B 245 15.85 -61.54 -12.79
CA THR B 245 16.18 -62.95 -12.64
C THR B 245 17.67 -63.16 -12.85
N GLU B 246 18.17 -64.31 -12.37
CA GLU B 246 19.55 -64.72 -12.62
C GLU B 246 19.85 -64.71 -14.11
N GLU B 247 18.89 -65.20 -14.90
CA GLU B 247 19.10 -65.30 -16.36
C GLU B 247 19.26 -63.91 -16.96
N GLU B 248 18.46 -62.96 -16.50
CA GLU B 248 18.54 -61.61 -17.03
C GLU B 248 19.86 -60.96 -16.67
N PHE B 249 20.31 -61.17 -15.41
CA PHE B 249 21.61 -60.62 -15.05
C PHE B 249 22.71 -61.30 -15.86
N GLY B 250 22.57 -62.60 -16.15
CA GLY B 250 23.59 -63.28 -16.94
C GLY B 250 23.64 -62.83 -18.39
N ASN B 251 22.58 -62.20 -18.89
CA ASN B 251 22.47 -61.75 -20.27
C ASN B 251 22.94 -60.31 -20.42
N ILE B 252 23.36 -59.67 -19.32
CA ILE B 252 24.03 -58.37 -19.41
C ILE B 252 25.18 -58.45 -20.43
N ILE B 253 25.36 -57.35 -21.20
CA ILE B 253 26.32 -57.25 -22.30
C ILE B 253 27.53 -56.47 -21.81
N LEU B 254 28.65 -57.17 -21.69
CA LEU B 254 29.84 -56.47 -21.19
C LEU B 254 30.58 -55.73 -22.28
N LYS B 255 30.52 -56.22 -23.53
CA LYS B 255 31.20 -55.54 -24.62
C LYS B 255 30.83 -56.27 -25.92
N THR B 256 31.25 -55.67 -27.03
CA THR B 256 31.16 -56.38 -28.30
C THR B 256 32.58 -56.83 -28.68
N ALA B 257 32.73 -58.13 -28.95
CA ALA B 257 34.06 -58.61 -29.37
C ALA B 257 34.33 -58.17 -30.81
N GLN B 258 35.56 -58.44 -31.27
CA GLN B 258 35.99 -57.94 -32.57
C GLN B 258 35.18 -58.54 -33.71
N ASP B 259 34.69 -59.77 -33.55
CA ASP B 259 33.80 -60.34 -34.55
C ASP B 259 32.37 -59.82 -34.44
N GLY B 260 32.12 -58.83 -33.56
CA GLY B 260 30.79 -58.22 -33.42
C GLY B 260 29.85 -58.95 -32.48
N SER B 261 30.23 -60.11 -31.98
CA SER B 261 29.36 -60.88 -31.09
C SER B 261 29.35 -60.22 -29.70
N LEU B 262 28.26 -60.44 -28.97
CA LEU B 262 28.07 -59.80 -27.65
C LEU B 262 28.66 -60.68 -26.54
N VAL B 263 29.54 -60.12 -25.72
CA VAL B 263 30.11 -60.87 -24.62
C VAL B 263 29.12 -60.72 -23.45
N ARG B 264 28.60 -61.82 -22.92
CA ARG B 264 27.61 -61.79 -21.83
C ARG B 264 28.27 -62.00 -20.48
N LEU B 265 27.58 -61.47 -19.43
CA LEU B 265 28.10 -61.63 -18.11
C LEU B 265 28.19 -63.09 -17.74
N ARG B 266 27.22 -63.87 -18.18
CA ARG B 266 27.26 -65.29 -17.82
C ARG B 266 28.45 -65.98 -18.48
N ASP B 267 29.10 -65.33 -19.44
CA ASP B 267 30.29 -65.96 -20.06
C ASP B 267 31.55 -65.82 -19.18
N VAL B 268 31.51 -64.99 -18.13
CA VAL B 268 32.69 -64.73 -17.31
C VAL B 268 32.38 -64.85 -15.81
N ALA B 269 31.14 -65.28 -15.48
CA ALA B 269 30.70 -65.27 -14.09
C ALA B 269 29.62 -66.31 -13.87
N ARG B 270 29.49 -66.73 -12.62
CA ARG B 270 28.42 -67.59 -12.16
C ARG B 270 27.48 -66.68 -11.36
N ILE B 271 26.19 -66.71 -11.66
CA ILE B 271 25.26 -65.71 -11.12
C ILE B 271 24.22 -66.43 -10.27
N GLU B 272 23.99 -65.96 -9.02
CA GLU B 272 22.99 -66.69 -8.23
C GLU B 272 22.32 -65.75 -7.27
N MET B 273 21.04 -65.95 -7.06
CA MET B 273 20.38 -65.25 -5.96
C MET B 273 20.88 -65.87 -4.64
N GLY B 274 21.82 -65.22 -3.95
CA GLY B 274 22.54 -65.80 -2.82
C GLY B 274 22.43 -64.94 -1.57
N SER B 275 23.43 -64.93 -0.74
CA SER B 275 23.32 -64.20 0.50
C SER B 275 24.11 -62.91 0.45
N GLY B 276 23.55 -61.87 1.00
CA GLY B 276 24.33 -60.68 1.28
C GLY B 276 25.36 -60.82 2.39
N SER B 277 25.38 -61.93 3.16
CA SER B 277 26.34 -62.05 4.26
C SER B 277 26.60 -63.52 4.60
N TYR B 278 27.86 -63.93 4.65
CA TYR B 278 28.21 -65.28 5.07
C TYR B 278 28.82 -65.32 6.46
N ALA B 279 28.76 -64.21 7.21
CA ALA B 279 29.49 -64.06 8.46
C ALA B 279 28.90 -64.84 9.64
N LEU B 280 27.60 -65.10 9.66
CA LEU B 280 26.90 -65.61 10.83
C LEU B 280 26.01 -66.77 10.41
N ARG B 281 26.12 -67.88 11.10
CA ARG B 281 25.28 -69.03 10.85
C ARG B 281 24.36 -69.24 12.04
N SER B 282 23.35 -70.08 11.84
CA SER B 282 22.34 -70.29 12.88
C SER B 282 21.84 -71.73 12.80
N GLN B 283 21.99 -72.48 13.89
CA GLN B 283 21.43 -73.82 13.91
C GLN B 283 20.56 -73.94 15.16
N LEU B 284 19.69 -74.94 15.14
CA LEU B 284 18.82 -75.25 16.28
C LEU B 284 18.88 -76.77 16.39
N ASN B 285 19.51 -77.28 17.47
CA ASN B 285 19.77 -78.71 17.61
C ASN B 285 20.38 -79.28 16.33
N ASN B 286 21.38 -78.56 15.82
CA ASN B 286 22.17 -78.94 14.66
C ASN B 286 21.38 -79.00 13.35
N LYS B 287 20.17 -78.48 13.31
CA LYS B 287 19.46 -78.24 12.07
C LYS B 287 19.57 -76.76 11.69
N ASP B 288 19.58 -76.45 10.38
CA ASP B 288 19.61 -75.04 9.98
C ASP B 288 18.40 -74.30 10.52
N ALA B 289 18.61 -73.03 10.86
CA ALA B 289 17.59 -72.29 11.55
C ALA B 289 17.85 -70.80 11.27
N VAL B 290 16.96 -69.99 11.80
CA VAL B 290 17.20 -68.56 11.92
C VAL B 290 16.59 -68.16 13.27
N GLY B 291 17.27 -67.30 14.04
CA GLY B 291 16.78 -66.87 15.35
C GLY B 291 16.16 -65.48 15.30
N ILE B 292 15.11 -65.29 16.11
CA ILE B 292 14.36 -64.06 16.16
C ILE B 292 14.22 -63.65 17.62
N GLY B 293 14.76 -62.49 17.97
CA GLY B 293 14.63 -61.97 19.31
C GLY B 293 13.53 -60.94 19.31
N ILE B 294 12.52 -61.14 20.17
CA ILE B 294 11.46 -60.14 20.35
C ILE B 294 11.71 -59.39 21.67
N PHE B 295 11.92 -58.08 21.57
CA PHE B 295 12.17 -57.20 22.71
C PHE B 295 10.94 -56.33 22.98
N GLN B 296 10.53 -56.26 24.24
CA GLN B 296 9.37 -55.42 24.55
C GLN B 296 9.79 -53.95 24.63
N SER B 297 8.81 -53.04 24.47
CA SER B 297 9.22 -51.67 24.79
C SER B 297 8.90 -51.37 26.27
N PRO B 298 9.49 -50.33 26.86
CA PRO B 298 9.17 -50.02 28.26
C PRO B 298 7.71 -49.57 28.35
N GLY B 299 6.95 -50.21 29.26
CA GLY B 299 5.51 -50.00 29.35
C GLY B 299 4.67 -51.17 28.89
N ALA B 300 5.27 -52.15 28.24
CA ALA B 300 4.49 -53.31 27.86
C ALA B 300 4.25 -54.25 29.05
N ASN B 301 3.31 -55.19 28.84
CA ASN B 301 3.09 -56.36 29.67
C ASN B 301 3.84 -57.52 29.03
N ALA B 302 4.90 -57.97 29.67
CA ALA B 302 5.75 -58.98 29.05
C ALA B 302 4.99 -60.28 28.83
N ILE B 303 4.13 -60.64 29.79
CA ILE B 303 3.47 -61.93 29.71
C ILE B 303 2.48 -61.95 28.56
N ASP B 304 1.75 -60.85 28.37
CA ASP B 304 0.81 -60.76 27.27
C ASP B 304 1.53 -60.73 25.93
N LEU B 305 2.64 -59.98 25.83
CA LEU B 305 3.44 -59.95 24.59
C LEU B 305 3.94 -61.34 24.22
N SER B 306 4.65 -62.00 25.14
CA SER B 306 4.89 -63.43 25.03
C SER B 306 3.68 -64.21 24.47
N ASN B 307 2.49 -63.97 25.03
CA ASN B 307 1.31 -64.71 24.57
C ASN B 307 0.92 -64.30 23.15
N ALA B 308 0.89 -63.00 22.90
CA ALA B 308 0.59 -62.49 21.57
C ALA B 308 1.53 -63.08 20.51
N VAL B 309 2.82 -63.13 20.81
CA VAL B 309 3.76 -63.60 19.79
C VAL B 309 3.51 -65.06 19.50
N ARG B 310 3.31 -65.86 20.57
CA ARG B 310 3.07 -67.27 20.37
C ARG B 310 1.81 -67.49 19.57
N ALA B 311 0.80 -66.63 19.75
CA ALA B 311 -0.44 -66.76 19.00
C ALA B 311 -0.24 -66.40 17.54
N LYS B 312 0.41 -65.27 17.28
CA LYS B 312 0.73 -64.88 15.91
C LYS B 312 1.58 -65.94 15.22
N MET B 313 2.63 -66.45 15.90
CA MET B 313 3.45 -67.49 15.29
C MET B 313 2.63 -68.71 14.91
N ALA B 314 1.72 -69.15 15.80
CA ALA B 314 0.90 -70.30 15.44
C ALA B 314 0.03 -70.00 14.23
N GLU B 315 -0.40 -68.75 14.08
CA GLU B 315 -1.19 -68.44 12.90
C GLU B 315 -0.33 -68.42 11.64
N LEU B 316 0.82 -67.71 11.68
CA LEU B 316 1.75 -67.70 10.53
C LEU B 316 2.15 -69.09 10.13
N ALA B 317 2.30 -69.99 11.12
CA ALA B 317 2.73 -71.35 10.85
C ALA B 317 1.75 -72.11 9.97
N THR B 318 0.47 -71.74 9.96
CA THR B 318 -0.43 -72.50 9.09
C THR B 318 -0.11 -72.24 7.63
N ARG B 319 0.54 -71.12 7.31
CA ARG B 319 0.94 -70.81 5.95
C ARG B 319 2.37 -71.20 5.64
N PHE B 320 3.13 -71.76 6.62
CA PHE B 320 4.49 -72.21 6.33
C PHE B 320 4.46 -73.27 5.24
N PRO B 321 5.50 -73.33 4.40
CA PRO B 321 5.71 -74.51 3.55
C PRO B 321 5.97 -75.73 4.42
N GLU B 322 5.85 -76.91 3.80
CA GLU B 322 6.16 -78.14 4.49
C GLU B 322 7.67 -78.28 4.74
N ASP B 323 8.02 -78.88 5.87
CA ASP B 323 9.38 -79.02 6.37
C ASP B 323 10.01 -77.67 6.77
N MET B 324 9.17 -76.68 7.10
CA MET B 324 9.61 -75.55 7.92
C MET B 324 8.74 -75.45 9.16
N GLN B 325 9.37 -75.26 10.34
CA GLN B 325 8.64 -75.21 11.61
C GLN B 325 9.19 -74.11 12.51
N TRP B 326 8.48 -73.83 13.58
CA TRP B 326 8.94 -72.84 14.54
C TRP B 326 8.99 -73.41 15.95
N ALA B 327 9.81 -72.75 16.77
CA ALA B 327 10.01 -73.10 18.16
C ALA B 327 10.25 -71.82 18.96
N ALA B 328 9.96 -71.87 20.26
CA ALA B 328 10.28 -70.76 21.15
C ALA B 328 11.32 -71.25 22.16
N PRO B 329 12.61 -71.26 21.81
CA PRO B 329 13.59 -71.91 22.69
C PRO B 329 13.91 -71.15 23.98
N TYR B 330 13.49 -69.89 24.11
CA TYR B 330 13.79 -69.18 25.35
C TYR B 330 12.65 -68.21 25.63
N ASP B 331 12.05 -68.33 26.82
CA ASP B 331 10.97 -67.44 27.22
C ASP B 331 11.24 -66.97 28.63
N PRO B 332 11.97 -65.86 28.80
CA PRO B 332 12.25 -65.36 30.15
C PRO B 332 11.03 -64.76 30.84
N THR B 333 9.84 -64.74 30.21
CA THR B 333 8.70 -64.15 30.94
C THR B 333 8.20 -65.07 32.05
N VAL B 334 8.74 -66.30 32.16
CA VAL B 334 8.40 -67.18 33.26
C VAL B 334 8.85 -66.61 34.60
N PHE B 335 9.88 -65.75 34.61
CA PHE B 335 10.39 -65.26 35.89
C PHE B 335 9.39 -64.29 36.54
N VAL B 336 8.88 -63.32 35.79
CA VAL B 336 7.90 -62.46 36.44
C VAL B 336 6.57 -63.19 36.61
N ARG B 337 6.27 -64.17 35.76
CA ARG B 337 5.09 -65.00 35.98
C ARG B 337 5.18 -65.76 37.31
N ASP B 338 6.33 -66.38 37.57
CA ASP B 338 6.49 -67.10 38.82
C ASP B 338 6.41 -66.15 40.01
N SER B 339 7.00 -64.97 39.86
CA SER B 339 6.93 -63.99 40.92
C SER B 339 5.47 -63.59 41.21
N ILE B 340 4.64 -63.49 40.17
CA ILE B 340 3.24 -63.16 40.39
C ILE B 340 2.54 -64.30 41.14
N ARG B 341 2.75 -65.54 40.70
CA ARG B 341 2.24 -66.68 41.46
C ARG B 341 2.69 -66.60 42.92
N ALA B 342 3.96 -66.25 43.13
CA ALA B 342 4.53 -66.24 44.48
C ALA B 342 3.84 -65.23 45.39
N VAL B 343 3.54 -64.03 44.87
CA VAL B 343 2.81 -63.03 45.66
C VAL B 343 1.45 -63.55 46.07
N VAL B 344 0.74 -64.16 45.14
CA VAL B 344 -0.61 -64.61 45.42
C VAL B 344 -0.58 -65.68 46.50
N GLN B 345 0.31 -66.66 46.35
CA GLN B 345 0.41 -67.76 47.30
C GLN B 345 0.90 -67.28 48.68
N THR B 346 1.90 -66.41 48.69
CA THR B 346 2.41 -65.87 49.94
C THR B 346 1.32 -65.11 50.68
N LEU B 347 0.50 -64.32 49.95
CA LEU B 347 -0.57 -63.60 50.62
C LEU B 347 -1.65 -64.56 51.14
N LEU B 348 -1.94 -65.64 50.42
CA LEU B 348 -2.92 -66.61 50.91
C LEU B 348 -2.44 -67.28 52.19
N GLU B 349 -1.17 -67.72 52.22
CA GLU B 349 -0.58 -68.31 53.42
C GLU B 349 -0.59 -67.31 54.57
N ALA B 350 -0.18 -66.06 54.28
CA ALA B 350 -0.16 -65.04 55.31
C ALA B 350 -1.53 -64.88 55.96
N VAL B 351 -2.61 -64.86 55.18
CA VAL B 351 -3.88 -64.67 55.86
C VAL B 351 -4.27 -65.95 56.58
N VAL B 352 -3.92 -67.13 56.06
CA VAL B 352 -4.15 -68.35 56.83
C VAL B 352 -3.41 -68.29 58.16
N LEU B 353 -2.11 -67.94 58.12
CA LEU B 353 -1.29 -67.91 59.33
C LEU B 353 -1.82 -66.91 60.35
N VAL B 354 -2.20 -65.71 59.93
CA VAL B 354 -2.63 -64.72 60.92
C VAL B 354 -3.96 -65.14 61.52
N VAL B 355 -4.85 -65.71 60.70
CA VAL B 355 -6.14 -66.14 61.20
C VAL B 355 -5.95 -67.23 62.25
N LEU B 356 -5.05 -68.18 61.99
CA LEU B 356 -4.77 -69.23 62.97
C LEU B 356 -4.17 -68.65 64.24
N VAL B 357 -3.17 -67.77 64.12
CA VAL B 357 -2.52 -67.22 65.31
C VAL B 357 -3.51 -66.39 66.12
N VAL B 358 -4.36 -65.62 65.45
CA VAL B 358 -5.34 -64.83 66.20
C VAL B 358 -6.32 -65.75 66.94
N ILE B 359 -6.79 -66.82 66.28
CA ILE B 359 -7.71 -67.74 66.95
C ILE B 359 -7.00 -68.47 68.09
N LEU B 360 -5.75 -68.89 67.86
CA LEU B 360 -4.97 -69.52 68.92
C LEU B 360 -4.89 -68.63 70.15
N PHE B 361 -4.60 -67.34 69.95
CA PHE B 361 -4.29 -66.51 71.11
C PHE B 361 -5.53 -65.86 71.73
N LEU B 362 -6.46 -65.42 70.88
CA LEU B 362 -7.64 -64.71 71.33
C LEU B 362 -8.88 -65.58 71.34
N GLN B 363 -8.81 -66.76 70.74
CA GLN B 363 -9.81 -67.81 70.90
C GLN B 363 -11.23 -67.32 70.58
N THR B 364 -11.34 -66.38 69.66
CA THR B 364 -12.64 -66.04 69.10
C THR B 364 -12.50 -65.90 67.60
N TRP B 365 -13.36 -66.58 66.82
CA TRP B 365 -13.26 -66.57 65.37
C TRP B 365 -13.58 -65.19 64.79
N ARG B 366 -14.30 -64.38 65.56
CA ARG B 366 -14.64 -63.02 65.17
C ARG B 366 -13.42 -62.12 65.10
N ALA B 367 -12.40 -62.40 65.93
CA ALA B 367 -11.21 -61.55 65.93
C ALA B 367 -10.38 -61.77 64.68
N SER B 368 -10.42 -62.97 64.13
CA SER B 368 -9.64 -63.30 62.93
C SER B 368 -10.20 -62.62 61.68
N ILE B 369 -11.45 -62.15 61.72
CA ILE B 369 -12.05 -61.47 60.58
C ILE B 369 -11.31 -60.17 60.27
N ILE B 370 -10.77 -59.51 61.29
CA ILE B 370 -10.15 -58.20 61.06
C ILE B 370 -8.92 -58.35 60.18
N PRO B 371 -7.94 -59.21 60.48
CA PRO B 371 -6.84 -59.36 59.50
C PRO B 371 -7.29 -60.00 58.19
N LEU B 372 -8.28 -60.89 58.24
CA LEU B 372 -8.80 -61.51 57.02
C LEU B 372 -9.23 -60.49 55.97
N ILE B 373 -9.80 -59.38 56.41
CA ILE B 373 -10.17 -58.33 55.48
C ILE B 373 -9.07 -57.29 55.34
N ALA B 374 -8.41 -56.90 56.44
CA ALA B 374 -7.49 -55.77 56.36
C ALA B 374 -6.27 -56.09 55.50
N VAL B 375 -5.75 -57.31 55.59
CA VAL B 375 -4.51 -57.64 54.88
C VAL B 375 -4.73 -57.59 53.37
N PRO B 376 -5.77 -58.23 52.79
CA PRO B 376 -5.96 -58.11 51.33
C PRO B 376 -6.31 -56.70 50.88
N VAL B 377 -7.05 -55.95 51.69
CA VAL B 377 -7.40 -54.58 51.30
C VAL B 377 -6.16 -53.70 51.20
N SER B 378 -5.25 -53.81 52.17
CA SER B 378 -4.04 -53.02 52.10
C SER B 378 -3.16 -53.47 50.93
N VAL B 379 -3.04 -54.77 50.72
CA VAL B 379 -2.15 -55.24 49.66
C VAL B 379 -2.71 -54.85 48.29
N VAL B 380 -4.00 -55.13 48.03
CA VAL B 380 -4.56 -54.76 46.74
C VAL B 380 -4.61 -53.23 46.59
N GLY B 381 -4.91 -52.52 47.66
CA GLY B 381 -4.91 -51.06 47.53
C GLY B 381 -3.56 -50.47 47.13
N THR B 382 -2.45 -51.19 47.36
CA THR B 382 -1.13 -50.68 47.01
C THR B 382 -0.96 -50.43 45.51
N PHE B 383 -1.66 -51.19 44.66
CA PHE B 383 -1.44 -51.09 43.22
C PHE B 383 -1.90 -49.75 42.64
N SER B 384 -2.84 -49.08 43.28
CA SER B 384 -3.36 -47.84 42.71
C SER B 384 -2.31 -46.73 42.79
N ILE B 385 -1.58 -46.65 43.91
CA ILE B 385 -0.52 -45.65 44.05
C ILE B 385 0.69 -46.04 43.20
N LEU B 386 1.03 -47.35 43.20
CA LEU B 386 2.11 -47.80 42.32
C LEU B 386 1.82 -47.42 40.88
N TYR B 387 0.54 -47.52 40.46
CA TYR B 387 0.21 -47.15 39.09
C TYR B 387 0.36 -45.65 38.90
N LEU B 388 -0.20 -44.85 39.82
CA LEU B 388 -0.09 -43.41 39.70
C LEU B 388 1.36 -42.90 39.70
N LEU B 389 2.26 -43.55 40.42
CA LEU B 389 3.65 -43.14 40.49
C LEU B 389 4.50 -43.70 39.33
N GLY B 390 3.87 -44.36 38.36
CA GLY B 390 4.60 -44.85 37.22
C GLY B 390 5.40 -46.10 37.43
N PHE B 391 5.12 -46.91 38.48
CA PHE B 391 5.86 -48.14 38.72
C PHE B 391 5.30 -49.26 37.86
N SER B 392 6.08 -50.33 37.71
CA SER B 392 5.60 -51.53 37.05
C SER B 392 5.52 -52.69 38.04
N LEU B 393 4.80 -53.74 37.66
CA LEU B 393 4.90 -55.02 38.34
C LEU B 393 6.16 -55.72 37.86
N ASN B 394 7.13 -55.89 38.75
CA ASN B 394 8.36 -56.54 38.38
C ASN B 394 8.81 -57.41 39.54
N THR B 395 9.83 -58.24 39.33
CA THR B 395 10.17 -59.15 40.42
C THR B 395 10.69 -58.41 41.67
N LEU B 396 11.04 -57.13 41.57
CA LEU B 396 11.52 -56.39 42.73
C LEU B 396 10.37 -55.69 43.47
N SER B 397 9.52 -54.98 42.74
CA SER B 397 8.36 -54.39 43.39
C SER B 397 7.43 -55.48 43.93
N LEU B 398 7.28 -56.60 43.22
CA LEU B 398 6.47 -57.69 43.77
C LEU B 398 7.10 -58.25 45.05
N PHE B 399 8.43 -58.29 45.11
CA PHE B 399 9.09 -58.75 46.32
C PHE B 399 8.86 -57.77 47.48
N GLY B 400 9.00 -56.47 47.22
CA GLY B 400 8.67 -55.48 48.22
C GLY B 400 7.26 -55.67 48.76
N LEU B 401 6.31 -55.94 47.87
CA LEU B 401 4.94 -56.19 48.28
C LEU B 401 4.83 -57.37 49.25
N VAL B 402 5.53 -58.47 48.99
CA VAL B 402 5.40 -59.62 49.89
C VAL B 402 6.05 -59.33 51.23
N LEU B 403 7.20 -58.65 51.23
CA LEU B 403 7.78 -58.30 52.54
C LEU B 403 6.86 -57.37 53.31
N ALA B 404 6.19 -56.46 52.61
CA ALA B 404 5.30 -55.51 53.26
C ALA B 404 4.17 -56.20 53.97
N ILE B 405 3.78 -57.41 53.52
CA ILE B 405 2.70 -58.14 54.19
C ILE B 405 2.97 -58.32 55.68
N GLY B 406 4.24 -58.43 56.08
CA GLY B 406 4.51 -58.52 57.50
C GLY B 406 4.14 -57.26 58.26
N ILE B 407 4.39 -56.10 57.66
CA ILE B 407 3.96 -54.85 58.26
C ILE B 407 2.44 -54.80 58.33
N VAL B 408 1.77 -55.17 57.23
CA VAL B 408 0.31 -55.15 57.22
C VAL B 408 -0.26 -56.12 58.27
N VAL B 409 0.29 -57.33 58.36
CA VAL B 409 -0.20 -58.31 59.35
C VAL B 409 -0.02 -57.78 60.77
N ASP B 410 1.15 -57.24 61.08
CA ASP B 410 1.40 -56.67 62.41
C ASP B 410 0.34 -55.60 62.78
N ASP B 411 0.04 -54.68 61.85
CA ASP B 411 -0.99 -53.66 62.12
C ASP B 411 -2.33 -54.25 62.51
N ALA B 412 -2.79 -55.24 61.74
CA ALA B 412 -4.10 -55.80 62.00
C ALA B 412 -4.09 -56.50 63.35
N ILE B 413 -2.96 -57.10 63.70
CA ILE B 413 -2.85 -57.75 65.01
C ILE B 413 -2.86 -56.71 66.11
N VAL B 414 -2.08 -55.61 65.95
CA VAL B 414 -2.05 -54.58 66.99
C VAL B 414 -3.47 -54.10 67.31
N VAL B 415 -4.26 -53.86 66.26
CA VAL B 415 -5.59 -53.30 66.48
C VAL B 415 -6.48 -54.33 67.14
N VAL B 416 -6.61 -55.51 66.54
CA VAL B 416 -7.61 -56.45 67.05
C VAL B 416 -7.22 -56.91 68.45
N GLU B 417 -5.93 -57.11 68.71
CA GLU B 417 -5.49 -57.56 70.03
C GLU B 417 -5.75 -56.49 71.09
N ASN B 418 -5.58 -55.21 70.73
CA ASN B 418 -5.83 -54.17 71.72
C ASN B 418 -7.30 -54.03 72.02
N VAL B 419 -8.16 -54.22 71.02
CA VAL B 419 -9.58 -54.18 71.29
C VAL B 419 -9.98 -55.37 72.15
N GLU B 420 -9.51 -56.56 71.79
CA GLU B 420 -9.92 -57.76 72.52
C GLU B 420 -9.43 -57.71 73.96
N ARG B 421 -8.23 -57.17 74.19
CA ARG B 421 -7.73 -57.00 75.54
C ARG B 421 -8.66 -56.09 76.36
N ASN B 422 -9.12 -55.00 75.75
CA ASN B 422 -10.03 -54.10 76.45
C ASN B 422 -11.39 -54.75 76.69
N ILE B 423 -11.81 -55.68 75.84
CA ILE B 423 -13.02 -56.42 76.14
C ILE B 423 -12.76 -57.41 77.28
N GLU B 424 -11.60 -58.09 77.26
CA GLU B 424 -11.24 -58.95 78.37
C GLU B 424 -11.23 -58.18 79.68
N GLU B 425 -10.78 -56.93 79.64
CA GLU B 425 -10.65 -56.15 80.85
C GLU B 425 -11.97 -55.54 81.32
N GLY B 426 -13.07 -55.73 80.61
CA GLY B 426 -14.39 -55.38 81.11
C GLY B 426 -15.24 -54.49 80.22
N LEU B 427 -14.62 -53.79 79.27
CA LEU B 427 -15.38 -52.83 78.47
C LEU B 427 -16.28 -53.55 77.46
N ALA B 428 -17.48 -53.01 77.24
CA ALA B 428 -18.31 -53.44 76.13
C ALA B 428 -17.56 -53.21 74.80
N PRO B 429 -17.86 -54.02 73.77
CA PRO B 429 -17.09 -53.92 72.50
C PRO B 429 -16.99 -52.52 71.90
N LEU B 430 -18.11 -51.84 71.72
CA LEU B 430 -18.04 -50.44 71.30
C LEU B 430 -17.09 -49.64 72.17
N ALA B 431 -17.25 -49.74 73.50
CA ALA B 431 -16.40 -48.95 74.39
C ALA B 431 -14.94 -49.41 74.31
N ALA B 432 -14.72 -50.72 74.20
CA ALA B 432 -13.35 -51.23 74.09
C ALA B 432 -12.65 -50.71 72.84
N ALA B 433 -13.36 -50.68 71.71
CA ALA B 433 -12.72 -50.21 70.47
C ALA B 433 -12.34 -48.74 70.58
N HIS B 434 -13.22 -47.93 71.17
CA HIS B 434 -12.90 -46.51 71.40
C HIS B 434 -11.69 -46.36 72.31
N GLN B 435 -11.64 -47.13 73.40
CA GLN B 435 -10.52 -47.01 74.31
C GLN B 435 -9.25 -47.54 73.66
N ALA B 436 -9.36 -48.67 72.97
CA ALA B 436 -8.22 -49.24 72.25
C ALA B 436 -7.63 -48.24 71.26
N MET B 437 -8.47 -47.46 70.59
CA MET B 437 -7.89 -46.56 69.59
C MET B 437 -7.35 -45.26 70.20
N ARG B 438 -7.89 -44.83 71.37
CA ARG B 438 -7.21 -43.78 72.14
C ARG B 438 -5.77 -44.18 72.44
N GLU B 439 -5.55 -45.47 72.64
CA GLU B 439 -4.25 -45.97 73.03
C GLU B 439 -3.33 -46.16 71.84
N VAL B 440 -3.83 -46.62 70.69
CA VAL B 440 -2.92 -46.92 69.58
C VAL B 440 -3.13 -46.07 68.31
N SER B 441 -4.26 -45.35 68.14
CA SER B 441 -4.46 -44.63 66.87
C SER B 441 -3.39 -43.56 66.64
N GLY B 442 -3.13 -42.73 67.64
CA GLY B 442 -2.06 -41.75 67.54
C GLY B 442 -0.69 -42.36 67.24
N PRO B 443 -0.31 -43.39 68.00
CA PRO B 443 0.93 -44.12 67.64
C PRO B 443 0.94 -44.72 66.25
N ILE B 444 -0.19 -45.27 65.79
CA ILE B 444 -0.23 -45.85 64.45
C ILE B 444 0.13 -44.79 63.40
N ILE B 445 -0.37 -43.56 63.57
CA ILE B 445 -0.02 -42.50 62.61
C ILE B 445 1.48 -42.22 62.65
N ALA B 446 2.02 -42.06 63.86
CA ALA B 446 3.44 -41.82 64.02
C ALA B 446 4.26 -42.95 63.44
N ILE B 447 3.85 -44.20 63.69
CA ILE B 447 4.60 -45.36 63.20
C ILE B 447 4.62 -45.37 61.68
N ALA B 448 3.50 -45.00 61.05
CA ALA B 448 3.51 -44.87 59.60
C ALA B 448 4.51 -43.81 59.15
N LEU B 449 4.61 -42.68 59.87
CA LEU B 449 5.52 -41.63 59.44
C LEU B 449 6.97 -42.05 59.72
N VAL B 450 7.20 -42.76 60.83
CA VAL B 450 8.55 -43.28 61.08
C VAL B 450 8.96 -44.24 59.96
N LEU B 451 8.08 -45.18 59.60
CA LEU B 451 8.45 -46.13 58.55
C LEU B 451 8.66 -45.43 57.21
N CYS B 452 7.90 -44.36 56.93
CA CYS B 452 8.15 -43.58 55.72
C CYS B 452 9.47 -42.81 55.82
N ALA B 453 9.78 -42.28 57.02
CA ALA B 453 11.07 -41.63 57.26
C ALA B 453 12.19 -42.56 56.91
N VAL B 454 12.01 -43.85 57.16
CA VAL B 454 13.06 -44.84 56.91
C VAL B 454 13.03 -45.28 55.46
N PHE B 455 11.86 -45.67 54.94
CA PHE B 455 11.80 -46.27 53.62
C PHE B 455 11.88 -45.24 52.48
N VAL B 456 11.29 -44.07 52.64
CA VAL B 456 11.16 -43.17 51.49
C VAL B 456 12.53 -42.61 51.10
N PRO B 457 13.38 -42.20 52.04
CA PRO B 457 14.72 -41.75 51.61
C PRO B 457 15.51 -42.82 50.90
N MET B 458 15.24 -44.10 51.19
CA MET B 458 15.94 -45.19 50.53
C MET B 458 15.56 -45.30 49.07
N ALA B 459 14.54 -44.59 48.65
CA ALA B 459 14.17 -44.50 47.27
C ALA B 459 15.10 -43.58 46.49
N PHE B 460 16.03 -42.89 47.17
CA PHE B 460 16.83 -41.86 46.53
C PHE B 460 18.29 -42.26 46.44
N LEU B 461 18.59 -43.55 46.62
CA LEU B 461 19.98 -43.99 46.64
C LEU B 461 20.49 -44.10 45.21
N SER B 462 21.82 -44.11 45.06
CA SER B 462 22.40 -43.98 43.74
C SER B 462 22.73 -45.34 43.11
N GLY B 463 22.88 -45.32 41.80
CA GLY B 463 23.37 -46.48 41.07
C GLY B 463 22.26 -47.46 40.75
N VAL B 464 22.65 -48.57 40.13
CA VAL B 464 21.64 -49.57 39.82
C VAL B 464 21.11 -50.20 41.09
N THR B 465 21.93 -50.31 42.13
CA THR B 465 21.38 -50.82 43.39
C THR B 465 20.34 -49.87 43.98
N GLY B 466 20.54 -48.55 43.83
CA GLY B 466 19.54 -47.60 44.25
C GLY B 466 18.24 -47.75 43.47
N GLN B 467 18.34 -48.09 42.18
CA GLN B 467 17.13 -48.40 41.41
C GLN B 467 16.43 -49.66 41.94
N PHE B 468 17.21 -50.64 42.40
CA PHE B 468 16.61 -51.81 43.03
C PHE B 468 15.92 -51.43 44.33
N TYR B 469 16.63 -50.69 45.21
CA TYR B 469 16.08 -50.30 46.49
C TYR B 469 14.83 -49.45 46.31
N LYS B 470 14.74 -48.68 45.24
CA LYS B 470 13.56 -47.83 45.09
C LYS B 470 12.29 -48.66 44.83
N GLN B 471 12.41 -49.73 44.04
CA GLN B 471 11.28 -50.65 43.84
C GLN B 471 10.77 -51.21 45.15
N PHE B 472 11.67 -51.66 46.06
CA PHE B 472 11.22 -52.15 47.35
C PHE B 472 10.71 -51.02 48.22
N ALA B 473 11.44 -49.89 48.24
CA ALA B 473 11.17 -48.86 49.24
C ALA B 473 9.82 -48.18 49.01
N VAL B 474 9.48 -47.93 47.74
CA VAL B 474 8.23 -47.22 47.47
C VAL B 474 7.05 -48.15 47.70
N THR B 475 7.18 -49.40 47.27
CA THR B 475 6.08 -50.35 47.40
C THR B 475 5.75 -50.59 48.88
N ILE B 476 6.78 -50.76 49.69
CA ILE B 476 6.63 -50.99 51.14
C ILE B 476 6.07 -49.75 51.84
N ALA B 477 6.53 -48.57 51.45
CA ALA B 477 5.98 -47.33 52.01
C ALA B 477 4.51 -47.18 51.69
N ILE B 478 4.11 -47.43 50.44
CA ILE B 478 2.68 -47.35 50.11
C ILE B 478 1.88 -48.32 50.97
N SER B 479 2.33 -49.57 51.06
CA SER B 479 1.54 -50.55 51.81
C SER B 479 1.43 -50.17 53.27
N THR B 480 2.49 -49.57 53.83
CA THR B 480 2.49 -49.11 55.22
C THR B 480 1.43 -48.03 55.44
N VAL B 481 1.36 -47.08 54.50
CA VAL B 481 0.43 -45.97 54.63
C VAL B 481 -1.00 -46.45 54.50
N ILE B 482 -1.27 -47.25 53.45
CA ILE B 482 -2.60 -47.84 53.27
C ILE B 482 -2.96 -48.68 54.48
N SER B 483 -2.02 -49.47 55.00
CA SER B 483 -2.32 -50.28 56.18
C SER B 483 -2.66 -49.40 57.36
N ALA B 484 -1.97 -48.26 57.51
CA ALA B 484 -2.28 -47.36 58.61
C ALA B 484 -3.69 -46.77 58.44
N ILE B 485 -4.07 -46.48 57.19
CA ILE B 485 -5.42 -45.97 56.93
C ILE B 485 -6.46 -47.02 57.33
N ASN B 486 -6.25 -48.28 56.94
CA ASN B 486 -7.21 -49.31 57.31
C ASN B 486 -7.19 -49.58 58.82
N SER B 487 -6.01 -49.50 59.45
CA SER B 487 -5.90 -49.70 60.88
C SER B 487 -6.66 -48.64 61.65
N LEU B 488 -6.81 -47.43 61.11
CA LEU B 488 -7.52 -46.35 61.78
C LEU B 488 -9.00 -46.36 61.50
N THR B 489 -9.44 -47.10 60.47
CA THR B 489 -10.82 -46.99 60.04
C THR B 489 -11.50 -48.36 60.05
N LEU B 490 -11.21 -49.19 59.06
CA LEU B 490 -11.90 -50.46 58.90
C LEU B 490 -11.66 -51.42 60.08
N SER B 491 -10.39 -51.63 60.46
CA SER B 491 -10.10 -52.63 61.51
C SER B 491 -10.83 -52.33 62.81
N PRO B 492 -10.72 -51.14 63.41
CA PRO B 492 -11.44 -50.89 64.68
C PRO B 492 -12.94 -50.87 64.51
N ALA B 493 -13.43 -50.42 63.34
CA ALA B 493 -14.88 -50.47 63.10
C ALA B 493 -15.36 -51.91 63.06
N LEU B 494 -14.62 -52.78 62.36
CA LEU B 494 -14.97 -54.20 62.34
C LEU B 494 -14.89 -54.81 63.74
N ALA B 495 -13.87 -54.41 64.51
CA ALA B 495 -13.68 -54.96 65.84
C ALA B 495 -14.88 -54.60 66.70
N ALA B 496 -15.27 -53.32 66.70
CA ALA B 496 -16.43 -52.90 67.47
C ALA B 496 -17.68 -53.65 67.04
N LEU B 497 -17.79 -53.97 65.76
CA LEU B 497 -18.98 -54.62 65.22
C LEU B 497 -19.04 -56.10 65.57
N LEU B 498 -17.93 -56.81 65.51
CA LEU B 498 -17.98 -58.28 65.46
C LEU B 498 -17.62 -58.96 66.78
N LEU B 499 -16.76 -58.34 67.57
CA LEU B 499 -16.30 -58.96 68.79
C LEU B 499 -17.44 -58.91 69.81
N LYS B 500 -17.53 -59.93 70.65
CA LYS B 500 -18.63 -60.04 71.60
C LYS B 500 -18.14 -59.87 73.03
N PRO B 501 -19.03 -59.49 73.96
CA PRO B 501 -18.64 -59.47 75.37
C PRO B 501 -18.22 -60.87 75.79
N HIS B 502 -17.29 -60.92 76.74
CA HIS B 502 -16.49 -62.13 76.94
C HIS B 502 -17.36 -63.36 77.23
N GLY B 503 -18.13 -63.32 78.31
CA GLY B 503 -18.92 -64.48 78.67
C GLY B 503 -20.31 -64.54 78.09
N ALA B 504 -20.52 -63.99 76.90
CA ALA B 504 -21.84 -64.00 76.29
C ALA B 504 -22.11 -65.39 75.71
N LYS B 505 -23.22 -65.52 74.97
CA LYS B 505 -23.65 -66.83 74.50
C LYS B 505 -22.93 -67.18 73.21
N LYS B 506 -22.20 -68.29 73.24
CA LYS B 506 -21.35 -68.72 72.13
C LYS B 506 -22.17 -69.20 70.94
N ASP B 507 -21.91 -68.62 69.77
CA ASP B 507 -22.59 -68.97 68.53
C ASP B 507 -22.09 -70.32 68.01
N LEU B 508 -22.72 -70.81 66.95
CA LEU B 508 -22.36 -72.13 66.44
C LEU B 508 -20.89 -72.21 66.02
N PRO B 509 -20.35 -71.28 65.20
CA PRO B 509 -18.91 -71.35 64.89
C PRO B 509 -18.00 -71.50 66.10
N THR B 510 -18.10 -70.62 67.10
CA THR B 510 -17.19 -70.76 68.24
C THR B 510 -17.46 -72.05 69.00
N ARG B 511 -18.73 -72.49 69.06
CA ARG B 511 -19.02 -73.80 69.63
C ARG B 511 -18.29 -74.89 68.85
N LEU B 512 -18.40 -74.85 67.52
CA LEU B 512 -17.65 -75.76 66.67
C LEU B 512 -16.15 -75.58 66.88
N ILE B 513 -15.69 -74.34 66.92
CA ILE B 513 -14.25 -74.08 67.09
C ILE B 513 -13.76 -74.67 68.41
N ASP B 514 -14.53 -74.50 69.48
CA ASP B 514 -14.06 -74.91 70.80
C ASP B 514 -14.13 -76.42 71.00
N ARG B 515 -15.18 -77.07 70.47
CA ARG B 515 -15.19 -78.53 70.50
C ARG B 515 -14.05 -79.10 69.65
N LEU B 516 -13.70 -78.41 68.56
CA LEU B 516 -12.61 -78.87 67.69
C LEU B 516 -11.25 -78.67 68.36
N PHE B 517 -10.94 -77.43 68.76
CA PHE B 517 -9.59 -77.08 69.19
C PHE B 517 -9.53 -76.69 70.67
N GLY B 518 -10.53 -77.07 71.47
CA GLY B 518 -10.45 -76.78 72.89
C GLY B 518 -9.33 -77.54 73.58
N TRP B 519 -8.95 -78.68 73.01
CA TRP B 519 -7.89 -79.49 73.58
C TRP B 519 -6.53 -78.83 73.48
N ILE B 520 -6.35 -77.89 72.56
CA ILE B 520 -5.07 -77.19 72.48
C ILE B 520 -5.20 -75.88 73.24
N PHE B 521 -6.41 -75.32 73.30
CA PHE B 521 -6.59 -74.01 73.89
C PHE B 521 -6.08 -73.91 75.33
N ARG B 522 -6.70 -74.63 76.26
CA ARG B 522 -6.31 -74.45 77.65
C ARG B 522 -4.86 -74.84 77.95
N PRO B 523 -4.30 -75.93 77.42
CA PRO B 523 -2.86 -76.16 77.66
C PRO B 523 -1.98 -75.04 77.11
N PHE B 524 -2.32 -74.50 75.93
CA PHE B 524 -1.66 -73.26 75.50
C PHE B 524 -1.91 -72.14 76.49
N ASN B 525 -3.16 -71.97 76.94
CA ASN B 525 -3.50 -70.91 77.88
C ASN B 525 -2.68 -71.01 79.16
N ARG B 526 -2.50 -72.22 79.72
CA ARG B 526 -1.66 -72.29 80.92
C ARG B 526 -0.20 -72.12 80.55
N PHE B 527 0.19 -72.57 79.35
CA PHE B 527 1.56 -72.33 78.90
C PHE B 527 1.82 -70.86 78.67
N PHE B 528 0.86 -70.15 78.08
CA PHE B 528 1.03 -68.72 77.84
C PHE B 528 1.14 -67.96 79.15
N LEU B 529 0.15 -68.16 80.04
CA LEU B 529 0.15 -67.51 81.34
C LEU B 529 1.46 -67.77 82.08
N ARG B 530 1.88 -69.04 82.11
CA ARG B 530 3.16 -69.38 82.72
C ARG B 530 4.28 -68.55 82.11
N SER B 531 4.41 -68.58 80.78
CA SER B 531 5.52 -67.90 80.12
C SER B 531 5.46 -66.39 80.34
N SER B 532 4.25 -65.82 80.39
CA SER B 532 4.07 -64.39 80.64
C SER B 532 4.54 -63.98 82.04
N ASN B 533 4.08 -64.71 83.07
CA ASN B 533 4.56 -64.45 84.42
C ASN B 533 6.07 -64.62 84.49
N GLY B 534 6.59 -65.71 83.90
CA GLY B 534 8.03 -65.88 83.85
C GLY B 534 8.74 -64.82 83.04
N TYR B 535 8.05 -64.23 82.06
CA TYR B 535 8.61 -63.09 81.36
C TYR B 535 8.69 -61.87 82.26
N GLN B 536 7.57 -61.52 82.89
CA GLN B 536 7.55 -60.44 83.89
C GLN B 536 8.74 -60.53 84.85
N GLY B 537 9.07 -61.75 85.30
CA GLY B 537 10.16 -61.91 86.26
C GLY B 537 11.54 -61.71 85.65
N LEU B 538 11.77 -62.26 84.45
CA LEU B 538 13.05 -62.03 83.78
C LEU B 538 13.28 -60.55 83.55
N VAL B 539 12.25 -59.85 83.06
CA VAL B 539 12.39 -58.42 82.83
C VAL B 539 12.65 -57.70 84.14
N SER B 540 11.90 -58.05 85.17
CA SER B 540 12.16 -57.41 86.45
C SER B 540 13.60 -57.64 86.88
N LYS B 541 14.18 -58.80 86.54
CA LYS B 541 15.57 -59.06 86.90
C LYS B 541 16.52 -58.20 86.09
N THR B 542 16.33 -58.17 84.76
CA THR B 542 17.20 -57.35 83.91
C THR B 542 17.08 -55.87 84.25
N LEU B 543 15.89 -55.44 84.68
CA LEU B 543 15.74 -54.05 85.07
C LEU B 543 16.53 -53.72 86.33
N GLY B 544 16.95 -54.74 87.08
CA GLY B 544 17.84 -54.52 88.21
C GLY B 544 19.32 -54.69 87.91
N ARG B 545 19.67 -55.05 86.69
CA ARG B 545 21.08 -55.19 86.32
C ARG B 545 21.37 -54.37 85.07
N ARG B 546 21.00 -53.08 85.13
CA ARG B 546 21.03 -52.29 83.90
C ARG B 546 22.45 -52.05 83.40
N GLY B 547 23.42 -51.98 84.30
CA GLY B 547 24.79 -51.81 83.86
C GLY B 547 25.29 -53.01 83.08
N ALA B 548 24.83 -54.20 83.47
CA ALA B 548 25.27 -55.42 82.81
C ALA B 548 24.63 -55.56 81.44
N VAL B 549 23.33 -55.24 81.33
CA VAL B 549 22.69 -55.34 80.03
C VAL B 549 23.33 -54.35 79.07
N PHE B 550 23.63 -53.14 79.55
CA PHE B 550 24.31 -52.17 78.70
C PHE B 550 25.71 -52.64 78.30
N ALA B 551 26.36 -53.43 79.16
CA ALA B 551 27.65 -53.99 78.77
C ALA B 551 27.49 -54.99 77.63
N VAL B 552 26.48 -55.87 77.71
CA VAL B 552 26.21 -56.80 76.62
C VAL B 552 25.84 -56.05 75.35
N TYR B 553 24.97 -55.04 75.48
CA TYR B 553 24.57 -54.26 74.32
C TYR B 553 25.77 -53.67 73.60
N LEU B 554 26.76 -53.20 74.37
CA LEU B 554 27.95 -52.63 73.74
C LEU B 554 28.73 -53.68 72.93
N LEU B 555 28.79 -54.91 73.43
CA LEU B 555 29.48 -55.98 72.71
C LEU B 555 28.70 -56.42 71.49
N LEU B 556 27.40 -56.65 71.67
CA LEU B 556 26.53 -56.97 70.54
C LEU B 556 26.68 -55.93 69.44
N LEU B 557 26.79 -54.67 69.83
CA LEU B 557 27.00 -53.58 68.87
C LEU B 557 28.32 -53.77 68.12
N CYS B 558 29.41 -54.03 68.85
CA CYS B 558 30.66 -54.42 68.21
C CYS B 558 30.47 -55.61 67.27
N ALA B 559 29.74 -56.63 67.72
CA ALA B 559 29.45 -57.79 66.88
C ALA B 559 28.72 -57.39 65.61
N ALA B 560 27.75 -56.47 65.73
CA ALA B 560 27.10 -55.96 64.52
C ALA B 560 28.12 -55.40 63.54
N GLY B 561 29.13 -54.68 64.05
CA GLY B 561 30.15 -54.15 63.18
C GLY B 561 30.94 -55.23 62.45
N VAL B 562 31.27 -56.31 63.15
CA VAL B 562 32.01 -57.40 62.50
C VAL B 562 31.16 -58.08 61.44
N MET B 563 29.86 -58.18 61.68
CA MET B 563 28.96 -58.81 60.71
C MET B 563 29.08 -58.15 59.37
N PHE B 564 29.04 -56.83 59.34
CA PHE B 564 29.17 -56.15 58.07
C PHE B 564 30.55 -56.32 57.45
N LYS B 565 31.51 -56.94 58.15
CA LYS B 565 32.83 -57.12 57.59
C LYS B 565 33.10 -58.54 57.13
N VAL B 566 32.48 -59.53 57.76
CA VAL B 566 32.73 -60.91 57.39
C VAL B 566 31.63 -61.49 56.51
N VAL B 567 30.48 -60.83 56.44
CA VAL B 567 29.45 -61.30 55.52
C VAL B 567 29.79 -60.74 54.14
N PRO B 568 29.99 -61.60 53.15
CA PRO B 568 30.41 -61.14 51.83
C PRO B 568 29.38 -60.20 51.25
N GLY B 569 29.85 -59.14 50.61
CA GLY B 569 28.96 -58.27 49.89
C GLY B 569 28.43 -58.94 48.64
N GLY B 570 27.24 -58.52 48.24
CA GLY B 570 26.59 -59.10 47.09
C GLY B 570 25.75 -58.05 46.39
N PHE B 571 25.13 -58.50 45.32
CA PHE B 571 24.29 -57.68 44.46
C PHE B 571 23.02 -58.47 44.22
N ILE B 572 22.95 -59.14 43.08
CA ILE B 572 21.85 -60.03 42.71
C ILE B 572 22.35 -61.47 42.86
N PRO B 573 21.74 -62.29 43.70
CA PRO B 573 22.17 -63.69 43.76
C PRO B 573 22.14 -64.36 42.38
N THR B 574 23.16 -65.17 42.09
CA THR B 574 23.07 -65.94 40.86
C THR B 574 21.88 -66.90 40.96
N GLN B 575 21.17 -67.05 39.86
CA GLN B 575 19.95 -67.80 39.80
C GLN B 575 19.96 -68.54 38.49
N ASP B 576 19.27 -69.67 38.46
CA ASP B 576 19.11 -70.42 37.23
C ASP B 576 18.17 -69.63 36.31
N LYS B 577 18.71 -69.10 35.19
CA LYS B 577 17.89 -68.37 34.22
C LYS B 577 17.40 -69.26 33.10
N LEU B 578 17.55 -70.58 33.24
CA LEU B 578 17.06 -71.58 32.31
C LEU B 578 17.83 -71.62 30.99
N TYR B 579 19.07 -71.12 30.95
CA TYR B 579 19.97 -71.37 29.84
C TYR B 579 21.40 -71.23 30.33
N LEU B 580 22.34 -71.75 29.56
CA LEU B 580 23.77 -71.64 29.78
C LEU B 580 24.39 -70.99 28.55
N ILE B 581 25.55 -70.34 28.68
CA ILE B 581 26.19 -69.67 27.55
C ILE B 581 27.44 -70.46 27.21
N GLY B 582 27.44 -71.05 26.02
CA GLY B 582 28.59 -71.75 25.51
C GLY B 582 29.20 -71.01 24.36
N GLY B 583 30.44 -71.36 24.06
CA GLY B 583 31.04 -70.90 22.82
C GLY B 583 32.46 -71.39 22.70
N VAL B 584 33.16 -70.78 21.74
CA VAL B 584 34.47 -71.30 21.37
C VAL B 584 35.29 -70.17 20.75
N LYS B 585 36.56 -70.18 21.08
CA LYS B 585 37.58 -69.41 20.38
C LYS B 585 38.47 -70.41 19.66
N MET B 586 38.44 -70.39 18.33
CA MET B 586 39.33 -71.20 17.52
C MET B 586 40.67 -70.50 17.34
N PRO B 587 41.71 -71.22 16.88
CA PRO B 587 43.00 -70.57 16.62
C PRO B 587 42.82 -69.38 15.68
N GLU B 588 43.59 -68.31 15.95
CA GLU B 588 43.54 -67.11 15.14
C GLU B 588 43.74 -67.46 13.69
N GLY B 589 42.85 -66.96 12.84
CA GLY B 589 42.96 -67.23 11.42
C GLY B 589 42.08 -68.37 10.95
N SER B 590 41.42 -69.09 11.88
CA SER B 590 40.50 -70.14 11.49
C SER B 590 39.33 -69.55 10.70
N SER B 591 38.84 -70.33 9.75
CA SER B 591 37.63 -70.03 9.03
C SER B 591 36.38 -70.30 9.85
N LEU B 592 35.30 -69.63 9.44
CA LEU B 592 33.99 -69.95 9.98
C LEU B 592 33.66 -71.43 9.82
N ALA B 593 34.13 -72.09 8.76
CA ALA B 593 33.81 -73.50 8.61
C ALA B 593 34.43 -74.32 9.74
N ARG B 594 35.67 -74.01 10.13
CA ARG B 594 36.27 -74.73 11.25
C ARG B 594 35.51 -74.46 12.54
N THR B 595 35.12 -73.21 12.77
CA THR B 595 34.36 -72.87 13.96
C THR B 595 33.06 -73.63 14.01
N ASP B 596 32.38 -73.73 12.87
CA ASP B 596 31.07 -74.35 12.79
C ASP B 596 31.13 -75.84 13.20
N ALA B 597 32.15 -76.55 12.68
CA ALA B 597 32.41 -77.94 13.06
C ALA B 597 32.50 -78.11 14.57
N VAL B 598 33.28 -77.26 15.25
CA VAL B 598 33.38 -77.37 16.71
C VAL B 598 32.07 -76.98 17.41
N ILE B 599 31.42 -75.89 16.96
CA ILE B 599 30.14 -75.53 17.57
C ILE B 599 29.13 -76.67 17.45
N ARG B 600 29.10 -77.35 16.29
CA ARG B 600 28.19 -78.49 16.10
C ARG B 600 28.49 -79.65 17.07
N LYS B 601 29.78 -79.91 17.35
CA LYS B 601 30.13 -80.90 18.37
C LYS B 601 29.62 -80.45 19.73
N MET B 602 29.80 -79.16 20.06
CA MET B 602 29.30 -78.59 21.31
C MET B 602 27.79 -78.69 21.41
N SER B 603 27.09 -78.43 20.30
CA SER B 603 25.64 -78.60 20.28
C SER B 603 25.25 -80.07 20.50
N GLU B 604 25.99 -81.00 19.90
CA GLU B 604 25.73 -82.43 20.11
C GLU B 604 25.92 -82.81 21.59
N ILE B 605 27.02 -82.37 22.18
CA ILE B 605 27.27 -82.56 23.61
C ILE B 605 26.08 -82.03 24.43
N GLY B 606 25.63 -80.80 24.12
CA GLY B 606 24.54 -80.21 24.88
C GLY B 606 23.24 -80.99 24.76
N MET B 607 22.83 -81.33 23.53
CA MET B 607 21.50 -81.91 23.38
C MET B 607 21.45 -83.37 23.82
N ASN B 608 22.61 -83.99 24.08
CA ASN B 608 22.71 -85.27 24.74
C ASN B 608 22.94 -85.13 26.24
N THR B 609 22.86 -83.92 26.78
CA THR B 609 22.99 -83.72 28.22
C THR B 609 21.58 -83.67 28.81
N GLU B 610 21.31 -84.54 29.76
CA GLU B 610 19.98 -84.59 30.33
C GLU B 610 19.66 -83.27 31.01
N GLY B 611 18.44 -82.79 30.77
CA GLY B 611 17.97 -81.50 31.20
C GLY B 611 18.06 -80.40 30.15
N VAL B 612 18.73 -80.66 29.02
CA VAL B 612 18.89 -79.65 27.95
C VAL B 612 17.82 -79.90 26.89
N ASP B 613 17.01 -78.88 26.60
CA ASP B 613 16.03 -78.94 25.51
C ASP B 613 16.58 -78.48 24.16
N TYR B 614 17.43 -77.45 24.14
CA TYR B 614 17.89 -76.86 22.87
C TYR B 614 19.36 -76.48 22.90
N ALA B 615 20.02 -76.66 21.76
CA ALA B 615 21.31 -76.02 21.53
C ALA B 615 21.04 -74.98 20.45
N VAL B 616 21.07 -73.71 20.85
CA VAL B 616 20.76 -72.57 19.98
C VAL B 616 22.10 -72.03 19.54
N ALA B 617 22.54 -72.40 18.31
CA ALA B 617 23.94 -72.26 17.91
C ALA B 617 24.12 -71.14 16.89
N PHE B 618 25.20 -70.38 17.04
CA PHE B 618 25.52 -69.25 16.17
C PHE B 618 27.01 -69.27 15.92
N PRO B 619 27.49 -70.16 15.06
CA PRO B 619 28.89 -70.05 14.59
C PRO B 619 29.13 -68.67 13.96
N GLY B 620 30.26 -68.04 14.31
CA GLY B 620 30.60 -66.68 13.87
C GLY B 620 30.25 -65.59 14.89
N LEU B 621 29.35 -65.88 15.83
CA LEU B 621 28.94 -64.86 16.80
C LEU B 621 29.95 -64.83 17.94
N ASN B 622 30.60 -63.69 18.15
CA ASN B 622 31.44 -63.51 19.33
C ASN B 622 30.58 -62.94 20.46
N ALA B 623 30.40 -63.73 21.51
CA ALA B 623 29.41 -63.36 22.52
C ALA B 623 29.85 -62.16 23.36
N LEU B 624 31.15 -61.86 23.44
CA LEU B 624 31.53 -60.72 24.28
C LEU B 624 31.11 -59.40 23.62
N GLN B 625 30.99 -59.36 22.31
CA GLN B 625 30.64 -58.11 21.62
C GLN B 625 29.36 -58.21 20.82
N PHE B 626 28.83 -59.41 20.62
CA PHE B 626 27.70 -59.66 19.73
C PHE B 626 27.96 -59.07 18.34
N THR B 627 29.20 -59.19 17.89
CA THR B 627 29.52 -58.99 16.48
C THR B 627 30.04 -60.31 15.94
N ASN B 628 30.29 -60.37 14.63
CA ASN B 628 30.65 -61.61 13.98
C ASN B 628 32.16 -61.68 13.81
N THR B 629 32.73 -62.82 14.16
CA THR B 629 34.20 -63.00 13.96
C THR B 629 34.37 -64.43 13.52
N PRO B 630 35.21 -64.72 12.51
CA PRO B 630 35.21 -66.06 11.91
C PRO B 630 35.74 -67.18 12.83
N ASN B 631 36.68 -66.88 13.73
CA ASN B 631 37.20 -67.93 14.63
C ASN B 631 36.45 -67.96 15.98
N THR B 632 35.23 -67.41 16.05
CA THR B 632 34.51 -67.44 17.31
C THR B 632 33.08 -67.91 17.06
N GLY B 633 32.49 -68.57 18.03
CA GLY B 633 31.11 -68.98 17.92
C GLY B 633 30.48 -69.00 19.29
N THR B 634 29.15 -68.95 19.31
CA THR B 634 28.41 -69.03 20.55
C THR B 634 27.34 -70.10 20.39
N VAL B 635 27.03 -70.81 21.49
CA VAL B 635 25.87 -71.70 21.50
C VAL B 635 25.20 -71.61 22.86
N PHE B 636 23.93 -71.25 22.87
CA PHE B 636 23.15 -71.17 24.11
C PHE B 636 22.45 -72.50 24.33
N PHE B 637 22.54 -73.05 25.54
CA PHE B 637 21.90 -74.31 25.84
C PHE B 637 20.65 -73.99 26.65
N GLY B 638 19.48 -74.37 26.16
CA GLY B 638 18.25 -74.05 26.87
C GLY B 638 17.86 -75.24 27.73
N LEU B 639 17.64 -74.99 29.01
CA LEU B 639 17.28 -76.04 29.99
C LEU B 639 15.76 -76.15 30.13
N LYS B 640 15.28 -77.36 30.35
CA LYS B 640 13.85 -77.50 30.65
C LYS B 640 13.58 -76.99 32.06
N PRO B 641 12.32 -76.77 32.42
CA PRO B 641 12.02 -76.30 33.78
C PRO B 641 12.65 -77.21 34.85
N PHE B 642 13.00 -76.60 35.99
CA PHE B 642 13.68 -77.30 37.08
C PHE B 642 13.03 -78.63 37.44
N ASP B 643 11.70 -78.65 37.53
CA ASP B 643 10.97 -79.82 38.03
C ASP B 643 10.76 -80.88 36.97
N GLN B 644 11.30 -80.67 35.77
CA GLN B 644 11.36 -81.70 34.75
C GLN B 644 12.75 -82.24 34.56
N ARG B 645 13.65 -82.01 35.50
CA ARG B 645 15.01 -82.50 35.38
C ARG B 645 15.57 -82.77 36.77
N LYS B 646 16.57 -83.65 36.82
CA LYS B 646 17.22 -84.03 38.07
C LYS B 646 18.50 -83.27 38.33
N HIS B 647 19.02 -82.50 37.37
CA HIS B 647 20.24 -81.74 37.58
C HIS B 647 19.92 -80.26 37.59
N THR B 648 20.59 -79.53 38.47
CA THR B 648 20.54 -78.09 38.45
C THR B 648 21.29 -77.54 37.23
N ALA B 649 21.19 -76.24 37.05
CA ALA B 649 21.92 -75.53 36.00
C ALA B 649 23.43 -75.64 36.20
N ALA B 650 23.90 -75.47 37.45
CA ALA B 650 25.33 -75.58 37.75
C ALA B 650 25.88 -76.97 37.46
N GLU B 651 25.09 -78.00 37.76
CA GLU B 651 25.54 -79.38 37.50
C GLU B 651 25.53 -79.67 36.00
N ILE B 652 24.52 -79.22 35.27
CA ILE B 652 24.54 -79.39 33.82
C ILE B 652 25.77 -78.70 33.24
N ASN B 653 26.05 -77.48 33.70
CA ASN B 653 27.16 -76.72 33.16
C ASN B 653 28.49 -77.46 33.38
N ALA B 654 28.70 -77.98 34.59
CA ALA B 654 29.96 -78.68 34.88
C ALA B 654 30.08 -79.93 34.03
N GLU B 655 28.95 -80.61 33.80
CA GLU B 655 28.95 -81.78 32.93
C GLU B 655 29.27 -81.41 31.47
N ILE B 656 28.64 -80.35 30.96
CA ILE B 656 28.93 -79.90 29.62
C ILE B 656 30.39 -79.51 29.49
N ASN B 657 30.91 -78.79 30.48
CA ASN B 657 32.30 -78.35 30.46
C ASN B 657 33.27 -79.53 30.44
N ALA B 658 32.94 -80.62 31.13
CA ALA B 658 33.86 -81.75 31.15
C ALA B 658 34.03 -82.30 29.76
N LYS B 659 32.93 -82.41 29.02
CA LYS B 659 33.01 -82.91 27.65
C LYS B 659 33.68 -81.90 26.72
N ILE B 660 33.22 -80.64 26.72
CA ILE B 660 33.83 -79.56 25.91
C ILE B 660 35.34 -79.58 26.01
N ALA B 661 35.87 -79.81 27.23
CA ALA B 661 37.30 -79.71 27.49
C ALA B 661 38.07 -80.75 26.71
N GLN B 662 37.42 -81.82 26.31
CA GLN B 662 38.05 -82.83 25.49
C GLN B 662 38.17 -82.42 24.02
N ILE B 663 37.54 -81.32 23.58
CA ILE B 663 37.68 -80.87 22.20
C ILE B 663 39.02 -80.17 22.01
N GLN B 664 39.88 -80.73 21.17
CA GLN B 664 41.22 -80.19 20.95
C GLN B 664 41.30 -79.09 19.89
N GLN B 665 40.31 -78.98 19.00
CA GLN B 665 40.45 -78.03 17.90
C GLN B 665 40.26 -76.56 18.34
N GLY B 666 39.61 -76.29 19.48
CA GLY B 666 39.49 -74.92 19.96
C GLY B 666 39.32 -74.86 21.46
N PHE B 667 39.33 -73.63 21.99
CA PHE B 667 39.03 -73.41 23.41
C PHE B 667 37.52 -73.22 23.58
N GLY B 668 36.84 -74.28 23.96
CA GLY B 668 35.43 -74.17 24.25
C GLY B 668 35.19 -73.82 25.70
N PHE B 669 33.99 -73.30 25.97
CA PHE B 669 33.59 -72.91 27.32
C PHE B 669 32.07 -73.01 27.45
N SER B 670 31.64 -73.07 28.68
CA SER B 670 30.22 -72.96 28.99
C SER B 670 30.12 -72.32 30.35
N ILE B 671 29.24 -71.32 30.49
CA ILE B 671 29.15 -70.57 31.74
C ILE B 671 27.70 -70.33 32.08
N LEU B 672 27.45 -70.07 33.37
CA LEU B 672 26.12 -69.67 33.84
C LEU B 672 25.84 -68.24 33.40
N PRO B 673 24.59 -67.91 33.15
CA PRO B 673 24.27 -66.61 32.55
C PRO B 673 24.20 -65.53 33.61
N PRO B 674 24.26 -64.27 33.20
CA PRO B 674 24.09 -63.17 34.17
C PRO B 674 22.65 -63.10 34.64
N PRO B 675 22.40 -62.54 35.84
CA PRO B 675 21.01 -62.41 36.31
C PRO B 675 20.19 -61.39 35.52
N ILE B 676 20.81 -60.35 34.94
CA ILE B 676 20.12 -59.29 34.18
C ILE B 676 20.82 -59.12 32.84
N LEU B 677 20.09 -59.23 31.74
CA LEU B 677 20.70 -58.96 30.44
C LEU B 677 20.99 -57.46 30.29
N GLY B 678 22.21 -57.13 29.91
CA GLY B 678 22.58 -55.75 29.69
C GLY B 678 23.39 -55.10 30.79
N LEU B 679 23.59 -55.76 31.93
CA LEU B 679 24.44 -55.17 32.98
C LEU B 679 25.82 -55.82 33.01
N GLY B 680 26.43 -56.01 31.84
CA GLY B 680 27.61 -56.86 31.77
C GLY B 680 27.27 -58.20 32.40
N GLN B 681 28.09 -58.67 33.33
CA GLN B 681 27.68 -59.85 34.08
C GLN B 681 26.72 -59.37 35.20
N GLY B 682 26.91 -59.57 36.51
CA GLY B 682 28.10 -59.80 37.31
C GLY B 682 27.74 -59.31 38.69
N SER B 683 28.54 -59.53 39.76
CA SER B 683 29.78 -60.31 39.88
C SER B 683 30.93 -59.98 38.89
N GLY B 684 32.06 -59.57 39.46
CA GLY B 684 33.24 -59.36 38.65
C GLY B 684 33.42 -57.91 38.25
N TYR B 685 34.11 -57.71 37.14
CA TYR B 685 34.51 -56.38 36.71
C TYR B 685 34.59 -56.43 35.19
N SER B 686 34.62 -55.24 34.60
CA SER B 686 34.65 -55.04 33.17
C SER B 686 35.48 -53.80 32.93
N LEU B 687 36.53 -53.93 32.12
CA LEU B 687 37.35 -52.76 31.82
C LEU B 687 37.86 -52.84 30.36
N TYR B 688 38.39 -51.72 29.88
CA TYR B 688 39.13 -51.73 28.63
C TYR B 688 40.54 -51.25 28.96
N ILE B 689 41.52 -51.82 28.27
CA ILE B 689 42.86 -51.26 28.26
C ILE B 689 42.91 -50.35 27.06
N GLN B 690 43.14 -49.07 27.28
CA GLN B 690 43.31 -48.13 26.17
C GLN B 690 44.78 -47.87 25.88
N ASP B 691 45.11 -47.86 24.58
CA ASP B 691 46.43 -47.44 24.09
C ASP B 691 46.31 -45.96 23.73
N ARG B 692 46.72 -45.09 24.65
CA ARG B 692 46.64 -43.68 24.28
C ARG B 692 47.92 -43.13 23.69
N GLY B 693 49.01 -43.91 23.71
CA GLY B 693 50.32 -43.43 23.36
C GLY B 693 50.77 -43.86 21.98
N GLY B 694 49.87 -44.36 21.15
CA GLY B 694 50.26 -44.90 19.85
C GLY B 694 51.25 -46.04 19.94
N LEU B 695 51.11 -46.91 20.94
CA LEU B 695 52.08 -47.99 21.09
C LEU B 695 51.81 -49.17 20.18
N GLY B 696 50.61 -49.27 19.61
CA GLY B 696 50.34 -50.21 18.53
C GLY B 696 49.74 -51.52 19.02
N TYR B 697 49.37 -52.35 18.05
CA TYR B 697 48.53 -53.51 18.33
C TYR B 697 49.31 -54.65 19.00
N GLY B 698 50.57 -54.86 18.64
CA GLY B 698 51.38 -55.84 19.38
C GLY B 698 51.63 -55.42 20.84
N ALA B 699 51.87 -54.15 21.07
CA ALA B 699 52.07 -53.69 22.44
C ALA B 699 50.80 -53.88 23.27
N LEU B 700 49.64 -53.62 22.66
CA LEU B 700 48.38 -53.84 23.37
C LEU B 700 48.18 -55.34 23.67
N GLN B 701 48.56 -56.21 22.75
CA GLN B 701 48.43 -57.64 23.01
C GLN B 701 49.29 -58.07 24.19
N SER B 702 50.53 -57.58 24.23
CA SER B 702 51.46 -57.91 25.33
C SER B 702 50.90 -57.49 26.65
N ALA B 703 50.30 -56.30 26.68
CA ALA B 703 49.67 -55.79 27.89
C ALA B 703 48.49 -56.64 28.34
N VAL B 704 47.62 -57.04 27.40
CA VAL B 704 46.54 -57.97 27.71
C VAL B 704 47.08 -59.24 28.33
N ASN B 705 48.10 -59.82 27.70
CA ASN B 705 48.69 -61.07 28.18
C ASN B 705 49.25 -60.87 29.59
N ALA B 706 49.91 -59.74 29.81
CA ALA B 706 50.60 -59.56 31.09
C ALA B 706 49.62 -59.18 32.20
N MET B 707 48.61 -58.37 31.89
CA MET B 707 47.55 -58.13 32.88
C MET B 707 46.84 -59.42 33.24
N SER B 708 46.56 -60.25 32.24
CA SER B 708 45.74 -61.45 32.44
C SER B 708 46.45 -62.46 33.34
N GLY B 709 47.72 -62.72 33.07
CA GLY B 709 48.50 -63.61 33.91
C GLY B 709 48.59 -63.10 35.34
N ALA B 710 48.80 -61.79 35.52
CA ALA B 710 48.90 -61.21 36.86
C ALA B 710 47.57 -61.22 37.58
N ILE B 711 46.46 -61.09 36.83
CA ILE B 711 45.15 -61.25 37.42
C ILE B 711 44.95 -62.69 37.82
N MET B 712 45.36 -63.60 36.96
CA MET B 712 45.08 -64.99 37.29
C MET B 712 45.85 -65.40 38.53
N GLN B 713 47.03 -64.83 38.75
CA GLN B 713 47.83 -65.16 39.91
C GLN B 713 47.27 -64.51 41.17
N THR B 714 46.34 -63.58 41.04
CA THR B 714 45.76 -62.95 42.22
C THR B 714 44.77 -63.91 42.87
N PRO B 715 44.82 -64.10 44.19
CA PRO B 715 43.87 -65.01 44.83
C PRO B 715 42.49 -64.41 44.76
N GLY B 716 41.49 -65.26 44.50
CA GLY B 716 40.14 -64.84 44.27
C GLY B 716 39.75 -64.56 42.83
N MET B 717 40.73 -64.47 41.90
CA MET B 717 40.47 -64.04 40.52
C MET B 717 40.95 -65.10 39.55
N HIS B 718 40.14 -65.38 38.55
CA HIS B 718 40.60 -66.22 37.46
C HIS B 718 41.11 -65.38 36.28
N PHE B 719 41.74 -66.09 35.33
CA PHE B 719 42.20 -65.51 34.07
C PHE B 719 41.03 -64.82 33.37
N PRO B 720 41.08 -63.52 33.15
CA PRO B 720 39.98 -62.83 32.45
C PRO B 720 39.90 -63.21 30.97
N ILE B 721 38.76 -62.81 30.37
CA ILE B 721 38.47 -63.09 28.96
C ILE B 721 38.47 -61.77 28.17
N SER B 722 38.88 -61.85 26.89
CA SER B 722 38.97 -60.67 26.05
C SER B 722 38.54 -61.03 24.63
N THR B 723 38.03 -60.02 23.90
CA THR B 723 37.79 -60.14 22.48
C THR B 723 39.06 -59.91 21.68
N TYR B 724 40.02 -59.25 22.29
CA TYR B 724 41.19 -58.77 21.58
C TYR B 724 42.07 -59.93 21.17
N GLN B 725 42.54 -59.88 19.92
CA GLN B 725 43.44 -60.93 19.41
C GLN B 725 44.22 -60.30 18.26
N ALA B 726 45.44 -59.86 18.56
CA ALA B 726 46.22 -59.13 17.60
C ALA B 726 47.09 -60.05 16.74
N ASN B 727 47.10 -61.36 16.95
CA ASN B 727 47.99 -62.21 16.15
C ASN B 727 47.22 -62.97 15.08
N VAL B 728 46.24 -62.34 14.44
CA VAL B 728 45.49 -63.03 13.38
C VAL B 728 46.35 -62.92 12.13
N PRO B 729 46.69 -64.04 11.50
CA PRO B 729 47.51 -63.99 10.29
C PRO B 729 46.80 -63.22 9.18
N GLN B 730 47.53 -62.31 8.55
CA GLN B 730 47.02 -61.49 7.46
C GLN B 730 48.08 -61.39 6.36
N LEU B 731 47.74 -60.70 5.26
CA LEU B 731 48.70 -60.43 4.20
C LEU B 731 48.83 -58.94 3.98
N ASP B 732 50.03 -58.53 3.64
CA ASP B 732 50.25 -57.16 3.24
C ASP B 732 50.52 -57.13 1.75
N VAL B 733 49.78 -56.29 1.04
CA VAL B 733 50.00 -56.08 -0.39
C VAL B 733 50.57 -54.67 -0.52
N GLN B 734 51.84 -54.57 -0.76
CA GLN B 734 52.52 -53.28 -0.76
C GLN B 734 52.68 -52.87 -2.22
N VAL B 735 51.96 -51.83 -2.60
CA VAL B 735 51.97 -51.35 -3.96
C VAL B 735 53.23 -50.55 -4.18
N ASP B 736 53.95 -50.90 -5.22
CA ASP B 736 55.08 -50.11 -5.70
C ASP B 736 54.51 -49.04 -6.61
N ARG B 737 54.20 -47.88 -6.04
CA ARG B 737 53.51 -46.84 -6.81
C ARG B 737 54.34 -46.38 -8.00
N ASP B 738 55.67 -46.30 -7.86
CA ASP B 738 56.49 -45.86 -8.98
C ASP B 738 56.38 -46.85 -10.14
N LYS B 739 56.42 -48.15 -9.84
CA LYS B 739 56.30 -49.18 -10.85
C LYS B 739 54.92 -49.13 -11.53
N ALA B 740 53.87 -48.99 -10.73
CA ALA B 740 52.53 -48.86 -11.28
C ALA B 740 52.48 -47.76 -12.33
N LYS B 741 53.09 -46.62 -12.00
CA LYS B 741 53.16 -45.50 -12.94
C LYS B 741 53.98 -45.86 -14.17
N ALA B 742 55.15 -46.47 -13.96
CA ALA B 742 56.02 -46.86 -15.08
C ALA B 742 55.36 -47.87 -16.00
N GLN B 743 54.26 -48.47 -15.60
CA GLN B 743 53.54 -49.41 -16.44
C GLN B 743 52.22 -48.87 -16.90
N GLY B 744 51.95 -47.58 -16.69
CA GLY B 744 50.71 -46.96 -17.11
C GLY B 744 49.44 -47.41 -16.40
N VAL B 745 49.51 -47.81 -15.13
CA VAL B 745 48.34 -48.29 -14.40
C VAL B 745 48.01 -47.28 -13.31
N SER B 746 46.82 -46.69 -13.34
CA SER B 746 46.48 -45.79 -12.23
C SER B 746 46.25 -46.62 -10.97
N LEU B 747 46.47 -45.97 -9.82
CA LEU B 747 46.18 -46.62 -8.55
C LEU B 747 44.70 -46.91 -8.43
N THR B 748 43.85 -46.01 -8.99
CA THR B 748 42.42 -46.24 -8.98
C THR B 748 42.10 -47.60 -9.60
N GLU B 749 42.72 -47.90 -10.75
CA GLU B 749 42.46 -49.18 -11.39
C GLU B 749 43.04 -50.31 -10.58
N LEU B 750 44.27 -50.12 -10.06
CA LEU B 750 44.89 -51.17 -9.29
C LEU B 750 44.06 -51.43 -8.02
N PHE B 751 43.85 -50.40 -7.21
CA PHE B 751 43.04 -50.60 -5.99
C PHE B 751 41.64 -51.14 -6.34
N GLY B 752 41.03 -50.63 -7.43
CA GLY B 752 39.67 -51.08 -7.80
C GLY B 752 39.62 -52.56 -8.15
N THR B 753 40.69 -53.06 -8.78
CA THR B 753 40.80 -54.47 -9.12
C THR B 753 40.88 -55.32 -7.86
N LEU B 754 41.72 -54.91 -6.87
CA LEU B 754 41.75 -55.67 -5.63
C LEU B 754 40.38 -55.63 -4.96
N GLN B 755 39.77 -54.47 -4.95
CA GLN B 755 38.58 -54.29 -4.14
C GLN B 755 37.43 -55.14 -4.71
N THR B 756 37.15 -55.05 -6.03
CA THR B 756 36.02 -55.81 -6.57
C THR B 756 36.28 -57.29 -6.50
N TYR B 757 37.42 -57.75 -7.04
CA TYR B 757 37.65 -59.18 -7.08
C TYR B 757 37.75 -59.79 -5.70
N LEU B 758 38.55 -59.18 -4.83
CA LEU B 758 38.88 -59.82 -3.57
C LEU B 758 37.93 -59.39 -2.45
N GLY B 759 37.43 -58.15 -2.47
CA GLY B 759 36.62 -57.67 -1.34
C GLY B 759 35.13 -57.62 -1.61
N SER B 760 34.75 -57.68 -2.90
CA SER B 760 33.39 -57.48 -3.43
C SER B 760 33.11 -55.99 -3.58
N SER B 761 32.20 -55.68 -4.50
CA SER B 761 31.74 -54.32 -4.75
C SER B 761 30.22 -54.34 -4.76
N TYR B 762 29.60 -53.41 -4.04
CA TYR B 762 28.17 -53.21 -4.15
C TYR B 762 27.82 -52.50 -5.48
N VAL B 763 27.01 -53.13 -6.33
CA VAL B 763 26.79 -52.59 -7.67
C VAL B 763 25.64 -51.60 -7.63
N ASN B 764 24.48 -52.10 -7.23
CA ASN B 764 23.26 -51.31 -7.05
C ASN B 764 22.18 -52.27 -6.55
N ASP B 765 20.91 -51.88 -6.69
CA ASP B 765 19.82 -52.71 -6.14
C ASP B 765 18.96 -53.28 -7.24
N PHE B 766 18.19 -54.30 -6.86
CA PHE B 766 17.14 -54.87 -7.69
C PHE B 766 15.93 -55.24 -6.81
N ASN B 767 14.80 -55.50 -7.47
CA ASN B 767 13.56 -55.81 -6.78
C ASN B 767 13.22 -57.27 -6.98
N GLN B 768 12.80 -57.91 -5.90
CA GLN B 768 12.29 -59.27 -6.01
C GLN B 768 11.46 -59.52 -4.74
N PHE B 769 10.39 -60.31 -4.89
CA PHE B 769 9.44 -60.61 -3.78
C PHE B 769 8.75 -59.36 -3.18
N GLY B 770 8.64 -58.28 -3.93
CA GLY B 770 8.11 -57.06 -3.36
C GLY B 770 9.12 -56.23 -2.62
N ARG B 771 10.42 -56.61 -2.58
CA ARG B 771 11.41 -55.90 -1.76
C ARG B 771 12.62 -55.53 -2.62
N THR B 772 13.50 -54.74 -2.02
CA THR B 772 14.77 -54.27 -2.57
C THR B 772 15.89 -55.14 -2.02
N TRP B 773 16.83 -55.54 -2.89
CA TRP B 773 17.99 -56.31 -2.45
C TRP B 773 19.25 -55.79 -3.14
N ARG B 774 20.40 -56.05 -2.55
CA ARG B 774 21.64 -55.63 -3.20
C ARG B 774 22.02 -56.52 -4.35
N VAL B 775 22.78 -55.95 -5.31
CA VAL B 775 23.49 -56.69 -6.38
C VAL B 775 24.97 -56.55 -6.06
N MET B 776 25.68 -57.68 -5.95
CA MET B 776 27.09 -57.65 -5.50
C MET B 776 27.96 -58.35 -6.57
N ALA B 777 29.14 -57.83 -6.80
CA ALA B 777 30.11 -58.50 -7.70
C ALA B 777 31.40 -58.80 -6.94
N GLN B 778 31.98 -59.98 -7.19
CA GLN B 778 33.18 -60.41 -6.48
C GLN B 778 33.76 -61.60 -7.27
N ALA B 779 35.06 -61.83 -7.17
CA ALA B 779 35.54 -63.10 -7.72
C ALA B 779 34.82 -64.25 -7.02
N ASP B 780 34.60 -65.33 -7.74
CA ASP B 780 34.15 -66.56 -7.10
C ASP B 780 35.24 -67.04 -6.14
N GLY B 781 34.82 -67.77 -5.09
CA GLY B 781 35.74 -68.16 -4.03
C GLY B 781 37.02 -68.86 -4.47
N PRO B 782 36.96 -69.77 -5.46
CA PRO B 782 38.20 -70.46 -5.86
C PRO B 782 39.23 -69.59 -6.54
N TYR B 783 38.88 -68.38 -6.95
CA TYR B 783 39.86 -67.47 -7.54
C TYR B 783 40.46 -66.47 -6.56
N ARG B 784 40.17 -66.61 -5.24
CA ARG B 784 40.73 -65.71 -4.22
C ARG B 784 41.07 -66.57 -2.99
N GLU B 785 41.94 -67.55 -3.22
CA GLU B 785 42.40 -68.40 -2.15
C GLU B 785 43.89 -68.33 -1.90
N SER B 786 44.73 -67.98 -2.85
CA SER B 786 46.17 -67.99 -2.65
C SER B 786 46.78 -66.62 -2.96
N VAL B 787 48.00 -66.41 -2.51
CA VAL B 787 48.70 -65.18 -2.90
C VAL B 787 48.94 -65.12 -4.40
N GLU B 788 49.08 -66.29 -5.05
CA GLU B 788 49.19 -66.30 -6.51
C GLU B 788 47.90 -65.79 -7.14
N ASP B 789 46.75 -66.14 -6.55
CA ASP B 789 45.48 -65.60 -7.07
C ASP B 789 45.47 -64.08 -7.03
N ILE B 790 46.08 -63.47 -6.01
CA ILE B 790 46.13 -62.01 -5.94
C ILE B 790 46.99 -61.49 -7.07
N ALA B 791 48.19 -62.06 -7.21
CA ALA B 791 49.16 -61.58 -8.18
C ALA B 791 48.66 -61.71 -9.60
N ASN B 792 47.81 -62.71 -9.87
CA ASN B 792 47.33 -63.03 -11.21
C ASN B 792 46.12 -62.19 -11.65
N LEU B 793 45.50 -61.44 -10.74
CA LEU B 793 44.46 -60.50 -11.11
C LEU B 793 45.01 -59.54 -12.14
N ARG B 794 44.21 -59.24 -13.16
CA ARG B 794 44.65 -58.36 -14.22
C ARG B 794 43.87 -57.05 -14.26
N THR B 795 44.60 -55.97 -14.41
CA THR B 795 43.94 -54.73 -14.74
C THR B 795 44.48 -54.24 -16.07
N ARG B 796 44.11 -53.03 -16.46
CA ARG B 796 44.38 -52.55 -17.82
C ARG B 796 45.23 -51.28 -17.75
N ASN B 797 46.29 -51.24 -18.57
CA ASN B 797 47.14 -50.05 -18.54
C ASN B 797 46.65 -49.03 -19.57
N ASN B 798 47.33 -47.88 -19.63
CA ASN B 798 46.91 -46.83 -20.54
C ASN B 798 47.22 -47.15 -22.02
N GLN B 799 48.01 -48.20 -22.30
CA GLN B 799 48.18 -48.74 -23.65
C GLN B 799 47.09 -49.73 -24.05
N GLY B 800 46.12 -50.02 -23.17
CA GLY B 800 45.13 -51.02 -23.50
C GLY B 800 45.52 -52.45 -23.23
N GLU B 801 46.67 -52.71 -22.63
CA GLU B 801 47.03 -54.09 -22.35
C GLU B 801 46.62 -54.53 -20.94
N MET B 802 46.19 -55.78 -20.82
CA MET B 802 45.97 -56.40 -19.53
C MET B 802 47.31 -56.72 -18.85
N VAL B 803 47.44 -56.24 -17.62
CA VAL B 803 48.68 -56.27 -16.82
C VAL B 803 48.33 -57.03 -15.55
N PRO B 804 49.11 -58.03 -15.14
CA PRO B 804 48.90 -58.63 -13.82
C PRO B 804 49.34 -57.70 -12.72
N ILE B 805 48.55 -57.74 -11.62
CA ILE B 805 48.81 -57.01 -10.38
C ILE B 805 50.17 -57.38 -9.81
N GLY B 806 50.55 -58.66 -9.94
CA GLY B 806 51.75 -59.14 -9.27
C GLY B 806 52.99 -58.37 -9.63
N SER B 807 53.04 -57.82 -10.85
CA SER B 807 54.22 -57.11 -11.31
C SER B 807 54.39 -55.76 -10.64
N MET B 808 53.40 -55.28 -9.87
CA MET B 808 53.48 -53.98 -9.25
C MET B 808 53.32 -54.04 -7.74
N VAL B 809 53.24 -55.22 -7.13
CA VAL B 809 53.02 -55.31 -5.68
C VAL B 809 54.00 -56.30 -5.07
N ASN B 810 54.28 -56.11 -3.80
CA ASN B 810 54.97 -57.13 -3.01
C ASN B 810 54.03 -57.63 -1.94
N ILE B 811 53.84 -58.94 -1.88
CA ILE B 811 52.88 -59.56 -0.98
C ILE B 811 53.65 -60.28 0.11
N SER B 812 53.29 -60.03 1.36
CA SER B 812 54.02 -60.65 2.46
C SER B 812 53.05 -60.94 3.60
N THR B 813 53.42 -61.87 4.46
CA THR B 813 52.53 -62.24 5.55
C THR B 813 52.72 -61.26 6.71
N THR B 814 51.67 -61.06 7.47
CA THR B 814 51.77 -60.19 8.63
C THR B 814 50.69 -60.59 9.64
N TYR B 815 50.50 -59.76 10.65
CA TYR B 815 49.49 -60.00 11.68
C TYR B 815 48.72 -58.72 11.88
N GLY B 816 47.51 -58.88 12.39
CA GLY B 816 46.67 -57.77 12.79
C GLY B 816 45.49 -58.22 13.62
N PRO B 817 44.82 -57.28 14.27
CA PRO B 817 43.71 -57.66 15.14
C PRO B 817 42.41 -57.85 14.36
N ASP B 818 41.58 -58.76 14.84
CA ASP B 818 40.25 -58.96 14.25
C ASP B 818 39.29 -59.48 15.32
N PRO B 819 38.34 -58.66 15.80
CA PRO B 819 38.09 -57.29 15.33
C PRO B 819 39.09 -56.22 15.85
N VAL B 820 39.04 -55.01 15.27
CA VAL B 820 39.69 -53.86 15.87
C VAL B 820 38.68 -53.21 16.80
N ILE B 821 39.08 -52.95 18.04
CA ILE B 821 38.22 -52.38 19.07
C ILE B 821 38.70 -50.99 19.41
N ARG B 822 37.77 -50.07 19.57
CA ARG B 822 38.09 -48.75 20.09
C ARG B 822 37.22 -48.46 21.29
N TYR B 823 37.78 -47.79 22.29
CA TYR B 823 37.00 -47.47 23.48
C TYR B 823 37.28 -46.01 23.83
N ASN B 824 36.23 -45.20 23.85
CA ASN B 824 36.32 -43.74 24.06
C ASN B 824 37.39 -43.11 23.16
N GLY B 825 37.40 -43.52 21.90
CA GLY B 825 38.27 -42.90 20.94
C GLY B 825 39.71 -43.38 20.91
N TYR B 826 40.04 -44.47 21.57
CA TYR B 826 41.40 -45.01 21.51
C TYR B 826 41.36 -46.48 21.16
N PRO B 827 42.37 -46.99 20.44
CA PRO B 827 42.52 -48.44 20.29
C PRO B 827 42.54 -49.08 21.66
N ALA B 828 41.89 -50.24 21.75
CA ALA B 828 41.59 -50.76 23.08
C ALA B 828 41.39 -52.26 23.05
N ALA B 829 41.48 -52.84 24.25
CA ALA B 829 41.18 -54.25 24.45
C ALA B 829 40.31 -54.41 25.69
N ASP B 830 39.34 -55.30 25.59
CA ASP B 830 38.36 -55.49 26.68
C ASP B 830 38.89 -56.55 27.63
N LEU B 831 38.56 -56.43 28.91
CA LEU B 831 38.89 -57.48 29.85
C LEU B 831 37.71 -57.66 30.79
N ILE B 832 37.16 -58.87 30.81
CA ILE B 832 36.08 -59.21 31.72
C ILE B 832 36.56 -60.33 32.62
N GLY B 833 36.32 -60.20 33.93
CA GLY B 833 36.74 -61.29 34.80
C GLY B 833 35.96 -61.35 36.09
N ASP B 834 36.32 -62.34 36.91
CA ASP B 834 35.69 -62.53 38.21
C ASP B 834 36.60 -62.06 39.35
N ALA B 835 35.98 -61.84 40.51
CA ALA B 835 36.68 -61.63 41.78
C ALA B 835 35.81 -62.22 42.89
N ASP B 836 36.33 -63.23 43.60
CA ASP B 836 35.53 -63.99 44.56
C ASP B 836 35.22 -63.10 45.75
N PRO B 837 33.94 -62.79 46.02
CA PRO B 837 33.63 -61.86 47.12
C PRO B 837 34.04 -62.38 48.51
N ARG B 838 34.17 -63.70 48.69
CA ARG B 838 34.68 -64.26 49.95
C ARG B 838 36.19 -64.12 50.07
N VAL B 839 36.88 -63.76 48.99
CA VAL B 839 38.31 -63.52 49.04
C VAL B 839 38.63 -62.04 48.99
N LEU B 840 37.96 -61.29 48.13
CA LEU B 840 38.17 -59.84 48.08
C LEU B 840 36.88 -59.20 47.56
N SER B 841 36.58 -58.00 48.05
CA SER B 841 35.40 -57.26 47.66
C SER B 841 35.58 -56.61 46.29
N SER B 842 34.48 -56.10 45.75
CA SER B 842 34.53 -55.59 44.39
C SER B 842 35.39 -54.35 44.34
N SER B 843 35.33 -53.55 45.39
CA SER B 843 36.14 -52.35 45.50
C SER B 843 37.61 -52.69 45.78
N GLN B 844 37.89 -53.77 46.53
CA GLN B 844 39.27 -54.19 46.67
C GLN B 844 39.81 -54.72 45.35
N ALA B 845 39.00 -55.45 44.60
CA ALA B 845 39.45 -55.96 43.30
C ALA B 845 39.76 -54.84 42.34
N MET B 846 38.88 -53.82 42.33
CA MET B 846 39.10 -52.66 41.49
C MET B 846 40.39 -51.94 41.84
N THR B 847 40.59 -51.64 43.14
CA THR B 847 41.84 -51.01 43.55
C THR B 847 43.04 -51.86 43.14
N HIS B 848 42.93 -53.17 43.31
CA HIS B 848 44.04 -54.05 42.97
C HIS B 848 44.34 -54.03 41.48
N LEU B 849 43.31 -54.09 40.63
CA LEU B 849 43.55 -54.03 39.19
C LEU B 849 44.12 -52.68 38.80
N GLU B 850 43.68 -51.61 39.44
CA GLU B 850 44.26 -50.31 39.12
C GLU B 850 45.75 -50.27 39.50
N GLU B 851 46.13 -50.99 40.58
CA GLU B 851 47.54 -50.97 41.01
C GLU B 851 48.38 -51.84 40.09
N LEU B 852 47.93 -53.09 39.85
CA LEU B 852 48.57 -53.94 38.85
C LEU B 852 48.72 -53.20 37.54
N SER B 853 47.67 -52.48 37.12
CA SER B 853 47.78 -51.82 35.83
C SER B 853 48.97 -50.85 35.80
N LYS B 854 49.19 -50.13 36.88
CA LYS B 854 50.27 -49.13 36.86
C LYS B 854 51.65 -49.77 36.86
N GLN B 855 51.78 -50.99 37.38
CA GLN B 855 53.05 -51.66 37.33
C GLN B 855 53.27 -52.43 36.01
N ILE B 856 52.20 -52.74 35.26
CA ILE B 856 52.30 -53.66 34.15
C ILE B 856 52.11 -52.95 32.82
N LEU B 857 51.21 -52.02 32.74
CA LEU B 857 50.95 -51.39 31.47
C LEU B 857 52.03 -50.36 31.19
N PRO B 858 52.53 -50.32 29.95
CA PRO B 858 53.50 -49.26 29.60
C PRO B 858 52.86 -47.90 29.69
N ASN B 859 53.62 -46.96 30.23
CA ASN B 859 53.18 -45.58 30.15
C ASN B 859 52.62 -45.29 28.74
N GLY B 860 51.50 -44.58 28.71
CA GLY B 860 50.69 -44.43 27.52
C GLY B 860 49.47 -45.35 27.47
N MET B 861 49.42 -46.41 28.29
CA MET B 861 48.26 -47.29 28.38
C MET B 861 47.68 -47.27 29.77
N ASN B 862 46.38 -47.54 29.85
CA ASN B 862 45.67 -47.44 31.12
C ASN B 862 44.46 -48.37 31.06
N ILE B 863 43.89 -48.67 32.21
CA ILE B 863 42.61 -49.37 32.21
C ILE B 863 41.50 -48.34 32.38
N GLU B 864 40.33 -48.68 31.84
CA GLU B 864 39.13 -47.85 31.91
C GLU B 864 37.97 -48.74 32.33
N TRP B 865 37.30 -48.40 33.43
CA TRP B 865 36.17 -49.20 33.90
C TRP B 865 34.96 -49.03 32.96
N THR B 866 34.26 -50.10 32.69
CA THR B 866 33.04 -49.96 31.89
C THR B 866 31.90 -50.73 32.57
N ASP B 867 30.69 -50.64 31.98
CA ASP B 867 29.48 -51.39 32.43
C ASP B 867 29.31 -51.17 33.94
N LEU B 868 29.08 -52.20 34.73
CA LEU B 868 28.77 -51.96 36.14
C LEU B 868 29.97 -51.45 36.90
N SER B 869 31.19 -51.89 36.55
CA SER B 869 32.39 -51.35 37.17
C SER B 869 32.46 -49.85 37.03
N PHE B 870 32.01 -49.30 35.89
CA PHE B 870 32.03 -47.84 35.71
C PHE B 870 31.03 -47.18 36.67
N GLN B 871 29.87 -47.81 36.89
CA GLN B 871 28.90 -47.20 37.82
C GLN B 871 29.42 -47.22 39.27
N GLN B 872 29.96 -48.36 39.72
CA GLN B 872 30.72 -48.39 40.97
C GLN B 872 31.80 -47.30 41.05
N ALA B 873 32.68 -47.21 40.04
CA ALA B 873 33.74 -46.22 40.13
C ALA B 873 33.24 -44.78 40.20
N THR B 874 32.03 -44.49 39.74
CA THR B 874 31.65 -43.09 39.60
C THR B 874 30.41 -42.68 40.37
N GLN B 875 29.63 -43.61 40.89
CA GLN B 875 28.43 -43.23 41.62
C GLN B 875 28.84 -42.73 43.00
N GLY B 876 28.18 -41.67 43.46
CA GLY B 876 28.50 -41.11 44.75
C GLY B 876 28.04 -42.02 45.87
N ASN B 877 28.39 -41.66 47.10
CA ASN B 877 27.84 -42.33 48.27
C ASN B 877 26.67 -41.50 48.77
N THR B 878 25.52 -41.66 48.10
CA THR B 878 24.31 -40.97 48.56
C THR B 878 23.91 -41.43 49.95
N ALA B 879 24.28 -42.66 50.31
CA ALA B 879 23.95 -43.21 51.62
C ALA B 879 24.50 -42.35 52.73
N LEU B 880 25.61 -41.66 52.46
CA LEU B 880 26.22 -40.78 53.45
C LEU B 880 25.24 -39.72 53.91
N ILE B 881 24.35 -39.28 53.03
CA ILE B 881 23.30 -38.34 53.38
C ILE B 881 21.99 -39.05 53.66
N VAL B 882 21.65 -40.07 52.86
CA VAL B 882 20.32 -40.69 52.98
C VAL B 882 20.12 -41.35 54.35
N PHE B 883 21.15 -42.08 54.85
CA PHE B 883 20.95 -42.77 56.14
C PHE B 883 20.82 -41.78 57.30
N PRO B 884 21.66 -40.75 57.44
CA PRO B 884 21.42 -39.81 58.55
C PRO B 884 20.11 -39.08 58.44
N VAL B 885 19.67 -38.75 57.23
CA VAL B 885 18.36 -38.11 57.10
C VAL B 885 17.25 -39.02 57.60
N ALA B 886 17.26 -40.29 57.16
CA ALA B 886 16.19 -41.20 57.61
C ALA B 886 16.18 -41.29 59.13
N VAL B 887 17.36 -41.40 59.75
CA VAL B 887 17.41 -41.52 61.19
C VAL B 887 16.91 -40.24 61.85
N LEU B 888 17.29 -39.10 61.29
CA LEU B 888 16.92 -37.84 61.92
C LEU B 888 15.41 -37.62 61.79
N LEU B 889 14.86 -37.95 60.63
CA LEU B 889 13.41 -37.84 60.41
C LEU B 889 12.65 -38.76 61.35
N ALA B 890 13.13 -40.01 61.52
CA ALA B 890 12.41 -40.93 62.42
C ALA B 890 12.48 -40.42 63.87
N PHE B 891 13.66 -39.93 64.27
CA PHE B 891 13.82 -39.32 65.59
C PHE B 891 12.83 -38.17 65.82
N LEU B 892 12.70 -37.26 64.85
CA LEU B 892 11.81 -36.11 65.02
C LEU B 892 10.35 -36.53 65.15
N VAL B 893 9.91 -37.52 64.39
CA VAL B 893 8.54 -37.99 64.54
C VAL B 893 8.34 -38.54 65.93
N LEU B 894 9.30 -39.36 66.40
CA LEU B 894 9.14 -39.92 67.74
C LEU B 894 9.21 -38.84 68.81
N ALA B 895 10.02 -37.79 68.59
CA ALA B 895 10.09 -36.74 69.60
C ALA B 895 8.71 -36.12 69.81
N ALA B 896 7.98 -35.94 68.70
CA ALA B 896 6.64 -35.38 68.78
C ALA B 896 5.69 -36.36 69.44
N LEU B 897 5.70 -37.62 68.99
CA LEU B 897 4.85 -38.63 69.62
C LEU B 897 5.04 -38.65 71.13
N TYR B 898 6.29 -38.60 71.58
CA TYR B 898 6.61 -38.75 72.98
C TYR B 898 6.69 -37.42 73.74
N GLU B 899 6.62 -36.28 73.05
CA GLU B 899 6.99 -34.97 73.59
C GLU B 899 8.28 -35.04 74.43
N SER B 900 9.30 -35.66 73.87
CA SER B 900 10.55 -35.85 74.59
C SER B 900 11.68 -35.94 73.58
N TRP B 901 12.79 -35.25 73.86
CA TRP B 901 13.95 -35.27 72.98
C TRP B 901 14.86 -36.46 73.23
N THR B 902 14.55 -37.23 74.28
CA THR B 902 15.37 -38.38 74.68
C THR B 902 14.64 -39.71 74.63
N LEU B 903 13.32 -39.76 74.88
CA LEU B 903 12.62 -41.04 74.81
C LEU B 903 12.71 -41.73 73.43
N PRO B 904 12.85 -41.04 72.29
CA PRO B 904 13.01 -41.77 71.03
C PRO B 904 14.24 -42.65 71.00
N LEU B 905 15.21 -42.42 71.89
CA LEU B 905 16.41 -43.25 71.87
C LEU B 905 16.11 -44.64 72.36
N ALA B 906 15.10 -44.81 73.20
CA ALA B 906 14.70 -46.15 73.62
C ALA B 906 14.20 -47.00 72.46
N VAL B 907 13.75 -46.38 71.36
CA VAL B 907 13.37 -47.12 70.15
C VAL B 907 14.54 -47.22 69.19
N ILE B 908 15.12 -46.06 68.86
CA ILE B 908 16.18 -46.03 67.87
C ILE B 908 17.33 -46.95 68.25
N LEU B 909 17.79 -46.89 69.51
CA LEU B 909 19.05 -47.57 69.84
C LEU B 909 18.93 -49.09 69.86
N ILE B 910 17.74 -49.68 69.92
CA ILE B 910 17.65 -51.15 69.85
C ILE B 910 17.66 -51.68 68.42
N VAL B 911 17.50 -50.81 67.44
CA VAL B 911 17.35 -51.22 66.03
C VAL B 911 18.61 -51.86 65.46
N PRO B 912 19.84 -51.50 65.88
CA PRO B 912 21.01 -52.24 65.39
C PRO B 912 21.03 -53.73 65.75
N MET B 913 20.30 -54.14 66.79
CA MET B 913 20.29 -55.53 67.26
C MET B 913 19.49 -56.44 66.37
N THR B 914 18.43 -55.96 65.75
CA THR B 914 17.73 -56.77 64.77
C THR B 914 18.60 -56.99 63.54
N MET B 915 19.30 -55.96 63.11
CA MET B 915 20.22 -56.10 62.01
C MET B 915 21.31 -57.11 62.33
N LEU B 916 21.84 -57.05 63.55
CA LEU B 916 22.83 -58.04 63.98
C LEU B 916 22.26 -59.44 63.98
N SER B 917 21.03 -59.60 64.47
CA SER B 917 20.42 -60.92 64.51
C SER B 917 20.26 -61.49 63.10
N ALA B 918 19.73 -60.68 62.19
CA ALA B 918 19.55 -61.13 60.82
C ALA B 918 20.87 -61.50 60.15
N LEU B 919 21.88 -60.63 60.22
CA LEU B 919 23.11 -60.98 59.53
C LEU B 919 23.79 -62.19 60.16
N PHE B 920 23.51 -62.47 61.44
CA PHE B 920 24.02 -63.66 62.09
C PHE B 920 23.55 -64.93 61.40
N GLY B 921 22.23 -65.07 61.20
CA GLY B 921 21.73 -66.21 60.46
C GLY B 921 22.28 -66.29 59.04
N VAL B 922 22.45 -65.14 58.37
CA VAL B 922 23.06 -65.15 57.04
C VAL B 922 24.48 -65.72 57.12
N TRP B 923 25.26 -65.24 58.09
CA TRP B 923 26.64 -65.68 58.27
C TRP B 923 26.72 -67.17 58.56
N LEU B 924 26.01 -67.63 59.60
CA LEU B 924 26.00 -69.05 59.93
C LEU B 924 25.57 -69.94 58.76
N THR B 925 24.76 -69.43 57.84
CA THR B 925 24.33 -70.24 56.71
C THR B 925 25.22 -70.06 55.48
N GLY B 926 26.29 -69.28 55.60
CA GLY B 926 27.15 -69.04 54.47
C GLY B 926 26.57 -68.13 53.41
N GLY B 927 25.68 -67.20 53.78
CA GLY B 927 25.08 -66.32 52.79
C GLY B 927 25.90 -65.07 52.53
N ASP B 928 25.46 -64.30 51.53
CA ASP B 928 26.07 -63.00 51.28
C ASP B 928 25.06 -61.89 51.54
N ASN B 929 25.54 -60.64 51.52
CA ASN B 929 24.72 -59.48 51.84
C ASN B 929 24.17 -58.85 50.57
N ASN B 930 23.35 -59.61 49.87
CA ASN B 930 22.90 -59.15 48.57
C ASN B 930 21.69 -58.21 48.75
N VAL B 931 21.17 -57.68 47.64
CA VAL B 931 20.18 -56.62 47.80
C VAL B 931 18.90 -57.14 48.42
N PHE B 932 18.56 -58.41 48.23
CA PHE B 932 17.35 -58.92 48.88
C PHE B 932 17.54 -59.01 50.38
N VAL B 933 18.72 -59.51 50.82
CA VAL B 933 19.00 -59.51 52.24
C VAL B 933 18.90 -58.09 52.80
N GLN B 934 19.47 -57.10 52.08
CA GLN B 934 19.51 -55.73 52.58
C GLN B 934 18.11 -55.16 52.76
N VAL B 935 17.23 -55.43 51.80
CA VAL B 935 15.85 -55.03 51.95
C VAL B 935 15.26 -55.68 53.19
N GLY B 936 15.54 -56.97 53.36
CA GLY B 936 15.06 -57.67 54.53
C GLY B 936 15.53 -57.03 55.82
N LEU B 937 16.81 -56.61 55.87
CA LEU B 937 17.30 -55.97 57.09
C LEU B 937 16.48 -54.73 57.43
N VAL B 938 16.11 -53.94 56.42
CA VAL B 938 15.43 -52.68 56.70
C VAL B 938 13.98 -52.92 57.13
N VAL B 939 13.28 -53.83 56.45
CA VAL B 939 11.91 -54.13 56.91
C VAL B 939 11.93 -54.67 58.35
N LEU B 940 12.91 -55.52 58.69
CA LEU B 940 12.94 -56.08 60.05
C LEU B 940 13.18 -55.00 61.12
N MET B 941 14.07 -54.05 60.84
CA MET B 941 14.22 -52.86 61.68
C MET B 941 12.94 -52.03 61.74
N GLY B 942 12.21 -51.97 60.63
CA GLY B 942 10.90 -51.34 60.65
C GLY B 942 9.99 -52.02 61.66
N LEU B 943 9.96 -53.36 61.61
CA LEU B 943 9.15 -54.12 62.55
C LEU B 943 9.65 -53.94 63.96
N ALA B 944 10.97 -53.90 64.12
CA ALA B 944 11.50 -53.62 65.45
C ALA B 944 10.98 -52.28 65.98
N CYS B 945 10.93 -51.25 65.14
CA CYS B 945 10.37 -49.96 65.54
C CYS B 945 8.90 -50.08 65.93
N LYS B 946 8.08 -50.72 65.08
CA LYS B 946 6.65 -50.77 65.32
C LYS B 946 6.38 -51.28 66.72
N ASN B 947 7.06 -52.35 67.13
CA ASN B 947 6.82 -52.95 68.45
C ASN B 947 7.35 -52.05 69.56
N ALA B 948 8.60 -51.61 69.42
CA ALA B 948 9.23 -50.80 70.45
C ALA B 948 8.45 -49.53 70.71
N ILE B 949 7.95 -48.90 69.64
CA ILE B 949 7.25 -47.63 69.76
C ILE B 949 6.06 -47.77 70.69
N LEU B 950 5.30 -48.86 70.54
CA LEU B 950 4.14 -49.08 71.38
C LEU B 950 4.52 -49.46 72.81
N ILE B 951 5.62 -50.21 73.00
CA ILE B 951 6.12 -50.45 74.36
C ILE B 951 6.41 -49.13 75.06
N VAL B 952 7.21 -48.27 74.40
CA VAL B 952 7.58 -46.99 75.00
C VAL B 952 6.33 -46.16 75.24
N GLU B 953 5.45 -46.09 74.24
CA GLU B 953 4.26 -45.27 74.40
C GLU B 953 3.35 -45.79 75.50
N PHE B 954 3.20 -47.12 75.63
CA PHE B 954 2.37 -47.59 76.73
C PHE B 954 2.98 -47.21 78.08
N ALA B 955 4.31 -47.33 78.19
CA ALA B 955 4.98 -47.04 79.46
C ALA B 955 4.82 -45.57 79.82
N ARG B 956 4.93 -44.69 78.81
CA ARG B 956 4.81 -43.26 79.04
C ARG B 956 3.40 -42.88 79.49
N GLU B 957 2.39 -43.55 78.93
CA GLU B 957 1.01 -43.28 79.32
C GLU B 957 0.75 -43.76 80.75
N LEU B 958 1.33 -44.90 81.13
CA LEU B 958 1.11 -45.43 82.46
C LEU B 958 1.75 -44.51 83.52
N GLU B 959 2.88 -43.89 83.20
CA GLU B 959 3.46 -42.90 84.12
C GLU B 959 2.53 -41.71 84.29
N ILE B 960 1.92 -41.26 83.19
CA ILE B 960 0.96 -40.16 83.25
C ILE B 960 -0.25 -40.55 84.09
N GLN B 961 -0.65 -41.82 84.05
CA GLN B 961 -1.73 -42.28 84.91
C GLN B 961 -1.30 -42.43 86.36
N GLY B 962 -0.06 -42.08 86.69
CA GLY B 962 0.42 -42.11 88.05
C GLY B 962 1.38 -43.24 88.36
N LYS B 963 1.54 -44.21 87.47
CA LYS B 963 2.43 -45.35 87.74
C LYS B 963 3.87 -44.87 87.82
N GLY B 964 4.68 -45.61 88.60
CA GLY B 964 6.10 -45.35 88.71
C GLY B 964 6.83 -45.82 87.47
N ILE B 965 8.07 -45.35 87.32
CA ILE B 965 8.84 -45.64 86.11
C ILE B 965 8.98 -47.15 85.91
N MET B 966 9.52 -47.84 86.90
CA MET B 966 9.77 -49.27 86.73
C MET B 966 8.44 -50.02 86.68
N GLU B 967 7.48 -49.56 87.47
CA GLU B 967 6.11 -50.08 87.45
C GLU B 967 5.50 -49.92 86.05
N ALA B 968 5.73 -48.78 85.42
CA ALA B 968 5.19 -48.53 84.10
C ALA B 968 5.84 -49.44 83.05
N ALA B 969 7.17 -49.42 82.97
CA ALA B 969 7.88 -50.33 82.09
C ALA B 969 7.37 -51.75 82.22
N LEU B 970 7.25 -52.24 83.45
CA LEU B 970 6.87 -53.63 83.69
C LEU B 970 5.47 -53.93 83.15
N GLU B 971 4.51 -53.04 83.42
CA GLU B 971 3.17 -53.26 82.93
C GLU B 971 3.07 -53.04 81.43
N ALA B 972 3.85 -52.10 80.89
CA ALA B 972 3.85 -51.91 79.44
C ALA B 972 4.30 -53.18 78.74
N CYS B 973 5.45 -53.71 79.16
CA CYS B 973 5.94 -54.99 78.70
C CYS B 973 4.86 -56.05 78.82
N ARG B 974 4.22 -56.10 79.99
CA ARG B 974 3.17 -57.07 80.18
C ARG B 974 2.06 -56.89 79.14
N LEU B 975 1.71 -55.65 78.80
CA LEU B 975 0.58 -55.42 77.90
C LEU B 975 0.91 -55.72 76.44
N ARG B 976 2.17 -55.54 76.07
CA ARG B 976 2.58 -55.72 74.68
C ARG B 976 3.12 -57.11 74.40
N LEU B 977 3.30 -57.95 75.42
CA LEU B 977 3.94 -59.24 75.15
C LEU B 977 3.10 -60.09 74.18
N ARG B 978 1.78 -60.18 74.40
CA ARG B 978 0.96 -61.02 73.53
C ARG B 978 0.95 -60.54 72.06
N PRO B 979 0.57 -59.29 71.73
CA PRO B 979 0.60 -58.88 70.31
C PRO B 979 1.97 -59.07 69.66
N ILE B 980 3.06 -58.76 70.37
CA ILE B 980 4.39 -58.94 69.83
C ILE B 980 4.66 -60.41 69.52
N VAL B 981 4.33 -61.30 70.46
CA VAL B 981 4.58 -62.71 70.24
C VAL B 981 3.67 -63.24 69.13
N MET B 982 2.46 -62.71 68.98
CA MET B 982 1.59 -63.20 67.91
C MET B 982 2.15 -62.86 66.54
N THR B 983 2.61 -61.64 66.35
CA THR B 983 3.14 -61.31 65.02
C THR B 983 4.44 -62.06 64.77
N SER B 984 5.28 -62.17 65.78
CA SER B 984 6.52 -62.89 65.55
C SER B 984 6.29 -64.37 65.24
N ILE B 985 5.27 -64.98 65.86
CA ILE B 985 4.91 -66.36 65.54
C ILE B 985 4.46 -66.46 64.09
N ALA B 986 3.51 -65.63 63.68
CA ALA B 986 3.01 -65.65 62.31
C ALA B 986 4.13 -65.41 61.29
N PHE B 987 5.12 -64.58 61.63
CA PHE B 987 6.24 -64.33 60.73
C PHE B 987 7.10 -65.56 60.58
N ILE B 988 7.46 -66.16 61.70
CA ILE B 988 8.36 -67.29 61.67
C ILE B 988 7.75 -68.41 60.83
N ALA B 989 6.47 -68.72 61.08
CA ALA B 989 5.78 -69.73 60.29
C ALA B 989 5.87 -69.39 58.79
N GLY B 990 5.64 -68.14 58.43
CA GLY B 990 5.70 -67.72 57.03
C GLY B 990 7.04 -67.94 56.35
N THR B 991 8.12 -68.03 57.13
CA THR B 991 9.45 -68.24 56.57
C THR B 991 9.77 -69.72 56.33
N ILE B 992 8.98 -70.63 56.88
CA ILE B 992 9.23 -72.07 56.69
C ILE B 992 9.06 -72.47 55.22
N PRO B 993 8.00 -72.04 54.51
CA PRO B 993 7.93 -72.33 53.07
C PRO B 993 9.10 -71.76 52.28
N LEU B 994 9.74 -70.71 52.77
CA LEU B 994 10.86 -70.12 52.05
C LEU B 994 12.17 -70.82 52.37
N ILE B 995 12.44 -71.07 53.65
CA ILE B 995 13.69 -71.72 54.02
C ILE B 995 13.73 -73.15 53.47
N LEU B 996 12.59 -73.83 53.47
CA LEU B 996 12.47 -75.16 52.90
C LEU B 996 12.16 -75.06 51.40
N GLY B 997 12.70 -76.00 50.62
CA GLY B 997 12.55 -75.98 49.18
C GLY B 997 13.30 -74.83 48.51
N HIS B 998 13.03 -74.67 47.21
CA HIS B 998 12.16 -75.53 46.42
C HIS B 998 12.57 -75.54 44.96
N GLY B 999 11.68 -75.07 44.09
CA GLY B 999 11.93 -75.09 42.66
C GLY B 999 12.38 -73.78 42.06
N ALA B 1000 11.44 -72.99 41.53
CA ALA B 1000 11.74 -71.72 40.89
C ALA B 1000 11.68 -70.58 41.90
N GLY B 1001 12.56 -69.60 41.69
CA GLY B 1001 12.72 -68.53 42.66
C GLY B 1001 13.27 -68.98 43.99
N ALA B 1002 13.91 -70.16 44.04
CA ALA B 1002 14.35 -70.71 45.32
C ALA B 1002 15.52 -69.95 45.91
N GLU B 1003 16.34 -69.35 45.06
CA GLU B 1003 17.52 -68.63 45.53
C GLU B 1003 17.11 -67.40 46.35
N VAL B 1004 16.27 -66.53 45.76
CA VAL B 1004 15.72 -65.37 46.47
C VAL B 1004 14.85 -65.81 47.66
N ARG B 1005 14.06 -66.86 47.48
CA ARG B 1005 13.24 -67.35 48.57
C ARG B 1005 14.09 -67.75 49.76
N GLY B 1006 15.22 -68.44 49.49
CA GLY B 1006 16.03 -68.96 50.57
C GLY B 1006 16.75 -67.86 51.34
N VAL B 1007 17.41 -66.96 50.60
CA VAL B 1007 18.18 -65.91 51.24
C VAL B 1007 17.28 -65.07 52.12
N THR B 1008 16.06 -64.79 51.65
CA THR B 1008 15.20 -63.89 52.42
C THR B 1008 14.55 -64.61 53.59
N GLY B 1009 14.18 -65.88 53.41
CA GLY B 1009 13.69 -66.68 54.52
C GLY B 1009 14.66 -66.73 55.68
N ILE B 1010 15.93 -67.02 55.39
CA ILE B 1010 16.97 -67.01 56.42
C ILE B 1010 17.09 -65.64 57.07
N THR B 1011 17.21 -64.57 56.26
CA THR B 1011 17.27 -63.21 56.79
C THR B 1011 16.12 -62.93 57.76
N VAL B 1012 14.89 -63.29 57.37
CA VAL B 1012 13.74 -62.88 58.17
C VAL B 1012 13.59 -63.78 59.39
N PHE B 1013 13.89 -65.08 59.25
CA PHE B 1013 13.84 -65.97 60.42
C PHE B 1013 14.80 -65.52 61.51
N SER B 1014 16.07 -65.27 61.15
CA SER B 1014 17.02 -64.82 62.17
C SER B 1014 16.63 -63.45 62.69
N GLY B 1015 16.31 -62.53 61.76
CA GLY B 1015 15.88 -61.21 62.16
C GLY B 1015 14.73 -61.23 63.17
N MET B 1016 13.74 -62.09 62.95
CA MET B 1016 12.55 -62.01 63.78
C MET B 1016 12.81 -62.46 65.19
N LEU B 1017 13.70 -63.45 65.36
CA LEU B 1017 14.12 -63.83 66.70
C LEU B 1017 14.72 -62.65 67.43
N GLY B 1018 15.56 -61.88 66.72
CA GLY B 1018 16.11 -60.66 67.29
C GLY B 1018 15.04 -59.62 67.57
N VAL B 1019 14.09 -59.45 66.64
CA VAL B 1019 13.03 -58.46 66.83
C VAL B 1019 12.27 -58.76 68.12
N THR B 1020 11.89 -60.03 68.30
CA THR B 1020 11.16 -60.42 69.49
C THR B 1020 12.01 -60.29 70.75
N LEU B 1021 13.22 -60.85 70.73
CA LEU B 1021 13.99 -60.95 71.97
C LEU B 1021 14.47 -59.57 72.43
N PHE B 1022 15.08 -58.80 71.54
CA PHE B 1022 15.56 -57.48 71.93
C PHE B 1022 14.42 -56.52 72.17
N GLY B 1023 13.35 -56.59 71.36
CA GLY B 1023 12.20 -55.77 71.65
C GLY B 1023 11.68 -56.00 73.06
N LEU B 1024 11.54 -57.27 73.44
CA LEU B 1024 10.92 -57.59 74.70
C LEU B 1024 11.85 -57.36 75.87
N PHE B 1025 13.17 -57.42 75.67
CA PHE B 1025 14.05 -57.30 76.81
C PHE B 1025 14.89 -56.05 76.80
N LEU B 1026 15.23 -55.53 75.63
CA LEU B 1026 16.10 -54.36 75.63
C LEU B 1026 15.34 -53.05 75.75
N THR B 1027 14.15 -52.95 75.13
CA THR B 1027 13.36 -51.72 75.20
C THR B 1027 13.04 -51.31 76.65
N PRO B 1028 12.51 -52.18 77.51
CA PRO B 1028 12.23 -51.72 78.90
C PRO B 1028 13.47 -51.18 79.59
N VAL B 1029 14.62 -51.81 79.33
CA VAL B 1029 15.89 -51.39 79.92
C VAL B 1029 16.28 -49.98 79.48
N PHE B 1030 16.24 -49.73 78.16
CA PHE B 1030 16.56 -48.38 77.68
C PHE B 1030 15.55 -47.35 78.18
N TYR B 1031 14.29 -47.74 78.34
CA TYR B 1031 13.27 -46.81 78.77
C TYR B 1031 13.51 -46.38 80.21
N VAL B 1032 13.71 -47.35 81.10
CA VAL B 1032 13.96 -47.00 82.50
C VAL B 1032 15.24 -46.21 82.61
N THR B 1033 16.26 -46.58 81.83
CA THR B 1033 17.53 -45.85 81.87
C THR B 1033 17.33 -44.40 81.42
N LEU B 1034 16.62 -44.19 80.32
CA LEU B 1034 16.45 -42.82 79.84
C LEU B 1034 15.56 -42.01 80.77
N ARG B 1035 14.60 -42.63 81.44
CA ARG B 1035 13.71 -41.90 82.35
C ARG B 1035 14.43 -41.52 83.63
N LYS B 1036 15.19 -42.47 84.21
CA LYS B 1036 16.03 -42.18 85.37
C LYS B 1036 17.03 -41.08 85.06
N LEU B 1037 17.52 -41.04 83.83
CA LEU B 1037 18.51 -40.05 83.43
C LEU B 1037 17.94 -38.64 83.37
N VAL B 1038 16.62 -38.50 83.20
CA VAL B 1038 16.01 -37.18 83.15
C VAL B 1038 15.29 -36.82 84.43
N THR B 1039 15.27 -37.71 85.42
CA THR B 1039 14.64 -37.43 86.70
C THR B 1039 15.54 -37.84 87.86
N ARG B 1040 16.85 -37.59 87.75
CA ARG B 1040 17.79 -38.14 88.73
C ARG B 1040 17.59 -37.51 90.11
N ARG B 1041 17.85 -38.32 91.14
CA ARG B 1041 17.85 -37.83 92.52
C ARG B 1041 18.99 -36.84 92.71
N LYS B 1042 18.70 -35.74 93.40
CA LYS B 1042 17.38 -35.45 93.98
C LYS B 1042 16.55 -34.57 93.03
N MET C 1 -26.48 -31.93 59.96
CA MET C 1 -25.37 -30.99 60.19
C MET C 1 -25.49 -29.78 59.27
N ASP C 2 -25.11 -28.61 59.79
CA ASP C 2 -25.14 -27.34 59.04
C ASP C 2 -23.72 -27.00 58.57
N PHE C 3 -23.32 -27.61 57.43
CA PHE C 3 -22.02 -27.28 56.87
C PHE C 3 -21.92 -25.82 56.44
N SER C 4 -23.03 -25.08 56.41
CA SER C 4 -23.04 -23.71 55.90
C SER C 4 -23.02 -22.69 57.03
N ARG C 5 -22.99 -23.17 58.29
CA ARG C 5 -23.22 -22.31 59.43
C ARG C 5 -22.34 -21.07 59.37
N PHE C 6 -21.04 -21.29 59.19
CA PHE C 6 -20.09 -20.18 59.23
C PHE C 6 -20.40 -19.16 58.17
N PHE C 7 -20.75 -19.61 56.96
CA PHE C 7 -20.98 -18.72 55.85
C PHE C 7 -22.29 -17.98 56.00
N ILE C 8 -23.31 -18.70 56.48
CA ILE C 8 -24.59 -18.04 56.77
C ILE C 8 -24.39 -16.91 57.76
N ASP C 9 -23.59 -17.15 58.79
CA ASP C 9 -23.41 -16.14 59.83
C ASP C 9 -22.38 -15.09 59.46
N ARG C 10 -21.52 -15.34 58.47
CA ARG C 10 -20.52 -14.36 58.05
C ARG C 10 -20.57 -14.27 56.54
N PRO C 11 -21.65 -13.70 56.00
CA PRO C 11 -21.89 -13.80 54.54
C PRO C 11 -20.78 -13.15 53.73
N ILE C 12 -19.99 -12.25 54.31
CA ILE C 12 -18.94 -11.67 53.44
C ILE C 12 -17.87 -12.71 53.09
N PHE C 13 -17.64 -13.70 53.96
CA PHE C 13 -16.73 -14.77 53.61
C PHE C 13 -17.24 -15.56 52.43
N ALA C 14 -18.56 -15.71 52.36
CA ALA C 14 -19.14 -16.42 51.23
C ALA C 14 -18.99 -15.60 49.97
N ALA C 15 -19.28 -14.28 50.07
CA ALA C 15 -19.12 -13.43 48.92
C ALA C 15 -17.69 -13.49 48.38
N VAL C 16 -16.72 -13.33 49.29
CA VAL C 16 -15.31 -13.30 48.89
C VAL C 16 -14.93 -14.61 48.21
N LEU C 17 -15.30 -15.77 48.77
CA LEU C 17 -14.97 -17.04 48.11
C LEU C 17 -15.55 -17.11 46.69
N SER C 18 -16.83 -16.72 46.52
CA SER C 18 -17.47 -16.77 45.19
C SER C 18 -16.82 -15.81 44.21
N ILE C 19 -16.49 -14.58 44.67
CA ILE C 19 -15.80 -13.63 43.79
C ILE C 19 -14.45 -14.17 43.35
N LEU C 20 -13.71 -14.76 44.29
CA LEU C 20 -12.41 -15.37 43.93
C LEU C 20 -12.57 -16.44 42.86
N ILE C 21 -13.54 -17.35 43.06
CA ILE C 21 -13.82 -18.38 42.06
C ILE C 21 -14.14 -17.71 40.72
N PHE C 22 -15.03 -16.72 40.74
CA PHE C 22 -15.45 -16.01 39.54
C PHE C 22 -14.25 -15.36 38.83
N ILE C 23 -13.46 -14.64 39.60
CA ILE C 23 -12.29 -13.91 39.11
C ILE C 23 -11.29 -14.84 38.46
N THR C 24 -11.03 -15.98 39.07
CA THR C 24 -10.04 -16.87 38.50
C THR C 24 -10.58 -17.52 37.22
N GLY C 25 -11.88 -17.76 37.14
CA GLY C 25 -12.48 -18.21 35.89
C GLY C 25 -12.33 -17.16 34.80
N LEU C 26 -12.51 -15.88 35.17
CA LEU C 26 -12.37 -14.84 34.16
C LEU C 26 -10.96 -14.75 33.66
N ILE C 27 -9.98 -14.82 34.58
CA ILE C 27 -8.58 -14.76 34.17
C ILE C 27 -8.28 -15.90 33.20
N ALA C 28 -8.87 -17.06 33.45
CA ALA C 28 -8.52 -18.27 32.72
C ALA C 28 -9.10 -18.27 31.32
N ILE C 29 -10.27 -17.63 31.13
CA ILE C 29 -10.94 -17.69 29.82
C ILE C 29 -9.97 -17.34 28.67
N PRO C 30 -9.31 -16.18 28.66
CA PRO C 30 -8.50 -15.89 27.44
C PRO C 30 -7.20 -16.68 27.35
N LEU C 31 -6.83 -17.45 28.38
CA LEU C 31 -5.69 -18.35 28.30
C LEU C 31 -6.04 -19.71 27.69
N LEU C 32 -7.31 -20.04 27.50
CA LEU C 32 -7.68 -21.37 27.04
C LEU C 32 -7.41 -21.48 25.53
N PRO C 33 -6.82 -22.59 25.07
CA PRO C 33 -6.79 -22.85 23.62
C PRO C 33 -8.23 -22.91 23.12
N VAL C 34 -8.43 -22.65 21.84
CA VAL C 34 -9.76 -22.59 21.25
C VAL C 34 -9.73 -23.33 19.90
N SER C 35 -10.63 -24.30 19.72
CA SER C 35 -10.73 -25.01 18.44
C SER C 35 -12.12 -25.61 18.31
N GLU C 36 -12.48 -26.08 17.11
CA GLU C 36 -13.80 -26.68 16.98
C GLU C 36 -13.90 -27.95 17.82
N TYR C 37 -12.87 -28.77 17.81
CA TYR C 37 -12.95 -30.09 18.44
C TYR C 37 -11.70 -30.24 19.27
N PRO C 38 -11.68 -31.16 20.27
CA PRO C 38 -10.42 -31.60 20.88
C PRO C 38 -9.55 -32.26 19.82
N ASP C 39 -8.31 -32.51 20.18
CA ASP C 39 -7.32 -33.12 19.27
C ASP C 39 -7.67 -34.58 19.13
N VAL C 40 -8.31 -34.98 18.03
CA VAL C 40 -8.66 -36.38 17.83
C VAL C 40 -8.09 -36.98 16.55
N VAL C 41 -7.47 -36.20 15.68
CA VAL C 41 -6.95 -36.80 14.44
C VAL C 41 -5.59 -37.44 14.75
N PRO C 42 -5.39 -38.70 14.39
CA PRO C 42 -4.10 -39.36 14.63
C PRO C 42 -2.95 -38.60 13.96
N PRO C 43 -1.81 -38.45 14.64
CA PRO C 43 -0.72 -37.68 14.07
C PRO C 43 -0.21 -38.38 12.82
N SER C 44 0.19 -37.59 11.88
CA SER C 44 0.74 -38.22 10.68
C SER C 44 1.93 -37.41 10.18
N VAL C 45 2.76 -38.10 9.39
CA VAL C 45 4.00 -37.52 8.89
C VAL C 45 4.00 -37.84 7.39
N GLN C 46 4.24 -36.84 6.53
CA GLN C 46 4.25 -37.06 5.07
C GLN C 46 5.67 -36.97 4.57
N VAL C 47 6.07 -37.95 3.75
CA VAL C 47 7.35 -37.99 3.08
C VAL C 47 7.06 -37.75 1.60
N ARG C 48 7.68 -36.73 0.98
CA ARG C 48 7.41 -36.39 -0.41
C ARG C 48 8.70 -36.48 -1.22
N ALA C 49 8.58 -37.07 -2.40
CA ALA C 49 9.75 -37.25 -3.30
C ALA C 49 9.22 -37.04 -4.71
N GLU C 50 10.14 -36.81 -5.65
CA GLU C 50 9.69 -36.50 -7.00
C GLU C 50 10.72 -37.09 -7.94
N TYR C 51 10.21 -37.75 -8.98
CA TYR C 51 10.99 -38.46 -9.99
C TYR C 51 10.45 -38.05 -11.34
N PRO C 52 10.87 -36.91 -11.85
CA PRO C 52 10.19 -36.34 -13.02
C PRO C 52 10.20 -37.29 -14.19
N GLY C 53 9.00 -37.50 -14.77
CA GLY C 53 8.78 -38.35 -15.91
C GLY C 53 8.59 -39.80 -15.58
N ALA C 54 8.82 -40.22 -14.33
CA ALA C 54 8.86 -41.68 -14.10
C ALA C 54 7.40 -42.21 -14.03
N ASN C 55 7.19 -43.43 -14.53
CA ASN C 55 5.86 -44.05 -14.46
C ASN C 55 5.49 -44.30 -12.98
N PRO C 56 4.23 -44.15 -12.63
CA PRO C 56 3.81 -44.49 -11.25
C PRO C 56 4.31 -45.85 -10.78
N LYS C 57 4.38 -46.85 -11.69
CA LYS C 57 4.89 -48.17 -11.31
C LYS C 57 6.37 -48.09 -10.93
N VAL C 58 7.15 -47.26 -11.63
CA VAL C 58 8.58 -47.15 -11.29
C VAL C 58 8.76 -46.39 -9.98
N ILE C 59 7.97 -45.34 -9.79
CA ILE C 59 7.99 -44.64 -8.51
C ILE C 59 7.65 -45.57 -7.36
N ALA C 60 6.64 -46.41 -7.55
CA ALA C 60 6.26 -47.32 -6.45
C ALA C 60 7.37 -48.34 -6.17
N GLU C 61 8.02 -48.86 -7.23
CA GLU C 61 8.98 -49.97 -7.10
C GLU C 61 10.33 -49.47 -6.61
N THR C 62 10.75 -48.28 -7.03
CA THR C 62 12.11 -47.86 -6.79
C THR C 62 12.18 -46.67 -5.84
N VAL C 63 11.04 -46.09 -5.43
CA VAL C 63 11.14 -44.98 -4.52
C VAL C 63 10.30 -45.28 -3.29
N ALA C 64 9.02 -45.60 -3.52
CA ALA C 64 8.12 -45.84 -2.37
C ALA C 64 8.55 -47.13 -1.65
N THR C 65 8.93 -48.17 -2.41
CA THR C 65 9.29 -49.43 -1.78
C THR C 65 10.50 -49.28 -0.85
N PRO C 66 11.65 -48.78 -1.30
CA PRO C 66 12.77 -48.62 -0.31
C PRO C 66 12.44 -47.68 0.85
N LEU C 67 11.71 -46.58 0.63
CA LEU C 67 11.31 -45.71 1.75
C LEU C 67 10.50 -46.49 2.78
N GLU C 68 9.50 -47.25 2.31
CA GLU C 68 8.68 -48.03 3.23
C GLU C 68 9.50 -49.08 3.95
N GLU C 69 10.46 -49.71 3.23
CA GLU C 69 11.32 -50.68 3.89
C GLU C 69 12.07 -50.06 5.05
N ALA C 70 12.51 -48.80 4.89
CA ALA C 70 13.27 -48.12 5.93
C ALA C 70 12.35 -47.70 7.07
N ILE C 71 11.16 -47.23 6.74
CA ILE C 71 10.26 -46.66 7.74
C ILE C 71 9.64 -47.75 8.61
N ASN C 72 9.28 -48.86 7.99
CA ASN C 72 8.69 -50.01 8.66
C ASN C 72 9.40 -50.26 10.01
N GLY C 73 8.61 -50.33 11.07
CA GLY C 73 9.17 -50.55 12.40
C GLY C 73 9.28 -49.32 13.27
N VAL C 74 9.06 -48.11 12.73
CA VAL C 74 9.13 -46.93 13.57
C VAL C 74 8.06 -47.05 14.68
N GLU C 75 8.43 -46.68 15.90
CA GLU C 75 7.54 -46.84 17.06
C GLU C 75 6.21 -46.14 16.91
N ASN C 76 5.15 -46.78 17.41
CA ASN C 76 3.80 -46.27 17.49
C ASN C 76 3.14 -46.06 16.14
N MET C 77 3.72 -46.58 15.06
CA MET C 77 3.07 -46.44 13.76
C MET C 77 1.81 -47.31 13.69
N MET C 78 0.69 -46.75 13.21
CA MET C 78 -0.51 -47.56 12.98
C MET C 78 -0.51 -48.15 11.57
N TYR C 79 -0.19 -47.35 10.56
CA TYR C 79 -0.20 -47.83 9.18
C TYR C 79 0.52 -46.81 8.35
N MET C 80 0.75 -47.16 7.09
CA MET C 80 1.48 -46.26 6.20
C MET C 80 0.97 -46.51 4.79
N LYS C 81 0.85 -45.46 4.00
CA LYS C 81 0.40 -45.63 2.62
C LYS C 81 1.29 -44.79 1.73
N SER C 82 1.43 -45.22 0.46
CA SER C 82 2.21 -44.48 -0.54
C SER C 82 1.32 -44.27 -1.74
N VAL C 83 1.39 -43.09 -2.35
CA VAL C 83 0.58 -42.78 -3.50
C VAL C 83 1.54 -42.16 -4.52
N ALA C 84 1.72 -42.83 -5.66
CA ALA C 84 2.68 -42.43 -6.68
C ALA C 84 1.89 -42.04 -7.92
N GLY C 85 2.04 -40.79 -8.41
CA GLY C 85 1.26 -40.34 -9.55
C GLY C 85 2.06 -40.01 -10.82
N SER C 86 1.31 -39.84 -11.91
CA SER C 86 1.95 -39.52 -13.20
C SER C 86 2.45 -38.08 -13.23
N ASP C 87 2.22 -37.32 -12.17
CA ASP C 87 2.93 -36.05 -12.11
C ASP C 87 4.37 -36.26 -11.63
N GLY C 88 4.77 -37.52 -11.41
CA GLY C 88 6.09 -37.79 -10.89
C GLY C 88 6.25 -37.65 -9.39
N VAL C 89 5.18 -37.42 -8.63
CA VAL C 89 5.32 -37.12 -7.19
C VAL C 89 4.90 -38.35 -6.40
N LEU C 90 5.69 -38.71 -5.38
CA LEU C 90 5.34 -39.72 -4.39
C LEU C 90 4.95 -38.99 -3.09
N VAL C 91 3.82 -39.37 -2.52
CA VAL C 91 3.48 -38.95 -1.12
C VAL C 91 3.31 -40.21 -0.30
N THR C 92 4.11 -40.34 0.74
CA THR C 92 4.01 -41.50 1.63
C THR C 92 3.53 -40.93 2.98
N THR C 93 2.46 -41.44 3.47
CA THR C 93 1.83 -40.86 4.69
C THR C 93 1.96 -41.93 5.75
N VAL C 94 2.63 -41.59 6.86
CA VAL C 94 2.85 -42.48 7.99
C VAL C 94 1.97 -41.96 9.14
N THR C 95 1.06 -42.80 9.61
CA THR C 95 0.13 -42.44 10.67
C THR C 95 0.46 -43.17 11.95
N PHE C 96 0.35 -42.44 13.08
CA PHE C 96 0.81 -42.94 14.36
C PHE C 96 -0.37 -43.04 15.35
N ARG C 97 -0.20 -43.87 16.39
CA ARG C 97 -1.29 -44.08 17.35
C ARG C 97 -1.69 -42.75 17.99
N PRO C 98 -2.99 -42.54 18.24
CA PRO C 98 -3.43 -41.40 19.07
C PRO C 98 -2.63 -41.28 20.35
N GLY C 99 -2.24 -40.06 20.66
CA GLY C 99 -1.39 -39.78 21.80
C GLY C 99 0.09 -39.79 21.51
N THR C 100 0.52 -40.24 20.33
CA THR C 100 1.92 -40.16 19.96
C THR C 100 2.34 -38.70 19.88
N ASP C 101 3.51 -38.40 20.40
CA ASP C 101 4.05 -37.06 20.21
C ASP C 101 4.39 -36.83 18.74
N PRO C 102 3.80 -35.84 18.06
CA PRO C 102 4.02 -35.74 16.60
C PRO C 102 5.41 -35.26 16.28
N ASP C 103 6.03 -34.56 17.21
CA ASP C 103 7.43 -34.17 17.01
C ASP C 103 8.32 -35.38 17.11
N GLN C 104 8.01 -36.31 17.99
CA GLN C 104 8.79 -37.54 18.06
C GLN C 104 8.58 -38.40 16.79
N ALA C 105 7.31 -38.57 16.37
CA ALA C 105 7.02 -39.25 15.10
C ALA C 105 7.83 -38.63 13.96
N GLN C 106 7.79 -37.32 13.84
CA GLN C 106 8.54 -36.65 12.77
C GLN C 106 10.01 -37.05 12.73
N VAL C 107 10.68 -37.00 13.88
CA VAL C 107 12.13 -37.22 13.88
C VAL C 107 12.45 -38.69 13.63
N GLN C 108 11.61 -39.61 14.10
CA GLN C 108 11.90 -41.01 13.82
C GLN C 108 11.75 -41.31 12.33
N VAL C 109 10.70 -40.75 11.70
CA VAL C 109 10.52 -40.94 10.25
C VAL C 109 11.66 -40.26 9.49
N GLN C 110 12.07 -39.06 9.91
CA GLN C 110 13.16 -38.42 9.16
C GLN C 110 14.48 -39.23 9.30
N ASN C 111 14.72 -39.93 10.42
CA ASN C 111 15.87 -40.83 10.56
C ASN C 111 15.80 -42.00 9.61
N ARG C 112 14.60 -42.61 9.47
CA ARG C 112 14.47 -43.71 8.52
C ARG C 112 14.61 -43.22 7.09
N VAL C 113 14.08 -42.02 6.78
CA VAL C 113 14.23 -41.52 5.41
C VAL C 113 15.70 -41.37 5.05
N ALA C 114 16.46 -40.79 5.98
CA ALA C 114 17.90 -40.60 5.78
C ALA C 114 18.60 -41.89 5.48
N GLN C 115 18.20 -42.96 6.16
CA GLN C 115 18.80 -44.25 5.95
C GLN C 115 18.45 -44.83 4.58
N ALA C 116 17.28 -44.50 4.02
CA ALA C 116 16.89 -44.99 2.70
C ALA C 116 17.42 -44.13 1.56
N GLU C 117 17.86 -42.92 1.85
CA GLU C 117 18.09 -41.96 0.78
C GLU C 117 19.13 -42.48 -0.21
N ALA C 118 20.13 -43.20 0.31
CA ALA C 118 21.13 -43.84 -0.56
C ALA C 118 20.50 -44.88 -1.50
N ARG C 119 19.37 -45.50 -1.12
CA ARG C 119 18.70 -46.47 -2.01
C ARG C 119 17.99 -45.79 -3.19
N LEU C 120 17.86 -44.44 -3.19
CA LEU C 120 16.89 -43.85 -4.09
C LEU C 120 17.51 -43.53 -5.46
N PRO C 121 16.69 -43.37 -6.51
CA PRO C 121 17.26 -43.04 -7.82
C PRO C 121 17.93 -41.68 -7.78
N GLU C 122 19.01 -41.54 -8.56
CA GLU C 122 19.82 -40.33 -8.50
C GLU C 122 18.98 -39.08 -8.75
N ASP C 123 18.07 -39.12 -9.71
CA ASP C 123 17.30 -37.90 -9.97
C ASP C 123 16.36 -37.55 -8.81
N VAL C 124 15.87 -38.57 -8.10
CA VAL C 124 15.08 -38.31 -6.87
C VAL C 124 15.96 -37.64 -5.84
N ARG C 125 17.20 -38.16 -5.64
CA ARG C 125 18.07 -37.58 -4.64
C ARG C 125 18.45 -36.17 -4.99
N ARG C 126 18.61 -35.90 -6.30
CA ARG C 126 19.05 -34.55 -6.70
C ARG C 126 17.98 -33.49 -6.41
N LEU C 127 16.71 -33.86 -6.58
CA LEU C 127 15.62 -32.94 -6.21
C LEU C 127 15.44 -32.82 -4.72
N GLY C 128 15.71 -33.89 -4.00
CA GLY C 128 15.60 -33.79 -2.56
C GLY C 128 14.26 -34.30 -2.06
N ILE C 129 14.27 -34.90 -0.91
CA ILE C 129 13.07 -35.43 -0.28
C ILE C 129 12.75 -34.64 0.98
N THR C 130 11.45 -34.60 1.35
CA THR C 130 11.04 -33.82 2.52
C THR C 130 10.25 -34.73 3.45
N THR C 131 10.33 -34.44 4.75
CA THR C 131 9.60 -35.21 5.76
C THR C 131 8.97 -34.15 6.63
N GLN C 132 7.64 -34.18 6.76
CA GLN C 132 6.93 -33.10 7.41
C GLN C 132 5.74 -33.61 8.24
N LYS C 133 5.72 -33.33 9.54
CA LYS C 133 4.55 -33.71 10.32
C LYS C 133 3.38 -32.85 9.87
N GLN C 134 2.19 -33.43 9.89
CA GLN C 134 1.01 -32.77 9.38
C GLN C 134 0.24 -32.07 10.51
N SER C 135 -0.26 -30.85 10.23
CA SER C 135 -1.10 -30.09 11.16
C SER C 135 -2.54 -30.25 10.72
N PRO C 136 -3.35 -31.11 11.36
CA PRO C 136 -4.64 -31.50 10.76
C PRO C 136 -5.77 -30.48 10.92
N THR C 137 -5.61 -29.48 11.78
CA THR C 137 -6.73 -28.59 12.07
C THR C 137 -6.69 -27.33 11.19
N LEU C 138 -7.61 -27.27 10.23
CA LEU C 138 -7.73 -26.15 9.34
C LEU C 138 -8.27 -24.95 10.10
N THR C 139 -7.70 -23.78 9.85
CA THR C 139 -8.17 -22.55 10.47
C THR C 139 -8.78 -21.60 9.47
N LEU C 140 -8.19 -21.46 8.28
CA LEU C 140 -8.70 -20.49 7.32
C LEU C 140 -8.23 -20.91 5.92
N VAL C 141 -9.08 -20.76 4.91
CA VAL C 141 -8.65 -20.85 3.48
C VAL C 141 -8.58 -19.44 2.92
N VAL C 142 -7.49 -19.09 2.27
CA VAL C 142 -7.33 -17.77 1.65
C VAL C 142 -6.98 -18.02 0.19
N HIS C 143 -7.60 -17.26 -0.74
CA HIS C 143 -7.21 -17.37 -2.16
C HIS C 143 -6.69 -16.01 -2.62
N LEU C 144 -5.73 -16.00 -3.51
CA LEU C 144 -5.47 -14.82 -4.34
C LEU C 144 -6.11 -15.11 -5.71
N PHE C 145 -6.58 -14.06 -6.37
CA PHE C 145 -7.22 -14.26 -7.68
C PHE C 145 -7.22 -12.94 -8.44
N SER C 146 -7.49 -13.04 -9.73
CA SER C 146 -7.41 -11.90 -10.61
C SER C 146 -8.77 -11.77 -11.31
N PRO C 147 -9.57 -10.78 -10.95
CA PRO C 147 -10.91 -10.68 -11.58
C PRO C 147 -10.91 -10.48 -13.10
N ASN C 148 -10.07 -9.59 -13.63
CA ASN C 148 -10.05 -9.25 -15.05
C ASN C 148 -9.18 -10.21 -15.85
N GLY C 149 -8.41 -11.07 -15.18
CA GLY C 149 -7.50 -11.95 -15.90
C GLY C 149 -6.12 -11.39 -16.19
N LYS C 150 -5.73 -10.29 -15.58
CA LYS C 150 -4.43 -9.74 -15.88
C LYS C 150 -3.29 -10.66 -15.38
N TYR C 151 -3.54 -11.48 -14.37
CA TYR C 151 -2.52 -12.34 -13.79
C TYR C 151 -3.06 -13.75 -13.82
N ASP C 152 -2.20 -14.73 -14.04
CA ASP C 152 -2.66 -16.09 -14.07
C ASP C 152 -2.23 -16.79 -12.79
N SER C 153 -2.66 -18.05 -12.64
CA SER C 153 -2.32 -18.79 -11.44
C SER C 153 -0.81 -18.90 -11.20
N LEU C 154 0.00 -19.05 -12.27
CA LEU C 154 1.46 -19.11 -12.09
C LEU C 154 1.97 -17.86 -11.41
N TYR C 155 1.58 -16.69 -11.94
CA TYR C 155 1.99 -15.44 -11.31
C TYR C 155 1.52 -15.40 -9.86
N MET C 156 0.27 -15.74 -9.62
CA MET C 156 -0.26 -15.53 -8.27
C MET C 156 0.32 -16.54 -7.27
N ARG C 157 0.47 -17.78 -7.69
CA ARG C 157 1.08 -18.73 -6.76
C ARG C 157 2.47 -18.25 -6.35
N ASN C 158 3.29 -17.81 -7.33
CA ASN C 158 4.63 -17.34 -6.98
C ASN C 158 4.59 -16.01 -6.23
N TYR C 159 3.55 -15.19 -6.44
CA TYR C 159 3.42 -14.03 -5.57
C TYR C 159 3.23 -14.48 -4.13
N ALA C 160 2.35 -15.48 -3.91
CA ALA C 160 2.13 -16.00 -2.56
C ALA C 160 3.41 -16.56 -1.96
N THR C 161 4.18 -17.29 -2.77
CA THR C 161 5.45 -17.86 -2.28
C THR C 161 6.45 -16.76 -1.93
N LEU C 162 6.58 -15.74 -2.79
CA LEU C 162 7.55 -14.66 -2.56
C LEU C 162 7.11 -13.70 -1.46
N LYS C 163 5.83 -13.38 -1.38
CA LYS C 163 5.44 -12.28 -0.51
C LYS C 163 4.43 -12.61 0.59
N VAL C 164 3.77 -13.75 0.56
CA VAL C 164 2.68 -14.00 1.48
C VAL C 164 3.03 -15.11 2.47
N LYS C 165 3.48 -16.24 1.95
CA LYS C 165 3.54 -17.47 2.78
C LYS C 165 4.40 -17.29 4.04
N ASP C 166 5.62 -16.73 3.87
CA ASP C 166 6.54 -16.59 5.02
C ASP C 166 6.00 -15.60 6.06
N GLU C 167 5.26 -14.57 5.62
CA GLU C 167 4.59 -13.66 6.53
C GLU C 167 3.49 -14.38 7.31
N LEU C 168 2.73 -15.23 6.65
CA LEU C 168 1.71 -15.96 7.40
C LEU C 168 2.36 -16.97 8.35
N ALA C 169 3.43 -17.63 7.92
CA ALA C 169 4.01 -18.72 8.70
C ALA C 169 4.60 -18.22 10.01
N ARG C 170 4.86 -16.90 10.14
CA ARG C 170 5.41 -16.30 11.33
C ARG C 170 4.33 -15.99 12.33
N LEU C 171 3.08 -16.16 11.95
CA LEU C 171 2.10 -15.74 12.94
C LEU C 171 2.00 -16.78 14.06
N PRO C 172 1.85 -16.31 15.30
CA PRO C 172 1.76 -17.24 16.43
C PRO C 172 0.54 -18.14 16.26
N GLY C 173 0.73 -19.43 16.52
CA GLY C 173 -0.38 -20.36 16.46
C GLY C 173 -0.46 -21.10 15.14
N VAL C 174 0.31 -20.69 14.14
CA VAL C 174 0.29 -21.38 12.82
C VAL C 174 1.02 -22.71 12.93
N GLY C 175 0.36 -23.78 12.51
CA GLY C 175 1.10 -25.03 12.45
C GLY C 175 1.68 -25.29 11.04
N GLN C 176 0.91 -25.00 10.01
CA GLN C 176 1.30 -25.40 8.66
C GLN C 176 0.62 -24.45 7.69
N ILE C 177 1.31 -24.15 6.60
CA ILE C 177 0.70 -23.41 5.49
C ILE C 177 0.82 -24.25 4.24
N GLN C 178 -0.29 -24.51 3.57
CA GLN C 178 -0.29 -25.32 2.36
C GLN C 178 -0.73 -24.46 1.17
N ILE C 179 -0.06 -24.61 0.05
CA ILE C 179 -0.39 -23.82 -1.12
C ILE C 179 -0.84 -24.75 -2.23
N PHE C 180 -1.97 -24.44 -2.85
CA PHE C 180 -2.58 -25.28 -3.86
C PHE C 180 -2.75 -24.53 -5.17
N GLY C 181 -2.01 -24.92 -6.17
CA GLY C 181 -2.31 -24.48 -7.51
C GLY C 181 -1.01 -24.06 -8.21
N SER C 182 -0.96 -24.29 -9.48
CA SER C 182 0.18 -24.06 -10.39
C SER C 182 1.45 -24.60 -9.70
N GLY C 183 2.62 -24.05 -9.97
CA GLY C 183 3.87 -24.63 -9.47
C GLY C 183 4.77 -23.46 -9.26
N GLU C 184 5.87 -23.68 -8.52
CA GLU C 184 6.90 -22.69 -8.45
C GLU C 184 7.42 -22.38 -9.85
N TYR C 185 7.90 -21.15 -10.04
CA TYR C 185 8.61 -20.85 -11.28
C TYR C 185 9.76 -21.84 -11.51
N ALA C 186 9.98 -22.10 -12.80
CA ALA C 186 11.17 -22.84 -13.23
C ALA C 186 11.60 -22.26 -14.56
N MET C 187 12.94 -22.23 -14.80
CA MET C 187 13.42 -21.89 -16.16
C MET C 187 13.22 -23.11 -17.02
N ARG C 188 12.35 -23.01 -18.04
CA ARG C 188 12.00 -24.14 -18.84
C ARG C 188 12.71 -24.03 -20.19
N VAL C 189 13.49 -25.02 -20.52
CA VAL C 189 14.11 -25.15 -21.85
C VAL C 189 13.30 -26.18 -22.61
N TRP C 190 12.55 -25.74 -23.61
CA TRP C 190 11.64 -26.61 -24.39
C TRP C 190 12.35 -27.00 -25.69
N LEU C 191 12.89 -28.22 -25.74
CA LEU C 191 13.79 -28.58 -26.85
C LEU C 191 12.99 -29.01 -28.07
N ASP C 192 13.57 -28.80 -29.25
CA ASP C 192 12.96 -29.35 -30.46
C ASP C 192 13.90 -30.48 -30.83
N PRO C 193 13.52 -31.73 -30.58
CA PRO C 193 14.47 -32.83 -30.81
C PRO C 193 14.97 -32.89 -32.23
N ASN C 194 14.14 -32.50 -33.20
CA ASN C 194 14.63 -32.54 -34.58
C ASN C 194 15.75 -31.53 -34.76
N LYS C 195 15.60 -30.37 -34.14
CA LYS C 195 16.65 -29.39 -34.33
C LYS C 195 17.92 -29.78 -33.57
N VAL C 196 17.76 -30.37 -32.37
CA VAL C 196 18.93 -30.85 -31.64
C VAL C 196 19.67 -31.90 -32.46
N ALA C 197 18.96 -32.89 -32.95
CA ALA C 197 19.64 -33.98 -33.63
C ALA C 197 20.16 -33.55 -35.01
N ALA C 198 19.51 -32.56 -35.65
CA ALA C 198 20.06 -31.99 -36.89
C ALA C 198 21.46 -31.46 -36.70
N ARG C 199 21.82 -31.03 -35.49
CA ARG C 199 23.18 -30.56 -35.27
C ARG C 199 24.05 -31.62 -34.67
N GLY C 200 23.63 -32.88 -34.75
CA GLY C 200 24.49 -33.92 -34.23
C GLY C 200 24.56 -33.96 -32.70
N LEU C 201 23.55 -33.41 -32.02
CA LEU C 201 23.57 -33.29 -30.55
C LEU C 201 22.58 -34.25 -29.95
N THR C 202 22.84 -34.66 -28.69
CA THR C 202 21.93 -35.48 -27.91
C THR C 202 21.31 -34.63 -26.79
N ALA C 203 20.28 -35.18 -26.22
CA ALA C 203 19.74 -34.55 -25.01
C ALA C 203 20.80 -34.44 -23.92
N SER C 204 21.63 -35.49 -23.74
CA SER C 204 22.65 -35.43 -22.70
C SER C 204 23.70 -34.34 -22.98
N ASP C 205 24.07 -34.11 -24.25
CA ASP C 205 24.92 -32.96 -24.59
C ASP C 205 24.33 -31.67 -24.07
N VAL C 206 23.03 -31.47 -24.35
CA VAL C 206 22.39 -30.22 -23.94
C VAL C 206 22.40 -30.10 -22.42
N VAL C 207 22.04 -31.17 -21.72
CA VAL C 207 22.02 -31.09 -20.26
C VAL C 207 23.43 -30.82 -19.71
N THR C 208 24.45 -31.46 -20.28
CA THR C 208 25.79 -31.23 -19.75
C THR C 208 26.22 -29.79 -19.98
N ALA C 209 25.90 -29.24 -21.15
CA ALA C 209 26.30 -27.87 -21.44
C ALA C 209 25.59 -26.89 -20.50
N MET C 210 24.31 -27.11 -20.26
CA MET C 210 23.59 -26.25 -19.32
C MET C 210 24.20 -26.31 -17.92
N GLN C 211 24.63 -27.50 -17.48
CA GLN C 211 25.20 -27.60 -16.12
C GLN C 211 26.56 -26.95 -16.03
N GLU C 212 27.35 -27.00 -17.14
CA GLU C 212 28.66 -26.40 -17.15
C GLU C 212 28.57 -24.89 -17.26
N GLN C 213 27.52 -24.35 -17.89
CA GLN C 213 27.52 -22.92 -18.15
C GLN C 213 26.55 -22.11 -17.28
N ASN C 214 25.84 -22.75 -16.38
CA ASN C 214 25.05 -22.02 -15.37
C ASN C 214 25.41 -22.61 -14.01
N VAL C 215 26.47 -22.08 -13.42
CA VAL C 215 27.06 -22.73 -12.26
C VAL C 215 27.68 -21.68 -11.36
N GLN C 216 27.64 -21.97 -10.05
CA GLN C 216 28.30 -21.23 -8.96
C GLN C 216 29.82 -21.22 -9.17
N VAL C 217 30.52 -20.05 -9.07
CA VAL C 217 32.00 -20.00 -9.16
C VAL C 217 32.65 -19.48 -7.85
N SER C 218 33.73 -20.11 -7.38
CA SER C 218 34.53 -19.55 -6.27
C SER C 218 35.75 -18.94 -6.95
N ALA C 219 35.85 -17.63 -6.93
CA ALA C 219 36.92 -16.92 -7.65
C ALA C 219 38.14 -16.64 -6.82
N GLY C 220 38.11 -16.85 -5.50
CA GLY C 220 39.31 -16.56 -4.70
C GLY C 220 39.56 -15.10 -4.34
N GLN C 221 40.80 -14.83 -3.97
CA GLN C 221 41.18 -13.48 -3.54
C GLN C 221 42.66 -13.24 -3.86
N LEU C 222 43.03 -11.97 -3.95
CA LEU C 222 44.41 -11.51 -4.00
C LEU C 222 44.86 -11.04 -2.63
N GLY C 223 46.12 -11.33 -2.27
CA GLY C 223 46.62 -10.73 -1.06
C GLY C 223 46.44 -11.56 0.20
N ALA C 224 45.89 -12.77 0.10
CA ALA C 224 45.64 -13.60 1.29
C ALA C 224 46.89 -14.40 1.64
N GLU C 225 46.92 -14.93 2.86
CA GLU C 225 48.09 -15.71 3.32
C GLU C 225 48.24 -17.00 2.51
N PRO C 226 49.44 -17.63 2.54
CA PRO C 226 50.64 -17.21 3.28
C PRO C 226 51.58 -16.39 2.42
N LEU C 227 52.12 -15.30 2.96
CA LEU C 227 53.08 -14.48 2.24
C LEU C 227 54.34 -14.28 3.08
N PRO C 228 55.49 -14.13 2.43
CA PRO C 228 56.72 -13.81 3.19
C PRO C 228 56.68 -12.44 3.82
N GLN C 229 56.08 -11.47 3.15
CA GLN C 229 55.90 -10.14 3.69
C GLN C 229 54.40 -9.89 3.76
N GLU C 230 53.96 -9.29 4.85
CA GLU C 230 52.53 -9.11 5.08
C GLU C 230 51.95 -8.15 4.06
N SER C 231 50.94 -8.62 3.34
CA SER C 231 50.07 -7.80 2.51
C SER C 231 49.44 -6.62 3.26
N ASP C 232 49.19 -5.51 2.57
CA ASP C 232 48.37 -4.44 3.10
C ASP C 232 46.88 -4.57 2.75
N PHE C 233 46.55 -5.39 1.77
CA PHE C 233 45.20 -5.41 1.22
C PHE C 233 44.81 -6.85 1.02
N LEU C 234 43.50 -7.10 1.14
CA LEU C 234 42.88 -8.36 0.79
C LEU C 234 41.76 -8.01 -0.17
N ILE C 235 41.82 -8.54 -1.39
CA ILE C 235 40.89 -8.20 -2.45
C ILE C 235 40.19 -9.48 -2.84
N SER C 236 38.89 -9.59 -2.52
CA SER C 236 38.03 -10.67 -3.03
C SER C 236 37.77 -10.50 -4.53
N ILE C 237 37.69 -11.63 -5.21
CA ILE C 237 37.43 -11.64 -6.66
C ILE C 237 36.00 -12.13 -6.92
N ASN C 238 35.43 -11.61 -7.99
CA ASN C 238 34.08 -11.94 -8.44
C ASN C 238 34.21 -12.52 -9.85
N ALA C 239 33.68 -13.71 -10.11
CA ALA C 239 33.57 -14.20 -11.48
C ALA C 239 32.18 -14.78 -11.67
N GLN C 240 31.36 -14.17 -12.53
CA GLN C 240 29.95 -14.58 -12.63
C GLN C 240 29.85 -15.88 -13.40
N GLY C 241 29.34 -16.92 -12.77
CA GLY C 241 29.10 -18.15 -13.53
C GLY C 241 27.62 -18.49 -13.76
N ARG C 242 26.75 -17.97 -12.91
CA ARG C 242 25.32 -18.25 -12.97
C ARG C 242 24.62 -17.40 -14.01
N LEU C 243 23.56 -17.93 -14.59
CA LEU C 243 22.75 -17.19 -15.56
C LEU C 243 21.45 -16.75 -14.91
N HIS C 244 20.93 -15.58 -15.33
CA HIS C 244 19.72 -15.04 -14.66
C HIS C 244 18.51 -14.90 -15.58
N THR C 245 18.68 -14.74 -16.88
CA THR C 245 17.57 -14.38 -17.77
C THR C 245 17.40 -15.40 -18.87
N GLU C 246 16.20 -15.40 -19.46
CA GLU C 246 15.93 -16.26 -20.60
C GLU C 246 16.95 -16.05 -21.70
N GLU C 247 17.32 -14.79 -21.95
CA GLU C 247 18.27 -14.56 -23.04
C GLU C 247 19.66 -15.14 -22.72
N GLU C 248 20.09 -15.06 -21.45
CA GLU C 248 21.38 -15.67 -21.09
C GLU C 248 21.33 -17.18 -21.25
N PHE C 249 20.22 -17.83 -20.84
CA PHE C 249 20.12 -19.27 -21.07
C PHE C 249 20.11 -19.60 -22.58
N GLY C 250 19.36 -18.84 -23.37
CA GLY C 250 19.38 -19.04 -24.82
C GLY C 250 20.74 -18.86 -25.43
N ASN C 251 21.65 -18.13 -24.76
CA ASN C 251 22.98 -17.89 -25.32
C ASN C 251 23.99 -18.95 -24.89
N ILE C 252 23.54 -19.97 -24.15
CA ILE C 252 24.39 -21.12 -23.86
C ILE C 252 24.95 -21.73 -25.15
N ILE C 253 26.24 -22.09 -25.15
CA ILE C 253 26.91 -22.62 -26.35
C ILE C 253 26.85 -24.13 -26.35
N LEU C 254 26.28 -24.73 -27.42
CA LEU C 254 26.19 -26.18 -27.45
C LEU C 254 27.35 -26.82 -28.20
N LYS C 255 27.89 -26.12 -29.19
CA LYS C 255 29.02 -26.62 -29.97
C LYS C 255 29.46 -25.59 -31.00
N THR C 256 30.54 -25.91 -31.72
CA THR C 256 30.98 -25.16 -32.90
C THR C 256 30.47 -25.83 -34.18
N ALA C 257 29.79 -25.07 -35.03
CA ALA C 257 29.23 -25.67 -36.23
C ALA C 257 30.35 -25.80 -37.28
N GLN C 258 30.02 -26.44 -38.40
CA GLN C 258 30.99 -26.64 -39.48
C GLN C 258 31.64 -25.33 -39.91
N ASP C 259 30.82 -24.34 -40.25
CA ASP C 259 31.28 -23.03 -40.71
C ASP C 259 31.93 -22.19 -39.64
N GLY C 260 32.09 -22.71 -38.42
CA GLY C 260 32.70 -21.95 -37.37
C GLY C 260 31.73 -21.15 -36.51
N SER C 261 30.47 -21.07 -36.89
CA SER C 261 29.48 -20.43 -36.04
C SER C 261 29.30 -21.24 -34.75
N LEU C 262 28.81 -20.57 -33.73
CA LEU C 262 28.49 -21.22 -32.46
C LEU C 262 27.02 -21.61 -32.45
N VAL C 263 26.74 -22.89 -32.19
CA VAL C 263 25.36 -23.32 -31.98
C VAL C 263 24.93 -22.94 -30.55
N ARG C 264 23.88 -22.16 -30.44
CA ARG C 264 23.31 -21.72 -29.16
C ARG C 264 22.10 -22.57 -28.81
N LEU C 265 21.84 -22.62 -27.51
CA LEU C 265 20.63 -23.25 -27.01
C LEU C 265 19.37 -22.68 -27.67
N ARG C 266 19.29 -21.37 -27.85
CA ARG C 266 18.08 -20.85 -28.49
C ARG C 266 17.93 -21.29 -29.96
N ASP C 267 18.96 -21.83 -30.56
CA ASP C 267 18.83 -22.37 -31.91
C ASP C 267 18.11 -23.69 -31.93
N VAL C 268 17.93 -24.37 -30.77
CA VAL C 268 17.30 -25.70 -30.80
C VAL C 268 16.18 -25.82 -29.76
N ALA C 269 15.83 -24.71 -29.12
CA ALA C 269 14.95 -24.72 -27.97
C ALA C 269 14.19 -23.42 -27.83
N ARG C 270 12.99 -23.51 -27.26
CA ARG C 270 12.33 -22.32 -26.80
C ARG C 270 12.59 -22.22 -25.29
N ILE C 271 12.92 -21.03 -24.80
CA ILE C 271 13.31 -20.86 -23.38
C ILE C 271 12.36 -19.88 -22.72
N GLU C 272 11.77 -20.29 -21.60
CA GLU C 272 10.86 -19.37 -20.90
C GLU C 272 10.84 -19.63 -19.39
N MET C 273 10.73 -18.55 -18.64
CA MET C 273 10.43 -18.69 -17.22
C MET C 273 9.01 -19.19 -17.08
N GLY C 274 8.82 -20.44 -16.69
CA GLY C 274 7.50 -21.06 -16.75
C GLY C 274 7.24 -21.71 -15.40
N SER C 275 6.55 -22.84 -15.43
CA SER C 275 6.14 -23.49 -14.18
C SER C 275 6.93 -24.79 -14.04
N GLY C 276 7.31 -25.07 -12.80
CA GLY C 276 7.80 -26.34 -12.31
C GLY C 276 6.77 -27.45 -12.28
N SER C 277 5.48 -27.14 -12.34
CA SER C 277 4.49 -28.21 -12.32
C SER C 277 3.23 -27.73 -13.07
N TYR C 278 2.68 -28.59 -13.94
CA TYR C 278 1.41 -28.30 -14.61
C TYR C 278 0.30 -29.21 -14.10
N ALA C 279 0.54 -29.90 -12.97
CA ALA C 279 -0.35 -31.01 -12.65
C ALA C 279 -1.65 -30.51 -11.95
N LEU C 280 -1.60 -29.36 -11.33
CA LEU C 280 -2.79 -28.91 -10.54
C LEU C 280 -3.16 -27.51 -10.95
N ARG C 281 -4.47 -27.23 -11.12
CA ARG C 281 -4.89 -25.87 -11.44
C ARG C 281 -5.76 -25.37 -10.30
N SER C 282 -6.01 -24.07 -10.28
CA SER C 282 -6.80 -23.46 -9.17
C SER C 282 -7.65 -22.34 -9.77
N GLN C 283 -8.94 -22.38 -9.50
CA GLN C 283 -9.83 -21.28 -9.86
C GLN C 283 -10.67 -20.90 -8.66
N LEU C 284 -11.09 -19.64 -8.64
CA LEU C 284 -12.08 -19.16 -7.65
C LEU C 284 -13.19 -18.52 -8.47
N ASN C 285 -14.41 -19.11 -8.44
CA ASN C 285 -15.53 -18.59 -9.28
C ASN C 285 -15.08 -18.43 -10.74
N ASN C 286 -14.34 -19.45 -11.21
CA ASN C 286 -13.84 -19.56 -12.55
C ASN C 286 -12.83 -18.49 -12.91
N LYS C 287 -12.28 -17.75 -11.94
CA LYS C 287 -11.14 -16.90 -12.21
C LYS C 287 -9.88 -17.68 -11.83
N ASP C 288 -8.77 -17.40 -12.50
CA ASP C 288 -7.51 -18.02 -12.05
C ASP C 288 -7.23 -17.60 -10.62
N ALA C 289 -6.72 -18.55 -9.83
CA ALA C 289 -6.48 -18.29 -8.42
C ALA C 289 -5.24 -19.09 -7.93
N VAL C 290 -4.91 -18.93 -6.65
CA VAL C 290 -4.08 -19.90 -5.93
C VAL C 290 -4.75 -20.04 -4.58
N GLY C 291 -4.90 -21.28 -4.07
CA GLY C 291 -5.46 -21.45 -2.72
C GLY C 291 -4.40 -21.62 -1.63
N ILE C 292 -4.69 -21.14 -0.41
CA ILE C 292 -3.73 -21.16 0.71
C ILE C 292 -4.48 -21.73 1.89
N GLY C 293 -4.08 -22.91 2.37
CA GLY C 293 -4.69 -23.48 3.59
C GLY C 293 -3.82 -23.14 4.79
N ILE C 294 -4.42 -22.53 5.82
CA ILE C 294 -3.68 -22.15 7.03
C ILE C 294 -4.20 -23.03 8.18
N PHE C 295 -3.29 -23.83 8.75
CA PHE C 295 -3.60 -24.84 9.76
C PHE C 295 -3.00 -24.40 11.08
N GLN C 296 -3.78 -24.51 12.16
CA GLN C 296 -3.20 -24.07 13.42
C GLN C 296 -2.39 -25.19 14.05
N SER C 297 -1.55 -24.81 15.06
CA SER C 297 -0.91 -25.87 15.82
C SER C 297 -1.82 -26.33 16.97
N PRO C 298 -1.58 -27.51 17.51
CA PRO C 298 -2.31 -27.94 18.72
C PRO C 298 -2.02 -26.93 19.83
N GLY C 299 -3.08 -26.51 20.55
CA GLY C 299 -2.89 -25.54 21.60
C GLY C 299 -3.07 -24.12 21.19
N ALA C 300 -3.27 -23.83 19.90
CA ALA C 300 -3.54 -22.48 19.45
C ALA C 300 -4.96 -22.01 19.80
N ASN C 301 -5.18 -20.70 19.61
CA ASN C 301 -6.52 -20.14 19.67
C ASN C 301 -7.00 -19.87 18.25
N ALA C 302 -7.95 -20.69 17.79
CA ALA C 302 -8.32 -20.64 16.34
C ALA C 302 -8.91 -19.30 15.97
N ILE C 303 -9.66 -18.70 16.89
CA ILE C 303 -10.33 -17.43 16.58
C ILE C 303 -9.32 -16.32 16.46
N ASP C 304 -8.36 -16.27 17.38
CA ASP C 304 -7.29 -15.28 17.29
C ASP C 304 -6.46 -15.52 16.02
N LEU C 305 -6.20 -16.77 15.68
CA LEU C 305 -5.36 -17.03 14.50
C LEU C 305 -6.07 -16.59 13.21
N SER C 306 -7.37 -16.88 13.09
CA SER C 306 -8.08 -16.44 11.90
C SER C 306 -8.08 -14.93 11.81
N ASN C 307 -8.27 -14.22 12.94
CA ASN C 307 -8.25 -12.77 12.90
C ASN C 307 -6.87 -12.23 12.49
N ALA C 308 -5.81 -12.85 13.03
CA ALA C 308 -4.45 -12.43 12.72
C ALA C 308 -4.14 -12.71 11.24
N VAL C 309 -4.62 -13.82 10.70
CA VAL C 309 -4.37 -14.09 9.27
C VAL C 309 -5.09 -13.05 8.42
N ARG C 310 -6.37 -12.82 8.72
CA ARG C 310 -7.11 -11.76 8.00
C ARG C 310 -6.40 -10.41 8.09
N ALA C 311 -5.95 -10.02 9.29
CA ALA C 311 -5.29 -8.72 9.46
C ALA C 311 -3.99 -8.67 8.66
N LYS C 312 -3.22 -9.73 8.74
CA LYS C 312 -1.98 -9.77 7.91
C LYS C 312 -2.30 -9.68 6.39
N MET C 313 -3.30 -10.45 5.92
CA MET C 313 -3.68 -10.38 4.50
C MET C 313 -4.07 -8.95 4.12
N ALA C 314 -4.77 -8.27 5.04
CA ALA C 314 -5.23 -6.92 4.76
C ALA C 314 -4.08 -5.96 4.72
N GLU C 315 -3.01 -6.22 5.50
CA GLU C 315 -1.85 -5.36 5.39
C GLU C 315 -1.10 -5.66 4.11
N LEU C 316 -0.87 -6.94 3.83
CA LEU C 316 -0.19 -7.32 2.56
C LEU C 316 -0.95 -6.80 1.33
N ALA C 317 -2.29 -6.79 1.39
CA ALA C 317 -3.09 -6.49 0.22
C ALA C 317 -2.95 -5.03 -0.19
N THR C 318 -2.52 -4.15 0.72
CA THR C 318 -2.25 -2.78 0.29
C THR C 318 -1.11 -2.71 -0.73
N ARG C 319 -0.25 -3.73 -0.80
CA ARG C 319 0.80 -3.70 -1.82
C ARG C 319 0.50 -4.60 -3.03
N PHE C 320 -0.68 -5.18 -3.11
CA PHE C 320 -1.00 -6.01 -4.28
C PHE C 320 -1.00 -5.16 -5.57
N PRO C 321 -0.50 -5.70 -6.68
CA PRO C 321 -0.70 -5.03 -7.96
C PRO C 321 -2.18 -4.96 -8.22
N GLU C 322 -2.62 -3.85 -8.80
CA GLU C 322 -4.02 -3.76 -9.12
C GLU C 322 -4.38 -4.90 -10.06
N ASP C 323 -5.60 -5.32 -9.93
CA ASP C 323 -6.22 -6.50 -10.55
C ASP C 323 -5.80 -7.78 -9.84
N MET C 324 -5.16 -7.75 -8.66
CA MET C 324 -5.05 -8.97 -7.89
C MET C 324 -5.73 -8.72 -6.56
N GLN C 325 -6.59 -9.65 -6.15
CA GLN C 325 -7.37 -9.51 -4.94
C GLN C 325 -7.24 -10.75 -4.08
N TRP C 326 -7.73 -10.70 -2.84
CA TRP C 326 -7.74 -11.89 -2.02
C TRP C 326 -9.13 -12.09 -1.49
N ALA C 327 -9.39 -13.34 -1.13
CA ALA C 327 -10.67 -13.73 -0.51
C ALA C 327 -10.37 -14.76 0.56
N ALA C 328 -11.32 -14.97 1.47
CA ALA C 328 -11.25 -16.04 2.46
C ALA C 328 -12.52 -16.87 2.24
N PRO C 329 -12.51 -17.79 1.29
CA PRO C 329 -13.76 -18.48 0.95
C PRO C 329 -14.19 -19.54 1.96
N TYR C 330 -13.34 -19.91 2.89
CA TYR C 330 -13.83 -20.83 3.90
C TYR C 330 -13.20 -20.50 5.25
N ASP C 331 -14.05 -20.31 6.28
CA ASP C 331 -13.57 -20.01 7.62
C ASP C 331 -14.29 -20.91 8.63
N PRO C 332 -13.69 -22.04 8.96
CA PRO C 332 -14.35 -22.95 9.90
C PRO C 332 -14.26 -22.50 11.35
N THR C 333 -13.53 -21.41 11.69
CA THR C 333 -13.63 -20.91 13.08
C THR C 333 -15.03 -20.41 13.43
N VAL C 334 -15.91 -20.22 12.45
CA VAL C 334 -17.29 -19.84 12.78
C VAL C 334 -17.97 -20.86 13.70
N PHE C 335 -17.59 -22.13 13.62
CA PHE C 335 -18.30 -23.13 14.41
C PHE C 335 -18.04 -22.96 15.90
N VAL C 336 -16.78 -22.80 16.30
CA VAL C 336 -16.57 -22.55 17.73
C VAL C 336 -17.02 -21.13 18.11
N ARG C 337 -16.89 -20.14 17.21
CA ARG C 337 -17.47 -18.82 17.53
C ARG C 337 -18.96 -18.94 17.84
N ASP C 338 -19.68 -19.72 17.03
CA ASP C 338 -21.11 -19.98 17.31
C ASP C 338 -21.33 -20.63 18.67
N SER C 339 -20.50 -21.62 19.02
CA SER C 339 -20.68 -22.32 20.30
C SER C 339 -20.48 -21.37 21.47
N ILE C 340 -19.49 -20.47 21.37
CA ILE C 340 -19.29 -19.46 22.40
C ILE C 340 -20.52 -18.56 22.50
N ARG C 341 -21.01 -18.08 21.34
CA ARG C 341 -22.24 -17.26 21.37
C ARG C 341 -23.38 -18.04 22.00
N ALA C 342 -23.48 -19.32 21.68
CA ALA C 342 -24.52 -20.15 22.30
C ALA C 342 -24.36 -20.27 23.81
N VAL C 343 -23.14 -20.37 24.32
CA VAL C 343 -22.99 -20.50 25.76
C VAL C 343 -23.52 -19.22 26.43
N VAL C 344 -23.16 -18.09 25.88
CA VAL C 344 -23.55 -16.84 26.48
C VAL C 344 -25.07 -16.65 26.39
N GLN C 345 -25.65 -16.98 25.25
CA GLN C 345 -27.10 -16.83 25.11
C GLN C 345 -27.87 -17.82 26.00
N THR C 346 -27.36 -19.03 26.14
CA THR C 346 -28.03 -20.05 26.97
C THR C 346 -27.99 -19.66 28.43
N LEU C 347 -26.84 -19.18 28.87
CA LEU C 347 -26.70 -18.68 30.24
C LEU C 347 -27.71 -17.57 30.51
N LEU C 348 -27.81 -16.58 29.61
CA LEU C 348 -28.79 -15.51 29.76
C LEU C 348 -30.21 -16.06 29.85
N GLU C 349 -30.58 -16.90 28.89
CA GLU C 349 -31.93 -17.44 28.92
C GLU C 349 -32.17 -18.26 30.18
N ALA C 350 -31.22 -19.12 30.57
CA ALA C 350 -31.44 -19.91 31.77
C ALA C 350 -31.65 -19.00 32.98
N VAL C 351 -30.90 -17.90 33.03
CA VAL C 351 -31.00 -17.02 34.19
C VAL C 351 -32.36 -16.32 34.19
N VAL C 352 -32.85 -15.95 33.00
CA VAL C 352 -34.17 -15.30 32.95
C VAL C 352 -35.28 -16.27 33.37
N LEU C 353 -35.27 -17.48 32.80
CA LEU C 353 -36.25 -18.50 33.14
C LEU C 353 -36.27 -18.81 34.64
N VAL C 354 -35.11 -19.08 35.24
CA VAL C 354 -35.08 -19.46 36.65
C VAL C 354 -35.57 -18.29 37.52
N VAL C 355 -35.17 -17.07 37.18
CA VAL C 355 -35.71 -15.90 37.85
C VAL C 355 -37.24 -15.89 37.78
N LEU C 356 -37.81 -16.15 36.60
CA LEU C 356 -39.28 -16.08 36.48
C LEU C 356 -39.95 -17.26 37.21
N VAL C 357 -39.38 -18.45 37.11
CA VAL C 357 -39.92 -19.60 37.84
C VAL C 357 -39.86 -19.35 39.35
N VAL C 358 -38.77 -18.74 39.82
CA VAL C 358 -38.68 -18.52 41.26
C VAL C 358 -39.71 -17.49 41.70
N ILE C 359 -39.91 -16.44 40.89
CA ILE C 359 -40.92 -15.45 41.25
C ILE C 359 -42.32 -16.04 41.16
N LEU C 360 -42.62 -16.76 40.07
CA LEU C 360 -43.91 -17.42 39.96
C LEU C 360 -44.25 -18.27 41.20
N PHE C 361 -43.29 -19.07 41.69
CA PHE C 361 -43.64 -20.06 42.71
C PHE C 361 -43.46 -19.52 44.13
N LEU C 362 -42.37 -18.78 44.37
CA LEU C 362 -42.03 -18.26 45.68
C LEU C 362 -42.52 -16.83 45.89
N GLN C 363 -42.81 -16.11 44.80
CA GLN C 363 -43.49 -14.82 44.84
C GLN C 363 -42.73 -13.80 45.68
N THR C 364 -41.42 -13.83 45.59
CA THR C 364 -40.63 -12.72 46.08
C THR C 364 -39.42 -12.57 45.17
N TRP C 365 -39.17 -11.36 44.70
CA TRP C 365 -38.02 -11.14 43.83
C TRP C 365 -36.72 -11.38 44.57
N ARG C 366 -36.74 -11.32 45.89
CA ARG C 366 -35.52 -11.52 46.62
C ARG C 366 -35.00 -12.95 46.47
N ALA C 367 -35.90 -13.93 46.30
CA ALA C 367 -35.45 -15.32 46.17
C ALA C 367 -34.76 -15.53 44.81
N SER C 368 -35.15 -14.76 43.81
CA SER C 368 -34.56 -14.90 42.46
C SER C 368 -33.12 -14.40 42.38
N ILE C 369 -32.64 -13.62 43.35
CA ILE C 369 -31.25 -13.16 43.39
C ILE C 369 -30.28 -14.33 43.60
N ILE C 370 -30.68 -15.35 44.35
CA ILE C 370 -29.78 -16.45 44.67
C ILE C 370 -29.36 -17.13 43.35
N PRO C 371 -30.28 -17.62 42.49
CA PRO C 371 -29.84 -18.17 41.20
C PRO C 371 -29.25 -17.13 40.27
N LEU C 372 -29.78 -15.91 40.31
CA LEU C 372 -29.23 -14.86 39.45
C LEU C 372 -27.71 -14.78 39.59
N ILE C 373 -27.21 -14.83 40.81
CA ILE C 373 -25.77 -14.75 41.07
C ILE C 373 -25.11 -16.11 40.98
N ALA C 374 -25.69 -17.11 41.63
CA ALA C 374 -25.04 -18.40 41.77
C ALA C 374 -24.77 -19.05 40.42
N VAL C 375 -25.66 -18.87 39.43
CA VAL C 375 -25.53 -19.58 38.16
C VAL C 375 -24.30 -19.06 37.39
N PRO C 376 -24.16 -17.75 37.16
CA PRO C 376 -22.95 -17.28 36.49
C PRO C 376 -21.67 -17.52 37.26
N VAL C 377 -21.68 -17.40 38.59
CA VAL C 377 -20.47 -17.72 39.32
C VAL C 377 -20.06 -19.15 39.03
N SER C 378 -21.04 -20.05 39.01
CA SER C 378 -20.69 -21.46 38.90
C SER C 378 -20.20 -21.78 37.51
N VAL C 379 -20.78 -21.14 36.48
CA VAL C 379 -20.39 -21.42 35.09
C VAL C 379 -19.03 -20.82 34.78
N VAL C 380 -18.83 -19.54 35.14
CA VAL C 380 -17.57 -18.86 34.84
C VAL C 380 -16.45 -19.48 35.68
N GLY C 381 -16.75 -19.88 36.90
CA GLY C 381 -15.71 -20.50 37.73
C GLY C 381 -15.15 -21.79 37.12
N THR C 382 -15.95 -22.48 36.33
CA THR C 382 -15.55 -23.76 35.73
C THR C 382 -14.28 -23.59 34.87
N PHE C 383 -14.05 -22.40 34.30
CA PHE C 383 -12.94 -22.27 33.34
C PHE C 383 -11.58 -22.37 34.00
N SER C 384 -11.48 -21.99 35.27
CA SER C 384 -10.16 -22.01 35.90
C SER C 384 -9.68 -23.44 36.11
N ILE C 385 -10.59 -24.37 36.43
CA ILE C 385 -10.13 -25.75 36.55
C ILE C 385 -9.95 -26.38 35.15
N LEU C 386 -10.81 -26.03 34.18
CA LEU C 386 -10.56 -26.51 32.80
C LEU C 386 -9.19 -26.04 32.33
N TYR C 387 -8.83 -24.81 32.65
CA TYR C 387 -7.52 -24.32 32.24
C TYR C 387 -6.40 -25.12 32.93
N LEU C 388 -6.51 -25.32 34.23
CA LEU C 388 -5.48 -26.04 34.97
C LEU C 388 -5.35 -27.48 34.51
N LEU C 389 -6.43 -28.08 34.04
CA LEU C 389 -6.35 -29.48 33.62
C LEU C 389 -5.95 -29.63 32.16
N GLY C 390 -5.70 -28.55 31.43
CA GLY C 390 -5.16 -28.68 30.10
C GLY C 390 -6.21 -28.76 29.03
N PHE C 391 -7.47 -28.37 29.31
CA PHE C 391 -8.53 -28.47 28.32
C PHE C 391 -8.56 -27.24 27.47
N SER C 392 -9.27 -27.33 26.36
CA SER C 392 -9.51 -26.20 25.47
C SER C 392 -10.98 -25.84 25.49
N LEU C 393 -11.29 -24.61 25.07
CA LEU C 393 -12.64 -24.24 24.70
C LEU C 393 -12.90 -24.83 23.31
N ASN C 394 -13.78 -25.80 23.23
CA ASN C 394 -14.16 -26.40 21.95
C ASN C 394 -15.66 -26.63 21.99
N THR C 395 -16.23 -26.98 20.84
CA THR C 395 -17.69 -27.08 20.77
C THR C 395 -18.19 -28.18 21.69
N LEU C 396 -17.32 -29.13 22.09
CA LEU C 396 -17.80 -30.20 23.00
C LEU C 396 -17.72 -29.80 24.47
N SER C 397 -16.60 -29.23 24.91
CA SER C 397 -16.53 -28.73 26.31
C SER C 397 -17.53 -27.60 26.53
N LEU C 398 -17.69 -26.69 25.55
CA LEU C 398 -18.71 -25.67 25.67
C LEU C 398 -20.13 -26.25 25.72
N PHE C 399 -20.39 -27.31 24.96
CA PHE C 399 -21.69 -27.97 25.07
C PHE C 399 -21.92 -28.57 26.46
N GLY C 400 -20.91 -29.26 27.00
CA GLY C 400 -21.02 -29.75 28.38
C GLY C 400 -21.32 -28.63 29.36
N LEU C 401 -20.73 -27.46 29.11
CA LEU C 401 -20.94 -26.36 30.03
C LEU C 401 -22.38 -25.91 30.00
N VAL C 402 -23.00 -25.87 28.81
CA VAL C 402 -24.40 -25.49 28.76
C VAL C 402 -25.28 -26.58 29.33
N LEU C 403 -24.98 -27.86 29.12
CA LEU C 403 -25.81 -28.87 29.77
C LEU C 403 -25.67 -28.79 31.28
N ALA C 404 -24.48 -28.48 31.76
CA ALA C 404 -24.26 -28.42 33.22
C ALA C 404 -25.10 -27.31 33.88
N ILE C 405 -25.47 -26.25 33.12
CA ILE C 405 -26.29 -25.16 33.67
C ILE C 405 -27.55 -25.71 34.29
N GLY C 406 -28.04 -26.83 33.77
CA GLY C 406 -29.18 -27.51 34.34
C GLY C 406 -28.98 -27.94 35.79
N ILE C 407 -27.83 -28.56 36.06
CA ILE C 407 -27.45 -28.98 37.41
C ILE C 407 -27.24 -27.78 38.31
N VAL C 408 -26.61 -26.73 37.75
CA VAL C 408 -26.34 -25.54 38.54
C VAL C 408 -27.64 -24.87 38.95
N VAL C 409 -28.57 -24.76 38.01
CA VAL C 409 -29.89 -24.19 38.29
C VAL C 409 -30.64 -25.00 39.33
N ASP C 410 -30.64 -26.32 39.20
CA ASP C 410 -31.33 -27.14 40.20
C ASP C 410 -30.76 -26.93 41.60
N ASP C 411 -29.42 -26.89 41.70
CA ASP C 411 -28.76 -26.58 42.98
C ASP C 411 -29.27 -25.28 43.59
N ALA C 412 -29.33 -24.20 42.80
CA ALA C 412 -29.75 -22.92 43.37
C ALA C 412 -31.23 -22.97 43.80
N ILE C 413 -32.07 -23.64 42.99
CA ILE C 413 -33.48 -23.83 43.34
C ILE C 413 -33.60 -24.63 44.61
N VAL C 414 -32.80 -25.69 44.75
CA VAL C 414 -32.92 -26.50 45.99
C VAL C 414 -32.66 -25.64 47.22
N VAL C 415 -31.59 -24.86 47.18
CA VAL C 415 -31.25 -24.07 48.38
C VAL C 415 -32.30 -23.00 48.62
N VAL C 416 -32.61 -22.19 47.61
CA VAL C 416 -33.50 -21.06 47.93
C VAL C 416 -34.95 -21.51 48.24
N GLU C 417 -35.44 -22.55 47.57
CA GLU C 417 -36.79 -23.03 47.89
C GLU C 417 -36.83 -23.61 49.31
N ASN C 418 -35.73 -24.26 49.75
CA ASN C 418 -35.82 -24.88 51.07
C ASN C 418 -35.68 -23.83 52.17
N VAL C 419 -34.92 -22.76 51.91
CA VAL C 419 -34.93 -21.66 52.86
C VAL C 419 -36.32 -21.03 52.92
N GLU C 420 -36.87 -20.69 51.75
CA GLU C 420 -38.17 -20.01 51.70
C GLU C 420 -39.29 -20.86 52.29
N ARG C 421 -39.24 -22.20 52.10
CA ARG C 421 -40.23 -23.04 52.77
C ARG C 421 -40.19 -22.85 54.28
N ASN C 422 -38.96 -22.84 54.87
CA ASN C 422 -38.85 -22.66 56.31
C ASN C 422 -39.33 -21.27 56.73
N ILE C 423 -39.12 -20.25 55.88
CA ILE C 423 -39.75 -18.95 56.13
C ILE C 423 -41.27 -19.04 56.02
N GLU C 424 -41.80 -19.76 55.02
CA GLU C 424 -43.26 -19.91 54.99
C GLU C 424 -43.84 -20.61 56.22
N GLU C 425 -43.01 -21.35 56.96
CA GLU C 425 -43.42 -22.07 58.15
C GLU C 425 -43.18 -21.25 59.41
N GLY C 426 -42.87 -19.94 59.24
CA GLY C 426 -42.79 -18.99 60.33
C GLY C 426 -41.43 -18.73 60.89
N LEU C 427 -40.36 -19.31 60.33
CA LEU C 427 -39.04 -19.05 60.90
C LEU C 427 -38.52 -17.70 60.42
N ALA C 428 -37.75 -17.01 61.26
CA ALA C 428 -37.06 -15.83 60.74
C ALA C 428 -36.01 -16.26 59.67
N PRO C 429 -35.62 -15.35 58.80
CA PRO C 429 -34.78 -15.77 57.65
C PRO C 429 -33.48 -16.41 58.09
N LEU C 430 -32.85 -15.88 59.14
CA LEU C 430 -31.57 -16.45 59.57
C LEU C 430 -31.77 -17.86 60.14
N ALA C 431 -32.78 -18.05 60.97
CA ALA C 431 -33.03 -19.41 61.48
C ALA C 431 -33.48 -20.34 60.35
N ALA C 432 -34.24 -19.79 59.40
CA ALA C 432 -34.73 -20.56 58.26
C ALA C 432 -33.56 -21.02 57.38
N ALA C 433 -32.58 -20.14 57.21
CA ALA C 433 -31.37 -20.54 56.47
C ALA C 433 -30.62 -21.65 57.20
N HIS C 434 -30.40 -21.51 58.53
CA HIS C 434 -29.65 -22.56 59.21
C HIS C 434 -30.40 -23.89 59.18
N GLN C 435 -31.71 -23.85 59.44
CA GLN C 435 -32.50 -25.08 59.41
C GLN C 435 -32.47 -25.69 58.01
N ALA C 436 -32.65 -24.86 57.00
CA ALA C 436 -32.68 -25.35 55.64
C ALA C 436 -31.37 -26.05 55.28
N MET C 437 -30.23 -25.48 55.71
CA MET C 437 -28.96 -26.15 55.40
C MET C 437 -28.65 -27.34 56.31
N ARG C 438 -29.26 -27.43 57.51
CA ARG C 438 -29.14 -28.69 58.22
C ARG C 438 -29.84 -29.79 57.42
N GLU C 439 -30.89 -29.42 56.66
CA GLU C 439 -31.69 -30.37 55.88
C GLU C 439 -30.97 -30.79 54.60
N VAL C 440 -30.33 -29.87 53.91
CA VAL C 440 -29.76 -30.21 52.59
C VAL C 440 -28.24 -30.09 52.47
N SER C 441 -27.49 -29.55 53.47
CA SER C 441 -26.08 -29.25 53.14
C SER C 441 -25.24 -30.53 53.04
N GLY C 442 -25.47 -31.49 53.91
CA GLY C 442 -24.82 -32.78 53.84
C GLY C 442 -25.23 -33.53 52.58
N PRO C 443 -26.55 -33.60 52.29
CA PRO C 443 -26.98 -34.18 51.00
C PRO C 443 -26.37 -33.52 49.77
N ILE C 444 -26.25 -32.19 49.73
CA ILE C 444 -25.60 -31.54 48.60
C ILE C 444 -24.16 -32.04 48.39
N ILE C 445 -23.42 -32.22 49.49
CA ILE C 445 -22.06 -32.75 49.40
C ILE C 445 -22.11 -34.14 48.80
N ALA C 446 -22.99 -34.96 49.33
CA ALA C 446 -23.09 -36.33 48.84
C ALA C 446 -23.52 -36.37 47.37
N ILE C 447 -24.46 -35.51 46.99
CA ILE C 447 -24.94 -35.49 45.61
C ILE C 447 -23.81 -35.11 44.66
N ALA C 448 -22.96 -34.17 45.07
CA ALA C 448 -21.83 -33.79 44.21
C ALA C 448 -20.89 -34.98 43.99
N LEU C 449 -20.62 -35.74 45.05
CA LEU C 449 -19.80 -36.94 44.95
C LEU C 449 -20.48 -38.00 44.09
N VAL C 450 -21.79 -38.20 44.27
CA VAL C 450 -22.51 -39.16 43.41
C VAL C 450 -22.39 -38.74 41.95
N LEU C 451 -22.59 -37.45 41.68
CA LEU C 451 -22.48 -37.01 40.31
C LEU C 451 -21.04 -37.17 39.82
N CYS C 452 -20.05 -36.94 40.69
CA CYS C 452 -18.67 -37.17 40.25
C CYS C 452 -18.41 -38.64 40.03
N ALA C 453 -19.03 -39.49 40.87
CA ALA C 453 -18.93 -40.94 40.70
C ALA C 453 -19.46 -41.37 39.35
N VAL C 454 -20.48 -40.69 38.85
CA VAL C 454 -21.06 -41.03 37.56
C VAL C 454 -20.25 -40.42 36.42
N PHE C 455 -19.92 -39.12 36.53
CA PHE C 455 -19.37 -38.40 35.40
C PHE C 455 -17.87 -38.67 35.19
N VAL C 456 -17.10 -38.72 36.27
CA VAL C 456 -15.65 -38.75 36.11
C VAL C 456 -15.19 -40.06 35.49
N PRO C 457 -15.75 -41.23 35.85
CA PRO C 457 -15.37 -42.44 35.09
C PRO C 457 -15.63 -42.32 33.59
N MET C 458 -16.66 -41.55 33.19
CA MET C 458 -16.93 -41.34 31.76
C MET C 458 -15.81 -40.59 31.05
N ALA C 459 -14.84 -40.01 31.78
CA ALA C 459 -13.67 -39.42 31.14
C ALA C 459 -12.65 -40.48 30.75
N PHE C 460 -12.92 -41.77 30.99
CA PHE C 460 -11.90 -42.78 30.76
C PHE C 460 -12.30 -43.79 29.71
N LEU C 461 -13.27 -43.43 28.85
CA LEU C 461 -13.72 -44.36 27.85
C LEU C 461 -12.77 -44.29 26.65
N SER C 462 -12.82 -45.32 25.83
CA SER C 462 -11.81 -45.53 24.80
C SER C 462 -12.19 -44.88 23.45
N GLY C 463 -11.18 -44.72 22.59
CA GLY C 463 -11.43 -44.35 21.22
C GLY C 463 -11.76 -42.88 21.02
N VAL C 464 -12.12 -42.55 19.79
CA VAL C 464 -12.40 -41.14 19.49
C VAL C 464 -13.64 -40.69 20.25
N THR C 465 -14.65 -41.55 20.34
CA THR C 465 -15.84 -41.14 21.10
C THR C 465 -15.49 -40.90 22.57
N GLY C 466 -14.57 -41.71 23.13
CA GLY C 466 -14.10 -41.47 24.49
C GLY C 466 -13.47 -40.10 24.65
N GLN C 467 -12.72 -39.65 23.64
CA GLN C 467 -12.18 -38.30 23.71
C GLN C 467 -13.31 -37.28 23.68
N PHE C 468 -14.38 -37.55 22.94
CA PHE C 468 -15.52 -36.62 22.98
C PHE C 468 -16.18 -36.64 24.36
N TYR C 469 -16.45 -37.84 24.89
CA TYR C 469 -17.11 -37.96 26.20
C TYR C 469 -16.30 -37.25 27.28
N LYS C 470 -14.96 -37.35 27.23
CA LYS C 470 -14.10 -36.69 28.20
C LYS C 470 -14.34 -35.19 28.25
N GLN C 471 -14.50 -34.55 27.08
CA GLN C 471 -14.76 -33.10 27.08
C GLN C 471 -16.03 -32.78 27.87
N PHE C 472 -17.08 -33.56 27.66
CA PHE C 472 -18.33 -33.28 28.39
C PHE C 472 -18.16 -33.60 29.87
N ALA C 473 -17.68 -34.80 30.17
CA ALA C 473 -17.68 -35.33 31.52
C ALA C 473 -16.87 -34.48 32.48
N VAL C 474 -15.66 -34.07 32.06
CA VAL C 474 -14.83 -33.29 32.95
C VAL C 474 -15.44 -31.93 33.18
N THR C 475 -15.99 -31.31 32.11
CA THR C 475 -16.57 -29.98 32.22
C THR C 475 -17.78 -30.02 33.15
N ILE C 476 -18.62 -31.04 32.97
CA ILE C 476 -19.84 -31.14 33.80
C ILE C 476 -19.49 -31.43 35.25
N ALA C 477 -18.50 -32.32 35.48
CA ALA C 477 -18.05 -32.62 36.84
C ALA C 477 -17.52 -31.37 37.51
N ILE C 478 -16.73 -30.56 36.79
CA ILE C 478 -16.23 -29.33 37.41
C ILE C 478 -17.40 -28.44 37.83
N SER C 479 -18.30 -28.13 36.90
CA SER C 479 -19.39 -27.22 37.22
C SER C 479 -20.22 -27.76 38.37
N THR C 480 -20.41 -29.07 38.43
CA THR C 480 -21.14 -29.66 39.56
C THR C 480 -20.46 -29.38 40.89
N VAL C 481 -19.13 -29.59 40.95
CA VAL C 481 -18.38 -29.33 42.18
C VAL C 481 -18.41 -27.86 42.52
N ILE C 482 -18.19 -26.99 41.52
CA ILE C 482 -18.22 -25.57 41.89
C ILE C 482 -19.62 -25.14 42.34
N SER C 483 -20.66 -25.66 41.67
CA SER C 483 -22.00 -25.26 42.06
C SER C 483 -22.32 -25.74 43.47
N ALA C 484 -21.81 -26.93 43.84
CA ALA C 484 -22.00 -27.40 45.22
C ALA C 484 -21.32 -26.48 46.22
N ILE C 485 -20.09 -26.07 45.92
CA ILE C 485 -19.38 -25.13 46.79
C ILE C 485 -20.22 -23.88 46.97
N ASN C 486 -20.75 -23.37 45.88
CA ASN C 486 -21.57 -22.16 45.93
C ASN C 486 -22.86 -22.40 46.68
N SER C 487 -23.36 -23.62 46.60
CA SER C 487 -24.62 -23.95 47.25
C SER C 487 -24.45 -24.07 48.74
N LEU C 488 -23.23 -24.35 49.23
CA LEU C 488 -22.99 -24.45 50.66
C LEU C 488 -22.53 -23.13 51.28
N THR C 489 -22.23 -22.15 50.44
CA THR C 489 -21.62 -20.90 50.91
C THR C 489 -22.46 -19.70 50.52
N LEU C 490 -22.27 -19.22 49.30
CA LEU C 490 -22.92 -18.00 48.83
C LEU C 490 -24.46 -18.11 48.85
N SER C 491 -25.04 -19.22 48.34
CA SER C 491 -26.50 -19.30 48.20
C SER C 491 -27.24 -19.23 49.53
N PRO C 492 -26.90 -20.02 50.58
CA PRO C 492 -27.60 -19.84 51.86
C PRO C 492 -27.26 -18.52 52.52
N ALA C 493 -26.03 -18.04 52.36
CA ALA C 493 -25.66 -16.74 52.90
C ALA C 493 -26.51 -15.64 52.29
N LEU C 494 -26.63 -15.64 50.98
CA LEU C 494 -27.51 -14.69 50.31
C LEU C 494 -28.97 -14.82 50.77
N ALA C 495 -29.45 -16.04 50.96
CA ALA C 495 -30.85 -16.23 51.31
C ALA C 495 -31.14 -15.62 52.68
N ALA C 496 -30.25 -15.85 53.65
CA ALA C 496 -30.48 -15.30 54.99
C ALA C 496 -30.42 -13.78 54.97
N LEU C 497 -29.60 -13.24 54.07
CA LEU C 497 -29.38 -11.80 53.96
C LEU C 497 -30.54 -11.10 53.28
N LEU C 498 -31.15 -11.76 52.29
CA LEU C 498 -32.06 -11.06 51.39
C LEU C 498 -33.52 -11.40 51.62
N LEU C 499 -33.84 -12.63 52.01
CA LEU C 499 -35.24 -13.02 52.11
C LEU C 499 -35.83 -12.36 53.37
N LYS C 500 -36.99 -11.81 53.24
CA LYS C 500 -37.69 -11.15 54.37
C LYS C 500 -38.51 -12.15 55.15
N PRO C 501 -38.82 -11.87 56.43
CA PRO C 501 -39.76 -12.73 57.17
C PRO C 501 -41.13 -12.80 56.48
N HIS C 502 -41.85 -13.91 56.76
CA HIS C 502 -43.01 -14.31 55.97
C HIS C 502 -43.95 -13.17 55.57
N GLY C 503 -44.53 -12.45 56.53
CA GLY C 503 -45.48 -11.42 56.05
C GLY C 503 -45.04 -9.97 56.19
N ALA C 504 -43.76 -9.72 55.92
CA ALA C 504 -43.15 -8.40 55.95
C ALA C 504 -43.89 -7.41 55.06
N LYS C 505 -43.81 -6.13 55.42
CA LYS C 505 -44.33 -5.09 54.54
C LYS C 505 -43.63 -5.17 53.19
N LYS C 506 -44.40 -4.88 52.13
CA LYS C 506 -43.90 -5.02 50.77
C LYS C 506 -42.95 -3.87 50.41
N ASP C 507 -41.79 -4.20 49.80
CA ASP C 507 -40.95 -3.11 49.34
C ASP C 507 -41.41 -2.62 47.96
N LEU C 508 -40.71 -1.61 47.43
CA LEU C 508 -41.12 -1.02 46.16
C LEU C 508 -41.14 -2.01 45.01
N PRO C 509 -40.10 -2.83 44.78
CA PRO C 509 -40.20 -3.76 43.64
C PRO C 509 -41.28 -4.82 43.81
N THR C 510 -41.53 -5.32 45.03
CA THR C 510 -42.62 -6.26 45.23
C THR C 510 -43.97 -5.64 44.89
N ARG C 511 -44.22 -4.43 45.41
CA ARG C 511 -45.47 -3.74 45.10
C ARG C 511 -45.60 -3.53 43.60
N LEU C 512 -44.49 -3.25 42.93
CA LEU C 512 -44.48 -3.07 41.48
C LEU C 512 -44.82 -4.38 40.76
N ILE C 513 -44.25 -5.49 41.22
CA ILE C 513 -44.56 -6.80 40.64
C ILE C 513 -45.99 -7.21 40.96
N ASP C 514 -46.43 -6.97 42.21
CA ASP C 514 -47.81 -7.26 42.60
C ASP C 514 -48.80 -6.50 41.73
N ARG C 515 -48.54 -5.20 41.49
CA ARG C 515 -49.29 -4.43 40.50
C ARG C 515 -49.19 -5.08 39.13
N LEU C 516 -47.98 -5.06 38.56
CA LEU C 516 -47.79 -5.49 37.18
C LEU C 516 -48.28 -6.92 36.93
N PHE C 517 -48.01 -7.85 37.87
CA PHE C 517 -48.23 -9.27 37.63
C PHE C 517 -49.13 -9.97 38.64
N GLY C 518 -49.59 -9.27 39.67
CA GLY C 518 -50.34 -9.93 40.74
C GLY C 518 -51.51 -10.75 40.26
N TRP C 519 -52.08 -10.38 39.10
CA TRP C 519 -53.24 -11.13 38.61
C TRP C 519 -52.88 -12.54 38.18
N ILE C 520 -51.59 -12.80 37.96
CA ILE C 520 -51.16 -14.16 37.68
C ILE C 520 -51.09 -14.99 38.96
N PHE C 521 -50.70 -14.38 40.08
CA PHE C 521 -50.32 -15.16 41.26
C PHE C 521 -51.48 -15.96 41.83
N ARG C 522 -52.68 -15.37 41.91
CA ARG C 522 -53.72 -16.06 42.66
C ARG C 522 -54.28 -17.25 41.89
N PRO C 523 -54.53 -17.14 40.57
CA PRO C 523 -54.96 -18.36 39.85
C PRO C 523 -53.86 -19.42 39.79
N PHE C 524 -52.62 -19.02 39.55
CA PHE C 524 -51.54 -20.01 39.68
C PHE C 524 -51.51 -20.63 41.07
N ASN C 525 -51.54 -19.78 42.10
CA ASN C 525 -51.61 -20.32 43.47
C ASN C 525 -52.76 -21.29 43.63
N ARG C 526 -53.94 -20.95 43.07
CA ARG C 526 -55.06 -21.87 43.22
C ARG C 526 -54.76 -23.19 42.49
N PHE C 527 -54.18 -23.09 41.28
CA PHE C 527 -53.85 -24.27 40.49
C PHE C 527 -52.77 -25.12 41.18
N PHE C 528 -51.75 -24.49 41.82
CA PHE C 528 -50.71 -25.29 42.51
C PHE C 528 -51.27 -26.05 43.69
N LEU C 529 -52.15 -25.40 44.45
CA LEU C 529 -52.75 -26.05 45.60
C LEU C 529 -53.59 -27.26 45.15
N ARG C 530 -54.42 -27.10 44.14
CA ARG C 530 -55.21 -28.23 43.65
C ARG C 530 -54.32 -29.34 43.07
N SER C 531 -53.30 -28.97 42.27
CA SER C 531 -52.38 -29.98 41.73
C SER C 531 -51.62 -30.67 42.83
N SER C 532 -51.17 -29.90 43.83
CA SER C 532 -50.48 -30.50 44.96
C SER C 532 -51.38 -31.52 45.66
N ASN C 533 -52.63 -31.14 45.94
CA ASN C 533 -53.51 -32.07 46.66
C ASN C 533 -53.78 -33.31 45.80
N GLY C 534 -53.97 -33.10 44.48
CA GLY C 534 -54.17 -34.21 43.57
C GLY C 534 -52.99 -35.17 43.59
N TYR C 535 -51.77 -34.63 43.49
CA TYR C 535 -50.60 -35.50 43.52
C TYR C 535 -50.57 -36.28 44.81
N GLN C 536 -50.82 -35.62 45.93
CA GLN C 536 -50.82 -36.32 47.21
C GLN C 536 -51.74 -37.54 47.20
N GLY C 537 -52.99 -37.37 46.70
CA GLY C 537 -53.91 -38.51 46.62
C GLY C 537 -53.42 -39.57 45.65
N LEU C 538 -52.84 -39.12 44.54
CA LEU C 538 -52.37 -40.04 43.51
C LEU C 538 -51.23 -40.92 44.01
N VAL C 539 -50.19 -40.30 44.59
CA VAL C 539 -49.06 -41.08 45.11
C VAL C 539 -49.52 -41.96 46.27
N SER C 540 -50.44 -41.44 47.08
CA SER C 540 -50.98 -42.25 48.18
C SER C 540 -51.66 -43.52 47.66
N LYS C 541 -52.43 -43.41 46.56
CA LYS C 541 -53.02 -44.63 46.02
C LYS C 541 -51.96 -45.49 45.35
N THR C 542 -50.93 -44.86 44.79
CA THR C 542 -49.85 -45.63 44.19
C THR C 542 -49.19 -46.54 45.21
N LEU C 543 -48.93 -46.01 46.42
CA LEU C 543 -48.25 -46.78 47.46
C LEU C 543 -49.09 -47.94 47.97
N GLY C 544 -50.39 -47.95 47.65
CA GLY C 544 -51.25 -49.06 48.00
C GLY C 544 -51.30 -50.10 46.91
N ARG C 545 -50.57 -49.86 45.82
CA ARG C 545 -50.54 -50.72 44.64
C ARG C 545 -49.09 -51.00 44.21
N ARG C 546 -48.27 -51.35 45.21
CA ARG C 546 -46.83 -51.45 44.95
C ARG C 546 -46.51 -52.62 44.01
N GLY C 547 -47.26 -53.72 44.12
CA GLY C 547 -47.04 -54.85 43.22
C GLY C 547 -47.38 -54.51 41.77
N ALA C 548 -48.48 -53.76 41.57
CA ALA C 548 -48.77 -53.23 40.25
C ALA C 548 -47.62 -52.35 39.74
N VAL C 549 -47.02 -51.55 40.62
CA VAL C 549 -45.99 -50.62 40.14
C VAL C 549 -44.75 -51.41 39.73
N PHE C 550 -44.37 -52.41 40.51
CA PHE C 550 -43.22 -53.24 40.12
C PHE C 550 -43.48 -53.98 38.82
N ALA C 551 -44.72 -54.44 38.59
CA ALA C 551 -45.03 -55.05 37.30
C ALA C 551 -44.77 -54.08 36.16
N VAL C 552 -45.33 -52.87 36.25
CA VAL C 552 -45.06 -51.82 35.28
C VAL C 552 -43.54 -51.60 35.13
N TYR C 553 -42.85 -51.40 36.25
CA TYR C 553 -41.43 -51.06 36.23
C TYR C 553 -40.63 -52.10 35.47
N LEU C 554 -40.92 -53.39 35.68
CA LEU C 554 -40.26 -54.46 34.94
C LEU C 554 -40.56 -54.39 33.44
N LEU C 555 -41.81 -54.13 33.07
CA LEU C 555 -42.06 -54.00 31.65
C LEU C 555 -41.49 -52.70 31.09
N LEU C 556 -41.32 -51.66 31.92
CA LEU C 556 -40.64 -50.47 31.42
C LEU C 556 -39.15 -50.71 31.24
N LEU C 557 -38.53 -51.48 32.14
CA LEU C 557 -37.16 -51.90 31.95
C LEU C 557 -36.99 -52.68 30.65
N CYS C 558 -37.98 -53.51 30.31
CA CYS C 558 -37.99 -54.20 29.02
C CYS C 558 -38.01 -53.19 27.88
N ALA C 559 -38.89 -52.20 27.97
CA ALA C 559 -38.97 -51.15 26.96
C ALA C 559 -37.67 -50.36 26.84
N ALA C 560 -36.99 -50.13 27.97
CA ALA C 560 -35.71 -49.41 27.90
C ALA C 560 -34.71 -50.21 27.09
N GLY C 561 -34.71 -51.54 27.24
CA GLY C 561 -33.87 -52.38 26.40
C GLY C 561 -34.15 -52.22 24.92
N VAL C 562 -35.44 -52.22 24.55
CA VAL C 562 -35.84 -52.15 23.14
C VAL C 562 -35.43 -50.82 22.51
N MET C 563 -35.72 -49.69 23.19
CA MET C 563 -35.22 -48.40 22.73
C MET C 563 -33.75 -48.47 22.34
N PHE C 564 -32.94 -49.06 23.22
CA PHE C 564 -31.52 -49.18 22.93
C PHE C 564 -31.25 -50.00 21.69
N LYS C 565 -32.15 -50.88 21.30
CA LYS C 565 -31.97 -51.59 20.04
C LYS C 565 -32.61 -50.86 18.88
N VAL C 566 -33.71 -50.14 19.11
CA VAL C 566 -34.41 -49.60 17.96
C VAL C 566 -33.91 -48.20 17.57
N VAL C 567 -33.34 -47.44 18.49
CA VAL C 567 -32.87 -46.09 18.17
C VAL C 567 -31.51 -46.27 17.50
N PRO C 568 -31.32 -45.81 16.26
CA PRO C 568 -30.05 -46.06 15.56
C PRO C 568 -28.85 -45.54 16.35
N GLY C 569 -27.78 -46.33 16.34
CA GLY C 569 -26.50 -45.81 16.81
C GLY C 569 -26.07 -44.61 15.98
N GLY C 570 -25.26 -43.76 16.61
CA GLY C 570 -24.72 -42.60 15.93
C GLY C 570 -23.41 -42.21 16.58
N PHE C 571 -22.83 -41.16 16.02
CA PHE C 571 -21.55 -40.58 16.41
C PHE C 571 -21.75 -39.07 16.41
N ILE C 572 -21.35 -38.38 15.34
CA ILE C 572 -21.59 -36.94 15.19
C ILE C 572 -22.74 -36.75 14.21
N PRO C 573 -23.78 -35.99 14.57
CA PRO C 573 -24.84 -35.71 13.60
C PRO C 573 -24.28 -35.01 12.36
N THR C 574 -24.87 -35.31 11.21
CA THR C 574 -24.50 -34.55 10.04
C THR C 574 -24.97 -33.12 10.24
N GLN C 575 -24.09 -32.18 9.97
CA GLN C 575 -24.38 -30.78 10.17
C GLN C 575 -23.96 -30.01 8.95
N ASP C 576 -24.59 -28.88 8.74
CA ASP C 576 -24.19 -27.95 7.68
C ASP C 576 -22.83 -27.36 8.04
N LYS C 577 -21.76 -27.75 7.32
CA LYS C 577 -20.43 -27.17 7.57
C LYS C 577 -20.14 -25.97 6.64
N LEU C 578 -21.17 -25.46 5.94
CA LEU C 578 -21.09 -24.27 5.08
C LEU C 578 -20.24 -24.54 3.83
N TYR C 579 -20.09 -25.79 3.47
CA TYR C 579 -19.55 -26.08 2.13
C TYR C 579 -20.03 -27.44 1.67
N LEU C 580 -19.82 -27.73 0.38
CA LEU C 580 -20.14 -29.03 -0.18
C LEU C 580 -18.93 -29.46 -0.98
N ILE C 581 -18.76 -30.77 -1.16
CA ILE C 581 -17.59 -31.26 -1.87
C ILE C 581 -18.07 -31.82 -3.19
N GLY C 582 -17.62 -31.18 -4.29
CA GLY C 582 -17.89 -31.70 -5.62
C GLY C 582 -16.59 -32.20 -6.28
N GLY C 583 -16.79 -32.95 -7.34
CA GLY C 583 -15.62 -33.30 -8.14
C GLY C 583 -16.04 -34.15 -9.30
N VAL C 584 -15.04 -34.66 -10.02
CA VAL C 584 -15.34 -35.38 -11.24
C VAL C 584 -14.27 -36.45 -11.42
N LYS C 585 -14.69 -37.59 -11.95
CA LYS C 585 -13.83 -38.61 -12.52
C LYS C 585 -14.10 -38.65 -14.02
N MET C 586 -13.13 -38.16 -14.78
CA MET C 586 -13.15 -38.25 -16.24
C MET C 586 -12.72 -39.65 -16.70
N PRO C 587 -13.07 -40.04 -17.95
CA PRO C 587 -12.62 -41.36 -18.45
C PRO C 587 -11.12 -41.51 -18.22
N GLU C 588 -10.68 -42.73 -17.90
CA GLU C 588 -9.25 -43.00 -17.74
C GLU C 588 -8.48 -42.57 -18.98
N GLY C 589 -7.37 -41.88 -18.78
CA GLY C 589 -6.59 -41.38 -19.92
C GLY C 589 -6.88 -39.94 -20.29
N SER C 590 -7.93 -39.34 -19.73
CA SER C 590 -8.24 -37.95 -20.03
C SER C 590 -7.11 -37.02 -19.59
N SER C 591 -6.90 -35.96 -20.37
CA SER C 591 -6.00 -34.88 -20.00
C SER C 591 -6.60 -34.00 -18.90
N LEU C 592 -5.71 -33.29 -18.22
CA LEU C 592 -6.16 -32.27 -17.28
C LEU C 592 -7.03 -31.22 -18.00
N ALA C 593 -6.73 -30.93 -19.28
CA ALA C 593 -7.54 -29.93 -19.96
C ALA C 593 -8.99 -30.38 -20.07
N ARG C 594 -9.24 -31.68 -20.31
CA ARG C 594 -10.61 -32.15 -20.36
C ARG C 594 -11.27 -32.09 -19.00
N THR C 595 -10.52 -32.41 -17.95
CA THR C 595 -11.06 -32.31 -16.58
C THR C 595 -11.41 -30.88 -16.23
N ASP C 596 -10.52 -29.96 -16.61
CA ASP C 596 -10.72 -28.55 -16.31
C ASP C 596 -12.03 -28.07 -16.90
N ALA C 597 -12.30 -28.46 -18.17
CA ALA C 597 -13.53 -28.01 -18.84
C ALA C 597 -14.77 -28.49 -18.09
N VAL C 598 -14.78 -29.74 -17.56
CA VAL C 598 -15.94 -30.16 -16.78
C VAL C 598 -15.99 -29.48 -15.41
N ILE C 599 -14.83 -29.33 -14.77
CA ILE C 599 -14.85 -28.61 -13.48
C ILE C 599 -15.42 -27.20 -13.66
N ARG C 600 -15.01 -26.52 -14.73
CA ARG C 600 -15.50 -25.16 -14.93
C ARG C 600 -17.02 -25.15 -15.17
N LYS C 601 -17.58 -26.20 -15.79
CA LYS C 601 -19.03 -26.29 -15.92
C LYS C 601 -19.68 -26.50 -14.55
N MET C 602 -19.07 -27.35 -13.70
CA MET C 602 -19.61 -27.57 -12.36
C MET C 602 -19.53 -26.31 -11.52
N SER C 603 -18.44 -25.55 -11.70
CA SER C 603 -18.32 -24.30 -10.96
C SER C 603 -19.43 -23.33 -11.37
N GLU C 604 -19.68 -23.23 -12.67
CA GLU C 604 -20.75 -22.36 -13.17
C GLU C 604 -22.10 -22.78 -12.59
N ILE C 605 -22.37 -24.09 -12.55
CA ILE C 605 -23.57 -24.62 -11.92
C ILE C 605 -23.67 -24.17 -10.45
N GLY C 606 -22.62 -24.40 -9.65
CA GLY C 606 -22.70 -24.00 -8.26
C GLY C 606 -22.83 -22.51 -8.12
N MET C 607 -22.12 -21.76 -8.96
CA MET C 607 -22.18 -20.29 -8.82
C MET C 607 -23.58 -19.73 -9.11
N ASN C 608 -24.34 -20.42 -9.93
CA ASN C 608 -25.69 -19.98 -10.29
C ASN C 608 -26.76 -20.70 -9.48
N THR C 609 -26.37 -21.42 -8.45
CA THR C 609 -27.32 -22.02 -7.52
C THR C 609 -27.55 -21.08 -6.34
N GLU C 610 -28.82 -20.76 -6.05
CA GLU C 610 -29.12 -19.85 -4.93
C GLU C 610 -28.55 -20.38 -3.63
N GLY C 611 -27.83 -19.53 -2.89
CA GLY C 611 -27.24 -19.93 -1.62
C GLY C 611 -25.75 -20.24 -1.68
N VAL C 612 -25.15 -20.29 -2.88
CA VAL C 612 -23.72 -20.60 -3.05
C VAL C 612 -22.97 -19.31 -3.28
N ASP C 613 -21.93 -19.07 -2.46
CA ASP C 613 -21.07 -17.91 -2.64
C ASP C 613 -19.87 -18.25 -3.55
N TYR C 614 -19.25 -19.43 -3.36
CA TYR C 614 -17.97 -19.70 -4.05
C TYR C 614 -17.91 -21.06 -4.65
N ALA C 615 -17.22 -21.17 -5.81
CA ALA C 615 -16.80 -22.43 -6.41
C ALA C 615 -15.27 -22.42 -6.32
N VAL C 616 -14.76 -23.16 -5.35
CA VAL C 616 -13.30 -23.22 -5.10
C VAL C 616 -12.79 -24.44 -5.85
N ALA C 617 -12.23 -24.25 -7.04
CA ALA C 617 -12.01 -25.37 -7.96
C ALA C 617 -10.53 -25.73 -8.14
N PHE C 618 -10.30 -27.03 -8.20
CA PHE C 618 -8.97 -27.59 -8.39
C PHE C 618 -9.01 -28.74 -9.39
N PRO C 619 -9.09 -28.43 -10.68
CA PRO C 619 -8.86 -29.48 -11.70
C PRO C 619 -7.50 -30.15 -11.43
N GLY C 620 -7.44 -31.47 -11.41
CA GLY C 620 -6.18 -32.19 -11.12
C GLY C 620 -6.18 -32.82 -9.73
N LEU C 621 -6.99 -32.28 -8.82
CA LEU C 621 -6.88 -32.66 -7.41
C LEU C 621 -7.78 -33.87 -7.23
N ASN C 622 -7.22 -34.96 -6.76
CA ASN C 622 -8.06 -36.10 -6.42
C ASN C 622 -8.42 -35.96 -4.94
N ALA C 623 -9.70 -35.76 -4.64
CA ALA C 623 -10.05 -35.43 -3.28
C ALA C 623 -9.85 -36.60 -2.30
N LEU C 624 -9.79 -37.84 -2.78
CA LEU C 624 -9.63 -38.98 -1.88
C LEU C 624 -8.22 -39.06 -1.31
N GLN C 625 -7.25 -38.57 -2.05
CA GLN C 625 -5.85 -38.65 -1.61
C GLN C 625 -5.21 -37.28 -1.45
N PHE C 626 -5.86 -36.22 -1.91
CA PHE C 626 -5.22 -34.89 -2.07
C PHE C 626 -3.87 -34.99 -2.78
N THR C 627 -3.78 -35.82 -3.79
CA THR C 627 -2.67 -35.76 -4.72
C THR C 627 -3.26 -35.44 -6.09
N ASN C 628 -2.39 -35.28 -7.08
CA ASN C 628 -2.82 -34.82 -8.41
C ASN C 628 -2.95 -36.00 -9.36
N THR C 629 -4.08 -36.06 -10.07
CA THR C 629 -4.32 -37.09 -11.05
C THR C 629 -5.04 -36.41 -12.21
N PRO C 630 -4.65 -36.66 -13.46
CA PRO C 630 -5.07 -35.76 -14.52
C PRO C 630 -6.53 -35.93 -14.89
N ASN C 631 -7.14 -37.11 -14.68
CA ASN C 631 -8.56 -37.27 -14.99
C ASN C 631 -9.47 -37.05 -13.77
N THR C 632 -8.98 -36.44 -12.71
CA THR C 632 -9.80 -36.18 -11.53
C THR C 632 -9.80 -34.68 -11.24
N GLY C 633 -10.88 -34.18 -10.63
CA GLY C 633 -10.90 -32.80 -10.22
C GLY C 633 -11.80 -32.68 -9.02
N THR C 634 -11.58 -31.64 -8.24
CA THR C 634 -12.39 -31.37 -7.02
C THR C 634 -12.86 -29.95 -7.12
N VAL C 635 -14.11 -29.69 -6.70
CA VAL C 635 -14.52 -28.30 -6.56
C VAL C 635 -15.40 -28.19 -5.29
N PHE C 636 -14.97 -27.35 -4.38
CA PHE C 636 -15.73 -27.15 -3.17
C PHE C 636 -16.72 -26.00 -3.42
N PHE C 637 -17.95 -26.16 -2.95
CA PHE C 637 -18.94 -25.08 -3.06
C PHE C 637 -19.12 -24.42 -1.69
N GLY C 638 -18.75 -23.16 -1.57
CA GLY C 638 -18.86 -22.45 -0.29
C GLY C 638 -20.26 -21.87 -0.17
N LEU C 639 -20.95 -22.17 0.93
CA LEU C 639 -22.34 -21.70 1.09
C LEU C 639 -22.39 -20.38 1.87
N LYS C 640 -23.32 -19.51 1.48
CA LYS C 640 -23.71 -18.36 2.31
C LYS C 640 -24.11 -18.79 3.73
N PRO C 641 -23.92 -17.92 4.73
CA PRO C 641 -24.53 -18.15 6.04
C PRO C 641 -26.01 -18.47 5.87
N PHE C 642 -26.49 -19.42 6.67
CA PHE C 642 -27.88 -19.87 6.58
C PHE C 642 -28.87 -18.70 6.48
N ASP C 643 -28.63 -17.63 7.21
CA ASP C 643 -29.63 -16.57 7.27
C ASP C 643 -29.56 -15.65 6.07
N GLN C 644 -28.68 -15.93 5.11
CA GLN C 644 -28.66 -15.16 3.89
C GLN C 644 -29.21 -15.97 2.72
N ARG C 645 -29.83 -17.11 2.96
CA ARG C 645 -30.27 -17.93 1.85
C ARG C 645 -31.53 -18.69 2.22
N LYS C 646 -32.25 -19.14 1.19
CA LYS C 646 -33.52 -19.82 1.47
C LYS C 646 -33.33 -21.31 1.70
N HIS C 647 -32.36 -21.96 1.06
CA HIS C 647 -32.34 -23.41 1.08
C HIS C 647 -31.27 -23.95 2.02
N THR C 648 -31.48 -25.16 2.49
CA THR C 648 -30.52 -25.82 3.36
C THR C 648 -29.38 -26.38 2.51
N ALA C 649 -28.30 -26.80 3.16
CA ALA C 649 -27.18 -27.39 2.42
C ALA C 649 -27.61 -28.64 1.68
N ALA C 650 -28.47 -29.45 2.28
CA ALA C 650 -28.95 -30.65 1.58
C ALA C 650 -29.74 -30.29 0.33
N GLU C 651 -30.62 -29.26 0.42
CA GLU C 651 -31.39 -28.85 -0.75
C GLU C 651 -30.47 -28.34 -1.88
N ILE C 652 -29.46 -27.56 -1.50
CA ILE C 652 -28.55 -26.99 -2.49
C ILE C 652 -27.78 -28.10 -3.15
N ASN C 653 -27.26 -29.03 -2.32
CA ASN C 653 -26.55 -30.20 -2.83
C ASN C 653 -27.42 -31.00 -3.79
N ALA C 654 -28.70 -31.23 -3.40
CA ALA C 654 -29.59 -31.96 -4.29
C ALA C 654 -29.82 -31.23 -5.60
N GLU C 655 -29.93 -29.91 -5.54
CA GLU C 655 -30.08 -29.15 -6.78
C GLU C 655 -28.82 -29.24 -7.68
N ILE C 656 -27.64 -29.10 -7.08
CA ILE C 656 -26.40 -29.18 -7.89
C ILE C 656 -26.28 -30.54 -8.52
N ASN C 657 -26.59 -31.57 -7.76
CA ASN C 657 -26.46 -32.93 -8.28
C ASN C 657 -27.35 -33.14 -9.50
N ALA C 658 -28.61 -32.67 -9.45
CA ALA C 658 -29.50 -32.79 -10.60
C ALA C 658 -28.92 -32.10 -11.81
N LYS C 659 -28.22 -30.98 -11.60
CA LYS C 659 -27.62 -30.32 -12.74
C LYS C 659 -26.33 -31.01 -13.19
N ILE C 660 -25.50 -31.48 -12.27
CA ILE C 660 -24.23 -32.02 -12.80
C ILE C 660 -24.44 -33.38 -13.43
N ALA C 661 -25.50 -34.08 -13.01
CA ALA C 661 -25.88 -35.33 -13.65
C ALA C 661 -26.15 -35.16 -15.13
N GLN C 662 -26.33 -33.94 -15.63
CA GLN C 662 -26.56 -33.79 -17.06
C GLN C 662 -25.28 -33.65 -17.85
N ILE C 663 -24.13 -33.59 -17.17
CA ILE C 663 -22.84 -33.49 -17.86
C ILE C 663 -22.46 -34.89 -18.31
N GLN C 664 -22.31 -35.08 -19.60
CA GLN C 664 -22.01 -36.39 -20.16
C GLN C 664 -20.52 -36.71 -20.15
N GLN C 665 -19.66 -35.69 -20.11
CA GLN C 665 -18.23 -35.86 -20.36
C GLN C 665 -17.50 -36.58 -19.24
N GLY C 666 -18.06 -36.68 -18.04
CA GLY C 666 -17.42 -37.49 -17.01
C GLY C 666 -18.42 -37.64 -15.90
N PHE C 667 -18.00 -38.32 -14.82
CA PHE C 667 -18.87 -38.66 -13.71
C PHE C 667 -18.68 -37.63 -12.58
N GLY C 668 -19.61 -36.70 -12.47
CA GLY C 668 -19.57 -35.62 -11.49
C GLY C 668 -20.39 -35.99 -10.28
N PHE C 669 -20.00 -35.44 -9.14
CA PHE C 669 -20.62 -35.72 -7.86
C PHE C 669 -20.58 -34.47 -7.00
N SER C 670 -21.50 -34.39 -6.06
CA SER C 670 -21.45 -33.37 -5.02
C SER C 670 -22.01 -34.03 -3.78
N ILE C 671 -21.31 -33.92 -2.64
CA ILE C 671 -21.70 -34.59 -1.40
C ILE C 671 -21.58 -33.63 -0.23
N LEU C 672 -22.35 -33.93 0.82
CA LEU C 672 -22.21 -33.21 2.10
C LEU C 672 -20.86 -33.51 2.73
N PRO C 673 -20.28 -32.52 3.42
CA PRO C 673 -18.91 -32.67 3.98
C PRO C 673 -18.92 -33.45 5.30
N PRO C 674 -17.78 -34.01 5.70
CA PRO C 674 -17.74 -34.72 6.97
C PRO C 674 -17.78 -33.74 8.13
N PRO C 675 -18.26 -34.17 9.28
CA PRO C 675 -18.25 -33.26 10.43
C PRO C 675 -16.85 -32.93 10.93
N ILE C 676 -15.83 -33.77 10.64
CA ILE C 676 -14.46 -33.57 11.12
C ILE C 676 -13.45 -33.88 10.02
N LEU C 677 -12.66 -32.87 9.63
CA LEU C 677 -11.55 -33.07 8.73
C LEU C 677 -10.55 -34.04 9.34
N GLY C 678 -10.22 -35.09 8.62
CA GLY C 678 -9.16 -36.01 9.00
C GLY C 678 -9.60 -37.28 9.68
N LEU C 679 -10.90 -37.45 9.93
CA LEU C 679 -11.49 -38.69 10.42
C LEU C 679 -12.49 -39.30 9.45
N GLY C 680 -13.28 -38.46 8.76
CA GLY C 680 -14.26 -38.87 7.75
C GLY C 680 -15.47 -39.62 8.30
N GLN C 681 -16.68 -39.11 8.05
CA GLN C 681 -17.96 -39.81 8.34
C GLN C 681 -18.05 -40.15 9.83
N GLY C 682 -18.30 -41.40 10.23
CA GLY C 682 -18.68 -41.75 11.59
C GLY C 682 -19.43 -43.06 11.72
N SER C 683 -20.31 -43.33 10.75
CA SER C 683 -20.94 -44.65 10.59
C SER C 683 -20.32 -45.46 9.47
N GLY C 684 -19.71 -44.79 8.48
CA GLY C 684 -19.10 -45.42 7.32
C GLY C 684 -17.88 -46.25 7.65
N TYR C 685 -17.07 -46.50 6.62
CA TYR C 685 -15.92 -47.35 6.83
C TYR C 685 -14.88 -46.98 5.80
N SER C 686 -13.66 -47.46 6.07
CA SER C 686 -12.49 -47.21 5.22
C SER C 686 -11.63 -48.45 5.29
N LEU C 687 -11.21 -48.97 4.12
CA LEU C 687 -10.37 -50.13 4.10
C LEU C 687 -9.46 -50.03 2.86
N TYR C 688 -8.45 -50.83 2.85
CA TYR C 688 -7.66 -51.06 1.65
C TYR C 688 -7.82 -52.52 1.28
N ILE C 689 -7.83 -52.81 -0.03
CA ILE C 689 -7.61 -54.19 -0.45
C ILE C 689 -6.14 -54.28 -0.77
N GLN C 690 -5.43 -55.25 -0.18
CA GLN C 690 -3.98 -55.43 -0.37
C GLN C 690 -3.77 -56.65 -1.26
N ASP C 691 -2.82 -56.53 -2.19
CA ASP C 691 -2.38 -57.66 -3.01
C ASP C 691 -1.06 -58.16 -2.45
N ARG C 692 -1.11 -59.24 -1.67
CA ARG C 692 0.06 -59.80 -1.02
C ARG C 692 0.67 -60.99 -1.77
N GLY C 693 0.00 -61.53 -2.79
CA GLY C 693 0.54 -62.67 -3.51
C GLY C 693 1.05 -62.34 -4.90
N GLY C 694 1.39 -61.09 -5.16
CA GLY C 694 1.93 -60.74 -6.47
C GLY C 694 0.96 -60.98 -7.59
N LEU C 695 -0.34 -60.79 -7.34
CA LEU C 695 -1.33 -61.12 -8.33
C LEU C 695 -1.43 -60.08 -9.43
N GLY C 696 -0.93 -58.86 -9.14
CA GLY C 696 -0.82 -57.82 -10.13
C GLY C 696 -2.01 -56.86 -10.16
N TYR C 697 -1.80 -55.77 -10.91
CA TYR C 697 -2.72 -54.61 -10.97
C TYR C 697 -4.09 -54.96 -11.60
N GLY C 698 -4.10 -55.82 -12.62
CA GLY C 698 -5.38 -56.24 -13.17
C GLY C 698 -6.22 -57.07 -12.21
N ALA C 699 -5.61 -58.00 -11.47
CA ALA C 699 -6.43 -58.76 -10.51
C ALA C 699 -6.90 -57.86 -9.39
N LEU C 700 -6.10 -56.88 -9.02
CA LEU C 700 -6.57 -55.95 -7.99
C LEU C 700 -7.79 -55.15 -8.48
N GLN C 701 -7.76 -54.71 -9.75
CA GLN C 701 -8.94 -54.06 -10.31
C GLN C 701 -10.16 -54.97 -10.30
N SER C 702 -9.98 -56.26 -10.64
CA SER C 702 -11.16 -57.15 -10.62
C SER C 702 -11.69 -57.33 -9.20
N ALA C 703 -10.79 -57.47 -8.23
CA ALA C 703 -11.17 -57.52 -6.81
C ALA C 703 -11.92 -56.27 -6.38
N VAL C 704 -11.42 -55.08 -6.74
CA VAL C 704 -12.13 -53.84 -6.45
C VAL C 704 -13.54 -53.86 -7.04
N ASN C 705 -13.67 -54.21 -8.33
CA ASN C 705 -14.98 -54.24 -8.98
C ASN C 705 -15.88 -55.23 -8.29
N ALA C 706 -15.35 -56.41 -7.93
CA ALA C 706 -16.22 -57.43 -7.35
C ALA C 706 -16.66 -57.04 -5.94
N MET C 707 -15.73 -56.54 -5.10
CA MET C 707 -16.11 -56.08 -3.78
C MET C 707 -17.11 -54.94 -3.87
N SER C 708 -16.87 -53.99 -4.78
CA SER C 708 -17.70 -52.80 -4.83
C SER C 708 -19.14 -53.14 -5.24
N GLY C 709 -19.29 -54.05 -6.21
CA GLY C 709 -20.65 -54.47 -6.60
C GLY C 709 -21.37 -55.18 -5.45
N ALA C 710 -20.67 -56.12 -4.80
CA ALA C 710 -21.26 -56.86 -3.71
C ALA C 710 -21.68 -55.93 -2.57
N ILE C 711 -20.85 -54.91 -2.31
CA ILE C 711 -21.18 -53.93 -1.29
C ILE C 711 -22.39 -53.11 -1.74
N MET C 712 -22.43 -52.71 -2.99
CA MET C 712 -23.55 -51.89 -3.46
C MET C 712 -24.87 -52.62 -3.29
N GLN C 713 -24.86 -53.93 -3.35
CA GLN C 713 -26.12 -54.66 -3.23
C GLN C 713 -26.42 -55.13 -1.82
N THR C 714 -25.52 -54.89 -0.87
CA THR C 714 -25.86 -54.98 0.56
C THR C 714 -26.86 -53.89 0.93
N PRO C 715 -27.96 -54.22 1.59
CA PRO C 715 -28.93 -53.16 1.99
C PRO C 715 -28.33 -52.21 3.03
N GLY C 716 -28.51 -50.91 2.80
CA GLY C 716 -27.92 -49.91 3.67
C GLY C 716 -26.50 -49.48 3.31
N MET C 717 -25.98 -49.90 2.15
CA MET C 717 -24.60 -49.68 1.74
C MET C 717 -24.66 -49.28 0.26
N HIS C 718 -24.10 -48.13 -0.09
CA HIS C 718 -23.99 -47.72 -1.49
C HIS C 718 -22.64 -48.18 -2.07
N PHE C 719 -22.50 -48.09 -3.41
CA PHE C 719 -21.23 -48.38 -4.10
C PHE C 719 -20.07 -47.59 -3.45
N PRO C 720 -19.04 -48.24 -2.94
CA PRO C 720 -17.93 -47.47 -2.31
C PRO C 720 -17.13 -46.74 -3.36
N ILE C 721 -16.28 -45.81 -2.91
CA ILE C 721 -15.47 -45.07 -3.88
C ILE C 721 -14.01 -45.44 -3.67
N SER C 722 -13.24 -45.30 -4.76
CA SER C 722 -11.86 -45.73 -4.80
C SER C 722 -11.07 -44.71 -5.59
N THR C 723 -9.82 -44.51 -5.16
CA THR C 723 -8.82 -43.87 -6.00
C THR C 723 -8.28 -44.80 -7.09
N TYR C 724 -8.37 -46.10 -6.88
CA TYR C 724 -7.66 -47.03 -7.76
C TYR C 724 -8.34 -47.13 -9.14
N GLN C 725 -7.52 -47.18 -10.21
CA GLN C 725 -8.08 -47.25 -11.58
C GLN C 725 -6.94 -47.84 -12.42
N ALA C 726 -6.96 -49.15 -12.60
CA ALA C 726 -5.87 -49.85 -13.26
C ALA C 726 -5.98 -49.79 -14.79
N ASN C 727 -7.10 -49.30 -15.33
CA ASN C 727 -7.34 -49.33 -16.79
C ASN C 727 -6.97 -48.01 -17.45
N VAL C 728 -5.91 -47.36 -16.98
CA VAL C 728 -5.50 -46.09 -17.61
C VAL C 728 -4.64 -46.44 -18.82
N PRO C 729 -5.01 -46.02 -20.04
CA PRO C 729 -4.22 -46.41 -21.23
C PRO C 729 -2.83 -45.86 -21.14
N GLN C 730 -1.86 -46.69 -21.51
CA GLN C 730 -0.48 -46.29 -21.43
C GLN C 730 0.25 -46.86 -22.66
N LEU C 731 1.54 -46.64 -22.71
CA LEU C 731 2.36 -47.15 -23.79
C LEU C 731 3.56 -47.88 -23.17
N ASP C 732 4.02 -48.94 -23.82
CA ASP C 732 5.14 -49.73 -23.33
C ASP C 732 6.19 -49.67 -24.43
N VAL C 733 7.39 -49.25 -24.07
CA VAL C 733 8.50 -49.11 -24.99
C VAL C 733 9.47 -50.26 -24.67
N GLN C 734 9.39 -51.35 -25.45
CA GLN C 734 10.20 -52.56 -25.27
C GLN C 734 11.52 -52.38 -26.03
N VAL C 735 12.59 -52.26 -25.30
CA VAL C 735 13.89 -51.94 -25.86
C VAL C 735 14.54 -53.24 -26.32
N ASP C 736 14.98 -53.27 -27.58
CA ASP C 736 15.72 -54.44 -28.03
C ASP C 736 17.18 -54.20 -27.57
N ARG C 737 17.55 -54.71 -26.37
CA ARG C 737 18.86 -54.31 -25.83
C ARG C 737 20.01 -54.83 -26.71
N ASP C 738 19.91 -56.05 -27.17
CA ASP C 738 20.97 -56.62 -28.02
C ASP C 738 21.19 -55.78 -29.28
N LYS C 739 20.11 -55.34 -29.89
CA LYS C 739 20.22 -54.58 -31.13
C LYS C 739 20.77 -53.18 -30.87
N ALA C 740 20.40 -52.54 -29.74
CA ALA C 740 21.04 -51.27 -29.39
C ALA C 740 22.52 -51.47 -29.15
N LYS C 741 22.87 -52.50 -28.38
CA LYS C 741 24.27 -52.59 -27.99
C LYS C 741 25.08 -53.05 -29.22
N ALA C 742 24.47 -53.91 -30.05
CA ALA C 742 25.20 -54.41 -31.24
C ALA C 742 25.62 -53.28 -32.16
N GLN C 743 24.85 -52.20 -32.20
CA GLN C 743 25.19 -51.08 -33.05
C GLN C 743 25.83 -49.91 -32.30
N GLY C 744 26.28 -50.12 -31.09
CA GLY C 744 27.02 -49.06 -30.44
C GLY C 744 26.18 -48.01 -29.70
N VAL C 745 24.92 -48.30 -29.35
CA VAL C 745 24.11 -47.34 -28.59
C VAL C 745 24.09 -47.87 -27.17
N SER C 746 24.59 -47.08 -26.20
CA SER C 746 24.57 -47.59 -24.84
C SER C 746 23.17 -47.36 -24.29
N LEU C 747 22.75 -48.21 -23.35
CA LEU C 747 21.43 -48.03 -22.76
C LEU C 747 21.33 -46.72 -21.98
N THR C 748 22.45 -46.22 -21.42
CA THR C 748 22.42 -44.94 -20.71
C THR C 748 21.99 -43.83 -21.66
N GLU C 749 22.54 -43.85 -22.87
CA GLU C 749 22.14 -42.88 -23.89
C GLU C 749 20.71 -43.08 -24.33
N LEU C 750 20.31 -44.33 -24.55
CA LEU C 750 18.96 -44.61 -25.03
C LEU C 750 17.91 -44.19 -23.97
N PHE C 751 18.03 -44.73 -22.78
CA PHE C 751 17.14 -44.34 -21.67
C PHE C 751 17.19 -42.84 -21.42
N GLY C 752 18.39 -42.26 -21.47
CA GLY C 752 18.55 -40.84 -21.20
C GLY C 752 17.82 -39.96 -22.19
N THR C 753 17.80 -40.39 -23.45
CA THR C 753 17.06 -39.69 -24.50
C THR C 753 15.57 -39.69 -24.19
N LEU C 754 15.01 -40.86 -23.83
CA LEU C 754 13.60 -40.89 -23.47
C LEU C 754 13.34 -40.00 -22.28
N GLN C 755 14.21 -40.11 -21.29
CA GLN C 755 13.98 -39.42 -20.02
C GLN C 755 13.94 -37.89 -20.21
N THR C 756 14.96 -37.34 -20.85
CA THR C 756 15.03 -35.88 -20.97
C THR C 756 13.95 -35.39 -21.92
N TYR C 757 13.90 -35.94 -23.17
CA TYR C 757 12.89 -35.43 -24.10
C TYR C 757 11.45 -35.65 -23.64
N LEU C 758 11.09 -36.88 -23.21
CA LEU C 758 9.69 -37.18 -22.93
C LEU C 758 9.30 -36.93 -21.48
N GLY C 759 10.23 -37.10 -20.53
CA GLY C 759 9.91 -36.96 -19.09
C GLY C 759 10.39 -35.71 -18.42
N SER C 760 11.33 -35.00 -19.04
CA SER C 760 12.04 -33.84 -18.50
C SER C 760 13.20 -34.24 -17.59
N SER C 761 14.23 -33.42 -17.57
CA SER C 761 15.39 -33.60 -16.72
C SER C 761 15.59 -32.36 -15.87
N TYR C 762 15.79 -32.58 -14.57
CA TYR C 762 16.22 -31.51 -13.71
C TYR C 762 17.68 -31.20 -13.98
N VAL C 763 17.97 -29.95 -14.39
CA VAL C 763 19.33 -29.63 -14.83
C VAL C 763 20.18 -29.15 -13.64
N ASN C 764 19.76 -28.05 -13.00
CA ASN C 764 20.36 -27.46 -11.80
C ASN C 764 19.46 -26.26 -11.42
N ASP C 765 19.95 -25.37 -10.57
CA ASP C 765 19.12 -24.28 -10.04
C ASP C 765 19.65 -22.98 -10.61
N PHE C 766 18.83 -21.96 -10.57
CA PHE C 766 19.26 -20.58 -10.79
C PHE C 766 18.48 -19.68 -9.81
N ASN C 767 18.82 -18.38 -9.75
CA ASN C 767 18.24 -17.48 -8.75
C ASN C 767 17.53 -16.33 -9.49
N GLN C 768 16.34 -15.97 -9.02
CA GLN C 768 15.63 -14.86 -9.61
C GLN C 768 14.66 -14.36 -8.56
N PHE C 769 14.42 -13.06 -8.54
CA PHE C 769 13.51 -12.52 -7.50
C PHE C 769 14.01 -12.85 -6.09
N GLY C 770 15.32 -13.09 -5.93
CA GLY C 770 15.82 -13.37 -4.57
C GLY C 770 15.58 -14.80 -4.11
N ARG C 771 15.15 -15.70 -4.99
CA ARG C 771 14.84 -17.07 -4.59
C ARG C 771 15.52 -18.04 -5.53
N THR C 772 15.59 -19.30 -5.10
CA THR C 772 16.14 -20.41 -5.90
C THR C 772 15.00 -21.07 -6.64
N TRP C 773 15.24 -21.42 -7.93
CA TRP C 773 14.26 -22.09 -8.79
C TRP C 773 14.97 -23.19 -9.60
N ARG C 774 14.21 -24.20 -10.03
CA ARG C 774 14.81 -25.22 -10.88
C ARG C 774 15.01 -24.72 -12.30
N VAL C 775 15.98 -25.34 -12.98
CA VAL C 775 16.11 -25.27 -14.44
C VAL C 775 15.77 -26.64 -14.97
N MET C 776 14.82 -26.72 -15.92
CA MET C 776 14.34 -28.00 -16.41
C MET C 776 14.49 -28.04 -17.92
N ALA C 777 14.85 -29.19 -18.46
CA ALA C 777 14.94 -29.42 -19.91
C ALA C 777 13.94 -30.50 -20.31
N GLN C 778 13.23 -30.29 -21.44
CA GLN C 778 12.24 -31.26 -21.96
C GLN C 778 11.97 -30.94 -23.42
N ALA C 779 11.51 -31.95 -24.20
CA ALA C 779 10.98 -31.59 -25.52
C ALA C 779 9.81 -30.63 -25.32
N ASP C 780 9.71 -29.64 -26.20
CA ASP C 780 8.48 -28.87 -26.27
C ASP C 780 7.28 -29.81 -26.52
N GLY C 781 6.09 -29.43 -26.00
CA GLY C 781 4.93 -30.30 -26.08
C GLY C 781 4.59 -30.85 -27.44
N PRO C 782 4.66 -30.05 -28.52
CA PRO C 782 4.27 -30.61 -29.83
C PRO C 782 5.17 -31.74 -30.31
N TYR C 783 6.33 -31.98 -29.70
CA TYR C 783 7.22 -33.03 -30.17
C TYR C 783 7.12 -34.27 -29.31
N ARG C 784 6.14 -34.32 -28.40
CA ARG C 784 5.98 -35.53 -27.60
C ARG C 784 4.47 -35.80 -27.44
N GLU C 785 3.79 -35.88 -28.59
CA GLU C 785 2.36 -36.15 -28.65
C GLU C 785 2.02 -37.52 -29.19
N SER C 786 2.84 -38.12 -30.05
CA SER C 786 2.43 -39.30 -30.80
C SER C 786 3.43 -40.43 -30.60
N VAL C 787 3.02 -41.64 -30.99
CA VAL C 787 3.97 -42.74 -30.92
C VAL C 787 5.13 -42.49 -31.89
N GLU C 788 4.85 -41.86 -33.04
CA GLU C 788 5.91 -41.56 -34.00
C GLU C 788 6.90 -40.54 -33.41
N ASP C 789 6.43 -39.64 -32.54
CA ASP C 789 7.32 -38.68 -31.86
C ASP C 789 8.35 -39.39 -31.00
N ILE C 790 7.94 -40.46 -30.33
CA ILE C 790 8.88 -41.26 -29.57
C ILE C 790 9.93 -41.89 -30.53
N ALA C 791 9.43 -42.57 -31.60
CA ALA C 791 10.29 -43.30 -32.54
C ALA C 791 11.29 -42.39 -33.24
N ASN C 792 10.93 -41.13 -33.46
CA ASN C 792 11.80 -40.20 -34.17
C ASN C 792 12.82 -39.51 -33.29
N LEU C 793 12.75 -39.65 -31.95
CA LEU C 793 13.83 -39.12 -31.13
C LEU C 793 15.15 -39.76 -31.58
N ARG C 794 16.22 -38.97 -31.58
CA ARG C 794 17.51 -39.48 -32.00
C ARG C 794 18.50 -39.45 -30.83
N THR C 795 19.17 -40.57 -30.66
CA THR C 795 20.34 -40.69 -29.81
C THR C 795 21.57 -40.86 -30.73
N ARG C 796 22.77 -41.06 -30.15
CA ARG C 796 24.02 -41.11 -30.92
C ARG C 796 24.74 -42.41 -30.60
N ASN C 797 25.32 -43.06 -31.63
CA ASN C 797 26.06 -44.27 -31.33
C ASN C 797 27.52 -43.91 -31.10
N ASN C 798 28.35 -44.93 -30.86
CA ASN C 798 29.76 -44.71 -30.56
C ASN C 798 30.54 -44.21 -31.79
N GLN C 799 29.98 -44.35 -32.98
CA GLN C 799 30.52 -43.75 -34.19
C GLN C 799 30.18 -42.27 -34.34
N GLY C 800 29.38 -41.68 -33.45
CA GLY C 800 28.94 -40.33 -33.68
C GLY C 800 27.70 -40.19 -34.57
N GLU C 801 27.11 -41.29 -35.04
CA GLU C 801 25.90 -41.16 -35.90
C GLU C 801 24.62 -40.99 -35.05
N MET C 802 23.69 -40.17 -35.57
CA MET C 802 22.35 -40.01 -34.94
C MET C 802 21.44 -41.18 -35.30
N VAL C 803 20.96 -41.90 -34.29
CA VAL C 803 20.21 -43.15 -34.46
C VAL C 803 18.81 -42.92 -33.92
N PRO C 804 17.74 -43.22 -34.69
CA PRO C 804 16.39 -43.07 -34.14
C PRO C 804 16.07 -44.17 -33.14
N ILE C 805 15.42 -43.74 -32.04
CA ILE C 805 14.94 -44.65 -31.01
C ILE C 805 14.10 -45.74 -31.63
N GLY C 806 13.25 -45.36 -32.58
CA GLY C 806 12.32 -46.32 -33.15
C GLY C 806 13.00 -47.52 -33.79
N SER C 807 14.27 -47.41 -34.14
CA SER C 807 14.92 -48.56 -34.76
C SER C 807 15.39 -49.59 -33.73
N MET C 808 15.32 -49.30 -32.44
CA MET C 808 15.79 -50.19 -31.38
C MET C 808 14.72 -50.56 -30.35
N VAL C 809 13.45 -50.19 -30.57
CA VAL C 809 12.39 -50.48 -29.62
C VAL C 809 11.14 -50.93 -30.36
N ASN C 810 10.26 -51.58 -29.62
CA ASN C 810 8.92 -51.90 -30.06
C ASN C 810 7.95 -51.17 -29.10
N ILE C 811 7.07 -50.36 -29.65
CA ILE C 811 6.10 -49.57 -28.86
C ILE C 811 4.73 -50.22 -29.00
N SER C 812 4.03 -50.42 -27.88
CA SER C 812 2.73 -51.02 -27.95
C SER C 812 1.86 -50.38 -26.85
N THR C 813 0.55 -50.48 -27.03
CA THR C 813 -0.36 -49.89 -26.04
C THR C 813 -0.49 -50.86 -24.88
N THR C 814 -0.70 -50.33 -23.70
CA THR C 814 -0.94 -51.17 -22.52
C THR C 814 -1.82 -50.38 -21.57
N TYR C 815 -1.96 -50.85 -20.34
CA TYR C 815 -2.76 -50.24 -19.28
C TYR C 815 -2.01 -50.31 -17.96
N GLY C 816 -2.28 -49.39 -17.06
CA GLY C 816 -1.62 -49.35 -15.77
C GLY C 816 -2.36 -48.40 -14.82
N PRO C 817 -2.09 -48.51 -13.55
CA PRO C 817 -2.78 -47.64 -12.59
C PRO C 817 -2.15 -46.27 -12.52
N ASP C 818 -2.99 -45.31 -12.26
CA ASP C 818 -2.51 -43.96 -11.96
C ASP C 818 -3.49 -43.30 -11.02
N PRO C 819 -3.15 -43.03 -9.72
CA PRO C 819 -1.83 -43.35 -9.13
C PRO C 819 -1.65 -44.81 -8.78
N VAL C 820 -0.43 -45.21 -8.52
CA VAL C 820 -0.21 -46.50 -7.88
C VAL C 820 -0.26 -46.25 -6.39
N ILE C 821 -0.94 -47.15 -5.69
CA ILE C 821 -1.18 -47.05 -4.27
C ILE C 821 -0.59 -48.26 -3.58
N ARG C 822 0.07 -48.03 -2.43
CA ARG C 822 0.55 -49.08 -1.57
C ARG C 822 0.02 -48.84 -0.15
N TYR C 823 -0.25 -49.93 0.56
CA TYR C 823 -0.74 -49.79 1.95
C TYR C 823 -0.04 -50.83 2.80
N ASN C 824 0.64 -50.38 3.84
CA ASN C 824 1.44 -51.24 4.71
C ASN C 824 2.36 -52.13 3.88
N GLY C 825 2.96 -51.55 2.86
CA GLY C 825 4.00 -52.32 2.17
C GLY C 825 3.52 -53.22 1.05
N TYR C 826 2.27 -53.14 0.64
CA TYR C 826 1.73 -53.95 -0.45
C TYR C 826 0.99 -53.08 -1.43
N PRO C 827 1.02 -53.41 -2.73
CA PRO C 827 0.11 -52.78 -3.68
C PRO C 827 -1.31 -52.90 -3.16
N ALA C 828 -2.07 -51.84 -3.32
CA ALA C 828 -3.36 -51.82 -2.64
C ALA C 828 -4.35 -50.91 -3.34
N ALA C 829 -5.63 -51.05 -2.96
CA ALA C 829 -6.63 -50.12 -3.45
C ALA C 829 -7.53 -49.69 -2.27
N ASP C 830 -7.89 -48.42 -2.20
CA ASP C 830 -8.76 -47.91 -1.10
C ASP C 830 -10.24 -48.11 -1.47
N LEU C 831 -11.07 -48.37 -0.45
CA LEU C 831 -12.53 -48.37 -0.59
C LEU C 831 -13.06 -47.56 0.58
N ILE C 832 -13.82 -46.52 0.26
CA ILE C 832 -14.46 -45.62 1.23
C ILE C 832 -15.95 -45.82 1.00
N GLY C 833 -16.74 -45.98 2.07
CA GLY C 833 -18.14 -46.23 1.78
C GLY C 833 -18.99 -45.94 3.00
N ASP C 834 -20.30 -45.93 2.75
CA ASP C 834 -21.29 -45.63 3.78
C ASP C 834 -21.95 -46.90 4.30
N ALA C 835 -22.52 -46.79 5.51
CA ALA C 835 -23.35 -47.86 6.05
C ALA C 835 -24.46 -47.22 6.87
N ASP C 836 -25.71 -47.43 6.44
CA ASP C 836 -26.85 -46.75 7.08
C ASP C 836 -27.11 -47.33 8.46
N PRO C 837 -26.95 -46.53 9.52
CA PRO C 837 -27.18 -47.05 10.87
C PRO C 837 -28.60 -47.54 11.12
N ARG C 838 -29.61 -46.97 10.43
CA ARG C 838 -30.96 -47.52 10.56
C ARG C 838 -31.10 -48.89 9.92
N VAL C 839 -30.11 -49.33 9.13
CA VAL C 839 -30.13 -50.67 8.57
C VAL C 839 -29.16 -51.58 9.29
N LEU C 840 -27.93 -51.10 9.49
CA LEU C 840 -26.87 -51.91 10.05
C LEU C 840 -25.96 -50.96 10.82
N SER C 841 -25.40 -51.44 11.94
CA SER C 841 -24.43 -50.63 12.69
C SER C 841 -23.07 -50.70 12.00
N SER C 842 -22.17 -49.79 12.37
CA SER C 842 -20.82 -49.85 11.80
C SER C 842 -20.16 -51.18 12.09
N SER C 843 -20.44 -51.76 13.25
CA SER C 843 -19.83 -53.04 13.63
C SER C 843 -20.35 -54.20 12.78
N GLN C 844 -21.66 -54.23 12.54
CA GLN C 844 -22.21 -55.22 11.61
C GLN C 844 -21.71 -54.99 10.18
N ALA C 845 -21.61 -53.72 9.77
CA ALA C 845 -21.04 -53.42 8.47
C ALA C 845 -19.63 -54.00 8.35
N MET C 846 -18.79 -53.80 9.37
CA MET C 846 -17.42 -54.27 9.25
C MET C 846 -17.38 -55.76 9.20
N THR C 847 -18.23 -56.39 10.01
CA THR C 847 -18.27 -57.85 10.03
C THR C 847 -18.71 -58.42 8.69
N HIS C 848 -19.70 -57.79 8.06
CA HIS C 848 -20.15 -58.21 6.74
C HIS C 848 -19.04 -58.08 5.70
N LEU C 849 -18.32 -56.96 5.72
CA LEU C 849 -17.27 -56.72 4.72
C LEU C 849 -16.13 -57.67 4.92
N GLU C 850 -15.83 -58.02 6.17
CA GLU C 850 -14.83 -59.06 6.38
C GLU C 850 -15.25 -60.36 5.76
N GLU C 851 -16.55 -60.70 5.85
CA GLU C 851 -17.01 -61.99 5.32
C GLU C 851 -17.11 -61.96 3.81
N LEU C 852 -17.62 -60.87 3.23
CA LEU C 852 -17.60 -60.68 1.78
C LEU C 852 -16.20 -60.91 1.25
N SER C 853 -15.22 -60.28 1.88
CA SER C 853 -13.85 -60.29 1.38
C SER C 853 -13.28 -61.69 1.45
N LYS C 854 -13.67 -62.45 2.47
CA LYS C 854 -13.23 -63.84 2.55
C LYS C 854 -13.79 -64.70 1.41
N GLN C 855 -15.01 -64.41 0.95
CA GLN C 855 -15.63 -65.13 -0.16
C GLN C 855 -15.19 -64.60 -1.52
N ILE C 856 -14.94 -63.31 -1.64
CA ILE C 856 -14.72 -62.71 -2.94
C ILE C 856 -13.24 -62.63 -3.31
N LEU C 857 -12.38 -62.34 -2.36
CA LEU C 857 -11.03 -62.04 -2.76
C LEU C 857 -10.25 -63.33 -3.04
N PRO C 858 -9.41 -63.32 -4.06
CA PRO C 858 -8.61 -64.53 -4.32
C PRO C 858 -7.52 -64.71 -3.26
N ASN C 859 -7.11 -65.96 -3.07
CA ASN C 859 -6.02 -66.24 -2.17
C ASN C 859 -4.83 -65.38 -2.48
N GLY C 860 -4.35 -64.65 -1.49
CA GLY C 860 -3.28 -63.70 -1.69
C GLY C 860 -3.73 -62.25 -1.68
N MET C 861 -5.04 -61.98 -1.65
CA MET C 861 -5.52 -60.65 -1.33
C MET C 861 -6.27 -60.68 0.00
N ASN C 862 -6.32 -59.51 0.63
CA ASN C 862 -7.02 -59.37 1.91
C ASN C 862 -7.41 -57.92 2.08
N ILE C 863 -8.21 -57.67 3.10
CA ILE C 863 -8.57 -56.30 3.40
C ILE C 863 -7.90 -55.94 4.72
N GLU C 864 -7.70 -54.64 4.89
CA GLU C 864 -7.21 -54.08 6.15
C GLU C 864 -8.04 -52.86 6.39
N TRP C 865 -8.50 -52.69 7.64
CA TRP C 865 -9.20 -51.47 8.01
C TRP C 865 -8.20 -50.35 8.18
N THR C 866 -8.62 -49.14 7.87
CA THR C 866 -7.83 -47.95 8.12
C THR C 866 -8.70 -46.83 8.70
N ASP C 867 -8.06 -45.69 9.04
CA ASP C 867 -8.70 -44.49 9.61
C ASP C 867 -9.63 -44.88 10.77
N LEU C 868 -10.84 -44.32 10.83
CA LEU C 868 -11.73 -44.62 11.97
C LEU C 868 -12.02 -46.11 12.10
N SER C 869 -12.13 -46.86 10.98
CA SER C 869 -12.43 -48.29 11.09
C SER C 869 -11.33 -49.06 11.78
N PHE C 870 -10.07 -48.66 11.55
CA PHE C 870 -8.97 -49.36 12.20
C PHE C 870 -9.09 -49.19 13.72
N GLN C 871 -9.48 -48.00 14.13
CA GLN C 871 -9.62 -47.74 15.56
C GLN C 871 -10.73 -48.58 16.18
N GLN C 872 -11.91 -48.64 15.52
CA GLN C 872 -12.98 -49.51 16.04
C GLN C 872 -12.53 -50.95 16.09
N ALA C 873 -11.81 -51.40 15.07
CA ALA C 873 -11.49 -52.81 15.08
C ALA C 873 -10.43 -53.14 16.11
N THR C 874 -9.75 -52.14 16.65
CA THR C 874 -8.62 -52.41 17.52
C THR C 874 -8.83 -51.84 18.92
N GLN C 875 -9.91 -51.10 19.14
CA GLN C 875 -10.28 -50.58 20.44
C GLN C 875 -11.20 -51.58 21.14
N GLY C 876 -10.96 -51.79 22.44
CA GLY C 876 -11.90 -52.51 23.25
C GLY C 876 -12.97 -51.58 23.81
N ASN C 877 -14.07 -52.14 24.29
CA ASN C 877 -15.14 -51.35 24.89
C ASN C 877 -14.92 -51.27 26.39
N THR C 878 -14.25 -50.21 26.84
CA THR C 878 -14.01 -50.09 28.27
C THR C 878 -15.25 -49.70 29.07
N ALA C 879 -16.37 -49.41 28.38
CA ALA C 879 -17.67 -49.24 29.03
C ALA C 879 -18.04 -50.44 29.88
N LEU C 880 -17.54 -51.62 29.54
CA LEU C 880 -17.83 -52.83 30.31
C LEU C 880 -17.21 -52.78 31.67
N ILE C 881 -16.19 -51.94 31.84
CA ILE C 881 -15.60 -51.68 33.14
C ILE C 881 -16.08 -50.34 33.68
N VAL C 882 -16.18 -49.34 32.80
CA VAL C 882 -16.47 -47.97 33.25
C VAL C 882 -17.87 -47.87 33.82
N PHE C 883 -18.86 -48.45 33.15
CA PHE C 883 -20.24 -48.36 33.65
C PHE C 883 -20.40 -49.05 35.00
N PRO C 884 -19.98 -50.31 35.22
CA PRO C 884 -20.11 -50.86 36.59
C PRO C 884 -19.34 -50.06 37.63
N VAL C 885 -18.16 -49.55 37.29
CA VAL C 885 -17.43 -48.76 38.27
C VAL C 885 -18.23 -47.53 38.68
N ALA C 886 -18.88 -46.89 37.70
CA ALA C 886 -19.65 -45.68 38.00
C ALA C 886 -20.83 -45.99 38.92
N VAL C 887 -21.49 -47.11 38.69
CA VAL C 887 -22.66 -47.48 39.50
C VAL C 887 -22.22 -47.86 40.88
N LEU C 888 -21.09 -48.57 40.98
CA LEU C 888 -20.63 -49.00 42.29
C LEU C 888 -20.14 -47.80 43.11
N LEU C 889 -19.48 -46.83 42.47
CA LEU C 889 -19.03 -45.65 43.20
C LEU C 889 -20.22 -44.84 43.70
N ALA C 890 -21.24 -44.67 42.87
CA ALA C 890 -22.42 -43.91 43.31
C ALA C 890 -23.15 -44.66 44.43
N PHE C 891 -23.32 -45.98 44.28
CA PHE C 891 -23.92 -46.77 45.37
C PHE C 891 -23.19 -46.57 46.69
N LEU C 892 -21.84 -46.56 46.65
CA LEU C 892 -21.06 -46.47 47.89
C LEU C 892 -21.24 -45.11 48.53
N VAL C 893 -21.25 -44.04 47.72
CA VAL C 893 -21.50 -42.73 48.30
C VAL C 893 -22.84 -42.69 49.01
N LEU C 894 -23.88 -43.22 48.35
CA LEU C 894 -25.22 -43.23 48.94
C LEU C 894 -25.30 -44.14 50.15
N ALA C 895 -24.58 -45.27 50.17
CA ALA C 895 -24.64 -46.15 51.32
C ALA C 895 -24.10 -45.44 52.55
N ALA C 896 -23.08 -44.60 52.35
CA ALA C 896 -22.55 -43.75 53.40
C ALA C 896 -23.57 -42.70 53.81
N LEU C 897 -24.12 -41.96 52.82
CA LEU C 897 -25.12 -40.92 53.15
C LEU C 897 -26.30 -41.51 53.95
N TYR C 898 -26.76 -42.70 53.59
CA TYR C 898 -27.97 -43.25 54.20
C TYR C 898 -27.70 -44.22 55.34
N GLU C 899 -26.43 -44.49 55.60
CA GLU C 899 -25.98 -45.56 56.49
C GLU C 899 -26.80 -46.82 56.26
N SER C 900 -26.90 -47.18 54.99
CA SER C 900 -27.72 -48.34 54.64
C SER C 900 -27.19 -48.96 53.35
N TRP C 901 -27.06 -50.28 53.36
CA TRP C 901 -26.66 -50.96 52.13
C TRP C 901 -27.84 -51.17 51.18
N THR C 902 -29.08 -50.86 51.60
CA THR C 902 -30.25 -51.13 50.75
C THR C 902 -30.94 -49.87 50.25
N LEU C 903 -31.07 -48.85 51.07
CA LEU C 903 -31.70 -47.60 50.63
C LEU C 903 -31.11 -46.99 49.37
N PRO C 904 -29.77 -47.06 49.10
CA PRO C 904 -29.27 -46.51 47.82
C PRO C 904 -30.04 -47.00 46.61
N LEU C 905 -30.59 -48.22 46.71
CA LEU C 905 -31.31 -48.83 45.60
C LEU C 905 -32.54 -48.02 45.22
N ALA C 906 -33.18 -47.33 46.19
CA ALA C 906 -34.34 -46.49 45.87
C ALA C 906 -33.97 -45.37 44.90
N VAL C 907 -32.71 -44.97 44.88
CA VAL C 907 -32.26 -43.97 43.92
C VAL C 907 -31.79 -44.64 42.62
N ILE C 908 -30.94 -45.66 42.73
CA ILE C 908 -30.24 -46.22 41.56
C ILE C 908 -31.24 -46.89 40.64
N LEU C 909 -32.25 -47.57 41.19
CA LEU C 909 -33.21 -48.30 40.37
C LEU C 909 -34.15 -47.40 39.58
N ILE C 910 -34.24 -46.11 39.87
CA ILE C 910 -35.13 -45.31 39.05
C ILE C 910 -34.44 -44.74 37.81
N VAL C 911 -33.12 -44.67 37.78
CA VAL C 911 -32.49 -43.95 36.66
C VAL C 911 -32.72 -44.60 35.30
N PRO C 912 -32.93 -45.92 35.16
CA PRO C 912 -33.31 -46.42 33.82
C PRO C 912 -34.58 -45.77 33.24
N MET C 913 -35.48 -45.25 34.09
CA MET C 913 -36.76 -44.72 33.62
C MET C 913 -36.55 -43.37 32.93
N THR C 914 -35.61 -42.58 33.44
CA THR C 914 -35.23 -41.34 32.78
C THR C 914 -34.58 -41.61 31.42
N MET C 915 -33.63 -42.56 31.38
CA MET C 915 -33.03 -42.97 30.11
C MET C 915 -34.09 -43.42 29.09
N LEU C 916 -35.08 -44.17 29.56
CA LEU C 916 -36.17 -44.64 28.71
C LEU C 916 -36.99 -43.47 28.17
N SER C 917 -37.36 -42.52 29.05
CA SER C 917 -38.17 -41.38 28.60
C SER C 917 -37.43 -40.59 27.54
N ALA C 918 -36.15 -40.35 27.76
CA ALA C 918 -35.39 -39.55 26.80
C ALA C 918 -35.31 -40.24 25.45
N LEU C 919 -34.98 -41.54 25.43
CA LEU C 919 -34.83 -42.26 24.17
C LEU C 919 -36.16 -42.41 23.45
N PHE C 920 -37.24 -42.53 24.21
CA PHE C 920 -38.57 -42.55 23.62
C PHE C 920 -38.83 -41.27 22.82
N GLY C 921 -38.50 -40.10 23.39
CA GLY C 921 -38.62 -38.86 22.63
C GLY C 921 -37.71 -38.85 21.41
N VAL C 922 -36.49 -39.37 21.54
CA VAL C 922 -35.61 -39.46 20.37
C VAL C 922 -36.24 -40.38 19.32
N TRP C 923 -36.71 -41.54 19.76
CA TRP C 923 -37.33 -42.51 18.87
C TRP C 923 -38.55 -41.91 18.18
N LEU C 924 -39.41 -41.23 18.93
CA LEU C 924 -40.63 -40.70 18.32
C LEU C 924 -40.33 -39.64 17.29
N THR C 925 -39.20 -38.97 17.39
CA THR C 925 -38.91 -37.89 16.45
C THR C 925 -37.99 -38.33 15.32
N GLY C 926 -37.64 -39.61 15.27
CA GLY C 926 -36.79 -40.10 14.21
C GLY C 926 -35.31 -39.90 14.42
N GLY C 927 -34.87 -39.68 15.66
CA GLY C 927 -33.47 -39.34 15.90
C GLY C 927 -32.62 -40.56 16.06
N ASP C 928 -31.32 -40.33 16.20
CA ASP C 928 -30.42 -41.43 16.49
C ASP C 928 -29.77 -41.17 17.86
N ASN C 929 -29.02 -42.16 18.36
CA ASN C 929 -28.36 -42.04 19.66
C ASN C 929 -26.91 -41.60 19.49
N ASN C 930 -26.76 -40.34 19.06
CA ASN C 930 -25.44 -39.79 18.82
C ASN C 930 -24.83 -39.32 20.15
N VAL C 931 -23.55 -38.91 20.11
CA VAL C 931 -22.84 -38.55 21.36
C VAL C 931 -23.51 -37.40 22.10
N PHE C 932 -24.16 -36.46 21.39
CA PHE C 932 -24.82 -35.38 22.14
C PHE C 932 -26.01 -35.92 22.92
N VAL C 933 -26.75 -36.84 22.31
CA VAL C 933 -27.85 -37.50 23.00
C VAL C 933 -27.33 -38.32 24.16
N GLN C 934 -26.20 -39.02 23.96
CA GLN C 934 -25.69 -39.92 24.99
C GLN C 934 -25.30 -39.13 26.23
N VAL C 935 -24.66 -37.98 26.06
CA VAL C 935 -24.35 -37.16 27.22
C VAL C 935 -25.61 -36.55 27.79
N GLY C 936 -26.60 -36.23 26.94
CA GLY C 936 -27.87 -35.76 27.47
C GLY C 936 -28.46 -36.79 28.42
N LEU C 937 -28.43 -38.05 28.02
CA LEU C 937 -28.99 -39.11 28.86
C LEU C 937 -28.31 -39.15 30.21
N VAL C 938 -26.97 -39.04 30.23
CA VAL C 938 -26.29 -39.17 31.50
C VAL C 938 -26.55 -37.95 32.39
N VAL C 939 -26.60 -36.75 31.80
CA VAL C 939 -26.92 -35.59 32.62
C VAL C 939 -28.35 -35.72 33.19
N LEU C 940 -29.29 -36.21 32.39
CA LEU C 940 -30.66 -36.38 32.90
C LEU C 940 -30.70 -37.41 34.02
N MET C 941 -29.96 -38.51 33.88
CA MET C 941 -29.89 -39.49 34.95
C MET C 941 -29.29 -38.88 36.21
N GLY C 942 -28.30 -38.00 36.05
CA GLY C 942 -27.80 -37.27 37.20
C GLY C 942 -28.86 -36.39 37.84
N LEU C 943 -29.72 -35.75 37.01
CA LEU C 943 -30.76 -34.91 37.60
C LEU C 943 -31.83 -35.75 38.29
N ALA C 944 -32.22 -36.87 37.68
CA ALA C 944 -33.04 -37.86 38.40
C ALA C 944 -32.43 -38.19 39.75
N CYS C 945 -31.12 -38.46 39.79
CA CYS C 945 -30.43 -38.79 41.04
C CYS C 945 -30.53 -37.64 42.05
N LYS C 946 -30.22 -36.41 41.60
CA LYS C 946 -30.28 -35.25 42.51
C LYS C 946 -31.61 -35.20 43.20
N ASN C 947 -32.69 -35.29 42.41
CA ASN C 947 -34.04 -35.13 42.97
C ASN C 947 -34.35 -36.28 43.91
N ALA C 948 -33.97 -37.51 43.53
CA ALA C 948 -34.43 -38.68 44.28
C ALA C 948 -33.64 -38.87 45.56
N ILE C 949 -32.37 -38.46 45.58
CA ILE C 949 -31.58 -38.55 46.78
C ILE C 949 -32.22 -37.73 47.90
N LEU C 950 -32.73 -36.53 47.59
CA LEU C 950 -33.34 -35.69 48.60
C LEU C 950 -34.72 -36.21 49.06
N ILE C 951 -35.54 -36.75 48.13
CA ILE C 951 -36.77 -37.43 48.56
C ILE C 951 -36.42 -38.49 49.58
N VAL C 952 -35.38 -39.29 49.27
CA VAL C 952 -35.09 -40.40 50.16
C VAL C 952 -34.53 -39.87 51.46
N GLU C 953 -33.62 -38.88 51.39
CA GLU C 953 -33.05 -38.27 52.59
C GLU C 953 -34.16 -37.68 53.48
N PHE C 954 -35.08 -36.91 52.88
CA PHE C 954 -36.15 -36.34 53.73
C PHE C 954 -36.99 -37.44 54.40
N ALA C 955 -37.40 -38.45 53.64
CA ALA C 955 -38.14 -39.56 54.24
C ALA C 955 -37.36 -40.20 55.40
N ARG C 956 -36.07 -40.47 55.18
CA ARG C 956 -35.22 -41.02 56.24
C ARG C 956 -35.23 -40.14 57.49
N GLU C 957 -35.12 -38.81 57.28
CA GLU C 957 -35.13 -37.87 58.39
C GLU C 957 -36.47 -37.89 59.09
N LEU C 958 -37.54 -38.01 58.31
CA LEU C 958 -38.86 -37.98 58.93
C LEU C 958 -39.12 -39.25 59.76
N GLU C 959 -38.57 -40.40 59.33
CA GLU C 959 -38.61 -41.59 60.20
C GLU C 959 -37.78 -41.39 61.45
N ILE C 960 -36.59 -40.81 61.32
CA ILE C 960 -35.76 -40.54 62.50
C ILE C 960 -36.52 -39.65 63.49
N GLN C 961 -37.33 -38.72 62.98
CA GLN C 961 -38.10 -37.83 63.83
C GLN C 961 -39.50 -38.37 64.14
N GLY C 962 -39.69 -39.69 64.04
CA GLY C 962 -40.84 -40.36 64.60
C GLY C 962 -41.83 -40.93 63.59
N LYS C 963 -41.79 -40.54 62.33
CA LYS C 963 -42.94 -40.96 61.55
C LYS C 963 -42.78 -42.39 61.00
N GLY C 964 -43.91 -42.99 60.63
CA GLY C 964 -43.90 -44.33 60.07
C GLY C 964 -43.29 -44.31 58.68
N ILE C 965 -43.03 -45.51 58.14
CA ILE C 965 -42.37 -45.63 56.82
C ILE C 965 -43.22 -44.99 55.74
N MET C 966 -44.53 -45.32 55.74
CA MET C 966 -45.39 -44.83 54.68
C MET C 966 -45.63 -43.34 54.82
N GLU C 967 -45.91 -42.89 56.05
CA GLU C 967 -46.16 -41.47 56.33
C GLU C 967 -44.94 -40.62 55.96
N ALA C 968 -43.75 -41.13 56.27
CA ALA C 968 -42.53 -40.41 55.92
C ALA C 968 -42.35 -40.31 54.41
N ALA C 969 -42.59 -41.40 53.68
CA ALA C 969 -42.42 -41.33 52.24
C ALA C 969 -43.36 -40.29 51.63
N LEU C 970 -44.63 -40.30 52.09
CA LEU C 970 -45.63 -39.39 51.53
C LEU C 970 -45.31 -37.94 51.85
N GLU C 971 -44.92 -37.66 53.10
CA GLU C 971 -44.52 -36.29 53.49
C GLU C 971 -43.22 -35.87 52.78
N ALA C 972 -42.29 -36.79 52.59
CA ALA C 972 -41.12 -36.39 51.79
C ALA C 972 -41.53 -35.96 50.39
N CYS C 973 -42.40 -36.72 49.73
CA CYS C 973 -42.80 -36.34 48.38
C CYS C 973 -43.52 -35.00 48.39
N ARG C 974 -44.37 -34.79 49.39
CA ARG C 974 -45.05 -33.49 49.50
C ARG C 974 -44.05 -32.35 49.63
N LEU C 975 -43.01 -32.52 50.47
CA LEU C 975 -41.98 -31.49 50.63
C LEU C 975 -41.13 -31.31 49.35
N ARG C 976 -40.84 -32.36 48.62
CA ARG C 976 -39.95 -32.20 47.45
C ARG C 976 -40.69 -31.84 46.17
N LEU C 977 -42.03 -31.87 46.20
CA LEU C 977 -42.82 -31.65 44.98
C LEU C 977 -42.53 -30.30 44.37
N ARG C 978 -42.64 -29.22 45.15
CA ARG C 978 -42.43 -27.90 44.56
C ARG C 978 -41.03 -27.72 43.92
N PRO C 979 -39.89 -27.98 44.60
CA PRO C 979 -38.62 -27.73 43.91
C PRO C 979 -38.39 -28.63 42.72
N ILE C 980 -38.81 -29.88 42.78
CA ILE C 980 -38.72 -30.75 41.62
C ILE C 980 -39.46 -30.15 40.44
N VAL C 981 -40.67 -29.64 40.68
CA VAL C 981 -41.47 -29.09 39.59
C VAL C 981 -40.90 -27.76 39.11
N MET C 982 -40.36 -26.93 40.02
CA MET C 982 -39.72 -25.68 39.60
C MET C 982 -38.54 -25.96 38.64
N THR C 983 -37.67 -26.87 39.04
CA THR C 983 -36.58 -27.23 38.12
C THR C 983 -37.09 -27.79 36.80
N SER C 984 -38.07 -28.71 36.84
CA SER C 984 -38.60 -29.28 35.60
C SER C 984 -39.18 -28.21 34.68
N ILE C 985 -39.94 -27.26 35.23
CA ILE C 985 -40.48 -26.20 34.39
C ILE C 985 -39.37 -25.33 33.81
N ALA C 986 -38.38 -24.98 34.63
CA ALA C 986 -37.30 -24.15 34.12
C ALA C 986 -36.58 -24.85 32.96
N PHE C 987 -36.21 -26.12 33.17
CA PHE C 987 -35.48 -26.89 32.17
C PHE C 987 -36.30 -26.98 30.90
N ILE C 988 -37.57 -27.33 31.05
CA ILE C 988 -38.37 -27.61 29.90
C ILE C 988 -38.55 -26.36 29.07
N ALA C 989 -38.89 -25.25 29.71
CA ALA C 989 -39.02 -24.00 28.97
C ALA C 989 -37.74 -23.68 28.20
N GLY C 990 -36.58 -23.94 28.79
CA GLY C 990 -35.31 -23.72 28.12
C GLY C 990 -35.09 -24.59 26.90
N THR C 991 -35.78 -25.72 26.80
CA THR C 991 -35.64 -26.52 25.58
C THR C 991 -36.46 -25.98 24.41
N ILE C 992 -37.41 -25.07 24.64
CA ILE C 992 -38.22 -24.55 23.53
C ILE C 992 -37.40 -23.84 22.47
N PRO C 993 -36.46 -22.92 22.81
CA PRO C 993 -35.64 -22.32 21.73
C PRO C 993 -34.70 -23.31 21.04
N LEU C 994 -34.31 -24.41 21.69
CA LEU C 994 -33.57 -25.47 21.02
C LEU C 994 -34.44 -26.21 20.02
N ILE C 995 -35.66 -26.53 20.40
CA ILE C 995 -36.58 -27.22 19.50
C ILE C 995 -36.97 -26.30 18.34
N LEU C 996 -37.22 -25.02 18.62
CA LEU C 996 -37.79 -24.08 17.66
C LEU C 996 -36.76 -23.08 17.14
N GLY C 997 -35.54 -23.54 16.86
CA GLY C 997 -34.53 -22.65 16.37
C GLY C 997 -33.70 -23.26 15.26
N HIS C 998 -33.83 -22.71 14.04
CA HIS C 998 -33.12 -23.16 12.86
C HIS C 998 -32.07 -22.12 12.43
N GLY C 999 -30.92 -22.59 12.00
CA GLY C 999 -29.81 -21.73 11.61
C GLY C 999 -28.47 -22.38 11.96
N ALA C 1000 -27.49 -21.54 12.30
CA ALA C 1000 -26.23 -22.05 12.82
C ALA C 1000 -26.44 -22.87 14.09
N GLY C 1001 -25.88 -24.08 14.12
CA GLY C 1001 -25.97 -24.96 15.28
C GLY C 1001 -27.30 -25.68 15.43
N ALA C 1002 -28.22 -25.51 14.48
CA ALA C 1002 -29.60 -25.98 14.65
C ALA C 1002 -29.68 -27.50 14.85
N GLU C 1003 -28.79 -28.25 14.23
CA GLU C 1003 -28.91 -29.70 14.32
C GLU C 1003 -28.60 -30.21 15.73
N VAL C 1004 -27.48 -29.77 16.31
CA VAL C 1004 -27.14 -30.21 17.68
C VAL C 1004 -28.12 -29.61 18.69
N ARG C 1005 -28.51 -28.34 18.51
CA ARG C 1005 -29.56 -27.75 19.35
C ARG C 1005 -30.82 -28.62 19.35
N GLY C 1006 -31.23 -29.08 18.16
CA GLY C 1006 -32.48 -29.81 18.04
C GLY C 1006 -32.45 -31.16 18.73
N VAL C 1007 -31.39 -31.96 18.47
CA VAL C 1007 -31.34 -33.31 19.04
C VAL C 1007 -31.25 -33.21 20.55
N THR C 1008 -30.63 -32.12 21.05
CA THR C 1008 -30.45 -31.95 22.49
C THR C 1008 -31.77 -31.59 23.17
N GLY C 1009 -32.51 -30.64 22.59
CA GLY C 1009 -33.79 -30.25 23.17
C GLY C 1009 -34.78 -31.41 23.26
N ILE C 1010 -34.92 -32.14 22.19
CA ILE C 1010 -35.78 -33.34 22.20
C ILE C 1010 -35.37 -34.29 23.32
N THR C 1011 -34.06 -34.58 23.43
CA THR C 1011 -33.55 -35.47 24.48
C THR C 1011 -33.86 -34.91 25.85
N VAL C 1012 -33.60 -33.63 26.06
CA VAL C 1012 -33.81 -33.06 27.40
C VAL C 1012 -35.31 -32.95 27.71
N PHE C 1013 -36.09 -32.43 26.76
CA PHE C 1013 -37.54 -32.32 26.97
C PHE C 1013 -38.15 -33.66 27.36
N SER C 1014 -37.89 -34.69 26.58
CA SER C 1014 -38.50 -35.99 26.88
C SER C 1014 -37.96 -36.53 28.20
N GLY C 1015 -36.63 -36.41 28.38
CA GLY C 1015 -36.02 -36.93 29.59
C GLY C 1015 -36.57 -36.24 30.81
N MET C 1016 -36.85 -34.94 30.70
CA MET C 1016 -37.26 -34.21 31.89
C MET C 1016 -38.68 -34.58 32.33
N LEU C 1017 -39.55 -34.91 31.37
CA LEU C 1017 -40.88 -35.38 31.75
C LEU C 1017 -40.74 -36.66 32.56
N GLY C 1018 -39.77 -37.50 32.22
CA GLY C 1018 -39.57 -38.74 32.94
C GLY C 1018 -38.88 -38.52 34.27
N VAL C 1019 -37.89 -37.62 34.29
CA VAL C 1019 -37.28 -37.22 35.56
C VAL C 1019 -38.37 -36.87 36.57
N THR C 1020 -39.27 -35.98 36.17
CA THR C 1020 -40.31 -35.51 37.09
C THR C 1020 -41.23 -36.64 37.52
N LEU C 1021 -41.81 -37.35 36.56
CA LEU C 1021 -42.90 -38.27 36.88
C LEU C 1021 -42.37 -39.50 37.61
N PHE C 1022 -41.25 -40.08 37.12
CA PHE C 1022 -40.73 -41.25 37.83
C PHE C 1022 -40.13 -40.86 39.16
N GLY C 1023 -39.56 -39.65 39.27
CA GLY C 1023 -39.04 -39.21 40.57
C GLY C 1023 -40.15 -39.03 41.60
N LEU C 1024 -41.30 -38.49 41.18
CA LEU C 1024 -42.41 -38.25 42.15
C LEU C 1024 -43.26 -39.48 42.46
N PHE C 1025 -43.23 -40.53 41.62
CA PHE C 1025 -44.09 -41.69 41.84
C PHE C 1025 -43.32 -42.98 42.10
N LEU C 1026 -42.20 -43.20 41.40
CA LEU C 1026 -41.49 -44.47 41.59
C LEU C 1026 -40.65 -44.47 42.87
N THR C 1027 -39.91 -43.37 43.13
CA THR C 1027 -39.03 -43.28 44.30
C THR C 1027 -39.72 -43.65 45.60
N PRO C 1028 -40.87 -43.06 45.95
CA PRO C 1028 -41.47 -43.42 47.27
C PRO C 1028 -41.93 -44.86 47.32
N VAL C 1029 -42.36 -45.43 46.19
CA VAL C 1029 -42.69 -46.86 46.15
C VAL C 1029 -41.45 -47.70 46.49
N PHE C 1030 -40.32 -47.43 45.81
CA PHE C 1030 -39.09 -48.15 46.13
C PHE C 1030 -38.66 -47.90 47.57
N TYR C 1031 -38.80 -46.64 48.02
CA TYR C 1031 -38.44 -46.34 49.40
C TYR C 1031 -39.22 -47.25 50.35
N VAL C 1032 -40.54 -47.28 50.19
CA VAL C 1032 -41.36 -48.06 51.11
C VAL C 1032 -41.06 -49.55 50.97
N THR C 1033 -40.91 -50.02 49.74
CA THR C 1033 -40.66 -51.45 49.55
C THR C 1033 -39.36 -51.87 50.23
N LEU C 1034 -38.28 -51.10 50.03
CA LEU C 1034 -37.00 -51.46 50.64
C LEU C 1034 -37.02 -51.27 52.15
N ARG C 1035 -37.71 -50.24 52.64
CA ARG C 1035 -37.84 -50.09 54.09
C ARG C 1035 -38.60 -51.27 54.67
N LYS C 1036 -39.73 -51.65 54.04
CA LYS C 1036 -40.50 -52.77 54.59
C LYS C 1036 -39.73 -54.08 54.45
N LEU C 1037 -38.82 -54.16 53.47
CA LEU C 1037 -38.01 -55.37 53.27
C LEU C 1037 -37.07 -55.60 54.44
N VAL C 1038 -36.54 -54.55 55.05
CA VAL C 1038 -35.55 -54.68 56.11
C VAL C 1038 -36.14 -54.41 57.50
N THR C 1039 -37.46 -54.27 57.60
CA THR C 1039 -38.13 -54.12 58.89
C THR C 1039 -39.38 -54.97 58.95
N ARG C 1040 -39.31 -56.19 58.41
CA ARG C 1040 -40.53 -56.98 58.17
C ARG C 1040 -41.24 -57.32 59.48
N ARG C 1041 -40.56 -58.02 60.38
CA ARG C 1041 -41.19 -58.44 61.63
C ARG C 1041 -41.06 -57.36 62.70
N MET D 1 9.85 40.97 -70.52
CA MET D 1 9.42 39.60 -70.18
C MET D 1 7.92 39.33 -70.41
N ASP D 2 7.64 38.17 -70.99
CA ASP D 2 6.28 37.68 -71.19
C ASP D 2 5.94 36.74 -70.03
N PHE D 3 5.51 37.35 -68.92
CA PHE D 3 5.05 36.55 -67.80
C PHE D 3 3.82 35.71 -68.18
N SER D 4 3.14 36.08 -69.24
CA SER D 4 1.91 35.39 -69.64
C SER D 4 2.15 34.19 -70.55
N ARG D 5 3.40 33.90 -70.91
CA ARG D 5 3.67 33.00 -72.03
C ARG D 5 2.99 31.64 -71.87
N PHE D 6 3.24 30.99 -70.73
CA PHE D 6 2.70 29.66 -70.47
C PHE D 6 1.18 29.65 -70.58
N PHE D 7 0.53 30.72 -70.10
CA PHE D 7 -0.91 30.76 -70.09
C PHE D 7 -1.48 31.05 -71.48
N ILE D 8 -0.83 31.93 -72.25
CA ILE D 8 -1.24 32.08 -73.64
C ILE D 8 -1.17 30.74 -74.39
N ASP D 9 -0.10 29.98 -74.16
CA ASP D 9 0.09 28.77 -74.94
C ASP D 9 -0.76 27.62 -74.43
N ARG D 10 -1.24 27.65 -73.19
CA ARG D 10 -2.14 26.61 -72.67
C ARG D 10 -3.35 27.31 -72.06
N PRO D 11 -4.29 27.75 -72.88
CA PRO D 11 -5.40 28.58 -72.36
C PRO D 11 -6.29 27.84 -71.37
N ILE D 12 -6.38 26.52 -71.44
CA ILE D 12 -7.21 25.85 -70.47
C ILE D 12 -6.63 25.96 -69.04
N PHE D 13 -5.31 26.18 -68.89
CA PHE D 13 -4.73 26.45 -67.58
C PHE D 13 -5.20 27.78 -67.03
N ALA D 14 -5.11 28.82 -67.86
CA ALA D 14 -5.64 30.13 -67.45
C ALA D 14 -7.11 30.02 -67.08
N ALA D 15 -7.89 29.29 -67.89
CA ALA D 15 -9.31 29.15 -67.59
C ALA D 15 -9.54 28.47 -66.24
N VAL D 16 -8.82 27.36 -66.00
CA VAL D 16 -9.01 26.61 -64.77
C VAL D 16 -8.67 27.47 -63.57
N LEU D 17 -7.58 28.25 -63.66
CA LEU D 17 -7.19 29.11 -62.55
C LEU D 17 -8.23 30.21 -62.28
N SER D 18 -8.81 30.79 -63.34
CA SER D 18 -9.83 31.82 -63.14
C SER D 18 -11.10 31.24 -62.56
N ILE D 19 -11.50 30.06 -63.03
CA ILE D 19 -12.66 29.36 -62.50
C ILE D 19 -12.44 29.05 -61.03
N LEU D 20 -11.22 28.61 -60.67
CA LEU D 20 -10.91 28.31 -59.28
C LEU D 20 -11.07 29.54 -58.39
N ILE D 21 -10.48 30.66 -58.79
CA ILE D 21 -10.66 31.94 -58.11
C ILE D 21 -12.15 32.28 -57.99
N PHE D 22 -12.90 32.07 -59.06
CA PHE D 22 -14.32 32.40 -59.10
C PHE D 22 -15.11 31.53 -58.13
N ILE D 23 -14.84 30.20 -58.18
CA ILE D 23 -15.49 29.23 -57.31
C ILE D 23 -15.24 29.55 -55.83
N THR D 24 -13.98 29.89 -55.47
CA THR D 24 -13.75 30.17 -54.05
C THR D 24 -14.46 31.42 -53.58
N GLY D 25 -14.59 32.43 -54.44
CA GLY D 25 -15.34 33.61 -54.06
C GLY D 25 -16.82 33.32 -53.90
N LEU D 26 -17.37 32.46 -54.78
CA LEU D 26 -18.76 32.06 -54.66
C LEU D 26 -19.01 31.36 -53.33
N ILE D 27 -18.13 30.41 -53.01
CA ILE D 27 -18.20 29.69 -51.74
C ILE D 27 -18.13 30.66 -50.56
N ALA D 28 -17.28 31.70 -50.68
CA ALA D 28 -17.06 32.64 -49.58
C ALA D 28 -18.31 33.49 -49.32
N ILE D 29 -19.06 33.86 -50.38
CA ILE D 29 -20.10 34.87 -50.23
C ILE D 29 -21.07 34.53 -49.09
N PRO D 30 -21.65 33.31 -49.01
CA PRO D 30 -22.60 33.01 -47.92
C PRO D 30 -21.98 32.92 -46.55
N LEU D 31 -20.66 32.85 -46.45
CA LEU D 31 -19.99 32.76 -45.17
C LEU D 31 -19.62 34.12 -44.61
N LEU D 32 -19.73 35.19 -45.39
CA LEU D 32 -19.29 36.45 -44.88
C LEU D 32 -20.35 37.00 -43.89
N PRO D 33 -19.94 37.60 -42.79
CA PRO D 33 -20.91 38.34 -41.95
C PRO D 33 -21.41 39.53 -42.77
N VAL D 34 -22.56 40.07 -42.39
CA VAL D 34 -23.19 41.13 -43.19
C VAL D 34 -23.76 42.15 -42.21
N SER D 35 -23.48 43.44 -42.40
CA SER D 35 -24.04 44.44 -41.51
C SER D 35 -23.88 45.77 -42.22
N GLU D 36 -24.61 46.79 -41.76
CA GLU D 36 -24.51 48.08 -42.44
C GLU D 36 -23.08 48.64 -42.41
N TYR D 37 -22.42 48.56 -41.26
CA TYR D 37 -21.11 49.14 -41.00
C TYR D 37 -20.20 48.07 -40.44
N PRO D 38 -18.87 48.25 -40.58
CA PRO D 38 -17.93 47.47 -39.75
C PRO D 38 -18.15 47.82 -38.28
N ASP D 39 -17.51 47.06 -37.43
CA ASP D 39 -17.70 47.24 -35.97
C ASP D 39 -16.94 48.48 -35.50
N VAL D 40 -17.63 49.60 -35.26
CA VAL D 40 -16.95 50.81 -34.84
C VAL D 40 -17.49 51.41 -33.53
N VAL D 41 -18.45 50.77 -32.88
CA VAL D 41 -18.95 51.39 -31.63
C VAL D 41 -18.07 50.84 -30.52
N PRO D 42 -17.46 51.68 -29.66
CA PRO D 42 -16.67 51.13 -28.55
C PRO D 42 -17.51 50.23 -27.66
N PRO D 43 -16.94 49.11 -27.23
CA PRO D 43 -17.69 48.17 -26.40
C PRO D 43 -18.08 48.85 -25.09
N SER D 44 -19.24 48.51 -24.59
CA SER D 44 -19.65 49.08 -23.33
C SER D 44 -20.37 48.00 -22.54
N VAL D 45 -20.37 48.18 -21.23
CA VAL D 45 -21.00 47.24 -20.33
C VAL D 45 -21.94 48.07 -19.46
N GLN D 46 -23.19 47.64 -19.30
CA GLN D 46 -24.14 48.30 -18.40
C GLN D 46 -24.30 47.55 -17.09
N VAL D 47 -24.26 48.31 -15.98
CA VAL D 47 -24.56 47.79 -14.65
C VAL D 47 -25.86 48.47 -14.23
N ARG D 48 -26.84 47.67 -13.81
CA ARG D 48 -28.15 48.21 -13.48
C ARG D 48 -28.51 47.80 -12.09
N ALA D 49 -28.99 48.77 -11.33
CA ALA D 49 -29.39 48.46 -9.98
C ALA D 49 -30.70 49.20 -9.72
N GLU D 50 -31.45 48.75 -8.72
CA GLU D 50 -32.71 49.41 -8.41
C GLU D 50 -32.87 49.61 -6.91
N TYR D 51 -33.32 50.79 -6.49
CA TYR D 51 -33.54 51.11 -5.10
C TYR D 51 -34.93 51.74 -5.02
N PRO D 52 -35.95 50.93 -4.85
CA PRO D 52 -37.33 51.45 -4.97
C PRO D 52 -37.60 52.57 -3.99
N GLY D 53 -38.08 53.70 -4.52
CA GLY D 53 -38.38 54.86 -3.69
C GLY D 53 -37.25 55.81 -3.43
N ALA D 54 -35.99 55.44 -3.71
CA ALA D 54 -34.90 56.29 -3.24
C ALA D 54 -34.77 57.54 -4.14
N ASN D 55 -34.43 58.68 -3.55
CA ASN D 55 -34.21 59.90 -4.33
C ASN D 55 -33.02 59.65 -5.28
N PRO D 56 -33.03 60.23 -6.49
CA PRO D 56 -31.81 60.17 -7.32
C PRO D 56 -30.53 60.55 -6.55
N LYS D 57 -30.61 61.51 -5.61
CA LYS D 57 -29.41 61.87 -4.83
C LYS D 57 -28.94 60.69 -3.99
N VAL D 58 -29.86 59.98 -3.35
CA VAL D 58 -29.43 58.85 -2.51
C VAL D 58 -28.84 57.74 -3.37
N ILE D 59 -29.49 57.46 -4.52
CA ILE D 59 -28.92 56.41 -5.39
C ILE D 59 -27.53 56.78 -5.82
N ALA D 60 -27.30 58.04 -6.23
CA ALA D 60 -25.95 58.41 -6.68
C ALA D 60 -24.95 58.28 -5.54
N GLU D 61 -25.35 58.66 -4.28
CA GLU D 61 -24.37 58.69 -3.20
C GLU D 61 -24.09 57.32 -2.65
N THR D 62 -25.10 56.45 -2.64
CA THR D 62 -24.99 55.20 -1.90
C THR D 62 -25.00 53.99 -2.78
N VAL D 63 -25.25 54.15 -4.08
CA VAL D 63 -25.25 53.01 -4.99
C VAL D 63 -24.24 53.25 -6.13
N ALA D 64 -24.41 54.36 -6.88
CA ALA D 64 -23.45 54.64 -7.97
C ALA D 64 -22.03 54.85 -7.44
N THR D 65 -21.89 55.56 -6.32
CA THR D 65 -20.53 55.86 -5.83
C THR D 65 -19.76 54.60 -5.46
N PRO D 66 -20.27 53.70 -4.65
CA PRO D 66 -19.48 52.49 -4.40
C PRO D 66 -19.29 51.63 -5.61
N LEU D 67 -20.29 51.51 -6.49
CA LEU D 67 -20.04 50.70 -7.71
C LEU D 67 -18.90 51.30 -8.51
N GLU D 68 -18.93 52.62 -8.68
CA GLU D 68 -17.89 53.28 -9.44
C GLU D 68 -16.54 53.16 -8.74
N GLU D 69 -16.53 53.22 -7.38
CA GLU D 69 -15.25 53.05 -6.69
C GLU D 69 -14.66 51.68 -6.99
N ALA D 70 -15.51 50.65 -7.07
CA ALA D 70 -15.02 49.29 -7.33
C ALA D 70 -14.64 49.07 -8.80
N ILE D 71 -15.35 49.73 -9.73
CA ILE D 71 -15.09 49.50 -11.16
C ILE D 71 -13.85 50.29 -11.60
N ASN D 72 -13.61 51.41 -10.94
CA ASN D 72 -12.50 52.25 -11.33
C ASN D 72 -11.19 51.42 -11.41
N GLY D 73 -10.51 51.57 -12.54
CA GLY D 73 -9.29 50.84 -12.75
C GLY D 73 -9.39 49.55 -13.53
N VAL D 74 -10.59 49.11 -13.96
CA VAL D 74 -10.68 47.95 -14.84
C VAL D 74 -9.89 48.25 -16.13
N GLU D 75 -9.25 47.22 -16.64
CA GLU D 75 -8.40 47.39 -17.82
C GLU D 75 -9.14 47.93 -19.03
N ASN D 76 -8.49 48.85 -19.74
CA ASN D 76 -8.95 49.36 -21.03
C ASN D 76 -10.21 50.20 -20.93
N MET D 77 -10.63 50.63 -19.75
CA MET D 77 -11.78 51.52 -19.69
C MET D 77 -11.39 52.88 -20.25
N MET D 78 -12.26 53.50 -21.01
CA MET D 78 -12.10 54.89 -21.45
C MET D 78 -12.83 55.88 -20.52
N TYR D 79 -14.06 55.57 -20.14
CA TYR D 79 -14.79 56.47 -19.22
C TYR D 79 -15.98 55.70 -18.69
N MET D 80 -16.68 56.29 -17.71
CA MET D 80 -17.80 55.58 -17.12
C MET D 80 -18.77 56.64 -16.67
N LYS D 81 -20.06 56.37 -16.84
CA LYS D 81 -21.10 57.31 -16.38
C LYS D 81 -22.16 56.55 -15.61
N SER D 82 -22.86 57.29 -14.72
CA SER D 82 -23.93 56.74 -13.89
C SER D 82 -25.10 57.68 -14.03
N VAL D 83 -26.26 57.12 -14.29
CA VAL D 83 -27.50 57.89 -14.40
C VAL D 83 -28.51 57.31 -13.41
N ALA D 84 -28.96 58.14 -12.48
CA ALA D 84 -29.83 57.65 -11.39
C ALA D 84 -31.12 58.45 -11.44
N GLY D 85 -32.26 57.77 -11.63
CA GLY D 85 -33.52 58.46 -11.89
C GLY D 85 -34.53 58.29 -10.77
N SER D 86 -35.57 59.13 -10.85
CA SER D 86 -36.60 58.99 -9.84
C SER D 86 -37.47 57.75 -10.02
N ASP D 87 -37.25 56.94 -11.04
CA ASP D 87 -37.88 55.62 -11.06
C ASP D 87 -37.16 54.65 -10.12
N GLY D 88 -36.14 55.09 -9.40
CA GLY D 88 -35.45 54.17 -8.53
C GLY D 88 -34.33 53.41 -9.21
N VAL D 89 -34.05 53.62 -10.50
CA VAL D 89 -33.11 52.76 -11.21
C VAL D 89 -31.82 53.51 -11.46
N LEU D 90 -30.72 52.82 -11.28
CA LEU D 90 -29.40 53.30 -11.64
C LEU D 90 -28.91 52.54 -12.87
N VAL D 91 -28.45 53.26 -13.86
CA VAL D 91 -27.73 52.63 -14.96
C VAL D 91 -26.33 53.21 -14.98
N THR D 92 -25.34 52.36 -14.81
CA THR D 92 -23.95 52.78 -14.91
C THR D 92 -23.39 52.19 -16.19
N THR D 93 -22.83 53.02 -17.07
CA THR D 93 -22.36 52.55 -18.39
C THR D 93 -20.86 52.69 -18.41
N VAL D 94 -20.17 51.58 -18.60
CA VAL D 94 -18.70 51.55 -18.61
C VAL D 94 -18.25 51.29 -20.06
N THR D 95 -17.53 52.23 -20.63
CA THR D 95 -17.10 52.13 -22.04
C THR D 95 -15.62 51.84 -22.11
N PHE D 96 -15.22 51.02 -23.09
CA PHE D 96 -13.87 50.53 -23.19
C PHE D 96 -13.27 50.95 -24.52
N ARG D 97 -11.95 50.96 -24.57
CA ARG D 97 -11.22 51.34 -25.78
C ARG D 97 -11.62 50.45 -26.96
N PRO D 98 -11.77 51.03 -28.14
CA PRO D 98 -11.89 50.25 -29.38
C PRO D 98 -10.89 49.11 -29.45
N GLY D 99 -11.34 47.94 -29.83
CA GLY D 99 -10.48 46.77 -29.84
C GLY D 99 -10.59 45.90 -28.62
N THR D 100 -11.20 46.39 -27.54
CA THR D 100 -11.30 45.58 -26.34
C THR D 100 -12.23 44.42 -26.62
N ASP D 101 -11.86 43.26 -26.14
CA ASP D 101 -12.75 42.13 -26.17
C ASP D 101 -13.96 42.40 -25.28
N PRO D 102 -15.16 42.49 -25.81
CA PRO D 102 -16.31 42.83 -24.97
C PRO D 102 -16.63 41.76 -23.92
N ASP D 103 -16.30 40.49 -24.20
CA ASP D 103 -16.56 39.45 -23.20
C ASP D 103 -15.58 39.57 -22.04
N GLN D 104 -14.37 40.06 -22.33
CA GLN D 104 -13.44 40.27 -21.23
C GLN D 104 -13.82 41.51 -20.43
N ALA D 105 -14.25 42.58 -21.12
CA ALA D 105 -14.80 43.74 -20.43
C ALA D 105 -15.95 43.35 -19.50
N GLN D 106 -16.92 42.59 -20.03
CA GLN D 106 -18.02 42.09 -19.23
C GLN D 106 -17.53 41.43 -17.94
N VAL D 107 -16.57 40.49 -18.05
CA VAL D 107 -16.24 39.69 -16.86
C VAL D 107 -15.44 40.53 -15.89
N GLN D 108 -14.65 41.49 -16.38
CA GLN D 108 -13.90 42.29 -15.42
C GLN D 108 -14.85 43.21 -14.67
N VAL D 109 -15.85 43.76 -15.39
CA VAL D 109 -16.80 44.62 -14.69
C VAL D 109 -17.65 43.82 -13.72
N GLN D 110 -18.11 42.63 -14.12
CA GLN D 110 -18.95 41.81 -13.22
C GLN D 110 -18.18 41.44 -11.95
N ASN D 111 -16.86 41.19 -12.04
CA ASN D 111 -16.06 40.93 -10.82
C ASN D 111 -15.94 42.14 -9.91
N ARG D 112 -15.77 43.35 -10.48
CA ARG D 112 -15.77 44.54 -9.65
C ARG D 112 -17.14 44.77 -9.01
N VAL D 113 -18.24 44.56 -9.77
CA VAL D 113 -19.58 44.70 -9.18
C VAL D 113 -19.74 43.74 -8.01
N ALA D 114 -19.29 42.49 -8.19
CA ALA D 114 -19.39 41.52 -7.11
C ALA D 114 -18.66 42.02 -5.88
N GLN D 115 -17.55 42.73 -6.08
CA GLN D 115 -16.83 43.21 -4.92
C GLN D 115 -17.55 44.38 -4.26
N ALA D 116 -18.26 45.20 -5.02
CA ALA D 116 -18.95 46.36 -4.48
C ALA D 116 -20.23 45.95 -3.77
N GLU D 117 -20.73 44.71 -3.99
CA GLU D 117 -22.07 44.36 -3.57
C GLU D 117 -22.23 44.54 -2.07
N ALA D 118 -21.18 44.24 -1.29
CA ALA D 118 -21.23 44.42 0.17
C ALA D 118 -21.39 45.88 0.58
N ARG D 119 -20.99 46.83 -0.28
CA ARG D 119 -21.16 48.25 0.01
C ARG D 119 -22.61 48.75 -0.23
N LEU D 120 -23.48 47.94 -0.86
CA LEU D 120 -24.74 48.50 -1.37
C LEU D 120 -25.85 48.48 -0.31
N PRO D 121 -26.89 49.31 -0.44
CA PRO D 121 -28.00 49.24 0.52
C PRO D 121 -28.66 47.87 0.47
N GLU D 122 -29.26 47.49 1.59
CA GLU D 122 -29.83 46.15 1.66
C GLU D 122 -30.94 45.94 0.61
N ASP D 123 -31.81 46.93 0.42
CA ASP D 123 -32.91 46.72 -0.54
C ASP D 123 -32.40 46.59 -1.99
N VAL D 124 -31.29 47.24 -2.30
CA VAL D 124 -30.64 47.10 -3.61
C VAL D 124 -30.11 45.68 -3.79
N ARG D 125 -29.39 45.18 -2.76
CA ARG D 125 -28.90 43.80 -2.79
C ARG D 125 -30.02 42.80 -2.97
N ARG D 126 -31.14 43.00 -2.25
CA ARG D 126 -32.24 42.03 -2.29
C ARG D 126 -32.85 41.94 -3.67
N LEU D 127 -32.90 43.05 -4.38
CA LEU D 127 -33.42 43.02 -5.75
C LEU D 127 -32.44 42.42 -6.73
N GLY D 128 -31.15 42.66 -6.52
CA GLY D 128 -30.11 42.10 -7.38
C GLY D 128 -29.61 43.10 -8.39
N ILE D 129 -28.34 43.04 -8.71
CA ILE D 129 -27.72 43.94 -9.68
C ILE D 129 -27.38 43.07 -10.90
N THR D 130 -27.39 43.69 -12.07
CA THR D 130 -27.09 42.96 -13.31
C THR D 130 -25.94 43.67 -14.00
N THR D 131 -25.11 42.88 -14.70
CA THR D 131 -23.99 43.41 -15.47
C THR D 131 -24.12 42.79 -16.85
N GLN D 132 -24.11 43.61 -17.91
CA GLN D 132 -24.46 43.07 -19.22
C GLN D 132 -23.72 43.82 -20.32
N LYS D 133 -22.98 43.06 -21.12
CA LYS D 133 -22.32 43.65 -22.26
C LYS D 133 -23.37 44.10 -23.28
N GLN D 134 -23.15 45.25 -23.92
CA GLN D 134 -24.14 45.81 -24.81
C GLN D 134 -23.81 45.39 -26.25
N SER D 135 -24.85 45.02 -26.97
CA SER D 135 -24.73 44.73 -28.41
C SER D 135 -25.19 45.96 -29.16
N PRO D 136 -24.32 46.74 -29.78
CA PRO D 136 -24.77 48.03 -30.31
C PRO D 136 -25.49 47.95 -31.66
N THR D 137 -25.48 46.84 -32.39
CA THR D 137 -25.93 46.85 -33.77
C THR D 137 -27.37 46.39 -33.83
N LEU D 138 -28.27 47.34 -34.03
CA LEU D 138 -29.69 47.03 -34.15
C LEU D 138 -29.94 46.29 -35.48
N THR D 139 -30.74 45.22 -35.42
CA THR D 139 -31.19 44.47 -36.60
C THR D 139 -32.66 44.70 -36.94
N LEU D 140 -33.55 44.80 -35.94
CA LEU D 140 -34.98 44.84 -36.25
C LEU D 140 -35.69 45.37 -35.00
N VAL D 141 -36.75 46.18 -35.18
CA VAL D 141 -37.67 46.53 -34.10
C VAL D 141 -39.01 45.85 -34.37
N VAL D 142 -39.56 45.19 -33.35
CA VAL D 142 -40.80 44.42 -33.40
C VAL D 142 -41.69 44.99 -32.28
N HIS D 143 -42.92 45.25 -32.59
CA HIS D 143 -43.86 45.66 -31.52
C HIS D 143 -45.00 44.66 -31.49
N LEU D 144 -45.55 44.41 -30.28
CA LEU D 144 -46.88 43.86 -30.20
C LEU D 144 -47.83 44.98 -29.86
N PHE D 145 -49.06 44.91 -30.35
CA PHE D 145 -50.04 45.95 -30.06
C PHE D 145 -51.44 45.39 -30.21
N SER D 146 -52.41 46.17 -29.74
CA SER D 146 -53.79 45.74 -29.74
C SER D 146 -54.65 46.81 -30.43
N PRO D 147 -55.12 46.59 -31.65
CA PRO D 147 -55.82 47.69 -32.39
C PRO D 147 -57.07 48.15 -31.66
N ASN D 148 -57.79 47.24 -31.08
CA ASN D 148 -59.04 47.64 -30.45
C ASN D 148 -58.95 47.88 -28.95
N GLY D 149 -57.78 47.73 -28.33
CA GLY D 149 -57.69 48.09 -26.94
C GLY D 149 -58.06 46.96 -26.00
N LYS D 150 -58.20 45.74 -26.53
CA LYS D 150 -58.56 44.62 -25.65
C LYS D 150 -57.44 44.28 -24.64
N TYR D 151 -56.20 44.44 -25.04
CA TYR D 151 -55.02 44.15 -24.21
C TYR D 151 -54.26 45.45 -24.03
N ASP D 152 -53.74 45.71 -22.83
CA ASP D 152 -52.93 46.90 -22.64
C ASP D 152 -51.46 46.53 -22.64
N SER D 153 -50.62 47.56 -22.49
CA SER D 153 -49.15 47.38 -22.51
C SER D 153 -48.63 46.36 -21.49
N LEU D 154 -49.20 46.37 -20.28
CA LEU D 154 -48.79 45.41 -19.25
C LEU D 154 -49.04 43.99 -19.73
N TYR D 155 -50.24 43.74 -20.27
CA TYR D 155 -50.53 42.42 -20.84
C TYR D 155 -49.55 42.09 -21.95
N MET D 156 -49.28 43.03 -22.85
CA MET D 156 -48.49 42.62 -24.02
C MET D 156 -47.01 42.52 -23.67
N ARG D 157 -46.54 43.38 -22.78
CA ARG D 157 -45.14 43.23 -22.33
C ARG D 157 -44.93 41.85 -21.70
N ASN D 158 -45.85 41.43 -20.85
CA ASN D 158 -45.62 40.14 -20.22
C ASN D 158 -45.88 38.99 -21.16
N TYR D 159 -46.80 39.15 -22.11
CA TYR D 159 -46.89 38.18 -23.20
C TYR D 159 -45.53 38.00 -23.89
N ALA D 160 -44.88 39.11 -24.24
CA ALA D 160 -43.58 39.04 -24.87
C ALA D 160 -42.55 38.34 -23.95
N THR D 161 -42.58 38.63 -22.66
CA THR D 161 -41.66 37.96 -21.71
C THR D 161 -41.92 36.46 -21.59
N LEU D 162 -43.19 36.08 -21.56
CA LEU D 162 -43.60 34.68 -21.37
C LEU D 162 -43.44 33.84 -22.65
N LYS D 163 -43.74 34.40 -23.82
CA LYS D 163 -43.87 33.60 -25.04
C LYS D 163 -42.95 34.00 -26.21
N VAL D 164 -42.38 35.21 -26.22
CA VAL D 164 -41.68 35.71 -27.41
C VAL D 164 -40.18 35.82 -27.16
N LYS D 165 -39.78 36.48 -26.07
CA LYS D 165 -38.37 36.88 -25.95
C LYS D 165 -37.44 35.68 -25.99
N ASP D 166 -37.80 34.60 -25.27
CA ASP D 166 -36.89 33.46 -25.18
C ASP D 166 -36.79 32.75 -26.52
N GLU D 167 -37.88 32.72 -27.29
CA GLU D 167 -37.84 32.17 -28.64
C GLU D 167 -36.95 33.00 -29.56
N LEU D 168 -37.04 34.33 -29.48
CA LEU D 168 -36.14 35.13 -30.32
C LEU D 168 -34.68 34.99 -29.87
N ALA D 169 -34.45 34.91 -28.58
CA ALA D 169 -33.07 34.92 -28.07
C ALA D 169 -32.28 33.69 -28.52
N ARG D 170 -32.96 32.63 -28.92
CA ARG D 170 -32.34 31.41 -29.41
C ARG D 170 -32.02 31.46 -30.88
N LEU D 171 -32.46 32.47 -31.61
CA LEU D 171 -32.07 32.48 -33.01
C LEU D 171 -30.58 32.71 -33.15
N PRO D 172 -29.93 32.00 -34.09
CA PRO D 172 -28.49 32.21 -34.32
C PRO D 172 -28.23 33.61 -34.82
N GLY D 173 -27.16 34.24 -34.32
CA GLY D 173 -26.87 35.60 -34.73
C GLY D 173 -27.40 36.68 -33.78
N VAL D 174 -28.21 36.31 -32.79
CA VAL D 174 -28.78 37.32 -31.87
C VAL D 174 -27.75 37.66 -30.81
N GLY D 175 -27.54 38.95 -30.59
CA GLY D 175 -26.66 39.40 -29.55
C GLY D 175 -27.47 39.78 -28.31
N GLN D 176 -28.57 40.47 -28.53
CA GLN D 176 -29.27 41.04 -27.38
C GLN D 176 -30.71 41.32 -27.83
N ILE D 177 -31.64 41.16 -26.90
CA ILE D 177 -33.06 41.49 -27.12
C ILE D 177 -33.44 42.48 -26.02
N GLN D 178 -33.89 43.68 -26.40
CA GLN D 178 -34.29 44.67 -25.38
C GLN D 178 -35.80 44.87 -25.46
N ILE D 179 -36.49 44.95 -24.30
CA ILE D 179 -37.95 45.11 -24.23
C ILE D 179 -38.23 46.50 -23.66
N PHE D 180 -39.01 47.31 -24.37
CA PHE D 180 -39.33 48.66 -23.91
C PHE D 180 -40.82 48.79 -23.67
N GLY D 181 -41.20 49.10 -22.46
CA GLY D 181 -42.59 49.40 -22.25
C GLY D 181 -43.14 48.65 -21.05
N SER D 182 -43.86 49.37 -20.20
CA SER D 182 -44.57 48.82 -19.04
C SER D 182 -43.54 48.10 -18.16
N GLY D 183 -43.92 47.10 -17.40
CA GLY D 183 -42.96 46.45 -16.52
C GLY D 183 -43.44 45.03 -16.35
N GLU D 184 -42.58 44.17 -15.81
CA GLU D 184 -43.01 42.82 -15.45
C GLU D 184 -44.17 42.87 -14.50
N TYR D 185 -45.03 41.86 -14.59
CA TYR D 185 -46.03 41.68 -13.58
C TYR D 185 -45.42 41.73 -12.17
N ALA D 186 -46.21 42.27 -11.24
CA ALA D 186 -45.88 42.17 -9.82
C ALA D 186 -47.19 42.12 -9.04
N MET D 187 -47.20 41.32 -7.96
CA MET D 187 -48.34 41.34 -7.01
C MET D 187 -48.25 42.65 -6.23
N ARG D 188 -49.23 43.55 -6.42
CA ARG D 188 -49.19 44.86 -5.79
C ARG D 188 -50.20 44.90 -4.64
N VAL D 189 -49.72 45.23 -3.47
CA VAL D 189 -50.53 45.44 -2.28
C VAL D 189 -50.56 46.95 -2.09
N TRP D 190 -51.73 47.58 -2.26
CA TRP D 190 -51.87 49.04 -2.25
C TRP D 190 -52.54 49.35 -0.90
N LEU D 191 -51.72 49.74 0.05
CA LEU D 191 -52.17 49.93 1.45
C LEU D 191 -52.92 51.23 1.61
N ASP D 192 -53.90 51.20 2.50
CA ASP D 192 -54.56 52.42 2.89
C ASP D 192 -54.00 52.71 4.29
N PRO D 193 -53.06 53.67 4.43
CA PRO D 193 -52.37 53.87 5.73
C PRO D 193 -53.33 54.17 6.88
N ASN D 194 -54.42 54.85 6.58
CA ASN D 194 -55.40 55.16 7.66
C ASN D 194 -56.04 53.89 8.17
N LYS D 195 -56.40 52.98 7.25
CA LYS D 195 -56.95 51.70 7.69
C LYS D 195 -55.93 50.84 8.42
N VAL D 196 -54.67 50.80 7.92
CA VAL D 196 -53.61 50.08 8.63
C VAL D 196 -53.47 50.59 10.05
N ALA D 197 -53.26 51.90 10.19
CA ALA D 197 -52.99 52.47 11.51
C ALA D 197 -54.22 52.42 12.41
N ALA D 198 -55.43 52.49 11.83
CA ALA D 198 -56.66 52.37 12.64
C ALA D 198 -56.75 51.01 13.33
N ARG D 199 -56.02 49.99 12.87
CA ARG D 199 -55.93 48.72 13.57
C ARG D 199 -54.66 48.61 14.40
N GLY D 200 -53.97 49.73 14.65
CA GLY D 200 -52.78 49.60 15.48
C GLY D 200 -51.59 48.98 14.75
N LEU D 201 -51.62 48.94 13.43
CA LEU D 201 -50.53 48.27 12.65
C LEU D 201 -49.63 49.30 11.98
N THR D 202 -48.37 48.89 11.70
CA THR D 202 -47.35 49.68 11.00
C THR D 202 -47.14 49.10 9.61
N ALA D 203 -46.57 49.88 8.71
CA ALA D 203 -46.08 49.28 7.47
C ALA D 203 -45.23 48.04 7.76
N SER D 204 -44.35 48.11 8.77
CA SER D 204 -43.42 47.01 8.98
C SER D 204 -44.12 45.75 9.43
N ASP D 205 -45.20 45.86 10.25
CA ASP D 205 -46.01 44.69 10.54
C ASP D 205 -46.52 44.07 9.26
N VAL D 206 -46.93 44.90 8.31
CA VAL D 206 -47.59 44.31 7.14
C VAL D 206 -46.56 43.57 6.29
N VAL D 207 -45.41 44.19 6.08
CA VAL D 207 -44.32 43.54 5.33
C VAL D 207 -43.92 42.21 5.98
N THR D 208 -43.74 42.21 7.31
CA THR D 208 -43.37 41.00 8.02
C THR D 208 -44.41 39.91 7.87
N ALA D 209 -45.69 40.29 7.96
CA ALA D 209 -46.71 39.27 7.83
C ALA D 209 -46.70 38.67 6.42
N MET D 210 -46.51 39.51 5.43
CA MET D 210 -46.51 39.04 4.04
C MET D 210 -45.33 38.12 3.77
N GLN D 211 -44.20 38.37 4.44
CA GLN D 211 -43.00 37.55 4.26
C GLN D 211 -43.15 36.20 4.97
N GLU D 212 -43.87 36.17 6.08
CA GLU D 212 -44.05 34.92 6.83
C GLU D 212 -45.10 34.04 6.18
N GLN D 213 -46.04 34.63 5.48
CA GLN D 213 -47.20 33.89 5.02
C GLN D 213 -47.18 33.62 3.52
N ASN D 214 -46.17 34.11 2.81
CA ASN D 214 -45.97 33.72 1.40
C ASN D 214 -44.52 33.28 1.31
N VAL D 215 -44.27 32.00 1.53
CA VAL D 215 -42.88 31.54 1.59
C VAL D 215 -42.79 30.06 1.22
N GLN D 216 -41.63 29.71 0.65
CA GLN D 216 -41.19 28.34 0.36
C GLN D 216 -41.14 27.51 1.64
N VAL D 217 -41.66 26.27 1.63
CA VAL D 217 -41.55 25.36 2.79
C VAL D 217 -40.81 24.08 2.39
N SER D 218 -39.85 23.64 3.20
CA SER D 218 -39.32 22.28 3.03
C SER D 218 -39.99 21.36 4.04
N ALA D 219 -40.69 20.36 3.56
CA ALA D 219 -41.51 19.54 4.45
C ALA D 219 -40.89 18.17 4.78
N GLY D 220 -39.76 17.80 4.14
CA GLY D 220 -39.05 16.56 4.46
C GLY D 220 -39.78 15.34 3.93
N GLN D 221 -39.51 14.20 4.57
CA GLN D 221 -39.95 12.88 4.10
C GLN D 221 -40.24 11.98 5.30
N LEU D 222 -41.01 10.90 5.04
CA LEU D 222 -41.14 9.77 5.95
C LEU D 222 -40.36 8.58 5.38
N GLY D 223 -39.68 7.84 6.25
CA GLY D 223 -38.98 6.64 5.83
C GLY D 223 -37.57 6.86 5.37
N ALA D 224 -37.01 8.07 5.51
CA ALA D 224 -35.61 8.24 5.17
C ALA D 224 -34.71 7.75 6.29
N GLU D 225 -33.43 7.52 5.95
CA GLU D 225 -32.44 7.10 6.93
C GLU D 225 -32.21 8.19 7.98
N PRO D 226 -31.65 7.83 9.16
CA PRO D 226 -31.14 6.48 9.45
C PRO D 226 -32.17 5.71 10.26
N LEU D 227 -32.29 4.42 10.00
CA LEU D 227 -33.25 3.60 10.70
C LEU D 227 -32.57 2.31 11.14
N PRO D 228 -32.92 1.76 12.31
CA PRO D 228 -32.37 0.43 12.65
C PRO D 228 -32.82 -0.64 11.68
N GLN D 229 -34.04 -0.54 11.20
CA GLN D 229 -34.61 -1.50 10.26
C GLN D 229 -34.87 -0.79 8.93
N GLU D 230 -34.40 -1.38 7.84
CA GLU D 230 -34.65 -0.89 6.49
C GLU D 230 -36.12 -0.64 6.21
N SER D 231 -36.45 0.61 5.93
CA SER D 231 -37.79 0.94 5.47
C SER D 231 -38.04 0.39 4.06
N ASP D 232 -39.29 0.09 3.77
CA ASP D 232 -39.69 -0.32 2.44
C ASP D 232 -40.10 0.86 1.54
N PHE D 233 -40.39 2.02 2.10
CA PHE D 233 -40.97 3.10 1.32
C PHE D 233 -40.28 4.39 1.72
N LEU D 234 -40.22 5.32 0.79
CA LEU D 234 -39.76 6.67 1.03
C LEU D 234 -40.84 7.56 0.51
N ILE D 235 -41.41 8.39 1.37
CA ILE D 235 -42.59 9.21 1.07
C ILE D 235 -42.24 10.67 1.29
N SER D 236 -42.13 11.46 0.21
CA SER D 236 -41.90 12.91 0.29
C SER D 236 -43.17 13.63 0.77
N ILE D 237 -42.99 14.70 1.52
CA ILE D 237 -44.10 15.49 2.06
C ILE D 237 -44.21 16.83 1.32
N ASN D 238 -45.43 17.30 1.10
CA ASN D 238 -45.70 18.58 0.46
C ASN D 238 -46.38 19.44 1.52
N ALA D 239 -45.93 20.67 1.75
CA ALA D 239 -46.76 21.62 2.52
C ALA D 239 -46.72 22.96 1.80
N GLN D 240 -47.87 23.48 1.40
CA GLN D 240 -47.86 24.68 0.58
C GLN D 240 -47.62 25.89 1.45
N GLY D 241 -46.60 26.66 1.16
CA GLY D 241 -46.45 27.87 1.96
C GLY D 241 -46.62 29.09 1.08
N ARG D 242 -46.49 28.95 -0.24
CA ARG D 242 -46.52 30.08 -1.15
C ARG D 242 -47.94 30.40 -1.55
N LEU D 243 -48.20 31.65 -1.90
CA LEU D 243 -49.52 32.10 -2.30
C LEU D 243 -49.48 32.43 -3.80
N HIS D 244 -50.61 32.24 -4.49
CA HIS D 244 -50.70 32.35 -5.95
C HIS D 244 -51.68 33.41 -6.45
N THR D 245 -52.71 33.74 -5.70
CA THR D 245 -53.79 34.52 -6.28
C THR D 245 -53.97 35.80 -5.47
N GLU D 246 -54.61 36.79 -6.08
CA GLU D 246 -54.99 37.99 -5.35
C GLU D 246 -55.74 37.62 -4.09
N GLU D 247 -56.66 36.66 -4.20
CA GLU D 247 -57.51 36.30 -3.07
C GLU D 247 -56.67 35.74 -1.91
N GLU D 248 -55.67 34.90 -2.23
CA GLU D 248 -54.84 34.33 -1.17
C GLU D 248 -54.03 35.43 -0.49
N PHE D 249 -53.46 36.37 -1.27
CA PHE D 249 -52.72 37.43 -0.60
C PHE D 249 -53.65 38.27 0.25
N GLY D 250 -54.86 38.51 -0.26
CA GLY D 250 -55.80 39.29 0.56
C GLY D 250 -56.21 38.60 1.84
N ASN D 251 -56.11 37.29 1.89
CA ASN D 251 -56.49 36.52 3.07
C ASN D 251 -55.36 36.42 4.09
N ILE D 252 -54.19 37.02 3.82
CA ILE D 252 -53.11 37.10 4.80
C ILE D 252 -53.66 37.66 6.11
N ILE D 253 -53.22 37.09 7.25
CA ILE D 253 -53.73 37.47 8.58
C ILE D 253 -52.77 38.49 9.16
N LEU D 254 -53.27 39.68 9.48
CA LEU D 254 -52.36 40.68 10.05
C LEU D 254 -52.39 40.72 11.56
N LYS D 255 -53.55 40.47 12.16
CA LYS D 255 -53.64 40.41 13.61
C LYS D 255 -55.00 39.87 14.00
N THR D 256 -55.14 39.58 15.29
CA THR D 256 -56.42 39.22 15.91
C THR D 256 -57.06 40.50 16.44
N ALA D 257 -58.27 40.77 16.01
CA ALA D 257 -58.92 42.03 16.32
C ALA D 257 -59.52 42.01 17.73
N GLN D 258 -59.88 43.22 18.17
CA GLN D 258 -60.71 43.50 19.34
C GLN D 258 -61.72 42.38 19.58
N ASP D 259 -62.74 42.28 18.69
CA ASP D 259 -63.81 41.28 18.81
C ASP D 259 -63.35 39.82 18.59
N GLY D 260 -62.05 39.49 18.54
CA GLY D 260 -61.64 38.13 18.24
C GLY D 260 -61.63 37.74 16.77
N SER D 261 -62.11 38.60 15.86
CA SER D 261 -61.97 38.24 14.46
C SER D 261 -60.52 38.42 13.99
N LEU D 262 -60.24 37.92 12.82
CA LEU D 262 -58.92 38.08 12.22
C LEU D 262 -58.94 39.28 11.29
N VAL D 263 -57.99 40.21 11.47
CA VAL D 263 -57.79 41.27 10.48
C VAL D 263 -57.01 40.70 9.29
N ARG D 264 -57.55 40.85 8.07
CA ARG D 264 -56.94 40.36 6.82
C ARG D 264 -56.27 41.52 6.08
N LEU D 265 -55.28 41.18 5.26
CA LEU D 265 -54.68 42.20 4.40
C LEU D 265 -55.72 42.93 3.52
N ARG D 266 -56.70 42.21 2.98
CA ARG D 266 -57.72 42.88 2.18
C ARG D 266 -58.58 43.85 3.00
N ASP D 267 -58.54 43.79 4.31
CA ASP D 267 -59.27 44.79 5.09
C ASP D 267 -58.57 46.15 5.12
N VAL D 268 -57.33 46.25 4.63
CA VAL D 268 -56.57 47.49 4.78
C VAL D 268 -55.83 47.78 3.46
N ALA D 269 -56.06 46.95 2.45
CA ALA D 269 -55.32 47.09 1.21
C ALA D 269 -56.17 46.65 0.02
N ARG D 270 -55.89 47.25 -1.13
CA ARG D 270 -56.36 46.76 -2.41
C ARG D 270 -55.24 45.88 -2.95
N ILE D 271 -55.57 44.70 -3.47
CA ILE D 271 -54.55 43.75 -3.93
C ILE D 271 -54.79 43.45 -5.41
N GLU D 272 -53.76 43.65 -6.25
CA GLU D 272 -53.93 43.33 -7.68
C GLU D 272 -52.61 42.88 -8.30
N MET D 273 -52.71 41.92 -9.21
CA MET D 273 -51.60 41.59 -10.11
C MET D 273 -51.40 42.77 -11.02
N GLY D 274 -50.38 43.62 -10.78
CA GLY D 274 -50.18 44.85 -11.52
C GLY D 274 -48.80 44.86 -12.15
N SER D 275 -48.23 46.05 -12.27
CA SER D 275 -46.91 46.24 -12.85
C SER D 275 -45.88 46.48 -11.76
N GLY D 276 -44.68 45.94 -11.97
CA GLY D 276 -43.48 46.26 -11.24
C GLY D 276 -42.87 47.61 -11.60
N SER D 277 -43.28 48.25 -12.70
CA SER D 277 -42.75 49.58 -13.06
C SER D 277 -43.81 50.38 -13.83
N TYR D 278 -44.03 51.66 -13.48
CA TYR D 278 -44.94 52.55 -14.21
C TYR D 278 -44.15 53.67 -14.87
N ALA D 279 -42.83 53.53 -14.93
CA ALA D 279 -41.97 54.62 -15.39
C ALA D 279 -41.98 54.82 -16.91
N LEU D 280 -42.25 53.77 -17.69
CA LEU D 280 -42.08 53.86 -19.15
C LEU D 280 -43.35 53.39 -19.83
N ARG D 281 -43.88 54.19 -20.77
CA ARG D 281 -45.03 53.72 -21.56
C ARG D 281 -44.61 53.44 -23.00
N SER D 282 -45.44 52.67 -23.73
CA SER D 282 -45.12 52.29 -25.11
C SER D 282 -46.42 52.31 -25.92
N GLN D 283 -46.46 53.13 -26.98
CA GLN D 283 -47.55 53.11 -27.95
C GLN D 283 -47.04 52.91 -29.36
N LEU D 284 -47.89 52.37 -30.23
CA LEU D 284 -47.60 52.28 -31.66
C LEU D 284 -48.82 52.87 -32.36
N ASN D 285 -48.63 54.03 -33.05
CA ASN D 285 -49.76 54.78 -33.66
C ASN D 285 -50.89 54.96 -32.68
N ASN D 286 -50.50 55.33 -31.47
CA ASN D 286 -51.36 55.65 -30.35
C ASN D 286 -52.14 54.44 -29.82
N LYS D 287 -51.78 53.22 -30.20
CA LYS D 287 -52.32 52.02 -29.57
C LYS D 287 -51.32 51.56 -28.51
N ASP D 288 -51.81 51.02 -27.36
CA ASP D 288 -50.89 50.40 -26.39
C ASP D 288 -50.06 49.35 -27.10
N ALA D 289 -48.77 49.24 -26.71
CA ALA D 289 -47.86 48.39 -27.42
C ALA D 289 -46.77 47.94 -26.43
N VAL D 290 -45.89 47.07 -26.91
CA VAL D 290 -44.60 46.84 -26.28
C VAL D 290 -43.60 46.77 -27.41
N GLY D 291 -42.45 47.44 -27.22
CA GLY D 291 -41.39 47.44 -28.25
C GLY D 291 -40.29 46.45 -27.90
N ILE D 292 -39.71 45.86 -28.96
CA ILE D 292 -38.68 44.84 -28.80
C ILE D 292 -37.58 45.16 -29.78
N GLY D 293 -36.36 45.40 -29.28
CA GLY D 293 -35.23 45.65 -30.16
C GLY D 293 -34.39 44.40 -30.20
N ILE D 294 -34.11 43.92 -31.42
CA ILE D 294 -33.33 42.74 -31.64
C ILE D 294 -32.01 43.22 -32.19
N PHE D 295 -30.94 42.93 -31.46
CA PHE D 295 -29.58 43.37 -31.82
C PHE D 295 -28.78 42.15 -32.25
N GLN D 296 -27.92 42.33 -33.25
CA GLN D 296 -27.19 41.13 -33.65
C GLN D 296 -25.87 41.05 -32.94
N SER D 297 -25.24 39.86 -32.99
CA SER D 297 -23.90 39.87 -32.44
C SER D 297 -22.87 40.14 -33.55
N PRO D 298 -21.64 40.52 -33.17
CA PRO D 298 -20.59 40.72 -34.19
C PRO D 298 -20.40 39.44 -34.97
N GLY D 299 -20.28 39.56 -36.27
CA GLY D 299 -20.08 38.35 -37.03
C GLY D 299 -21.34 37.74 -37.57
N ALA D 300 -22.52 38.30 -37.24
CA ALA D 300 -23.78 37.79 -37.73
C ALA D 300 -24.02 38.22 -39.17
N ASN D 301 -25.01 37.61 -39.81
CA ASN D 301 -25.55 38.04 -41.08
C ASN D 301 -26.85 38.78 -40.76
N ALA D 302 -26.82 40.09 -40.90
CA ALA D 302 -27.98 40.90 -40.47
C ALA D 302 -29.22 40.56 -41.28
N ILE D 303 -29.04 40.31 -42.58
CA ILE D 303 -30.18 40.00 -43.45
C ILE D 303 -30.83 38.69 -43.02
N ASP D 304 -30.01 37.66 -42.84
CA ASP D 304 -30.54 36.38 -42.39
C ASP D 304 -31.21 36.54 -41.02
N LEU D 305 -30.58 37.29 -40.11
CA LEU D 305 -31.19 37.40 -38.78
C LEU D 305 -32.53 38.12 -38.87
N SER D 306 -32.60 39.21 -39.64
CA SER D 306 -33.92 39.87 -39.76
C SER D 306 -34.96 38.91 -40.33
N ASN D 307 -34.60 38.17 -41.37
CA ASN D 307 -35.54 37.21 -41.95
C ASN D 307 -35.92 36.15 -40.94
N ALA D 308 -34.97 35.74 -40.11
CA ALA D 308 -35.29 34.69 -39.15
C ALA D 308 -36.21 35.24 -38.04
N VAL D 309 -36.01 36.49 -37.62
CA VAL D 309 -36.91 37.07 -36.60
C VAL D 309 -38.33 37.18 -37.15
N ARG D 310 -38.47 37.72 -38.36
CA ARG D 310 -39.81 37.78 -38.97
C ARG D 310 -40.45 36.39 -39.06
N ALA D 311 -39.68 35.39 -39.45
CA ALA D 311 -40.24 34.04 -39.58
C ALA D 311 -40.64 33.51 -38.22
N LYS D 312 -39.82 33.72 -37.21
CA LYS D 312 -40.23 33.29 -35.88
C LYS D 312 -41.49 34.05 -35.41
N MET D 313 -41.52 35.36 -35.61
CA MET D 313 -42.71 36.14 -35.21
C MET D 313 -43.93 35.61 -35.94
N ALA D 314 -43.76 35.25 -37.23
CA ALA D 314 -44.92 34.77 -38.00
C ALA D 314 -45.40 33.42 -37.47
N GLU D 315 -44.51 32.61 -36.94
CA GLU D 315 -44.90 31.36 -36.31
C GLU D 315 -45.58 31.59 -34.97
N LEU D 316 -44.96 32.40 -34.09
CA LEU D 316 -45.56 32.68 -32.78
C LEU D 316 -46.94 33.30 -32.96
N ALA D 317 -47.08 34.12 -33.99
CA ALA D 317 -48.30 34.93 -34.09
C ALA D 317 -49.52 34.08 -34.41
N THR D 318 -49.33 32.88 -34.96
CA THR D 318 -50.50 32.02 -35.12
C THR D 318 -51.17 31.71 -33.79
N ARG D 319 -50.45 31.81 -32.69
CA ARG D 319 -51.06 31.55 -31.38
C ARG D 319 -51.45 32.84 -30.61
N PHE D 320 -51.28 34.02 -31.20
CA PHE D 320 -51.71 35.22 -30.48
C PHE D 320 -53.21 35.16 -30.22
N PRO D 321 -53.67 35.67 -29.09
CA PRO D 321 -55.13 35.86 -28.92
C PRO D 321 -55.65 36.82 -29.96
N GLU D 322 -56.91 36.65 -30.39
CA GLU D 322 -57.35 37.62 -31.36
C GLU D 322 -57.36 38.97 -30.64
N ASP D 323 -57.22 40.01 -31.40
CA ASP D 323 -57.08 41.36 -30.97
C ASP D 323 -55.62 41.68 -30.64
N MET D 324 -54.64 40.78 -30.82
CA MET D 324 -53.24 41.17 -30.62
C MET D 324 -52.46 40.96 -31.92
N GLN D 325 -51.74 42.01 -32.35
CA GLN D 325 -50.98 41.97 -33.61
C GLN D 325 -49.50 42.21 -33.34
N TRP D 326 -48.68 42.01 -34.38
CA TRP D 326 -47.29 42.45 -34.31
C TRP D 326 -46.99 43.28 -35.55
N ALA D 327 -45.92 44.04 -35.44
CA ALA D 327 -45.44 44.88 -36.54
C ALA D 327 -43.93 44.90 -36.43
N ALA D 328 -43.27 45.26 -37.51
CA ALA D 328 -41.82 45.50 -37.49
C ALA D 328 -41.63 46.94 -37.97
N PRO D 329 -41.79 47.93 -37.09
CA PRO D 329 -41.81 49.33 -37.60
C PRO D 329 -40.45 49.87 -38.03
N TYR D 330 -39.36 49.18 -37.73
CA TYR D 330 -38.09 49.73 -38.19
C TYR D 330 -37.20 48.56 -38.59
N ASP D 331 -36.71 48.57 -39.83
CA ASP D 331 -35.80 47.52 -40.25
C ASP D 331 -34.57 48.11 -40.95
N PRO D 332 -33.46 48.32 -40.22
CA PRO D 332 -32.29 48.94 -40.84
C PRO D 332 -31.49 48.00 -41.70
N THR D 333 -31.80 46.70 -41.71
CA THR D 333 -31.08 45.85 -42.71
C THR D 333 -31.36 46.24 -44.16
N VAL D 334 -32.37 47.09 -44.43
CA VAL D 334 -32.56 47.53 -45.81
C VAL D 334 -31.32 48.26 -46.37
N PHE D 335 -30.48 48.85 -45.51
CA PHE D 335 -29.37 49.65 -46.03
C PHE D 335 -28.28 48.76 -46.63
N VAL D 336 -27.90 47.69 -45.94
CA VAL D 336 -26.95 46.75 -46.56
C VAL D 336 -27.61 45.95 -47.70
N ARG D 337 -28.93 45.68 -47.62
CA ARG D 337 -29.62 45.08 -48.77
C ARG D 337 -29.51 45.97 -50.00
N ASP D 338 -29.78 47.27 -49.86
CA ASP D 338 -29.62 48.18 -50.99
C ASP D 338 -28.18 48.17 -51.51
N SER D 339 -27.21 48.22 -50.61
CA SER D 339 -25.81 48.20 -51.03
C SER D 339 -25.45 46.93 -51.84
N ILE D 340 -25.98 45.76 -51.45
CA ILE D 340 -25.75 44.54 -52.21
C ILE D 340 -26.42 44.65 -53.57
N ARG D 341 -27.66 45.14 -53.59
CA ARG D 341 -28.33 45.37 -54.87
C ARG D 341 -27.51 46.28 -55.77
N ALA D 342 -26.87 47.29 -55.17
CA ALA D 342 -26.14 48.28 -55.95
C ALA D 342 -24.86 47.68 -56.51
N VAL D 343 -24.28 46.71 -55.82
CA VAL D 343 -23.09 46.10 -56.38
C VAL D 343 -23.46 45.31 -57.62
N VAL D 344 -24.57 44.57 -57.56
CA VAL D 344 -24.97 43.74 -58.70
C VAL D 344 -25.36 44.62 -59.87
N GLN D 345 -26.16 45.65 -59.61
CA GLN D 345 -26.54 46.60 -60.66
C GLN D 345 -25.32 47.25 -61.31
N THR D 346 -24.37 47.75 -60.50
CA THR D 346 -23.20 48.41 -61.07
C THR D 346 -22.35 47.43 -61.87
N LEU D 347 -22.17 46.23 -61.37
CA LEU D 347 -21.40 45.24 -62.12
C LEU D 347 -22.04 45.00 -63.50
N LEU D 348 -23.33 44.75 -63.53
CA LEU D 348 -24.07 44.61 -64.79
C LEU D 348 -23.84 45.81 -65.70
N GLU D 349 -24.06 47.01 -65.16
CA GLU D 349 -23.89 48.20 -65.99
C GLU D 349 -22.48 48.30 -66.53
N ALA D 350 -21.48 48.05 -65.67
CA ALA D 350 -20.08 48.17 -66.09
C ALA D 350 -19.77 47.19 -67.20
N VAL D 351 -20.27 45.95 -67.10
CA VAL D 351 -19.99 44.93 -68.09
C VAL D 351 -20.68 45.26 -69.40
N VAL D 352 -21.88 45.85 -69.35
CA VAL D 352 -22.53 46.27 -70.60
C VAL D 352 -21.75 47.41 -71.25
N LEU D 353 -21.43 48.44 -70.46
CA LEU D 353 -20.71 49.59 -71.02
C LEU D 353 -19.40 49.16 -71.67
N VAL D 354 -18.62 48.31 -70.98
CA VAL D 354 -17.31 47.94 -71.52
C VAL D 354 -17.45 47.01 -72.72
N VAL D 355 -18.44 46.14 -72.74
CA VAL D 355 -18.71 45.39 -73.96
C VAL D 355 -19.03 46.34 -75.11
N LEU D 356 -19.79 47.38 -74.83
CA LEU D 356 -20.22 48.31 -75.88
C LEU D 356 -19.07 49.21 -76.35
N VAL D 357 -18.21 49.65 -75.42
CA VAL D 357 -17.09 50.50 -75.78
C VAL D 357 -16.06 49.70 -76.57
N VAL D 358 -15.83 48.45 -76.17
CA VAL D 358 -14.88 47.61 -76.89
C VAL D 358 -15.40 47.30 -78.31
N ILE D 359 -16.71 47.04 -78.44
CA ILE D 359 -17.27 46.76 -79.75
C ILE D 359 -17.24 48.02 -80.62
N LEU D 360 -17.43 49.18 -79.99
CA LEU D 360 -17.35 50.43 -80.71
C LEU D 360 -15.96 50.67 -81.29
N PHE D 361 -14.90 50.40 -80.52
CA PHE D 361 -13.53 50.78 -80.89
C PHE D 361 -12.81 49.67 -81.64
N LEU D 362 -12.85 48.45 -81.16
CA LEU D 362 -12.16 47.35 -81.81
C LEU D 362 -13.04 46.62 -82.79
N GLN D 363 -14.34 46.87 -82.76
CA GLN D 363 -15.24 46.44 -83.82
C GLN D 363 -15.15 44.93 -84.07
N THR D 364 -14.89 44.17 -83.02
CA THR D 364 -15.09 42.73 -83.07
C THR D 364 -15.78 42.30 -81.79
N TRP D 365 -16.87 41.56 -81.92
CA TRP D 365 -17.51 41.03 -80.73
C TRP D 365 -16.58 40.08 -79.99
N ARG D 366 -15.54 39.56 -80.67
CA ARG D 366 -14.59 38.65 -80.03
C ARG D 366 -13.83 39.34 -78.89
N ALA D 367 -13.50 40.62 -79.07
CA ALA D 367 -12.71 41.37 -78.09
C ALA D 367 -13.47 41.65 -76.81
N SER D 368 -14.78 41.86 -76.95
CA SER D 368 -15.62 42.23 -75.83
C SER D 368 -15.79 41.09 -74.84
N ILE D 369 -15.54 39.85 -75.28
CA ILE D 369 -15.61 38.71 -74.38
C ILE D 369 -14.60 38.83 -73.26
N ILE D 370 -13.43 39.43 -73.51
CA ILE D 370 -12.40 39.47 -72.49
C ILE D 370 -12.84 40.24 -71.25
N PRO D 371 -13.34 41.49 -71.36
CA PRO D 371 -13.91 42.11 -70.14
C PRO D 371 -15.16 41.41 -69.64
N LEU D 372 -15.99 40.90 -70.56
CA LEU D 372 -17.17 40.15 -70.16
C LEU D 372 -16.81 39.08 -69.12
N ILE D 373 -15.74 38.32 -69.34
CA ILE D 373 -15.41 37.28 -68.36
C ILE D 373 -14.50 37.81 -67.26
N ALA D 374 -13.55 38.69 -67.57
CA ALA D 374 -12.53 39.05 -66.59
C ALA D 374 -13.10 39.85 -65.43
N VAL D 375 -14.06 40.71 -65.71
CA VAL D 375 -14.59 41.65 -64.74
C VAL D 375 -15.34 40.87 -63.65
N PRO D 376 -16.25 39.96 -63.99
CA PRO D 376 -16.95 39.21 -62.93
C PRO D 376 -16.05 38.24 -62.18
N VAL D 377 -15.12 37.57 -62.87
CA VAL D 377 -14.17 36.70 -62.17
C VAL D 377 -13.37 37.49 -61.15
N SER D 378 -12.98 38.72 -61.48
CA SER D 378 -12.18 39.47 -60.54
C SER D 378 -13.01 39.97 -59.36
N VAL D 379 -14.22 40.45 -59.63
CA VAL D 379 -15.05 40.99 -58.55
C VAL D 379 -15.45 39.88 -57.59
N VAL D 380 -15.99 38.78 -58.12
CA VAL D 380 -16.39 37.64 -57.30
C VAL D 380 -15.19 37.04 -56.60
N GLY D 381 -14.04 36.95 -57.28
CA GLY D 381 -12.90 36.37 -56.60
C GLY D 381 -12.48 37.14 -55.35
N THR D 382 -12.74 38.45 -55.33
CA THR D 382 -12.40 39.26 -54.14
C THR D 382 -13.00 38.68 -52.84
N PHE D 383 -14.18 38.06 -52.89
CA PHE D 383 -14.80 37.66 -51.60
C PHE D 383 -14.02 36.59 -50.86
N SER D 384 -13.23 35.79 -51.56
CA SER D 384 -12.52 34.74 -50.86
C SER D 384 -11.45 35.35 -49.97
N ILE D 385 -10.77 36.38 -50.46
CA ILE D 385 -9.74 37.00 -49.65
C ILE D 385 -10.36 37.82 -48.52
N LEU D 386 -11.45 38.55 -48.81
CA LEU D 386 -12.19 39.24 -47.76
C LEU D 386 -12.56 38.28 -46.65
N TYR D 387 -13.00 37.07 -47.03
CA TYR D 387 -13.45 36.15 -46.01
C TYR D 387 -12.27 35.68 -45.17
N LEU D 388 -11.16 35.34 -45.82
CA LEU D 388 -9.99 34.86 -45.10
C LEU D 388 -9.45 35.91 -44.13
N LEU D 389 -9.52 37.19 -44.49
CA LEU D 389 -8.98 38.26 -43.67
C LEU D 389 -9.96 38.69 -42.56
N GLY D 390 -11.14 38.07 -42.48
CA GLY D 390 -12.08 38.34 -41.43
C GLY D 390 -12.96 39.55 -41.66
N PHE D 391 -13.10 40.00 -42.91
CA PHE D 391 -13.94 41.15 -43.21
C PHE D 391 -15.40 40.74 -43.33
N SER D 392 -16.28 41.74 -43.28
CA SER D 392 -17.69 41.52 -43.51
C SER D 392 -18.12 42.21 -44.79
N LEU D 393 -19.27 41.77 -45.33
CA LEU D 393 -19.95 42.56 -46.34
C LEU D 393 -20.70 43.66 -45.61
N ASN D 394 -20.34 44.90 -45.90
CA ASN D 394 -20.99 46.03 -45.27
C ASN D 394 -21.08 47.15 -46.30
N THR D 395 -21.83 48.21 -46.00
CA THR D 395 -21.99 49.28 -47.00
C THR D 395 -20.63 49.93 -47.39
N LEU D 396 -19.57 49.79 -46.58
CA LEU D 396 -18.29 50.40 -46.99
C LEU D 396 -17.42 49.44 -47.80
N SER D 397 -17.26 48.18 -47.37
CA SER D 397 -16.55 47.22 -48.21
C SER D 397 -17.25 47.02 -49.56
N LEU D 398 -18.60 46.98 -49.58
CA LEU D 398 -19.31 46.87 -50.84
C LEU D 398 -19.09 48.09 -51.70
N PHE D 399 -19.05 49.27 -51.08
CA PHE D 399 -18.73 50.47 -51.83
C PHE D 399 -17.29 50.40 -52.39
N GLY D 400 -16.34 49.88 -51.61
CA GLY D 400 -15.00 49.68 -52.15
C GLY D 400 -15.03 48.78 -53.36
N LEU D 401 -15.79 47.68 -53.30
CA LEU D 401 -15.86 46.75 -54.40
C LEU D 401 -16.37 47.42 -55.66
N VAL D 402 -17.37 48.27 -55.51
CA VAL D 402 -17.94 48.87 -56.69
C VAL D 402 -16.96 49.90 -57.28
N LEU D 403 -16.25 50.65 -56.45
CA LEU D 403 -15.23 51.55 -56.97
C LEU D 403 -14.11 50.78 -57.67
N ALA D 404 -13.76 49.60 -57.16
CA ALA D 404 -12.67 48.85 -57.77
C ALA D 404 -13.02 48.31 -59.16
N ILE D 405 -14.30 48.21 -59.50
CA ILE D 405 -14.68 47.72 -60.83
C ILE D 405 -14.02 48.56 -61.89
N GLY D 406 -13.85 49.84 -61.61
CA GLY D 406 -13.14 50.71 -62.52
C GLY D 406 -11.72 50.26 -62.78
N ILE D 407 -11.00 49.83 -61.72
CA ILE D 407 -9.61 49.39 -61.91
C ILE D 407 -9.58 48.08 -62.69
N VAL D 408 -10.51 47.17 -62.37
CA VAL D 408 -10.67 45.89 -63.08
C VAL D 408 -11.00 46.11 -64.57
N VAL D 409 -11.92 47.02 -64.88
CA VAL D 409 -12.30 47.18 -66.29
C VAL D 409 -11.15 47.78 -67.09
N ASP D 410 -10.43 48.75 -66.50
CA ASP D 410 -9.23 49.27 -67.14
C ASP D 410 -8.24 48.15 -67.46
N ASP D 411 -8.03 47.22 -66.51
CA ASP D 411 -7.05 46.15 -66.74
C ASP D 411 -7.44 45.33 -67.96
N ALA D 412 -8.73 44.98 -68.06
CA ALA D 412 -9.21 44.16 -69.16
C ALA D 412 -9.05 44.91 -70.47
N ILE D 413 -9.28 46.23 -70.44
CA ILE D 413 -9.18 47.03 -71.65
C ILE D 413 -7.73 47.11 -72.08
N VAL D 414 -6.82 47.35 -71.11
CA VAL D 414 -5.39 47.43 -71.43
C VAL D 414 -4.94 46.19 -72.18
N VAL D 415 -5.26 45.02 -71.64
CA VAL D 415 -4.80 43.78 -72.26
C VAL D 415 -5.43 43.58 -73.64
N VAL D 416 -6.76 43.66 -73.73
CA VAL D 416 -7.39 43.25 -75.00
C VAL D 416 -7.07 44.26 -76.11
N GLU D 417 -7.01 45.54 -75.75
CA GLU D 417 -6.68 46.57 -76.72
C GLU D 417 -5.25 46.39 -77.21
N ASN D 418 -4.35 45.93 -76.34
CA ASN D 418 -2.96 45.73 -76.74
C ASN D 418 -2.81 44.53 -77.66
N VAL D 419 -3.51 43.42 -77.38
CA VAL D 419 -3.43 42.29 -78.28
C VAL D 419 -3.99 42.66 -79.66
N GLU D 420 -5.17 43.32 -79.66
CA GLU D 420 -5.83 43.66 -80.92
C GLU D 420 -5.00 44.65 -81.75
N ARG D 421 -4.29 45.57 -81.08
CA ARG D 421 -3.44 46.53 -81.79
C ARG D 421 -2.28 45.81 -82.47
N ASN D 422 -1.76 44.80 -81.81
CA ASN D 422 -0.72 43.98 -82.41
C ASN D 422 -1.25 43.12 -83.55
N ILE D 423 -2.49 42.66 -83.46
CA ILE D 423 -3.09 41.97 -84.59
C ILE D 423 -3.29 42.94 -85.75
N GLU D 424 -3.72 44.17 -85.43
CA GLU D 424 -3.87 45.20 -86.44
C GLU D 424 -2.54 45.50 -87.12
N GLU D 425 -1.45 45.51 -86.35
CA GLU D 425 -0.12 45.77 -86.90
C GLU D 425 0.44 44.57 -87.66
N GLY D 426 -0.27 43.45 -87.71
CA GLY D 426 0.01 42.39 -88.64
C GLY D 426 0.28 41.04 -88.02
N LEU D 427 0.44 40.94 -86.70
CA LEU D 427 0.78 39.65 -86.11
C LEU D 427 -0.44 38.74 -86.10
N ALA D 428 -0.21 37.43 -86.17
CA ALA D 428 -1.26 36.46 -85.97
C ALA D 428 -1.72 36.52 -84.51
N PRO D 429 -2.93 36.08 -84.20
CA PRO D 429 -3.41 36.21 -82.79
C PRO D 429 -2.44 35.70 -81.73
N LEU D 430 -1.84 34.52 -81.93
CA LEU D 430 -0.93 33.96 -80.93
C LEU D 430 0.31 34.83 -80.74
N ALA D 431 0.97 35.19 -81.86
CA ALA D 431 2.14 36.06 -81.75
C ALA D 431 1.75 37.44 -81.21
N ALA D 432 0.57 37.93 -81.56
CA ALA D 432 0.16 39.25 -81.07
C ALA D 432 -0.08 39.25 -79.57
N ALA D 433 -0.52 38.10 -79.03
CA ALA D 433 -0.70 37.99 -77.57
C ALA D 433 0.63 38.03 -76.83
N HIS D 434 1.60 37.20 -77.27
CA HIS D 434 2.93 37.20 -76.66
C HIS D 434 3.55 38.59 -76.72
N GLN D 435 3.57 39.19 -77.89
CA GLN D 435 4.15 40.52 -78.00
C GLN D 435 3.42 41.50 -77.09
N ALA D 436 2.10 41.46 -77.10
CA ALA D 436 1.34 42.36 -76.23
C ALA D 436 1.72 42.15 -74.78
N MET D 437 1.88 40.90 -74.38
CA MET D 437 2.18 40.67 -72.97
C MET D 437 3.66 40.89 -72.67
N ARG D 438 4.59 40.75 -73.66
CA ARG D 438 5.94 41.28 -73.41
C ARG D 438 5.90 42.77 -73.09
N GLU D 439 4.94 43.51 -73.64
CA GLU D 439 4.87 44.95 -73.42
C GLU D 439 4.23 45.34 -72.08
N VAL D 440 3.16 44.67 -71.63
CA VAL D 440 2.41 45.15 -70.47
C VAL D 440 2.45 44.23 -69.26
N SER D 441 2.91 42.98 -69.38
CA SER D 441 2.77 42.05 -68.25
C SER D 441 3.67 42.44 -67.08
N GLY D 442 4.93 42.79 -67.37
CA GLY D 442 5.79 43.32 -66.34
C GLY D 442 5.19 44.56 -65.70
N PRO D 443 4.82 45.54 -66.52
CA PRO D 443 4.15 46.74 -65.96
C PRO D 443 2.88 46.44 -65.17
N ILE D 444 2.08 45.47 -65.64
CA ILE D 444 0.89 45.08 -64.88
C ILE D 444 1.27 44.66 -63.46
N ILE D 445 2.33 43.87 -63.30
CA ILE D 445 2.75 43.50 -61.95
C ILE D 445 3.14 44.75 -61.17
N ALA D 446 3.94 45.61 -61.78
CA ALA D 446 4.34 46.84 -61.11
C ALA D 446 3.13 47.67 -60.69
N ILE D 447 2.15 47.87 -61.61
CA ILE D 447 1.02 48.73 -61.27
C ILE D 447 0.29 48.17 -60.06
N ALA D 448 0.17 46.84 -60.00
CA ALA D 448 -0.51 46.23 -58.88
C ALA D 448 0.24 46.52 -57.59
N LEU D 449 1.58 46.45 -57.64
CA LEU D 449 2.34 46.73 -56.44
C LEU D 449 2.26 48.20 -56.09
N VAL D 450 2.27 49.06 -57.12
CA VAL D 450 2.16 50.49 -56.87
C VAL D 450 0.83 50.78 -56.17
N LEU D 451 -0.27 50.23 -56.70
CA LEU D 451 -1.58 50.48 -56.11
C LEU D 451 -1.68 49.90 -54.71
N CYS D 452 -1.10 48.71 -54.47
CA CYS D 452 -1.10 48.21 -53.09
C CYS D 452 -0.25 49.11 -52.19
N ALA D 453 0.84 49.65 -52.74
CA ALA D 453 1.66 50.58 -51.98
C ALA D 453 0.86 51.80 -51.59
N VAL D 454 -0.09 52.21 -52.43
CA VAL D 454 -0.97 53.33 -52.10
C VAL D 454 -2.10 52.86 -51.18
N PHE D 455 -2.81 51.80 -51.57
CA PHE D 455 -4.05 51.43 -50.86
C PHE D 455 -3.77 50.81 -49.48
N VAL D 456 -2.88 49.83 -49.43
CA VAL D 456 -2.70 49.05 -48.20
C VAL D 456 -2.31 49.89 -47.00
N PRO D 457 -1.32 50.80 -47.09
CA PRO D 457 -1.07 51.71 -45.95
C PRO D 457 -2.30 52.47 -45.49
N MET D 458 -3.29 52.69 -46.35
CA MET D 458 -4.52 53.33 -45.94
C MET D 458 -5.38 52.43 -45.05
N ALA D 459 -4.99 51.16 -44.87
CA ALA D 459 -5.66 50.28 -43.91
C ALA D 459 -5.24 50.53 -42.48
N PHE D 460 -4.28 51.43 -42.26
CA PHE D 460 -3.66 51.55 -40.95
C PHE D 460 -3.82 52.94 -40.38
N LEU D 461 -4.80 53.72 -40.87
CA LEU D 461 -5.06 55.04 -40.32
C LEU D 461 -5.79 54.91 -38.99
N SER D 462 -5.81 56.01 -38.25
CA SER D 462 -6.28 56.03 -36.86
C SER D 462 -7.78 56.30 -36.78
N GLY D 463 -8.40 55.76 -35.72
CA GLY D 463 -9.74 56.20 -35.34
C GLY D 463 -10.89 55.50 -36.06
N VAL D 464 -12.07 56.06 -35.86
CA VAL D 464 -13.24 55.54 -36.54
C VAL D 464 -13.13 55.74 -38.05
N THR D 465 -12.73 56.94 -38.50
CA THR D 465 -12.52 57.11 -39.93
C THR D 465 -11.49 56.11 -40.46
N GLY D 466 -10.44 55.86 -39.68
CA GLY D 466 -9.47 54.85 -40.08
C GLY D 466 -10.12 53.48 -40.25
N GLN D 467 -11.12 53.16 -39.43
CA GLN D 467 -11.81 51.89 -39.62
C GLN D 467 -12.66 51.93 -40.89
N PHE D 468 -13.21 53.10 -41.22
CA PHE D 468 -13.90 53.24 -42.49
C PHE D 468 -12.93 53.07 -43.66
N TYR D 469 -11.77 53.73 -43.59
CA TYR D 469 -10.84 53.72 -44.73
C TYR D 469 -10.37 52.31 -45.02
N LYS D 470 -10.06 51.57 -43.96
CA LYS D 470 -9.64 50.19 -44.08
C LYS D 470 -10.61 49.34 -44.88
N GLN D 471 -11.95 49.51 -44.67
CA GLN D 471 -12.92 48.74 -45.46
C GLN D 471 -12.70 48.95 -46.95
N PHE D 472 -12.56 50.22 -47.37
CA PHE D 472 -12.35 50.55 -48.76
C PHE D 472 -10.99 50.07 -49.23
N ALA D 473 -9.95 50.36 -48.43
CA ALA D 473 -8.57 50.11 -48.86
C ALA D 473 -8.31 48.64 -49.06
N VAL D 474 -8.72 47.81 -48.12
CA VAL D 474 -8.40 46.40 -48.26
C VAL D 474 -9.16 45.78 -49.41
N THR D 475 -10.45 46.12 -49.55
CA THR D 475 -11.23 45.56 -50.64
C THR D 475 -10.64 45.95 -51.98
N ILE D 476 -10.32 47.24 -52.15
CA ILE D 476 -9.82 47.72 -53.43
C ILE D 476 -8.48 47.05 -53.76
N ALA D 477 -7.62 46.87 -52.75
CA ALA D 477 -6.32 46.24 -52.98
C ALA D 477 -6.49 44.79 -53.40
N ILE D 478 -7.44 44.10 -52.78
CA ILE D 478 -7.66 42.71 -53.16
C ILE D 478 -8.12 42.62 -54.61
N SER D 479 -9.13 43.42 -54.99
CA SER D 479 -9.61 43.37 -56.38
C SER D 479 -8.50 43.72 -57.34
N THR D 480 -7.65 44.67 -56.97
CA THR D 480 -6.51 45.06 -57.79
C THR D 480 -5.59 43.86 -58.07
N VAL D 481 -5.29 43.10 -57.03
CA VAL D 481 -4.37 41.98 -57.16
C VAL D 481 -5.01 40.86 -57.97
N ILE D 482 -6.26 40.51 -57.64
CA ILE D 482 -6.96 39.49 -58.45
C ILE D 482 -7.08 39.91 -59.92
N SER D 483 -7.40 41.18 -60.17
CA SER D 483 -7.50 41.66 -61.55
C SER D 483 -6.16 41.55 -62.27
N ALA D 484 -5.06 41.80 -61.54
CA ALA D 484 -3.73 41.63 -62.13
C ALA D 484 -3.45 40.18 -62.45
N ILE D 485 -3.77 39.26 -61.52
CA ILE D 485 -3.59 37.84 -61.82
C ILE D 485 -4.36 37.47 -63.08
N ASN D 486 -5.63 37.87 -63.14
CA ASN D 486 -6.46 37.55 -64.28
C ASN D 486 -5.91 38.20 -65.55
N SER D 487 -5.35 39.40 -65.43
CA SER D 487 -4.81 40.12 -66.57
C SER D 487 -3.56 39.46 -67.11
N LEU D 488 -2.85 38.67 -66.28
CA LEU D 488 -1.66 37.98 -66.72
C LEU D 488 -1.97 36.60 -67.25
N THR D 489 -3.17 36.09 -66.99
CA THR D 489 -3.44 34.69 -67.34
C THR D 489 -4.63 34.58 -68.30
N LEU D 490 -5.83 34.73 -67.72
CA LEU D 490 -7.10 34.61 -68.42
C LEU D 490 -7.20 35.53 -69.61
N SER D 491 -6.94 36.83 -69.39
CA SER D 491 -7.30 37.77 -70.45
C SER D 491 -6.42 37.54 -71.68
N PRO D 492 -5.10 37.53 -71.59
CA PRO D 492 -4.30 37.26 -72.82
C PRO D 492 -4.58 35.88 -73.41
N ALA D 493 -4.83 34.89 -72.57
CA ALA D 493 -5.18 33.56 -73.05
C ALA D 493 -6.46 33.58 -73.90
N LEU D 494 -7.50 34.28 -73.40
CA LEU D 494 -8.75 34.38 -74.16
C LEU D 494 -8.53 35.14 -75.45
N ALA D 495 -7.76 36.22 -75.39
CA ALA D 495 -7.57 37.04 -76.57
C ALA D 495 -6.94 36.23 -77.70
N ALA D 496 -5.89 35.47 -77.38
CA ALA D 496 -5.23 34.70 -78.43
C ALA D 496 -6.14 33.59 -78.93
N LEU D 497 -7.03 33.10 -78.06
CA LEU D 497 -7.96 32.05 -78.44
C LEU D 497 -9.07 32.58 -79.33
N LEU D 498 -9.43 33.85 -79.19
CA LEU D 498 -10.68 34.33 -79.75
C LEU D 498 -10.49 35.37 -80.84
N LEU D 499 -9.53 36.28 -80.68
CA LEU D 499 -9.37 37.34 -81.66
C LEU D 499 -8.87 36.73 -82.98
N LYS D 500 -9.32 37.30 -84.07
CA LYS D 500 -9.02 36.75 -85.40
C LYS D 500 -8.16 37.69 -86.21
N PRO D 501 -7.40 37.15 -87.18
CA PRO D 501 -6.67 38.03 -88.11
C PRO D 501 -7.66 38.91 -88.88
N HIS D 502 -7.27 40.16 -89.09
CA HIS D 502 -8.17 41.16 -89.67
C HIS D 502 -8.71 40.86 -91.07
N GLY D 503 -9.34 39.70 -91.28
CA GLY D 503 -10.05 39.43 -92.52
C GLY D 503 -10.61 38.04 -92.72
N ALA D 504 -9.95 37.02 -92.19
CA ALA D 504 -10.19 35.62 -92.56
C ALA D 504 -11.54 35.11 -92.06
N LYS D 505 -12.48 34.90 -92.99
CA LYS D 505 -13.77 34.26 -92.76
C LYS D 505 -14.61 35.00 -91.73
N LYS D 506 -15.45 35.93 -92.17
CA LYS D 506 -16.23 36.77 -91.26
C LYS D 506 -17.38 35.96 -90.65
N ASP D 507 -17.49 36.00 -89.31
CA ASP D 507 -18.50 35.20 -88.63
C ASP D 507 -19.90 35.78 -88.85
N LEU D 508 -20.90 34.95 -88.57
CA LEU D 508 -22.28 35.41 -88.72
C LEU D 508 -22.64 36.47 -87.68
N PRO D 509 -22.36 36.29 -86.38
CA PRO D 509 -22.60 37.39 -85.43
C PRO D 509 -21.80 38.63 -85.71
N THR D 510 -20.63 38.49 -86.32
CA THR D 510 -19.83 39.68 -86.65
C THR D 510 -20.67 40.55 -87.58
N ARG D 511 -20.81 40.14 -88.85
CA ARG D 511 -21.51 40.96 -89.84
C ARG D 511 -22.92 41.32 -89.39
N LEU D 512 -23.49 40.56 -88.44
CA LEU D 512 -24.77 40.92 -87.84
C LEU D 512 -24.70 42.28 -87.15
N ILE D 513 -23.52 42.69 -86.71
CA ILE D 513 -23.35 44.00 -86.08
C ILE D 513 -22.84 45.03 -87.08
N ASP D 514 -21.95 44.63 -88.00
CA ASP D 514 -21.33 45.60 -88.90
C ASP D 514 -22.33 46.21 -89.89
N ARG D 515 -23.53 45.66 -90.02
CA ARG D 515 -24.59 46.35 -90.76
C ARG D 515 -25.68 46.88 -89.84
N LEU D 516 -25.93 46.21 -88.71
CA LEU D 516 -26.87 46.74 -87.73
C LEU D 516 -26.31 47.93 -86.99
N PHE D 517 -24.98 48.09 -86.99
CA PHE D 517 -24.33 49.24 -86.37
C PHE D 517 -23.22 49.82 -87.25
N GLY D 518 -23.07 49.35 -88.48
CA GLY D 518 -22.05 49.90 -89.36
C GLY D 518 -22.21 51.39 -89.60
N TRP D 519 -23.46 51.88 -89.58
CA TRP D 519 -23.68 53.31 -89.73
C TRP D 519 -23.00 54.10 -88.62
N ILE D 520 -22.69 53.46 -87.49
CA ILE D 520 -21.95 54.13 -86.44
C ILE D 520 -20.44 54.04 -86.67
N PHE D 521 -19.96 52.84 -87.03
CA PHE D 521 -18.52 52.59 -87.09
C PHE D 521 -17.82 53.52 -88.07
N ARG D 522 -18.24 53.49 -89.34
CA ARG D 522 -17.59 54.30 -90.38
C ARG D 522 -17.43 55.77 -90.03
N PRO D 523 -18.49 56.52 -89.65
CA PRO D 523 -18.25 57.91 -89.19
C PRO D 523 -17.38 58.01 -87.95
N PHE D 524 -17.53 57.10 -86.99
CA PHE D 524 -16.66 57.16 -85.82
C PHE D 524 -15.24 56.67 -86.17
N ASN D 525 -15.15 55.59 -86.95
CA ASN D 525 -13.83 55.13 -87.38
C ASN D 525 -13.09 56.23 -88.12
N ARG D 526 -13.79 56.90 -89.05
CA ARG D 526 -13.25 58.11 -89.68
C ARG D 526 -13.07 59.22 -88.66
N PHE D 527 -13.96 59.33 -87.67
CA PHE D 527 -13.76 60.34 -86.63
C PHE D 527 -12.59 59.98 -85.71
N PHE D 528 -12.34 58.69 -85.47
CA PHE D 528 -11.27 58.33 -84.55
C PHE D 528 -9.89 58.57 -85.18
N LEU D 529 -9.66 57.98 -86.36
CA LEU D 529 -8.35 58.13 -86.98
C LEU D 529 -8.02 59.60 -87.25
N ARG D 530 -9.04 60.42 -87.43
CA ARG D 530 -8.84 61.87 -87.47
C ARG D 530 -8.50 62.42 -86.09
N SER D 531 -9.20 61.97 -85.06
CA SER D 531 -8.93 62.48 -83.72
C SER D 531 -7.56 62.06 -83.22
N SER D 532 -7.06 60.90 -83.68
CA SER D 532 -5.72 60.42 -83.37
C SER D 532 -4.65 61.18 -84.15
N ASN D 533 -4.79 61.23 -85.49
CA ASN D 533 -3.84 61.98 -86.31
C ASN D 533 -3.74 63.40 -85.83
N GLY D 534 -4.87 63.97 -85.43
CA GLY D 534 -4.87 65.29 -84.81
C GLY D 534 -4.17 65.31 -83.48
N TYR D 535 -4.44 64.32 -82.62
CA TYR D 535 -3.96 64.35 -81.25
C TYR D 535 -2.45 64.30 -81.21
N GLN D 536 -1.86 63.42 -82.01
CA GLN D 536 -0.40 63.36 -82.12
C GLN D 536 0.18 64.70 -82.60
N GLY D 537 -0.53 65.40 -83.49
CA GLY D 537 -0.12 66.74 -83.85
C GLY D 537 -0.31 67.72 -82.70
N LEU D 538 -1.38 67.53 -81.93
CA LEU D 538 -1.61 68.38 -80.77
C LEU D 538 -0.50 68.24 -79.74
N VAL D 539 -0.02 67.01 -79.51
CA VAL D 539 1.02 66.83 -78.50
C VAL D 539 2.38 67.23 -79.06
N SER D 540 2.59 67.02 -80.37
CA SER D 540 3.83 67.48 -80.98
C SER D 540 4.01 68.96 -80.73
N LYS D 541 2.91 69.72 -80.80
CA LYS D 541 2.93 71.14 -80.47
C LYS D 541 3.01 71.42 -78.96
N THR D 542 2.47 70.52 -78.13
CA THR D 542 2.53 70.74 -76.68
C THR D 542 3.93 70.51 -76.15
N LEU D 543 4.62 69.50 -76.68
CA LEU D 543 6.03 69.32 -76.40
C LEU D 543 6.89 70.40 -77.05
N GLY D 544 6.40 71.05 -78.10
CA GLY D 544 7.05 72.26 -78.57
C GLY D 544 7.14 73.30 -77.48
N ARG D 545 6.06 73.48 -76.71
CA ARG D 545 6.02 74.45 -75.63
C ARG D 545 5.95 73.73 -74.28
N ARG D 546 7.12 73.38 -73.74
CA ARG D 546 7.14 72.72 -72.44
C ARG D 546 7.23 73.69 -71.27
N GLY D 547 7.81 74.88 -71.47
CA GLY D 547 8.00 75.77 -70.33
C GLY D 547 6.71 76.38 -69.84
N ALA D 548 5.78 76.67 -70.76
CA ALA D 548 4.47 77.18 -70.38
C ALA D 548 3.56 76.06 -69.92
N VAL D 549 3.76 74.85 -70.44
CA VAL D 549 3.04 73.69 -69.91
C VAL D 549 3.39 73.50 -68.44
N PHE D 550 4.66 73.66 -68.07
CA PHE D 550 5.02 73.61 -66.66
C PHE D 550 4.40 74.77 -65.89
N ALA D 551 4.45 75.97 -66.47
CA ALA D 551 3.91 77.16 -65.82
C ALA D 551 2.49 76.95 -65.33
N VAL D 552 1.60 76.52 -66.25
CA VAL D 552 0.22 76.24 -65.86
C VAL D 552 0.20 75.14 -64.79
N TYR D 553 1.11 74.16 -64.89
CA TYR D 553 1.15 73.11 -63.88
C TYR D 553 1.38 73.68 -62.48
N LEU D 554 2.28 74.66 -62.35
CA LEU D 554 2.48 75.29 -61.05
C LEU D 554 1.25 76.08 -60.65
N LEU D 555 0.49 76.55 -61.63
CA LEU D 555 -0.76 77.24 -61.32
C LEU D 555 -1.77 76.27 -60.74
N LEU D 556 -1.95 75.11 -61.41
CA LEU D 556 -2.91 74.13 -60.94
C LEU D 556 -2.55 73.60 -59.56
N LEU D 557 -1.26 73.38 -59.30
CA LEU D 557 -0.87 72.94 -57.97
C LEU D 557 -1.29 73.97 -56.93
N CYS D 558 -1.21 75.27 -57.28
CA CYS D 558 -1.62 76.32 -56.36
C CYS D 558 -3.05 76.11 -55.88
N ALA D 559 -3.97 75.85 -56.81
CA ALA D 559 -5.36 75.64 -56.45
C ALA D 559 -5.56 74.36 -55.65
N ALA D 560 -4.69 73.37 -55.83
CA ALA D 560 -4.83 72.11 -55.11
C ALA D 560 -4.62 72.27 -53.62
N GLY D 561 -3.87 73.30 -53.20
CA GLY D 561 -3.72 73.56 -51.78
C GLY D 561 -4.91 74.28 -51.17
N VAL D 562 -5.41 75.31 -51.87
CA VAL D 562 -6.45 76.14 -51.28
C VAL D 562 -7.79 75.39 -51.22
N MET D 563 -8.00 74.44 -52.12
CA MET D 563 -9.28 73.72 -52.13
C MET D 563 -9.32 72.60 -51.09
N PHE D 564 -8.17 72.09 -50.67
CA PHE D 564 -8.12 71.32 -49.43
C PHE D 564 -8.41 72.19 -48.21
N LYS D 565 -8.63 73.48 -48.39
CA LYS D 565 -8.92 74.38 -47.30
C LYS D 565 -10.28 75.04 -47.39
N VAL D 566 -10.90 75.09 -48.57
CA VAL D 566 -12.20 75.71 -48.72
C VAL D 566 -13.33 74.69 -48.68
N VAL D 567 -13.13 73.49 -49.23
CA VAL D 567 -14.15 72.45 -49.17
C VAL D 567 -14.12 71.88 -47.76
N PRO D 568 -15.20 72.00 -47.00
CA PRO D 568 -15.17 71.55 -45.59
C PRO D 568 -14.90 70.06 -45.48
N GLY D 569 -14.15 69.69 -44.44
CA GLY D 569 -13.95 68.28 -44.15
C GLY D 569 -15.22 67.64 -43.63
N GLY D 570 -15.42 66.39 -44.01
CA GLY D 570 -16.61 65.67 -43.60
C GLY D 570 -16.26 64.29 -43.09
N PHE D 571 -17.23 63.72 -42.37
CA PHE D 571 -17.19 62.33 -41.96
C PHE D 571 -18.14 61.55 -42.86
N ILE D 572 -19.36 61.35 -42.39
CA ILE D 572 -20.40 60.56 -43.04
C ILE D 572 -21.48 61.52 -43.50
N PRO D 573 -21.88 61.51 -44.78
CA PRO D 573 -22.96 62.40 -45.21
C PRO D 573 -24.25 62.10 -44.45
N THR D 574 -25.04 63.15 -44.21
CA THR D 574 -26.35 62.94 -43.58
C THR D 574 -27.25 62.25 -44.61
N GLN D 575 -27.93 61.19 -44.17
CA GLN D 575 -28.67 60.33 -45.10
C GLN D 575 -30.04 60.02 -44.53
N ASP D 576 -31.01 59.80 -45.39
CA ASP D 576 -32.34 59.37 -44.97
C ASP D 576 -32.22 57.99 -44.38
N LYS D 577 -32.35 57.84 -43.06
CA LYS D 577 -32.32 56.52 -42.45
C LYS D 577 -33.73 55.93 -42.23
N LEU D 578 -34.75 56.51 -42.86
CA LEU D 578 -36.15 56.06 -42.85
C LEU D 578 -36.77 56.22 -41.47
N TYR D 579 -36.24 57.10 -40.64
CA TYR D 579 -36.94 57.46 -39.42
C TYR D 579 -36.48 58.85 -38.99
N LEU D 580 -37.25 59.46 -38.08
CA LEU D 580 -36.97 60.75 -37.48
C LEU D 580 -37.10 60.60 -35.97
N ILE D 581 -36.37 61.43 -35.23
CA ILE D 581 -36.36 61.30 -33.78
C ILE D 581 -37.13 62.47 -33.20
N GLY D 582 -38.25 62.16 -32.55
CA GLY D 582 -39.06 63.20 -31.95
C GLY D 582 -39.00 63.10 -30.44
N GLY D 583 -39.39 64.16 -29.75
CA GLY D 583 -39.51 64.02 -28.30
C GLY D 583 -40.01 65.28 -27.69
N VAL D 584 -40.13 65.24 -26.35
CA VAL D 584 -40.59 66.40 -25.62
C VAL D 584 -39.86 66.48 -24.28
N LYS D 585 -39.60 67.72 -23.83
CA LYS D 585 -39.23 68.03 -22.45
C LYS D 585 -40.37 68.85 -21.89
N MET D 586 -41.10 68.27 -20.94
CA MET D 586 -42.15 68.98 -20.23
C MET D 586 -41.50 69.83 -19.10
N PRO D 587 -42.24 70.78 -18.55
CA PRO D 587 -41.73 71.53 -17.38
C PRO D 587 -41.23 70.60 -16.27
N GLU D 588 -40.18 71.01 -15.57
CA GLU D 588 -39.67 70.19 -14.47
C GLU D 588 -40.76 69.94 -13.46
N GLY D 589 -40.83 68.70 -12.99
CA GLY D 589 -41.89 68.35 -12.07
C GLY D 589 -43.12 67.72 -12.71
N SER D 590 -43.27 67.81 -14.05
CA SER D 590 -44.44 67.23 -14.72
C SER D 590 -44.55 65.72 -14.45
N SER D 591 -45.78 65.22 -14.31
CA SER D 591 -46.04 63.78 -14.29
C SER D 591 -45.82 63.12 -15.66
N LEU D 592 -45.66 61.79 -15.62
CA LEU D 592 -45.65 61.03 -16.88
C LEU D 592 -46.98 61.20 -17.63
N ALA D 593 -48.09 61.39 -16.91
CA ALA D 593 -49.39 61.56 -17.56
C ALA D 593 -49.41 62.80 -18.43
N ARG D 594 -48.81 63.91 -17.95
CA ARG D 594 -48.72 65.11 -18.78
C ARG D 594 -47.84 64.87 -20.00
N THR D 595 -46.71 64.19 -19.80
CA THR D 595 -45.86 63.89 -20.93
C THR D 595 -46.60 63.04 -21.94
N ASP D 596 -47.32 62.04 -21.45
CA ASP D 596 -48.00 61.12 -22.36
C ASP D 596 -49.00 61.88 -23.24
N ALA D 597 -49.69 62.88 -22.66
CA ALA D 597 -50.70 63.59 -23.46
C ALA D 597 -50.02 64.37 -24.58
N VAL D 598 -48.83 64.91 -24.33
CA VAL D 598 -48.14 65.65 -25.39
C VAL D 598 -47.54 64.68 -26.44
N ILE D 599 -46.99 63.55 -25.99
CA ILE D 599 -46.46 62.59 -26.96
C ILE D 599 -47.59 62.07 -27.88
N ARG D 600 -48.76 61.79 -27.33
CA ARG D 600 -49.90 61.35 -28.14
C ARG D 600 -50.32 62.40 -29.17
N LYS D 601 -50.24 63.68 -28.82
CA LYS D 601 -50.44 64.75 -29.82
C LYS D 601 -49.37 64.70 -30.89
N MET D 602 -48.12 64.49 -30.52
CA MET D 602 -47.08 64.43 -31.54
C MET D 602 -47.22 63.21 -32.42
N SER D 603 -47.56 62.06 -31.81
CA SER D 603 -47.79 60.88 -32.61
C SER D 603 -48.93 61.12 -33.64
N GLU D 604 -50.00 61.79 -33.21
CA GLU D 604 -51.10 62.08 -34.14
C GLU D 604 -50.63 62.98 -35.28
N ILE D 605 -49.79 63.96 -34.96
CA ILE D 605 -49.22 64.83 -36.00
C ILE D 605 -48.39 64.02 -36.99
N GLY D 606 -47.52 63.15 -36.48
CA GLY D 606 -46.72 62.36 -37.38
C GLY D 606 -47.58 61.43 -38.22
N MET D 607 -48.57 60.79 -37.59
CA MET D 607 -49.40 59.79 -38.26
C MET D 607 -50.14 60.40 -39.45
N ASN D 608 -50.55 61.64 -39.30
CA ASN D 608 -51.29 62.39 -40.30
C ASN D 608 -50.38 63.21 -41.23
N THR D 609 -49.07 62.99 -41.19
CA THR D 609 -48.14 63.64 -42.12
C THR D 609 -47.86 62.69 -43.28
N GLU D 610 -47.99 63.19 -44.52
CA GLU D 610 -47.80 62.32 -45.68
C GLU D 610 -46.39 61.76 -45.66
N GLY D 611 -46.27 60.43 -45.89
CA GLY D 611 -44.98 59.78 -45.92
C GLY D 611 -44.53 59.12 -44.62
N VAL D 612 -45.29 59.28 -43.55
CA VAL D 612 -45.00 58.65 -42.26
C VAL D 612 -45.90 57.43 -42.11
N ASP D 613 -45.30 56.28 -41.81
CA ASP D 613 -46.04 55.05 -41.50
C ASP D 613 -46.35 54.87 -40.01
N TYR D 614 -45.36 55.12 -39.13
CA TYR D 614 -45.47 54.80 -37.72
C TYR D 614 -45.00 55.93 -36.81
N ALA D 615 -45.70 56.04 -35.71
CA ALA D 615 -45.32 56.85 -34.54
C ALA D 615 -45.01 55.81 -33.45
N VAL D 616 -43.73 55.60 -33.19
CA VAL D 616 -43.30 54.61 -32.22
C VAL D 616 -42.93 55.42 -30.95
N ALA D 617 -43.86 55.47 -29.98
CA ALA D 617 -43.84 56.46 -28.89
C ALA D 617 -43.46 55.81 -27.58
N PHE D 618 -42.68 56.54 -26.79
CA PHE D 618 -42.24 56.09 -25.48
C PHE D 618 -42.30 57.26 -24.52
N PRO D 619 -43.50 57.64 -24.05
CA PRO D 619 -43.58 58.54 -22.89
C PRO D 619 -42.74 57.99 -21.75
N GLY D 620 -41.96 58.88 -21.15
CA GLY D 620 -41.05 58.56 -20.04
C GLY D 620 -39.64 58.31 -20.49
N LEU D 621 -39.40 58.06 -21.77
CA LEU D 621 -38.04 57.69 -22.23
C LEU D 621 -37.25 58.97 -22.51
N ASN D 622 -36.13 59.15 -21.85
CA ASN D 622 -35.27 60.28 -22.12
C ASN D 622 -34.32 59.84 -23.22
N ALA D 623 -34.42 60.42 -24.44
CA ALA D 623 -33.63 59.85 -25.54
C ALA D 623 -32.13 60.09 -25.39
N LEU D 624 -31.73 61.06 -24.58
CA LEU D 624 -30.30 61.35 -24.43
C LEU D 624 -29.61 60.26 -23.64
N GLN D 625 -30.30 59.64 -22.71
CA GLN D 625 -29.68 58.59 -21.91
C GLN D 625 -30.30 57.23 -22.11
N PHE D 626 -31.51 57.17 -22.70
CA PHE D 626 -32.27 55.94 -22.77
C PHE D 626 -32.52 55.35 -21.39
N THR D 627 -32.78 56.21 -20.40
CA THR D 627 -33.37 55.85 -19.12
C THR D 627 -34.69 56.62 -19.03
N ASN D 628 -35.43 56.42 -17.92
CA ASN D 628 -36.80 56.92 -17.77
C ASN D 628 -36.80 58.17 -16.89
N THR D 629 -37.50 59.21 -17.33
CA THR D 629 -37.59 60.51 -16.64
C THR D 629 -39.01 61.02 -16.87
N PRO D 630 -39.77 61.35 -15.83
CA PRO D 630 -41.21 61.53 -16.02
C PRO D 630 -41.55 62.69 -16.93
N ASN D 631 -40.73 63.74 -16.97
CA ASN D 631 -41.06 64.90 -17.78
C ASN D 631 -40.39 64.86 -19.15
N THR D 632 -39.93 63.68 -19.58
CA THR D 632 -39.38 63.53 -20.93
C THR D 632 -40.11 62.41 -21.66
N GLY D 633 -40.17 62.54 -22.97
CA GLY D 633 -40.68 61.43 -23.78
C GLY D 633 -40.01 61.44 -25.12
N THR D 634 -40.08 60.27 -25.81
CA THR D 634 -39.48 60.12 -27.13
C THR D 634 -40.53 59.52 -28.07
N VAL D 635 -40.58 59.99 -29.29
CA VAL D 635 -41.42 59.30 -30.30
C VAL D 635 -40.61 59.22 -31.60
N PHE D 636 -40.43 58.03 -32.13
CA PHE D 636 -39.72 57.90 -33.39
C PHE D 636 -40.75 57.87 -34.52
N PHE D 637 -40.55 58.66 -35.57
CA PHE D 637 -41.45 58.59 -36.74
C PHE D 637 -40.81 57.71 -37.81
N GLY D 638 -41.47 56.59 -38.13
CA GLY D 638 -41.00 55.68 -39.15
C GLY D 638 -41.52 56.09 -40.52
N LEU D 639 -40.58 56.27 -41.48
CA LEU D 639 -40.92 56.81 -42.80
C LEU D 639 -41.21 55.69 -43.81
N LYS D 640 -42.19 55.91 -44.71
CA LYS D 640 -42.37 54.96 -45.81
C LYS D 640 -41.11 54.92 -46.69
N PRO D 641 -40.92 53.83 -47.44
CA PRO D 641 -39.85 53.81 -48.45
C PRO D 641 -39.94 55.02 -49.36
N PHE D 642 -38.80 55.50 -49.82
CA PHE D 642 -38.81 56.77 -50.53
C PHE D 642 -39.69 56.71 -51.78
N ASP D 643 -39.83 55.54 -52.40
CA ASP D 643 -40.64 55.55 -53.62
C ASP D 643 -42.12 55.47 -53.33
N GLN D 644 -42.54 55.34 -52.06
CA GLN D 644 -43.95 55.36 -51.73
C GLN D 644 -44.42 56.70 -51.17
N ARG D 645 -43.64 57.77 -51.34
CA ARG D 645 -43.99 59.06 -50.74
C ARG D 645 -43.43 60.17 -51.61
N LYS D 646 -44.06 61.34 -51.53
CA LYS D 646 -43.61 62.49 -52.33
C LYS D 646 -42.46 63.25 -51.67
N HIS D 647 -42.46 63.38 -50.35
CA HIS D 647 -41.50 64.28 -49.72
C HIS D 647 -40.31 63.54 -49.14
N THR D 648 -39.20 64.27 -49.00
CA THR D 648 -37.97 63.78 -48.41
C THR D 648 -38.09 63.77 -46.86
N ALA D 649 -37.10 63.14 -46.22
CA ALA D 649 -37.09 63.09 -44.76
C ALA D 649 -36.93 64.50 -44.16
N ALA D 650 -36.06 65.34 -44.78
CA ALA D 650 -35.95 66.73 -44.35
C ALA D 650 -37.29 67.49 -44.48
N GLU D 651 -38.00 67.27 -45.58
CA GLU D 651 -39.28 67.93 -45.78
C GLU D 651 -40.33 67.48 -44.77
N ILE D 652 -40.38 66.16 -44.52
CA ILE D 652 -41.32 65.65 -43.53
C ILE D 652 -40.96 66.20 -42.14
N ASN D 653 -39.67 66.22 -41.81
CA ASN D 653 -39.26 66.73 -40.49
C ASN D 653 -39.61 68.20 -40.32
N ALA D 654 -39.40 69.00 -41.38
CA ALA D 654 -39.80 70.41 -41.35
C ALA D 654 -41.30 70.55 -41.12
N GLU D 655 -42.10 69.71 -41.76
CA GLU D 655 -43.54 69.85 -41.59
C GLU D 655 -44.00 69.42 -40.18
N ILE D 656 -43.38 68.37 -39.62
CA ILE D 656 -43.73 67.95 -38.27
C ILE D 656 -43.32 69.02 -37.26
N ASN D 657 -42.10 69.57 -37.41
CA ASN D 657 -41.66 70.66 -36.52
C ASN D 657 -42.61 71.84 -36.53
N ALA D 658 -43.12 72.21 -37.70
CA ALA D 658 -44.06 73.33 -37.75
C ALA D 658 -45.29 73.02 -36.91
N LYS D 659 -45.79 71.79 -36.98
CA LYS D 659 -46.97 71.46 -36.18
C LYS D 659 -46.61 71.28 -34.70
N ILE D 660 -45.48 70.68 -34.36
CA ILE D 660 -45.25 70.47 -32.93
C ILE D 660 -44.86 71.76 -32.21
N ALA D 661 -44.41 72.77 -32.96
CA ALA D 661 -44.13 74.07 -32.35
C ALA D 661 -45.42 74.73 -31.87
N GLN D 662 -46.59 74.26 -32.30
CA GLN D 662 -47.82 74.86 -31.79
C GLN D 662 -48.28 74.27 -30.46
N ILE D 663 -47.62 73.22 -29.97
CA ILE D 663 -47.98 72.64 -28.68
C ILE D 663 -47.32 73.46 -27.57
N GLN D 664 -48.13 74.07 -26.72
CA GLN D 664 -47.62 74.94 -25.66
C GLN D 664 -47.24 74.19 -24.39
N GLN D 665 -47.70 72.95 -24.20
CA GLN D 665 -47.54 72.34 -22.87
C GLN D 665 -46.11 71.87 -22.59
N GLY D 666 -45.26 71.83 -23.60
CA GLY D 666 -43.88 71.46 -23.34
C GLY D 666 -43.06 71.81 -24.57
N PHE D 667 -41.78 71.46 -24.52
CA PHE D 667 -40.87 71.81 -25.61
C PHE D 667 -40.73 70.58 -26.51
N GLY D 668 -41.44 70.57 -27.64
CA GLY D 668 -41.39 69.41 -28.53
C GLY D 668 -40.30 69.59 -29.57
N PHE D 669 -39.71 68.48 -30.02
CA PHE D 669 -38.70 68.57 -31.08
C PHE D 669 -38.80 67.36 -32.01
N SER D 670 -38.35 67.54 -33.25
CA SER D 670 -38.18 66.44 -34.20
C SER D 670 -36.88 66.68 -34.96
N ILE D 671 -35.98 65.69 -35.03
CA ILE D 671 -34.71 65.86 -35.72
C ILE D 671 -34.39 64.67 -36.62
N LEU D 672 -33.51 64.93 -37.61
CA LEU D 672 -32.94 63.87 -38.42
C LEU D 672 -32.06 62.96 -37.56
N PRO D 673 -32.03 61.68 -37.87
CA PRO D 673 -31.26 60.74 -37.06
C PRO D 673 -29.81 60.73 -37.49
N PRO D 674 -28.94 60.17 -36.66
CA PRO D 674 -27.51 60.09 -36.98
C PRO D 674 -27.25 58.98 -38.00
N PRO D 675 -26.16 59.07 -38.76
CA PRO D 675 -25.93 58.03 -39.78
C PRO D 675 -25.57 56.66 -39.19
N ILE D 676 -24.94 56.61 -38.02
CA ILE D 676 -24.57 55.38 -37.32
C ILE D 676 -25.13 55.42 -35.92
N LEU D 677 -25.77 54.33 -35.50
CA LEU D 677 -26.28 54.22 -34.16
C LEU D 677 -25.11 53.95 -33.22
N GLY D 678 -24.92 54.83 -32.24
CA GLY D 678 -23.91 54.65 -31.23
C GLY D 678 -22.70 55.55 -31.34
N LEU D 679 -22.70 56.50 -32.29
CA LEU D 679 -21.54 57.36 -32.49
C LEU D 679 -21.87 58.83 -32.24
N GLY D 680 -22.73 59.46 -33.06
CA GLY D 680 -22.96 60.88 -32.92
C GLY D 680 -23.40 61.62 -34.18
N GLN D 681 -22.45 62.13 -34.98
CA GLN D 681 -22.80 62.77 -36.24
C GLN D 681 -21.69 62.56 -37.29
N GLY D 682 -20.61 63.35 -37.41
CA GLY D 682 -20.25 64.61 -36.79
C GLY D 682 -19.28 65.34 -37.72
N SER D 683 -19.02 66.65 -37.59
CA SER D 683 -19.59 67.64 -36.65
C SER D 683 -19.73 67.19 -35.20
N GLY D 684 -20.65 67.83 -34.48
CA GLY D 684 -20.96 67.47 -33.12
C GLY D 684 -19.80 67.51 -32.13
N TYR D 685 -20.10 67.84 -30.89
CA TYR D 685 -19.14 67.62 -29.85
C TYR D 685 -19.88 66.99 -28.67
N SER D 686 -19.13 66.42 -27.74
CA SER D 686 -19.70 65.80 -26.54
C SER D 686 -18.77 66.03 -25.37
N LEU D 687 -19.30 66.55 -24.28
CA LEU D 687 -18.49 66.75 -23.11
C LEU D 687 -19.38 66.59 -21.89
N TYR D 688 -18.72 66.54 -20.74
CA TYR D 688 -19.38 66.54 -19.45
C TYR D 688 -18.74 67.68 -18.68
N ILE D 689 -19.53 68.38 -17.90
CA ILE D 689 -18.99 69.29 -16.92
C ILE D 689 -18.95 68.55 -15.62
N GLN D 690 -17.78 68.42 -15.03
CA GLN D 690 -17.62 67.72 -13.77
C GLN D 690 -17.48 68.71 -12.62
N ASP D 691 -18.05 68.35 -11.48
CA ASP D 691 -17.95 69.10 -10.22
C ASP D 691 -16.98 68.31 -9.34
N ARG D 692 -15.70 68.72 -9.31
CA ARG D 692 -14.72 68.04 -8.48
C ARG D 692 -14.53 68.68 -7.10
N GLY D 693 -15.10 69.86 -6.86
CA GLY D 693 -14.93 70.52 -5.58
C GLY D 693 -16.08 70.38 -4.62
N GLY D 694 -17.06 69.53 -4.91
CA GLY D 694 -18.26 69.50 -4.11
C GLY D 694 -19.01 70.81 -4.06
N LEU D 695 -19.03 71.54 -5.18
CA LEU D 695 -19.79 72.79 -5.28
C LEU D 695 -21.30 72.55 -5.22
N GLY D 696 -21.78 71.39 -5.68
CA GLY D 696 -23.18 71.02 -5.51
C GLY D 696 -24.04 71.27 -6.75
N TYR D 697 -25.28 70.78 -6.64
CA TYR D 697 -26.13 70.63 -7.83
C TYR D 697 -26.56 71.97 -8.39
N GLY D 698 -26.76 72.95 -7.50
CA GLY D 698 -27.16 74.27 -8.00
C GLY D 698 -26.01 74.97 -8.69
N ALA D 699 -24.82 74.86 -8.10
CA ALA D 699 -23.62 75.38 -8.76
C ALA D 699 -23.41 74.71 -10.12
N LEU D 700 -23.65 73.39 -10.21
CA LEU D 700 -23.53 72.72 -11.50
C LEU D 700 -24.55 73.25 -12.51
N GLN D 701 -25.80 73.47 -12.08
CA GLN D 701 -26.80 74.03 -13.02
C GLN D 701 -26.39 75.41 -13.49
N SER D 702 -25.92 76.27 -12.56
CA SER D 702 -25.41 77.57 -12.98
C SER D 702 -24.30 77.41 -14.01
N ALA D 703 -23.38 76.46 -13.77
CA ALA D 703 -22.31 76.24 -14.73
C ALA D 703 -22.88 75.80 -16.07
N VAL D 704 -23.85 74.89 -16.09
CA VAL D 704 -24.45 74.48 -17.36
C VAL D 704 -25.05 75.70 -18.08
N ASN D 705 -25.84 76.51 -17.34
CA ASN D 705 -26.50 77.66 -17.96
C ASN D 705 -25.45 78.60 -18.53
N ALA D 706 -24.43 78.91 -17.73
CA ALA D 706 -23.40 79.87 -18.16
C ALA D 706 -22.57 79.32 -19.31
N MET D 707 -22.25 78.02 -19.29
CA MET D 707 -21.54 77.43 -20.43
C MET D 707 -22.43 77.38 -21.67
N SER D 708 -23.72 77.09 -21.50
CA SER D 708 -24.61 76.90 -22.65
C SER D 708 -24.93 78.22 -23.33
N GLY D 709 -24.95 79.32 -22.57
CA GLY D 709 -25.06 80.63 -23.18
C GLY D 709 -23.88 80.95 -24.06
N ALA D 710 -22.67 80.93 -23.48
CA ALA D 710 -21.47 81.28 -24.23
C ALA D 710 -21.36 80.47 -25.52
N ILE D 711 -21.67 79.17 -25.45
CA ILE D 711 -21.68 78.35 -26.66
C ILE D 711 -22.71 78.87 -27.65
N MET D 712 -23.93 79.14 -27.18
CA MET D 712 -24.91 79.74 -28.08
C MET D 712 -24.40 81.06 -28.66
N GLN D 713 -23.75 81.89 -27.83
CA GLN D 713 -23.17 83.16 -28.27
C GLN D 713 -22.02 82.99 -29.28
N THR D 714 -21.54 81.77 -29.51
CA THR D 714 -20.50 81.52 -30.50
C THR D 714 -21.14 81.32 -31.87
N PRO D 715 -20.54 81.90 -32.96
CA PRO D 715 -21.20 81.91 -34.26
C PRO D 715 -21.74 80.56 -34.76
N GLY D 716 -20.89 79.67 -35.24
CA GLY D 716 -21.44 78.46 -35.82
C GLY D 716 -21.91 77.39 -34.84
N MET D 717 -22.43 77.77 -33.68
CA MET D 717 -22.78 76.78 -32.65
C MET D 717 -24.13 77.11 -32.00
N HIS D 718 -25.04 76.15 -32.00
CA HIS D 718 -26.35 76.36 -31.39
C HIS D 718 -26.31 76.06 -29.90
N PHE D 719 -27.37 76.43 -29.20
CA PHE D 719 -27.51 76.10 -27.80
C PHE D 719 -27.34 74.59 -27.61
N PRO D 720 -26.47 74.16 -26.71
CA PRO D 720 -26.26 72.71 -26.52
C PRO D 720 -27.38 72.06 -25.71
N ILE D 721 -27.48 70.74 -25.87
CA ILE D 721 -28.52 69.92 -25.24
C ILE D 721 -27.95 69.21 -24.01
N SER D 722 -28.78 69.04 -22.99
CA SER D 722 -28.34 68.43 -21.74
C SER D 722 -29.44 67.57 -21.16
N THR D 723 -29.03 66.49 -20.49
CA THR D 723 -29.96 65.73 -19.65
C THR D 723 -30.16 66.41 -18.28
N TYR D 724 -29.18 67.22 -17.85
CA TYR D 724 -29.15 67.74 -16.48
C TYR D 724 -30.26 68.80 -16.29
N GLN D 725 -30.99 68.72 -15.18
CA GLN D 725 -32.05 69.70 -14.83
C GLN D 725 -32.13 69.72 -13.31
N ALA D 726 -31.46 70.68 -12.66
CA ALA D 726 -31.36 70.72 -11.19
C ALA D 726 -32.55 71.41 -10.54
N ASN D 727 -33.47 71.99 -11.31
CA ASN D 727 -34.63 72.71 -10.75
C ASN D 727 -35.88 71.87 -10.74
N VAL D 728 -35.76 70.57 -10.47
CA VAL D 728 -36.98 69.78 -10.38
C VAL D 728 -37.54 69.98 -8.98
N PRO D 729 -38.77 70.43 -8.84
CA PRO D 729 -39.30 70.66 -7.49
C PRO D 729 -39.39 69.35 -6.74
N GLN D 730 -38.96 69.39 -5.47
CA GLN D 730 -38.95 68.23 -4.59
C GLN D 730 -39.42 68.68 -3.20
N LEU D 731 -39.50 67.73 -2.28
CA LEU D 731 -39.78 67.98 -0.89
C LEU D 731 -38.64 67.43 -0.02
N ASP D 732 -38.41 68.10 1.09
CA ASP D 732 -37.42 67.69 2.08
C ASP D 732 -38.15 67.36 3.37
N VAL D 733 -37.93 66.16 3.90
CA VAL D 733 -38.54 65.77 5.18
C VAL D 733 -37.42 65.86 6.22
N GLN D 734 -37.42 66.89 7.06
CA GLN D 734 -36.32 67.07 8.03
C GLN D 734 -36.72 66.37 9.31
N VAL D 735 -36.05 65.28 9.67
CA VAL D 735 -36.50 64.49 10.83
C VAL D 735 -35.94 65.10 12.11
N ASP D 736 -36.81 65.36 13.09
CA ASP D 736 -36.32 65.80 14.40
C ASP D 736 -35.93 64.55 15.15
N ARG D 737 -34.66 64.16 15.04
CA ARG D 737 -34.27 62.87 15.59
C ARG D 737 -34.41 62.88 17.12
N ASP D 738 -34.02 63.96 17.76
CA ASP D 738 -34.17 64.02 19.23
C ASP D 738 -35.63 63.86 19.62
N LYS D 739 -36.52 64.52 18.88
CA LYS D 739 -37.93 64.48 19.28
C LYS D 739 -38.50 63.09 19.08
N ALA D 740 -38.08 62.41 18.01
CA ALA D 740 -38.54 61.05 17.77
C ALA D 740 -38.07 60.13 18.85
N LYS D 741 -36.75 60.16 19.13
CA LYS D 741 -36.22 59.18 20.04
C LYS D 741 -36.75 59.49 21.45
N ALA D 742 -36.94 60.77 21.75
CA ALA D 742 -37.44 61.10 23.11
C ALA D 742 -38.84 60.55 23.37
N GLN D 743 -39.71 60.45 22.34
CA GLN D 743 -41.02 59.79 22.39
C GLN D 743 -40.98 58.28 22.30
N GLY D 744 -39.82 57.68 22.08
CA GLY D 744 -39.80 56.25 21.88
C GLY D 744 -40.12 55.76 20.46
N VAL D 745 -39.90 56.57 19.44
CA VAL D 745 -40.04 56.13 18.03
C VAL D 745 -38.63 55.91 17.51
N SER D 746 -38.33 54.70 17.09
CA SER D 746 -36.99 54.46 16.56
C SER D 746 -36.91 55.01 15.14
N LEU D 747 -35.71 55.36 14.71
CA LEU D 747 -35.61 55.91 13.35
C LEU D 747 -35.90 54.81 12.34
N THR D 748 -35.68 53.56 12.73
CA THR D 748 -35.92 52.46 11.82
C THR D 748 -37.40 52.35 11.46
N GLU D 749 -38.25 52.54 12.46
CA GLU D 749 -39.68 52.59 12.23
C GLU D 749 -40.08 53.84 11.48
N LEU D 750 -39.51 55.00 11.84
CA LEU D 750 -39.93 56.23 11.17
C LEU D 750 -39.52 56.19 9.68
N PHE D 751 -38.25 55.87 9.40
CA PHE D 751 -37.82 55.76 8.00
C PHE D 751 -38.54 54.65 7.27
N GLY D 752 -38.81 53.53 7.95
CA GLY D 752 -39.45 52.42 7.30
C GLY D 752 -40.86 52.74 6.87
N THR D 753 -41.55 53.57 7.67
CA THR D 753 -42.87 54.07 7.34
C THR D 753 -42.86 54.93 6.09
N LEU D 754 -41.94 55.89 6.03
CA LEU D 754 -41.83 56.66 4.80
C LEU D 754 -41.51 55.75 3.64
N GLN D 755 -40.61 54.81 3.86
CA GLN D 755 -40.09 54.04 2.73
C GLN D 755 -41.18 53.16 2.14
N THR D 756 -41.86 52.37 3.00
CA THR D 756 -42.87 51.45 2.48
C THR D 756 -44.06 52.20 1.91
N TYR D 757 -44.63 53.13 2.69
CA TYR D 757 -45.85 53.78 2.22
C TYR D 757 -45.60 54.68 0.99
N LEU D 758 -44.53 55.49 1.01
CA LEU D 758 -44.37 56.48 -0.06
C LEU D 758 -43.48 55.95 -1.19
N GLY D 759 -42.52 55.07 -0.88
CA GLY D 759 -41.55 54.63 -1.93
C GLY D 759 -41.72 53.18 -2.40
N SER D 760 -42.49 52.38 -1.65
CA SER D 760 -42.79 50.96 -1.89
C SER D 760 -41.68 50.13 -1.29
N SER D 761 -42.00 48.91 -0.88
CA SER D 761 -41.03 47.98 -0.37
C SER D 761 -41.19 46.69 -1.18
N TYR D 762 -40.06 46.13 -1.60
CA TYR D 762 -40.03 44.78 -2.12
C TYR D 762 -40.19 43.79 -0.97
N VAL D 763 -41.16 42.90 -1.09
CA VAL D 763 -41.53 42.01 0.01
C VAL D 763 -40.77 40.71 -0.17
N ASN D 764 -41.07 40.00 -1.27
CA ASN D 764 -40.42 38.75 -1.66
C ASN D 764 -41.05 38.36 -3.00
N ASP D 765 -40.92 37.10 -3.43
CA ASP D 765 -41.36 36.70 -4.77
C ASP D 765 -42.57 35.78 -4.70
N PHE D 766 -43.29 35.66 -5.83
CA PHE D 766 -44.26 34.58 -5.94
C PHE D 766 -44.20 34.02 -7.36
N ASN D 767 -44.90 32.90 -7.59
CA ASN D 767 -44.89 32.28 -8.92
C ASN D 767 -46.29 32.35 -9.56
N GLN D 768 -46.34 32.66 -10.86
CA GLN D 768 -47.57 32.60 -11.63
C GLN D 768 -47.20 32.47 -13.09
N PHE D 769 -48.02 31.78 -13.85
CA PHE D 769 -47.68 31.58 -15.28
C PHE D 769 -46.33 30.88 -15.47
N GLY D 770 -45.87 30.10 -14.47
CA GLY D 770 -44.60 29.41 -14.58
C GLY D 770 -43.40 30.31 -14.40
N ARG D 771 -43.58 31.55 -13.92
CA ARG D 771 -42.45 32.44 -13.75
C ARG D 771 -42.48 33.01 -12.33
N THR D 772 -41.35 33.61 -11.97
CA THR D 772 -41.17 34.36 -10.74
C THR D 772 -41.49 35.84 -10.94
N TRP D 773 -42.19 36.44 -9.97
CA TRP D 773 -42.50 37.88 -10.00
C TRP D 773 -42.35 38.44 -8.59
N ARG D 774 -42.14 39.75 -8.52
CA ARG D 774 -42.04 40.42 -7.22
C ARG D 774 -43.40 40.60 -6.57
N VAL D 775 -43.38 40.63 -5.25
CA VAL D 775 -44.52 41.08 -4.41
C VAL D 775 -44.12 42.43 -3.82
N MET D 776 -44.92 43.46 -4.05
CA MET D 776 -44.53 44.82 -3.67
C MET D 776 -45.64 45.40 -2.75
N ALA D 777 -45.25 46.15 -1.74
CA ALA D 777 -46.22 46.86 -0.89
C ALA D 777 -45.94 48.35 -0.97
N GLN D 778 -47.00 49.18 -1.03
CA GLN D 778 -46.90 50.63 -1.10
C GLN D 778 -48.25 51.20 -0.68
N ALA D 779 -48.28 52.45 -0.23
CA ALA D 779 -49.61 53.09 -0.11
C ALA D 779 -50.26 53.18 -1.50
N ASP D 780 -51.59 53.06 -1.56
CA ASP D 780 -52.29 53.33 -2.80
C ASP D 780 -52.04 54.79 -3.21
N GLY D 781 -52.03 55.08 -4.52
CA GLY D 781 -51.72 56.40 -5.05
C GLY D 781 -52.46 57.56 -4.34
N PRO D 782 -53.77 57.43 -4.08
CA PRO D 782 -54.50 58.57 -3.48
C PRO D 782 -54.09 58.88 -2.06
N TYR D 783 -53.32 58.04 -1.38
CA TYR D 783 -52.85 58.37 -0.02
C TYR D 783 -51.42 58.88 0.00
N ARG D 784 -50.83 59.15 -1.16
CA ARG D 784 -49.50 59.72 -1.22
C ARG D 784 -49.46 60.78 -2.31
N GLU D 785 -50.41 61.71 -2.25
CA GLU D 785 -50.44 62.85 -3.17
C GLU D 785 -50.06 64.18 -2.56
N SER D 786 -50.24 64.39 -1.23
CA SER D 786 -50.01 65.73 -0.70
C SER D 786 -49.01 65.72 0.46
N VAL D 787 -48.50 66.91 0.82
CA VAL D 787 -47.66 67.02 2.03
C VAL D 787 -48.43 66.53 3.24
N GLU D 788 -49.75 66.74 3.25
CA GLU D 788 -50.53 66.32 4.40
C GLU D 788 -50.61 64.80 4.48
N ASP D 789 -50.57 64.12 3.33
CA ASP D 789 -50.55 62.67 3.32
C ASP D 789 -49.30 62.15 4.00
N ILE D 790 -48.18 62.83 3.79
CA ILE D 790 -46.94 62.43 4.45
C ILE D 790 -47.10 62.59 5.96
N ALA D 791 -47.59 63.77 6.37
CA ALA D 791 -47.66 64.09 7.80
C ALA D 791 -48.58 63.13 8.52
N ASN D 792 -49.62 62.61 7.83
CA ASN D 792 -50.65 61.77 8.47
C ASN D 792 -50.26 60.31 8.54
N LEU D 793 -49.17 59.89 7.87
CA LEU D 793 -48.71 58.53 8.08
C LEU D 793 -48.42 58.27 9.55
N ARG D 794 -48.78 57.08 10.05
CA ARG D 794 -48.57 56.76 11.44
C ARG D 794 -47.55 55.63 11.60
N THR D 795 -46.61 55.86 12.50
CA THR D 795 -45.70 54.84 12.98
C THR D 795 -46.12 54.50 14.42
N ARG D 796 -45.33 53.67 15.11
CA ARG D 796 -45.68 53.22 16.46
C ARG D 796 -44.50 53.50 17.40
N ASN D 797 -44.81 54.01 18.62
CA ASN D 797 -43.76 54.18 19.62
C ASN D 797 -43.61 52.91 20.45
N ASN D 798 -42.62 52.94 21.36
CA ASN D 798 -42.36 51.80 22.23
C ASN D 798 -43.52 51.51 23.19
N GLN D 799 -44.44 52.42 23.33
CA GLN D 799 -45.63 52.21 24.14
C GLN D 799 -46.78 51.59 23.36
N GLY D 800 -46.59 51.29 22.07
CA GLY D 800 -47.68 50.76 21.28
C GLY D 800 -48.65 51.79 20.73
N GLU D 801 -48.43 53.09 20.98
CA GLU D 801 -49.32 54.11 20.41
C GLU D 801 -48.91 54.45 18.96
N MET D 802 -49.94 54.76 18.14
CA MET D 802 -49.77 55.21 16.75
C MET D 802 -49.50 56.72 16.77
N VAL D 803 -48.39 57.11 16.18
CA VAL D 803 -47.78 58.42 16.25
C VAL D 803 -47.74 58.99 14.82
N PRO D 804 -48.33 60.16 14.57
CA PRO D 804 -48.22 60.76 13.22
C PRO D 804 -46.80 61.22 12.93
N ILE D 805 -46.31 60.82 11.73
CA ILE D 805 -45.00 61.22 11.23
C ILE D 805 -44.87 62.72 11.28
N GLY D 806 -45.94 63.43 10.93
CA GLY D 806 -45.89 64.90 10.90
C GLY D 806 -45.50 65.54 12.24
N SER D 807 -45.66 64.82 13.34
CA SER D 807 -45.32 65.38 14.66
C SER D 807 -43.83 65.34 14.94
N MET D 808 -43.02 64.67 14.09
CA MET D 808 -41.59 64.52 14.30
C MET D 808 -40.76 65.00 13.13
N VAL D 809 -41.36 65.69 12.14
CA VAL D 809 -40.62 66.12 10.96
C VAL D 809 -41.11 67.49 10.53
N ASN D 810 -40.25 68.22 9.86
CA ASN D 810 -40.60 69.49 9.22
C ASN D 810 -40.48 69.28 7.70
N ILE D 811 -41.56 69.55 6.96
CA ILE D 811 -41.60 69.29 5.52
C ILE D 811 -41.47 70.61 4.79
N SER D 812 -40.51 70.73 3.90
CA SER D 812 -40.32 71.96 3.15
C SER D 812 -40.12 71.65 1.66
N THR D 813 -40.36 72.64 0.81
CA THR D 813 -40.12 72.45 -0.61
C THR D 813 -38.65 72.68 -0.91
N THR D 814 -38.17 72.02 -1.96
CA THR D 814 -36.77 72.10 -2.33
C THR D 814 -36.65 71.75 -3.83
N TYR D 815 -35.42 71.66 -4.32
CA TYR D 815 -35.15 71.32 -5.72
C TYR D 815 -34.00 70.32 -5.76
N GLY D 816 -33.95 69.55 -6.84
CA GLY D 816 -32.88 68.59 -7.08
C GLY D 816 -32.95 68.05 -8.50
N PRO D 817 -31.83 67.50 -8.98
CA PRO D 817 -31.78 66.98 -10.34
C PRO D 817 -32.51 65.64 -10.46
N ASP D 818 -33.09 65.40 -11.64
CA ASP D 818 -33.63 64.09 -11.99
C ASP D 818 -33.47 63.92 -13.47
N PRO D 819 -32.55 63.04 -13.96
CA PRO D 819 -31.72 62.10 -13.18
C PRO D 819 -30.51 62.82 -12.53
N VAL D 820 -29.88 62.20 -11.55
CA VAL D 820 -28.54 62.65 -11.16
C VAL D 820 -27.56 61.90 -12.04
N ILE D 821 -26.59 62.63 -12.59
CA ILE D 821 -25.56 62.11 -13.49
C ILE D 821 -24.19 62.24 -12.85
N ARG D 822 -23.36 61.21 -13.09
CA ARG D 822 -21.98 61.22 -12.65
C ARG D 822 -21.15 60.82 -13.85
N TYR D 823 -19.99 61.42 -13.99
CA TYR D 823 -19.10 61.04 -15.09
C TYR D 823 -17.69 60.88 -14.56
N ASN D 824 -17.08 59.71 -14.83
CA ASN D 824 -15.77 59.38 -14.27
C ASN D 824 -15.70 59.75 -12.79
N GLY D 825 -16.75 59.42 -12.04
CA GLY D 825 -16.73 59.48 -10.57
C GLY D 825 -16.97 60.84 -9.99
N TYR D 826 -17.46 61.79 -10.79
CA TYR D 826 -17.85 63.07 -10.23
C TYR D 826 -19.27 63.41 -10.66
N PRO D 827 -20.01 64.15 -9.84
CA PRO D 827 -21.29 64.71 -10.31
C PRO D 827 -21.00 65.52 -11.54
N ALA D 828 -21.91 65.45 -12.50
CA ALA D 828 -21.60 65.95 -13.83
C ALA D 828 -22.89 66.27 -14.52
N ALA D 829 -22.73 66.98 -15.63
CA ALA D 829 -23.83 67.32 -16.52
C ALA D 829 -23.32 67.18 -17.94
N ASP D 830 -24.13 66.59 -18.82
CA ASP D 830 -23.74 66.42 -20.22
C ASP D 830 -24.09 67.64 -21.07
N LEU D 831 -23.24 67.93 -22.05
CA LEU D 831 -23.52 68.94 -23.06
C LEU D 831 -23.24 68.29 -24.41
N ILE D 832 -24.28 68.16 -25.22
CA ILE D 832 -24.21 67.74 -26.61
C ILE D 832 -24.48 68.96 -27.49
N GLY D 833 -23.75 69.08 -28.61
CA GLY D 833 -24.00 70.23 -29.47
C GLY D 833 -23.32 70.10 -30.81
N ASP D 834 -23.71 70.99 -31.71
CA ASP D 834 -23.20 71.03 -33.07
C ASP D 834 -22.22 72.17 -33.26
N ALA D 835 -21.32 72.00 -34.22
CA ALA D 835 -20.48 73.08 -34.72
C ALA D 835 -20.47 72.99 -36.24
N ASP D 836 -21.18 73.93 -36.88
CA ASP D 836 -21.28 74.08 -38.33
C ASP D 836 -19.90 74.00 -38.98
N PRO D 837 -19.66 73.02 -39.88
CA PRO D 837 -18.31 72.85 -40.40
C PRO D 837 -17.99 73.81 -41.52
N ARG D 838 -18.74 74.92 -41.62
CA ARG D 838 -18.37 76.03 -42.48
C ARG D 838 -18.00 77.29 -41.73
N VAL D 839 -18.47 77.43 -40.49
CA VAL D 839 -18.00 78.50 -39.63
C VAL D 839 -16.71 78.09 -38.93
N LEU D 840 -16.66 76.87 -38.41
CA LEU D 840 -15.53 76.43 -37.60
C LEU D 840 -15.44 74.91 -37.67
N SER D 841 -14.24 74.40 -37.36
CA SER D 841 -13.95 72.98 -37.44
C SER D 841 -14.09 72.33 -36.06
N SER D 842 -14.06 71.00 -36.07
CA SER D 842 -14.15 70.22 -34.82
C SER D 842 -13.11 70.68 -33.82
N SER D 843 -11.83 70.73 -34.24
CA SER D 843 -10.78 71.05 -33.29
C SER D 843 -10.85 72.50 -32.84
N GLN D 844 -11.29 73.41 -33.70
CA GLN D 844 -11.48 74.79 -33.27
C GLN D 844 -12.63 74.88 -32.28
N ALA D 845 -13.77 74.29 -32.62
CA ALA D 845 -14.86 74.18 -31.66
C ALA D 845 -14.34 73.66 -30.32
N MET D 846 -13.51 72.61 -30.33
CA MET D 846 -13.05 72.03 -29.07
C MET D 846 -12.12 72.97 -28.33
N THR D 847 -11.21 73.63 -29.07
CA THR D 847 -10.32 74.59 -28.44
C THR D 847 -11.12 75.75 -27.87
N HIS D 848 -12.13 76.19 -28.60
CA HIS D 848 -13.00 77.25 -28.09
C HIS D 848 -13.73 76.84 -26.81
N LEU D 849 -14.25 75.61 -26.78
CA LEU D 849 -14.98 75.17 -25.59
C LEU D 849 -14.04 75.00 -24.39
N GLU D 850 -12.81 74.56 -24.65
CA GLU D 850 -11.82 74.52 -23.58
C GLU D 850 -11.53 75.92 -23.04
N GLU D 851 -11.38 76.89 -23.94
CA GLU D 851 -11.08 78.26 -23.51
C GLU D 851 -12.25 78.86 -22.74
N LEU D 852 -13.47 78.74 -23.29
CA LEU D 852 -14.68 79.16 -22.57
C LEU D 852 -14.74 78.56 -21.17
N SER D 853 -14.48 77.26 -21.06
CA SER D 853 -14.59 76.57 -19.78
C SER D 853 -13.59 77.11 -18.75
N LYS D 854 -12.36 77.39 -19.17
CA LYS D 854 -11.41 78.00 -18.23
C LYS D 854 -11.93 79.34 -17.71
N GLN D 855 -12.54 80.14 -18.60
CA GLN D 855 -13.03 81.46 -18.19
C GLN D 855 -14.26 81.36 -17.30
N ILE D 856 -15.14 80.40 -17.58
CA ILE D 856 -16.48 80.40 -17.00
C ILE D 856 -16.57 79.51 -15.77
N LEU D 857 -15.91 78.36 -15.76
CA LEU D 857 -16.21 77.46 -14.65
C LEU D 857 -15.45 77.88 -13.39
N PRO D 858 -16.11 77.85 -12.24
CA PRO D 858 -15.41 78.12 -10.97
C PRO D 858 -14.36 77.05 -10.67
N ASN D 859 -13.48 77.38 -9.73
CA ASN D 859 -12.45 76.45 -9.32
C ASN D 859 -13.08 75.21 -8.69
N GLY D 860 -12.67 74.05 -9.19
CA GLY D 860 -13.26 72.79 -8.81
C GLY D 860 -14.21 72.20 -9.84
N MET D 861 -14.53 72.93 -10.91
CA MET D 861 -15.21 72.34 -12.06
C MET D 861 -14.31 72.39 -13.29
N ASN D 862 -14.55 71.46 -14.20
CA ASN D 862 -13.76 71.27 -15.41
C ASN D 862 -14.65 70.56 -16.43
N ILE D 863 -14.21 70.57 -17.70
CA ILE D 863 -14.88 69.77 -18.73
C ILE D 863 -14.02 68.55 -19.06
N GLU D 864 -14.68 67.52 -19.58
CA GLU D 864 -14.06 66.29 -20.08
C GLU D 864 -14.78 65.95 -21.38
N TRP D 865 -14.01 65.65 -22.44
CA TRP D 865 -14.60 65.17 -23.68
C TRP D 865 -15.01 63.70 -23.52
N THR D 866 -16.04 63.30 -24.25
CA THR D 866 -16.54 61.93 -24.24
C THR D 866 -16.94 61.53 -25.64
N ASP D 867 -17.32 60.26 -25.82
CA ASP D 867 -17.76 59.77 -27.12
C ASP D 867 -16.75 60.11 -28.22
N LEU D 868 -17.17 60.59 -29.39
CA LEU D 868 -16.17 60.84 -30.44
C LEU D 868 -15.23 61.99 -30.10
N SER D 869 -15.72 63.04 -29.39
CA SER D 869 -14.83 64.13 -28.99
C SER D 869 -13.64 63.60 -28.20
N PHE D 870 -13.88 62.60 -27.35
CA PHE D 870 -12.78 61.99 -26.62
C PHE D 870 -11.78 61.33 -27.57
N GLN D 871 -12.27 60.63 -28.59
CA GLN D 871 -11.38 60.01 -29.59
C GLN D 871 -10.45 61.04 -30.21
N GLN D 872 -11.04 62.11 -30.76
CA GLN D 872 -10.29 63.21 -31.37
C GLN D 872 -9.21 63.77 -30.45
N ALA D 873 -9.58 64.14 -29.23
CA ALA D 873 -8.58 64.68 -28.30
C ALA D 873 -7.50 63.66 -27.94
N THR D 874 -7.65 62.37 -28.28
CA THR D 874 -6.70 61.36 -27.81
C THR D 874 -6.06 60.53 -28.93
N GLN D 875 -6.71 60.40 -30.07
CA GLN D 875 -6.09 59.75 -31.22
C GLN D 875 -5.05 60.66 -31.85
N GLY D 876 -3.96 60.06 -32.32
CA GLY D 876 -2.94 60.78 -33.06
C GLY D 876 -3.15 60.63 -34.55
N ASN D 877 -2.67 61.61 -35.31
CA ASN D 877 -2.76 61.62 -36.77
C ASN D 877 -1.65 60.74 -37.32
N THR D 878 -1.99 59.50 -37.64
CA THR D 878 -1.04 58.60 -38.27
C THR D 878 -0.92 58.85 -39.77
N ALA D 879 -1.68 59.78 -40.33
CA ALA D 879 -1.48 60.13 -41.73
C ALA D 879 -0.10 60.72 -41.96
N LEU D 880 0.45 61.39 -40.94
CA LEU D 880 1.79 61.93 -41.05
C LEU D 880 2.84 60.85 -41.23
N ILE D 881 2.55 59.61 -40.84
CA ILE D 881 3.38 58.47 -41.23
C ILE D 881 2.83 57.76 -42.46
N VAL D 882 1.52 57.54 -42.52
CA VAL D 882 0.97 56.63 -43.54
C VAL D 882 1.15 57.21 -44.93
N PHE D 883 0.89 58.51 -45.11
CA PHE D 883 0.99 59.09 -46.46
C PHE D 883 2.43 59.10 -46.96
N PRO D 884 3.44 59.52 -46.18
CA PRO D 884 4.83 59.40 -46.70
C PRO D 884 5.27 57.98 -46.98
N VAL D 885 4.93 57.02 -46.11
CA VAL D 885 5.27 55.64 -46.39
C VAL D 885 4.66 55.21 -47.72
N ALA D 886 3.42 55.64 -47.98
CA ALA D 886 2.74 55.28 -49.23
C ALA D 886 3.46 55.87 -50.44
N VAL D 887 3.82 57.15 -50.39
CA VAL D 887 4.47 57.74 -51.54
C VAL D 887 5.84 57.10 -51.77
N LEU D 888 6.59 56.90 -50.70
CA LEU D 888 7.90 56.25 -50.83
C LEU D 888 7.77 54.86 -51.46
N LEU D 889 6.81 54.06 -50.98
CA LEU D 889 6.61 52.72 -51.51
C LEU D 889 6.25 52.74 -52.98
N ALA D 890 5.34 53.63 -53.39
CA ALA D 890 4.99 53.66 -54.81
C ALA D 890 6.21 54.09 -55.63
N PHE D 891 6.94 55.07 -55.10
CA PHE D 891 8.16 55.55 -55.77
C PHE D 891 9.16 54.42 -55.94
N LEU D 892 9.38 53.65 -54.87
CA LEU D 892 10.34 52.57 -54.94
C LEU D 892 9.96 51.54 -56.00
N VAL D 893 8.67 51.17 -56.04
CA VAL D 893 8.26 50.22 -57.07
C VAL D 893 8.53 50.80 -58.45
N LEU D 894 8.23 52.07 -58.64
CA LEU D 894 8.46 52.66 -59.95
C LEU D 894 9.95 52.82 -60.26
N ALA D 895 10.78 53.03 -59.24
CA ALA D 895 12.21 53.13 -59.48
C ALA D 895 12.78 51.80 -59.98
N ALA D 896 12.30 50.67 -59.42
CA ALA D 896 12.66 49.37 -59.97
C ALA D 896 12.10 49.14 -61.38
N LEU D 897 10.81 49.46 -61.61
CA LEU D 897 10.24 49.23 -62.93
C LEU D 897 11.06 49.95 -63.98
N TYR D 898 11.39 51.21 -63.73
CA TYR D 898 11.99 52.08 -64.72
C TYR D 898 13.52 52.01 -64.68
N GLU D 899 14.08 51.31 -63.69
CA GLU D 899 15.50 51.29 -63.36
C GLU D 899 16.10 52.70 -63.34
N SER D 900 15.48 53.58 -62.58
CA SER D 900 15.85 54.98 -62.61
C SER D 900 15.27 55.65 -61.38
N TRP D 901 16.08 56.41 -60.66
CA TRP D 901 15.54 57.17 -59.54
C TRP D 901 14.78 58.43 -59.96
N THR D 902 14.74 58.76 -61.25
CA THR D 902 14.08 60.00 -61.65
C THR D 902 12.82 59.78 -62.47
N LEU D 903 12.81 58.79 -63.37
CA LEU D 903 11.66 58.58 -64.23
C LEU D 903 10.34 58.38 -63.46
N PRO D 904 10.30 57.79 -62.23
CA PRO D 904 9.02 57.68 -61.51
C PRO D 904 8.28 59.00 -61.35
N LEU D 905 9.01 60.11 -61.38
CA LEU D 905 8.40 61.40 -61.09
C LEU D 905 7.50 61.86 -62.22
N ALA D 906 7.74 61.39 -63.45
CA ALA D 906 6.80 61.57 -64.54
C ALA D 906 5.43 60.94 -64.24
N VAL D 907 5.36 60.01 -63.29
CA VAL D 907 4.09 59.47 -62.83
C VAL D 907 3.61 60.20 -61.59
N ILE D 908 4.44 60.24 -60.55
CA ILE D 908 3.99 60.75 -59.26
C ILE D 908 3.51 62.19 -59.39
N LEU D 909 4.29 63.04 -60.03
CA LEU D 909 3.98 64.46 -60.09
C LEU D 909 2.72 64.78 -60.92
N ILE D 910 2.12 63.77 -61.53
CA ILE D 910 0.88 63.96 -62.26
C ILE D 910 -0.38 63.71 -61.43
N VAL D 911 -0.26 63.07 -60.27
CA VAL D 911 -1.46 62.64 -59.53
C VAL D 911 -2.19 63.80 -58.84
N PRO D 912 -1.53 64.85 -58.34
CA PRO D 912 -2.32 65.97 -57.81
C PRO D 912 -3.19 66.64 -58.86
N MET D 913 -2.88 66.47 -60.15
CA MET D 913 -3.76 66.99 -61.19
C MET D 913 -5.09 66.23 -61.26
N THR D 914 -5.07 64.93 -60.98
CA THR D 914 -6.32 64.17 -60.93
C THR D 914 -7.14 64.57 -59.72
N MET D 915 -6.50 64.75 -58.58
CA MET D 915 -7.18 65.25 -57.39
C MET D 915 -7.94 66.53 -57.70
N LEU D 916 -7.22 67.60 -58.04
CA LEU D 916 -7.80 68.90 -58.35
C LEU D 916 -9.07 68.78 -59.20
N SER D 917 -9.01 67.97 -60.27
CA SER D 917 -10.19 67.69 -61.06
C SER D 917 -11.33 67.10 -60.24
N ALA D 918 -11.03 66.44 -59.12
CA ALA D 918 -12.07 65.81 -58.31
C ALA D 918 -12.67 66.78 -57.29
N LEU D 919 -11.83 67.40 -56.46
CA LEU D 919 -12.32 68.41 -55.54
C LEU D 919 -12.96 69.58 -56.25
N PHE D 920 -12.63 69.80 -57.54
CA PHE D 920 -13.25 70.88 -58.31
C PHE D 920 -14.75 70.67 -58.43
N GLY D 921 -15.16 69.51 -58.94
CA GLY D 921 -16.59 69.19 -58.99
C GLY D 921 -17.25 69.28 -57.63
N VAL D 922 -16.65 68.66 -56.61
CA VAL D 922 -17.18 68.71 -55.24
C VAL D 922 -17.38 70.17 -54.81
N TRP D 923 -16.39 71.02 -55.08
CA TRP D 923 -16.50 72.43 -54.70
C TRP D 923 -17.56 73.13 -55.56
N LEU D 924 -17.53 72.90 -56.87
CA LEU D 924 -18.50 73.50 -57.78
C LEU D 924 -19.93 73.11 -57.43
N THR D 925 -20.14 72.03 -56.69
CA THR D 925 -21.49 71.60 -56.32
C THR D 925 -21.76 71.75 -54.82
N GLY D 926 -20.92 72.49 -54.10
CA GLY D 926 -21.18 72.74 -52.70
C GLY D 926 -21.04 71.54 -51.79
N GLY D 927 -20.33 70.49 -52.25
CA GLY D 927 -20.12 69.31 -51.45
C GLY D 927 -19.13 69.52 -50.31
N ASP D 928 -19.08 68.53 -49.43
CA ASP D 928 -18.08 68.49 -48.38
C ASP D 928 -17.08 67.37 -48.66
N ASN D 929 -16.02 67.34 -47.85
CA ASN D 929 -14.93 66.39 -48.04
C ASN D 929 -15.11 65.25 -47.05
N ASN D 930 -15.99 64.32 -47.42
CA ASN D 930 -16.35 63.19 -46.58
C ASN D 930 -15.62 61.92 -47.02
N VAL D 931 -15.88 60.84 -46.27
CA VAL D 931 -15.13 59.60 -46.43
C VAL D 931 -15.29 59.04 -47.85
N PHE D 932 -16.47 59.16 -48.43
CA PHE D 932 -16.63 58.57 -49.75
C PHE D 932 -15.91 59.40 -50.79
N VAL D 933 -15.89 60.72 -50.59
CA VAL D 933 -15.10 61.61 -51.43
C VAL D 933 -13.62 61.25 -51.34
N GLN D 934 -13.11 61.13 -50.11
CA GLN D 934 -11.70 60.78 -49.89
C GLN D 934 -11.32 59.48 -50.58
N VAL D 935 -12.17 58.46 -50.51
CA VAL D 935 -11.88 57.20 -51.20
C VAL D 935 -11.93 57.40 -52.73
N GLY D 936 -12.89 58.17 -53.22
CA GLY D 936 -12.93 58.45 -54.64
C GLY D 936 -11.61 59.01 -55.18
N LEU D 937 -10.98 59.93 -54.43
CA LEU D 937 -9.76 60.57 -54.93
C LEU D 937 -8.66 59.55 -55.10
N VAL D 938 -8.48 58.69 -54.10
CA VAL D 938 -7.37 57.75 -54.13
C VAL D 938 -7.53 56.74 -55.25
N VAL D 939 -8.76 56.25 -55.49
CA VAL D 939 -8.99 55.42 -56.66
C VAL D 939 -8.72 56.22 -57.94
N LEU D 940 -9.10 57.49 -57.96
CA LEU D 940 -8.88 58.27 -59.18
C LEU D 940 -7.39 58.43 -59.44
N MET D 941 -6.62 58.71 -58.38
CA MET D 941 -5.17 58.78 -58.52
C MET D 941 -4.56 57.45 -58.97
N GLY D 942 -5.04 56.35 -58.42
CA GLY D 942 -4.51 55.06 -58.86
C GLY D 942 -4.79 54.80 -60.32
N LEU D 943 -5.98 55.18 -60.78
CA LEU D 943 -6.25 55.02 -62.19
C LEU D 943 -5.41 55.99 -63.01
N ALA D 944 -5.07 57.17 -62.47
CA ALA D 944 -4.14 58.04 -63.21
C ALA D 944 -2.79 57.37 -63.32
N CYS D 945 -2.37 56.70 -62.24
CA CYS D 945 -1.11 55.97 -62.24
C CYS D 945 -1.12 54.88 -63.31
N LYS D 946 -2.16 54.04 -63.29
CA LYS D 946 -2.24 52.94 -64.27
C LYS D 946 -2.02 53.45 -65.69
N ASN D 947 -2.68 54.56 -66.07
CA ASN D 947 -2.56 55.02 -67.44
C ASN D 947 -1.16 55.54 -67.74
N ALA D 948 -0.64 56.37 -66.84
CA ALA D 948 0.63 57.06 -67.07
C ALA D 948 1.79 56.08 -67.06
N ILE D 949 1.81 55.16 -66.07
CA ILE D 949 2.88 54.17 -66.00
C ILE D 949 3.08 53.51 -67.35
N LEU D 950 1.98 53.24 -68.05
CA LEU D 950 2.10 52.58 -69.33
C LEU D 950 2.61 53.54 -70.40
N ILE D 951 2.30 54.84 -70.28
CA ILE D 951 2.84 55.78 -71.26
C ILE D 951 4.35 55.91 -71.10
N VAL D 952 4.80 56.04 -69.85
CA VAL D 952 6.21 56.22 -69.57
C VAL D 952 6.98 54.95 -69.89
N GLU D 953 6.42 53.80 -69.54
CA GLU D 953 7.08 52.54 -69.89
C GLU D 953 7.07 52.28 -71.39
N PHE D 954 6.03 52.71 -72.11
CA PHE D 954 6.07 52.57 -73.55
C PHE D 954 7.13 53.49 -74.14
N ALA D 955 7.22 54.71 -73.62
CA ALA D 955 8.25 55.65 -74.04
C ALA D 955 9.63 55.06 -73.82
N ARG D 956 9.89 54.62 -72.58
CA ARG D 956 11.15 54.01 -72.19
C ARG D 956 11.54 52.89 -73.15
N GLU D 957 10.60 51.99 -73.44
CA GLU D 957 10.88 50.91 -74.37
C GLU D 957 11.21 51.44 -75.77
N LEU D 958 10.53 52.52 -76.20
CA LEU D 958 10.80 53.03 -77.54
C LEU D 958 12.21 53.62 -77.64
N GLU D 959 12.61 54.39 -76.62
CA GLU D 959 13.97 54.91 -76.53
C GLU D 959 15.00 53.79 -76.55
N ILE D 960 14.75 52.71 -75.83
CA ILE D 960 15.64 51.54 -75.88
C ILE D 960 15.71 50.99 -77.28
N GLN D 961 14.62 51.05 -78.03
CA GLN D 961 14.55 50.55 -79.39
C GLN D 961 15.25 51.47 -80.39
N GLY D 962 15.98 52.45 -79.89
CA GLY D 962 16.62 53.41 -80.76
C GLY D 962 15.65 54.48 -81.25
N LYS D 963 14.94 55.12 -80.35
CA LYS D 963 14.17 56.30 -80.70
C LYS D 963 14.64 57.48 -79.87
N GLY D 964 14.50 58.67 -80.45
CA GLY D 964 14.80 59.87 -79.70
C GLY D 964 13.85 60.07 -78.56
N ILE D 965 14.28 60.92 -77.62
CA ILE D 965 13.48 61.20 -76.42
C ILE D 965 12.07 61.64 -76.80
N MET D 966 11.97 62.66 -77.67
CA MET D 966 10.70 63.27 -77.99
C MET D 966 9.88 62.44 -78.98
N GLU D 967 10.52 61.75 -79.93
CA GLU D 967 9.74 60.85 -80.76
C GLU D 967 9.33 59.58 -80.04
N ALA D 968 9.88 59.32 -78.84
CA ALA D 968 9.41 58.23 -77.99
C ALA D 968 8.16 58.63 -77.23
N ALA D 969 8.22 59.79 -76.55
CA ALA D 969 7.02 60.35 -75.94
C ALA D 969 5.88 60.39 -76.94
N LEU D 970 6.17 60.82 -78.17
CA LEU D 970 5.11 61.02 -79.15
C LEU D 970 4.48 59.70 -79.56
N GLU D 971 5.31 58.69 -79.81
CA GLU D 971 4.75 57.41 -80.22
C GLU D 971 4.04 56.70 -79.06
N ALA D 972 4.53 56.88 -77.83
CA ALA D 972 3.91 56.24 -76.68
C ALA D 972 2.48 56.73 -76.51
N CYS D 973 2.29 58.05 -76.53
CA CYS D 973 0.95 58.65 -76.47
C CYS D 973 0.07 58.21 -77.63
N ARG D 974 0.64 57.97 -78.80
CA ARG D 974 -0.17 57.46 -79.90
C ARG D 974 -0.54 56.01 -79.67
N LEU D 975 0.30 55.26 -78.97
CA LEU D 975 -0.02 53.87 -78.72
C LEU D 975 -1.04 53.71 -77.58
N ARG D 976 -1.04 54.65 -76.62
CA ARG D 976 -1.94 54.57 -75.45
C ARG D 976 -3.21 55.38 -75.61
N LEU D 977 -3.31 56.20 -76.66
CA LEU D 977 -4.48 57.07 -76.79
C LEU D 977 -5.77 56.26 -76.72
N ARG D 978 -5.86 55.19 -77.52
CA ARG D 978 -7.08 54.40 -77.63
C ARG D 978 -7.47 53.72 -76.31
N PRO D 979 -6.59 52.98 -75.61
CA PRO D 979 -7.04 52.35 -74.34
C PRO D 979 -7.44 53.36 -73.29
N ILE D 980 -6.73 54.48 -73.19
CA ILE D 980 -7.06 55.45 -72.17
C ILE D 980 -8.45 56.06 -72.42
N VAL D 981 -8.75 56.43 -73.66
CA VAL D 981 -10.06 57.03 -73.90
C VAL D 981 -11.16 56.00 -73.76
N MET D 982 -10.86 54.74 -74.08
CA MET D 982 -11.85 53.68 -73.92
C MET D 982 -12.26 53.53 -72.46
N THR D 983 -11.28 53.43 -71.56
CA THR D 983 -11.56 53.45 -70.12
C THR D 983 -12.29 54.72 -69.71
N SER D 984 -11.92 55.85 -70.29
CA SER D 984 -12.54 57.09 -69.87
C SER D 984 -13.98 57.17 -70.33
N ILE D 985 -14.29 56.72 -71.55
CA ILE D 985 -15.69 56.78 -71.97
C ILE D 985 -16.54 55.82 -71.11
N ALA D 986 -16.05 54.59 -70.89
CA ALA D 986 -16.74 53.64 -70.03
C ALA D 986 -16.95 54.21 -68.63
N PHE D 987 -15.89 54.69 -68.00
CA PHE D 987 -15.97 55.24 -66.66
C PHE D 987 -17.02 56.34 -66.59
N ILE D 988 -16.95 57.31 -67.51
CA ILE D 988 -17.80 58.50 -67.37
C ILE D 988 -19.27 58.13 -67.53
N ALA D 989 -19.60 57.35 -68.58
CA ALA D 989 -20.95 56.82 -68.68
C ALA D 989 -21.42 56.22 -67.35
N GLY D 990 -20.58 55.40 -66.73
CA GLY D 990 -20.87 54.79 -65.44
C GLY D 990 -21.09 55.75 -64.28
N THR D 991 -20.99 57.06 -64.53
CA THR D 991 -21.33 58.06 -63.53
C THR D 991 -22.69 58.71 -63.77
N ILE D 992 -23.23 58.60 -65.01
CA ILE D 992 -24.56 59.14 -65.31
C ILE D 992 -25.63 58.63 -64.34
N PRO D 993 -25.74 57.33 -64.05
CA PRO D 993 -26.77 56.90 -63.07
C PRO D 993 -26.48 57.33 -61.64
N LEU D 994 -25.23 57.66 -61.30
CA LEU D 994 -24.95 58.05 -59.92
C LEU D 994 -25.40 59.48 -59.64
N ILE D 995 -24.94 60.43 -60.46
CA ILE D 995 -25.30 61.82 -60.26
C ILE D 995 -26.77 62.07 -60.56
N LEU D 996 -27.42 61.22 -61.35
CA LEU D 996 -28.85 61.39 -61.63
C LEU D 996 -29.68 60.25 -61.04
N GLY D 997 -29.52 60.00 -59.74
CA GLY D 997 -30.28 58.97 -59.06
C GLY D 997 -31.08 59.55 -57.91
N HIS D 998 -32.25 58.97 -57.67
CA HIS D 998 -33.16 59.42 -56.61
C HIS D 998 -33.69 58.21 -55.87
N GLY D 999 -33.38 58.11 -54.59
CA GLY D 999 -33.99 57.07 -53.79
C GLY D 999 -33.09 56.67 -52.62
N ALA D 1000 -33.10 55.37 -52.33
CA ALA D 1000 -32.23 54.82 -51.30
C ALA D 1000 -30.77 54.93 -51.73
N GLY D 1001 -29.91 55.23 -50.76
CA GLY D 1001 -28.49 55.46 -51.03
C GLY D 1001 -28.18 56.55 -52.04
N ALA D 1002 -29.13 57.44 -52.37
CA ALA D 1002 -28.91 58.45 -53.39
C ALA D 1002 -27.95 59.55 -52.93
N GLU D 1003 -27.78 59.71 -51.61
CA GLU D 1003 -26.84 60.70 -51.12
C GLU D 1003 -25.40 60.27 -51.36
N VAL D 1004 -25.03 59.06 -50.93
CA VAL D 1004 -23.66 58.61 -51.14
C VAL D 1004 -23.38 58.45 -52.63
N ARG D 1005 -24.38 58.00 -53.39
CA ARG D 1005 -24.24 57.84 -54.83
C ARG D 1005 -23.92 59.18 -55.50
N GLY D 1006 -24.64 60.23 -55.12
CA GLY D 1006 -24.43 61.51 -55.74
C GLY D 1006 -23.04 62.07 -55.44
N VAL D 1007 -22.65 62.07 -54.15
CA VAL D 1007 -21.37 62.66 -53.78
C VAL D 1007 -20.23 61.90 -54.45
N THR D 1008 -20.41 60.59 -54.67
CA THR D 1008 -19.37 59.83 -55.35
C THR D 1008 -19.40 60.02 -56.86
N GLY D 1009 -20.60 60.09 -57.46
CA GLY D 1009 -20.69 60.28 -58.91
C GLY D 1009 -20.11 61.62 -59.32
N ILE D 1010 -20.30 62.65 -58.49
CA ILE D 1010 -19.67 63.94 -58.73
C ILE D 1010 -18.16 63.85 -58.63
N THR D 1011 -17.66 63.35 -57.48
CA THR D 1011 -16.21 63.21 -57.26
C THR D 1011 -15.53 62.45 -58.38
N VAL D 1012 -16.19 61.42 -58.90
CA VAL D 1012 -15.56 60.56 -59.90
C VAL D 1012 -15.68 61.11 -61.30
N PHE D 1013 -16.83 61.70 -61.66
CA PHE D 1013 -16.96 62.21 -63.02
C PHE D 1013 -15.94 63.31 -63.29
N SER D 1014 -15.88 64.30 -62.42
CA SER D 1014 -14.93 65.39 -62.61
C SER D 1014 -13.50 64.89 -62.43
N GLY D 1015 -13.25 64.14 -61.36
CA GLY D 1015 -11.95 63.51 -61.20
C GLY D 1015 -11.48 62.79 -62.44
N MET D 1016 -12.40 62.11 -63.13
CA MET D 1016 -12.02 61.35 -64.32
C MET D 1016 -11.71 62.26 -65.50
N LEU D 1017 -12.16 63.52 -65.44
CA LEU D 1017 -11.78 64.46 -66.49
C LEU D 1017 -10.28 64.73 -66.44
N GLY D 1018 -9.77 64.98 -65.24
CA GLY D 1018 -8.34 65.14 -65.06
C GLY D 1018 -7.54 63.89 -65.35
N VAL D 1019 -8.13 62.71 -65.15
CA VAL D 1019 -7.42 61.51 -65.54
C VAL D 1019 -7.16 61.52 -67.03
N THR D 1020 -8.18 61.88 -67.81
CA THR D 1020 -8.08 61.73 -69.24
C THR D 1020 -7.08 62.72 -69.84
N LEU D 1021 -7.30 64.01 -69.62
CA LEU D 1021 -6.53 64.99 -70.37
C LEU D 1021 -5.21 65.35 -69.67
N PHE D 1022 -5.21 65.41 -68.35
CA PHE D 1022 -3.92 65.60 -67.71
C PHE D 1022 -2.99 64.41 -67.84
N GLY D 1023 -3.30 63.40 -68.66
CA GLY D 1023 -2.49 62.21 -68.78
C GLY D 1023 -2.09 62.00 -70.23
N LEU D 1024 -2.96 62.37 -71.16
CA LEU D 1024 -2.59 62.26 -72.55
C LEU D 1024 -1.62 63.36 -72.98
N PHE D 1025 -1.60 64.48 -72.26
CA PHE D 1025 -0.86 65.68 -72.64
C PHE D 1025 0.23 66.04 -71.65
N LEU D 1026 -0.07 65.94 -70.36
CA LEU D 1026 0.95 66.31 -69.39
C LEU D 1026 2.01 65.21 -69.20
N THR D 1027 1.64 63.94 -69.30
CA THR D 1027 2.64 62.89 -69.10
C THR D 1027 3.77 62.96 -70.12
N PRO D 1028 3.52 63.04 -71.44
CA PRO D 1028 4.66 63.12 -72.35
C PRO D 1028 5.55 64.32 -72.07
N VAL D 1029 4.97 65.41 -71.58
CA VAL D 1029 5.73 66.61 -71.22
C VAL D 1029 6.71 66.26 -70.11
N PHE D 1030 6.20 65.68 -69.05
CA PHE D 1030 7.04 65.27 -67.93
C PHE D 1030 8.04 64.18 -68.31
N TYR D 1031 7.70 63.28 -69.23
CA TYR D 1031 8.68 62.29 -69.66
C TYR D 1031 9.83 62.97 -70.41
N VAL D 1032 9.48 63.82 -71.36
CA VAL D 1032 10.49 64.49 -72.19
C VAL D 1032 11.40 65.33 -71.32
N THR D 1033 10.86 66.02 -70.34
CA THR D 1033 11.64 66.92 -69.52
C THR D 1033 12.61 66.18 -68.63
N LEU D 1034 12.12 65.22 -67.82
CA LEU D 1034 13.01 64.51 -66.91
C LEU D 1034 14.08 63.73 -67.67
N ARG D 1035 13.80 63.34 -68.92
CA ARG D 1035 14.74 62.53 -69.69
C ARG D 1035 15.82 63.39 -70.33
N LYS D 1036 15.47 64.60 -70.77
CA LYS D 1036 16.48 65.58 -71.17
C LYS D 1036 17.29 66.09 -69.99
N LEU D 1037 16.72 66.07 -68.78
CA LEU D 1037 17.42 66.55 -67.59
C LEU D 1037 18.63 65.69 -67.23
N VAL D 1038 18.69 64.46 -67.72
CA VAL D 1038 19.73 63.53 -67.32
C VAL D 1038 20.62 63.08 -68.47
N THR D 1039 20.30 63.47 -69.71
CA THR D 1039 21.16 63.18 -70.86
C THR D 1039 21.83 64.45 -71.36
N ARG D 1040 22.44 65.21 -70.46
CA ARG D 1040 23.11 66.46 -70.86
C ARG D 1040 24.61 66.44 -70.58
N MET E 1 7.34 17.24 -68.67
CA MET E 1 8.32 17.93 -67.80
C MET E 1 8.90 17.06 -66.67
N ASP E 2 10.21 17.10 -66.45
CA ASP E 2 10.83 16.30 -65.39
C ASP E 2 10.88 17.16 -64.13
N PHE E 3 9.80 17.14 -63.32
CA PHE E 3 9.83 17.91 -62.07
C PHE E 3 10.87 17.38 -61.07
N SER E 4 11.42 16.18 -61.29
CA SER E 4 12.28 15.47 -60.35
C SER E 4 13.76 15.58 -60.74
N ARG E 5 14.05 16.39 -61.76
CA ARG E 5 15.34 16.40 -62.46
C ARG E 5 16.49 16.75 -61.50
N PHE E 6 16.34 17.84 -60.76
CA PHE E 6 17.35 18.26 -59.78
C PHE E 6 17.61 17.15 -58.77
N PHE E 7 16.55 16.55 -58.26
CA PHE E 7 16.71 15.57 -57.18
C PHE E 7 17.30 14.27 -57.69
N ILE E 8 16.90 13.84 -58.89
CA ILE E 8 17.54 12.68 -59.50
C ILE E 8 19.04 12.90 -59.63
N ASP E 9 19.42 14.09 -60.12
CA ASP E 9 20.85 14.38 -60.34
C ASP E 9 21.63 14.64 -59.06
N ARG E 10 21.00 15.20 -58.02
CA ARG E 10 21.69 15.46 -56.76
C ARG E 10 20.92 14.74 -55.67
N PRO E 11 21.07 13.41 -55.57
CA PRO E 11 20.18 12.67 -54.67
C PRO E 11 20.34 13.02 -53.22
N ILE E 12 21.52 13.50 -52.81
CA ILE E 12 21.67 13.82 -51.40
C ILE E 12 20.68 14.91 -50.97
N PHE E 13 20.34 15.87 -51.85
CA PHE E 13 19.27 16.82 -51.55
C PHE E 13 17.92 16.13 -51.38
N ALA E 14 17.64 15.06 -52.15
CA ALA E 14 16.42 14.29 -51.91
C ALA E 14 16.48 13.60 -50.57
N ALA E 15 17.64 13.07 -50.25
CA ALA E 15 17.82 12.42 -48.97
C ALA E 15 17.57 13.39 -47.81
N VAL E 16 18.15 14.60 -47.92
CA VAL E 16 18.05 15.57 -46.81
C VAL E 16 16.59 16.02 -46.65
N LEU E 17 15.90 16.27 -47.74
CA LEU E 17 14.49 16.67 -47.67
C LEU E 17 13.65 15.59 -46.99
N SER E 18 13.81 14.35 -47.43
CA SER E 18 13.07 13.26 -46.80
C SER E 18 13.42 13.12 -45.33
N ILE E 19 14.72 13.24 -44.98
CA ILE E 19 15.10 13.10 -43.58
C ILE E 19 14.45 14.21 -42.74
N LEU E 20 14.45 15.46 -43.25
CA LEU E 20 13.83 16.56 -42.51
C LEU E 20 12.37 16.26 -42.24
N ILE E 21 11.66 15.80 -43.27
CA ILE E 21 10.23 15.47 -43.16
C ILE E 21 10.04 14.40 -42.13
N PHE E 22 10.90 13.38 -42.16
CA PHE E 22 10.79 12.29 -41.21
C PHE E 22 11.08 12.75 -39.78
N ILE E 23 12.11 13.57 -39.60
CA ILE E 23 12.53 14.02 -38.26
C ILE E 23 11.45 14.90 -37.64
N THR E 24 10.89 15.83 -38.43
CA THR E 24 9.81 16.66 -37.89
C THR E 24 8.60 15.82 -37.48
N GLY E 25 8.27 14.78 -38.25
CA GLY E 25 7.22 13.85 -37.83
C GLY E 25 7.56 13.14 -36.53
N LEU E 26 8.82 12.71 -36.38
CA LEU E 26 9.20 12.06 -35.12
C LEU E 26 9.06 13.03 -33.95
N ILE E 27 9.49 14.29 -34.09
CA ILE E 27 9.38 15.29 -33.02
C ILE E 27 7.91 15.56 -32.68
N ALA E 28 7.04 15.56 -33.69
CA ALA E 28 5.62 15.83 -33.48
C ALA E 28 4.94 14.73 -32.69
N ILE E 29 5.34 13.48 -32.91
CA ILE E 29 4.58 12.38 -32.33
C ILE E 29 4.34 12.54 -30.82
N PRO E 30 5.35 12.73 -29.98
CA PRO E 30 5.05 12.86 -28.52
C PRO E 30 4.30 14.14 -28.15
N LEU E 31 4.25 15.11 -29.04
CA LEU E 31 3.58 16.37 -28.81
C LEU E 31 2.09 16.30 -29.10
N LEU E 32 1.63 15.29 -29.80
CA LEU E 32 0.23 15.17 -30.18
C LEU E 32 -0.65 14.74 -29.00
N PRO E 33 -1.78 15.38 -28.78
CA PRO E 33 -2.79 14.84 -27.86
C PRO E 33 -3.21 13.45 -28.32
N VAL E 34 -3.71 12.66 -27.36
CA VAL E 34 -4.10 11.29 -27.63
C VAL E 34 -5.43 11.05 -26.93
N SER E 35 -6.42 10.54 -27.68
CA SER E 35 -7.71 10.23 -27.07
C SER E 35 -8.50 9.33 -27.99
N GLU E 36 -9.57 8.72 -27.47
CA GLU E 36 -10.36 7.83 -28.31
C GLU E 36 -10.96 8.57 -29.51
N TYR E 37 -11.44 9.79 -29.30
CA TYR E 37 -12.21 10.48 -30.33
C TYR E 37 -11.76 11.92 -30.36
N PRO E 38 -12.03 12.65 -31.46
CA PRO E 38 -11.84 14.11 -31.42
C PRO E 38 -12.88 14.71 -30.46
N ASP E 39 -12.89 16.03 -30.35
CA ASP E 39 -13.77 16.80 -29.45
C ASP E 39 -15.14 16.92 -30.09
N VAL E 40 -16.01 15.95 -29.83
CA VAL E 40 -17.32 15.97 -30.46
C VAL E 40 -18.48 16.16 -29.45
N VAL E 41 -18.23 16.11 -28.15
CA VAL E 41 -19.39 16.30 -27.25
C VAL E 41 -19.64 17.79 -27.11
N PRO E 42 -20.87 18.30 -27.25
CA PRO E 42 -21.05 19.75 -27.06
C PRO E 42 -20.74 20.15 -25.64
N PRO E 43 -20.19 21.36 -25.44
CA PRO E 43 -19.71 21.78 -24.11
C PRO E 43 -20.91 21.94 -23.21
N SER E 44 -20.73 21.55 -22.00
CA SER E 44 -21.83 21.81 -21.10
C SER E 44 -21.36 22.31 -19.74
N VAL E 45 -22.29 22.97 -19.04
CA VAL E 45 -22.01 23.55 -17.74
C VAL E 45 -23.11 23.09 -16.79
N GLN E 46 -22.71 22.58 -15.60
CA GLN E 46 -23.68 22.17 -14.58
C GLN E 46 -23.76 23.19 -13.46
N VAL E 47 -24.99 23.53 -13.06
CA VAL E 47 -25.27 24.35 -11.90
C VAL E 47 -25.91 23.43 -10.87
N ARG E 48 -25.38 23.41 -9.65
CA ARG E 48 -25.90 22.52 -8.63
CA ARG E 48 -25.88 22.51 -8.62
C ARG E 48 -26.29 23.33 -7.41
N ALA E 49 -27.44 23.02 -6.86
CA ALA E 49 -28.01 23.71 -5.72
C ALA E 49 -28.65 22.68 -4.81
N GLU E 50 -28.77 23.03 -3.51
CA GLU E 50 -29.38 22.06 -2.62
C GLU E 50 -30.33 22.74 -1.66
N TYR E 51 -31.46 22.08 -1.40
CA TYR E 51 -32.51 22.62 -0.52
C TYR E 51 -32.95 21.46 0.38
N PRO E 52 -32.18 21.15 1.43
CA PRO E 52 -32.43 19.93 2.23
C PRO E 52 -33.88 19.87 2.73
N GLY E 53 -34.56 18.76 2.42
CA GLY E 53 -35.93 18.54 2.84
C GLY E 53 -36.97 18.93 1.83
N ALA E 54 -36.60 19.75 0.82
CA ALA E 54 -37.65 20.36 0.00
C ALA E 54 -38.13 19.32 -1.02
N ASN E 55 -39.45 19.29 -1.27
CA ASN E 55 -40.07 18.46 -2.30
C ASN E 55 -39.46 18.81 -3.69
N PRO E 56 -39.39 17.84 -4.61
CA PRO E 56 -39.01 18.18 -6.00
C PRO E 56 -39.86 19.31 -6.56
N LYS E 57 -41.15 19.37 -6.20
CA LYS E 57 -41.97 20.46 -6.73
C LYS E 57 -41.51 21.83 -6.20
N VAL E 58 -41.21 21.95 -4.91
CA VAL E 58 -40.70 23.24 -4.41
C VAL E 58 -39.34 23.57 -5.03
N ILE E 59 -38.45 22.60 -5.12
CA ILE E 59 -37.16 22.87 -5.77
C ILE E 59 -37.37 23.37 -7.20
N ALA E 60 -38.23 22.71 -7.97
CA ALA E 60 -38.46 23.18 -9.33
C ALA E 60 -39.00 24.60 -9.34
N GLU E 61 -40.01 24.88 -8.47
CA GLU E 61 -40.68 26.16 -8.58
C GLU E 61 -39.84 27.29 -8.05
N THR E 62 -39.07 27.07 -6.95
CA THR E 62 -38.42 28.18 -6.25
C THR E 62 -36.91 28.20 -6.42
N VAL E 63 -36.35 27.19 -7.06
CA VAL E 63 -34.90 27.18 -7.26
C VAL E 63 -34.59 27.05 -8.76
N ALA E 64 -35.09 25.99 -9.42
CA ALA E 64 -34.79 25.83 -10.85
C ALA E 64 -35.37 26.98 -11.68
N THR E 65 -36.59 27.36 -11.39
CA THR E 65 -37.27 28.35 -12.23
C THR E 65 -36.52 29.67 -12.22
N PRO E 66 -36.16 30.25 -11.08
CA PRO E 66 -35.39 31.50 -11.15
C PRO E 66 -33.99 31.32 -11.71
N LEU E 67 -33.33 30.19 -11.46
CA LEU E 67 -32.05 29.96 -12.11
C LEU E 67 -32.17 29.97 -13.65
N GLU E 68 -33.16 29.24 -14.17
CA GLU E 68 -33.34 29.14 -15.61
C GLU E 68 -33.75 30.49 -16.14
N GLU E 69 -34.54 31.26 -15.36
CA GLU E 69 -34.92 32.58 -15.82
C GLU E 69 -33.69 33.45 -16.04
N ALA E 70 -32.69 33.32 -15.17
CA ALA E 70 -31.50 34.13 -15.31
C ALA E 70 -30.61 33.59 -16.41
N ILE E 71 -30.53 32.25 -16.53
CA ILE E 71 -29.59 31.66 -17.52
C ILE E 71 -30.11 31.79 -18.96
N ASN E 72 -31.44 31.69 -19.17
CA ASN E 72 -32.01 31.54 -20.53
C ASN E 72 -31.50 32.68 -21.39
N GLY E 73 -31.18 32.35 -22.65
CA GLY E 73 -30.64 33.36 -23.54
C GLY E 73 -29.13 33.58 -23.46
N VAL E 74 -28.41 32.94 -22.53
CA VAL E 74 -26.95 33.11 -22.51
C VAL E 74 -26.33 32.69 -23.89
N GLU E 75 -25.26 33.35 -24.29
CA GLU E 75 -24.79 33.20 -25.68
C GLU E 75 -24.47 31.76 -26.04
N ASN E 76 -24.92 31.35 -27.25
CA ASN E 76 -24.56 30.05 -27.83
C ASN E 76 -25.17 28.86 -27.10
N MET E 77 -26.18 29.09 -26.25
CA MET E 77 -26.86 27.98 -25.60
C MET E 77 -27.66 27.21 -26.64
N MET E 78 -27.63 25.88 -26.58
CA MET E 78 -28.52 25.08 -27.43
C MET E 78 -29.78 24.66 -26.64
N TYR E 79 -29.61 24.25 -25.38
CA TYR E 79 -30.75 23.89 -24.55
C TYR E 79 -30.26 23.77 -23.11
N MET E 80 -31.23 23.67 -22.19
CA MET E 80 -30.93 23.59 -20.77
C MET E 80 -31.97 22.69 -20.13
N LYS E 81 -31.57 21.88 -19.17
CA LYS E 81 -32.53 21.06 -18.48
C LYS E 81 -32.25 21.17 -16.99
N SER E 82 -33.30 20.94 -16.20
CA SER E 82 -33.15 20.96 -14.75
C SER E 82 -33.79 19.68 -14.20
N VAL E 83 -33.14 19.09 -13.22
CA VAL E 83 -33.60 17.84 -12.60
C VAL E 83 -33.57 18.09 -11.10
N ALA E 84 -34.75 18.04 -10.45
CA ALA E 84 -34.88 18.33 -9.02
C ALA E 84 -35.36 17.07 -8.33
N GLY E 85 -34.57 16.53 -7.39
CA GLY E 85 -34.90 15.24 -6.76
C GLY E 85 -35.28 15.30 -5.28
N SER E 86 -35.85 14.19 -4.79
CA SER E 86 -36.19 14.08 -3.35
C SER E 86 -34.94 13.99 -2.46
N ASP E 87 -33.73 13.92 -3.04
CA ASP E 87 -32.55 14.12 -2.19
C ASP E 87 -32.31 15.61 -1.88
N GLY E 88 -33.17 16.51 -2.35
CA GLY E 88 -32.99 17.92 -2.16
C GLY E 88 -32.04 18.60 -3.12
N VAL E 89 -31.59 17.93 -4.15
CA VAL E 89 -30.52 18.47 -4.95
C VAL E 89 -31.14 18.89 -6.29
N LEU E 90 -30.75 20.05 -6.79
CA LEU E 90 -31.11 20.47 -8.15
C LEU E 90 -29.84 20.34 -9.00
N VAL E 91 -29.94 19.71 -10.18
CA VAL E 91 -28.88 19.77 -11.17
C VAL E 91 -29.43 20.41 -12.45
N THR E 92 -28.90 21.59 -12.79
CA THR E 92 -29.27 22.26 -14.03
C THR E 92 -28.09 22.17 -15.01
N THR E 93 -28.35 21.63 -16.19
CA THR E 93 -27.28 21.39 -17.19
C THR E 93 -27.59 22.26 -18.40
N VAL E 94 -26.64 23.09 -18.76
CA VAL E 94 -26.76 24.08 -19.82
C VAL E 94 -25.80 23.62 -20.90
N THR E 95 -26.33 23.34 -22.08
CA THR E 95 -25.52 22.79 -23.19
C THR E 95 -25.38 23.83 -24.31
N PHE E 96 -24.16 23.94 -24.85
CA PHE E 96 -23.78 25.00 -25.79
C PHE E 96 -23.43 24.39 -27.17
N ARG E 97 -23.55 25.23 -28.20
CA ARG E 97 -23.33 24.78 -29.57
C ARG E 97 -21.90 24.24 -29.74
N PRO E 98 -21.71 23.21 -30.57
CA PRO E 98 -20.36 22.75 -30.90
C PRO E 98 -19.51 23.92 -31.32
N GLY E 99 -18.28 23.96 -30.84
CA GLY E 99 -17.41 25.07 -31.14
C GLY E 99 -17.37 26.14 -30.06
N THR E 100 -18.36 26.16 -29.16
CA THR E 100 -18.33 27.15 -28.10
C THR E 100 -17.11 26.94 -27.20
N ASP E 101 -16.50 28.02 -26.82
CA ASP E 101 -15.40 27.94 -25.82
C ASP E 101 -15.99 27.56 -24.47
N PRO E 102 -15.61 26.40 -23.91
CA PRO E 102 -16.24 25.94 -22.68
C PRO E 102 -15.95 26.86 -21.49
N ASP E 103 -14.78 27.52 -21.46
CA ASP E 103 -14.48 28.49 -20.39
C ASP E 103 -15.30 29.78 -20.56
N GLN E 104 -15.60 30.17 -21.80
CA GLN E 104 -16.52 31.30 -21.95
C GLN E 104 -17.94 30.90 -21.50
N ALA E 105 -18.38 29.69 -21.88
CA ALA E 105 -19.70 29.22 -21.44
C ALA E 105 -19.78 29.21 -19.92
N GLN E 106 -18.75 28.64 -19.28
CA GLN E 106 -18.66 28.62 -17.82
C GLN E 106 -18.87 29.98 -17.17
N VAL E 107 -18.11 31.01 -17.61
CA VAL E 107 -18.21 32.31 -16.92
C VAL E 107 -19.53 32.99 -17.24
N GLN E 108 -20.02 32.82 -18.45
CA GLN E 108 -21.33 33.44 -18.72
C GLN E 108 -22.41 32.82 -17.85
N VAL E 109 -22.42 31.48 -17.70
CA VAL E 109 -23.43 30.87 -16.79
C VAL E 109 -23.22 31.33 -15.35
N GLN E 110 -21.97 31.30 -14.89
CA GLN E 110 -21.67 31.67 -13.50
C GLN E 110 -22.14 33.07 -13.19
N ASN E 111 -21.93 34.01 -14.10
CA ASN E 111 -22.51 35.36 -13.95
C ASN E 111 -24.05 35.40 -13.87
N ARG E 112 -24.77 34.67 -14.73
CA ARG E 112 -26.24 34.63 -14.61
C ARG E 112 -26.68 33.99 -13.28
N VAL E 113 -25.97 32.93 -12.88
CA VAL E 113 -26.31 32.31 -11.60
C VAL E 113 -26.12 33.33 -10.47
N ALA E 114 -25.05 34.13 -10.53
CA ALA E 114 -24.87 35.14 -9.50
C ALA E 114 -25.98 36.17 -9.52
N GLN E 115 -26.55 36.44 -10.72
CA GLN E 115 -27.68 37.35 -10.75
C GLN E 115 -28.96 36.69 -10.23
N ALA E 116 -29.07 35.37 -10.31
CA ALA E 116 -30.27 34.72 -9.75
C ALA E 116 -30.25 34.58 -8.23
N GLU E 117 -29.04 34.66 -7.63
CA GLU E 117 -28.82 34.19 -6.26
C GLU E 117 -29.77 34.87 -5.26
N ALA E 118 -30.03 36.15 -5.47
CA ALA E 118 -30.97 36.87 -4.64
C ALA E 118 -32.43 36.39 -4.81
N ARG E 119 -32.78 35.69 -5.90
CA ARG E 119 -34.12 35.13 -6.04
C ARG E 119 -34.32 33.83 -5.24
N LEU E 120 -33.24 33.21 -4.70
CA LEU E 120 -33.27 31.82 -4.23
C LEU E 120 -33.65 31.74 -2.75
N PRO E 121 -34.16 30.59 -2.25
CA PRO E 121 -34.50 30.48 -0.83
C PRO E 121 -33.25 30.61 0.03
N GLU E 122 -33.43 31.22 1.21
CA GLU E 122 -32.27 31.46 2.06
C GLU E 122 -31.50 30.18 2.34
N ASP E 123 -32.19 29.08 2.61
CA ASP E 123 -31.40 27.90 2.98
C ASP E 123 -30.57 27.40 1.78
N VAL E 124 -31.05 27.59 0.57
CA VAL E 124 -30.22 27.28 -0.61
C VAL E 124 -29.02 28.20 -0.70
N ARG E 125 -29.21 29.49 -0.45
CA ARG E 125 -28.09 30.42 -0.51
CA ARG E 125 -28.08 30.42 -0.51
C ARG E 125 -27.05 30.11 0.57
N ARG E 126 -27.52 29.73 1.78
CA ARG E 126 -26.60 29.42 2.87
C ARG E 126 -25.73 28.22 2.51
N LEU E 127 -26.26 27.23 1.76
CA LEU E 127 -25.42 26.11 1.35
C LEU E 127 -24.48 26.48 0.21
N GLY E 128 -24.86 27.40 -0.64
CA GLY E 128 -23.96 27.70 -1.75
C GLY E 128 -24.36 27.02 -3.05
N ILE E 129 -24.21 27.68 -4.17
CA ILE E 129 -24.51 27.08 -5.48
C ILE E 129 -23.19 26.94 -6.19
N THR E 130 -23.03 25.88 -6.98
CA THR E 130 -21.82 25.74 -7.78
C THR E 130 -22.13 25.72 -9.28
N THR E 131 -21.19 26.23 -10.08
CA THR E 131 -21.30 26.31 -11.53
C THR E 131 -20.00 25.71 -12.05
N GLN E 132 -20.07 24.63 -12.83
CA GLN E 132 -18.86 23.86 -13.20
C GLN E 132 -18.93 23.41 -14.66
N LYS E 133 -17.97 23.80 -15.45
CA LYS E 133 -17.89 23.21 -16.78
C LYS E 133 -17.65 21.70 -16.67
N GLN E 134 -18.27 20.91 -17.57
CA GLN E 134 -18.11 19.47 -17.51
C GLN E 134 -16.99 19.04 -18.47
N SER E 135 -16.18 18.09 -18.02
CA SER E 135 -15.15 17.47 -18.87
C SER E 135 -15.77 16.17 -19.37
N PRO E 136 -16.08 16.06 -20.64
CA PRO E 136 -16.79 14.85 -21.08
C PRO E 136 -15.92 13.60 -21.27
N THR E 137 -14.59 13.71 -21.35
CA THR E 137 -13.78 12.57 -21.79
C THR E 137 -13.22 11.78 -20.62
N LEU E 138 -13.78 10.60 -20.41
CA LEU E 138 -13.34 9.76 -19.29
C LEU E 138 -12.02 9.12 -19.63
N THR E 139 -11.08 9.13 -18.71
CA THR E 139 -9.84 8.41 -18.94
C THR E 139 -9.78 7.10 -18.16
N LEU E 140 -10.24 7.09 -16.88
CA LEU E 140 -10.05 5.90 -16.08
C LEU E 140 -11.06 5.94 -14.94
N VAL E 141 -11.60 4.80 -14.56
CA VAL E 141 -12.40 4.69 -13.34
C VAL E 141 -11.58 3.91 -12.32
N VAL E 142 -11.55 4.42 -11.08
CA VAL E 142 -10.78 3.82 -9.99
C VAL E 142 -11.76 3.68 -8.85
N HIS E 143 -11.78 2.52 -8.19
CA HIS E 143 -12.58 2.35 -6.97
C HIS E 143 -11.67 2.08 -5.76
N LEU E 144 -12.09 2.54 -4.59
CA LEU E 144 -11.50 2.09 -3.33
C LEU E 144 -12.51 1.11 -2.76
N PHE E 145 -12.02 0.05 -2.10
CA PHE E 145 -12.96 -0.86 -1.47
C PHE E 145 -12.27 -1.52 -0.29
N SER E 146 -13.06 -2.21 0.50
CA SER E 146 -12.59 -2.76 1.78
C SER E 146 -12.84 -4.26 1.73
N PRO E 147 -11.85 -5.09 1.34
CA PRO E 147 -12.12 -6.54 1.18
C PRO E 147 -12.69 -7.25 2.42
N ASN E 148 -12.07 -7.10 3.58
CA ASN E 148 -12.50 -7.75 4.84
C ASN E 148 -13.52 -6.90 5.60
N GLY E 149 -14.10 -5.86 4.99
CA GLY E 149 -15.22 -5.09 5.58
C GLY E 149 -14.87 -4.15 6.74
N LYS E 150 -13.61 -3.76 6.92
CA LYS E 150 -13.37 -2.84 8.05
C LYS E 150 -13.97 -1.45 7.80
N TYR E 151 -14.01 -0.98 6.54
CA TYR E 151 -14.38 0.40 6.22
C TYR E 151 -15.63 0.38 5.36
N ASP E 152 -16.53 1.35 5.58
CA ASP E 152 -17.70 1.46 4.70
C ASP E 152 -17.49 2.60 3.69
N SER E 153 -18.47 2.77 2.78
CA SER E 153 -18.35 3.79 1.73
C SER E 153 -18.22 5.19 2.30
N LEU E 154 -18.91 5.52 3.44
CA LEU E 154 -18.70 6.83 4.05
C LEU E 154 -17.23 7.07 4.34
N TYR E 155 -16.60 6.10 4.99
CA TYR E 155 -15.19 6.28 5.35
C TYR E 155 -14.33 6.35 4.12
N MET E 156 -14.57 5.45 3.17
CA MET E 156 -13.66 5.44 2.02
C MET E 156 -13.84 6.66 1.13
N ARG E 157 -15.07 7.15 0.99
CA ARG E 157 -15.27 8.34 0.17
C ARG E 157 -14.54 9.54 0.74
N ASN E 158 -14.65 9.74 2.08
CA ASN E 158 -13.95 10.85 2.68
C ASN E 158 -12.47 10.61 2.71
N TYR E 159 -12.04 9.34 2.76
CA TYR E 159 -10.60 9.10 2.59
C TYR E 159 -10.14 9.53 1.20
N ALA E 160 -10.95 9.23 0.18
CA ALA E 160 -10.58 9.66 -1.17
C ALA E 160 -10.50 11.19 -1.24
N THR E 161 -11.49 11.86 -0.66
CA THR E 161 -11.48 13.32 -0.68
C THR E 161 -10.24 13.90 0.01
N LEU E 162 -9.86 13.32 1.16
CA LEU E 162 -8.81 13.83 2.01
C LEU E 162 -7.41 13.43 1.54
N LYS E 163 -7.26 12.25 0.92
CA LYS E 163 -5.92 11.70 0.63
C LYS E 163 -5.68 11.37 -0.83
N VAL E 164 -6.74 11.18 -1.65
CA VAL E 164 -6.54 10.69 -3.03
C VAL E 164 -6.81 11.79 -4.08
N LYS E 165 -8.01 12.37 -4.05
CA LYS E 165 -8.48 13.30 -5.07
C LYS E 165 -7.47 14.40 -5.43
N ASP E 166 -6.95 15.12 -4.42
CA ASP E 166 -6.05 16.23 -4.73
C ASP E 166 -4.72 15.75 -5.26
N GLU E 167 -4.34 14.49 -4.97
CA GLU E 167 -3.09 13.98 -5.54
C GLU E 167 -3.27 13.59 -7.02
N LEU E 168 -4.43 13.04 -7.38
CA LEU E 168 -4.79 12.75 -8.76
C LEU E 168 -5.02 14.02 -9.55
N ALA E 169 -5.50 15.06 -8.90
CA ALA E 169 -5.85 16.28 -9.58
C ALA E 169 -4.61 17.04 -10.02
N ARG E 170 -3.46 16.73 -9.43
CA ARG E 170 -2.19 17.36 -9.77
C ARG E 170 -1.54 16.72 -10.97
N LEU E 171 -2.05 15.61 -11.44
CA LEU E 171 -1.32 14.90 -12.48
C LEU E 171 -1.50 15.65 -13.80
N PRO E 172 -0.46 15.74 -14.61
CA PRO E 172 -0.62 16.38 -15.93
C PRO E 172 -1.75 15.75 -16.76
N GLY E 173 -2.59 16.59 -17.36
CA GLY E 173 -3.65 16.08 -18.21
C GLY E 173 -5.03 15.89 -17.60
N VAL E 174 -5.22 16.15 -16.29
CA VAL E 174 -6.51 15.89 -15.66
C VAL E 174 -7.47 17.06 -15.92
N GLY E 175 -8.68 16.77 -16.38
CA GLY E 175 -9.64 17.86 -16.47
C GLY E 175 -10.59 17.94 -15.29
N GLN E 176 -10.95 16.79 -14.74
CA GLN E 176 -11.96 16.76 -13.67
C GLN E 176 -11.83 15.43 -12.96
N ILE E 177 -12.08 15.42 -11.65
CA ILE E 177 -12.25 14.19 -10.86
C ILE E 177 -13.63 14.20 -10.26
N GLN E 178 -14.38 13.13 -10.46
CA GLN E 178 -15.73 12.99 -9.93
C GLN E 178 -15.72 11.86 -8.90
N ILE E 179 -16.41 12.06 -7.79
CA ILE E 179 -16.51 11.01 -6.78
C ILE E 179 -17.96 10.58 -6.65
N PHE E 180 -18.17 9.27 -6.59
CA PHE E 180 -19.51 8.73 -6.55
C PHE E 180 -19.64 7.78 -5.38
N GLY E 181 -20.56 8.10 -4.46
CA GLY E 181 -20.99 7.16 -3.46
C GLY E 181 -20.89 7.83 -2.07
N SER E 182 -21.91 7.62 -1.25
CA SER E 182 -22.02 8.19 0.09
C SER E 182 -21.94 9.71 -0.03
N GLY E 183 -21.36 10.40 0.95
CA GLY E 183 -21.36 11.85 0.92
C GLY E 183 -20.27 12.37 1.83
N GLU E 184 -20.04 13.68 1.79
CA GLU E 184 -19.12 14.31 2.73
C GLU E 184 -19.54 14.00 4.16
N TYR E 185 -18.53 13.90 5.03
CA TYR E 185 -18.84 13.87 6.45
C TYR E 185 -19.71 15.06 6.81
N ALA E 186 -20.57 14.84 7.79
CA ALA E 186 -21.36 15.91 8.37
C ALA E 186 -21.57 15.54 9.84
N MET E 187 -21.49 16.54 10.71
CA MET E 187 -21.87 16.33 12.13
C MET E 187 -23.38 16.25 12.19
N ARG E 188 -23.92 15.08 12.53
CA ARG E 188 -25.35 14.81 12.45
C ARG E 188 -25.89 14.86 13.87
N VAL E 189 -26.83 15.74 14.10
CA VAL E 189 -27.57 15.80 15.37
C VAL E 189 -28.95 15.20 15.07
N TRP E 190 -29.23 13.99 15.62
CA TRP E 190 -30.47 13.26 15.37
C TRP E 190 -31.38 13.49 16.59
N LEU E 191 -32.33 14.39 16.45
CA LEU E 191 -33.19 14.81 17.55
C LEU E 191 -34.30 13.80 17.84
N ASP E 192 -34.65 13.71 19.12
CA ASP E 192 -35.84 12.96 19.50
C ASP E 192 -36.91 14.01 19.79
N PRO E 193 -37.90 14.18 18.90
CA PRO E 193 -38.86 15.26 19.06
C PRO E 193 -39.62 15.19 20.37
N ASN E 194 -39.90 13.99 20.87
CA ASN E 194 -40.62 13.88 22.15
C ASN E 194 -39.78 14.39 23.32
N LYS E 195 -38.48 14.10 23.30
CA LYS E 195 -37.60 14.58 24.36
C LYS E 195 -37.39 16.09 24.28
N VAL E 196 -37.20 16.62 23.05
CA VAL E 196 -37.12 18.08 22.91
C VAL E 196 -38.37 18.74 23.52
N ALA E 197 -39.54 18.32 23.07
CA ALA E 197 -40.77 18.98 23.46
C ALA E 197 -41.04 18.81 24.96
N ALA E 198 -40.67 17.66 25.52
CA ALA E 198 -40.88 17.43 26.95
C ALA E 198 -40.08 18.42 27.77
N ARG E 199 -39.04 19.03 27.23
CA ARG E 199 -38.32 20.05 27.97
CA ARG E 199 -38.33 20.05 27.98
C ARG E 199 -38.77 21.45 27.62
N GLY E 200 -39.90 21.57 26.91
CA GLY E 200 -40.40 22.89 26.60
C GLY E 200 -39.63 23.59 25.51
N LEU E 201 -38.94 22.81 24.66
CA LEU E 201 -38.07 23.32 23.60
C LEU E 201 -38.68 23.06 22.24
N THR E 202 -38.43 23.98 21.29
CA THR E 202 -38.76 23.80 19.90
C THR E 202 -37.51 23.40 19.11
N ALA E 203 -37.76 22.93 17.88
CA ALA E 203 -36.64 22.73 16.95
C ALA E 203 -35.83 24.00 16.75
N SER E 204 -36.49 25.14 16.58
CA SER E 204 -35.74 26.37 16.35
C SER E 204 -34.92 26.75 17.58
N ASP E 205 -35.37 26.39 18.78
CA ASP E 205 -34.55 26.68 19.96
C ASP E 205 -33.24 25.95 19.86
N VAL E 206 -33.31 24.69 19.43
CA VAL E 206 -32.13 23.84 19.33
C VAL E 206 -31.19 24.37 18.25
N VAL E 207 -31.72 24.67 17.06
CA VAL E 207 -30.88 25.21 15.98
C VAL E 207 -30.21 26.51 16.42
N THR E 208 -30.97 27.40 17.07
CA THR E 208 -30.36 28.65 17.55
C THR E 208 -29.24 28.39 18.54
N ALA E 209 -29.44 27.43 19.48
CA ALA E 209 -28.39 27.18 20.48
C ALA E 209 -27.14 26.62 19.80
N MET E 210 -27.35 25.75 18.83
CA MET E 210 -26.22 25.21 18.05
C MET E 210 -25.47 26.31 17.31
N GLN E 211 -26.18 27.24 16.71
CA GLN E 211 -25.51 28.35 16.02
C GLN E 211 -24.76 29.28 16.99
N GLU E 212 -25.36 29.53 18.18
CA GLU E 212 -24.68 30.37 19.14
C GLU E 212 -23.42 29.72 19.70
N GLN E 213 -23.43 28.39 19.91
CA GLN E 213 -22.37 27.80 20.72
C GLN E 213 -21.28 27.09 19.90
N ASN E 214 -21.39 27.09 18.57
CA ASN E 214 -20.34 26.56 17.68
C ASN E 214 -20.14 27.66 16.64
N VAL E 215 -19.23 28.60 16.91
CA VAL E 215 -19.19 29.82 16.12
C VAL E 215 -17.77 30.36 16.12
N GLN E 216 -17.39 30.99 15.02
CA GLN E 216 -16.10 31.66 14.89
C GLN E 216 -16.06 32.87 15.84
N VAL E 217 -14.94 33.07 16.57
CA VAL E 217 -14.78 34.16 17.54
C VAL E 217 -13.59 35.05 17.15
N SER E 218 -13.83 36.35 17.16
CA SER E 218 -12.78 37.35 16.97
C SER E 218 -12.48 37.90 18.37
N ALA E 219 -11.30 37.57 18.92
CA ALA E 219 -11.06 37.89 20.33
C ALA E 219 -10.25 39.16 20.55
N GLY E 220 -9.70 39.78 19.48
CA GLY E 220 -8.95 41.02 19.61
C GLY E 220 -7.53 40.87 20.16
N GLN E 221 -6.99 41.98 20.68
CA GLN E 221 -5.58 42.21 21.05
C GLN E 221 -5.45 43.16 22.24
N LEU E 222 -4.38 43.01 23.03
CA LEU E 222 -3.94 44.04 23.98
C LEU E 222 -2.77 44.79 23.38
N GLY E 223 -2.69 46.11 23.63
CA GLY E 223 -1.53 46.89 23.20
C GLY E 223 -1.57 47.54 21.82
N ALA E 224 -2.65 47.37 21.07
CA ALA E 224 -2.79 48.01 19.79
C ALA E 224 -3.11 49.50 19.93
N GLU E 225 -2.91 50.20 18.83
CA GLU E 225 -3.18 51.63 18.80
C GLU E 225 -4.68 51.89 18.95
N PRO E 226 -5.08 53.13 19.26
CA PRO E 226 -4.27 54.32 19.55
C PRO E 226 -4.04 54.42 21.06
N LEU E 227 -2.81 54.79 21.43
CA LEU E 227 -2.38 54.93 22.81
C LEU E 227 -1.69 56.28 22.93
N PRO E 228 -1.84 56.96 24.07
CA PRO E 228 -1.11 58.22 24.24
C PRO E 228 0.41 58.03 24.30
N GLN E 229 0.89 56.88 24.79
CA GLN E 229 2.32 56.53 24.79
C GLN E 229 2.49 55.15 24.16
N GLU E 230 3.58 54.98 23.42
CA GLU E 230 3.72 53.79 22.58
C GLU E 230 3.77 52.53 23.42
N SER E 231 2.96 51.54 23.05
CA SER E 231 3.06 50.21 23.63
C SER E 231 4.43 49.59 23.30
N ASP E 232 4.88 48.68 24.16
CA ASP E 232 6.05 47.87 23.84
C ASP E 232 5.69 46.49 23.29
N PHE E 233 4.42 46.12 23.38
CA PHE E 233 3.98 44.78 23.04
C PHE E 233 2.62 44.87 22.36
N LEU E 234 2.37 43.87 21.52
CA LEU E 234 1.10 43.64 20.87
C LEU E 234 0.80 42.20 21.19
N ILE E 235 -0.27 41.94 21.93
CA ILE E 235 -0.59 40.60 22.41
C ILE E 235 -1.92 40.20 21.77
N SER E 236 -1.90 39.25 20.84
CA SER E 236 -3.14 38.68 20.31
C SER E 236 -3.82 37.81 21.36
N ILE E 237 -5.17 37.77 21.34
CA ILE E 237 -5.99 36.96 22.24
C ILE E 237 -6.61 35.77 21.51
N ASN E 238 -6.79 34.65 22.23
CA ASN E 238 -7.41 33.44 21.70
C ASN E 238 -8.67 33.17 22.54
N ALA E 239 -9.80 32.87 21.90
CA ALA E 239 -10.99 32.42 22.62
C ALA E 239 -11.68 31.36 21.76
N GLN E 240 -11.92 30.17 22.29
CA GLN E 240 -12.47 29.13 21.43
C GLN E 240 -13.97 29.28 21.28
N GLY E 241 -14.42 29.36 20.05
CA GLY E 241 -15.84 29.43 19.82
C GLY E 241 -16.33 28.17 19.13
N ARG E 242 -15.57 27.65 18.17
CA ARG E 242 -15.99 26.47 17.44
C ARG E 242 -15.81 25.19 18.23
N LEU E 243 -16.67 24.22 17.96
CA LEU E 243 -16.62 22.87 18.55
C LEU E 243 -16.08 21.89 17.51
N HIS E 244 -15.50 20.78 17.99
CA HIS E 244 -14.75 19.85 17.13
C HIS E 244 -15.18 18.38 17.26
N THR E 245 -15.75 17.96 18.38
CA THR E 245 -16.02 16.56 18.61
C THR E 245 -17.47 16.31 18.90
N GLU E 246 -17.88 15.04 18.69
CA GLU E 246 -19.22 14.64 19.08
C GLU E 246 -19.50 15.01 20.53
N GLU E 247 -18.52 14.81 21.43
CA GLU E 247 -18.80 15.10 22.85
C GLU E 247 -19.07 16.57 23.07
N GLU E 248 -18.25 17.44 22.45
CA GLU E 248 -18.49 18.88 22.57
C GLU E 248 -19.86 19.28 22.06
N PHE E 249 -20.27 18.75 20.87
CA PHE E 249 -21.62 19.07 20.40
C PHE E 249 -22.67 18.55 21.37
N GLY E 250 -22.48 17.34 21.93
CA GLY E 250 -23.48 16.91 22.89
C GLY E 250 -23.52 17.73 24.17
N ASN E 251 -22.46 18.48 24.45
CA ASN E 251 -22.39 19.31 25.64
C ASN E 251 -23.01 20.68 25.47
N ILE E 252 -23.54 20.98 24.27
CA ILE E 252 -24.20 22.25 24.03
C ILE E 252 -25.35 22.39 25.00
N ILE E 253 -25.53 23.61 25.51
CA ILE E 253 -26.56 23.91 26.52
C ILE E 253 -27.83 24.44 25.86
N LEU E 254 -28.95 23.74 26.04
CA LEU E 254 -30.23 24.21 25.50
C LEU E 254 -31.02 25.06 26.47
N LYS E 255 -30.84 24.86 27.77
CA LYS E 255 -31.63 25.61 28.76
C LYS E 255 -31.27 25.17 30.18
N THR E 256 -31.77 25.93 31.14
CA THR E 256 -31.69 25.56 32.55
C THR E 256 -33.00 24.89 32.95
N ALA E 257 -32.90 23.66 33.42
CA ALA E 257 -34.08 22.92 33.82
C ALA E 257 -34.65 23.51 35.11
N GLN E 258 -35.79 22.96 35.51
CA GLN E 258 -36.43 23.33 36.77
C GLN E 258 -35.55 22.98 37.95
N ASP E 259 -34.82 21.85 37.87
CA ASP E 259 -33.87 21.44 38.91
C ASP E 259 -32.70 22.40 39.08
N GLY E 260 -32.62 23.43 38.24
CA GLY E 260 -31.41 24.22 38.12
C GLY E 260 -30.30 23.56 37.32
N SER E 261 -30.46 22.31 36.94
CA SER E 261 -29.41 21.67 36.18
C SER E 261 -29.53 22.06 34.69
N LEU E 262 -28.47 21.82 33.93
CA LEU E 262 -28.40 22.26 32.53
C LEU E 262 -28.91 21.16 31.60
N VAL E 263 -29.78 21.52 30.66
CA VAL E 263 -30.27 20.57 29.66
C VAL E 263 -29.28 20.58 28.50
N ARG E 264 -28.70 19.44 28.22
CA ARG E 264 -27.68 19.32 27.17
C ARG E 264 -28.29 18.77 25.89
N LEU E 265 -27.61 19.05 24.76
CA LEU E 265 -28.10 18.51 23.49
C LEU E 265 -28.10 16.99 23.54
N ARG E 266 -27.11 16.39 24.19
CA ARG E 266 -27.12 14.93 24.23
C ARG E 266 -28.29 14.37 25.04
N ASP E 267 -28.93 15.21 25.88
CA ASP E 267 -30.14 14.75 26.57
C ASP E 267 -31.34 14.59 25.64
N VAL E 268 -31.29 15.18 24.43
CA VAL E 268 -32.44 15.14 23.53
C VAL E 268 -32.09 14.62 22.14
N ALA E 269 -30.85 14.20 21.93
CA ALA E 269 -30.43 13.87 20.59
C ALA E 269 -29.30 12.87 20.66
N ARG E 270 -29.14 12.15 19.57
CA ARG E 270 -28.01 11.27 19.32
C ARG E 270 -27.10 12.03 18.35
N ILE E 271 -25.80 12.08 18.62
CA ILE E 271 -24.87 12.93 17.88
C ILE E 271 -23.77 12.06 17.29
N GLU E 272 -23.55 12.18 15.98
CA GLU E 272 -22.54 11.35 15.32
C GLU E 272 -21.99 12.08 14.11
N MET E 273 -20.70 11.92 13.91
CA MET E 273 -20.02 12.25 12.66
C MET E 273 -20.49 11.29 11.56
N GLY E 274 -21.45 11.69 10.74
CA GLY E 274 -22.14 10.84 9.80
C GLY E 274 -22.01 11.35 8.39
N SER E 275 -23.02 11.13 7.55
CA SER E 275 -22.94 11.52 6.14
C SER E 275 -23.77 12.76 5.88
N GLY E 276 -23.27 13.64 5.04
CA GLY E 276 -24.13 14.67 4.52
C GLY E 276 -25.15 14.18 3.50
N SER E 277 -25.04 12.96 2.99
CA SER E 277 -25.99 12.51 2.00
C SER E 277 -26.16 11.02 2.09
N TYR E 278 -27.40 10.54 2.13
CA TYR E 278 -27.67 9.10 2.09
C TYR E 278 -28.23 8.64 0.75
N ALA E 279 -28.19 9.48 -0.28
CA ALA E 279 -28.96 9.28 -1.51
C ALA E 279 -28.32 8.28 -2.46
N LEU E 280 -27.02 8.04 -2.38
CA LEU E 280 -26.32 7.23 -3.40
C LEU E 280 -25.37 6.26 -2.71
N ARG E 281 -25.45 4.99 -3.09
CA ARG E 281 -24.55 4.00 -2.52
C ARG E 281 -23.62 3.57 -3.63
N SER E 282 -22.51 2.93 -3.23
CA SER E 282 -21.50 2.45 -4.18
C SER E 282 -21.01 1.08 -3.69
N GLN E 283 -21.09 0.07 -4.58
CA GLN E 283 -20.49 -1.22 -4.30
C GLN E 283 -19.61 -1.62 -5.47
N LEU E 284 -18.59 -2.42 -5.17
CA LEU E 284 -17.76 -3.08 -6.16
C LEU E 284 -17.82 -4.58 -5.85
N ASN E 285 -18.39 -5.37 -6.76
CA ASN E 285 -18.66 -6.81 -6.52
C ASN E 285 -19.30 -7.05 -5.16
N ASN E 286 -20.33 -6.26 -4.85
CA ASN E 286 -21.14 -6.35 -3.64
C ASN E 286 -20.39 -6.02 -2.36
N LYS E 287 -19.19 -5.50 -2.43
CA LYS E 287 -18.54 -4.93 -1.26
CA LYS E 287 -18.47 -4.92 -1.30
C LYS E 287 -18.64 -3.41 -1.30
N ASP E 288 -18.61 -2.79 -0.11
CA ASP E 288 -18.70 -1.33 -0.08
C ASP E 288 -17.56 -0.72 -0.85
N ALA E 289 -17.85 0.42 -1.47
CA ALA E 289 -16.79 1.00 -2.27
C ALA E 289 -17.07 2.48 -2.47
N VAL E 290 -16.14 3.15 -3.11
CA VAL E 290 -16.36 4.51 -3.61
C VAL E 290 -15.74 4.55 -5.02
N GLY E 291 -16.42 5.19 -5.96
CA GLY E 291 -16.00 5.21 -7.36
C GLY E 291 -15.43 6.58 -7.66
N ILE E 292 -14.35 6.60 -8.41
CA ILE E 292 -13.68 7.83 -8.80
C ILE E 292 -13.53 7.84 -10.32
N GLY E 293 -14.05 8.86 -10.98
CA GLY E 293 -13.88 8.98 -12.45
C GLY E 293 -12.88 10.09 -12.69
N ILE E 294 -11.83 9.75 -13.48
CA ILE E 294 -10.80 10.67 -13.84
C ILE E 294 -11.02 11.04 -15.30
N PHE E 295 -11.09 12.34 -15.58
CA PHE E 295 -11.47 12.89 -16.89
C PHE E 295 -10.34 13.77 -17.36
N GLN E 296 -9.89 13.57 -18.64
CA GLN E 296 -8.77 14.32 -19.16
C GLN E 296 -9.23 15.69 -19.66
N SER E 297 -8.31 16.59 -19.71
CA SER E 297 -8.50 17.82 -20.45
C SER E 297 -8.20 17.58 -21.93
N PRO E 298 -8.67 18.45 -22.81
CA PRO E 298 -8.53 18.24 -24.26
C PRO E 298 -7.12 17.95 -24.78
N GLY E 299 -6.08 18.60 -24.33
CA GLY E 299 -4.80 18.30 -24.98
C GLY E 299 -3.99 17.22 -24.32
N ALA E 300 -4.62 16.40 -23.50
CA ALA E 300 -3.83 15.39 -22.79
C ALA E 300 -3.47 14.23 -23.72
N ASN E 301 -2.51 13.45 -23.26
CA ASN E 301 -2.28 12.10 -23.77
C ASN E 301 -3.00 11.12 -22.83
N ALA E 302 -4.12 10.56 -23.31
CA ALA E 302 -4.95 9.68 -22.47
C ALA E 302 -4.16 8.46 -21.97
N ILE E 303 -3.30 7.90 -22.80
CA ILE E 303 -2.54 6.71 -22.42
C ILE E 303 -1.57 7.04 -21.28
N ASP E 304 -0.84 8.15 -21.44
CA ASP E 304 0.06 8.62 -20.39
C ASP E 304 -0.70 8.95 -19.10
N LEU E 305 -1.88 9.57 -19.22
CA LEU E 305 -2.69 9.89 -18.04
C LEU E 305 -3.15 8.63 -17.32
N SER E 306 -3.69 7.67 -18.07
CA SER E 306 -4.05 6.40 -17.42
C SER E 306 -2.84 5.78 -16.69
N ASN E 307 -1.68 5.75 -17.36
CA ASN E 307 -0.46 5.23 -16.74
C ASN E 307 -0.11 6.00 -15.47
N ALA E 308 -0.13 7.36 -15.52
CA ALA E 308 0.27 8.16 -14.39
C ALA E 308 -0.70 7.98 -13.24
N VAL E 309 -2.01 7.86 -13.55
CA VAL E 309 -3.02 7.66 -12.51
C VAL E 309 -2.80 6.33 -11.80
N ARG E 310 -2.48 5.28 -12.56
CA ARG E 310 -2.29 3.97 -11.94
C ARG E 310 -1.02 3.97 -11.09
N ALA E 311 0.04 4.61 -11.58
CA ALA E 311 1.28 4.70 -10.80
C ALA E 311 1.08 5.49 -9.51
N LYS E 312 0.37 6.62 -9.58
CA LYS E 312 0.07 7.41 -8.38
C LYS E 312 -0.80 6.64 -7.38
N MET E 313 -1.80 5.92 -7.87
CA MET E 313 -2.62 5.06 -7.01
C MET E 313 -1.77 3.98 -6.30
N ALA E 314 -0.87 3.32 -7.01
CA ALA E 314 0.02 2.32 -6.41
C ALA E 314 0.84 2.92 -5.28
N GLU E 315 1.34 4.14 -5.47
CA GLU E 315 2.06 4.84 -4.42
C GLU E 315 1.14 5.22 -3.26
N LEU E 316 -0.05 5.75 -3.54
CA LEU E 316 -0.94 6.11 -2.45
C LEU E 316 -1.34 4.88 -1.67
N ALA E 317 -1.51 3.78 -2.37
CA ALA E 317 -1.94 2.57 -1.70
C ALA E 317 -0.91 2.09 -0.67
N THR E 318 0.39 2.46 -0.83
CA THR E 318 1.43 2.09 0.14
C THR E 318 1.22 2.76 1.47
N ARG E 319 0.32 3.75 1.53
CA ARG E 319 -0.04 4.41 2.79
C ARG E 319 -1.50 4.21 3.13
N PHE E 320 -2.20 3.36 2.39
CA PHE E 320 -3.56 3.04 2.73
C PHE E 320 -3.58 2.48 4.14
N PRO E 321 -4.65 2.73 4.88
CA PRO E 321 -4.93 1.95 6.08
C PRO E 321 -5.10 0.51 5.70
N GLU E 322 -4.80 -0.36 6.66
CA GLU E 322 -5.04 -1.77 6.44
C GLU E 322 -6.49 -2.02 6.14
N ASP E 323 -6.72 -2.87 5.14
CA ASP E 323 -8.01 -3.30 4.64
C ASP E 323 -8.68 -2.22 3.76
N MET E 324 -7.84 -1.42 3.14
CA MET E 324 -8.29 -0.66 1.99
C MET E 324 -7.54 -1.17 0.79
N GLN E 325 -8.26 -1.30 -0.34
CA GLN E 325 -7.61 -1.70 -1.59
C GLN E 325 -8.16 -0.79 -2.70
N TRP E 326 -7.47 -0.77 -3.82
CA TRP E 326 -8.01 -0.02 -4.96
C TRP E 326 -8.02 -0.94 -6.17
N ALA E 327 -8.88 -0.58 -7.11
CA ALA E 327 -8.94 -1.25 -8.41
C ALA E 327 -9.21 -0.20 -9.49
N ALA E 328 -9.01 -0.58 -10.77
CA ALA E 328 -9.33 0.30 -11.88
C ALA E 328 -10.27 -0.50 -12.76
N PRO E 329 -11.55 -0.51 -12.43
CA PRO E 329 -12.49 -1.38 -13.13
C PRO E 329 -12.80 -0.95 -14.53
N TYR E 330 -12.46 0.26 -14.96
CA TYR E 330 -12.79 0.56 -16.36
C TYR E 330 -11.70 1.46 -16.93
N ASP E 331 -11.15 1.10 -18.08
CA ASP E 331 -10.08 1.89 -18.67
C ASP E 331 -10.34 1.99 -20.18
N PRO E 332 -11.03 3.04 -20.62
CA PRO E 332 -11.30 3.20 -22.07
C PRO E 332 -10.08 3.65 -22.89
N THR E 333 -8.93 3.94 -22.27
CA THR E 333 -7.74 4.20 -23.11
C THR E 333 -7.32 2.99 -23.92
N VAL E 334 -7.85 1.82 -23.61
CA VAL E 334 -7.42 0.68 -24.40
C VAL E 334 -7.82 0.84 -25.88
N PHE E 335 -8.90 1.59 -26.19
CA PHE E 335 -9.32 1.71 -27.59
C PHE E 335 -8.30 2.50 -28.40
N VAL E 336 -7.85 3.65 -27.90
CA VAL E 336 -6.85 4.32 -28.72
C VAL E 336 -5.51 3.57 -28.67
N ARG E 337 -5.19 2.85 -27.58
CA ARG E 337 -3.94 2.05 -27.62
C ARG E 337 -3.99 1.02 -28.75
N ASP E 338 -5.16 0.39 -28.91
CA ASP E 338 -5.32 -0.63 -29.92
C ASP E 338 -5.28 -0.03 -31.32
N SER E 339 -5.85 1.16 -31.51
CA SER E 339 -5.70 1.81 -32.81
C SER E 339 -4.25 2.04 -33.14
N ILE E 340 -3.46 2.48 -32.14
CA ILE E 340 -2.05 2.77 -32.42
C ILE E 340 -1.33 1.48 -32.77
N ARG E 341 -1.66 0.39 -32.06
CA ARG E 341 -1.08 -0.90 -32.45
C ARG E 341 -1.45 -1.27 -33.88
N ALA E 342 -2.69 -1.02 -34.29
CA ALA E 342 -3.10 -1.39 -35.64
C ALA E 342 -2.38 -0.56 -36.71
N VAL E 343 -2.13 0.71 -36.44
CA VAL E 343 -1.37 1.53 -37.39
C VAL E 343 0.03 0.94 -37.58
N VAL E 344 0.71 0.72 -36.46
CA VAL E 344 2.07 0.14 -36.52
C VAL E 344 2.05 -1.19 -37.22
N GLN E 345 1.12 -2.07 -36.84
CA GLN E 345 1.08 -3.39 -37.47
C GLN E 345 0.74 -3.31 -38.97
N THR E 346 -0.23 -2.45 -39.37
CA THR E 346 -0.59 -2.33 -40.79
C THR E 346 0.56 -1.78 -41.61
N LEU E 347 1.27 -0.77 -41.08
CA LEU E 347 2.43 -0.22 -41.77
C LEU E 347 3.47 -1.32 -42.04
N LEU E 348 3.74 -2.15 -41.03
CA LEU E 348 4.70 -3.24 -41.17
C LEU E 348 4.24 -4.26 -42.20
N GLU E 349 2.98 -4.66 -42.14
CA GLU E 349 2.47 -5.60 -43.15
C GLU E 349 2.48 -4.99 -44.55
N ALA E 350 2.14 -3.70 -44.67
CA ALA E 350 2.15 -3.10 -46.00
C ALA E 350 3.56 -3.09 -46.59
N VAL E 351 4.54 -2.77 -45.76
CA VAL E 351 5.88 -2.65 -46.27
C VAL E 351 6.39 -4.02 -46.70
N VAL E 352 6.16 -5.04 -45.87
CA VAL E 352 6.47 -6.42 -46.26
C VAL E 352 5.77 -6.79 -47.56
N LEU E 353 4.44 -6.57 -47.63
CA LEU E 353 3.71 -6.93 -48.84
C LEU E 353 4.20 -6.17 -50.06
N VAL E 354 4.53 -4.89 -49.92
CA VAL E 354 4.94 -4.20 -51.16
C VAL E 354 6.35 -4.68 -51.56
N VAL E 355 7.17 -5.02 -50.57
CA VAL E 355 8.51 -5.50 -50.85
C VAL E 355 8.44 -6.80 -51.66
N LEU E 356 7.55 -7.70 -51.25
CA LEU E 356 7.44 -8.98 -51.92
C LEU E 356 6.85 -8.81 -53.30
N VAL E 357 5.79 -8.02 -53.43
CA VAL E 357 5.17 -7.83 -54.72
C VAL E 357 6.16 -7.18 -55.69
N VAL E 358 6.98 -6.26 -55.20
CA VAL E 358 7.95 -5.64 -56.10
C VAL E 358 9.03 -6.65 -56.50
N ILE E 359 9.48 -7.49 -55.54
CA ILE E 359 10.48 -8.50 -55.90
C ILE E 359 9.90 -9.51 -56.89
N LEU E 360 8.62 -9.85 -56.72
CA LEU E 360 8.01 -10.87 -57.56
C LEU E 360 7.80 -10.39 -59.00
N PHE E 361 7.39 -9.13 -59.18
CA PHE E 361 7.20 -8.59 -60.53
C PHE E 361 8.46 -7.97 -61.16
N LEU E 362 9.28 -7.27 -60.37
CA LEU E 362 10.42 -6.59 -61.00
C LEU E 362 11.72 -7.35 -60.84
N GLN E 363 11.77 -8.33 -59.95
CA GLN E 363 12.83 -9.33 -59.87
C GLN E 363 14.20 -8.74 -59.60
N THR E 364 14.24 -7.68 -58.80
CA THR E 364 15.47 -7.19 -58.22
C THR E 364 15.16 -6.62 -56.83
N TRP E 365 15.91 -7.07 -55.84
CA TRP E 365 15.75 -6.53 -54.49
C TRP E 365 15.94 -5.02 -54.47
N ARG E 366 16.67 -4.46 -55.44
CA ARG E 366 16.95 -3.02 -55.39
C ARG E 366 15.70 -2.18 -55.60
N ALA E 367 14.76 -2.67 -56.43
CA ALA E 367 13.47 -2.00 -56.60
C ALA E 367 12.74 -1.86 -55.27
N SER E 368 12.79 -2.90 -54.42
CA SER E 368 11.95 -2.92 -53.24
C SER E 368 12.41 -1.92 -52.17
N ILE E 369 13.64 -1.41 -52.27
CA ILE E 369 14.11 -0.41 -51.31
C ILE E 369 13.30 0.87 -51.40
N ILE E 370 12.80 1.20 -52.59
CA ILE E 370 12.15 2.49 -52.81
C ILE E 370 10.92 2.55 -51.89
N PRO E 371 9.99 1.60 -51.93
CA PRO E 371 8.86 1.71 -51.00
C PRO E 371 9.26 1.41 -49.57
N LEU E 372 10.31 0.58 -49.37
CA LEU E 372 10.70 0.29 -48.00
C LEU E 372 11.05 1.58 -47.27
N ILE E 373 11.61 2.56 -47.99
CA ILE E 373 11.94 3.85 -47.38
C ILE E 373 10.80 4.86 -47.54
N ALA E 374 10.19 4.92 -48.72
CA ALA E 374 9.29 6.02 -48.99
C ALA E 374 8.04 5.91 -48.15
N VAL E 375 7.60 4.69 -47.88
CA VAL E 375 6.29 4.48 -47.31
C VAL E 375 6.37 4.92 -45.85
N PRO E 376 7.32 4.41 -45.04
CA PRO E 376 7.44 4.90 -43.65
C PRO E 376 7.75 6.38 -43.54
N VAL E 377 8.58 6.91 -44.43
CA VAL E 377 8.85 8.34 -44.41
C VAL E 377 7.56 9.13 -44.60
N SER E 378 6.74 8.71 -45.56
CA SER E 378 5.51 9.42 -45.81
C SER E 378 4.58 9.34 -44.62
N VAL E 379 4.43 8.16 -44.03
CA VAL E 379 3.48 8.02 -42.93
C VAL E 379 3.94 8.84 -41.71
N VAL E 380 5.21 8.70 -41.32
CA VAL E 380 5.69 9.45 -40.17
C VAL E 380 5.67 10.94 -40.46
N GLY E 381 5.96 11.35 -41.69
CA GLY E 381 5.93 12.78 -42.03
C GLY E 381 4.56 13.40 -41.79
N THR E 382 3.49 12.61 -41.91
CA THR E 382 2.13 13.11 -41.69
C THR E 382 1.97 13.76 -40.32
N PHE E 383 2.72 13.29 -39.32
CA PHE E 383 2.42 13.72 -37.94
C PHE E 383 2.77 15.18 -37.72
N SER E 384 3.75 15.70 -38.45
CA SER E 384 4.14 17.08 -38.28
C SER E 384 3.04 18.03 -38.70
N ILE E 385 2.34 17.72 -39.79
CA ILE E 385 1.26 18.57 -40.23
C ILE E 385 0.03 18.37 -39.38
N LEU E 386 -0.28 17.14 -38.96
CA LEU E 386 -1.38 16.98 -38.00
C LEU E 386 -1.12 17.82 -36.75
N TYR E 387 0.12 17.79 -36.25
CA TYR E 387 0.46 18.59 -35.08
C TYR E 387 0.25 20.08 -35.35
N LEU E 388 0.80 20.61 -36.44
CA LEU E 388 0.65 22.02 -36.73
C LEU E 388 -0.79 22.43 -36.91
N LEU E 389 -1.65 21.52 -37.40
CA LEU E 389 -3.04 21.88 -37.65
C LEU E 389 -3.93 21.70 -36.42
N GLY E 390 -3.37 21.27 -35.30
CA GLY E 390 -4.14 21.18 -34.04
C GLY E 390 -4.86 19.85 -33.88
N PHE E 391 -4.48 18.83 -34.65
CA PHE E 391 -5.17 17.57 -34.56
C PHE E 391 -4.60 16.69 -33.46
N SER E 392 -5.37 15.65 -33.12
CA SER E 392 -4.94 14.66 -32.14
C SER E 392 -4.82 13.31 -32.82
N LEU E 393 -4.03 12.44 -32.18
CA LEU E 393 -4.05 11.02 -32.44
C LEU E 393 -5.28 10.47 -31.74
N ASN E 394 -6.24 10.03 -32.55
CA ASN E 394 -7.43 9.40 -32.04
C ASN E 394 -7.79 8.25 -32.98
N THR E 395 -8.78 7.45 -32.59
CA THR E 395 -9.14 6.27 -33.39
C THR E 395 -9.68 6.62 -34.79
N LEU E 396 -10.05 7.88 -35.02
CA LEU E 396 -10.52 8.26 -36.36
C LEU E 396 -9.39 8.80 -37.20
N SER E 397 -8.57 9.73 -36.66
CA SER E 397 -7.41 10.16 -37.46
C SER E 397 -6.43 9.02 -37.70
N LEU E 398 -6.31 8.09 -36.75
CA LEU E 398 -5.44 6.92 -36.98
C LEU E 398 -6.04 5.98 -38.03
N PHE E 399 -7.36 5.85 -38.05
CA PHE E 399 -8.01 5.10 -39.13
C PHE E 399 -7.74 5.74 -40.49
N GLY E 400 -7.80 7.07 -40.59
CA GLY E 400 -7.45 7.72 -41.83
C GLY E 400 -6.01 7.42 -42.23
N LEU E 401 -5.10 7.42 -41.25
CA LEU E 401 -3.70 7.15 -41.54
C LEU E 401 -3.50 5.74 -42.08
N VAL E 402 -4.21 4.76 -41.51
CA VAL E 402 -4.11 3.38 -41.97
C VAL E 402 -4.57 3.26 -43.42
N LEU E 403 -5.72 3.85 -43.74
CA LEU E 403 -6.23 3.82 -45.12
C LEU E 403 -5.30 4.57 -46.04
N ALA E 404 -4.71 5.67 -45.58
CA ALA E 404 -3.82 6.41 -46.47
C ALA E 404 -2.61 5.57 -46.88
N ILE E 405 -2.26 4.55 -46.09
CA ILE E 405 -1.10 3.74 -46.44
C ILE E 405 -1.27 3.13 -47.81
N GLY E 406 -2.50 2.77 -48.18
CA GLY E 406 -2.76 2.29 -49.53
C GLY E 406 -2.35 3.27 -50.62
N ILE E 407 -2.69 4.54 -50.44
CA ILE E 407 -2.32 5.61 -51.38
C ILE E 407 -0.81 5.77 -51.45
N VAL E 408 -0.13 5.77 -50.29
CA VAL E 408 1.33 5.94 -50.28
C VAL E 408 2.02 4.77 -50.98
N VAL E 409 1.58 3.55 -50.68
CA VAL E 409 2.15 2.38 -51.34
C VAL E 409 1.98 2.48 -52.86
N ASP E 410 0.78 2.88 -53.31
CA ASP E 410 0.53 2.97 -54.74
C ASP E 410 1.45 3.97 -55.40
N ASP E 411 1.71 5.09 -54.70
CA ASP E 411 2.64 6.11 -55.23
C ASP E 411 4.03 5.52 -55.42
N ALA E 412 4.50 4.75 -54.42
CA ALA E 412 5.87 4.19 -54.52
C ALA E 412 5.95 3.17 -55.65
N ILE E 413 4.92 2.35 -55.81
CA ILE E 413 4.90 1.37 -56.89
C ILE E 413 4.92 2.07 -58.23
N VAL E 414 4.06 3.08 -58.39
CA VAL E 414 4.04 3.85 -59.63
C VAL E 414 5.45 4.32 -60.02
N VAL E 415 6.15 4.99 -59.09
CA VAL E 415 7.48 5.53 -59.42
C VAL E 415 8.45 4.39 -59.75
N VAL E 416 8.55 3.39 -58.88
CA VAL E 416 9.67 2.47 -59.13
C VAL E 416 9.37 1.56 -60.30
N GLU E 417 8.12 1.13 -60.47
CA GLU E 417 7.75 0.37 -61.68
C GLU E 417 7.98 1.19 -62.94
N ASN E 418 7.73 2.51 -62.92
CA ASN E 418 7.96 3.25 -64.15
C ASN E 418 9.45 3.45 -64.45
N VAL E 419 10.29 3.62 -63.42
CA VAL E 419 11.73 3.70 -63.68
C VAL E 419 12.22 2.36 -64.22
N GLU E 420 11.79 1.28 -63.57
CA GLU E 420 12.23 -0.05 -63.98
C GLU E 420 11.78 -0.40 -65.39
N ARG E 421 10.57 0.01 -65.80
CA ARG E 421 10.17 -0.20 -67.19
C ARG E 421 11.07 0.57 -68.13
N ASN E 422 11.49 1.77 -67.71
CA ASN E 422 12.40 2.46 -68.63
C ASN E 422 13.80 1.83 -68.63
N ILE E 423 14.20 1.12 -67.55
CA ILE E 423 15.45 0.33 -67.65
C ILE E 423 15.24 -0.88 -68.56
N GLU E 424 14.08 -1.54 -68.46
CA GLU E 424 13.68 -2.59 -69.42
C GLU E 424 13.69 -2.11 -70.84
N GLU E 425 13.26 -0.86 -71.08
CA GLU E 425 13.38 -0.24 -72.38
C GLU E 425 14.83 0.01 -72.83
N GLY E 426 15.84 -0.29 -72.01
CA GLY E 426 17.23 -0.11 -72.40
C GLY E 426 17.91 1.17 -71.94
N LEU E 427 17.24 2.05 -71.16
CA LEU E 427 17.88 3.28 -70.72
C LEU E 427 18.80 2.94 -69.55
N ALA E 428 19.91 3.65 -69.42
CA ALA E 428 20.70 3.47 -68.21
C ALA E 428 19.90 4.03 -67.03
N PRO E 429 20.15 3.54 -65.82
CA PRO E 429 19.31 3.94 -64.65
C PRO E 429 19.18 5.42 -64.46
N LEU E 430 20.25 6.19 -64.60
CA LEU E 430 20.06 7.64 -64.50
C LEU E 430 19.10 8.17 -65.56
N ALA E 431 19.34 7.83 -66.84
CA ALA E 431 18.49 8.31 -67.92
C ALA E 431 17.08 7.78 -67.77
N ALA E 432 16.96 6.55 -67.25
CA ALA E 432 15.69 5.91 -67.11
C ALA E 432 14.88 6.63 -66.04
N ALA E 433 15.55 7.14 -65.00
CA ALA E 433 14.80 7.87 -63.97
C ALA E 433 14.29 9.20 -64.51
N HIS E 434 15.12 9.91 -65.26
CA HIS E 434 14.68 11.16 -65.84
C HIS E 434 13.52 10.95 -66.78
N GLN E 435 13.57 9.88 -67.59
CA GLN E 435 12.48 9.71 -68.57
C GLN E 435 11.19 9.32 -67.86
N ALA E 436 11.30 8.41 -66.91
CA ALA E 436 10.15 7.99 -66.16
C ALA E 436 9.49 9.19 -65.46
N MET E 437 10.30 10.14 -64.97
CA MET E 437 9.67 11.24 -64.25
C MET E 437 9.19 12.30 -65.22
N ARG E 438 9.75 12.39 -66.43
CA ARG E 438 9.04 13.18 -67.46
C ARG E 438 7.65 12.60 -67.74
N GLU E 439 7.50 11.28 -67.59
CA GLU E 439 6.24 10.62 -67.88
C GLU E 439 5.23 10.77 -66.72
N VAL E 440 5.64 10.62 -65.46
CA VAL E 440 4.66 10.59 -64.36
C VAL E 440 4.79 11.74 -63.37
N SER E 441 5.80 12.60 -63.44
CA SER E 441 5.94 13.63 -62.38
C SER E 441 4.84 14.70 -62.46
N GLY E 442 4.51 15.20 -63.64
CA GLY E 442 3.37 16.08 -63.78
C GLY E 442 2.07 15.43 -63.33
N PRO E 443 1.75 14.25 -63.88
CA PRO E 443 0.59 13.51 -63.36
C PRO E 443 0.61 13.33 -61.84
N ILE E 444 1.75 13.11 -61.21
CA ILE E 444 1.73 12.88 -59.77
C ILE E 444 1.29 14.14 -59.05
N ILE E 445 1.75 15.31 -59.53
CA ILE E 445 1.29 16.55 -58.91
C ILE E 445 -0.21 16.68 -59.12
N ALA E 446 -0.68 16.42 -60.34
CA ALA E 446 -2.12 16.54 -60.63
C ALA E 446 -2.94 15.55 -59.81
N ILE E 447 -2.43 14.32 -59.66
CA ILE E 447 -3.17 13.34 -58.89
C ILE E 447 -3.25 13.74 -57.43
N ALA E 448 -2.19 14.37 -56.90
CA ALA E 448 -2.25 14.84 -55.52
C ALA E 448 -3.32 15.93 -55.36
N LEU E 449 -3.37 16.88 -56.30
CA LEU E 449 -4.40 17.92 -56.30
C LEU E 449 -5.80 17.34 -56.47
N VAL E 450 -5.96 16.35 -57.36
CA VAL E 450 -7.24 15.67 -57.50
C VAL E 450 -7.66 15.04 -56.18
N LEU E 451 -6.73 14.33 -55.55
CA LEU E 451 -7.12 13.71 -54.28
C LEU E 451 -7.36 14.76 -53.20
N CYS E 452 -6.63 15.88 -53.20
CA CYS E 452 -6.99 16.94 -52.25
C CYS E 452 -8.34 17.56 -52.60
N ALA E 453 -8.64 17.68 -53.90
CA ALA E 453 -9.95 18.18 -54.35
C ALA E 453 -11.07 17.32 -53.86
N VAL E 454 -10.82 16.03 -53.67
CA VAL E 454 -11.88 15.16 -53.20
C VAL E 454 -11.93 15.17 -51.67
N PHE E 455 -10.75 15.06 -51.02
CA PHE E 455 -10.75 14.86 -49.58
C PHE E 455 -10.85 16.15 -48.79
N VAL E 456 -10.20 17.25 -49.22
CA VAL E 456 -10.22 18.46 -48.39
C VAL E 456 -11.65 18.98 -48.24
N PRO E 457 -12.49 19.03 -49.29
CA PRO E 457 -13.89 19.48 -49.05
C PRO E 457 -14.65 18.63 -48.06
N MET E 458 -14.32 17.35 -47.97
CA MET E 458 -14.90 16.43 -47.01
C MET E 458 -14.63 16.82 -45.55
N ALA E 459 -13.69 17.73 -45.29
CA ALA E 459 -13.38 18.24 -43.97
C ALA E 459 -14.39 19.28 -43.54
N PHE E 460 -15.30 19.64 -44.42
CA PHE E 460 -16.20 20.75 -44.13
C PHE E 460 -17.65 20.30 -44.07
N LEU E 461 -17.90 19.03 -43.76
CA LEU E 461 -19.24 18.54 -43.72
C LEU E 461 -19.80 18.87 -42.36
N SER E 462 -21.10 18.86 -42.24
CA SER E 462 -21.73 19.43 -41.06
C SER E 462 -21.99 18.35 -40.01
N GLY E 463 -22.16 18.79 -38.76
CA GLY E 463 -22.68 17.93 -37.70
C GLY E 463 -21.59 17.05 -37.13
N VAL E 464 -22.01 16.07 -36.30
CA VAL E 464 -21.04 15.20 -35.63
C VAL E 464 -20.41 14.22 -36.63
N THR E 465 -21.22 13.73 -37.56
CA THR E 465 -20.65 12.93 -38.64
C THR E 465 -19.60 13.72 -39.41
N GLY E 466 -19.81 15.04 -39.61
CA GLY E 466 -18.81 15.86 -40.27
C GLY E 466 -17.52 15.94 -39.49
N GLN E 467 -17.64 15.99 -38.16
CA GLN E 467 -16.44 15.93 -37.33
C GLN E 467 -15.70 14.62 -37.50
N PHE E 468 -16.41 13.51 -37.66
CA PHE E 468 -15.75 12.26 -37.94
C PHE E 468 -15.05 12.32 -39.31
N TYR E 469 -15.79 12.75 -40.36
CA TYR E 469 -15.21 12.78 -41.70
C TYR E 469 -13.96 13.65 -41.75
N LYS E 470 -13.97 14.74 -41.01
CA LYS E 470 -12.85 15.64 -41.03
C LYS E 470 -11.57 14.96 -40.50
N GLN E 471 -11.68 14.14 -39.43
CA GLN E 471 -10.49 13.43 -38.94
C GLN E 471 -9.88 12.58 -40.05
N PHE E 472 -10.74 11.83 -40.78
CA PHE E 472 -10.19 10.94 -41.81
C PHE E 472 -9.64 11.77 -42.93
N ALA E 473 -10.42 12.76 -43.37
CA ALA E 473 -10.16 13.44 -44.64
C ALA E 473 -8.88 14.25 -44.56
N VAL E 474 -8.70 14.99 -43.47
CA VAL E 474 -7.49 15.81 -43.33
C VAL E 474 -6.23 14.93 -43.24
N THR E 475 -6.30 13.83 -42.50
CA THR E 475 -5.15 12.94 -42.36
C THR E 475 -4.79 12.33 -43.72
N ILE E 476 -5.77 11.84 -44.45
CA ILE E 476 -5.52 11.24 -45.80
C ILE E 476 -4.94 12.27 -46.75
N ALA E 477 -5.49 13.49 -46.74
CA ALA E 477 -4.95 14.52 -47.61
C ALA E 477 -3.50 14.85 -47.29
N ILE E 478 -3.17 14.98 -46.01
CA ILE E 478 -1.79 15.26 -45.64
C ILE E 478 -0.90 14.13 -46.17
N SER E 479 -1.27 12.89 -45.86
CA SER E 479 -0.41 11.77 -46.26
C SER E 479 -0.24 11.75 -47.78
N THR E 480 -1.28 12.14 -48.51
CA THR E 480 -1.24 12.15 -49.97
C THR E 480 -0.20 13.16 -50.44
N VAL E 481 -0.20 14.34 -49.82
CA VAL E 481 0.68 15.40 -50.27
C VAL E 481 2.12 15.06 -49.90
N ILE E 482 2.34 14.53 -48.69
CA ILE E 482 3.72 14.15 -48.29
C ILE E 482 4.25 13.08 -49.24
N SER E 483 3.43 12.04 -49.49
CA SER E 483 3.82 10.96 -50.42
C SER E 483 4.10 11.51 -51.83
N ALA E 484 3.28 12.45 -52.30
CA ALA E 484 3.59 13.07 -53.58
C ALA E 484 4.95 13.76 -53.52
N ILE E 485 5.24 14.45 -52.43
CA ILE E 485 6.55 15.12 -52.33
C ILE E 485 7.66 14.09 -52.42
N ASN E 486 7.51 12.99 -51.67
CA ASN E 486 8.54 11.96 -51.71
C ASN E 486 8.60 11.27 -53.05
N SER E 487 7.45 11.13 -53.71
CA SER E 487 7.46 10.53 -55.06
C SER E 487 8.20 11.38 -56.07
N LEU E 488 8.23 12.71 -55.86
CA LEU E 488 8.95 13.58 -56.79
C LEU E 488 10.44 13.75 -56.48
N THR E 489 10.90 13.27 -55.34
CA THR E 489 12.23 13.62 -54.83
C THR E 489 12.92 12.32 -54.45
N LEU E 490 12.57 11.76 -53.30
CA LEU E 490 13.28 10.60 -52.75
C LEU E 490 13.16 9.36 -53.64
N SER E 491 11.94 8.99 -54.05
CA SER E 491 11.73 7.76 -54.80
C SER E 491 12.46 7.71 -56.14
N PRO E 492 12.44 8.73 -57.00
CA PRO E 492 13.21 8.61 -58.25
C PRO E 492 14.70 8.78 -58.01
N ALA E 493 15.11 9.60 -57.01
CA ALA E 493 16.54 9.69 -56.71
C ALA E 493 17.07 8.32 -56.24
N LEU E 494 16.31 7.64 -55.42
CA LEU E 494 16.77 6.31 -55.03
C LEU E 494 16.76 5.36 -56.20
N ALA E 495 15.70 5.40 -57.01
CA ALA E 495 15.66 4.53 -58.18
C ALA E 495 16.93 4.71 -59.02
N ALA E 496 17.28 5.95 -59.36
CA ALA E 496 18.43 6.19 -60.20
C ALA E 496 19.71 5.71 -59.54
N LEU E 497 19.81 5.84 -58.22
CA LEU E 497 21.01 5.45 -57.50
C LEU E 497 21.13 3.94 -57.32
N LEU E 498 20.04 3.24 -57.18
CA LEU E 498 20.12 1.84 -56.77
C LEU E 498 19.81 0.83 -57.86
N LEU E 499 18.99 1.18 -58.87
CA LEU E 499 18.64 0.17 -59.86
C LEU E 499 19.80 -0.07 -60.82
N LYS E 500 19.95 -1.29 -61.24
CA LYS E 500 21.05 -1.71 -62.18
C LYS E 500 20.56 -1.93 -63.59
N PRO E 501 21.44 -1.73 -64.58
CA PRO E 501 21.12 -2.19 -65.94
C PRO E 501 20.80 -3.68 -65.93
N HIS E 502 19.90 -4.08 -66.83
CA HIS E 502 19.67 -5.52 -66.98
C HIS E 502 20.89 -6.14 -67.65
N GLY E 503 21.31 -7.29 -67.14
CA GLY E 503 22.49 -7.94 -67.67
C GLY E 503 23.75 -7.58 -66.92
N ALA E 504 23.63 -6.82 -65.85
CA ALA E 504 24.78 -6.52 -65.03
C ALA E 504 25.15 -7.75 -64.20
N LYS E 505 26.41 -7.81 -63.79
CA LYS E 505 26.83 -8.85 -62.85
C LYS E 505 25.89 -8.87 -61.67
N LYS E 506 25.41 -10.07 -61.34
CA LYS E 506 24.50 -10.25 -60.21
C LYS E 506 25.25 -10.09 -58.88
N ASP E 507 24.59 -9.46 -57.91
CA ASP E 507 25.22 -9.35 -56.60
C ASP E 507 24.77 -10.53 -55.73
N LEU E 508 25.41 -10.67 -54.56
CA LEU E 508 25.09 -11.81 -53.70
C LEU E 508 23.63 -11.87 -53.24
N PRO E 509 22.98 -10.79 -52.80
CA PRO E 509 21.58 -11.00 -52.42
C PRO E 509 20.70 -11.38 -53.61
N THR E 510 21.02 -10.88 -54.80
CA THR E 510 20.29 -11.32 -56.00
C THR E 510 20.52 -12.81 -56.24
N ARG E 511 21.79 -13.21 -56.31
CA ARG E 511 22.14 -14.62 -56.42
C ARG E 511 21.41 -15.45 -55.35
N LEU E 512 21.33 -14.93 -54.11
CA LEU E 512 20.57 -15.63 -53.08
C LEU E 512 19.09 -15.69 -53.43
N ILE E 513 18.51 -14.58 -53.88
CA ILE E 513 17.07 -14.56 -54.19
C ILE E 513 16.78 -15.53 -55.34
N ASP E 514 17.63 -15.52 -56.37
CA ASP E 514 17.48 -16.49 -57.45
C ASP E 514 17.75 -17.91 -56.96
N ARG E 515 18.66 -18.06 -56.01
CA ARG E 515 18.84 -19.35 -55.34
C ARG E 515 17.58 -19.78 -54.62
N LEU E 516 16.88 -18.85 -53.98
CA LEU E 516 15.76 -19.19 -53.12
C LEU E 516 14.42 -19.17 -53.84
N PHE E 517 14.25 -18.30 -54.84
CA PHE E 517 12.94 -18.12 -55.43
C PHE E 517 12.95 -18.08 -56.96
N GLY E 518 14.05 -18.51 -57.59
CA GLY E 518 14.10 -18.57 -59.05
C GLY E 518 13.02 -19.47 -59.62
N TRP E 519 12.70 -20.55 -58.91
CA TRP E 519 11.64 -21.45 -59.36
C TRP E 519 10.27 -20.80 -59.35
N ILE E 520 10.11 -19.62 -58.75
CA ILE E 520 8.89 -18.85 -58.91
C ILE E 520 8.94 -17.98 -60.13
N PHE E 521 10.13 -17.38 -60.37
CA PHE E 521 10.25 -16.30 -61.33
C PHE E 521 9.98 -16.79 -62.75
N ARG E 522 10.59 -17.92 -63.13
CA ARG E 522 10.43 -18.37 -64.52
C ARG E 522 8.98 -18.74 -64.82
N PRO E 523 8.31 -19.61 -64.06
CA PRO E 523 6.89 -19.84 -64.37
C PRO E 523 6.03 -18.60 -64.14
N PHE E 524 6.36 -17.74 -63.16
CA PHE E 524 5.62 -16.48 -63.02
C PHE E 524 5.74 -15.63 -64.29
N ASN E 525 6.96 -15.46 -64.79
CA ASN E 525 7.15 -14.59 -65.96
C ASN E 525 6.37 -15.11 -67.18
N ARG E 526 6.32 -16.43 -67.36
CA ARG E 526 5.59 -16.97 -68.51
C ARG E 526 4.09 -16.75 -68.35
N PHE E 527 3.58 -17.01 -67.15
CA PHE E 527 2.16 -16.75 -66.86
C PHE E 527 1.83 -15.27 -67.04
N PHE E 528 2.65 -14.38 -66.46
CA PHE E 528 2.35 -12.96 -66.61
C PHE E 528 2.37 -12.54 -68.07
N LEU E 529 3.35 -13.04 -68.87
CA LEU E 529 3.36 -12.71 -70.29
C LEU E 529 2.09 -13.21 -70.97
N ARG E 530 1.65 -14.43 -70.64
CA ARG E 530 0.46 -15.00 -71.28
C ARG E 530 -0.79 -14.22 -70.86
N SER E 531 -0.81 -13.81 -69.59
CA SER E 531 -1.92 -13.06 -69.04
C SER E 531 -2.02 -11.68 -69.69
N SER E 532 -0.87 -11.01 -69.84
CA SER E 532 -0.86 -9.69 -70.48
C SER E 532 -1.35 -9.76 -71.91
N ASN E 533 -0.82 -10.71 -72.68
CA ASN E 533 -1.29 -10.87 -74.06
C ASN E 533 -2.78 -11.14 -74.06
N GLY E 534 -3.24 -12.04 -73.17
CA GLY E 534 -4.65 -12.34 -73.12
C GLY E 534 -5.48 -11.15 -72.67
N TYR E 535 -5.00 -10.43 -71.65
CA TYR E 535 -5.67 -9.20 -71.28
C TYR E 535 -5.73 -8.24 -72.45
N GLN E 536 -4.64 -8.11 -73.19
CA GLN E 536 -4.68 -7.15 -74.29
C GLN E 536 -5.67 -7.61 -75.36
N GLY E 537 -5.81 -8.92 -75.54
CA GLY E 537 -6.79 -9.43 -76.48
C GLY E 537 -8.21 -9.23 -76.00
N LEU E 538 -8.44 -9.31 -74.70
CA LEU E 538 -9.76 -9.03 -74.16
C LEU E 538 -10.13 -7.56 -74.33
N VAL E 539 -9.23 -6.65 -73.96
CA VAL E 539 -9.61 -5.25 -74.06
C VAL E 539 -9.88 -4.91 -75.50
N SER E 540 -9.09 -5.48 -76.40
CA SER E 540 -9.35 -5.29 -77.81
C SER E 540 -10.77 -5.68 -78.18
N LYS E 541 -11.25 -6.84 -77.71
CA LYS E 541 -12.61 -7.29 -78.02
C LYS E 541 -13.65 -6.37 -77.38
N THR E 542 -13.40 -5.95 -76.13
CA THR E 542 -14.25 -4.96 -75.50
C THR E 542 -14.44 -3.73 -76.37
N LEU E 543 -13.34 -3.21 -76.94
CA LEU E 543 -13.49 -1.97 -77.69
C LEU E 543 -14.27 -2.15 -78.98
N GLY E 544 -14.52 -3.39 -79.41
CA GLY E 544 -15.42 -3.61 -80.53
C GLY E 544 -16.89 -3.64 -80.15
N ARG E 545 -17.20 -3.62 -78.86
CA ARG E 545 -18.57 -3.75 -78.39
C ARG E 545 -18.89 -2.62 -77.43
N ARG E 546 -18.55 -1.39 -77.83
CA ARG E 546 -18.61 -0.28 -76.88
C ARG E 546 -20.03 0.02 -76.48
N GLY E 547 -20.96 -0.05 -77.45
CA GLY E 547 -22.37 0.08 -77.13
C GLY E 547 -22.81 -0.94 -76.09
N ALA E 548 -22.39 -2.19 -76.26
CA ALA E 548 -22.71 -3.17 -75.24
C ALA E 548 -22.15 -2.75 -73.88
N VAL E 549 -20.93 -2.22 -73.87
CA VAL E 549 -20.29 -1.81 -72.60
C VAL E 549 -21.11 -0.72 -71.93
N PHE E 550 -21.37 0.36 -72.68
CA PHE E 550 -22.16 1.46 -72.13
C PHE E 550 -23.51 0.99 -71.64
N ALA E 551 -24.12 0.03 -72.33
CA ALA E 551 -25.39 -0.51 -71.86
C ALA E 551 -25.23 -1.15 -70.49
N VAL E 552 -24.25 -2.03 -70.34
CA VAL E 552 -24.02 -2.63 -69.01
C VAL E 552 -23.67 -1.55 -68.00
N TYR E 553 -22.91 -0.52 -68.41
CA TYR E 553 -22.53 0.57 -67.49
C TYR E 553 -23.78 1.24 -66.92
N LEU E 554 -24.80 1.45 -67.76
CA LEU E 554 -26.01 2.10 -67.26
C LEU E 554 -26.78 1.17 -66.34
N LEU E 555 -26.83 -0.13 -66.65
CA LEU E 555 -27.34 -1.11 -65.69
C LEU E 555 -26.66 -0.95 -64.33
N LEU E 556 -25.33 -0.94 -64.33
CA LEU E 556 -24.60 -0.92 -63.06
C LEU E 556 -24.79 0.40 -62.33
N LEU E 557 -24.80 1.52 -63.05
CA LEU E 557 -25.21 2.78 -62.44
C LEU E 557 -26.56 2.66 -61.75
N CYS E 558 -27.50 1.94 -62.37
CA CYS E 558 -28.77 1.70 -61.70
C CYS E 558 -28.54 0.86 -60.44
N ALA E 559 -27.74 -0.21 -60.54
CA ALA E 559 -27.50 -1.05 -59.37
C ALA E 559 -26.88 -0.27 -58.22
N ALA E 560 -26.05 0.74 -58.52
CA ALA E 560 -25.46 1.55 -57.46
C ALA E 560 -26.54 2.33 -56.73
N GLY E 561 -27.47 2.94 -57.47
CA GLY E 561 -28.61 3.59 -56.85
C GLY E 561 -29.33 2.65 -55.92
N VAL E 562 -29.63 1.44 -56.39
CA VAL E 562 -30.24 0.44 -55.52
C VAL E 562 -29.40 0.23 -54.26
N MET E 563 -28.07 0.11 -54.42
CA MET E 563 -27.20 -0.17 -53.26
C MET E 563 -27.39 0.84 -52.17
N PHE E 564 -27.48 2.12 -52.53
CA PHE E 564 -27.68 3.15 -51.52
C PHE E 564 -29.05 3.08 -50.86
N LYS E 565 -30.01 2.39 -51.47
CA LYS E 565 -31.31 2.30 -50.84
C LYS E 565 -31.37 1.10 -49.92
N VAL E 566 -30.73 -0.01 -50.30
CA VAL E 566 -30.89 -1.23 -49.52
C VAL E 566 -29.82 -1.43 -48.45
N VAL E 567 -28.67 -0.77 -48.59
CA VAL E 567 -27.67 -0.81 -47.51
C VAL E 567 -28.05 0.28 -46.51
N PRO E 568 -28.44 -0.10 -45.31
CA PRO E 568 -28.55 0.91 -44.25
C PRO E 568 -27.19 1.54 -44.01
N GLY E 569 -27.15 2.83 -43.80
CA GLY E 569 -25.84 3.38 -43.59
C GLY E 569 -25.84 4.73 -42.91
N GLY E 570 -24.66 5.36 -42.95
CA GLY E 570 -24.52 6.71 -42.52
C GLY E 570 -24.28 6.94 -41.04
N PHE E 571 -24.19 5.90 -40.21
CA PHE E 571 -24.09 6.08 -38.75
C PHE E 571 -22.74 5.67 -38.17
N ILE E 572 -22.63 5.76 -36.84
CA ILE E 572 -21.47 5.30 -36.08
C ILE E 572 -21.76 3.90 -35.53
N PRO E 573 -20.90 2.92 -35.75
CA PRO E 573 -21.30 1.52 -35.46
C PRO E 573 -21.19 1.21 -33.99
N THR E 574 -22.06 0.32 -33.52
CA THR E 574 -21.98 -0.18 -32.15
C THR E 574 -20.74 -1.08 -32.05
N GLN E 575 -20.03 -0.96 -30.94
CA GLN E 575 -18.82 -1.74 -30.77
C GLN E 575 -18.79 -2.20 -29.32
N ASP E 576 -18.17 -3.36 -29.08
CA ASP E 576 -17.96 -3.81 -27.71
C ASP E 576 -17.17 -2.72 -27.00
N LYS E 577 -17.73 -1.99 -26.02
CA LYS E 577 -16.92 -1.05 -25.23
C LYS E 577 -16.39 -1.67 -23.90
N LEU E 578 -16.49 -2.98 -23.72
CA LEU E 578 -15.94 -3.70 -22.57
C LEU E 578 -16.70 -3.42 -21.27
N TYR E 579 -17.97 -3.01 -21.38
CA TYR E 579 -18.89 -2.98 -20.24
C TYR E 579 -20.33 -3.05 -20.77
N LEU E 580 -21.29 -3.32 -19.86
CA LEU E 580 -22.72 -3.27 -20.13
C LEU E 580 -23.33 -2.38 -19.08
N ILE E 581 -24.45 -1.77 -19.42
CA ILE E 581 -25.20 -0.93 -18.49
C ILE E 581 -26.41 -1.67 -18.00
N GLY E 582 -26.43 -1.92 -16.69
CA GLY E 582 -27.60 -2.50 -16.03
C GLY E 582 -28.28 -1.50 -15.13
N GLY E 583 -29.51 -1.76 -14.81
CA GLY E 583 -30.20 -0.79 -13.97
C GLY E 583 -31.56 -1.34 -13.59
N VAL E 584 -32.20 -0.70 -12.61
CA VAL E 584 -33.53 -1.16 -12.24
C VAL E 584 -34.39 0.06 -11.94
N LYS E 585 -35.68 -0.08 -12.20
CA LYS E 585 -36.71 0.85 -11.76
C LYS E 585 -37.62 0.04 -10.85
N MET E 586 -37.58 0.37 -9.57
CA MET E 586 -38.44 -0.30 -8.59
C MET E 586 -39.80 0.39 -8.62
N PRO E 587 -40.83 -0.22 -8.02
CA PRO E 587 -42.14 0.44 -7.98
C PRO E 587 -42.01 1.83 -7.35
N GLU E 588 -42.81 2.76 -7.88
CA GLU E 588 -42.88 4.13 -7.32
C GLU E 588 -43.13 4.12 -5.82
N GLY E 589 -42.37 4.93 -5.09
CA GLY E 589 -42.41 4.99 -3.64
C GLY E 589 -41.41 4.08 -2.94
N SER E 590 -40.71 3.20 -3.66
CA SER E 590 -39.76 2.33 -3.02
C SER E 590 -38.64 3.13 -2.37
N SER E 591 -38.07 2.57 -1.32
CA SER E 591 -36.93 3.13 -0.64
C SER E 591 -35.63 2.71 -1.33
N LEU E 592 -34.57 3.47 -1.04
CA LEU E 592 -33.25 3.09 -1.53
C LEU E 592 -32.87 1.69 -1.03
N ALA E 593 -33.26 1.35 0.20
CA ALA E 593 -32.99 0.01 0.72
C ALA E 593 -33.57 -1.07 -0.20
N ARG E 594 -34.84 -0.92 -0.63
CA ARG E 594 -35.43 -1.90 -1.54
C ARG E 594 -34.65 -1.99 -2.84
N THR E 595 -34.30 -0.85 -3.42
CA THR E 595 -33.51 -0.83 -4.65
C THR E 595 -32.16 -1.51 -4.46
N ASP E 596 -31.49 -1.19 -3.35
CA ASP E 596 -30.18 -1.75 -3.08
C ASP E 596 -30.24 -3.28 -3.10
N ALA E 597 -31.28 -3.85 -2.46
CA ALA E 597 -31.38 -5.31 -2.44
C ALA E 597 -31.48 -5.90 -3.84
N VAL E 598 -32.24 -5.26 -4.74
CA VAL E 598 -32.32 -5.76 -6.11
C VAL E 598 -31.01 -5.54 -6.84
N ILE E 599 -30.39 -4.35 -6.68
CA ILE E 599 -29.11 -4.10 -7.35
C ILE E 599 -28.06 -5.15 -6.94
N ARG E 600 -28.04 -5.54 -5.66
CA ARG E 600 -27.10 -6.57 -5.20
C ARG E 600 -27.36 -7.91 -5.88
N LYS E 601 -28.64 -8.22 -6.14
CA LYS E 601 -29.01 -9.43 -6.90
C LYS E 601 -28.55 -9.35 -8.34
N MET E 602 -28.68 -8.18 -8.97
CA MET E 602 -28.16 -7.97 -10.34
C MET E 602 -26.64 -8.06 -10.38
N SER E 603 -25.97 -7.49 -9.37
CA SER E 603 -24.51 -7.57 -9.37
C SER E 603 -24.07 -9.02 -9.28
N GLU E 604 -24.69 -9.79 -8.40
CA GLU E 604 -24.37 -11.20 -8.30
C GLU E 604 -24.62 -11.93 -9.62
N ILE E 605 -25.77 -11.66 -10.28
CA ILE E 605 -26.03 -12.29 -11.59
C ILE E 605 -24.90 -11.97 -12.55
N GLY E 606 -24.52 -10.69 -12.65
CA GLY E 606 -23.44 -10.33 -13.53
C GLY E 606 -22.13 -11.01 -13.15
N MET E 607 -21.76 -10.96 -11.86
CA MET E 607 -20.46 -11.57 -11.68
C MET E 607 -20.51 -13.10 -11.74
N ASN E 608 -21.69 -13.75 -11.68
CA ASN E 608 -21.79 -15.18 -11.91
C ASN E 608 -21.98 -15.51 -13.40
N THR E 609 -21.76 -14.54 -14.28
CA THR E 609 -21.82 -14.73 -15.71
C THR E 609 -20.40 -14.72 -16.26
N GLU E 610 -20.08 -15.76 -17.01
CA GLU E 610 -18.74 -15.93 -17.52
C GLU E 610 -18.36 -14.77 -18.43
N GLY E 611 -17.19 -14.20 -18.20
CA GLY E 611 -16.70 -13.06 -18.99
C GLY E 611 -16.88 -11.69 -18.34
N VAL E 612 -17.66 -11.58 -17.27
CA VAL E 612 -17.77 -10.35 -16.51
C VAL E 612 -16.66 -10.33 -15.46
N ASP E 613 -15.98 -9.19 -15.25
CA ASP E 613 -15.02 -9.08 -14.14
C ASP E 613 -15.55 -8.27 -12.95
N TYR E 614 -16.12 -7.08 -13.15
CA TYR E 614 -16.61 -6.24 -12.04
C TYR E 614 -18.05 -5.86 -12.22
N ALA E 615 -18.80 -5.87 -11.10
CA ALA E 615 -20.15 -5.29 -11.04
C ALA E 615 -19.98 -3.99 -10.26
N VAL E 616 -20.01 -2.87 -10.98
CA VAL E 616 -19.76 -1.56 -10.41
C VAL E 616 -21.15 -0.96 -10.14
N ALA E 617 -21.64 -1.05 -8.92
CA ALA E 617 -23.05 -0.80 -8.60
C ALA E 617 -23.26 0.53 -7.90
N PHE E 618 -24.39 1.17 -8.21
CA PHE E 618 -24.75 2.45 -7.66
C PHE E 618 -26.24 2.45 -7.41
N PRO E 619 -26.69 1.75 -6.35
CA PRO E 619 -28.07 1.92 -5.92
C PRO E 619 -28.34 3.39 -5.70
N GLY E 620 -29.46 3.87 -6.25
CA GLY E 620 -29.79 5.29 -6.14
C GLY E 620 -29.50 6.10 -7.41
N LEU E 621 -28.63 5.61 -8.25
CA LEU E 621 -28.25 6.38 -9.42
C LEU E 621 -29.24 6.13 -10.54
N ASN E 622 -29.83 7.20 -11.06
CA ASN E 622 -30.66 7.06 -12.26
C ASN E 622 -29.74 7.29 -13.46
N ALA E 623 -29.50 6.24 -14.25
CA ALA E 623 -28.52 6.35 -15.31
C ALA E 623 -28.95 7.30 -16.43
N LEU E 624 -30.26 7.58 -16.59
CA LEU E 624 -30.63 8.49 -17.66
C LEU E 624 -30.25 9.92 -17.35
N GLN E 625 -30.28 10.34 -16.07
CA GLN E 625 -29.92 11.71 -15.74
C GLN E 625 -28.64 11.82 -14.94
N PHE E 626 -28.10 10.70 -14.47
CA PHE E 626 -26.98 10.71 -13.49
C PHE E 626 -27.29 11.60 -12.28
N THR E 627 -28.53 11.57 -11.80
CA THR E 627 -28.87 12.15 -10.51
C THR E 627 -29.38 11.00 -9.66
N ASN E 628 -29.75 11.28 -8.39
CA ASN E 628 -30.12 10.23 -7.44
C ASN E 628 -31.62 10.18 -7.30
N THR E 629 -32.20 8.97 -7.39
CA THR E 629 -33.65 8.79 -7.21
C THR E 629 -33.73 7.51 -6.38
N PRO E 630 -34.53 7.46 -5.32
CA PRO E 630 -34.48 6.29 -4.44
C PRO E 630 -34.97 4.99 -5.06
N ASN E 631 -35.89 5.00 -6.04
CA ASN E 631 -36.39 3.76 -6.65
C ASN E 631 -35.65 3.39 -7.96
N THR E 632 -34.45 3.92 -8.18
CA THR E 632 -33.67 3.62 -9.38
C THR E 632 -32.27 3.25 -8.95
N GLY E 633 -31.61 2.40 -9.74
CA GLY E 633 -30.22 2.08 -9.50
C GLY E 633 -29.63 1.71 -10.84
N THR E 634 -28.30 1.78 -10.89
CA THR E 634 -27.48 1.45 -12.05
C THR E 634 -26.39 0.50 -11.59
N VAL E 635 -26.04 -0.43 -12.45
CA VAL E 635 -24.87 -1.26 -12.18
C VAL E 635 -24.20 -1.50 -13.52
N PHE E 636 -22.94 -1.16 -13.58
CA PHE E 636 -22.15 -1.39 -14.77
C PHE E 636 -21.42 -2.71 -14.64
N PHE E 637 -21.50 -3.55 -15.68
CA PHE E 637 -20.81 -4.82 -15.68
C PHE E 637 -19.61 -4.70 -16.60
N GLY E 638 -18.40 -4.74 -16.03
CA GLY E 638 -17.18 -4.78 -16.85
C GLY E 638 -16.96 -6.13 -17.49
N LEU E 639 -16.44 -6.11 -18.72
CA LEU E 639 -16.16 -7.36 -19.46
C LEU E 639 -14.65 -7.53 -19.59
N LYS E 640 -14.19 -8.76 -19.40
CA LYS E 640 -12.80 -9.08 -19.73
C LYS E 640 -12.51 -8.79 -21.19
N PRO E 641 -11.24 -8.57 -21.54
CA PRO E 641 -10.85 -8.54 -22.96
C PRO E 641 -11.36 -9.76 -23.73
N PHE E 642 -11.76 -9.51 -24.98
CA PHE E 642 -12.38 -10.58 -25.79
C PHE E 642 -11.58 -11.89 -25.78
N ASP E 643 -10.24 -11.81 -25.74
CA ASP E 643 -9.33 -12.96 -25.70
C ASP E 643 -9.40 -13.78 -24.41
N GLN E 644 -10.11 -13.34 -23.38
CA GLN E 644 -10.19 -14.11 -22.15
C GLN E 644 -11.56 -14.66 -21.91
N ARG E 645 -12.45 -14.60 -22.90
CA ARG E 645 -13.79 -15.11 -22.72
C ARG E 645 -14.30 -15.74 -24.01
N LYS E 646 -15.23 -16.68 -23.84
CA LYS E 646 -15.86 -17.33 -24.98
C LYS E 646 -16.95 -16.48 -25.63
N HIS E 647 -17.66 -15.64 -24.87
CA HIS E 647 -18.85 -14.99 -25.42
C HIS E 647 -18.62 -13.52 -25.75
N THR E 648 -19.36 -13.04 -26.74
CA THR E 648 -19.34 -11.64 -27.12
C THR E 648 -20.15 -10.82 -26.09
N ALA E 649 -19.98 -9.50 -26.15
CA ALA E 649 -20.76 -8.60 -25.29
C ALA E 649 -22.26 -8.81 -25.46
N ALA E 650 -22.70 -8.95 -26.72
CA ALA E 650 -24.10 -9.20 -27.00
C ALA E 650 -24.56 -10.51 -26.36
N GLU E 651 -23.75 -11.57 -26.47
CA GLU E 651 -24.17 -12.84 -25.86
C GLU E 651 -24.24 -12.72 -24.33
N ILE E 652 -23.22 -12.09 -23.73
CA ILE E 652 -23.20 -11.90 -22.27
C ILE E 652 -24.40 -11.04 -21.85
N ASN E 653 -24.67 -9.97 -22.61
CA ASN E 653 -25.83 -9.14 -22.29
C ASN E 653 -27.14 -9.92 -22.35
N ALA E 654 -27.32 -10.81 -23.35
CA ALA E 654 -28.54 -11.61 -23.45
C ALA E 654 -28.66 -12.56 -22.26
N GLU E 655 -27.53 -13.14 -21.83
CA GLU E 655 -27.54 -14.06 -20.71
C GLU E 655 -27.87 -13.35 -19.40
N ILE E 656 -27.32 -12.15 -19.18
CA ILE E 656 -27.69 -11.39 -17.97
C ILE E 656 -29.16 -10.98 -18.00
N ASN E 657 -29.68 -10.57 -19.17
CA ASN E 657 -31.11 -10.22 -19.25
C ASN E 657 -32.00 -11.40 -18.94
N ALA E 658 -31.65 -12.59 -19.42
CA ALA E 658 -32.48 -13.74 -19.09
C ALA E 658 -32.49 -14.00 -17.59
N LYS E 659 -31.35 -13.80 -16.92
CA LYS E 659 -31.33 -13.97 -15.46
C LYS E 659 -32.07 -12.83 -14.75
N ILE E 660 -31.87 -11.59 -15.22
CA ILE E 660 -32.51 -10.43 -14.58
C ILE E 660 -34.04 -10.55 -14.63
N ALA E 661 -34.57 -11.04 -15.75
CA ALA E 661 -36.03 -11.19 -15.92
C ALA E 661 -36.65 -12.03 -14.83
N GLN E 662 -35.90 -12.95 -14.21
CA GLN E 662 -36.45 -13.74 -13.12
C GLN E 662 -36.61 -12.97 -11.80
N ILE E 663 -36.08 -11.75 -11.67
CA ILE E 663 -36.30 -10.95 -10.46
C ILE E 663 -37.67 -10.28 -10.55
N GLN E 664 -38.51 -10.53 -9.56
CA GLN E 664 -39.87 -10.03 -9.65
C GLN E 664 -40.06 -8.67 -8.99
N GLN E 665 -39.13 -8.25 -8.12
CA GLN E 665 -39.28 -7.07 -7.27
C GLN E 665 -39.14 -5.75 -8.03
N GLY E 666 -38.64 -5.74 -9.27
CA GLY E 666 -38.62 -4.49 -10.02
C GLY E 666 -38.29 -4.76 -11.46
N PHE E 667 -38.37 -3.70 -12.29
CA PHE E 667 -38.06 -3.77 -13.70
C PHE E 667 -36.57 -3.57 -13.91
N GLY E 668 -35.83 -4.66 -14.09
CA GLY E 668 -34.40 -4.59 -14.35
C GLY E 668 -34.10 -4.78 -15.84
N PHE E 669 -32.95 -4.28 -16.26
CA PHE E 669 -32.55 -4.30 -17.67
C PHE E 669 -31.04 -4.37 -17.74
N SER E 670 -30.52 -4.86 -18.86
CA SER E 670 -29.10 -4.68 -19.16
C SER E 670 -28.99 -4.34 -20.64
N ILE E 671 -28.19 -3.32 -20.99
CA ILE E 671 -28.07 -2.92 -22.38
C ILE E 671 -26.61 -2.73 -22.78
N LEU E 672 -26.38 -2.81 -24.11
CA LEU E 672 -25.07 -2.53 -24.67
C LEU E 672 -24.82 -1.04 -24.54
N PRO E 673 -23.57 -0.64 -24.39
CA PRO E 673 -23.24 0.79 -24.12
C PRO E 673 -23.20 1.63 -25.40
N PRO E 674 -23.21 2.94 -25.28
CA PRO E 674 -23.05 3.79 -26.45
C PRO E 674 -21.60 3.83 -26.90
N PRO E 675 -21.34 4.10 -28.19
CA PRO E 675 -19.95 4.16 -28.64
C PRO E 675 -19.21 5.37 -28.10
N ILE E 676 -19.92 6.45 -27.78
CA ILE E 676 -19.30 7.70 -27.35
C ILE E 676 -20.01 8.21 -26.11
N LEU E 677 -19.26 8.43 -25.04
CA LEU E 677 -19.88 9.00 -23.84
C LEU E 677 -20.19 10.47 -24.08
N GLY E 678 -21.41 10.90 -23.78
CA GLY E 678 -21.81 12.28 -23.99
C GLY E 678 -22.63 12.58 -25.23
N LEU E 679 -22.93 11.58 -26.06
CA LEU E 679 -23.75 11.78 -27.26
C LEU E 679 -25.05 10.99 -27.17
N GLY E 680 -25.63 10.90 -25.97
CA GLY E 680 -26.78 10.00 -25.83
C GLY E 680 -26.30 8.58 -26.08
N GLN E 681 -27.10 7.81 -26.83
CA GLN E 681 -26.73 6.44 -27.22
C GLN E 681 -26.17 6.47 -28.65
N GLY E 682 -26.31 5.40 -29.43
CA GLY E 682 -26.17 5.49 -30.88
C GLY E 682 -27.31 4.78 -31.58
N SER E 683 -27.62 5.29 -32.78
CA SER E 683 -28.68 4.72 -33.65
C SER E 683 -30.07 4.80 -33.01
N GLY E 684 -30.29 5.76 -32.11
CA GLY E 684 -31.59 5.98 -31.52
C GLY E 684 -32.00 7.44 -31.59
N TYR E 685 -32.82 7.85 -30.61
CA TYR E 685 -33.26 9.24 -30.62
C TYR E 685 -33.39 9.67 -29.16
N SER E 686 -33.42 10.97 -28.94
CA SER E 686 -33.67 11.49 -27.59
C SER E 686 -34.54 12.71 -27.73
N LEU E 687 -35.58 12.78 -26.89
CA LEU E 687 -36.42 13.95 -26.98
C LEU E 687 -36.96 14.27 -25.59
N TYR E 688 -37.54 15.43 -25.48
CA TYR E 688 -38.34 15.79 -24.30
C TYR E 688 -39.75 16.17 -24.75
N ILE E 689 -40.74 15.82 -23.94
CA ILE E 689 -42.13 16.30 -24.09
C ILE E 689 -42.29 17.45 -23.13
N GLN E 690 -42.54 18.64 -23.64
CA GLN E 690 -42.71 19.82 -22.81
C GLN E 690 -44.19 20.12 -22.59
N ASP E 691 -44.51 20.46 -21.37
CA ASP E 691 -45.86 20.94 -21.02
C ASP E 691 -45.81 22.45 -21.02
N ARG E 692 -46.27 23.11 -22.10
CA ARG E 692 -46.17 24.57 -22.16
C ARG E 692 -47.47 25.25 -21.72
N GLY E 693 -48.53 24.48 -21.58
CA GLY E 693 -49.86 25.01 -21.29
C GLY E 693 -50.25 24.95 -19.85
N GLY E 694 -49.37 24.59 -18.90
CA GLY E 694 -49.88 24.46 -17.54
C GLY E 694 -50.84 23.30 -17.37
N LEU E 695 -50.62 22.20 -18.08
CA LEU E 695 -51.57 21.10 -18.06
C LEU E 695 -51.33 20.14 -16.90
N GLY E 696 -50.12 20.12 -16.34
CA GLY E 696 -49.89 19.47 -15.06
C GLY E 696 -49.22 18.11 -15.21
N TYR E 697 -48.80 17.57 -14.06
CA TYR E 697 -47.95 16.37 -14.10
C TYR E 697 -48.75 15.13 -14.52
N GLY E 698 -50.07 15.08 -14.26
CA GLY E 698 -50.83 13.93 -14.69
C GLY E 698 -51.03 13.89 -16.21
N ALA E 699 -51.27 15.05 -16.81
CA ALA E 699 -51.44 15.07 -18.24
C ALA E 699 -50.11 14.74 -18.93
N LEU E 700 -49.00 15.19 -18.33
CA LEU E 700 -47.69 14.89 -18.90
C LEU E 700 -47.42 13.39 -18.82
N GLN E 701 -47.81 12.78 -17.69
CA GLN E 701 -47.72 11.32 -17.61
C GLN E 701 -48.57 10.62 -18.66
N SER E 702 -49.80 11.13 -18.94
CA SER E 702 -50.60 10.47 -19.96
C SER E 702 -49.94 10.59 -21.32
N ALA E 703 -49.36 11.75 -21.61
CA ALA E 703 -48.71 11.93 -22.88
C ALA E 703 -47.50 11.01 -23.02
N VAL E 704 -46.71 10.84 -21.94
CA VAL E 704 -45.59 9.91 -22.00
C VAL E 704 -46.09 8.50 -22.33
N ASN E 705 -47.13 8.06 -21.62
CA ASN E 705 -47.67 6.71 -21.82
C ASN E 705 -48.20 6.51 -23.26
N ALA E 706 -48.89 7.51 -23.82
CA ALA E 706 -49.50 7.31 -25.14
C ALA E 706 -48.46 7.42 -26.24
N MET E 707 -47.52 8.37 -26.11
CA MET E 707 -46.39 8.42 -27.03
C MET E 707 -45.60 7.12 -26.97
N SER E 708 -45.32 6.63 -25.76
CA SER E 708 -44.51 5.42 -25.62
C SER E 708 -45.22 4.20 -26.23
N GLY E 709 -46.53 4.09 -26.02
CA GLY E 709 -47.32 3.07 -26.70
C GLY E 709 -47.32 3.19 -28.23
N ALA E 710 -47.47 4.40 -28.76
CA ALA E 710 -47.42 4.55 -30.22
C ALA E 710 -46.05 4.20 -30.76
N ILE E 711 -45.00 4.59 -30.03
CA ILE E 711 -43.65 4.28 -30.50
C ILE E 711 -43.46 2.78 -30.52
N MET E 712 -43.89 2.11 -29.44
CA MET E 712 -43.67 0.67 -29.38
C MET E 712 -44.41 -0.05 -30.52
N GLN E 713 -45.58 0.46 -30.89
CA GLN E 713 -46.36 -0.11 -31.97
C GLN E 713 -45.71 0.08 -33.32
N THR E 714 -44.66 0.90 -33.41
CA THR E 714 -43.98 1.16 -34.67
C THR E 714 -42.94 0.07 -34.96
N PRO E 715 -42.98 -0.58 -36.13
CA PRO E 715 -41.96 -1.61 -36.43
C PRO E 715 -40.54 -1.05 -36.38
N GLY E 716 -39.64 -1.84 -35.83
CA GLY E 716 -38.26 -1.41 -35.65
C GLY E 716 -37.99 -0.54 -34.43
N MET E 717 -39.02 -0.17 -33.64
CA MET E 717 -38.89 0.66 -32.44
C MET E 717 -39.38 -0.10 -31.23
N HIS E 718 -38.60 -0.09 -30.15
CA HIS E 718 -39.12 -0.62 -28.89
C HIS E 718 -39.71 0.51 -28.04
N PHE E 719 -40.38 0.11 -26.96
CA PHE E 719 -40.90 1.04 -25.95
C PHE E 719 -39.77 1.98 -25.48
N PRO E 720 -39.92 3.28 -25.55
CA PRO E 720 -38.82 4.16 -25.11
C PRO E 720 -38.76 4.18 -23.58
N ILE E 721 -37.64 4.69 -23.05
CA ILE E 721 -37.37 4.74 -21.62
C ILE E 721 -37.50 6.19 -21.15
N SER E 722 -38.00 6.41 -19.93
CA SER E 722 -38.12 7.78 -19.41
C SER E 722 -37.66 7.84 -17.97
N THR E 723 -37.22 9.04 -17.52
CA THR E 723 -36.99 9.31 -16.09
C THR E 723 -38.29 9.74 -15.39
N TYR E 724 -39.27 10.16 -16.18
CA TYR E 724 -40.46 10.78 -15.62
C TYR E 724 -41.33 9.73 -14.93
N GLN E 725 -41.81 10.03 -13.73
CA GLN E 725 -42.74 9.11 -13.08
C GLN E 725 -43.63 9.99 -12.21
N ALA E 726 -44.85 10.28 -12.69
CA ALA E 726 -45.65 11.25 -11.96
C ALA E 726 -46.40 10.62 -10.81
N ASN E 727 -46.45 9.29 -10.75
CA ASN E 727 -47.27 8.60 -9.74
C ASN E 727 -46.49 8.11 -8.52
N VAL E 728 -45.55 8.90 -8.04
CA VAL E 728 -44.80 8.57 -6.83
C VAL E 728 -45.71 8.96 -5.67
N PRO E 729 -46.07 8.02 -4.80
CA PRO E 729 -46.95 8.36 -3.66
C PRO E 729 -46.26 9.28 -2.68
N GLN E 730 -47.02 10.23 -2.16
CA GLN E 730 -46.52 11.34 -1.39
C GLN E 730 -47.56 11.73 -0.34
N LEU E 731 -47.22 12.67 0.52
CA LEU E 731 -48.18 13.16 1.50
C LEU E 731 -48.34 14.65 1.33
N ASP E 732 -49.57 15.13 1.61
CA ASP E 732 -49.83 16.56 1.64
C ASP E 732 -50.19 16.96 3.06
N VAL E 733 -49.47 17.94 3.60
CA VAL E 733 -49.73 18.51 4.90
C VAL E 733 -50.32 19.89 4.63
N GLN E 734 -51.63 20.00 4.74
CA GLN E 734 -52.36 21.24 4.49
C GLN E 734 -52.53 21.99 5.81
N VAL E 735 -51.94 23.16 5.91
CA VAL E 735 -51.97 23.91 7.15
C VAL E 735 -53.26 24.72 7.18
N ASP E 736 -53.99 24.60 8.28
CA ASP E 736 -55.15 25.46 8.52
C ASP E 736 -54.61 26.74 9.14
N ARG E 737 -54.43 27.77 8.33
CA ARG E 737 -53.74 28.96 8.83
C ARG E 737 -54.62 29.72 9.84
N ASP E 738 -55.93 29.70 9.65
CA ASP E 738 -56.81 30.30 10.64
C ASP E 738 -56.71 29.58 11.97
N LYS E 739 -56.64 28.24 11.97
CA LYS E 739 -56.47 27.51 13.23
C LYS E 739 -55.12 27.80 13.87
N ALA E 740 -54.05 27.83 13.06
CA ALA E 740 -52.74 28.15 13.65
C ALA E 740 -52.79 29.48 14.40
N LYS E 741 -53.41 30.51 13.79
CA LYS E 741 -53.60 31.79 14.50
C LYS E 741 -54.43 31.62 15.79
N ALA E 742 -55.59 31.00 15.67
CA ALA E 742 -56.49 30.86 16.82
C ALA E 742 -55.81 30.13 17.95
N GLN E 743 -54.81 29.28 17.66
CA GLN E 743 -54.11 28.59 18.71
C GLN E 743 -52.82 29.28 19.10
N GLY E 744 -52.52 30.47 18.56
CA GLY E 744 -51.32 31.17 18.98
C GLY E 744 -50.00 30.68 18.41
N VAL E 745 -50.02 29.96 17.29
CA VAL E 745 -48.82 29.41 16.67
C VAL E 745 -48.52 30.18 15.41
N SER E 746 -47.34 30.78 15.31
CA SER E 746 -47.03 31.42 14.03
C SER E 746 -46.66 30.38 12.97
N LEU E 747 -46.83 30.79 11.69
CA LEU E 747 -46.51 29.92 10.57
C LEU E 747 -45.03 29.66 10.47
N THR E 748 -44.20 30.64 10.84
CA THR E 748 -42.77 30.41 10.84
C THR E 748 -42.41 29.28 11.79
N GLU E 749 -43.07 29.24 12.97
CA GLU E 749 -42.79 28.18 13.93
C GLU E 749 -43.32 26.85 13.43
N LEU E 750 -44.54 26.85 12.87
CA LEU E 750 -45.11 25.60 12.35
C LEU E 750 -44.26 25.04 11.18
N PHE E 751 -44.00 25.87 10.17
CA PHE E 751 -43.19 25.41 9.04
C PHE E 751 -41.79 25.03 9.53
N GLY E 752 -41.23 25.80 10.48
CA GLY E 752 -39.86 25.53 10.91
C GLY E 752 -39.75 24.19 11.60
N THR E 753 -40.82 23.82 12.33
CA THR E 753 -40.91 22.52 13.01
C THR E 753 -40.96 21.39 12.00
N LEU E 754 -41.82 21.51 10.99
CA LEU E 754 -41.78 20.52 9.91
C LEU E 754 -40.39 20.46 9.28
N GLN E 755 -39.82 21.61 8.96
CA GLN E 755 -38.60 21.60 8.18
C GLN E 755 -37.45 20.94 8.94
N THR E 756 -37.19 21.41 10.18
CA THR E 756 -36.04 20.89 10.93
C THR E 756 -36.23 19.41 11.25
N TYR E 757 -37.36 19.06 11.88
CA TYR E 757 -37.56 17.67 12.27
C TYR E 757 -37.65 16.74 11.07
N LEU E 758 -38.50 17.07 10.09
CA LEU E 758 -38.69 16.13 9.00
C LEU E 758 -37.69 16.32 7.84
N GLY E 759 -37.31 17.55 7.46
CA GLY E 759 -36.43 17.69 6.29
C GLY E 759 -34.95 17.92 6.56
N SER E 760 -34.59 18.25 7.82
CA SER E 760 -33.26 18.61 8.34
C SER E 760 -33.03 20.10 8.09
N SER E 761 -32.18 20.69 8.93
CA SER E 761 -31.78 22.08 8.80
C SER E 761 -30.28 22.10 8.75
N TYR E 762 -29.73 22.88 7.82
CA TYR E 762 -28.33 23.20 7.86
C TYR E 762 -28.08 24.19 9.00
N VAL E 763 -27.27 23.79 9.97
CA VAL E 763 -26.99 24.66 11.11
C VAL E 763 -25.87 25.66 10.83
N ASN E 764 -24.66 25.13 10.55
CA ASN E 764 -23.45 25.92 10.28
C ASN E 764 -22.34 24.90 10.04
N ASP E 765 -21.08 25.35 9.99
CA ASP E 765 -19.96 24.47 9.69
C ASP E 765 -19.15 24.17 10.94
N PHE E 766 -18.28 23.14 10.84
CA PHE E 766 -17.24 22.95 11.82
C PHE E 766 -16.02 22.41 11.08
N ASN E 767 -14.88 22.39 11.76
CA ASN E 767 -13.63 21.93 11.12
C ASN E 767 -13.19 20.58 11.68
N GLN E 768 -12.72 19.70 10.78
CA GLN E 768 -12.17 18.42 11.19
C GLN E 768 -11.25 17.92 10.09
N PHE E 769 -10.10 17.32 10.45
CA PHE E 769 -9.20 16.75 9.45
C PHE E 769 -8.65 17.83 8.53
N GLY E 770 -8.58 19.07 9.01
CA GLY E 770 -8.08 20.15 8.17
C GLY E 770 -9.10 20.70 7.17
N ARG E 771 -10.33 20.23 7.20
CA ARG E 771 -11.34 20.68 6.23
C ARG E 771 -12.56 21.25 6.98
N THR E 772 -13.55 21.72 6.20
CA THR E 772 -14.85 22.27 6.71
C THR E 772 -15.94 21.28 6.37
N TRP E 773 -16.91 21.09 7.27
CA TRP E 773 -17.99 20.14 7.06
C TRP E 773 -19.27 20.76 7.62
N ARG E 774 -20.40 20.30 7.14
CA ARG E 774 -21.65 20.81 7.68
C ARG E 774 -22.00 20.18 9.05
N VAL E 775 -22.79 20.95 9.81
CA VAL E 775 -23.53 20.46 10.98
C VAL E 775 -25.01 20.48 10.59
N MET E 776 -25.68 19.36 10.74
CA MET E 776 -27.06 19.24 10.33
C MET E 776 -27.86 18.82 11.57
N ALA E 777 -29.08 19.31 11.66
CA ALA E 777 -30.05 18.84 12.67
C ALA E 777 -31.29 18.29 11.98
N GLN E 778 -31.81 17.15 12.48
CA GLN E 778 -32.98 16.47 11.96
C GLN E 778 -33.52 15.52 13.03
N ALA E 779 -34.81 15.20 12.99
CA ALA E 779 -35.30 14.09 13.82
C ALA E 779 -34.56 12.82 13.45
N ASP E 780 -34.22 12.01 14.47
CA ASP E 780 -33.80 10.65 14.19
C ASP E 780 -34.82 9.96 13.30
N GLY E 781 -34.34 9.04 12.48
CA GLY E 781 -35.18 8.30 11.53
C GLY E 781 -36.45 7.71 12.14
N PRO E 782 -36.33 7.02 13.30
CA PRO E 782 -37.52 6.39 13.90
C PRO E 782 -38.61 7.35 14.29
N TYR E 783 -38.35 8.65 14.43
CA TYR E 783 -39.40 9.60 14.79
C TYR E 783 -40.03 10.31 13.60
N ARG E 784 -39.73 9.85 12.38
CA ARG E 784 -40.31 10.44 11.16
C ARG E 784 -40.60 9.33 10.15
N GLU E 785 -41.40 8.37 10.59
CA GLU E 785 -41.77 7.22 9.77
C GLU E 785 -43.24 7.15 9.41
N SER E 786 -44.12 7.80 10.18
CA SER E 786 -45.57 7.66 10.06
C SER E 786 -46.25 9.03 10.04
N VAL E 787 -47.46 9.05 9.49
CA VAL E 787 -48.32 10.23 9.58
C VAL E 787 -48.51 10.68 11.03
N GLU E 788 -48.58 9.72 11.96
CA GLU E 788 -48.72 10.08 13.38
C GLU E 788 -47.46 10.79 13.90
N ASP E 789 -46.28 10.41 13.37
CA ASP E 789 -45.03 11.10 13.73
C ASP E 789 -45.09 12.56 13.31
N ILE E 790 -45.72 12.86 12.17
CA ILE E 790 -45.86 14.26 11.75
C ILE E 790 -46.80 14.99 12.72
N ALA E 791 -47.97 14.41 12.95
CA ALA E 791 -48.98 15.09 13.75
C ALA E 791 -48.52 15.34 15.19
N ASN E 792 -47.57 14.56 15.68
CA ASN E 792 -47.17 14.64 17.09
C ASN E 792 -45.97 15.54 17.33
N LEU E 793 -45.33 16.03 16.28
CA LEU E 793 -44.34 17.08 16.45
C LEU E 793 -44.97 18.23 17.21
N ARG E 794 -44.22 18.86 18.13
CA ARG E 794 -44.76 19.93 18.94
C ARG E 794 -44.00 21.22 18.70
N THR E 795 -44.73 22.30 18.60
CA THR E 795 -44.11 23.58 18.70
C THR E 795 -44.71 24.30 19.91
N ARG E 796 -44.41 25.59 20.03
CA ARG E 796 -44.77 26.38 21.20
C ARG E 796 -45.66 27.52 20.73
N ASN E 797 -46.76 27.78 21.46
CA ASN E 797 -47.64 28.87 21.09
C ASN E 797 -47.22 30.16 21.81
N ASN E 798 -47.95 31.24 21.56
CA ASN E 798 -47.68 32.55 22.16
C ASN E 798 -47.96 32.57 23.67
N GLN E 799 -48.42 31.47 24.23
CA GLN E 799 -48.62 31.35 25.65
C GLN E 799 -47.55 30.49 26.32
N GLY E 800 -46.57 29.98 25.58
CA GLY E 800 -45.56 29.15 26.20
C GLY E 800 -45.91 27.67 26.35
N GLU E 801 -47.07 27.23 25.85
CA GLU E 801 -47.45 25.83 25.80
C GLU E 801 -46.98 25.12 24.52
N MET E 802 -46.71 23.81 24.65
CA MET E 802 -46.23 22.94 23.57
C MET E 802 -47.41 22.28 22.85
N VAL E 803 -47.75 22.80 21.67
CA VAL E 803 -48.90 22.45 20.83
C VAL E 803 -48.51 21.37 19.82
N PRO E 804 -49.30 20.29 19.63
CA PRO E 804 -49.03 19.38 18.50
C PRO E 804 -49.44 20.01 17.18
N ILE E 805 -48.65 19.69 16.14
CA ILE E 805 -48.87 20.09 14.75
C ILE E 805 -50.21 19.58 14.23
N GLY E 806 -50.56 18.34 14.61
CA GLY E 806 -51.74 17.70 14.11
C GLY E 806 -53.03 18.49 14.33
N SER E 807 -53.11 19.25 15.40
CA SER E 807 -54.31 20.04 15.63
C SER E 807 -54.48 21.19 14.63
N MET E 808 -53.49 21.41 13.76
CA MET E 808 -53.51 22.59 12.91
C MET E 808 -53.31 22.23 11.45
N VAL E 809 -53.25 20.93 11.11
CA VAL E 809 -52.99 20.50 9.75
C VAL E 809 -53.90 19.32 9.43
N ASN E 810 -54.15 19.15 8.13
CA ASN E 810 -54.84 17.99 7.58
C ASN E 810 -53.86 17.30 6.64
N ILE E 811 -53.59 16.01 6.91
CA ILE E 811 -52.57 15.24 6.18
C ILE E 811 -53.30 14.26 5.29
N SER E 812 -52.92 14.19 4.01
CA SER E 812 -53.61 13.27 3.10
C SER E 812 -52.60 12.75 2.09
N THR E 813 -52.93 11.62 1.51
CA THR E 813 -52.04 11.03 0.52
C THR E 813 -52.30 11.69 -0.82
N THR E 814 -51.27 11.69 -1.66
CA THR E 814 -51.31 12.34 -2.96
C THR E 814 -50.20 11.71 -3.84
N TYR E 815 -49.96 12.29 -5.01
CA TYR E 815 -49.00 11.76 -5.97
C TYR E 815 -48.26 12.93 -6.56
N GLY E 816 -47.06 12.65 -7.07
CA GLY E 816 -46.28 13.69 -7.70
C GLY E 816 -45.01 13.10 -8.28
N PRO E 817 -44.34 13.85 -9.16
CA PRO E 817 -43.14 13.32 -9.79
C PRO E 817 -41.91 13.41 -8.92
N ASP E 818 -41.03 12.48 -9.16
CA ASP E 818 -39.74 12.48 -8.48
C ASP E 818 -38.74 11.76 -9.36
N PRO E 819 -37.82 12.47 -10.03
CA PRO E 819 -37.57 13.90 -9.93
C PRO E 819 -38.58 14.72 -10.72
N VAL E 820 -38.60 16.02 -10.49
CA VAL E 820 -39.30 16.93 -11.41
C VAL E 820 -38.26 17.37 -12.43
N ILE E 821 -38.61 17.31 -13.73
CA ILE E 821 -37.70 17.61 -14.84
C ILE E 821 -38.23 18.83 -15.56
N ARG E 822 -37.33 19.77 -15.90
CA ARG E 822 -37.70 20.90 -16.75
C ARG E 822 -36.78 20.88 -17.95
N TYR E 823 -37.30 21.23 -19.12
CA TYR E 823 -36.45 21.31 -20.32
C TYR E 823 -36.74 22.65 -20.98
N ASN E 824 -35.68 23.48 -21.16
CA ASN E 824 -35.85 24.83 -21.74
C ASN E 824 -36.93 25.64 -21.03
N GLY E 825 -36.98 25.53 -19.71
CA GLY E 825 -37.89 26.36 -18.91
C GLY E 825 -39.33 25.90 -18.87
N TYR E 826 -39.60 24.66 -19.21
CA TYR E 826 -40.96 24.15 -19.06
C TYR E 826 -40.88 22.80 -18.37
N PRO E 827 -41.91 22.44 -17.60
CA PRO E 827 -42.05 21.05 -17.12
C PRO E 827 -41.99 20.08 -18.27
N ALA E 828 -41.26 18.97 -18.09
CA ALA E 828 -40.99 18.12 -19.24
C ALA E 828 -40.73 16.68 -18.83
N ALA E 829 -40.75 15.80 -19.81
CA ALA E 829 -40.43 14.41 -19.59
C ALA E 829 -39.48 14.00 -20.70
N ASP E 830 -38.45 13.22 -20.34
CA ASP E 830 -37.53 12.72 -21.38
C ASP E 830 -38.05 11.43 -22.00
N LEU E 831 -37.69 11.20 -23.28
CA LEU E 831 -37.97 9.93 -23.96
C LEU E 831 -36.73 9.58 -24.77
N ILE E 832 -36.17 8.41 -24.51
CA ILE E 832 -35.01 7.95 -25.26
C ILE E 832 -35.35 6.57 -25.79
N GLY E 833 -35.03 6.31 -27.07
CA GLY E 833 -35.29 4.98 -27.52
C GLY E 833 -34.48 4.64 -28.76
N ASP E 834 -34.75 3.47 -29.31
CA ASP E 834 -33.97 2.91 -30.40
C ASP E 834 -34.78 2.94 -31.67
N ALA E 835 -34.07 2.82 -32.79
CA ALA E 835 -34.74 2.66 -34.07
C ALA E 835 -33.81 1.80 -34.92
N ASP E 836 -34.24 0.57 -35.20
CA ASP E 836 -33.44 -0.40 -35.99
C ASP E 836 -33.21 0.14 -37.41
N PRO E 837 -31.96 0.41 -37.77
CA PRO E 837 -31.69 0.97 -39.10
C PRO E 837 -32.09 0.07 -40.25
N ARG E 838 -32.20 -1.25 -40.02
CA ARG E 838 -32.72 -2.13 -41.07
C ARG E 838 -34.16 -1.79 -41.43
N VAL E 839 -34.95 -1.36 -40.45
CA VAL E 839 -36.36 -1.05 -40.71
C VAL E 839 -36.55 0.40 -41.08
N LEU E 840 -35.87 1.31 -40.37
CA LEU E 840 -36.06 2.72 -40.66
C LEU E 840 -34.79 3.47 -40.25
N SER E 841 -34.55 4.59 -40.93
CA SER E 841 -33.40 5.43 -40.64
C SER E 841 -33.73 6.39 -39.50
N SER E 842 -32.66 6.93 -38.90
CA SER E 842 -32.80 7.96 -37.89
C SER E 842 -33.68 9.10 -38.40
N SER E 843 -33.45 9.51 -39.64
CA SER E 843 -34.27 10.57 -40.23
C SER E 843 -35.73 10.15 -40.31
N GLN E 844 -35.95 8.87 -40.61
CA GLN E 844 -37.30 8.34 -40.74
C GLN E 844 -37.96 8.26 -39.38
N ALA E 845 -37.24 7.73 -38.40
CA ALA E 845 -37.71 7.71 -37.02
C ALA E 845 -38.10 9.11 -36.56
N MET E 846 -37.26 10.11 -36.82
CA MET E 846 -37.58 11.45 -36.30
C MET E 846 -38.84 12.00 -36.96
N THR E 847 -38.97 11.89 -38.28
CA THR E 847 -40.21 12.34 -38.92
C THR E 847 -41.44 11.64 -38.33
N HIS E 848 -41.34 10.32 -38.19
CA HIS E 848 -42.44 9.54 -37.66
C HIS E 848 -42.81 10.01 -36.25
N LEU E 849 -41.80 10.22 -35.41
CA LEU E 849 -42.06 10.67 -34.04
C LEU E 849 -42.71 12.03 -34.06
N GLU E 850 -42.29 12.90 -34.97
CA GLU E 850 -42.95 14.20 -35.04
C GLU E 850 -44.41 14.02 -35.43
N GLU E 851 -44.70 13.09 -36.37
CA GLU E 851 -46.10 12.84 -36.75
C GLU E 851 -46.91 12.30 -35.56
N LEU E 852 -46.36 11.31 -34.84
CA LEU E 852 -47.02 10.79 -33.64
C LEU E 852 -47.35 11.90 -32.66
N SER E 853 -46.43 12.85 -32.48
CA SER E 853 -46.67 13.87 -31.48
C SER E 853 -47.82 14.78 -31.92
N LYS E 854 -47.95 15.01 -33.22
CA LYS E 854 -49.09 15.76 -33.73
C LYS E 854 -50.38 15.00 -33.48
N GLN E 855 -50.37 13.69 -33.70
CA GLN E 855 -51.58 12.88 -33.51
C GLN E 855 -51.98 12.85 -32.02
N ILE E 856 -51.02 12.91 -31.10
CA ILE E 856 -51.19 12.42 -29.74
C ILE E 856 -51.20 13.54 -28.71
N LEU E 857 -50.31 14.51 -28.83
CA LEU E 857 -50.17 15.46 -27.73
C LEU E 857 -51.31 16.46 -27.74
N PRO E 858 -51.83 16.82 -26.57
CA PRO E 858 -52.83 17.89 -26.52
C PRO E 858 -52.21 19.24 -26.76
N ASN E 859 -53.05 20.18 -27.17
CA ASN E 859 -52.62 21.56 -27.35
C ASN E 859 -51.99 22.09 -26.06
N GLY E 860 -50.82 22.65 -26.17
CA GLY E 860 -50.06 23.05 -24.99
C GLY E 860 -48.84 22.16 -24.69
N MET E 861 -48.77 21.01 -25.31
CA MET E 861 -47.60 20.14 -25.27
C MET E 861 -46.95 19.99 -26.63
N ASN E 862 -45.64 19.67 -26.63
CA ASN E 862 -44.88 19.49 -27.87
C ASN E 862 -43.64 18.68 -27.56
N ILE E 863 -42.94 18.21 -28.60
CA ILE E 863 -41.64 17.56 -28.40
C ILE E 863 -40.53 18.52 -28.75
N GLU E 864 -39.36 18.26 -28.17
CA GLU E 864 -38.12 18.96 -28.49
C GLU E 864 -37.07 17.89 -28.65
N TRP E 865 -36.36 17.92 -29.77
CA TRP E 865 -35.20 17.05 -29.91
C TRP E 865 -34.05 17.54 -29.04
N THR E 866 -33.29 16.61 -28.50
CA THR E 866 -32.13 16.93 -27.71
C THR E 866 -30.95 16.01 -28.09
N ASP E 867 -29.76 16.35 -27.59
CA ASP E 867 -28.57 15.48 -27.75
C ASP E 867 -28.31 15.29 -29.25
N LEU E 868 -28.00 14.07 -29.69
CA LEU E 868 -27.65 13.88 -31.09
C LEU E 868 -28.84 14.16 -32.02
N SER E 869 -30.07 13.84 -31.60
CA SER E 869 -31.23 14.15 -32.43
C SER E 869 -31.33 15.65 -32.69
N PHE E 870 -31.00 16.48 -31.69
CA PHE E 870 -31.13 17.92 -31.90
C PHE E 870 -30.17 18.40 -32.99
N GLN E 871 -28.95 17.88 -32.95
CA GLN E 871 -27.96 18.11 -34.03
C GLN E 871 -28.51 17.66 -35.38
N GLN E 872 -28.89 16.38 -35.47
CA GLN E 872 -29.54 15.89 -36.70
C GLN E 872 -30.64 16.82 -37.16
N ALA E 873 -31.49 17.29 -36.24
CA ALA E 873 -32.64 18.09 -36.66
C ALA E 873 -32.23 19.47 -37.14
N THR E 874 -31.08 20.00 -36.70
CA THR E 874 -30.76 21.39 -36.97
C THR E 874 -29.60 21.59 -37.93
N GLN E 875 -28.79 20.57 -38.13
CA GLN E 875 -27.68 20.65 -39.09
C GLN E 875 -28.21 20.73 -40.53
N GLY E 876 -27.67 21.65 -41.32
CA GLY E 876 -27.97 21.63 -42.73
C GLY E 876 -27.23 20.50 -43.42
N ASN E 877 -27.70 20.11 -44.60
CA ASN E 877 -26.98 19.07 -45.40
C ASN E 877 -26.00 19.74 -46.36
N THR E 878 -24.86 20.14 -45.81
CA THR E 878 -23.83 20.76 -46.63
C THR E 878 -23.19 19.80 -47.62
N ALA E 879 -23.50 18.50 -47.55
CA ALA E 879 -23.04 17.58 -48.57
C ALA E 879 -23.53 18.01 -49.92
N LEU E 880 -24.60 18.80 -49.94
CA LEU E 880 -25.20 19.19 -51.19
C LEU E 880 -24.32 20.21 -51.90
N ILE E 881 -23.47 20.90 -51.16
CA ILE E 881 -22.46 21.79 -51.70
C ILE E 881 -21.10 21.11 -51.75
N VAL E 882 -20.72 20.39 -50.70
CA VAL E 882 -19.39 19.78 -50.67
C VAL E 882 -19.18 18.84 -51.87
N PHE E 883 -20.14 17.93 -52.12
CA PHE E 883 -19.92 16.92 -53.15
C PHE E 883 -19.81 17.52 -54.54
N PRO E 884 -20.72 18.39 -55.00
CA PRO E 884 -20.52 18.97 -56.32
C PRO E 884 -19.26 19.78 -56.40
N VAL E 885 -18.90 20.47 -55.33
CA VAL E 885 -17.64 21.24 -55.34
C VAL E 885 -16.43 20.29 -55.49
N ALA E 886 -16.41 19.19 -54.74
CA ALA E 886 -15.32 18.22 -54.89
C ALA E 886 -15.20 17.71 -56.33
N VAL E 887 -16.32 17.23 -56.91
CA VAL E 887 -16.29 16.77 -58.31
C VAL E 887 -15.77 17.85 -59.24
N LEU E 888 -16.35 19.04 -59.15
CA LEU E 888 -15.92 20.12 -60.03
C LEU E 888 -14.43 20.43 -59.89
N LEU E 889 -13.94 20.54 -58.65
CA LEU E 889 -12.52 20.84 -58.50
C LEU E 889 -11.66 19.75 -59.14
N ALA E 890 -12.02 18.47 -58.96
CA ALA E 890 -11.20 17.41 -59.53
C ALA E 890 -11.27 17.46 -61.05
N PHE E 891 -12.47 17.68 -61.59
CA PHE E 891 -12.64 17.83 -63.03
C PHE E 891 -11.72 18.91 -63.58
N LEU E 892 -11.60 20.03 -62.87
CA LEU E 892 -10.79 21.14 -63.39
C LEU E 892 -9.31 20.85 -63.37
N VAL E 893 -8.84 20.20 -62.30
CA VAL E 893 -7.44 19.78 -62.30
C VAL E 893 -7.15 18.87 -63.50
N LEU E 894 -8.01 17.88 -63.73
CA LEU E 894 -7.78 16.97 -64.87
C LEU E 894 -7.88 17.70 -66.19
N ALA E 895 -8.72 18.74 -66.27
CA ALA E 895 -8.85 19.48 -67.53
C ALA E 895 -7.56 20.18 -67.86
N ALA E 896 -6.91 20.75 -66.84
CA ALA E 896 -5.59 21.33 -67.01
C ALA E 896 -4.56 20.27 -67.39
N LEU E 897 -4.53 19.16 -66.65
CA LEU E 897 -3.55 18.12 -66.98
C LEU E 897 -3.71 17.63 -68.43
N TYR E 898 -4.95 17.39 -68.85
CA TYR E 898 -5.23 16.81 -70.15
C TYR E 898 -5.40 17.83 -71.27
N GLU E 899 -5.39 19.11 -70.91
CA GLU E 899 -5.74 20.21 -71.81
C GLU E 899 -6.97 19.84 -72.61
N SER E 900 -8.02 19.43 -71.90
CA SER E 900 -9.23 18.90 -72.52
C SER E 900 -10.38 19.10 -71.54
N TRP E 901 -11.50 19.64 -72.02
CA TRP E 901 -12.71 19.70 -71.19
C TRP E 901 -13.46 18.39 -71.19
N THR E 902 -13.08 17.44 -72.07
CA THR E 902 -13.83 16.18 -72.20
C THR E 902 -13.09 14.97 -71.67
N LEU E 903 -11.77 14.83 -71.93
CA LEU E 903 -11.01 13.71 -71.36
C LEU E 903 -11.21 13.48 -69.86
N PRO E 904 -11.29 14.51 -68.96
CA PRO E 904 -11.50 14.20 -67.52
C PRO E 904 -12.67 13.25 -67.28
N LEU E 905 -13.65 13.20 -68.21
CA LEU E 905 -14.79 12.30 -68.00
C LEU E 905 -14.42 10.83 -68.09
N ALA E 906 -13.38 10.47 -68.86
CA ALA E 906 -12.95 9.08 -68.86
C ALA E 906 -12.51 8.63 -67.47
N VAL E 907 -11.99 9.54 -66.66
CA VAL E 907 -11.66 9.20 -65.27
C VAL E 907 -12.90 9.27 -64.37
N ILE E 908 -13.56 10.43 -64.36
CA ILE E 908 -14.68 10.68 -63.42
C ILE E 908 -15.79 9.64 -63.55
N LEU E 909 -16.13 9.27 -64.79
CA LEU E 909 -17.30 8.41 -64.99
C LEU E 909 -17.06 7.00 -64.50
N ILE E 910 -15.81 6.53 -64.37
CA ILE E 910 -15.63 5.18 -63.86
C ILE E 910 -15.72 5.09 -62.32
N VAL E 911 -15.63 6.20 -61.58
CA VAL E 911 -15.59 6.07 -60.12
C VAL E 911 -16.89 5.56 -59.48
N PRO E 912 -18.08 5.77 -60.05
CA PRO E 912 -19.25 5.08 -59.48
C PRO E 912 -19.10 3.57 -59.45
N MET E 913 -18.36 2.97 -60.37
CA MET E 913 -18.27 1.50 -60.41
C MET E 913 -17.47 0.94 -59.23
N THR E 914 -16.43 1.64 -58.78
CA THR E 914 -15.70 1.18 -57.61
C THR E 914 -16.56 1.32 -56.35
N MET E 915 -17.30 2.39 -56.27
CA MET E 915 -18.22 2.55 -55.16
C MET E 915 -19.25 1.41 -55.10
N LEU E 916 -19.73 0.97 -56.27
CA LEU E 916 -20.73 -0.08 -56.33
C LEU E 916 -20.12 -1.43 -55.98
N SER E 917 -18.89 -1.71 -56.43
CA SER E 917 -18.24 -2.98 -56.06
C SER E 917 -18.09 -3.11 -54.55
N ALA E 918 -17.63 -2.05 -53.91
CA ALA E 918 -17.48 -2.05 -52.45
C ALA E 918 -18.82 -2.26 -51.74
N LEU E 919 -19.83 -1.47 -52.09
CA LEU E 919 -21.15 -1.58 -51.46
C LEU E 919 -21.76 -2.96 -51.67
N PHE E 920 -21.49 -3.57 -52.81
CA PHE E 920 -21.99 -4.91 -53.09
C PHE E 920 -21.39 -5.94 -52.14
N GLY E 921 -20.08 -5.83 -51.85
CA GLY E 921 -19.51 -6.66 -50.80
C GLY E 921 -20.17 -6.41 -49.46
N VAL E 922 -20.49 -5.15 -49.16
CA VAL E 922 -21.13 -4.84 -47.89
C VAL E 922 -22.54 -5.44 -47.87
N TRP E 923 -23.31 -5.19 -48.93
CA TRP E 923 -24.65 -5.78 -49.07
C TRP E 923 -24.60 -7.29 -48.95
N LEU E 924 -23.72 -7.94 -49.74
CA LEU E 924 -23.63 -9.39 -49.73
C LEU E 924 -23.33 -9.94 -48.35
N THR E 925 -22.64 -9.16 -47.51
CA THR E 925 -22.26 -9.61 -46.19
C THR E 925 -23.19 -9.09 -45.11
N GLY E 926 -24.25 -8.40 -45.49
CA GLY E 926 -25.18 -7.89 -44.50
C GLY E 926 -24.60 -6.81 -43.63
N GLY E 927 -23.74 -5.96 -44.18
CA GLY E 927 -23.17 -4.87 -43.44
C GLY E 927 -23.97 -3.60 -43.64
N ASP E 928 -23.43 -2.52 -43.14
CA ASP E 928 -24.06 -1.22 -43.19
C ASP E 928 -23.09 -0.21 -43.80
N ASN E 929 -23.59 0.95 -44.20
CA ASN E 929 -22.72 2.02 -44.72
C ASN E 929 -22.40 3.03 -43.62
N ASN E 930 -21.81 2.54 -42.53
CA ASN E 930 -21.42 3.43 -41.46
C ASN E 930 -20.29 4.35 -41.92
N VAL E 931 -19.91 5.28 -41.03
CA VAL E 931 -18.94 6.30 -41.42
C VAL E 931 -17.59 5.68 -41.80
N PHE E 932 -17.22 4.53 -41.24
CA PHE E 932 -15.90 3.96 -41.62
C PHE E 932 -15.95 3.36 -43.00
N VAL E 933 -17.06 2.71 -43.32
CA VAL E 933 -17.28 2.25 -44.68
C VAL E 933 -17.27 3.40 -45.66
N GLN E 934 -17.91 4.49 -45.28
CA GLN E 934 -18.03 5.64 -46.16
C GLN E 934 -16.68 6.24 -46.50
N VAL E 935 -15.79 6.35 -45.52
CA VAL E 935 -14.48 6.87 -45.88
C VAL E 935 -13.70 5.82 -46.72
N GLY E 936 -13.90 4.53 -46.44
CA GLY E 936 -13.30 3.53 -47.28
C GLY E 936 -13.72 3.63 -48.73
N LEU E 937 -15.04 3.86 -48.97
CA LEU E 937 -15.54 4.06 -50.34
C LEU E 937 -14.82 5.20 -51.04
N VAL E 938 -14.62 6.31 -50.33
CA VAL E 938 -13.97 7.48 -50.95
C VAL E 938 -12.48 7.17 -51.25
N VAL E 939 -11.81 6.48 -50.35
CA VAL E 939 -10.41 6.15 -50.61
C VAL E 939 -10.29 5.20 -51.82
N LEU E 940 -11.16 4.18 -51.89
CA LEU E 940 -11.20 3.30 -53.06
C LEU E 940 -11.44 4.08 -54.34
N MET E 941 -12.41 4.99 -54.32
CA MET E 941 -12.61 5.82 -55.49
C MET E 941 -11.38 6.66 -55.82
N GLY E 942 -10.66 7.16 -54.81
CA GLY E 942 -9.41 7.87 -55.07
C GLY E 942 -8.36 7.01 -55.76
N LEU E 943 -8.19 5.77 -55.29
CA LEU E 943 -7.28 4.84 -55.93
C LEU E 943 -7.70 4.55 -57.37
N ALA E 944 -9.01 4.37 -57.60
CA ALA E 944 -9.50 4.25 -58.98
C ALA E 944 -9.14 5.49 -59.81
N CYS E 945 -9.23 6.68 -59.22
CA CYS E 945 -8.80 7.89 -59.95
C CYS E 945 -7.32 7.84 -60.24
N LYS E 946 -6.50 7.49 -59.25
CA LYS E 946 -5.05 7.52 -59.47
C LYS E 946 -4.68 6.60 -60.63
N ASN E 947 -5.24 5.38 -60.63
CA ASN E 947 -4.96 4.41 -61.68
C ASN E 947 -5.41 4.92 -63.03
N ALA E 948 -6.65 5.45 -63.10
CA ALA E 948 -7.23 5.74 -64.38
C ALA E 948 -6.64 7.01 -64.96
N ILE E 949 -6.23 7.93 -64.09
CA ILE E 949 -5.59 9.16 -64.53
C ILE E 949 -4.33 8.84 -65.36
N LEU E 950 -3.53 7.89 -64.87
CA LEU E 950 -2.31 7.47 -65.62
C LEU E 950 -2.64 6.72 -66.91
N ILE E 951 -3.70 5.88 -66.93
CA ILE E 951 -4.09 5.25 -68.22
C ILE E 951 -4.37 6.32 -69.25
N VAL E 952 -5.18 7.30 -68.86
CA VAL E 952 -5.63 8.31 -69.82
C VAL E 952 -4.46 9.19 -70.23
N GLU E 953 -3.59 9.56 -69.27
CA GLU E 953 -2.44 10.38 -69.63
C GLU E 953 -1.49 9.63 -70.58
N PHE E 954 -1.23 8.35 -70.31
CA PHE E 954 -0.35 7.58 -71.19
C PHE E 954 -0.96 7.47 -72.59
N ALA E 955 -2.28 7.25 -72.66
CA ALA E 955 -2.91 7.17 -73.99
C ALA E 955 -2.82 8.51 -74.69
N ARG E 956 -3.09 9.59 -73.96
CA ARG E 956 -3.00 10.92 -74.55
C ARG E 956 -1.61 11.20 -75.12
N GLU E 957 -0.56 10.82 -74.38
CA GLU E 957 0.80 11.08 -74.81
C GLU E 957 1.13 10.26 -76.06
N LEU E 958 0.66 9.01 -76.11
CA LEU E 958 0.92 8.17 -77.29
C LEU E 958 0.26 8.75 -78.52
N GLU E 959 -0.98 9.28 -78.38
CA GLU E 959 -1.64 9.95 -79.50
C GLU E 959 -0.85 11.16 -79.95
N ILE E 960 -0.21 11.88 -79.02
CA ILE E 960 0.65 13.01 -79.40
C ILE E 960 1.87 12.49 -80.19
N GLN E 961 2.34 11.30 -79.87
CA GLN E 961 3.42 10.70 -80.66
C GLN E 961 2.96 10.10 -81.99
N GLY E 962 1.66 10.14 -82.28
CA GLY E 962 1.16 9.74 -83.61
C GLY E 962 0.45 8.40 -83.65
N LYS E 963 0.27 7.74 -82.51
CA LYS E 963 -0.64 6.59 -82.50
C LYS E 963 -2.09 7.04 -82.70
N GLY E 964 -2.87 6.17 -83.34
CA GLY E 964 -4.31 6.38 -83.43
C GLY E 964 -4.97 6.20 -82.03
N ILE E 965 -6.25 6.54 -81.96
CA ILE E 965 -7.00 6.49 -80.69
C ILE E 965 -7.01 5.06 -80.15
N MET E 966 -7.35 4.09 -81.02
CA MET E 966 -7.49 2.71 -80.58
C MET E 966 -6.17 2.17 -80.03
N GLU E 967 -5.10 2.31 -80.82
CA GLU E 967 -3.82 1.74 -80.41
C GLU E 967 -3.30 2.44 -79.16
N ALA E 968 -3.54 3.77 -79.07
CA ALA E 968 -3.05 4.51 -77.89
C ALA E 968 -3.75 4.03 -76.63
N ALA E 969 -5.06 3.79 -76.72
CA ALA E 969 -5.77 3.33 -75.55
C ALA E 969 -5.31 1.93 -75.15
N LEU E 970 -5.08 1.05 -76.13
CA LEU E 970 -4.71 -0.34 -75.82
C LEU E 970 -3.28 -0.43 -75.28
N GLU E 971 -2.37 0.32 -75.91
CA GLU E 971 -0.99 0.30 -75.46
C GLU E 971 -0.88 0.96 -74.09
N ALA E 972 -1.64 2.03 -73.85
CA ALA E 972 -1.64 2.62 -72.49
C ALA E 972 -2.11 1.60 -71.45
N CYS E 973 -3.21 0.92 -71.73
CA CYS E 973 -3.66 -0.12 -70.80
C CYS E 973 -2.57 -1.14 -70.59
N ARG E 974 -1.93 -1.59 -71.69
CA ARG E 974 -0.91 -2.61 -71.50
C ARG E 974 0.21 -2.11 -70.59
N LEU E 975 0.65 -0.87 -70.77
CA LEU E 975 1.73 -0.33 -69.94
C LEU E 975 1.28 -0.13 -68.49
N ARG E 976 0.00 0.20 -68.28
CA ARG E 976 -0.40 0.41 -66.88
C ARG E 976 -0.78 -0.89 -66.20
N LEU E 977 -0.90 -1.99 -66.96
CA LEU E 977 -1.38 -3.25 -66.37
C LEU E 977 -0.54 -3.68 -65.18
N ARG E 978 0.81 -3.79 -65.37
CA ARG E 978 1.66 -4.28 -64.29
C ARG E 978 1.53 -3.43 -63.02
N PRO E 979 1.70 -2.10 -63.04
CA PRO E 979 1.62 -1.39 -61.74
C PRO E 979 0.21 -1.43 -61.14
N ILE E 980 -0.86 -1.47 -61.95
CA ILE E 980 -2.20 -1.56 -61.40
C ILE E 980 -2.36 -2.89 -60.69
N VAL E 981 -1.95 -3.97 -61.34
CA VAL E 981 -2.06 -5.27 -60.71
C VAL E 981 -1.15 -5.40 -59.47
N MET E 982 0.04 -4.77 -59.47
CA MET E 982 0.92 -4.87 -58.29
C MET E 982 0.23 -4.26 -57.07
N THR E 983 -0.35 -3.09 -57.27
CA THR E 983 -1.00 -2.41 -56.14
C THR E 983 -2.17 -3.25 -55.66
N SER E 984 -2.99 -3.75 -56.62
CA SER E 984 -4.19 -4.50 -56.27
C SER E 984 -3.84 -5.79 -55.53
N ILE E 985 -2.77 -6.46 -55.97
CA ILE E 985 -2.33 -7.68 -55.30
C ILE E 985 -1.91 -7.37 -53.89
N ALA E 986 -1.18 -6.27 -53.70
CA ALA E 986 -0.68 -5.97 -52.37
C ALA E 986 -1.87 -5.68 -51.43
N PHE E 987 -2.84 -4.88 -51.89
CA PHE E 987 -4.00 -4.52 -51.05
C PHE E 987 -4.85 -5.73 -50.71
N ILE E 988 -5.20 -6.51 -51.71
CA ILE E 988 -6.03 -7.69 -51.48
C ILE E 988 -5.36 -8.62 -50.48
N ALA E 989 -4.03 -8.76 -50.55
CA ALA E 989 -3.29 -9.47 -49.50
C ALA E 989 -3.50 -8.82 -48.14
N GLY E 990 -3.34 -7.50 -48.06
CA GLY E 990 -3.42 -6.75 -46.82
C GLY E 990 -4.81 -6.61 -46.20
N THR E 991 -5.88 -7.09 -46.85
CA THR E 991 -7.20 -7.13 -46.21
C THR E 991 -7.50 -8.47 -45.58
N ILE E 992 -6.68 -9.50 -45.85
CA ILE E 992 -6.94 -10.81 -45.24
C ILE E 992 -6.81 -10.76 -43.73
N PRO E 993 -5.80 -10.12 -43.12
CA PRO E 993 -5.79 -9.98 -41.65
C PRO E 993 -6.97 -9.20 -41.10
N LEU E 994 -7.82 -8.61 -41.95
CA LEU E 994 -8.89 -7.76 -41.46
C LEU E 994 -10.18 -8.52 -41.22
N ILE E 995 -10.55 -9.44 -42.11
CA ILE E 995 -11.79 -10.17 -41.92
C ILE E 995 -11.51 -11.53 -41.30
N LEU E 996 -10.33 -12.09 -41.52
CA LEU E 996 -9.90 -13.32 -40.86
C LEU E 996 -9.03 -12.91 -39.66
N GLY E 997 -9.69 -12.62 -38.54
CA GLY E 997 -8.97 -12.23 -37.34
C GLY E 997 -9.85 -11.62 -36.27
N HIS E 998 -10.02 -12.34 -35.16
CA HIS E 998 -10.84 -11.89 -34.04
C HIS E 998 -9.97 -11.29 -32.94
N GLY E 999 -10.51 -10.29 -32.26
CA GLY E 999 -9.79 -9.61 -31.20
C GLY E 999 -10.31 -8.22 -30.88
N ALA E 1000 -9.42 -7.23 -30.92
CA ALA E 1000 -9.75 -5.85 -30.53
C ALA E 1000 -9.95 -4.97 -31.76
N GLY E 1001 -10.98 -4.12 -31.70
CA GLY E 1001 -11.38 -3.36 -32.87
C GLY E 1001 -11.82 -4.23 -34.03
N ALA E 1002 -12.36 -5.42 -33.75
CA ALA E 1002 -12.74 -6.36 -34.80
C ALA E 1002 -13.95 -5.87 -35.59
N GLU E 1003 -14.84 -5.13 -34.93
CA GLU E 1003 -15.98 -4.56 -35.63
C GLU E 1003 -15.52 -3.63 -36.76
N VAL E 1004 -14.65 -2.66 -36.45
CA VAL E 1004 -14.25 -1.71 -37.49
C VAL E 1004 -13.33 -2.38 -38.52
N ARG E 1005 -12.43 -3.26 -38.07
CA ARG E 1005 -11.56 -3.98 -39.01
C ARG E 1005 -12.37 -4.77 -40.02
N GLY E 1006 -13.35 -5.56 -39.55
CA GLY E 1006 -14.24 -6.33 -40.39
C GLY E 1006 -14.97 -5.57 -41.49
N VAL E 1007 -15.78 -4.56 -41.12
CA VAL E 1007 -16.57 -3.80 -42.10
C VAL E 1007 -15.62 -3.09 -43.05
N THR E 1008 -14.45 -2.70 -42.55
CA THR E 1008 -13.47 -2.07 -43.44
C THR E 1008 -12.72 -3.10 -44.29
N GLY E 1009 -12.35 -4.27 -43.72
CA GLY E 1009 -11.83 -5.35 -44.55
C GLY E 1009 -12.73 -5.70 -45.73
N ILE E 1010 -14.05 -5.72 -45.48
CA ILE E 1010 -15.02 -6.10 -46.51
C ILE E 1010 -15.11 -5.07 -47.62
N THR E 1011 -15.37 -3.80 -47.26
CA THR E 1011 -15.41 -2.66 -48.18
C THR E 1011 -14.17 -2.62 -49.05
N VAL E 1012 -13.01 -2.74 -48.46
CA VAL E 1012 -11.79 -2.56 -49.24
C VAL E 1012 -11.51 -3.77 -50.15
N PHE E 1013 -11.71 -5.00 -49.63
CA PHE E 1013 -11.48 -6.18 -50.50
C PHE E 1013 -12.26 -6.12 -51.81
N SER E 1014 -13.57 -5.91 -51.75
CA SER E 1014 -14.36 -6.02 -52.97
C SER E 1014 -14.27 -4.74 -53.80
N GLY E 1015 -14.07 -3.60 -53.16
CA GLY E 1015 -13.81 -2.37 -53.90
C GLY E 1015 -12.57 -2.48 -54.78
N MET E 1016 -11.52 -3.16 -54.30
CA MET E 1016 -10.29 -3.28 -55.06
C MET E 1016 -10.48 -4.12 -56.31
N LEU E 1017 -11.29 -5.18 -56.20
CA LEU E 1017 -11.67 -5.95 -57.37
C LEU E 1017 -12.31 -5.04 -58.42
N GLY E 1018 -13.22 -4.16 -57.99
CA GLY E 1018 -13.78 -3.19 -58.93
C GLY E 1018 -12.75 -2.18 -59.41
N VAL E 1019 -11.92 -1.66 -58.48
CA VAL E 1019 -10.83 -0.78 -58.87
C VAL E 1019 -10.03 -1.39 -60.02
N THR E 1020 -9.69 -2.67 -59.87
CA THR E 1020 -8.83 -3.29 -60.87
C THR E 1020 -9.59 -3.58 -62.18
N LEU E 1021 -10.73 -4.25 -62.09
CA LEU E 1021 -11.47 -4.64 -63.30
C LEU E 1021 -11.99 -3.43 -64.04
N PHE E 1022 -12.63 -2.49 -63.34
CA PHE E 1022 -13.21 -1.37 -64.07
C PHE E 1022 -12.12 -0.43 -64.57
N GLY E 1023 -11.03 -0.29 -63.82
CA GLY E 1023 -9.93 0.53 -64.32
C GLY E 1023 -9.30 -0.03 -65.58
N LEU E 1024 -9.14 -1.34 -65.63
CA LEU E 1024 -8.43 -1.95 -66.77
C LEU E 1024 -9.37 -2.15 -67.96
N PHE E 1025 -10.68 -2.30 -67.74
CA PHE E 1025 -11.57 -2.51 -68.91
C PHE E 1025 -12.46 -1.34 -69.22
N LEU E 1026 -12.99 -0.63 -68.24
CA LEU E 1026 -13.89 0.45 -68.63
C LEU E 1026 -13.16 1.72 -69.07
N THR E 1027 -12.04 2.06 -68.42
CA THR E 1027 -11.36 3.31 -68.78
C THR E 1027 -11.02 3.36 -70.26
N PRO E 1028 -10.49 2.32 -70.88
CA PRO E 1028 -10.19 2.43 -72.33
C PRO E 1028 -11.45 2.57 -73.20
N VAL E 1029 -12.57 1.96 -72.80
CA VAL E 1029 -13.84 2.20 -73.51
C VAL E 1029 -14.19 3.69 -73.47
N PHE E 1030 -14.19 4.30 -72.27
CA PHE E 1030 -14.56 5.71 -72.18
C PHE E 1030 -13.55 6.58 -72.92
N TYR E 1031 -12.26 6.28 -72.77
CA TYR E 1031 -11.27 7.06 -73.50
C TYR E 1031 -11.55 7.01 -75.01
N VAL E 1032 -11.69 5.82 -75.57
CA VAL E 1032 -11.89 5.75 -77.03
C VAL E 1032 -13.21 6.39 -77.43
N THR E 1033 -14.28 6.16 -76.65
CA THR E 1033 -15.58 6.80 -76.95
C THR E 1033 -15.46 8.33 -76.96
N LEU E 1034 -14.81 8.90 -75.93
CA LEU E 1034 -14.73 10.36 -75.85
C LEU E 1034 -13.80 10.92 -76.90
N ARG E 1035 -12.68 10.26 -77.14
CA ARG E 1035 -11.82 10.72 -78.22
C ARG E 1035 -12.56 10.65 -79.55
N LYS E 1036 -13.30 9.57 -79.78
CA LYS E 1036 -14.05 9.50 -81.05
C LYS E 1036 -15.07 10.61 -81.16
N LEU E 1037 -15.68 10.99 -80.03
CA LEU E 1037 -16.76 11.97 -80.04
C LEU E 1037 -16.29 13.37 -80.45
N VAL E 1038 -15.05 13.75 -80.16
CA VAL E 1038 -14.59 15.12 -80.46
C VAL E 1038 -13.75 15.20 -81.73
N THR E 1039 -13.50 14.08 -82.41
CA THR E 1039 -12.61 14.06 -83.57
C THR E 1039 -13.33 13.73 -84.90
N MET F 1 25.94 30.06 -56.57
CA MET F 1 26.22 29.93 -57.98
C MET F 1 25.60 31.08 -58.70
N ASP F 2 26.08 32.22 -58.29
CA ASP F 2 25.51 33.50 -58.58
C ASP F 2 24.00 33.50 -58.37
N PHE F 3 23.64 33.26 -57.10
CA PHE F 3 22.29 33.63 -56.72
C PHE F 3 22.10 35.13 -56.79
N SER F 4 23.20 35.90 -56.88
CA SER F 4 23.12 37.36 -56.90
C SER F 4 23.10 37.94 -58.31
N ARG F 5 23.11 37.08 -59.32
CA ARG F 5 23.25 37.52 -60.71
C ARG F 5 22.32 38.69 -61.05
N PHE F 6 21.03 38.54 -60.75
CA PHE F 6 20.04 39.53 -61.13
C PHE F 6 20.29 40.86 -60.43
N PHE F 7 20.67 40.78 -59.15
CA PHE F 7 20.83 41.97 -58.30
C PHE F 7 22.08 42.76 -58.65
N ILE F 8 23.18 42.06 -58.93
CA ILE F 8 24.38 42.73 -59.42
C ILE F 8 24.10 43.46 -60.72
N ASP F 9 23.37 42.81 -61.65
CA ASP F 9 23.12 43.40 -62.96
C ASP F 9 22.05 44.51 -62.93
N ARG F 10 21.11 44.44 -61.99
CA ARG F 10 20.07 45.46 -61.86
C ARG F 10 20.13 46.02 -60.44
N PRO F 11 21.16 46.80 -60.12
CA PRO F 11 21.38 47.21 -58.72
C PRO F 11 20.22 47.98 -58.12
N ILE F 12 19.41 48.66 -58.95
CA ILE F 12 18.22 49.37 -58.46
C ILE F 12 17.34 48.42 -57.65
N PHE F 13 17.20 47.16 -58.11
CA PHE F 13 16.36 46.23 -57.39
C PHE F 13 16.92 45.93 -56.02
N ALA F 14 18.24 45.80 -55.94
CA ALA F 14 18.87 45.55 -54.64
C ALA F 14 18.62 46.72 -53.70
N ALA F 15 18.90 47.94 -54.18
CA ALA F 15 18.64 49.14 -53.40
C ALA F 15 17.18 49.18 -52.91
N VAL F 16 16.24 48.86 -53.81
CA VAL F 16 14.83 48.95 -53.45
C VAL F 16 14.47 47.90 -52.40
N LEU F 17 14.98 46.66 -52.55
CA LEU F 17 14.70 45.62 -51.56
C LEU F 17 15.26 45.98 -50.20
N SER F 18 16.47 46.50 -50.15
CA SER F 18 17.07 46.84 -48.88
C SER F 18 16.35 48.02 -48.23
N ILE F 19 15.97 49.01 -49.03
CA ILE F 19 15.21 50.14 -48.48
C ILE F 19 13.90 49.63 -47.88
N LEU F 20 13.22 48.72 -48.58
CA LEU F 20 11.99 48.12 -48.06
C LEU F 20 12.22 47.51 -46.70
N ILE F 21 13.27 46.69 -46.59
CA ILE F 21 13.62 46.04 -45.35
C ILE F 21 13.97 47.07 -44.28
N PHE F 22 14.66 48.12 -44.66
CA PHE F 22 15.03 49.16 -43.70
C PHE F 22 13.81 49.95 -43.22
N ILE F 23 12.92 50.34 -44.13
CA ILE F 23 11.85 51.18 -43.65
C ILE F 23 10.83 50.36 -42.85
N THR F 24 10.59 49.10 -43.23
CA THR F 24 9.67 48.32 -42.42
C THR F 24 10.20 48.11 -41.01
N GLY F 25 11.54 48.03 -40.86
CA GLY F 25 12.15 47.97 -39.54
C GLY F 25 11.98 49.26 -38.74
N LEU F 26 12.20 50.41 -39.40
CA LEU F 26 11.92 51.68 -38.78
C LEU F 26 10.47 51.79 -38.32
N ILE F 27 9.53 51.38 -39.18
CA ILE F 27 8.12 51.49 -38.81
C ILE F 27 7.84 50.63 -37.59
N ALA F 28 8.49 49.47 -37.50
CA ALA F 28 8.23 48.52 -36.45
C ALA F 28 8.73 49.02 -35.10
N ILE F 29 9.85 49.77 -35.09
CA ILE F 29 10.54 50.07 -33.83
C ILE F 29 9.63 50.73 -32.81
N PRO F 30 8.89 51.80 -33.13
CA PRO F 30 7.97 52.36 -32.12
C PRO F 30 6.75 51.49 -31.85
N LEU F 31 6.49 50.45 -32.63
CA LEU F 31 5.39 49.56 -32.32
C LEU F 31 5.75 48.52 -31.26
N LEU F 32 7.00 48.35 -30.98
CA LEU F 32 7.42 47.27 -30.09
C LEU F 32 7.13 47.63 -28.62
N PRO F 33 6.61 46.70 -27.84
CA PRO F 33 6.66 46.87 -26.38
C PRO F 33 8.10 46.95 -25.93
N VAL F 34 8.29 47.59 -24.78
CA VAL F 34 9.61 47.86 -24.22
C VAL F 34 9.54 47.53 -22.75
N SER F 35 10.39 46.62 -22.29
CA SER F 35 10.40 46.26 -20.87
C SER F 35 11.76 45.69 -20.51
N GLU F 36 12.06 45.58 -19.20
CA GLU F 36 13.36 45.01 -18.82
C GLU F 36 13.49 43.56 -19.28
N TYR F 37 12.46 42.77 -19.09
CA TYR F 37 12.50 41.35 -19.36
C TYR F 37 11.30 40.98 -20.19
N PRO F 38 11.34 39.80 -20.92
CA PRO F 38 10.12 39.25 -21.52
C PRO F 38 9.20 38.80 -20.39
N ASP F 39 8.02 38.27 -20.69
CA ASP F 39 7.10 37.85 -19.62
C ASP F 39 7.53 36.50 -19.06
N VAL F 40 8.24 36.50 -17.93
CA VAL F 40 8.73 35.26 -17.33
C VAL F 40 8.22 35.01 -15.90
N VAL F 41 7.44 35.90 -15.30
CA VAL F 41 6.91 35.66 -13.95
C VAL F 41 5.62 34.89 -14.10
N PRO F 42 5.47 33.71 -13.50
CA PRO F 42 4.20 32.97 -13.60
C PRO F 42 3.04 33.82 -13.11
N PRO F 43 1.86 33.67 -13.70
CA PRO F 43 0.75 34.56 -13.32
C PRO F 43 0.29 34.22 -11.92
N SER F 44 -0.10 35.24 -11.21
CA SER F 44 -0.67 34.95 -9.90
C SER F 44 -1.87 35.82 -9.66
N VAL F 45 -2.69 35.35 -8.74
CA VAL F 45 -3.91 36.02 -8.37
C VAL F 45 -3.94 36.09 -6.86
N GLN F 46 -4.33 37.24 -6.31
CA GLN F 46 -4.41 37.40 -4.86
C GLN F 46 -5.85 37.56 -4.41
N VAL F 47 -6.21 36.81 -3.39
CA VAL F 47 -7.51 36.90 -2.72
C VAL F 47 -7.26 37.53 -1.37
N ARG F 48 -8.02 38.61 -1.01
CA ARG F 48 -7.77 39.33 0.22
C ARG F 48 -9.08 39.40 0.99
N ALA F 49 -9.01 39.12 2.27
CA ALA F 49 -10.19 39.10 3.12
C ALA F 49 -9.75 39.65 4.47
N GLU F 50 -10.74 40.10 5.26
CA GLU F 50 -10.40 40.78 6.48
C GLU F 50 -11.43 40.42 7.54
N TYR F 51 -10.94 40.10 8.72
CA TYR F 51 -11.74 39.61 9.84
C TYR F 51 -11.22 40.39 11.05
N PRO F 52 -11.66 41.62 11.23
CA PRO F 52 -11.02 42.52 12.23
C PRO F 52 -11.04 41.89 13.61
N GLY F 53 -9.88 41.90 14.26
CA GLY F 53 -9.70 41.35 15.60
C GLY F 53 -9.52 39.86 15.68
N ALA F 54 -9.69 39.11 14.57
CA ALA F 54 -9.63 37.64 14.67
C ALA F 54 -8.15 37.19 14.77
N ASN F 55 -7.89 36.19 15.60
CA ASN F 55 -6.54 35.62 15.76
C ASN F 55 -6.13 35.00 14.43
N PRO F 56 -4.85 35.06 14.08
CA PRO F 56 -4.39 34.36 12.84
C PRO F 56 -4.87 32.93 12.77
N LYS F 57 -4.91 32.23 13.90
CA LYS F 57 -5.39 30.85 13.84
C LYS F 57 -6.84 30.76 13.41
N VAL F 58 -7.70 31.64 13.95
CA VAL F 58 -9.11 31.62 13.54
C VAL F 58 -9.24 31.98 12.06
N ILE F 59 -8.48 32.98 11.58
CA ILE F 59 -8.55 33.36 10.16
C ILE F 59 -8.08 32.21 9.28
N ALA F 60 -6.99 31.52 9.70
CA ALA F 60 -6.53 30.36 8.94
C ALA F 60 -7.58 29.25 8.92
N GLU F 61 -8.21 28.97 10.08
CA GLU F 61 -9.13 27.85 10.16
C GLU F 61 -10.50 28.12 9.48
N THR F 62 -11.04 29.35 9.57
CA THR F 62 -12.41 29.63 9.19
C THR F 62 -12.51 30.56 8.00
N VAL F 63 -11.39 31.08 7.49
CA VAL F 63 -11.38 31.94 6.30
C VAL F 63 -10.49 31.31 5.23
N ALA F 64 -9.21 31.10 5.57
CA ALA F 64 -8.30 30.57 4.56
C ALA F 64 -8.68 29.17 4.13
N THR F 65 -9.02 28.34 5.10
CA THR F 65 -9.35 26.94 4.78
C THR F 65 -10.56 26.81 3.83
N PRO F 66 -11.69 27.43 4.08
CA PRO F 66 -12.77 27.30 3.07
C PRO F 66 -12.45 27.98 1.75
N LEU F 67 -11.68 29.08 1.74
CA LEU F 67 -11.31 29.66 0.44
C LEU F 67 -10.44 28.67 -0.34
N GLU F 68 -9.49 28.03 0.34
CA GLU F 68 -8.60 27.08 -0.34
C GLU F 68 -9.35 25.84 -0.82
N GLU F 69 -10.29 25.35 0.01
CA GLU F 69 -11.13 24.23 -0.38
C GLU F 69 -11.87 24.56 -1.66
N ALA F 70 -12.31 25.81 -1.82
CA ALA F 70 -13.08 26.13 -3.02
C ALA F 70 -12.14 26.34 -4.21
N ILE F 71 -10.95 26.90 -3.96
CA ILE F 71 -10.05 27.23 -5.06
C ILE F 71 -9.37 25.97 -5.60
N ASN F 72 -9.09 25.02 -4.71
CA ASN F 72 -8.52 23.73 -5.07
C ASN F 72 -9.13 23.21 -6.37
N GLY F 73 -8.29 22.87 -7.30
CA GLY F 73 -8.80 22.32 -8.53
C GLY F 73 -8.89 23.29 -9.69
N VAL F 74 -8.68 24.60 -9.49
CA VAL F 74 -8.74 25.48 -10.67
C VAL F 74 -7.62 25.05 -11.62
N GLU F 75 -7.87 25.20 -12.92
CA GLU F 75 -6.91 24.68 -13.91
C GLU F 75 -5.61 25.43 -13.91
N ASN F 76 -4.52 24.70 -14.19
CA ASN F 76 -3.22 25.22 -14.41
C ASN F 76 -2.60 25.83 -13.14
N MET F 77 -3.16 25.55 -11.95
CA MET F 77 -2.53 26.09 -10.75
C MET F 77 -1.25 25.31 -10.47
N MET F 78 -0.17 26.03 -10.15
CA MET F 78 1.07 25.42 -9.67
C MET F 78 1.08 25.25 -8.16
N TYR F 79 0.71 26.30 -7.41
CA TYR F 79 0.66 26.17 -5.95
C TYR F 79 -0.16 27.34 -5.44
N MET F 80 -0.45 27.30 -4.15
CA MET F 80 -1.33 28.28 -3.53
C MET F 80 -0.88 28.49 -2.08
N LYS F 81 -0.73 29.71 -1.63
CA LYS F 81 -0.38 29.90 -0.22
C LYS F 81 -1.36 30.86 0.40
N SER F 82 -1.45 30.83 1.74
CA SER F 82 -2.33 31.72 2.53
C SER F 82 -1.55 32.24 3.73
N VAL F 83 -1.57 33.56 3.93
CA VAL F 83 -0.87 34.21 5.04
C VAL F 83 -1.90 34.99 5.82
N ALA F 84 -2.06 34.67 7.11
CA ALA F 84 -3.10 35.29 7.95
C ALA F 84 -2.42 35.97 9.12
N GLY F 85 -2.64 37.29 9.28
CA GLY F 85 -1.88 38.07 10.25
C GLY F 85 -2.76 38.62 11.35
N SER F 86 -2.08 39.10 12.40
CA SER F 86 -2.77 39.75 13.50
C SER F 86 -3.33 41.12 13.11
N ASP F 87 -3.10 41.58 11.88
CA ASP F 87 -3.83 42.76 11.45
C ASP F 87 -5.22 42.42 10.95
N GLY F 88 -5.64 41.16 11.10
CA GLY F 88 -6.94 40.77 10.67
C GLY F 88 -7.06 40.46 9.19
N VAL F 89 -5.95 40.44 8.44
CA VAL F 89 -5.98 40.35 6.99
C VAL F 89 -5.48 38.99 6.56
N LEU F 90 -6.23 38.34 5.69
CA LEU F 90 -5.78 37.16 4.99
C LEU F 90 -5.38 37.57 3.58
N VAL F 91 -4.21 37.11 3.13
CA VAL F 91 -3.81 37.18 1.72
C VAL F 91 -3.57 35.76 1.24
N THR F 92 -4.39 35.31 0.27
CA THR F 92 -4.20 34.01 -0.34
C THR F 92 -3.68 34.25 -1.76
N THR F 93 -2.51 33.69 -2.09
CA THR F 93 -1.90 33.90 -3.40
C THR F 93 -1.93 32.57 -4.17
N VAL F 94 -2.56 32.59 -5.36
CA VAL F 94 -2.71 31.44 -6.26
C VAL F 94 -1.80 31.68 -7.46
N THR F 95 -0.87 30.76 -7.68
CA THR F 95 0.13 30.92 -8.73
C THR F 95 -0.11 29.87 -9.82
N PHE F 96 0.03 30.30 -11.08
CA PHE F 96 -0.35 29.46 -12.21
C PHE F 96 0.88 29.19 -13.09
N ARG F 97 0.76 28.13 -13.89
CA ARG F 97 1.89 27.68 -14.71
C ARG F 97 2.23 28.74 -15.74
N PRO F 98 3.52 28.94 -16.04
CA PRO F 98 3.92 29.81 -17.14
C PRO F 98 3.10 29.50 -18.37
N GLY F 99 2.68 30.55 -19.05
CA GLY F 99 1.84 30.39 -20.24
C GLY F 99 0.35 30.47 -19.95
N THR F 100 -0.06 30.40 -18.69
CA THR F 100 -1.47 30.47 -18.38
C THR F 100 -1.95 31.87 -18.71
N ASP F 101 -3.14 31.99 -19.30
CA ASP F 101 -3.66 33.32 -19.50
C ASP F 101 -4.05 33.92 -18.14
N PRO F 102 -3.49 35.08 -17.74
CA PRO F 102 -3.77 35.59 -16.38
C PRO F 102 -5.18 36.08 -16.23
N ASP F 103 -5.87 36.42 -17.33
CA ASP F 103 -7.29 36.79 -17.22
C ASP F 103 -8.15 35.55 -17.01
N GLN F 104 -7.74 34.42 -17.58
CA GLN F 104 -8.45 33.17 -17.35
C GLN F 104 -8.22 32.68 -15.92
N ALA F 105 -6.98 32.80 -15.41
CA ALA F 105 -6.71 32.47 -14.01
C ALA F 105 -7.60 33.30 -13.08
N GLN F 106 -7.64 34.60 -13.33
CA GLN F 106 -8.38 35.51 -12.47
C GLN F 106 -9.85 35.13 -12.37
N VAL F 107 -10.48 34.85 -13.52
CA VAL F 107 -11.92 34.60 -13.52
C VAL F 107 -12.20 33.24 -12.90
N GLN F 108 -11.33 32.26 -13.14
CA GLN F 108 -11.53 30.97 -12.48
C GLN F 108 -11.44 31.13 -10.97
N VAL F 109 -10.46 31.88 -10.47
CA VAL F 109 -10.32 32.01 -8.99
C VAL F 109 -11.49 32.82 -8.43
N GLN F 110 -11.82 33.96 -9.10
CA GLN F 110 -12.94 34.76 -8.61
C GLN F 110 -14.24 33.95 -8.52
N ASN F 111 -14.49 33.00 -9.46
CA ASN F 111 -15.69 32.10 -9.36
C ASN F 111 -15.65 31.12 -8.17
N ARG F 112 -14.50 30.52 -7.87
CA ARG F 112 -14.44 29.68 -6.70
C ARG F 112 -14.62 30.51 -5.43
N VAL F 113 -14.06 31.71 -5.40
CA VAL F 113 -14.23 32.55 -4.20
C VAL F 113 -15.70 32.87 -4.00
N ALA F 114 -16.42 33.15 -5.09
CA ALA F 114 -17.87 33.39 -4.98
C ALA F 114 -18.58 32.18 -4.38
N GLN F 115 -18.16 30.97 -4.76
CA GLN F 115 -18.73 29.73 -4.19
C GLN F 115 -18.34 29.53 -2.73
N ALA F 116 -17.16 30.02 -2.32
CA ALA F 116 -16.73 29.91 -0.94
C ALA F 116 -17.44 30.92 -0.01
N GLU F 117 -17.99 32.01 -0.56
CA GLU F 117 -18.37 33.17 0.27
C GLU F 117 -19.40 32.81 1.34
N ALA F 118 -20.30 31.88 1.04
CA ALA F 118 -21.28 31.43 2.03
C ALA F 118 -20.65 30.66 3.20
N ARG F 119 -19.44 30.09 3.01
CA ARG F 119 -18.71 29.41 4.10
C ARG F 119 -18.06 30.40 5.07
N LEU F 120 -18.03 31.76 4.74
CA LEU F 120 -17.12 32.65 5.43
C LEU F 120 -17.80 33.28 6.66
N PRO F 121 -17.07 33.70 7.70
CA PRO F 121 -17.76 34.38 8.82
C PRO F 121 -18.50 35.62 8.37
N GLU F 122 -19.57 35.97 9.12
CA GLU F 122 -20.42 37.05 8.69
C GLU F 122 -19.62 38.34 8.56
N ASP F 123 -18.73 38.62 9.54
CA ASP F 123 -18.00 39.89 9.49
C ASP F 123 -17.07 39.95 8.28
N VAL F 124 -16.58 38.81 7.85
CA VAL F 124 -15.71 38.80 6.66
C VAL F 124 -16.53 39.09 5.40
N ARG F 125 -17.73 38.53 5.33
CA ARG F 125 -18.58 38.80 4.16
C ARG F 125 -19.02 40.24 4.10
N ARG F 126 -19.30 40.84 5.29
CA ARG F 126 -19.77 42.22 5.32
C ARG F 126 -18.72 43.17 4.80
N LEU F 127 -17.43 42.91 5.13
CA LEU F 127 -16.36 43.74 4.62
C LEU F 127 -16.14 43.50 3.14
N GLY F 128 -16.28 42.28 2.70
CA GLY F 128 -16.13 41.98 1.29
C GLY F 128 -14.76 41.40 0.97
N ILE F 129 -14.72 40.48 0.02
CA ILE F 129 -13.43 39.86 -0.36
C ILE F 129 -13.06 40.37 -1.74
N THR F 130 -11.75 40.47 -2.03
CA THR F 130 -11.34 40.87 -3.35
C THR F 130 -10.47 39.78 -4.00
N THR F 131 -10.55 39.68 -5.31
CA THR F 131 -9.75 38.76 -6.12
C THR F 131 -9.11 39.60 -7.19
N GLN F 132 -7.77 39.60 -7.26
CA GLN F 132 -7.09 40.53 -8.15
C GLN F 132 -5.88 39.86 -8.81
N LYS F 133 -5.89 39.85 -10.13
CA LYS F 133 -4.72 39.47 -10.93
C LYS F 133 -3.53 40.33 -10.56
N GLN F 134 -2.39 39.73 -10.30
CA GLN F 134 -1.24 40.56 -9.99
C GLN F 134 -0.47 40.93 -11.27
N SER F 135 0.02 42.17 -11.33
CA SER F 135 0.77 42.66 -12.48
C SER F 135 2.23 42.61 -12.08
N PRO F 136 3.04 41.73 -12.65
CA PRO F 136 4.36 41.49 -12.08
C PRO F 136 5.37 42.62 -12.37
N THR F 137 5.11 43.49 -13.33
CA THR F 137 6.19 44.32 -13.87
C THR F 137 6.13 45.74 -13.33
N LEU F 138 7.05 46.04 -12.42
CA LEU F 138 7.16 47.36 -11.84
C LEU F 138 7.75 48.36 -12.83
N THR F 139 7.17 49.54 -12.90
CA THR F 139 7.66 50.58 -13.78
C THR F 139 8.28 51.73 -13.04
N LEU F 140 7.70 52.14 -11.90
CA LEU F 140 8.19 53.31 -11.20
C LEU F 140 7.62 53.30 -9.77
N VAL F 141 8.43 53.68 -8.81
CA VAL F 141 7.97 53.94 -7.44
C VAL F 141 7.93 55.44 -7.22
N VAL F 142 6.80 55.94 -6.72
CA VAL F 142 6.62 57.36 -6.46
C VAL F 142 6.15 57.48 -5.02
N HIS F 143 6.70 58.45 -4.29
CA HIS F 143 6.35 58.69 -2.89
C HIS F 143 5.78 60.10 -2.77
N LEU F 144 4.75 60.28 -1.93
CA LEU F 144 4.50 61.61 -1.37
C LEU F 144 5.16 61.67 0.00
N PHE F 145 5.71 62.84 0.34
CA PHE F 145 6.22 63.00 1.69
C PHE F 145 6.06 64.45 2.14
N SER F 146 6.24 64.63 3.46
CA SER F 146 6.11 65.92 4.13
C SER F 146 7.47 66.32 4.71
N PRO F 147 8.22 67.19 4.03
CA PRO F 147 9.58 67.56 4.51
C PRO F 147 9.58 68.16 5.92
N ASN F 148 8.61 69.01 6.23
CA ASN F 148 8.54 69.68 7.53
C ASN F 148 7.54 69.06 8.49
N GLY F 149 6.87 67.98 8.13
CA GLY F 149 5.98 67.34 9.09
C GLY F 149 4.58 67.93 9.20
N LYS F 150 4.16 68.84 8.32
CA LYS F 150 2.78 69.32 8.39
C LYS F 150 1.76 68.20 8.13
N TYR F 151 2.11 67.19 7.34
CA TYR F 151 1.16 66.16 6.94
C TYR F 151 1.71 64.82 7.34
N ASP F 152 0.85 63.92 7.81
CA ASP F 152 1.34 62.62 8.21
C ASP F 152 0.93 61.61 7.16
N SER F 153 1.30 60.33 7.39
CA SER F 153 1.04 59.36 6.34
C SER F 153 -0.43 59.18 6.10
N LEU F 154 -1.25 59.34 7.15
CA LEU F 154 -2.68 59.16 6.92
C LEU F 154 -3.20 60.20 5.93
N TYR F 155 -2.83 61.45 6.14
CA TYR F 155 -3.27 62.49 5.21
C TYR F 155 -2.77 62.21 3.79
N MET F 156 -1.50 61.87 3.67
CA MET F 156 -0.92 61.73 2.33
C MET F 156 -1.43 60.50 1.61
N ARG F 157 -1.64 59.41 2.34
CA ARG F 157 -2.19 58.26 1.64
C ARG F 157 -3.56 58.56 1.05
N ASN F 158 -4.41 59.25 1.81
CA ASN F 158 -5.75 59.50 1.33
C ASN F 158 -5.73 60.61 0.30
N TYR F 159 -4.75 61.50 0.38
CA TYR F 159 -4.56 62.48 -0.70
C TYR F 159 -4.24 61.74 -2.00
N ALA F 160 -3.38 60.73 -1.92
CA ALA F 160 -3.04 59.92 -3.11
C ALA F 160 -4.27 59.21 -3.66
N THR F 161 -5.07 58.60 -2.78
CA THR F 161 -6.28 57.92 -3.18
C THR F 161 -7.26 58.87 -3.87
N LEU F 162 -7.40 60.08 -3.35
CA LEU F 162 -8.47 61.00 -3.85
C LEU F 162 -8.05 61.84 -5.05
N LYS F 163 -6.76 62.08 -5.21
CA LYS F 163 -6.23 63.05 -6.16
C LYS F 163 -5.18 62.50 -7.12
N VAL F 164 -4.49 61.43 -6.79
CA VAL F 164 -3.33 60.98 -7.58
C VAL F 164 -3.63 59.69 -8.29
N LYS F 165 -4.08 58.69 -7.55
CA LYS F 165 -4.16 57.33 -8.05
C LYS F 165 -4.98 57.20 -9.33
N ASP F 166 -6.17 57.80 -9.32
CA ASP F 166 -7.07 57.69 -10.46
C ASP F 166 -6.52 58.42 -11.66
N GLU F 167 -5.77 59.52 -11.47
CA GLU F 167 -5.19 60.20 -12.61
C GLU F 167 -4.03 59.38 -13.17
N LEU F 168 -3.28 58.69 -12.32
CA LEU F 168 -2.19 57.86 -12.86
C LEU F 168 -2.76 56.65 -13.57
N ALA F 169 -3.84 56.10 -13.06
CA ALA F 169 -4.41 54.88 -13.59
C ALA F 169 -4.96 55.07 -15.00
N ARG F 170 -5.14 56.33 -15.42
CA ARG F 170 -5.62 56.69 -16.74
C ARG F 170 -4.51 56.67 -17.77
N LEU F 171 -3.25 56.78 -17.37
CA LEU F 171 -2.19 56.90 -18.36
C LEU F 171 -2.12 55.63 -19.20
N PRO F 172 -1.85 55.74 -20.49
CA PRO F 172 -1.77 54.53 -21.31
C PRO F 172 -0.64 53.62 -20.82
N GLY F 173 -0.92 52.32 -20.71
CA GLY F 173 0.12 51.34 -20.36
C GLY F 173 0.16 50.86 -18.91
N VAL F 174 -0.71 51.37 -18.03
CA VAL F 174 -0.71 50.99 -16.62
C VAL F 174 -1.42 49.65 -16.45
N GLY F 175 -0.84 48.75 -15.68
CA GLY F 175 -1.55 47.53 -15.33
C GLY F 175 -2.13 47.53 -13.91
N GLN F 176 -1.50 48.23 -12.97
CA GLN F 176 -1.89 48.19 -11.56
C GLN F 176 -1.20 49.35 -10.84
N ILE F 177 -1.91 49.95 -9.88
CA ILE F 177 -1.30 50.93 -9.00
C ILE F 177 -1.48 50.44 -7.58
N GLN F 178 -0.39 50.26 -6.85
CA GLN F 178 -0.49 49.82 -5.46
C GLN F 178 -0.04 50.94 -4.53
N ILE F 179 -0.75 51.12 -3.40
CA ILE F 179 -0.43 52.17 -2.44
C ILE F 179 0.01 51.50 -1.14
N PHE F 180 1.10 51.97 -0.57
CA PHE F 180 1.70 51.34 0.60
C PHE F 180 1.85 52.36 1.70
N GLY F 181 1.16 52.13 2.82
CA GLY F 181 1.36 52.96 4.00
C GLY F 181 0.05 53.47 4.59
N SER F 182 -0.05 53.51 5.91
CA SER F 182 -1.26 53.99 6.60
C SER F 182 -2.48 53.23 6.09
N GLY F 183 -3.66 53.83 6.08
CA GLY F 183 -4.87 53.11 5.70
C GLY F 183 -5.84 54.14 5.18
N GLU F 184 -6.90 53.65 4.53
CA GLU F 184 -8.06 54.48 4.17
C GLU F 184 -8.60 55.16 5.42
N TYR F 185 -9.10 56.37 5.24
CA TYR F 185 -9.80 57.04 6.34
C TYR F 185 -10.90 56.13 6.82
N ALA F 186 -11.22 56.23 8.12
CA ALA F 186 -12.37 55.54 8.66
C ALA F 186 -12.90 56.42 9.81
N MET F 187 -14.23 56.53 9.93
CA MET F 187 -14.79 57.16 11.16
C MET F 187 -14.54 56.20 12.32
N ARG F 188 -13.69 56.60 13.29
CA ARG F 188 -13.34 55.76 14.43
C ARG F 188 -14.13 56.22 15.65
N VAL F 189 -14.89 55.29 16.21
CA VAL F 189 -15.61 55.51 17.50
C VAL F 189 -14.82 54.73 18.53
N TRP F 190 -14.12 55.45 19.43
CA TRP F 190 -13.26 54.82 20.44
C TRP F 190 -14.06 54.80 21.77
N LEU F 191 -14.61 53.64 22.10
CA LEU F 191 -15.50 53.48 23.25
C LEU F 191 -14.71 53.44 24.55
N ASP F 192 -15.30 54.01 25.59
CA ASP F 192 -14.80 53.74 26.93
C ASP F 192 -15.70 52.70 27.56
N PRO F 193 -15.25 51.47 27.65
CA PRO F 193 -16.11 50.37 28.10
C PRO F 193 -16.73 50.71 29.45
N ASN F 194 -16.00 51.41 30.30
CA ASN F 194 -16.54 51.72 31.62
C ASN F 194 -17.72 52.65 31.52
N LYS F 195 -17.63 53.68 30.67
CA LYS F 195 -18.74 54.62 30.53
C LYS F 195 -19.96 54.00 29.85
N VAL F 196 -19.74 53.10 28.87
CA VAL F 196 -20.82 52.40 28.17
C VAL F 196 -21.58 51.53 29.15
N ALA F 197 -20.83 50.73 29.90
CA ALA F 197 -21.42 49.79 30.87
C ALA F 197 -22.14 50.55 31.99
N ALA F 198 -21.59 51.70 32.38
CA ALA F 198 -22.21 52.49 33.48
C ALA F 198 -23.57 53.05 33.06
N ARG F 199 -23.78 53.25 31.74
CA ARG F 199 -25.08 53.65 31.26
C ARG F 199 -25.93 52.45 31.00
N GLY F 200 -25.53 51.27 31.45
CA GLY F 200 -26.40 50.13 31.26
C GLY F 200 -26.37 49.65 29.78
N LEU F 201 -25.30 49.91 29.05
CA LEU F 201 -25.28 49.58 27.63
C LEU F 201 -24.21 48.54 27.35
N THR F 202 -24.47 47.68 26.37
CA THR F 202 -23.47 46.74 25.86
C THR F 202 -22.84 47.28 24.59
N ALA F 203 -21.71 46.66 24.20
CA ALA F 203 -21.14 46.98 22.90
C ALA F 203 -22.17 46.77 21.78
N SER F 204 -22.97 45.70 21.86
CA SER F 204 -23.92 45.45 20.78
C SER F 204 -25.04 46.51 20.71
N ASP F 205 -25.44 47.09 21.86
CA ASP F 205 -26.39 48.19 21.80
C ASP F 205 -25.82 49.36 21.01
N VAL F 206 -24.54 49.65 21.23
CA VAL F 206 -23.95 50.82 20.62
C VAL F 206 -23.86 50.59 19.10
N VAL F 207 -23.48 49.39 18.71
CA VAL F 207 -23.37 49.08 17.24
C VAL F 207 -24.75 49.14 16.59
N THR F 208 -25.77 48.52 17.23
CA THR F 208 -27.14 48.63 16.69
C THR F 208 -27.59 50.07 16.54
N ALA F 209 -27.30 50.91 17.55
CA ALA F 209 -27.75 52.30 17.49
C ALA F 209 -27.04 53.07 16.37
N MET F 210 -25.75 52.82 16.18
CA MET F 210 -25.01 53.43 15.07
C MET F 210 -25.51 52.94 13.70
N GLN F 211 -25.93 51.67 13.60
CA GLN F 211 -26.48 51.20 12.32
C GLN F 211 -27.90 51.74 12.06
N GLU F 212 -28.71 51.95 13.11
CA GLU F 212 -30.02 52.58 12.96
C GLU F 212 -29.87 54.02 12.51
N GLN F 213 -28.86 54.71 13.00
CA GLN F 213 -28.90 56.17 12.89
C GLN F 213 -27.97 56.74 11.84
N ASN F 214 -27.20 55.89 11.16
CA ASN F 214 -26.38 56.33 10.01
C ASN F 214 -26.75 55.36 8.87
N VAL F 215 -27.81 55.65 8.13
CA VAL F 215 -28.35 54.62 7.22
C VAL F 215 -28.90 55.33 6.00
N GLN F 216 -28.78 54.70 4.84
CA GLN F 216 -29.39 55.29 3.66
C GLN F 216 -30.91 55.18 3.76
N VAL F 217 -31.61 56.20 3.29
CA VAL F 217 -33.07 56.24 3.34
C VAL F 217 -33.73 56.32 1.96
N SER F 218 -34.82 55.59 1.79
CA SER F 218 -35.66 55.68 0.58
C SER F 218 -36.92 56.45 0.99
N ALA F 219 -37.11 57.65 0.44
CA ALA F 219 -38.16 58.49 1.02
C ALA F 219 -39.39 58.63 0.14
N GLY F 220 -39.36 58.06 -1.04
CA GLY F 220 -40.53 57.97 -1.90
C GLY F 220 -40.87 59.24 -2.68
N GLN F 221 -42.14 59.31 -3.10
CA GLN F 221 -42.56 60.44 -3.94
C GLN F 221 -44.05 60.68 -3.74
N LEU F 222 -44.49 61.86 -4.11
CA LEU F 222 -45.92 62.18 -4.19
C LEU F 222 -46.36 62.20 -5.64
N GLY F 223 -47.61 61.78 -5.89
CA GLY F 223 -48.22 61.89 -7.19
C GLY F 223 -47.85 60.81 -8.18
N ALA F 224 -47.21 59.71 -7.74
CA ALA F 224 -46.97 58.59 -8.62
C ALA F 224 -48.25 57.73 -8.75
N GLU F 225 -48.26 56.89 -9.77
CA GLU F 225 -49.38 56.00 -10.01
C GLU F 225 -49.50 54.98 -8.86
N PRO F 226 -50.67 54.33 -8.72
CA PRO F 226 -51.89 54.48 -9.50
C PRO F 226 -52.85 55.45 -8.86
N LEU F 227 -53.48 56.25 -9.72
CA LEU F 227 -54.41 57.27 -9.29
C LEU F 227 -55.66 57.18 -10.13
N PRO F 228 -56.84 57.37 -9.55
CA PRO F 228 -58.07 57.40 -10.37
C PRO F 228 -58.07 58.50 -11.42
N GLN F 229 -57.38 59.60 -11.22
CA GLN F 229 -57.28 60.66 -12.21
C GLN F 229 -55.82 60.97 -12.45
N GLU F 230 -55.54 61.62 -13.58
CA GLU F 230 -54.14 61.88 -13.94
C GLU F 230 -53.52 62.90 -12.99
N SER F 231 -52.42 62.52 -12.36
CA SER F 231 -51.58 63.49 -11.68
C SER F 231 -51.03 64.51 -12.67
N ASP F 232 -50.86 65.75 -12.23
CA ASP F 232 -50.12 66.74 -12.98
C ASP F 232 -48.63 66.79 -12.59
N PHE F 233 -48.29 66.28 -11.42
CA PHE F 233 -46.91 66.44 -10.94
C PHE F 233 -46.43 65.15 -10.32
N LEU F 234 -45.12 64.95 -10.39
CA LEU F 234 -44.42 63.89 -9.67
C LEU F 234 -43.36 64.56 -8.79
N ILE F 235 -43.46 64.42 -7.46
CA ILE F 235 -42.58 65.13 -6.53
C ILE F 235 -41.79 64.09 -5.72
N SER F 236 -40.49 63.97 -6.01
CA SER F 236 -39.58 63.17 -5.19
C SER F 236 -39.39 63.80 -3.81
N ILE F 237 -39.24 62.93 -2.80
CA ILE F 237 -39.04 63.37 -1.42
C ILE F 237 -37.60 63.07 -1.03
N ASN F 238 -37.05 63.91 -0.17
CA ASN F 238 -35.73 63.78 0.44
C ASN F 238 -35.87 63.61 1.94
N ALA F 239 -35.11 62.66 2.53
CA ALA F 239 -34.92 62.68 3.98
C ALA F 239 -33.51 62.19 4.34
N GLN F 240 -32.83 62.87 5.25
CA GLN F 240 -31.41 62.58 5.45
C GLN F 240 -31.28 61.46 6.47
N GLY F 241 -30.72 60.32 6.04
CA GLY F 241 -30.48 59.23 6.98
C GLY F 241 -29.00 59.13 7.35
N ARG F 242 -28.08 59.50 6.45
CA ARG F 242 -26.66 59.26 6.69
C ARG F 242 -26.03 60.46 7.39
N LEU F 243 -24.99 60.19 8.16
CA LEU F 243 -24.22 61.17 8.90
C LEU F 243 -22.85 61.38 8.24
N HIS F 244 -22.32 62.61 8.37
CA HIS F 244 -21.09 63.02 7.70
C HIS F 244 -19.98 63.48 8.63
N THR F 245 -20.29 64.07 9.79
CA THR F 245 -19.22 64.69 10.56
C THR F 245 -19.00 63.96 11.88
N GLU F 246 -17.83 64.17 12.46
CA GLU F 246 -17.55 63.65 13.79
C GLU F 246 -18.63 64.09 14.78
N GLU F 247 -19.04 65.36 14.71
CA GLU F 247 -20.08 65.86 15.65
C GLU F 247 -21.41 65.12 15.48
N GLU F 248 -21.80 64.85 14.23
CA GLU F 248 -23.05 64.11 13.99
C GLU F 248 -22.96 62.70 14.54
N PHE F 249 -21.83 62.01 14.33
CA PHE F 249 -21.72 60.68 14.92
C PHE F 249 -21.75 60.77 16.44
N GLY F 250 -21.16 61.81 16.99
CA GLY F 250 -21.15 61.98 18.45
C GLY F 250 -22.52 62.25 19.00
N ASN F 251 -23.41 62.80 18.17
CA ASN F 251 -24.77 63.13 18.60
C ASN F 251 -25.71 61.95 18.44
N ILE F 252 -25.23 60.79 17.99
CA ILE F 252 -26.09 59.60 17.98
C ILE F 252 -26.68 59.32 19.39
N ILE F 253 -27.93 58.83 19.42
CA ILE F 253 -28.66 58.60 20.68
C ILE F 253 -28.56 57.12 21.02
N LEU F 254 -27.94 56.81 22.16
CA LEU F 254 -27.83 55.40 22.51
C LEU F 254 -29.00 54.87 23.29
N LYS F 255 -29.69 55.72 24.05
CA LYS F 255 -30.79 55.28 24.88
C LYS F 255 -31.36 56.54 25.51
N THR F 256 -32.51 56.39 26.08
CA THR F 256 -33.02 57.45 26.95
C THR F 256 -32.80 57.01 28.39
N ALA F 257 -32.22 57.88 29.20
CA ALA F 257 -31.95 57.54 30.60
C ALA F 257 -33.24 57.62 31.43
N GLN F 258 -33.16 57.21 32.70
CA GLN F 258 -34.43 57.16 33.49
C GLN F 258 -35.06 58.52 33.67
N ASP F 259 -34.27 59.58 33.66
CA ASP F 259 -34.84 60.91 33.75
C ASP F 259 -35.30 61.44 32.40
N GLY F 260 -35.40 60.60 31.37
CA GLY F 260 -35.87 61.05 30.07
C GLY F 260 -34.80 61.65 29.18
N SER F 261 -33.60 61.90 29.70
CA SER F 261 -32.60 62.60 28.91
C SER F 261 -31.95 61.60 27.93
N LEU F 262 -31.38 62.15 26.88
CA LEU F 262 -30.76 61.31 25.82
C LEU F 262 -29.28 61.06 26.08
N VAL F 263 -28.87 59.78 26.12
CA VAL F 263 -27.46 59.42 26.25
C VAL F 263 -26.84 59.45 24.86
N ARG F 264 -25.85 60.33 24.66
CA ARG F 264 -25.21 60.53 23.35
C ARG F 264 -23.97 59.67 23.20
N LEU F 265 -23.64 59.31 21.94
CA LEU F 265 -22.45 58.52 21.75
C LEU F 265 -21.23 59.27 22.27
N ARG F 266 -21.15 60.58 22.05
CA ARG F 266 -19.97 61.32 22.53
C ARG F 266 -19.83 61.30 24.07
N ASP F 267 -20.89 60.96 24.82
CA ASP F 267 -20.80 60.79 26.29
C ASP F 267 -20.04 59.53 26.70
N VAL F 268 -19.79 58.57 25.76
CA VAL F 268 -19.16 57.29 26.13
C VAL F 268 -18.00 56.96 25.19
N ALA F 269 -17.65 57.89 24.29
CA ALA F 269 -16.63 57.56 23.26
C ALA F 269 -15.98 58.83 22.80
N ARG F 270 -14.80 58.65 22.25
CA ARG F 270 -14.05 59.63 21.50
C ARG F 270 -14.24 59.27 20.02
N ILE F 271 -14.53 60.27 19.19
CA ILE F 271 -14.90 60.04 17.80
C ILE F 271 -13.97 60.85 16.92
N GLU F 272 -13.37 60.21 15.92
CA GLU F 272 -12.44 60.95 15.07
C GLU F 272 -12.36 60.26 13.71
N MET F 273 -12.29 61.10 12.69
CA MET F 273 -11.97 60.59 11.36
C MET F 273 -10.50 60.18 11.40
N GLY F 274 -10.23 58.87 11.56
CA GLY F 274 -8.89 58.34 11.65
C GLY F 274 -8.53 57.34 10.56
N SER F 275 -7.73 56.35 10.92
CA SER F 275 -7.27 55.38 9.94
C SER F 275 -8.07 54.11 10.05
N GLY F 276 -8.34 53.49 8.89
CA GLY F 276 -8.84 52.12 8.83
C GLY F 276 -7.80 51.05 9.16
N SER F 277 -6.52 51.42 9.24
CA SER F 277 -5.52 50.40 9.54
C SER F 277 -4.26 51.07 10.08
N TYR F 278 -3.73 50.53 11.17
CA TYR F 278 -2.50 51.02 11.78
C TYR F 278 -1.37 50.02 11.57
N ALA F 279 -1.59 49.00 10.74
CA ALA F 279 -0.66 47.90 10.60
C ALA F 279 0.64 48.27 9.88
N LEU F 280 0.66 49.32 9.04
CA LEU F 280 1.79 49.52 8.15
C LEU F 280 2.14 50.98 8.11
N ARG F 281 3.41 51.29 8.30
CA ARG F 281 3.84 52.70 8.27
C ARG F 281 4.72 52.90 7.04
N SER F 282 4.92 54.16 6.66
CA SER F 282 5.69 54.51 5.46
C SER F 282 6.56 55.71 5.80
N GLN F 283 7.88 55.60 5.60
CA GLN F 283 8.73 56.78 5.65
C GLN F 283 9.66 56.85 4.44
N LEU F 284 10.08 58.07 4.13
CA LEU F 284 11.08 58.31 3.09
C LEU F 284 12.17 59.15 3.73
N ASN F 285 13.38 58.59 3.86
CA ASN F 285 14.48 59.28 4.56
C ASN F 285 14.00 59.82 5.91
N ASN F 286 13.26 58.97 6.63
CA ASN F 286 12.78 59.24 7.99
C ASN F 286 11.75 60.35 8.10
N LYS F 287 11.18 60.81 6.97
CA LYS F 287 9.98 61.65 6.98
C LYS F 287 8.75 60.80 6.69
N ASP F 288 7.60 61.20 7.22
CA ASP F 288 6.37 60.51 6.89
C ASP F 288 6.13 60.52 5.39
N ALA F 289 5.58 59.42 4.91
CA ALA F 289 5.39 59.33 3.46
C ALA F 289 4.23 58.40 3.15
N VAL F 290 3.92 58.32 1.85
CA VAL F 290 3.22 57.15 1.34
C VAL F 290 3.87 56.70 0.01
N GLY F 291 3.96 55.40 -0.18
CA GLY F 291 4.56 54.86 -1.41
C GLY F 291 3.54 54.41 -2.44
N ILE F 292 3.88 54.59 -3.71
CA ILE F 292 2.99 54.28 -4.80
C ILE F 292 3.79 53.49 -5.84
N GLY F 293 3.43 52.23 -6.05
CA GLY F 293 4.03 51.42 -7.11
C GLY F 293 3.16 51.48 -8.35
N ILE F 294 3.79 51.82 -9.48
CA ILE F 294 3.12 51.86 -10.79
C ILE F 294 3.65 50.69 -11.59
N PHE F 295 2.73 49.81 -12.01
CA PHE F 295 3.07 48.60 -12.74
C PHE F 295 2.46 48.69 -14.13
N GLN F 296 3.24 48.30 -15.14
CA GLN F 296 2.79 48.37 -16.52
C GLN F 296 2.00 47.12 -16.90
N SER F 297 1.18 47.27 -17.90
CA SER F 297 0.57 46.12 -18.52
C SER F 297 1.55 45.49 -19.51
N PRO F 298 1.43 44.19 -19.79
CA PRO F 298 2.27 43.59 -20.83
C PRO F 298 1.81 44.14 -22.15
N GLY F 299 2.76 44.68 -22.92
CA GLY F 299 2.48 45.42 -24.14
C GLY F 299 2.86 46.87 -24.07
N ALA F 300 3.14 47.41 -22.90
CA ALA F 300 3.46 48.82 -22.83
C ALA F 300 4.92 49.07 -23.15
N ASN F 301 5.22 50.36 -23.42
CA ASN F 301 6.56 50.92 -23.40
C ASN F 301 6.86 51.44 -21.99
N ALA F 302 7.70 50.71 -21.27
CA ALA F 302 8.07 51.10 -19.92
C ALA F 302 8.74 52.47 -19.86
N ILE F 303 9.57 52.80 -20.84
CA ILE F 303 10.23 54.09 -20.78
C ILE F 303 9.22 55.21 -20.96
N ASP F 304 8.27 55.03 -21.88
CA ASP F 304 7.24 56.03 -22.07
C ASP F 304 6.38 56.17 -20.82
N LEU F 305 5.96 55.05 -20.22
CA LEU F 305 5.11 55.13 -19.01
C LEU F 305 5.85 55.85 -17.90
N SER F 306 7.11 55.49 -17.68
CA SER F 306 7.88 56.18 -16.65
C SER F 306 7.90 57.69 -16.92
N ASN F 307 8.08 58.09 -18.18
CA ASN F 307 8.05 59.52 -18.51
C ASN F 307 6.66 60.12 -18.27
N ALA F 308 5.61 59.42 -18.69
CA ALA F 308 4.26 59.95 -18.56
C ALA F 308 3.85 60.09 -17.10
N VAL F 309 4.41 59.25 -16.22
CA VAL F 309 4.10 59.31 -14.81
C VAL F 309 4.83 60.49 -14.20
N ARG F 310 6.09 60.67 -14.57
CA ARG F 310 6.81 61.80 -14.01
C ARG F 310 6.19 63.12 -14.45
N ALA F 311 5.54 63.12 -15.61
CA ALA F 311 4.93 64.34 -16.11
C ALA F 311 3.58 64.59 -15.43
N LYS F 312 2.75 63.55 -15.32
CA LYS F 312 1.49 63.67 -14.59
C LYS F 312 1.73 64.05 -13.12
N MET F 313 2.76 63.45 -12.49
CA MET F 313 3.13 63.80 -11.11
C MET F 313 3.56 65.26 -11.01
N ALA F 314 4.24 65.79 -12.03
CA ALA F 314 4.70 67.18 -11.94
C ALA F 314 3.54 68.15 -12.04
N GLU F 315 2.50 67.76 -12.76
CA GLU F 315 1.33 68.59 -12.92
C GLU F 315 0.43 68.52 -11.69
N LEU F 316 0.09 67.30 -11.24
CA LEU F 316 -0.56 67.13 -9.94
C LEU F 316 0.17 67.92 -8.87
N ALA F 317 1.50 67.97 -8.94
CA ALA F 317 2.24 68.61 -7.87
C ALA F 317 1.98 70.12 -7.86
N THR F 318 1.47 70.68 -8.95
CA THR F 318 1.22 72.11 -8.92
C THR F 318 0.00 72.45 -8.07
N ARG F 319 -0.85 71.46 -7.75
CA ARG F 319 -1.95 71.64 -6.81
C ARG F 319 -1.68 71.01 -5.45
N PHE F 320 -0.47 70.52 -5.18
CA PHE F 320 -0.19 70.02 -3.84
C PHE F 320 -0.34 71.17 -2.85
N PRO F 321 -0.78 70.90 -1.62
CA PRO F 321 -0.63 71.90 -0.55
C PRO F 321 0.84 72.09 -0.19
N GLU F 322 1.11 73.21 0.49
CA GLU F 322 2.49 73.51 0.88
C GLU F 322 2.98 72.48 1.88
N ASP F 323 4.25 72.07 1.74
CA ASP F 323 4.89 71.06 2.59
C ASP F 323 4.31 69.65 2.36
N MET F 324 3.80 69.39 1.17
CA MET F 324 3.71 68.04 0.65
C MET F 324 4.47 68.00 -0.68
N GLN F 325 5.34 67.01 -0.84
CA GLN F 325 6.14 66.87 -2.05
C GLN F 325 6.14 65.43 -2.55
N TRP F 326 6.68 65.25 -3.77
CA TRP F 326 6.76 63.92 -4.38
C TRP F 326 8.19 63.66 -4.80
N ALA F 327 8.61 62.39 -4.66
CA ALA F 327 9.88 61.88 -5.17
C ALA F 327 9.63 60.60 -5.98
N ALA F 328 10.65 60.16 -6.74
CA ALA F 328 10.58 58.88 -7.45
C ALA F 328 11.79 58.07 -7.04
N PRO F 329 11.76 57.43 -5.87
CA PRO F 329 12.99 56.83 -5.35
C PRO F 329 13.45 55.58 -6.09
N TYR F 330 12.67 55.04 -7.03
CA TYR F 330 13.10 53.84 -7.74
C TYR F 330 12.52 53.80 -9.15
N ASP F 331 13.40 53.63 -10.13
CA ASP F 331 12.98 53.70 -11.54
C ASP F 331 13.71 52.61 -12.28
N PRO F 332 13.16 51.38 -12.31
CA PRO F 332 13.87 50.28 -13.00
C PRO F 332 13.80 50.32 -14.51
N THR F 333 13.13 51.32 -15.12
CA THR F 333 13.22 51.40 -16.57
C THR F 333 14.62 51.82 -17.05
N VAL F 334 15.54 52.14 -16.12
CA VAL F 334 16.91 52.47 -16.47
C VAL F 334 17.62 51.29 -17.13
N PHE F 335 17.27 50.05 -16.75
CA PHE F 335 17.96 48.88 -17.28
C PHE F 335 17.69 48.70 -18.78
N VAL F 336 16.41 48.74 -19.20
CA VAL F 336 16.17 48.60 -20.64
C VAL F 336 16.64 49.84 -21.37
N ARG F 337 16.56 51.00 -20.74
CA ARG F 337 17.07 52.23 -21.35
C ARG F 337 18.57 52.12 -21.64
N ASP F 338 19.35 51.65 -20.67
CA ASP F 338 20.78 51.51 -20.90
C ASP F 338 21.06 50.45 -21.94
N SER F 339 20.28 49.36 -21.89
CA SER F 339 20.35 48.35 -22.94
C SER F 339 20.14 48.95 -24.33
N ILE F 340 19.11 49.78 -24.52
CA ILE F 340 18.91 50.40 -25.83
C ILE F 340 20.12 51.25 -26.20
N ARG F 341 20.65 52.02 -25.26
CA ARG F 341 21.81 52.82 -25.58
C ARG F 341 23.03 51.94 -25.91
N ALA F 342 23.14 50.77 -25.30
CA ALA F 342 24.22 49.85 -25.64
C ALA F 342 24.09 49.32 -27.05
N VAL F 343 22.87 49.04 -27.51
CA VAL F 343 22.71 48.60 -28.88
C VAL F 343 23.21 49.66 -29.83
N VAL F 344 22.77 50.91 -29.62
CA VAL F 344 23.13 52.00 -30.52
C VAL F 344 24.64 52.21 -30.52
N GLN F 345 25.24 52.25 -29.33
CA GLN F 345 26.66 52.50 -29.21
C GLN F 345 27.49 51.38 -29.85
N THR F 346 27.09 50.12 -29.64
CA THR F 346 27.84 48.99 -30.18
C THR F 346 27.71 48.92 -31.69
N LEU F 347 26.54 49.23 -32.21
CA LEU F 347 26.40 49.34 -33.66
C LEU F 347 27.33 50.41 -34.20
N LEU F 348 27.30 51.61 -33.60
CA LEU F 348 28.23 52.68 -33.98
C LEU F 348 29.68 52.20 -33.96
N GLU F 349 30.11 51.57 -32.85
CA GLU F 349 31.50 51.13 -32.77
C GLU F 349 31.80 50.08 -33.82
N ALA F 350 30.89 49.13 -34.00
CA ALA F 350 31.14 48.03 -34.93
C ALA F 350 31.26 48.54 -36.36
N VAL F 351 30.43 49.51 -36.72
CA VAL F 351 30.52 50.12 -38.04
C VAL F 351 31.85 50.84 -38.22
N VAL F 352 32.30 51.56 -37.18
CA VAL F 352 33.58 52.27 -37.26
C VAL F 352 34.73 51.26 -37.42
N LEU F 353 34.74 50.24 -36.56
CA LEU F 353 35.78 49.22 -36.60
C LEU F 353 35.87 48.55 -37.96
N VAL F 354 34.73 48.15 -38.54
CA VAL F 354 34.78 47.41 -39.79
C VAL F 354 35.20 48.34 -40.93
N VAL F 355 34.72 49.60 -40.93
CA VAL F 355 35.22 50.58 -41.88
C VAL F 355 36.73 50.67 -41.79
N LEU F 356 37.28 50.77 -40.57
CA LEU F 356 38.73 50.92 -40.41
C LEU F 356 39.45 49.64 -40.82
N VAL F 357 38.96 48.47 -40.37
CA VAL F 357 39.62 47.23 -40.76
C VAL F 357 39.55 47.01 -42.28
N VAL F 358 38.44 47.43 -42.92
CA VAL F 358 38.38 47.26 -44.38
C VAL F 358 39.38 48.19 -45.06
N ILE F 359 39.42 49.46 -44.61
CA ILE F 359 40.40 50.37 -45.21
C ILE F 359 41.83 49.92 -44.93
N LEU F 360 42.08 49.32 -43.76
CA LEU F 360 43.43 48.85 -43.48
C LEU F 360 43.84 47.72 -44.42
N PHE F 361 42.95 46.78 -44.69
CA PHE F 361 43.34 45.57 -45.41
C PHE F 361 43.18 45.70 -46.91
N LEU F 362 42.10 46.34 -47.38
CA LEU F 362 41.81 46.45 -48.80
C LEU F 362 42.17 47.81 -49.37
N GLN F 363 42.34 48.81 -48.52
CA GLN F 363 42.97 50.09 -48.87
C GLN F 363 42.20 50.87 -49.91
N THR F 364 40.89 50.73 -49.92
CA THR F 364 40.08 51.64 -50.72
C THR F 364 38.86 51.99 -49.90
N TRP F 365 38.52 53.28 -49.83
CA TRP F 365 37.36 53.68 -49.05
C TRP F 365 36.10 53.09 -49.62
N ARG F 366 36.12 52.79 -50.93
CA ARG F 366 34.95 52.25 -51.62
C ARG F 366 34.53 50.89 -51.05
N ALA F 367 35.50 50.05 -50.64
CA ALA F 367 35.08 48.78 -50.05
C ALA F 367 34.39 49.00 -48.71
N SER F 368 34.80 50.04 -47.97
CA SER F 368 34.25 50.23 -46.64
C SER F 368 32.80 50.68 -46.69
N ILE F 369 32.34 51.21 -47.84
CA ILE F 369 30.93 51.55 -47.98
C ILE F 369 30.01 50.35 -47.80
N ILE F 370 30.43 49.15 -48.22
CA ILE F 370 29.53 47.99 -48.18
C ILE F 370 29.10 47.65 -46.75
N PRO F 371 30.00 47.43 -45.80
CA PRO F 371 29.53 47.20 -44.42
C PRO F 371 28.86 48.42 -43.84
N LEU F 372 29.32 49.63 -44.20
CA LEU F 372 28.69 50.82 -43.67
C LEU F 372 27.19 50.84 -43.95
N ILE F 373 26.77 50.43 -45.14
CA ILE F 373 25.33 50.38 -45.43
C ILE F 373 24.71 49.08 -44.93
N ALA F 374 25.37 47.96 -45.20
CA ALA F 374 24.80 46.63 -44.95
C ALA F 374 24.57 46.36 -43.47
N VAL F 375 25.45 46.80 -42.59
CA VAL F 375 25.33 46.43 -41.18
C VAL F 375 24.11 47.13 -40.58
N PRO F 376 23.93 48.45 -40.74
CA PRO F 376 22.68 49.08 -40.28
C PRO F 376 21.43 48.53 -40.92
N VAL F 377 21.45 48.28 -42.23
CA VAL F 377 20.23 47.81 -42.87
C VAL F 377 19.77 46.49 -42.26
N SER F 378 20.71 45.57 -42.01
CA SER F 378 20.32 44.27 -41.43
C SER F 378 19.92 44.39 -39.98
N VAL F 379 20.55 45.27 -39.21
CA VAL F 379 20.15 45.36 -37.82
C VAL F 379 18.77 46.00 -37.74
N VAL F 380 18.57 47.10 -38.46
CA VAL F 380 17.27 47.78 -38.36
C VAL F 380 16.17 46.89 -38.93
N GLY F 381 16.46 46.20 -40.04
CA GLY F 381 15.47 45.30 -40.61
C GLY F 381 15.01 44.20 -39.66
N THR F 382 15.86 43.82 -38.69
CA THR F 382 15.49 42.76 -37.75
C THR F 382 14.21 43.11 -36.96
N PHE F 383 13.97 44.39 -36.68
CA PHE F 383 12.82 44.77 -35.85
C PHE F 383 11.49 44.42 -36.51
N SER F 384 11.45 44.36 -37.83
CA SER F 384 10.17 44.11 -38.48
C SER F 384 9.68 42.69 -38.19
N ILE F 385 10.60 41.75 -38.12
CA ILE F 385 10.22 40.36 -37.87
C ILE F 385 9.99 40.14 -36.38
N LEU F 386 10.77 40.79 -35.53
CA LEU F 386 10.54 40.70 -34.09
C LEU F 386 9.14 41.19 -33.76
N TYR F 387 8.71 42.30 -34.36
CA TYR F 387 7.37 42.84 -34.17
C TYR F 387 6.30 41.85 -34.61
N LEU F 388 6.40 41.36 -35.85
CA LEU F 388 5.47 40.37 -36.40
C LEU F 388 5.41 39.11 -35.56
N LEU F 389 6.53 38.69 -34.97
CA LEU F 389 6.51 37.50 -34.12
C LEU F 389 6.04 37.80 -32.70
N GLY F 390 5.69 39.03 -32.39
CA GLY F 390 5.17 39.32 -31.06
C GLY F 390 6.23 39.56 -30.00
N PHE F 391 7.50 39.81 -30.37
CA PHE F 391 8.55 40.01 -29.38
C PHE F 391 8.55 41.45 -28.86
N SER F 392 9.26 41.68 -27.76
CA SER F 392 9.46 43.05 -27.30
C SER F 392 10.93 43.39 -27.33
N LEU F 393 11.20 44.69 -27.24
CA LEU F 393 12.54 45.19 -26.96
C LEU F 393 12.74 45.07 -25.45
N ASN F 394 13.60 44.13 -25.06
CA ASN F 394 13.90 43.93 -23.66
C ASN F 394 15.39 43.74 -23.51
N THR F 395 15.87 43.65 -22.29
CA THR F 395 17.33 43.53 -22.18
C THR F 395 17.85 42.25 -22.77
N LEU F 396 16.99 41.26 -23.00
CA LEU F 396 17.51 39.99 -23.46
C LEU F 396 17.48 39.95 -24.97
N SER F 397 16.38 40.39 -25.60
CA SER F 397 16.37 40.46 -27.07
C SER F 397 17.36 41.50 -27.57
N LEU F 398 17.49 42.63 -26.84
CA LEU F 398 18.51 43.62 -27.23
C LEU F 398 19.91 43.03 -27.15
N PHE F 399 20.13 42.11 -26.21
CA PHE F 399 21.44 41.48 -26.12
C PHE F 399 21.71 40.55 -27.30
N GLY F 400 20.70 39.76 -27.70
CA GLY F 400 20.83 39.00 -28.93
C GLY F 400 21.20 39.89 -30.11
N LEU F 401 20.50 41.01 -30.24
CA LEU F 401 20.78 41.93 -31.33
C LEU F 401 22.26 42.36 -31.32
N VAL F 402 22.80 42.75 -30.16
CA VAL F 402 24.22 43.15 -30.15
C VAL F 402 25.13 41.97 -30.51
N LEU F 403 24.90 40.77 -29.96
CA LEU F 403 25.78 39.66 -30.35
C LEU F 403 25.65 39.35 -31.84
N ALA F 404 24.44 39.47 -32.41
CA ALA F 404 24.26 39.20 -33.82
C ALA F 404 25.00 40.19 -34.71
N ILE F 405 25.34 41.38 -34.20
CA ILE F 405 26.09 42.34 -35.03
C ILE F 405 27.41 41.72 -35.54
N GLY F 406 27.99 40.79 -34.79
CA GLY F 406 29.20 40.14 -35.28
C GLY F 406 28.97 39.22 -36.46
N ILE F 407 27.82 38.54 -36.49
CA ILE F 407 27.45 37.75 -37.67
C ILE F 407 27.21 38.66 -38.86
N VAL F 408 26.50 39.77 -38.64
CA VAL F 408 26.24 40.72 -39.72
C VAL F 408 27.54 41.28 -40.28
N VAL F 409 28.48 41.65 -39.40
CA VAL F 409 29.73 42.26 -39.86
C VAL F 409 30.53 41.25 -40.68
N ASP F 410 30.61 40.02 -40.19
CA ASP F 410 31.33 38.96 -40.90
C ASP F 410 30.78 38.77 -42.31
N ASP F 411 29.44 38.70 -42.44
CA ASP F 411 28.82 38.58 -43.75
C ASP F 411 29.30 39.68 -44.69
N ALA F 412 29.34 40.92 -44.20
CA ALA F 412 29.71 42.02 -45.08
C ALA F 412 31.17 41.92 -45.47
N ILE F 413 32.01 41.55 -44.50
CA ILE F 413 33.43 41.38 -44.80
C ILE F 413 33.60 40.32 -45.86
N VAL F 414 32.89 39.18 -45.71
CA VAL F 414 33.07 38.06 -46.66
C VAL F 414 32.74 38.50 -48.08
N VAL F 415 31.60 39.17 -48.24
CA VAL F 415 31.23 39.59 -49.60
C VAL F 415 32.27 40.56 -50.15
N VAL F 416 32.53 41.67 -49.44
CA VAL F 416 33.31 42.70 -50.09
C VAL F 416 34.77 42.26 -50.26
N GLU F 417 35.28 41.46 -49.34
CA GLU F 417 36.66 40.98 -49.47
C GLU F 417 36.76 40.06 -50.67
N ASN F 418 35.72 39.24 -50.89
CA ASN F 418 35.79 38.29 -51.99
C ASN F 418 35.63 39.01 -53.31
N VAL F 419 34.76 40.02 -53.39
CA VAL F 419 34.71 40.79 -54.64
C VAL F 419 36.06 41.46 -54.90
N GLU F 420 36.64 42.07 -53.86
CA GLU F 420 37.87 42.84 -54.06
C GLU F 420 39.02 41.92 -54.42
N ARG F 421 39.08 40.72 -53.81
CA ARG F 421 40.11 39.75 -54.24
C ARG F 421 40.00 39.44 -55.75
N ASN F 422 38.77 39.27 -56.25
CA ASN F 422 38.61 38.95 -57.67
C ASN F 422 38.96 40.14 -58.55
N ILE F 423 38.77 41.38 -58.05
CA ILE F 423 39.29 42.54 -58.79
C ILE F 423 40.81 42.55 -58.75
N GLU F 424 41.42 42.25 -57.60
CA GLU F 424 42.90 42.20 -57.59
C GLU F 424 43.43 41.17 -58.60
N GLU F 425 42.67 40.12 -58.82
CA GLU F 425 43.09 38.99 -59.64
C GLU F 425 42.76 39.20 -61.12
N GLY F 426 42.37 40.43 -61.47
CA GLY F 426 42.29 40.84 -62.86
C GLY F 426 40.89 40.89 -63.43
N LEU F 427 39.83 40.63 -62.65
CA LEU F 427 38.49 40.80 -63.20
C LEU F 427 38.03 42.24 -63.05
N ALA F 428 37.32 42.75 -64.07
CA ALA F 428 36.60 44.01 -63.95
C ALA F 428 35.55 43.95 -62.82
N PRO F 429 35.27 45.08 -62.17
CA PRO F 429 34.33 45.06 -61.00
C PRO F 429 33.03 44.27 -61.23
N LEU F 430 32.31 44.51 -62.32
CA LEU F 430 31.08 43.75 -62.56
C LEU F 430 31.34 42.25 -62.66
N ALA F 431 32.29 41.83 -63.50
CA ALA F 431 32.64 40.41 -63.58
C ALA F 431 33.21 39.89 -62.27
N ALA F 432 33.94 40.73 -61.51
CA ALA F 432 34.47 40.25 -60.23
C ALA F 432 33.34 39.93 -59.26
N ALA F 433 32.32 40.79 -59.23
CA ALA F 433 31.18 40.55 -58.33
C ALA F 433 30.44 39.26 -58.71
N HIS F 434 30.15 39.06 -60.02
CA HIS F 434 29.52 37.79 -60.41
C HIS F 434 30.36 36.58 -59.99
N GLN F 435 31.68 36.62 -60.27
CA GLN F 435 32.54 35.48 -59.89
C GLN F 435 32.58 35.29 -58.37
N ALA F 436 32.72 36.38 -57.61
CA ALA F 436 32.66 36.28 -56.14
C ALA F 436 31.37 35.62 -55.67
N MET F 437 30.24 36.00 -56.23
CA MET F 437 29.01 35.41 -55.66
C MET F 437 28.82 33.98 -56.14
N ARG F 438 29.40 33.62 -57.31
CA ARG F 438 29.45 32.21 -57.70
C ARG F 438 30.15 31.39 -56.63
N GLU F 439 31.13 31.97 -55.96
CA GLU F 439 31.89 31.26 -54.94
C GLU F 439 31.23 31.26 -53.56
N VAL F 440 30.56 32.34 -53.16
CA VAL F 440 30.03 32.42 -51.79
C VAL F 440 28.50 32.54 -51.71
N SER F 441 27.77 32.85 -52.79
CA SER F 441 26.33 33.05 -52.59
C SER F 441 25.63 31.77 -52.14
N GLY F 442 25.98 30.63 -52.70
CA GLY F 442 25.41 29.38 -52.26
C GLY F 442 25.75 29.02 -50.83
N PRO F 443 27.05 29.03 -50.52
CA PRO F 443 27.47 28.92 -49.12
C PRO F 443 26.72 29.86 -48.16
N ILE F 444 26.49 31.12 -48.55
CA ILE F 444 25.80 32.05 -47.67
C ILE F 444 24.40 31.56 -47.35
N ILE F 445 23.67 31.07 -48.37
CA ILE F 445 22.36 30.46 -48.13
C ILE F 445 22.49 29.30 -47.14
N ALA F 446 23.45 28.43 -47.37
CA ALA F 446 23.63 27.27 -46.51
C ALA F 446 24.08 27.70 -45.13
N ILE F 447 24.91 28.75 -45.04
CA ILE F 447 25.39 29.16 -43.72
C ILE F 447 24.23 29.71 -42.91
N ALA F 448 23.30 30.42 -43.58
CA ALA F 448 22.13 30.94 -42.86
C ALA F 448 21.23 29.81 -42.37
N LEU F 449 21.11 28.73 -43.14
CA LEU F 449 20.32 27.58 -42.66
C LEU F 449 21.02 26.86 -41.51
N VAL F 450 22.35 26.72 -41.60
CA VAL F 450 23.09 26.07 -40.53
C VAL F 450 22.87 26.81 -39.22
N LEU F 451 23.01 28.15 -39.26
CA LEU F 451 22.82 28.93 -38.04
C LEU F 451 21.37 28.92 -37.57
N CYS F 452 20.39 28.91 -38.49
CA CYS F 452 19.00 28.72 -38.01
C CYS F 452 18.82 27.34 -37.40
N ALA F 453 19.49 26.33 -37.97
CA ALA F 453 19.38 24.98 -37.44
C ALA F 453 19.95 24.90 -36.04
N VAL F 454 20.89 25.77 -35.73
CA VAL F 454 21.44 25.79 -34.37
C VAL F 454 20.55 26.64 -33.46
N PHE F 455 20.22 27.85 -33.92
CA PHE F 455 19.61 28.83 -33.03
C PHE F 455 18.13 28.59 -32.85
N VAL F 456 17.43 28.16 -33.91
CA VAL F 456 15.96 28.08 -33.84
C VAL F 456 15.55 26.99 -32.86
N PRO F 457 16.14 25.80 -32.85
CA PRO F 457 15.75 24.85 -31.80
C PRO F 457 16.04 25.36 -30.41
N MET F 458 16.97 26.30 -30.25
CA MET F 458 17.19 26.71 -28.87
C MET F 458 16.11 27.69 -28.40
N ALA F 459 15.15 28.00 -29.26
CA ALA F 459 14.01 28.75 -28.78
C ALA F 459 12.99 27.86 -28.10
N PHE F 460 13.25 26.56 -28.03
CA PHE F 460 12.30 25.61 -27.45
C PHE F 460 12.82 24.94 -26.19
N LEU F 461 13.80 25.55 -25.49
CA LEU F 461 14.27 24.96 -24.26
C LEU F 461 13.28 25.32 -23.13
N SER F 462 13.26 24.49 -22.10
CA SER F 462 12.24 24.63 -21.04
C SER F 462 12.70 25.56 -19.93
N GLY F 463 11.76 25.94 -19.07
CA GLY F 463 12.12 26.66 -17.87
C GLY F 463 12.32 28.13 -18.14
N VAL F 464 12.65 28.86 -17.07
CA VAL F 464 12.90 30.29 -17.20
C VAL F 464 14.21 30.55 -17.96
N THR F 465 15.20 29.70 -17.74
CA THR F 465 16.39 29.80 -18.61
C THR F 465 16.00 29.60 -20.08
N GLY F 466 15.06 28.69 -20.34
CA GLY F 466 14.56 28.51 -21.69
C GLY F 466 13.96 29.76 -22.28
N GLN F 467 13.21 30.54 -21.48
CA GLN F 467 12.68 31.80 -21.99
C GLN F 467 13.78 32.86 -22.18
N PHE F 468 14.85 32.84 -21.37
CA PHE F 468 15.99 33.69 -21.70
C PHE F 468 16.59 33.28 -23.04
N TYR F 469 16.80 31.98 -23.23
CA TYR F 469 17.50 31.55 -24.45
C TYR F 469 16.68 31.89 -25.66
N LYS F 470 15.36 31.80 -25.55
CA LYS F 470 14.49 32.07 -26.68
C LYS F 470 14.65 33.50 -27.18
N GLN F 471 14.71 34.47 -26.26
CA GLN F 471 14.88 35.87 -26.67
C GLN F 471 16.16 36.05 -27.46
N PHE F 472 17.24 35.42 -26.97
CA PHE F 472 18.53 35.51 -27.67
C PHE F 472 18.43 34.84 -29.04
N ALA F 473 18.01 33.58 -29.05
CA ALA F 473 18.07 32.73 -30.24
C ALA F 473 17.25 33.30 -31.40
N VAL F 474 16.02 33.73 -31.12
CA VAL F 474 15.14 34.14 -32.19
C VAL F 474 15.66 35.43 -32.83
N THR F 475 16.11 36.37 -31.99
CA THR F 475 16.67 37.63 -32.48
C THR F 475 17.88 37.37 -33.37
N ILE F 476 18.75 36.47 -32.93
CA ILE F 476 19.97 36.20 -33.70
C ILE F 476 19.62 35.51 -35.01
N ALA F 477 18.66 34.58 -34.97
CA ALA F 477 18.18 33.95 -36.21
C ALA F 477 17.67 34.99 -37.18
N ILE F 478 16.78 35.90 -36.76
CA ILE F 478 16.27 36.87 -37.73
C ILE F 478 17.42 37.71 -38.34
N SER F 479 18.30 38.23 -37.50
CA SER F 479 19.39 39.07 -38.00
C SER F 479 20.25 38.29 -38.99
N THR F 480 20.46 37.01 -38.70
CA THR F 480 21.23 36.15 -39.58
C THR F 480 20.54 36.02 -40.94
N VAL F 481 19.22 35.87 -40.93
CA VAL F 481 18.49 35.68 -42.17
C VAL F 481 18.47 36.97 -42.96
N ILE F 482 18.20 38.07 -42.30
CA ILE F 482 18.22 39.36 -43.00
C ILE F 482 19.60 39.64 -43.56
N SER F 483 20.64 39.34 -42.78
CA SER F 483 21.98 39.65 -43.24
C SER F 483 22.33 38.84 -44.50
N ALA F 484 21.92 37.57 -44.53
CA ALA F 484 22.09 36.74 -45.71
C ALA F 484 21.42 37.34 -46.94
N ILE F 485 20.19 37.82 -46.80
CA ILE F 485 19.47 38.41 -47.93
C ILE F 485 20.20 39.64 -48.44
N ASN F 486 20.62 40.51 -47.51
CA ASN F 486 21.38 41.69 -47.95
C ASN F 486 22.70 41.27 -48.57
N SER F 487 23.27 40.16 -48.10
CA SER F 487 24.57 39.74 -48.61
C SER F 487 24.44 39.18 -50.01
N LEU F 488 23.21 38.77 -50.39
CA LEU F 488 22.91 38.23 -51.69
C LEU F 488 22.50 39.32 -52.64
N THR F 489 22.22 40.53 -52.14
CA THR F 489 21.54 41.49 -53.00
C THR F 489 22.31 42.79 -52.93
N LEU F 490 22.11 43.53 -51.83
CA LEU F 490 22.70 44.85 -51.67
C LEU F 490 24.22 44.81 -51.74
N SER F 491 24.84 43.93 -50.95
CA SER F 491 26.30 43.99 -50.78
C SER F 491 27.05 43.75 -52.09
N PRO F 492 26.79 42.69 -52.86
CA PRO F 492 27.51 42.56 -54.16
C PRO F 492 27.05 43.59 -55.19
N ALA F 493 25.80 44.06 -55.13
CA ALA F 493 25.39 45.10 -56.06
C ALA F 493 26.14 46.40 -55.80
N LEU F 494 26.33 46.77 -54.52
CA LEU F 494 27.14 47.93 -54.16
C LEU F 494 28.60 47.71 -54.55
N ALA F 495 29.12 46.51 -54.28
CA ALA F 495 30.52 46.23 -54.57
C ALA F 495 30.78 46.40 -56.06
N ALA F 496 29.91 45.81 -56.89
CA ALA F 496 30.10 45.95 -58.33
C ALA F 496 30.03 47.39 -58.77
N LEU F 497 29.26 48.24 -58.10
CA LEU F 497 29.18 49.61 -58.59
C LEU F 497 30.22 50.56 -58.00
N LEU F 498 30.76 50.26 -56.82
CA LEU F 498 31.68 51.18 -56.15
C LEU F 498 33.17 50.79 -56.28
N LEU F 499 33.48 49.51 -56.33
CA LEU F 499 34.89 49.13 -56.38
C LEU F 499 35.46 49.45 -57.76
N LYS F 500 36.70 49.88 -57.79
CA LYS F 500 37.34 50.23 -59.06
C LYS F 500 38.44 49.23 -59.43
N PRO F 501 38.76 49.11 -60.74
CA PRO F 501 39.91 48.31 -61.16
C PRO F 501 41.19 48.82 -60.51
N HIS F 502 42.12 47.90 -60.29
CA HIS F 502 43.38 48.31 -59.67
C HIS F 502 44.23 49.10 -60.65
N GLY F 503 44.95 50.08 -60.12
CA GLY F 503 45.67 50.98 -60.98
C GLY F 503 44.79 51.92 -61.75
N ALA F 504 43.57 52.16 -61.30
CA ALA F 504 42.80 53.24 -61.92
C ALA F 504 43.20 54.59 -61.30
N LYS F 505 42.78 55.65 -61.98
CA LYS F 505 43.00 57.03 -61.55
C LYS F 505 42.43 57.25 -60.15
N LYS F 506 43.31 57.48 -59.18
CA LYS F 506 42.88 57.60 -57.81
C LYS F 506 42.00 58.83 -57.62
N ASP F 507 40.86 58.67 -56.95
CA ASP F 507 39.95 59.78 -56.76
C ASP F 507 40.39 60.63 -55.56
N LEU F 508 39.66 61.70 -55.27
CA LEU F 508 40.08 62.60 -54.19
C LEU F 508 40.09 61.94 -52.81
N PRO F 509 39.06 61.19 -52.38
CA PRO F 509 39.21 60.48 -51.10
C PRO F 509 40.41 59.57 -51.07
N THR F 510 40.68 58.87 -52.18
CA THR F 510 41.75 57.89 -52.16
C THR F 510 43.11 58.56 -52.03
N ARG F 511 43.34 59.62 -52.81
CA ARG F 511 44.60 60.34 -52.67
C ARG F 511 44.77 60.86 -51.25
N LEU F 512 43.69 61.38 -50.65
CA LEU F 512 43.72 61.83 -49.27
C LEU F 512 44.15 60.70 -48.35
N ILE F 513 43.41 59.59 -48.38
CA ILE F 513 43.75 58.46 -47.50
C ILE F 513 45.18 57.99 -47.78
N ASP F 514 45.60 58.04 -49.04
CA ASP F 514 46.93 57.52 -49.38
C ASP F 514 48.05 58.34 -48.74
N ARG F 515 48.00 59.68 -48.87
CA ARG F 515 49.06 60.45 -48.23
C ARG F 515 48.95 60.42 -46.71
N LEU F 516 47.72 60.31 -46.17
CA LEU F 516 47.59 60.23 -44.72
C LEU F 516 48.14 58.91 -44.18
N PHE F 517 47.75 57.78 -44.78
CA PHE F 517 48.08 56.48 -44.19
C PHE F 517 48.95 55.58 -45.05
N GLY F 518 49.41 56.03 -46.23
CA GLY F 518 50.30 55.20 -47.05
C GLY F 518 51.51 54.68 -46.27
N TRP F 519 52.07 55.53 -45.41
CA TRP F 519 53.20 55.12 -44.58
C TRP F 519 52.87 53.93 -43.68
N ILE F 520 51.59 53.67 -43.43
CA ILE F 520 51.13 52.47 -42.74
C ILE F 520 50.84 51.34 -43.72
N PHE F 521 50.12 51.68 -44.79
CA PHE F 521 49.68 50.69 -45.76
C PHE F 521 50.89 49.93 -46.33
N ARG F 522 51.95 50.65 -46.65
CA ARG F 522 53.09 50.01 -47.34
C ARG F 522 53.76 48.97 -46.45
N PRO F 523 54.23 49.29 -45.23
CA PRO F 523 54.80 48.22 -44.40
C PRO F 523 53.79 47.20 -43.96
N PHE F 524 52.53 47.58 -43.77
CA PHE F 524 51.57 46.57 -43.36
C PHE F 524 51.33 45.55 -44.46
N ASN F 525 51.26 46.00 -45.71
CA ASN F 525 51.10 45.04 -46.82
C ASN F 525 52.26 44.02 -46.85
N ARG F 526 53.51 44.48 -46.68
CA ARG F 526 54.61 43.51 -46.70
C ARG F 526 54.55 42.58 -45.50
N PHE F 527 54.20 43.13 -44.34
CA PHE F 527 53.99 42.26 -43.16
C PHE F 527 52.90 41.21 -43.43
N PHE F 528 51.76 41.63 -44.00
CA PHE F 528 50.72 40.67 -44.40
C PHE F 528 51.28 39.61 -45.38
N LEU F 529 52.10 40.04 -46.34
CA LEU F 529 52.68 39.07 -47.29
C LEU F 529 53.58 38.07 -46.58
N ARG F 530 54.46 38.54 -45.69
CA ARG F 530 55.32 37.61 -44.97
C ARG F 530 54.52 36.68 -44.10
N SER F 531 53.48 37.22 -43.44
CA SER F 531 52.69 36.38 -42.56
C SER F 531 51.91 35.33 -43.33
N SER F 532 51.31 35.72 -44.46
CA SER F 532 50.66 34.73 -45.32
C SER F 532 51.61 33.58 -45.65
N ASN F 533 52.81 33.93 -46.12
CA ASN F 533 53.76 32.88 -46.46
C ASN F 533 54.18 32.10 -45.21
N GLY F 534 54.38 32.80 -44.08
CA GLY F 534 54.64 32.07 -42.85
C GLY F 534 53.51 31.12 -42.46
N TYR F 535 52.25 31.59 -42.55
CA TYR F 535 51.10 30.74 -42.26
C TYR F 535 51.01 29.53 -43.19
N GLN F 536 51.17 29.75 -44.50
CA GLN F 536 51.12 28.59 -45.42
C GLN F 536 52.17 27.54 -45.03
N GLY F 537 53.38 27.98 -44.64
CA GLY F 537 54.40 27.05 -44.15
C GLY F 537 54.01 26.25 -42.93
N LEU F 538 53.46 26.93 -41.91
CA LEU F 538 52.99 26.17 -40.75
C LEU F 538 51.86 25.22 -41.08
N VAL F 539 50.87 25.66 -41.89
CA VAL F 539 49.80 24.69 -42.17
C VAL F 539 50.37 23.49 -42.91
N SER F 540 51.27 23.75 -43.87
CA SER F 540 51.93 22.62 -44.52
C SER F 540 52.55 21.68 -43.50
N LYS F 541 53.30 22.22 -42.51
CA LYS F 541 53.92 21.35 -41.51
C LYS F 541 52.87 20.63 -40.68
N THR F 542 51.79 21.33 -40.30
CA THR F 542 50.69 20.70 -39.58
C THR F 542 50.10 19.53 -40.34
N LEU F 543 49.91 19.69 -41.66
CA LEU F 543 49.36 18.59 -42.45
C LEU F 543 50.32 17.40 -42.54
N GLY F 544 51.62 17.60 -42.31
CA GLY F 544 52.51 16.45 -42.23
C GLY F 544 52.46 15.68 -40.90
N ARG F 545 51.74 16.15 -39.89
CA ARG F 545 51.66 15.50 -38.57
C ARG F 545 50.21 15.41 -38.12
N ARG F 546 49.37 14.88 -39.00
CA ARG F 546 47.94 14.85 -38.73
C ARG F 546 47.63 13.97 -37.53
N GLY F 547 48.48 12.95 -37.31
CA GLY F 547 48.30 12.10 -36.14
C GLY F 547 48.48 12.86 -34.83
N ALA F 548 49.56 13.63 -34.73
CA ALA F 548 49.76 14.42 -33.52
C ALA F 548 48.65 15.46 -33.36
N VAL F 549 48.14 16.02 -34.46
CA VAL F 549 47.05 16.99 -34.38
C VAL F 549 45.83 16.33 -33.78
N PHE F 550 45.51 15.12 -34.24
CA PHE F 550 44.36 14.46 -33.63
C PHE F 550 44.60 14.12 -32.18
N ALA F 551 45.85 13.80 -31.80
CA ALA F 551 46.11 13.54 -30.39
C ALA F 551 45.88 14.78 -29.55
N VAL F 552 46.37 15.92 -30.01
CA VAL F 552 46.11 17.17 -29.31
C VAL F 552 44.61 17.44 -29.27
N TYR F 553 43.91 17.16 -30.38
CA TYR F 553 42.48 17.40 -30.45
C TYR F 553 41.73 16.62 -29.38
N LEU F 554 42.02 15.31 -29.26
CA LEU F 554 41.32 14.51 -28.26
C LEU F 554 41.62 14.99 -26.84
N LEU F 555 42.87 15.38 -26.57
CA LEU F 555 43.15 15.96 -25.27
C LEU F 555 42.34 17.23 -25.06
N LEU F 556 42.35 18.13 -26.04
CA LEU F 556 41.56 19.34 -25.94
C LEU F 556 40.09 19.03 -25.68
N LEU F 557 39.53 18.02 -26.36
CA LEU F 557 38.14 17.63 -26.08
C LEU F 557 37.98 17.27 -24.62
N CYS F 558 38.90 16.47 -24.08
CA CYS F 558 38.83 16.11 -22.67
C CYS F 558 38.97 17.34 -21.78
N ALA F 559 39.85 18.28 -22.16
CA ALA F 559 39.96 19.53 -21.43
C ALA F 559 38.64 20.31 -21.45
N ALA F 560 37.94 20.26 -22.58
CA ALA F 560 36.65 20.94 -22.66
C ALA F 560 35.64 20.27 -21.76
N GLY F 561 35.70 18.94 -21.65
CA GLY F 561 34.89 18.26 -20.65
C GLY F 561 35.19 18.74 -19.24
N VAL F 562 36.47 18.79 -18.89
CA VAL F 562 36.89 19.17 -17.54
C VAL F 562 36.32 20.53 -17.17
N MET F 563 36.35 21.46 -18.11
CA MET F 563 35.99 22.83 -17.79
C MET F 563 34.49 23.07 -17.75
N PHE F 564 33.69 22.13 -18.22
CA PHE F 564 32.29 22.17 -17.83
C PHE F 564 32.10 21.73 -16.38
N LYS F 565 33.03 20.94 -15.84
CA LYS F 565 32.90 20.45 -14.47
C LYS F 565 33.34 21.50 -13.45
N VAL F 566 34.24 22.40 -13.82
CA VAL F 566 34.85 23.31 -12.86
C VAL F 566 34.41 24.74 -13.02
N VAL F 567 33.72 25.09 -14.10
CA VAL F 567 33.21 26.44 -14.27
C VAL F 567 31.76 26.41 -13.83
N PRO F 568 31.39 27.13 -12.77
CA PRO F 568 29.96 27.19 -12.41
C PRO F 568 29.20 27.89 -13.53
N GLY F 569 27.98 27.43 -13.77
CA GLY F 569 27.27 28.03 -14.89
C GLY F 569 25.80 27.70 -14.90
N GLY F 570 25.15 28.05 -16.01
CA GLY F 570 23.75 27.77 -16.20
C GLY F 570 22.74 28.67 -15.48
N PHE F 571 23.16 29.76 -14.82
CA PHE F 571 22.25 30.57 -14.03
C PHE F 571 22.05 32.00 -14.55
N ILE F 572 21.12 32.71 -13.91
CA ILE F 572 20.91 34.13 -14.21
C ILE F 572 21.87 34.88 -13.32
N PRO F 573 22.70 35.79 -13.82
CA PRO F 573 23.69 36.41 -12.94
C PRO F 573 23.04 37.39 -12.00
N THR F 574 23.64 37.52 -10.80
CA THR F 574 23.25 38.56 -9.85
C THR F 574 23.81 39.89 -10.33
N GLN F 575 22.99 40.92 -10.32
CA GLN F 575 23.39 42.22 -10.83
C GLN F 575 22.97 43.29 -9.83
N ASP F 576 23.63 44.43 -9.89
CA ASP F 576 23.20 45.62 -9.19
C ASP F 576 21.86 46.10 -9.76
N LYS F 577 20.79 45.98 -9.01
CA LYS F 577 19.52 46.53 -9.46
C LYS F 577 19.24 47.90 -8.83
N LEU F 578 20.25 48.50 -8.22
CA LEU F 578 20.21 49.88 -7.73
C LEU F 578 19.36 50.03 -6.46
N TYR F 579 19.19 48.95 -5.71
CA TYR F 579 18.58 49.06 -4.40
C TYR F 579 19.04 47.83 -3.66
N LEU F 580 18.90 47.90 -2.33
CA LEU F 580 19.14 46.81 -1.41
C LEU F 580 17.90 46.65 -0.56
N ILE F 581 17.75 45.48 0.03
CA ILE F 581 16.59 45.11 0.81
C ILE F 581 17.08 44.94 2.24
N GLY F 582 16.76 45.95 3.08
CA GLY F 582 16.94 45.83 4.50
C GLY F 582 15.67 45.40 5.21
N GLY F 583 15.85 44.70 6.33
CA GLY F 583 14.72 44.37 7.19
C GLY F 583 15.14 44.09 8.61
N VAL F 584 14.14 43.93 9.48
CA VAL F 584 14.43 43.55 10.86
C VAL F 584 13.36 42.60 11.36
N LYS F 585 13.78 41.64 12.13
CA LYS F 585 12.90 40.85 12.97
C LYS F 585 13.12 41.26 14.43
N MET F 586 12.12 41.90 15.04
CA MET F 586 12.16 42.24 16.44
C MET F 586 11.75 41.04 17.27
N PRO F 587 12.05 41.03 18.58
CA PRO F 587 11.64 39.91 19.42
C PRO F 587 10.14 39.68 19.29
N GLU F 588 9.75 38.41 19.37
CA GLU F 588 8.36 38.05 19.17
C GLU F 588 7.50 38.75 20.22
N GLY F 589 6.39 39.34 19.81
CA GLY F 589 5.57 40.08 20.75
C GLY F 589 5.79 41.57 20.71
N SER F 590 6.80 42.04 19.99
CA SER F 590 7.05 43.47 19.97
C SER F 590 5.90 44.18 19.23
N SER F 591 5.66 45.42 19.63
CA SER F 591 4.78 46.33 18.93
C SER F 591 5.44 46.92 17.69
N LEU F 592 4.58 47.37 16.77
CA LEU F 592 5.01 48.19 15.67
C LEU F 592 5.83 49.38 16.11
N ALA F 593 5.44 50.03 17.22
CA ALA F 593 6.24 51.16 17.67
C ALA F 593 7.69 50.76 17.89
N ARG F 594 7.90 49.61 18.54
CA ARG F 594 9.29 49.17 18.74
C ARG F 594 9.98 48.89 17.40
N THR F 595 9.28 48.19 16.50
CA THR F 595 9.86 47.94 15.18
C THR F 595 10.23 49.24 14.50
N ASP F 596 9.34 50.23 14.56
CA ASP F 596 9.54 51.51 13.90
C ASP F 596 10.84 52.19 14.37
N ALA F 597 11.09 52.17 15.68
CA ALA F 597 12.30 52.85 16.17
C ALA F 597 13.56 52.21 15.58
N VAL F 598 13.61 50.88 15.50
CA VAL F 598 14.78 50.22 14.90
C VAL F 598 14.87 50.48 13.40
N ILE F 599 13.73 50.45 12.69
CA ILE F 599 13.76 50.76 11.27
C ILE F 599 14.27 52.18 11.03
N ARG F 600 13.91 53.11 11.91
CA ARG F 600 14.38 54.48 11.79
C ARG F 600 15.90 54.56 11.95
N LYS F 601 16.46 53.73 12.83
CA LYS F 601 17.92 53.66 12.98
C LYS F 601 18.54 53.00 11.76
N MET F 602 17.88 51.97 11.23
CA MET F 602 18.40 51.36 10.02
C MET F 602 18.37 52.36 8.87
N SER F 603 17.33 53.18 8.79
CA SER F 603 17.21 54.18 7.73
C SER F 603 18.27 55.24 7.84
N GLU F 604 18.54 55.68 9.07
CA GLU F 604 19.61 56.64 9.30
C GLU F 604 20.96 56.04 8.89
N ILE F 605 21.22 54.81 9.31
CA ILE F 605 22.45 54.14 8.89
C ILE F 605 22.59 54.16 7.38
N GLY F 606 21.52 53.77 6.66
CA GLY F 606 21.65 53.70 5.20
C GLY F 606 21.81 55.07 4.57
N MET F 607 21.07 56.05 5.08
CA MET F 607 21.20 57.42 4.57
C MET F 607 22.62 57.95 4.71
N ASN F 608 23.33 57.48 5.73
CA ASN F 608 24.69 57.93 6.01
C ASN F 608 25.73 57.05 5.37
N THR F 609 25.31 56.05 4.59
CA THR F 609 26.27 55.15 3.98
C THR F 609 26.58 55.65 2.58
N GLU F 610 27.85 55.52 2.19
CA GLU F 610 28.32 55.95 0.89
C GLU F 610 27.59 55.22 -0.22
N GLY F 611 27.05 55.97 -1.18
CA GLY F 611 26.40 55.39 -2.34
C GLY F 611 24.88 55.24 -2.22
N VAL F 612 24.30 55.61 -1.08
CA VAL F 612 22.86 55.46 -0.83
C VAL F 612 22.17 56.80 -0.96
N ASP F 613 21.10 56.87 -1.78
CA ASP F 613 20.24 58.07 -1.88
C ASP F 613 18.99 58.01 -0.99
N TYR F 614 18.38 56.85 -0.78
CA TYR F 614 17.05 56.81 -0.17
C TYR F 614 16.96 55.65 0.81
N ALA F 615 16.21 55.88 1.87
CA ALA F 615 15.79 54.82 2.79
C ALA F 615 14.28 54.84 2.67
N VAL F 616 13.73 53.84 1.98
CA VAL F 616 12.30 53.71 1.69
C VAL F 616 11.79 52.71 2.71
N ALA F 617 11.23 53.21 3.82
CA ALA F 617 11.03 52.42 5.02
C ALA F 617 9.56 52.02 5.20
N PHE F 618 9.31 50.79 5.67
CA PHE F 618 7.97 50.28 5.87
C PHE F 618 8.01 49.46 7.14
N PRO F 619 7.97 50.10 8.32
CA PRO F 619 7.78 49.31 9.55
C PRO F 619 6.45 48.56 9.48
N GLY F 620 6.48 47.32 9.92
CA GLY F 620 5.34 46.45 9.84
C GLY F 620 5.33 45.51 8.63
N LEU F 621 6.06 45.87 7.55
CA LEU F 621 6.03 45.09 6.30
C LEU F 621 6.98 43.93 6.46
N ASN F 622 6.51 42.70 6.36
CA ASN F 622 7.48 41.61 6.32
C ASN F 622 7.88 41.39 4.84
N ALA F 623 9.17 41.46 4.58
CA ALA F 623 9.69 41.40 3.20
C ALA F 623 9.41 40.06 2.52
N LEU F 624 9.41 38.96 3.26
CA LEU F 624 9.24 37.68 2.60
C LEU F 624 7.84 37.45 2.07
N GLN F 625 6.83 37.97 2.73
CA GLN F 625 5.45 37.72 2.32
C GLN F 625 4.75 38.98 1.85
N PHE F 626 5.32 40.15 2.11
CA PHE F 626 4.71 41.42 1.77
C PHE F 626 3.35 41.54 2.43
N THR F 627 3.23 40.97 3.61
CA THR F 627 2.09 41.23 4.46
C THR F 627 2.59 41.94 5.72
N ASN F 628 1.66 42.34 6.57
CA ASN F 628 2.00 43.14 7.74
C ASN F 628 2.10 42.29 8.99
N THR F 629 3.20 42.49 9.76
CA THR F 629 3.45 41.75 11.00
C THR F 629 4.06 42.77 11.97
N PRO F 630 3.56 42.90 13.20
CA PRO F 630 4.00 44.01 14.05
C PRO F 630 5.48 43.95 14.46
N ASN F 631 6.07 42.79 14.63
CA ASN F 631 7.53 42.75 14.99
C ASN F 631 8.47 42.66 13.77
N THR F 632 7.97 42.94 12.56
CA THR F 632 8.83 42.90 11.36
C THR F 632 8.80 44.26 10.67
N GLY F 633 9.86 44.56 9.93
CA GLY F 633 9.84 45.77 9.14
C GLY F 633 10.77 45.61 7.97
N THR F 634 10.65 46.50 6.99
CA THR F 634 11.46 46.42 5.78
C THR F 634 11.89 47.83 5.43
N VAL F 635 13.12 47.99 4.94
CA VAL F 635 13.52 49.30 4.42
C VAL F 635 14.33 49.02 3.15
N PHE F 636 13.98 49.67 2.05
CA PHE F 636 14.69 49.56 0.78
C PHE F 636 15.67 50.72 0.69
N PHE F 637 16.93 50.41 0.38
CA PHE F 637 17.97 51.43 0.22
C PHE F 637 18.13 51.68 -1.28
N GLY F 638 17.70 52.86 -1.74
CA GLY F 638 17.88 53.25 -3.13
C GLY F 638 19.33 53.71 -3.38
N LEU F 639 20.06 53.04 -4.29
CA LEU F 639 21.45 53.37 -4.60
C LEU F 639 21.56 54.44 -5.67
N LYS F 640 22.68 55.18 -5.64
CA LYS F 640 22.99 56.12 -6.70
C LYS F 640 23.26 55.37 -8.01
N PRO F 641 23.10 56.04 -9.15
CA PRO F 641 23.46 55.39 -10.43
C PRO F 641 24.92 54.95 -10.42
N PHE F 642 25.22 53.95 -11.25
CA PHE F 642 26.57 53.38 -11.22
C PHE F 642 27.61 54.41 -11.61
N ASP F 643 27.38 55.10 -12.73
CA ASP F 643 28.30 56.09 -13.27
C ASP F 643 28.68 57.14 -12.22
N GLN F 644 27.96 57.20 -11.08
CA GLN F 644 28.20 58.23 -10.06
C GLN F 644 28.59 57.66 -8.70
N ARG F 645 29.21 56.48 -8.63
CA ARG F 645 29.67 55.98 -7.34
C ARG F 645 30.72 54.89 -7.55
N LYS F 646 31.65 54.78 -6.58
CA LYS F 646 32.69 53.76 -6.65
C LYS F 646 32.26 52.44 -6.07
N HIS F 647 31.64 52.49 -4.89
CA HIS F 647 31.26 51.27 -4.20
C HIS F 647 30.22 50.50 -5.01
N THR F 648 30.43 49.18 -5.11
CA THR F 648 29.44 48.31 -5.66
C THR F 648 28.33 48.06 -4.63
N ALA F 649 27.18 47.61 -5.16
CA ALA F 649 26.10 47.18 -4.29
C ALA F 649 26.57 46.18 -3.27
N ALA F 650 27.41 45.21 -3.66
CA ALA F 650 27.89 44.25 -2.68
C ALA F 650 28.68 44.92 -1.55
N GLU F 651 29.40 46.01 -1.85
CA GLU F 651 30.22 46.62 -0.81
C GLU F 651 29.37 47.50 0.11
N ILE F 652 28.52 48.33 -0.49
CA ILE F 652 27.49 49.03 0.26
C ILE F 652 26.77 48.09 1.19
N ASN F 653 26.33 46.97 0.67
CA ASN F 653 25.56 46.07 1.50
C ASN F 653 26.39 45.54 2.65
N ALA F 654 27.69 45.34 2.41
CA ALA F 654 28.59 44.89 3.47
C ALA F 654 28.77 45.97 4.53
N GLU F 655 28.92 47.23 4.11
CA GLU F 655 29.02 48.33 5.06
C GLU F 655 27.75 48.44 5.89
N ILE F 656 26.59 48.44 5.21
CA ILE F 656 25.30 48.56 5.90
C ILE F 656 25.16 47.45 6.92
N ASN F 657 25.49 46.24 6.51
CA ASN F 657 25.33 45.09 7.39
C ASN F 657 26.22 45.19 8.62
N ALA F 658 27.46 45.66 8.42
CA ALA F 658 28.36 45.85 9.57
C ALA F 658 27.72 46.76 10.61
N LYS F 659 27.11 47.85 10.17
CA LYS F 659 26.53 48.79 11.11
C LYS F 659 25.25 48.24 11.74
N ILE F 660 24.34 47.70 10.93
CA ILE F 660 23.12 47.09 11.42
C ILE F 660 23.39 46.05 12.49
N ALA F 661 24.51 45.34 12.36
CA ALA F 661 24.90 44.30 13.32
C ALA F 661 24.96 44.84 14.72
N GLN F 662 25.21 46.13 14.86
CA GLN F 662 25.39 46.70 16.17
C GLN F 662 24.09 47.09 16.85
N ILE F 663 22.95 46.99 16.16
CA ILE F 663 21.66 47.26 16.79
C ILE F 663 21.27 46.02 17.59
N GLN F 664 21.20 46.16 18.91
CA GLN F 664 20.89 45.00 19.72
C GLN F 664 19.39 44.79 19.91
N GLN F 665 18.55 45.79 19.63
CA GLN F 665 17.13 45.65 19.93
C GLN F 665 16.37 44.72 18.96
N GLY F 666 16.98 44.26 17.87
CA GLY F 666 16.31 43.34 16.95
C GLY F 666 17.36 42.80 16.02
N PHE F 667 16.99 41.75 15.25
CA PHE F 667 17.88 41.11 14.26
C PHE F 667 17.73 41.77 12.89
N GLY F 668 18.59 42.72 12.59
CA GLY F 668 18.48 43.44 11.35
C GLY F 668 19.33 42.80 10.27
N PHE F 669 19.00 43.08 9.03
CA PHE F 669 19.74 42.47 7.94
C PHE F 669 19.60 43.35 6.70
N SER F 670 20.48 43.09 5.73
CA SER F 670 20.38 43.73 4.42
C SER F 670 20.96 42.76 3.41
N ILE F 671 20.27 42.57 2.28
CA ILE F 671 20.65 41.60 1.26
C ILE F 671 20.63 42.27 -0.09
N LEU F 672 21.33 41.64 -1.05
CA LEU F 672 21.22 42.09 -2.42
C LEU F 672 19.88 41.63 -3.01
N PRO F 673 19.34 42.41 -3.95
CA PRO F 673 17.98 42.11 -4.50
C PRO F 673 18.04 41.05 -5.59
N PRO F 674 16.92 40.40 -5.88
CA PRO F 674 16.89 39.42 -6.97
C PRO F 674 17.03 40.12 -8.31
N PRO F 675 17.59 39.44 -9.31
CA PRO F 675 17.68 40.06 -10.62
C PRO F 675 16.33 40.26 -11.27
N ILE F 676 15.33 39.43 -10.94
CA ILE F 676 14.00 39.65 -11.52
C ILE F 676 12.92 39.68 -10.44
N LEU F 677 12.19 40.80 -10.41
CA LEU F 677 11.10 40.97 -9.47
C LEU F 677 10.04 39.93 -9.73
N GLY F 678 9.72 39.12 -8.74
CA GLY F 678 8.66 38.15 -8.89
C GLY F 678 9.06 36.71 -9.13
N LEU F 679 10.35 36.39 -9.23
CA LEU F 679 10.64 34.99 -9.50
C LEU F 679 10.88 34.29 -8.18
N GLY F 680 12.14 34.00 -7.88
CA GLY F 680 12.48 33.89 -6.49
C GLY F 680 13.57 34.91 -6.29
N GLN F 681 14.80 34.43 -6.44
CA GLN F 681 16.00 35.24 -6.52
C GLN F 681 16.89 34.60 -7.57
N GLY F 682 18.19 34.89 -7.50
CA GLY F 682 19.12 34.28 -8.43
C GLY F 682 19.40 32.87 -7.98
N SER F 683 20.69 32.55 -7.81
CA SER F 683 21.07 31.28 -7.18
C SER F 683 20.36 31.20 -5.83
N GLY F 684 20.21 30.00 -5.31
CA GLY F 684 19.51 29.86 -4.07
C GLY F 684 18.28 29.01 -4.21
N TYR F 685 17.40 29.06 -3.20
CA TYR F 685 16.30 28.13 -3.22
C TYR F 685 15.18 28.75 -2.35
N SER F 686 14.00 28.24 -2.58
CA SER F 686 12.81 28.62 -1.83
C SER F 686 12.02 27.37 -1.63
N LEU F 687 11.59 27.13 -0.38
CA LEU F 687 10.75 25.98 -0.08
C LEU F 687 9.82 26.33 1.11
N TYR F 688 8.81 25.50 1.29
CA TYR F 688 7.94 25.49 2.45
C TYR F 688 8.09 24.12 3.12
N ILE F 689 8.21 24.12 4.44
CA ILE F 689 7.98 22.91 5.22
C ILE F 689 6.49 22.80 5.47
N GLN F 690 5.88 21.70 5.04
CA GLN F 690 4.48 21.46 5.25
C GLN F 690 4.26 20.48 6.40
N ASP F 691 3.31 20.81 7.28
CA ASP F 691 2.91 19.93 8.38
C ASP F 691 1.69 19.19 7.87
N ARG F 692 1.92 17.96 7.40
CA ARG F 692 0.79 17.18 6.91
C ARG F 692 0.23 16.24 7.95
N GLY F 693 0.89 16.11 9.11
CA GLY F 693 0.46 15.07 9.99
C GLY F 693 -0.15 15.61 11.26
N GLY F 694 -0.70 16.82 11.22
CA GLY F 694 -1.25 17.42 12.45
C GLY F 694 -0.28 17.51 13.60
N LEU F 695 1.02 17.73 13.32
CA LEU F 695 1.99 17.76 14.41
C LEU F 695 1.97 19.09 15.16
N GLY F 696 1.45 20.17 14.56
CA GLY F 696 1.17 21.40 15.27
C GLY F 696 2.26 22.46 15.10
N TYR F 697 1.95 23.66 15.60
CA TYR F 697 2.77 24.85 15.38
C TYR F 697 4.10 24.75 16.10
N GLY F 698 4.14 24.13 17.29
CA GLY F 698 5.43 23.97 17.97
C GLY F 698 6.37 22.98 17.28
N ALA F 699 5.83 21.83 16.85
CA ALA F 699 6.65 20.89 16.08
C ALA F 699 7.19 21.54 14.79
N LEU F 700 6.36 22.35 14.15
CA LEU F 700 6.81 23.04 12.94
C LEU F 700 7.94 24.00 13.27
N GLN F 701 7.87 24.67 14.41
CA GLN F 701 8.94 25.58 14.77
C GLN F 701 10.25 24.82 15.00
N SER F 702 10.18 23.69 15.69
CA SER F 702 11.38 22.90 15.94
C SER F 702 11.98 22.43 14.64
N ALA F 703 11.13 22.02 13.71
CA ALA F 703 11.58 21.64 12.37
C ALA F 703 12.32 22.78 11.67
N VAL F 704 11.73 23.98 11.69
CA VAL F 704 12.43 25.13 11.10
C VAL F 704 13.79 25.33 11.74
N ASN F 705 13.82 25.27 13.08
CA ASN F 705 15.09 25.51 13.76
C ASN F 705 16.12 24.45 13.36
N ALA F 706 15.72 23.19 13.31
CA ALA F 706 16.72 22.15 13.09
C ALA F 706 17.14 22.12 11.63
N MET F 707 16.18 22.34 10.72
CA MET F 707 16.52 22.43 9.29
C MET F 707 17.46 23.57 9.07
N SER F 708 17.24 24.68 9.80
CA SER F 708 17.99 25.89 9.51
C SER F 708 19.42 25.74 10.02
N GLY F 709 19.59 25.08 11.16
CA GLY F 709 20.92 24.86 11.67
C GLY F 709 21.73 23.92 10.79
N ALA F 710 21.10 22.84 10.32
CA ALA F 710 21.78 21.91 9.42
C ALA F 710 22.10 22.54 8.07
N ILE F 711 21.17 23.31 7.53
CA ILE F 711 21.51 24.09 6.35
C ILE F 711 22.71 24.98 6.62
N MET F 712 22.76 25.60 7.82
CA MET F 712 23.87 26.52 8.06
C MET F 712 25.22 25.78 8.22
N GLN F 713 25.16 24.53 8.67
CA GLN F 713 26.37 23.73 8.81
C GLN F 713 26.91 23.27 7.45
N THR F 714 26.11 23.36 6.41
CA THR F 714 26.54 22.93 5.10
C THR F 714 27.48 23.95 4.47
N PRO F 715 28.67 23.54 4.04
CA PRO F 715 29.55 24.51 3.38
C PRO F 715 28.87 25.01 2.11
N GLY F 716 29.02 26.30 1.81
CA GLY F 716 28.30 26.89 0.69
C GLY F 716 26.93 27.48 1.00
N MET F 717 26.34 27.19 2.17
CA MET F 717 25.00 27.64 2.54
C MET F 717 25.06 28.42 3.84
N HIS F 718 24.36 29.55 3.90
CA HIS F 718 24.15 30.28 5.16
C HIS F 718 22.80 29.91 5.79
N PHE F 719 22.61 30.43 7.02
CA PHE F 719 21.39 30.23 7.78
C PHE F 719 20.21 30.78 6.97
N PRO F 720 19.21 29.98 6.66
CA PRO F 720 18.07 30.48 5.87
C PRO F 720 17.14 31.41 6.66
N ILE F 721 16.29 32.13 5.91
CA ILE F 721 15.37 33.14 6.45
C ILE F 721 13.96 32.58 6.39
N SER F 722 13.13 32.96 7.37
CA SER F 722 11.75 32.48 7.45
C SER F 722 10.82 33.58 7.95
N THR F 723 9.56 33.47 7.56
CA THR F 723 8.53 34.34 8.11
C THR F 723 7.96 33.75 9.39
N TYR F 724 8.11 32.43 9.54
CA TYR F 724 7.40 31.68 10.54
C TYR F 724 7.96 31.99 11.92
N GLN F 725 7.07 32.16 12.89
CA GLN F 725 7.50 32.40 14.28
C GLN F 725 6.35 31.92 15.17
N ALA F 726 6.48 30.72 15.70
CA ALA F 726 5.41 30.13 16.48
C ALA F 726 5.42 30.56 17.94
N ASN F 727 6.45 31.28 18.39
CA ASN F 727 6.60 31.61 19.82
C ASN F 727 6.16 33.03 20.11
N VAL F 728 5.09 33.49 19.47
CA VAL F 728 4.63 34.85 19.74
C VAL F 728 3.77 34.80 21.00
N PRO F 729 4.09 35.61 22.01
CA PRO F 729 3.31 35.57 23.27
C PRO F 729 1.88 36.02 23.00
N GLN F 730 0.92 35.23 23.48
CA GLN F 730 -0.51 35.55 23.32
C GLN F 730 -1.23 35.32 24.64
N LEU F 731 -2.56 35.57 24.65
CA LEU F 731 -3.43 35.26 25.78
C LEU F 731 -4.52 34.29 25.34
N ASP F 732 -4.84 33.35 26.21
CA ASP F 732 -5.97 32.47 26.05
C ASP F 732 -7.10 32.93 26.99
N VAL F 733 -8.27 33.24 26.43
CA VAL F 733 -9.47 33.52 27.22
C VAL F 733 -10.35 32.29 27.11
N GLN F 734 -10.34 31.47 28.17
CA GLN F 734 -11.09 30.22 28.22
C GLN F 734 -12.47 30.48 28.81
N VAL F 735 -13.52 30.30 28.03
CA VAL F 735 -14.82 30.61 28.53
C VAL F 735 -15.36 29.42 29.29
N ASP F 736 -15.83 29.68 30.51
CA ASP F 736 -16.55 28.68 31.28
C ASP F 736 -17.99 28.74 30.83
N ARG F 737 -18.36 27.87 29.88
CA ARG F 737 -19.68 27.97 29.27
C ARG F 737 -20.80 27.66 30.26
N ASP F 738 -20.62 26.66 31.14
CA ASP F 738 -21.63 26.37 32.16
C ASP F 738 -21.87 27.58 33.07
N LYS F 739 -20.78 28.21 33.50
CA LYS F 739 -20.87 29.42 34.30
C LYS F 739 -21.62 30.54 33.57
N ALA F 740 -21.26 30.79 32.30
CA ALA F 740 -21.93 31.87 31.57
C ALA F 740 -23.44 31.64 31.52
N LYS F 741 -23.86 30.39 31.28
CA LYS F 741 -25.29 30.09 31.31
C LYS F 741 -25.86 30.22 32.71
N ALA F 742 -25.13 29.76 33.73
CA ALA F 742 -25.61 29.95 35.10
C ALA F 742 -25.82 31.42 35.45
N GLN F 743 -25.09 32.32 34.81
CA GLN F 743 -25.24 33.74 35.04
C GLN F 743 -26.15 34.43 34.04
N GLY F 744 -26.84 33.68 33.19
CA GLY F 744 -27.74 34.32 32.24
C GLY F 744 -27.08 35.13 31.14
N VAL F 745 -25.86 34.80 30.75
CA VAL F 745 -25.18 35.49 29.66
C VAL F 745 -25.12 34.56 28.46
N SER F 746 -25.65 35.01 27.31
CA SER F 746 -25.47 34.24 26.10
C SER F 746 -24.03 34.35 25.62
N LEU F 747 -23.52 33.28 25.00
CA LEU F 747 -22.19 33.33 24.42
C LEU F 747 -22.14 34.41 23.35
N THR F 748 -23.25 34.66 22.67
CA THR F 748 -23.23 35.66 21.63
C THR F 748 -22.87 37.01 22.24
N GLU F 749 -23.50 37.35 23.36
CA GLU F 749 -23.17 38.61 24.02
C GLU F 749 -21.74 38.57 24.55
N LEU F 750 -21.35 37.44 25.12
CA LEU F 750 -20.00 37.35 25.67
C LEU F 750 -18.93 37.51 24.58
N PHE F 751 -19.04 36.71 23.50
CA PHE F 751 -18.09 36.83 22.40
C PHE F 751 -18.21 38.19 21.73
N GLY F 752 -19.43 38.74 21.61
CA GLY F 752 -19.58 40.01 20.93
C GLY F 752 -18.96 41.16 21.68
N THR F 753 -18.95 41.07 23.02
CA THR F 753 -18.30 42.04 23.87
C THR F 753 -16.79 42.03 23.66
N LEU F 754 -16.17 40.84 23.73
CA LEU F 754 -14.75 40.72 23.35
C LEU F 754 -14.48 41.31 21.96
N GLN F 755 -15.27 40.87 20.97
CA GLN F 755 -14.98 41.25 19.59
C GLN F 755 -15.06 42.77 19.38
N THR F 756 -16.19 43.40 19.78
CA THR F 756 -16.26 44.84 19.56
C THR F 756 -15.20 45.59 20.37
N TYR F 757 -15.16 45.36 21.71
CA TYR F 757 -14.27 46.17 22.51
C TYR F 757 -12.80 45.91 22.16
N LEU F 758 -12.39 44.65 22.08
CA LEU F 758 -10.96 44.38 21.93
C LEU F 758 -10.52 44.27 20.47
N GLY F 759 -11.40 43.75 19.60
CA GLY F 759 -11.05 43.51 18.19
C GLY F 759 -11.48 44.57 17.19
N SER F 760 -12.50 45.40 17.54
CA SER F 760 -13.17 46.36 16.67
C SER F 760 -14.30 45.64 15.91
N SER F 761 -15.35 46.40 15.60
CA SER F 761 -16.48 45.92 14.81
C SER F 761 -16.67 46.87 13.65
N TYR F 762 -16.82 46.31 12.45
CA TYR F 762 -17.25 47.11 11.31
C TYR F 762 -18.72 47.45 11.48
N VAL F 763 -19.04 48.73 11.53
CA VAL F 763 -20.47 49.07 11.76
C VAL F 763 -21.26 49.16 10.45
N ASN F 764 -20.82 50.06 9.57
CA ASN F 764 -21.38 50.27 8.24
C ASN F 764 -20.53 51.34 7.58
N ASP F 765 -21.05 52.00 6.56
CA ASP F 765 -20.21 52.95 5.80
C ASP F 765 -20.79 54.33 5.94
N PHE F 766 -19.98 55.30 5.54
CA PHE F 766 -20.44 56.68 5.41
C PHE F 766 -19.69 57.33 4.24
N ASN F 767 -20.11 58.55 3.87
CA ASN F 767 -19.58 59.24 2.70
C ASN F 767 -18.87 60.53 3.11
N GLN F 768 -17.68 60.76 2.56
CA GLN F 768 -17.01 62.03 2.77
C GLN F 768 -16.05 62.21 1.59
N PHE F 769 -15.82 63.45 1.18
CA PHE F 769 -14.89 63.74 0.08
C PHE F 769 -15.31 63.07 -1.24
N GLY F 770 -16.60 62.78 -1.40
CA GLY F 770 -17.08 62.06 -2.56
C GLY F 770 -16.84 60.57 -2.58
N ARG F 771 -16.38 59.97 -1.47
CA ARG F 771 -16.02 58.55 -1.43
C ARG F 771 -16.75 57.87 -0.28
N THR F 772 -16.61 56.57 -0.17
CA THR F 772 -17.26 55.82 0.91
C THR F 772 -16.17 55.28 1.81
N TRP F 773 -16.39 55.38 3.12
CA TRP F 773 -15.38 54.90 4.08
C TRP F 773 -16.07 54.06 5.14
N ARG F 774 -15.27 53.28 5.88
CA ARG F 774 -15.86 52.49 6.96
C ARG F 774 -16.09 53.34 8.20
N VAL F 775 -17.07 52.90 9.02
CA VAL F 775 -17.31 53.35 10.41
C VAL F 775 -17.00 52.16 11.31
N MET F 776 -16.11 52.35 12.28
CA MET F 776 -15.59 51.24 13.05
C MET F 776 -15.79 51.59 14.52
N ALA F 777 -16.09 50.60 15.34
CA ALA F 777 -16.23 50.80 16.80
C ALA F 777 -15.27 49.86 17.48
N GLN F 778 -14.58 50.37 18.50
CA GLN F 778 -13.62 49.59 19.26
C GLN F 778 -13.40 50.33 20.59
N ALA F 779 -13.03 49.60 21.63
CA ALA F 779 -12.53 50.34 22.81
C ALA F 779 -11.37 51.24 22.41
N ASP F 780 -11.28 52.37 23.10
CA ASP F 780 -10.08 53.19 23.01
C ASP F 780 -8.87 52.39 23.52
N GLY F 781 -7.71 52.73 22.96
CA GLY F 781 -6.48 51.99 23.28
C GLY F 781 -6.20 51.80 24.78
N PRO F 782 -6.35 52.86 25.60
CA PRO F 782 -6.05 52.70 27.03
C PRO F 782 -6.94 51.72 27.75
N TYR F 783 -8.04 51.27 27.16
CA TYR F 783 -8.94 50.36 27.84
C TYR F 783 -8.76 48.93 27.35
N ARG F 784 -7.69 48.65 26.61
CA ARG F 784 -7.47 47.30 26.19
C ARG F 784 -5.95 47.08 26.19
N GLU F 785 -5.34 47.26 27.36
CA GLU F 785 -3.90 47.01 27.52
C GLU F 785 -3.55 45.89 28.46
N SER F 786 -4.43 45.51 29.37
CA SER F 786 -4.03 44.57 30.40
C SER F 786 -5.03 43.44 30.46
N VAL F 787 -4.60 42.36 31.12
CA VAL F 787 -5.51 41.27 31.41
C VAL F 787 -6.71 41.75 32.25
N GLU F 788 -6.49 42.70 33.15
CA GLU F 788 -7.62 43.23 33.92
C GLU F 788 -8.61 43.98 33.03
N ASP F 789 -8.09 44.71 32.01
CA ASP F 789 -8.98 45.37 31.05
C ASP F 789 -9.94 44.38 30.38
N ILE F 790 -9.48 43.16 30.10
CA ILE F 790 -10.38 42.15 29.54
C ILE F 790 -11.43 41.74 30.56
N ALA F 791 -10.95 41.33 31.74
CA ALA F 791 -11.83 40.85 32.80
C ALA F 791 -12.89 41.88 33.16
N ASN F 792 -12.58 43.17 33.03
CA ASN F 792 -13.50 44.21 33.47
C ASN F 792 -14.52 44.64 32.42
N LEU F 793 -14.41 44.21 31.15
CA LEU F 793 -15.49 44.44 30.20
C LEU F 793 -16.81 43.90 30.74
N ARG F 794 -17.89 44.63 30.53
CA ARG F 794 -19.20 44.20 31.01
C ARG F 794 -20.14 43.92 29.85
N THR F 795 -20.82 42.78 29.95
CA THR F 795 -22.01 42.57 29.13
C THR F 795 -23.24 42.49 30.04
N ARG F 796 -24.40 42.18 29.46
CA ARG F 796 -25.65 42.25 30.20
C ARG F 796 -26.29 40.87 30.27
N ASN F 797 -26.84 40.50 31.43
CA ASN F 797 -27.46 39.18 31.52
C ASN F 797 -28.96 39.27 31.21
N ASN F 798 -29.64 38.13 31.26
CA ASN F 798 -31.08 38.11 30.99
C ASN F 798 -31.90 38.71 32.11
N GLN F 799 -31.30 38.99 33.27
CA GLN F 799 -31.93 39.79 34.33
C GLN F 799 -31.73 41.29 34.13
N GLY F 800 -31.00 41.71 33.09
CA GLY F 800 -30.73 43.12 32.91
C GLY F 800 -29.58 43.70 33.69
N GLU F 801 -28.78 42.87 34.35
CA GLU F 801 -27.65 43.38 35.10
C GLU F 801 -26.38 43.34 34.24
N MET F 802 -25.57 44.38 34.36
CA MET F 802 -24.22 44.38 33.81
C MET F 802 -23.30 43.45 34.59
N VAL F 803 -22.72 42.48 33.89
CA VAL F 803 -21.94 41.38 34.47
C VAL F 803 -20.53 41.57 33.92
N PRO F 804 -19.47 41.52 34.73
CA PRO F 804 -18.11 41.54 34.16
C PRO F 804 -17.75 40.22 33.49
N ILE F 805 -16.98 40.32 32.40
CA ILE F 805 -16.51 39.14 31.69
C ILE F 805 -15.67 38.26 32.61
N GLY F 806 -14.90 38.88 33.53
CA GLY F 806 -13.96 38.12 34.32
C GLY F 806 -14.61 36.98 35.06
N SER F 807 -15.88 37.11 35.42
CA SER F 807 -16.48 36.10 36.27
C SER F 807 -16.80 34.84 35.51
N MET F 808 -16.63 34.83 34.17
CA MET F 808 -17.02 33.69 33.37
C MET F 808 -15.88 33.16 32.51
N VAL F 809 -14.66 33.68 32.66
CA VAL F 809 -13.54 33.27 31.82
C VAL F 809 -12.29 33.05 32.68
N ASN F 810 -11.38 32.25 32.18
CA ASN F 810 -10.08 32.07 32.79
C ASN F 810 -9.05 32.53 31.77
N ILE F 811 -8.25 33.54 32.13
CA ILE F 811 -7.26 34.09 31.22
C ILE F 811 -5.90 33.56 31.62
N SER F 812 -5.11 33.14 30.61
CA SER F 812 -3.79 32.58 30.86
C SER F 812 -2.91 32.91 29.64
N THR F 813 -1.59 32.94 29.88
CA THR F 813 -0.63 33.26 28.82
C THR F 813 -0.40 32.05 27.93
N THR F 814 -0.10 32.32 26.67
CA THR F 814 0.20 31.21 25.76
C THR F 814 1.06 31.73 24.62
N TYR F 815 1.25 30.90 23.62
CA TYR F 815 2.05 31.25 22.45
C TYR F 815 1.32 30.78 21.22
N GLY F 816 1.60 31.44 20.10
CA GLY F 816 1.13 30.95 18.83
C GLY F 816 1.73 31.72 17.67
N PRO F 817 1.47 31.25 16.46
CA PRO F 817 2.14 31.85 15.31
C PRO F 817 1.49 33.13 14.87
N ASP F 818 2.31 34.01 14.33
CA ASP F 818 1.79 35.23 13.74
C ASP F 818 2.79 35.72 12.72
N PRO F 819 2.51 35.64 11.39
CA PRO F 819 1.30 35.13 10.72
C PRO F 819 1.17 33.61 10.76
N VAL F 820 -0.01 33.11 10.55
CA VAL F 820 -0.19 31.70 10.26
C VAL F 820 -0.10 31.55 8.75
N ILE F 821 0.78 30.66 8.33
CA ILE F 821 1.07 30.39 6.90
C ILE F 821 0.56 29.01 6.53
N ARG F 822 -0.04 28.90 5.31
CA ARG F 822 -0.49 27.64 4.77
C ARG F 822 0.11 27.57 3.39
N TYR F 823 0.54 26.38 3.01
CA TYR F 823 1.11 26.15 1.65
C TYR F 823 0.49 24.89 1.09
N ASN F 824 -0.18 25.03 -0.06
CA ASN F 824 -0.96 23.96 -0.70
C ASN F 824 -1.87 23.25 0.29
N GLY F 825 -2.55 24.03 1.14
CA GLY F 825 -3.56 23.45 2.01
C GLY F 825 -3.06 22.85 3.32
N TYR F 826 -1.81 23.06 3.67
CA TYR F 826 -1.30 22.58 4.96
C TYR F 826 -0.65 23.71 5.71
N PRO F 827 -0.72 23.71 7.04
CA PRO F 827 0.13 24.64 7.81
C PRO F 827 1.57 24.45 7.38
N ALA F 828 2.30 25.57 7.33
CA ALA F 828 3.58 25.52 6.64
C ALA F 828 4.45 26.65 7.15
N ALA F 829 5.77 26.53 6.90
CA ALA F 829 6.76 27.55 7.17
C ALA F 829 7.66 27.74 5.95
N ASP F 830 7.99 29.00 5.63
CA ASP F 830 8.82 29.24 4.46
C ASP F 830 10.28 29.19 4.86
N LEU F 831 11.15 28.81 3.91
CA LEU F 831 12.60 28.84 4.12
C LEU F 831 13.20 29.32 2.82
N ILE F 832 13.87 30.47 2.82
CA ILE F 832 14.61 30.96 1.67
C ILE F 832 16.08 31.05 2.06
N GLY F 833 16.96 30.61 1.14
CA GLY F 833 18.37 30.74 1.48
C GLY F 833 19.26 30.71 0.23
N ASP F 834 20.53 30.97 0.47
CA ASP F 834 21.52 30.96 -0.61
C ASP F 834 22.29 29.63 -0.70
N ALA F 835 22.90 29.40 -1.88
CA ALA F 835 23.81 28.26 -2.05
C ALA F 835 24.94 28.73 -2.98
N ASP F 836 26.17 28.72 -2.48
CA ASP F 836 27.29 29.28 -3.24
C ASP F 836 27.53 28.40 -4.47
N PRO F 837 27.31 28.91 -5.67
CA PRO F 837 27.49 28.03 -6.85
C PRO F 837 28.96 27.59 -7.03
N ARG F 838 29.93 28.30 -6.44
CA ARG F 838 31.31 27.83 -6.44
C ARG F 838 31.54 26.65 -5.50
N VAL F 839 30.64 26.40 -4.55
CA VAL F 839 30.77 25.27 -3.64
C VAL F 839 29.85 24.13 -4.05
N LEU F 840 28.59 24.45 -4.40
CA LEU F 840 27.65 23.45 -4.87
C LEU F 840 26.68 24.12 -5.85
N SER F 841 26.18 23.32 -6.80
CA SER F 841 25.26 23.83 -7.81
C SER F 841 23.86 23.88 -7.23
N SER F 842 22.93 24.47 -8.01
CA SER F 842 21.55 24.58 -7.55
C SER F 842 20.91 23.19 -7.43
N SER F 843 21.23 22.28 -8.36
CA SER F 843 20.65 20.94 -8.24
C SER F 843 21.31 20.12 -7.12
N GLN F 844 22.61 20.33 -6.86
CA GLN F 844 23.22 19.66 -5.70
C GLN F 844 22.61 20.18 -4.40
N ALA F 845 22.48 21.49 -4.27
CA ALA F 845 21.87 22.09 -3.08
C ALA F 845 20.49 21.55 -2.82
N MET F 846 19.69 21.39 -3.87
CA MET F 846 18.32 20.91 -3.72
C MET F 846 18.29 19.44 -3.35
N THR F 847 19.19 18.65 -3.92
CA THR F 847 19.31 17.25 -3.49
C THR F 847 19.76 17.17 -2.03
N HIS F 848 20.59 18.10 -1.62
CA HIS F 848 21.11 18.07 -0.29
C HIS F 848 20.03 18.45 0.72
N LEU F 849 19.14 19.38 0.34
CA LEU F 849 18.06 19.81 1.24
C LEU F 849 17.02 18.74 1.37
N GLU F 850 16.76 18.03 0.28
CA GLU F 850 15.80 16.92 0.32
C GLU F 850 16.28 15.80 1.22
N GLU F 851 17.57 15.43 1.11
CA GLU F 851 18.15 14.41 1.98
CA GLU F 851 18.11 14.40 1.98
C GLU F 851 18.08 14.85 3.43
N LEU F 852 18.68 16.02 3.75
CA LEU F 852 18.65 16.57 5.11
C LEU F 852 17.23 16.59 5.67
N SER F 853 16.26 16.91 4.83
CA SER F 853 14.89 17.00 5.32
C SER F 853 14.31 15.64 5.70
N LYS F 854 14.81 14.57 5.10
CA LYS F 854 14.29 13.27 5.49
C LYS F 854 14.90 12.83 6.81
N GLN F 855 16.07 13.37 7.14
CA GLN F 855 16.71 13.00 8.36
C GLN F 855 16.17 13.80 9.54
N ILE F 856 15.72 15.04 9.29
CA ILE F 856 15.49 16.04 10.33
C ILE F 856 14.00 16.29 10.57
N LEU F 857 13.20 16.32 9.51
CA LEU F 857 11.77 16.59 9.63
C LEU F 857 11.11 15.35 10.18
N PRO F 858 10.26 15.47 11.21
CA PRO F 858 9.52 14.30 11.67
C PRO F 858 8.63 13.83 10.56
N ASN F 859 8.63 12.51 10.37
CA ASN F 859 7.65 11.88 9.50
C ASN F 859 6.28 12.55 9.72
N GLY F 860 5.59 12.85 8.62
CA GLY F 860 4.40 13.69 8.64
C GLY F 860 4.62 15.10 8.12
N MET F 861 5.85 15.56 8.14
CA MET F 861 6.26 16.80 7.50
C MET F 861 7.19 16.57 6.33
N ASN F 862 7.22 17.55 5.43
CA ASN F 862 8.03 17.46 4.22
C ASN F 862 8.38 18.85 3.73
N ILE F 863 9.39 18.91 2.83
CA ILE F 863 9.67 20.17 2.13
C ILE F 863 8.93 20.16 0.79
N GLU F 864 8.67 21.37 0.29
CA GLU F 864 8.00 21.53 -1.00
C GLU F 864 8.71 22.68 -1.66
N TRP F 865 9.16 22.51 -2.90
CA TRP F 865 9.91 23.59 -3.53
C TRP F 865 8.90 24.61 -4.03
N THR F 866 9.30 25.88 -4.06
CA THR F 866 8.37 26.86 -4.62
C THR F 866 9.18 27.85 -5.47
N ASP F 867 8.48 28.78 -6.10
CA ASP F 867 9.13 29.86 -6.86
C ASP F 867 10.06 29.22 -7.90
N LEU F 868 11.22 29.77 -8.12
CA LEU F 868 12.13 29.22 -9.12
C LEU F 868 12.54 27.80 -8.80
N SER F 869 12.66 27.45 -7.50
CA SER F 869 13.06 26.09 -7.14
C SER F 869 12.05 25.08 -7.64
N PHE F 870 10.78 25.43 -7.61
CA PHE F 870 9.76 24.48 -8.06
C PHE F 870 9.87 24.27 -9.60
N GLN F 871 10.18 25.33 -10.34
CA GLN F 871 10.40 25.17 -11.80
C GLN F 871 11.54 24.20 -12.06
N GLN F 872 12.68 24.48 -11.44
CA GLN F 872 13.86 23.65 -11.56
C GLN F 872 13.55 22.21 -11.24
N ALA F 873 12.76 21.98 -10.19
CA ALA F 873 12.47 20.60 -9.81
C ALA F 873 11.59 19.92 -10.83
N THR F 874 10.76 20.68 -11.55
CA THR F 874 9.69 20.07 -12.33
C THR F 874 9.90 20.29 -13.82
N GLN F 875 10.96 20.99 -14.21
CA GLN F 875 11.35 21.18 -15.61
C GLN F 875 11.70 19.85 -16.27
N GLY F 876 11.22 19.67 -17.49
CA GLY F 876 11.80 18.63 -18.32
C GLY F 876 13.20 19.01 -18.74
N ASN F 877 13.96 18.03 -19.21
CA ASN F 877 15.27 18.34 -19.78
C ASN F 877 15.14 18.25 -21.29
N THR F 878 14.53 19.29 -21.87
CA THR F 878 14.33 19.38 -23.31
C THR F 878 15.66 19.41 -24.07
N ALA F 879 16.76 19.75 -23.39
CA ALA F 879 18.06 19.82 -24.05
C ALA F 879 18.45 18.51 -24.71
N LEU F 880 18.00 17.38 -24.16
CA LEU F 880 18.36 16.11 -24.74
C LEU F 880 17.71 15.87 -26.09
N ILE F 881 16.69 16.63 -26.47
CA ILE F 881 16.19 16.62 -27.83
C ILE F 881 16.73 17.82 -28.62
N VAL F 882 16.68 19.02 -28.01
CA VAL F 882 17.05 20.24 -28.73
C VAL F 882 18.45 20.14 -29.32
N PHE F 883 19.42 19.70 -28.52
CA PHE F 883 20.81 19.78 -28.99
C PHE F 883 21.14 18.77 -30.08
N PRO F 884 20.84 17.47 -29.94
CA PRO F 884 21.02 16.57 -31.10
C PRO F 884 20.23 17.00 -32.33
N VAL F 885 18.98 17.47 -32.18
CA VAL F 885 18.23 17.94 -33.35
C VAL F 885 19.00 19.08 -34.04
N ALA F 886 19.47 20.04 -33.26
CA ALA F 886 20.28 21.14 -33.83
C ALA F 886 21.47 20.62 -34.64
N VAL F 887 22.22 19.69 -34.06
CA VAL F 887 23.42 19.20 -34.71
C VAL F 887 23.04 18.43 -35.96
N LEU F 888 22.04 17.56 -35.86
CA LEU F 888 21.60 16.79 -37.01
C LEU F 888 21.15 17.72 -38.14
N LEU F 889 20.36 18.74 -37.81
CA LEU F 889 19.90 19.67 -38.85
C LEU F 889 21.09 20.38 -39.51
N ALA F 890 22.08 20.83 -38.72
CA ALA F 890 23.22 21.53 -39.30
C ALA F 890 23.99 20.58 -40.22
N PHE F 891 24.14 19.33 -39.76
CA PHE F 891 24.79 18.30 -40.54
C PHE F 891 24.12 18.13 -41.91
N LEU F 892 22.78 18.01 -41.90
CA LEU F 892 22.03 17.83 -43.13
C LEU F 892 22.21 18.99 -44.08
N VAL F 893 22.15 20.23 -43.59
CA VAL F 893 22.41 21.36 -44.50
C VAL F 893 23.81 21.24 -45.15
N LEU F 894 24.83 20.96 -44.35
CA LEU F 894 26.17 20.90 -44.93
C LEU F 894 26.35 19.69 -45.89
N ALA F 895 25.77 18.55 -45.55
CA ALA F 895 25.76 17.40 -46.45
C ALA F 895 25.26 17.78 -47.86
N ALA F 896 24.18 18.55 -47.93
CA ALA F 896 23.65 19.04 -49.19
C ALA F 896 24.60 20.04 -49.83
N LEU F 897 25.14 20.98 -49.03
CA LEU F 897 26.07 21.94 -49.61
C LEU F 897 27.28 21.24 -50.22
N TYR F 898 27.76 20.19 -49.55
CA TYR F 898 29.00 19.54 -49.94
C TYR F 898 28.77 18.29 -50.80
N GLU F 899 27.51 17.93 -51.05
CA GLU F 899 27.10 16.65 -51.60
C GLU F 899 27.95 15.51 -51.04
N SER F 900 28.05 15.47 -49.74
CA SER F 900 28.94 14.53 -49.04
C SER F 900 28.38 14.24 -47.67
N TRP F 901 28.31 12.95 -47.32
CA TRP F 901 27.91 12.63 -45.97
C TRP F 901 29.05 12.81 -44.94
N THR F 902 30.30 12.99 -45.39
CA THR F 902 31.44 13.03 -44.47
C THR F 902 32.12 14.39 -44.40
N LEU F 903 32.15 15.16 -45.48
CA LEU F 903 32.76 16.48 -45.41
C LEU F 903 32.19 17.40 -44.30
N PRO F 904 30.88 17.31 -43.95
CA PRO F 904 30.36 18.18 -42.87
C PRO F 904 31.14 18.07 -41.57
N LEU F 905 31.72 16.90 -41.31
CA LEU F 905 32.45 16.72 -40.06
C LEU F 905 33.66 17.64 -39.99
N ALA F 906 34.26 17.99 -41.13
CA ALA F 906 35.40 18.89 -41.06
C ALA F 906 35.01 20.24 -40.45
N VAL F 907 33.72 20.58 -40.51
CA VAL F 907 33.19 21.80 -39.92
C VAL F 907 32.73 21.52 -38.51
N ILE F 908 31.91 20.47 -38.35
CA ILE F 908 31.24 20.26 -37.07
C ILE F 908 32.25 19.93 -35.99
N LEU F 909 33.33 19.21 -36.33
CA LEU F 909 34.26 18.76 -35.30
C LEU F 909 35.17 19.86 -34.76
N ILE F 910 35.31 21.01 -35.44
CA ILE F 910 36.18 22.01 -34.82
C ILE F 910 35.41 22.85 -33.81
N VAL F 911 34.08 22.79 -33.86
CA VAL F 911 33.26 23.68 -33.04
C VAL F 911 33.51 23.55 -31.53
N PRO F 912 33.71 22.35 -30.96
CA PRO F 912 34.03 22.29 -29.52
C PRO F 912 35.23 23.13 -29.15
N MET F 913 36.14 23.38 -30.09
CA MET F 913 37.39 24.05 -29.76
C MET F 913 37.14 25.52 -29.45
N THR F 914 36.23 26.16 -30.19
CA THR F 914 35.91 27.55 -29.90
C THR F 914 35.25 27.66 -28.51
N MET F 915 34.41 26.68 -28.17
CA MET F 915 33.79 26.58 -26.84
C MET F 915 34.83 26.52 -25.75
N LEU F 916 35.80 25.62 -25.89
CA LEU F 916 36.89 25.51 -24.94
C LEU F 916 37.67 26.82 -24.83
N SER F 917 37.96 27.46 -25.95
CA SER F 917 38.72 28.70 -25.89
C SER F 917 38.00 29.74 -25.04
N ALA F 918 36.70 29.94 -25.30
CA ALA F 918 35.95 30.94 -24.53
C ALA F 918 35.85 30.55 -23.06
N LEU F 919 35.48 29.30 -22.78
CA LEU F 919 35.31 28.90 -21.40
C LEU F 919 36.62 29.01 -20.65
N PHE F 920 37.73 28.75 -21.33
CA PHE F 920 39.06 28.89 -20.74
C PHE F 920 39.33 30.34 -20.31
N GLY F 921 38.89 31.33 -21.11
CA GLY F 921 38.99 32.71 -20.65
C GLY F 921 38.12 32.98 -19.43
N VAL F 922 36.91 32.43 -19.41
CA VAL F 922 36.02 32.55 -18.25
C VAL F 922 36.67 31.93 -17.01
N TRP F 923 37.30 30.76 -17.18
CA TRP F 923 37.98 30.07 -16.08
C TRP F 923 39.16 30.90 -15.56
N LEU F 924 40.10 31.25 -16.45
CA LEU F 924 41.24 32.08 -16.06
C LEU F 924 40.80 33.31 -15.26
N THR F 925 39.62 33.87 -15.54
CA THR F 925 39.22 35.12 -14.93
C THR F 925 38.20 34.94 -13.81
N GLY F 926 37.99 33.71 -13.35
CA GLY F 926 37.09 33.50 -12.25
C GLY F 926 35.64 33.76 -12.54
N GLY F 927 35.24 33.77 -13.81
CA GLY F 927 33.85 33.95 -14.17
C GLY F 927 33.06 32.66 -14.05
N ASP F 928 31.82 32.73 -14.48
CA ASP F 928 30.93 31.59 -14.44
C ASP F 928 30.22 31.49 -15.78
N ASN F 929 29.59 30.36 -16.03
CA ASN F 929 28.93 30.11 -17.32
C ASN F 929 27.45 30.45 -17.24
N ASN F 930 27.17 31.72 -16.98
CA ASN F 930 25.77 32.07 -16.86
C ASN F 930 25.09 32.07 -18.25
N VAL F 931 23.79 32.37 -18.22
CA VAL F 931 22.97 32.34 -19.42
C VAL F 931 23.52 33.26 -20.53
N PHE F 932 24.05 34.44 -20.16
CA PHE F 932 24.60 35.31 -21.20
C PHE F 932 25.89 34.73 -21.78
N VAL F 933 26.72 34.13 -20.93
CA VAL F 933 27.95 33.53 -21.43
C VAL F 933 27.60 32.39 -22.36
N GLN F 934 26.54 31.65 -22.03
CA GLN F 934 26.17 30.48 -22.82
C GLN F 934 25.69 30.85 -24.21
N VAL F 935 24.92 31.93 -24.36
CA VAL F 935 24.57 32.33 -25.71
C VAL F 935 25.80 32.84 -26.45
N GLY F 936 26.69 33.53 -25.75
CA GLY F 936 27.92 33.98 -26.37
C GLY F 936 28.73 32.82 -26.93
N LEU F 937 28.73 31.70 -26.21
CA LEU F 937 29.45 30.52 -26.69
C LEU F 937 28.84 29.98 -27.98
N VAL F 938 27.51 29.92 -28.03
CA VAL F 938 26.81 29.46 -29.23
C VAL F 938 27.06 30.41 -30.41
N VAL F 939 27.04 31.72 -30.17
CA VAL F 939 27.36 32.65 -31.25
C VAL F 939 28.82 32.48 -31.75
N LEU F 940 29.79 32.30 -30.83
CA LEU F 940 31.17 32.07 -31.27
C LEU F 940 31.31 30.80 -32.10
N MET F 941 30.68 29.71 -31.65
CA MET F 941 30.66 28.52 -32.49
C MET F 941 30.01 28.80 -33.83
N GLY F 942 28.96 29.63 -33.85
CA GLY F 942 28.35 29.97 -35.13
C GLY F 942 29.34 30.72 -36.01
N LEU F 943 30.13 31.58 -35.40
CA LEU F 943 31.15 32.29 -36.18
C LEU F 943 32.22 31.31 -36.67
N ALA F 944 32.58 30.34 -35.83
CA ALA F 944 33.52 29.30 -36.23
C ALA F 944 32.98 28.49 -37.41
N CYS F 945 31.66 28.18 -37.39
CA CYS F 945 31.00 27.51 -38.53
C CYS F 945 31.08 28.34 -39.78
N LYS F 946 30.69 29.62 -39.70
CA LYS F 946 30.70 30.51 -40.88
C LYS F 946 32.06 30.46 -41.57
N ASN F 947 33.15 30.57 -40.79
CA ASN F 947 34.51 30.60 -41.38
C ASN F 947 34.90 29.24 -41.93
N ALA F 948 34.65 28.20 -41.14
CA ALA F 948 35.09 26.87 -41.55
C ALA F 948 34.32 26.42 -42.76
N ILE F 949 33.04 26.81 -42.87
CA ILE F 949 32.25 26.38 -44.01
C ILE F 949 32.88 26.87 -45.31
N LEU F 950 33.32 28.14 -45.34
CA LEU F 950 33.90 28.65 -46.57
C LEU F 950 35.27 28.09 -46.85
N ILE F 951 36.06 27.78 -45.80
CA ILE F 951 37.32 27.05 -46.03
C ILE F 951 37.05 25.75 -46.76
N VAL F 952 36.17 24.93 -46.15
CA VAL F 952 35.90 23.61 -46.73
C VAL F 952 35.29 23.76 -48.14
N GLU F 953 34.42 24.75 -48.34
CA GLU F 953 33.84 24.92 -49.67
C GLU F 953 34.87 25.32 -50.71
N PHE F 954 35.77 26.26 -50.37
CA PHE F 954 36.80 26.69 -51.32
C PHE F 954 37.69 25.51 -51.68
N ALA F 955 38.03 24.71 -50.67
CA ALA F 955 38.85 23.51 -50.93
C ALA F 955 38.16 22.58 -51.92
N ARG F 956 36.87 22.35 -51.70
CA ARG F 956 36.07 21.44 -52.52
C ARG F 956 36.05 21.90 -53.97
N GLU F 957 35.85 23.21 -54.17
CA GLU F 957 35.85 23.76 -55.52
C GLU F 957 37.23 23.70 -56.14
N LEU F 958 38.28 23.98 -55.37
CA LEU F 958 39.64 23.93 -55.93
C LEU F 958 39.98 22.51 -56.37
N GLU F 959 39.50 21.52 -55.62
CA GLU F 959 39.61 20.13 -56.04
C GLU F 959 38.85 19.88 -57.35
N ILE F 960 37.62 20.39 -57.46
CA ILE F 960 36.91 20.33 -58.74
C ILE F 960 37.67 21.06 -59.85
N GLN F 961 38.38 22.13 -59.53
CA GLN F 961 39.16 22.80 -60.57
C GLN F 961 40.45 22.07 -60.94
N GLY F 962 40.77 20.93 -60.33
CA GLY F 962 41.96 20.18 -60.72
C GLY F 962 43.02 20.06 -59.66
N LYS F 963 42.84 20.63 -58.46
CA LYS F 963 43.93 20.51 -57.48
C LYS F 963 43.78 19.20 -56.69
N GLY F 964 44.91 18.74 -56.15
CA GLY F 964 44.89 17.57 -55.29
C GLY F 964 44.40 17.97 -53.90
N ILE F 965 44.17 16.96 -53.06
CA ILE F 965 43.61 17.19 -51.73
C ILE F 965 44.48 18.15 -50.93
N MET F 966 45.79 17.83 -50.85
CA MET F 966 46.71 18.66 -50.11
C MET F 966 46.73 20.09 -50.65
N GLU F 967 46.98 20.27 -51.97
CA GLU F 967 47.09 21.64 -52.50
C GLU F 967 45.77 22.41 -52.38
N ALA F 968 44.64 21.72 -52.47
CA ALA F 968 43.36 22.42 -52.33
C ALA F 968 43.15 22.92 -50.89
N ALA F 969 43.46 22.09 -49.89
CA ALA F 969 43.36 22.55 -48.49
C ALA F 969 44.25 23.77 -48.26
N LEU F 970 45.52 23.71 -48.74
CA LEU F 970 46.46 24.81 -48.48
C LEU F 970 46.04 26.08 -49.19
N GLU F 971 45.58 25.95 -50.43
CA GLU F 971 45.22 27.18 -51.11
C GLU F 971 43.87 27.69 -50.59
N ALA F 972 43.03 26.81 -50.13
CA ALA F 972 41.78 27.26 -49.48
C ALA F 972 42.10 28.11 -48.25
N CYS F 973 43.02 27.62 -47.43
CA CYS F 973 43.37 28.35 -46.22
C CYS F 973 44.01 29.67 -46.59
N ARG F 974 44.84 29.65 -47.64
CA ARG F 974 45.46 30.90 -48.06
C ARG F 974 44.43 31.92 -48.50
N LEU F 975 43.41 31.49 -49.27
CA LEU F 975 42.39 32.43 -49.75
C LEU F 975 41.50 32.91 -48.60
N ARG F 976 41.29 32.10 -47.59
CA ARG F 976 40.35 32.54 -46.52
C ARG F 976 41.05 33.28 -45.38
N LEU F 977 42.39 33.26 -45.35
CA LEU F 977 43.14 33.85 -44.25
C LEU F 977 42.75 35.30 -44.02
N ARG F 978 42.84 36.14 -45.07
CA ARG F 978 42.54 37.55 -44.90
C ARG F 978 41.14 37.83 -44.35
N PRO F 979 40.06 37.37 -44.97
CA PRO F 979 38.73 37.72 -44.39
C PRO F 979 38.55 37.19 -42.96
N ILE F 980 39.02 35.97 -42.66
CA ILE F 980 38.94 35.45 -41.29
C ILE F 980 39.63 36.40 -40.32
N VAL F 981 40.84 36.85 -40.67
CA VAL F 981 41.62 37.66 -39.75
C VAL F 981 41.03 39.06 -39.65
N MET F 982 40.45 39.56 -40.75
CA MET F 982 39.73 40.83 -40.73
C MET F 982 38.59 40.82 -39.71
N THR F 983 37.77 39.78 -39.75
CA THR F 983 36.64 39.75 -38.83
C THR F 983 37.12 39.57 -37.40
N SER F 984 38.13 38.72 -37.19
CA SER F 984 38.67 38.52 -35.84
C SER F 984 39.26 39.81 -35.27
N ILE F 985 40.01 40.55 -36.08
CA ILE F 985 40.56 41.82 -35.65
C ILE F 985 39.45 42.80 -35.29
N ALA F 986 38.41 42.90 -36.13
CA ALA F 986 37.28 43.78 -35.83
C ALA F 986 36.72 43.53 -34.42
N PHE F 987 36.72 42.26 -33.98
CA PHE F 987 36.18 41.90 -32.66
C PHE F 987 37.22 42.07 -31.55
N ILE F 988 38.36 41.40 -31.67
CA ILE F 988 39.40 41.52 -30.66
C ILE F 988 39.71 42.99 -30.37
N ALA F 989 39.73 43.83 -31.41
CA ALA F 989 39.86 45.27 -31.18
C ALA F 989 38.68 45.82 -30.40
N GLY F 990 37.47 45.36 -30.72
CA GLY F 990 36.25 45.78 -30.06
C GLY F 990 35.84 44.93 -28.88
N THR F 991 36.71 44.05 -28.39
CA THR F 991 36.45 43.43 -27.09
C THR F 991 36.75 44.40 -25.95
N ILE F 992 37.71 45.29 -26.15
CA ILE F 992 38.15 46.21 -25.10
C ILE F 992 36.97 46.99 -24.52
N PRO F 993 35.94 47.40 -25.35
CA PRO F 993 34.73 48.01 -24.75
C PRO F 993 33.95 47.04 -23.87
N LEU F 994 34.55 45.89 -23.54
CA LEU F 994 33.91 44.85 -22.77
C LEU F 994 35.02 44.13 -21.99
N ILE F 995 35.60 44.83 -21.03
CA ILE F 995 36.58 44.21 -20.15
C ILE F 995 35.83 43.59 -18.97
N LEU F 996 35.28 44.43 -18.09
CA LEU F 996 34.22 44.08 -17.16
C LEU F 996 33.15 45.17 -17.18
N GLY F 997 32.96 45.79 -18.35
CA GLY F 997 32.07 46.93 -18.50
C GLY F 997 32.79 48.16 -19.02
N HIS F 998 32.92 49.19 -18.18
CA HIS F 998 32.43 49.17 -16.81
C HIS F 998 31.50 50.35 -16.49
N GLY F 999 30.25 50.25 -16.96
CA GLY F 999 29.20 51.20 -16.66
C GLY F 999 27.95 50.46 -16.19
N ALA F 1000 26.81 51.02 -16.55
CA ALA F 1000 25.54 50.38 -16.22
C ALA F 1000 25.36 49.11 -17.04
N GLY F 1001 25.04 48.01 -16.37
CA GLY F 1001 25.11 46.70 -17.02
C GLY F 1001 26.52 46.27 -17.37
N ALA F 1002 27.51 46.65 -16.55
CA ALA F 1002 28.86 46.13 -16.69
C ALA F 1002 28.94 44.65 -16.34
N GLU F 1003 27.97 44.12 -15.58
CA GLU F 1003 28.03 42.71 -15.20
C GLU F 1003 27.84 41.80 -16.41
N VAL F 1004 26.76 41.97 -17.17
CA VAL F 1004 26.53 41.12 -18.34
C VAL F 1004 27.41 41.57 -19.52
N ARG F 1005 27.74 42.86 -19.57
CA ARG F 1005 28.76 43.36 -20.50
C ARG F 1005 30.07 42.63 -20.32
N GLY F 1006 30.57 42.59 -19.08
CA GLY F 1006 31.92 42.08 -18.86
C GLY F 1006 32.05 40.59 -19.07
N VAL F 1007 31.18 39.81 -18.43
CA VAL F 1007 31.25 38.35 -18.53
C VAL F 1007 31.10 37.91 -19.98
N THR F 1008 30.35 38.66 -20.79
CA THR F 1008 30.28 38.32 -22.20
C THR F 1008 31.52 38.79 -22.97
N GLY F 1009 32.13 39.91 -22.57
CA GLY F 1009 33.35 40.36 -23.24
C GLY F 1009 34.52 39.43 -23.06
N ILE F 1010 34.75 38.99 -21.83
CA ILE F 1010 35.70 37.90 -21.58
C ILE F 1010 35.40 36.72 -22.51
N THR F 1011 34.13 36.28 -22.51
CA THR F 1011 33.67 35.12 -23.26
C THR F 1011 33.94 35.23 -24.76
N VAL F 1012 33.68 36.39 -25.35
CA VAL F 1012 33.86 36.52 -26.79
C VAL F 1012 35.31 36.86 -27.16
N PHE F 1013 36.06 37.53 -26.27
CA PHE F 1013 37.46 37.78 -26.60
C PHE F 1013 38.25 36.48 -26.67
N SER F 1014 37.98 35.56 -25.73
CA SER F 1014 38.75 34.33 -25.66
C SER F 1014 38.35 33.38 -26.76
N GLY F 1015 37.04 33.32 -27.04
CA GLY F 1015 36.55 32.47 -28.10
C GLY F 1015 37.03 32.92 -29.45
N MET F 1016 37.21 34.24 -29.64
CA MET F 1016 37.65 34.77 -30.92
C MET F 1016 39.05 34.30 -31.27
N LEU F 1017 40.00 34.38 -30.32
CA LEU F 1017 41.30 33.75 -30.51
C LEU F 1017 41.15 32.29 -30.95
N GLY F 1018 40.22 31.57 -30.32
CA GLY F 1018 39.97 30.18 -30.69
C GLY F 1018 39.32 30.07 -32.06
N VAL F 1019 38.36 30.97 -32.37
CA VAL F 1019 37.75 30.96 -33.70
C VAL F 1019 38.85 31.03 -34.77
N THR F 1020 39.78 31.97 -34.61
CA THR F 1020 40.81 32.22 -35.62
C THR F 1020 41.80 31.07 -35.69
N LEU F 1021 42.38 30.69 -34.55
CA LEU F 1021 43.44 29.69 -34.52
C LEU F 1021 42.93 28.30 -34.92
N PHE F 1022 41.76 27.87 -34.41
CA PHE F 1022 41.37 26.52 -34.81
C PHE F 1022 40.76 26.50 -36.21
N GLY F 1023 40.15 27.61 -36.62
CA GLY F 1023 39.68 27.71 -37.99
C GLY F 1023 40.81 27.64 -38.99
N LEU F 1024 41.89 28.36 -38.75
CA LEU F 1024 42.99 28.44 -39.72
C LEU F 1024 43.85 27.19 -39.72
N PHE F 1025 43.86 26.43 -38.62
CA PHE F 1025 44.79 25.31 -38.52
C PHE F 1025 44.12 23.96 -38.38
N LEU F 1026 42.99 23.86 -37.71
CA LEU F 1026 42.43 22.52 -37.54
C LEU F 1026 41.54 22.13 -38.72
N THR F 1027 40.76 23.07 -39.27
CA THR F 1027 39.91 22.78 -40.43
C THR F 1027 40.69 22.10 -41.56
N PRO F 1028 41.85 22.60 -42.00
CA PRO F 1028 42.52 21.92 -43.14
C PRO F 1028 42.94 20.50 -42.81
N VAL F 1029 43.37 20.25 -41.56
CA VAL F 1029 43.72 18.90 -41.13
C VAL F 1029 42.52 17.98 -41.23
N PHE F 1030 41.34 18.41 -40.72
CA PHE F 1030 40.16 17.58 -40.82
C PHE F 1030 39.77 17.35 -42.28
N TYR F 1031 39.87 18.39 -43.12
CA TYR F 1031 39.47 18.29 -44.51
C TYR F 1031 40.32 17.23 -45.21
N VAL F 1032 41.64 17.31 -45.02
CA VAL F 1032 42.55 16.39 -45.70
C VAL F 1032 42.36 14.98 -45.14
N THR F 1033 42.19 14.85 -43.81
CA THR F 1033 41.94 13.53 -43.24
C THR F 1033 40.66 12.93 -43.80
N LEU F 1034 39.54 13.69 -43.81
CA LEU F 1034 38.30 13.13 -44.33
C LEU F 1034 38.39 12.84 -45.83
N ARG F 1035 39.05 13.70 -46.62
CA ARG F 1035 39.15 13.44 -48.06
C ARG F 1035 39.96 12.17 -48.33
N LYS F 1036 41.11 12.01 -47.66
CA LYS F 1036 41.90 10.79 -47.82
C LYS F 1036 41.15 9.55 -47.35
N LEU F 1037 40.31 9.68 -46.31
CA LEU F 1037 39.57 8.53 -45.81
C LEU F 1037 38.58 7.99 -46.83
N VAL F 1038 38.09 8.85 -47.73
CA VAL F 1038 37.11 8.39 -48.71
C VAL F 1038 37.70 8.22 -50.10
N THR F 1039 38.97 8.59 -50.31
CA THR F 1039 39.60 8.35 -51.60
C THR F 1039 40.64 7.24 -51.52
N ARG F 1040 40.76 6.56 -50.38
CA ARG F 1040 41.71 5.46 -50.24
C ARG F 1040 41.01 4.13 -50.47
C1B LMT G . 14.13 -30.33 39.80
C2B LMT G . 13.65 -29.04 39.08
C3B LMT G . 14.06 -28.99 37.57
C4B LMT G . 15.50 -29.53 37.34
C5B LMT G . 15.56 -30.90 38.02
C6B LMT G . 16.88 -31.58 37.71
O1B LMT G . 13.18 -31.35 39.64
O2B LMT G . 12.27 -28.99 39.23
O3B LMT G . 13.89 -27.75 37.01
O4' LMT G . 15.77 -29.66 36.00
O5B LMT G . 15.40 -30.77 39.40
O6B LMT G . 17.44 -32.02 38.88
C1' LMT G . 11.71 -34.54 41.99
C2' LMT G . 10.74 -33.42 41.51
C3' LMT G . 11.42 -32.06 41.11
C4' LMT G . 12.92 -32.17 40.76
C5' LMT G . 13.13 -33.64 40.36
C6' LMT G . 14.42 -33.94 39.62
O1' LMT G . 11.78 -34.56 43.35
O2' LMT G . 9.98 -33.88 40.45
O3' LMT G . 11.25 -31.14 42.09
O5' LMT G . 13.07 -34.40 41.54
O6' LMT G . 14.18 -33.69 38.28
C1 LMT G . 10.59 -34.96 43.98
C2 LMT G . 11.00 -35.14 45.40
C3 LMT G . 9.90 -35.33 46.38
C4 LMT G . 9.34 -36.71 46.15
C5 LMT G . 8.28 -37.00 47.15
C6 LMT G . 8.78 -36.92 48.56
C7 LMT G . 8.03 -37.90 49.41
C8 LMT G . 6.64 -37.42 49.63
C9 LMT G . 5.68 -38.48 50.10
C10 LMT G . 4.66 -37.83 50.99
C11 LMT G . 4.19 -38.76 52.07
C12 LMT G . 5.28 -39.14 53.01
C1B LMT H . -12.95 -11.10 65.26
C2B LMT H . -13.38 -11.58 66.67
C3B LMT H . -14.86 -12.02 66.75
C4B LMT H . -15.82 -11.11 65.94
C5B LMT H . -15.20 -10.77 64.57
C6B LMT H . -16.16 -9.84 63.83
O1B LMT H . -12.76 -12.23 64.47
O2B LMT H . -12.53 -12.63 66.98
O3B LMT H . -15.29 -12.13 68.04
O4' LMT H . -17.05 -11.73 65.77
O5B LMT H . -13.87 -10.22 64.69
O6B LMT H . -15.68 -9.46 62.60
C1' LMT H . -10.05 -14.13 62.03
C2' LMT H . -9.46 -13.67 63.37
C3' LMT H . -10.67 -13.42 64.31
C4' LMT H . -11.54 -12.31 63.73
C5' LMT H . -11.90 -12.72 62.27
C6' LMT H . -12.73 -11.68 61.55
O1' LMT H . -9.06 -14.43 61.14
O2' LMT H . -8.71 -14.72 63.95
O3' LMT H . -10.22 -13.13 65.58
O5' LMT H . -10.77 -13.05 61.48
O6' LMT H . -12.97 -12.19 60.30
C1 LMT H . -9.53 -14.87 59.88
C2 LMT H . -8.27 -15.23 59.12
C3 LMT H . -8.12 -14.59 57.78
C4 LMT H . -8.91 -15.29 56.72
C5 LMT H . -9.08 -14.41 55.51
C6 LMT H . -8.82 -15.10 54.23
C7 LMT H . -9.97 -14.87 53.33
C8 LMT H . -9.72 -15.46 52.02
C9 LMT H . -9.40 -16.94 52.00
C10 LMT H . -8.93 -17.30 50.59
C11 LMT H . -8.47 -18.75 50.47
C12 LMT H . -7.76 -19.06 49.19
C1B LMT I . 7.33 -31.67 78.50
C2B LMT I . 6.76 -33.02 79.04
C3B LMT I . 5.43 -33.33 78.33
C4B LMT I . 4.43 -32.15 78.49
C5B LMT I . 5.13 -30.81 78.17
C6B LMT I . 4.21 -29.61 78.52
O1B LMT I . 7.67 -31.73 77.12
O2B LMT I . 7.70 -34.02 78.82
O3B LMT I . 4.88 -34.51 78.73
O4' LMT I . 3.37 -32.34 77.63
O5B LMT I . 6.41 -30.65 78.75
O6B LMT I . 4.17 -28.66 77.50
C1' LMT I . 9.88 -29.85 74.28
C2' LMT I . 10.46 -29.57 75.68
C3' LMT I . 9.77 -30.56 76.68
C4' LMT I . 8.22 -30.54 76.56
C5' LMT I . 7.78 -30.46 75.06
C6' LMT I . 6.29 -30.18 74.92
O1' LMT I . 10.52 -29.18 73.26
O2' LMT I . 11.82 -29.83 75.68
O3' LMT I . 10.16 -30.27 77.97
O5' LMT I . 8.52 -29.48 74.33
O6' LMT I . 5.93 -30.29 73.58
C1 LMT I . 10.19 -27.82 73.06
C2 LMT I . 11.49 -27.10 72.96
C3 LMT I . 11.61 -26.20 71.78
C4 LMT I . 13.09 -25.94 71.55
C5 LMT I . 13.45 -26.34 70.16
C6 LMT I . 14.10 -25.28 69.33
C7 LMT I . 14.07 -25.77 67.91
C8 LMT I . 14.82 -24.89 66.98
C9 LMT I . 14.59 -25.28 65.56
C10 LMT I . 15.49 -24.46 64.68
C11 LMT I . 16.65 -25.26 64.18
C12 LMT I . 17.08 -24.79 62.83
C1B LMT J . 24.15 -11.64 18.97
C2B LMT J . 22.81 -12.43 18.90
C3B LMT J . 23.01 -13.93 18.57
C4B LMT J . 24.24 -14.23 17.59
C5B LMT J . 25.39 -13.24 17.84
C6B LMT J . 26.42 -13.40 16.78
O1B LMT J . 24.84 -11.87 20.16
O2B LMT J . 22.02 -12.24 20.09
O3B LMT J . 21.79 -14.39 18.12
O4' LMT J . 24.80 -15.50 17.82
O5B LMT J . 24.98 -11.92 17.87
O6B LMT J . 25.85 -13.19 15.55
C1' LMT J . 26.90 -9.57 22.93
C2' LMT J . 25.36 -9.53 23.11
C3' LMT J . 24.75 -10.68 22.25
C4' LMT J . 25.27 -10.69 20.79
C5' LMT J . 26.82 -10.61 20.83
C6' LMT J . 27.41 -10.49 19.46
O1' LMT J . 27.53 -8.52 23.56
O2' LMT J . 25.05 -9.75 24.46
O3' LMT J . 23.44 -10.60 22.19
O5' LMT J . 27.21 -9.46 21.54
O6' LMT J . 26.86 -9.29 18.94
C1 LMT J . 28.64 -8.93 24.36
C2 LMT J . 29.77 -9.32 23.44
C3 LMT J . 31.10 -9.40 24.11
C4 LMT J . 31.07 -10.49 25.16
C5 LMT J . 32.46 -10.83 25.62
C6 LMT J . 32.52 -11.98 26.60
C7 LMT J . 33.93 -12.46 26.80
C8 LMT J . 34.64 -11.55 27.76
C9 LMT J . 36.16 -11.91 27.89
C10 LMT J . 36.82 -10.78 28.57
C11 LMT J . 38.29 -11.05 28.58
C12 LMT J . 38.94 -10.06 29.51
C1B LMT K . 33.28 -21.46 15.12
C2B LMT K . 33.13 -23.02 15.15
C3B LMT K . 34.20 -23.66 16.06
C4B LMT K . 35.61 -23.09 15.69
C5B LMT K . 35.48 -21.56 15.65
C6B LMT K . 36.83 -20.89 15.46
O1B LMT K . 33.04 -20.83 16.36
O2B LMT K . 31.79 -23.40 15.46
O3B LMT K . 34.14 -25.03 16.03
O4' LMT K . 36.52 -23.38 16.62
O5B LMT K . 34.54 -21.13 14.69
O6B LMT K . 36.65 -19.49 15.56
C1' LMT K . 29.84 -18.95 18.21
C2' LMT K . 29.66 -20.46 17.83
C3' LMT K . 31.04 -21.11 17.60
C4' LMT K . 31.76 -20.29 16.51
C5' LMT K . 31.82 -18.80 17.01
C6' LMT K . 32.59 -17.86 16.13
O1' LMT K . 28.63 -18.31 18.30
O2' LMT K . 29.03 -21.17 18.82
O3' LMT K . 30.91 -22.44 17.23
O5' LMT K . 30.53 -18.25 17.19
O6' LMT K . 33.87 -18.35 16.11
C1 LMT K . 28.61 -16.91 18.15
C2 LMT K . 27.93 -16.42 19.40
C3 LMT K . 28.86 -16.13 20.51
C4 LMT K . 28.40 -14.88 21.22
C5 LMT K . 29.47 -14.46 22.16
C6 LMT K . 29.77 -15.48 23.20
C7 LMT K . 31.17 -16.03 23.04
C8 LMT K . 31.97 -15.74 24.30
C9 LMT K . 33.31 -15.17 24.04
C10 LMT K . 34.36 -16.14 24.52
C11 LMT K . 35.71 -15.50 24.52
C12 LMT K . 36.81 -16.50 24.30
C1B LMT L . 31.79 -23.73 46.31
C2B LMT L . 32.26 -25.21 46.42
C3B LMT L . 33.04 -25.47 47.72
C4B LMT L . 34.29 -24.55 47.80
C5B LMT L . 33.93 -23.09 47.37
C6B LMT L . 34.82 -22.67 46.21
O1B LMT L . 30.51 -23.73 46.81
O2B LMT L . 31.12 -26.02 46.36
O3B LMT L . 33.36 -26.80 47.88
O4' LMT L . 34.79 -24.54 49.08
O5B LMT L . 32.54 -22.82 47.11
O6B LMT L . 34.22 -21.69 45.46
C1' LMT L . 26.82 -22.49 46.99
C2' LMT L . 27.00 -23.54 45.91
C3' LMT L . 28.37 -24.15 46.24
C4' LMT L . 29.48 -23.12 46.12
C5' LMT L . 29.10 -21.92 47.01
C6' LMT L . 30.08 -20.78 46.94
O1' LMT L . 25.56 -21.95 46.96
O2' LMT L . 26.01 -24.48 46.09
O3' LMT L . 28.67 -25.23 45.49
O5' LMT L . 27.79 -21.47 46.75
O6' LMT L . 29.50 -19.67 47.56
C1 LMT L . 24.81 -22.13 48.17
C2 LMT L . 24.50 -20.75 48.71
C3 LMT L . 23.95 -20.67 50.09
C4 LMT L . 22.86 -19.63 50.06
C5 LMT L . 22.73 -18.93 51.40
C6 LMT L . 22.71 -19.88 52.58
C7 LMT L . 22.47 -19.16 53.90
C8 LMT L . 23.48 -19.66 54.89
C9 LMT L . 23.30 -19.15 56.29
C10 LMT L . 24.67 -19.15 56.98
C11 LMT L . 24.58 -18.75 58.42
C12 LMT L . 25.81 -18.01 58.89
C1B LMT M . 5.98 2.61 31.11
C2B LMT M . 5.88 4.12 30.78
C3B LMT M . 4.46 4.49 30.30
C4B LMT M . 4.07 3.60 29.08
C5B LMT M . 4.28 2.11 29.46
C6B LMT M . 4.03 1.24 28.23
O1B LMT M . 5.30 2.33 32.30
O2B LMT M . 6.21 4.83 31.94
O3B LMT M . 4.33 5.84 30.03
O4' LMT M . 2.75 3.81 28.75
O5B LMT M . 5.55 1.81 30.03
O6B LMT M . 2.74 0.76 28.21
C1' LMT M . 6.31 1.38 36.28
C2' LMT M . 7.50 1.86 35.41
C3' LMT M . 7.04 2.47 34.04
C4' LMT M . 5.96 1.61 33.34
C5' LMT M . 4.89 1.32 34.44
C6' LMT M . 3.64 0.64 33.96
O1' LMT M . 6.76 0.57 37.32
O2' LMT M . 8.16 2.82 36.13
O3' LMT M . 8.13 2.67 33.24
O5' LMT M . 5.43 0.57 35.51
O6' LMT M . 2.94 0.34 35.11
C1 LMT M . 6.80 1.17 38.60
C2 LMT M . 5.44 0.91 39.24
C3 LMT M . 5.29 -0.33 40.07
C4 LMT M . 5.11 0.06 41.52
C5 LMT M . 3.75 -0.32 42.05
C6 LMT M . 3.59 -1.79 42.26
C7 LMT M . 2.22 -2.27 41.87
C8 LMT M . 1.41 -2.36 43.14
C9 LMT M . 0.62 -3.64 43.35
C10 LMT M . -0.53 -3.33 44.30
C11 LMT M . -0.11 -3.14 45.75
C12 LMT M . -1.30 -3.02 46.67
C1B LMT N . 9.68 -1.33 29.30
C2B LMT N . 9.92 -2.23 28.06
C3B LMT N . 11.19 -3.06 28.28
C4B LMT N . 12.42 -2.13 28.47
C5B LMT N . 12.08 -1.13 29.61
C6B LMT N . 13.18 -0.09 29.71
O1B LMT N . 9.44 -2.15 30.41
O2B LMT N . 8.82 -3.02 27.91
O3B LMT N . 11.37 -3.98 27.28
O4' LMT N . 13.56 -2.87 28.79
O5B LMT N . 10.79 -0.49 29.51
O6B LMT N . 12.78 0.93 30.57
C1' LMT N . 6.81 -2.91 33.52
C2' LMT N . 6.13 -2.89 32.13
C3' LMT N . 7.19 -2.83 30.98
C4' LMT N . 8.35 -1.83 31.26
C5' LMT N . 8.81 -2.08 32.73
C6' LMT N . 10.06 -1.34 33.13
O1' LMT N . 5.85 -2.80 34.52
O2' LMT N . 5.42 -4.05 32.02
O3' LMT N . 6.59 -2.49 29.81
O5' LMT N . 7.75 -1.84 33.64
O6' LMT N . 9.70 -0.13 33.68
C1 LMT N . 6.38 -2.38 35.75
C2 LMT N . 6.18 -3.52 36.70
C3 LMT N . 6.86 -3.39 38.04
C4 LMT N . 6.78 -4.78 38.63
C5 LMT N . 7.32 -4.90 40.02
C6 LMT N . 7.29 -6.37 40.36
C7 LMT N . 8.21 -6.68 41.45
C8 LMT N . 7.87 -8.04 41.98
C9 LMT N . 8.53 -8.35 43.30
C10 LMT N . 7.50 -8.94 44.26
C11 LMT N . 7.68 -8.47 45.68
C1B LMT O . 13.35 -23.11 34.04
C2B LMT O . 14.05 -24.49 34.06
C3B LMT O . 15.61 -24.35 34.13
C4B LMT O . 16.10 -23.29 35.17
C5B LMT O . 15.21 -22.03 35.07
C6B LMT O . 16.07 -20.75 35.01
O1B LMT O . 12.52 -22.99 35.17
O2B LMT O . 13.55 -25.20 35.14
O3B LMT O . 16.16 -24.14 32.87
O4' LMT O . 16.16 -23.80 36.50
O5B LMT O . 14.29 -22.08 33.98
O6B LMT O . 15.90 -19.99 36.16
C1' LMT O . 8.68 -22.35 36.49
C2' LMT O . 8.74 -23.31 35.30
C3' LMT O . 10.22 -23.74 35.06
C4' LMT O . 11.20 -22.51 35.00
C5' LMT O . 10.85 -21.51 36.16
C6' LMT O . 11.60 -20.19 36.11
O1' LMT O . 7.40 -21.90 36.67
O2' LMT O . 7.98 -24.44 35.60
O3' LMT O . 10.33 -24.50 33.92
O5' LMT O . 9.48 -21.21 36.20
O6' LMT O . 12.86 -20.31 36.71
C1 LMT O . 6.93 -21.98 37.98
C2 LMT O . 5.92 -20.87 38.10
C3 LMT O . 5.80 -20.25 39.47
C4 LMT O . 4.34 -20.02 39.78
C5 LMT O . 4.18 -19.25 41.05
C6 LMT O . 4.41 -20.06 42.28
C7 LMT O . 4.01 -19.23 43.46
C8 LMT O . 4.35 -19.86 44.77
C9 LMT O . 3.92 -19.00 45.91
C10 LMT O . 4.63 -19.35 47.21
C11 LMT O . 3.98 -20.48 47.92
C12 LMT O . 4.81 -20.97 49.07
C1B LMT P . 34.17 -40.74 34.88
O1B LMT P . 34.26 -39.35 34.79
C1' LMT P . 33.23 -39.64 30.86
C2' LMT P . 34.77 -39.41 31.07
C3' LMT P . 35.13 -39.52 32.57
C4' LMT P . 34.15 -38.78 33.50
C5' LMT P . 32.69 -39.02 33.02
C6' LMT P . 31.67 -38.24 33.80
O1' LMT P . 32.84 -39.36 29.57
O2' LMT P . 35.54 -40.31 30.35
O3' LMT P . 36.39 -39.04 32.77
O5' LMT P . 32.53 -38.71 31.67
O6' LMT P . 30.97 -39.16 34.53
C1 LMT P . 33.09 -40.40 28.65
C2 LMT P . 33.05 -39.79 27.30
C3 LMT P . 34.24 -40.07 26.43
C4 LMT P . 33.72 -39.96 25.04
C5 LMT P . 34.69 -40.48 24.06
C6 LMT P . 34.61 -39.74 22.78
C7 LMT P . 35.46 -40.45 21.79
C8 LMT P . 35.62 -39.59 20.60
C9 LMT P . 36.80 -39.89 19.82
C10 LMT P . 37.21 -38.68 19.09
C11 LMT P . 38.35 -39.02 18.23
C12 LMT P . 38.11 -40.26 17.44
C1B LMT Q . 25.85 -9.28 41.86
C2B LMT Q . 27.27 -8.76 41.41
C3B LMT Q . 27.13 -7.65 40.30
C4B LMT Q . 26.33 -8.18 39.10
C5B LMT Q . 24.94 -8.59 39.70
C6B LMT Q . 23.94 -9.09 38.60
O1B LMT Q . 25.12 -8.32 42.61
O2B LMT Q . 28.01 -8.33 42.50
O3B LMT Q . 28.31 -7.08 39.91
O4' LMT Q . 26.31 -7.21 38.03
O5B LMT Q . 25.07 -9.60 40.71
O6B LMT Q . 22.58 -8.95 39.05
C1' LMT Q . 23.46 -7.24 46.21
C2' LMT Q . 24.90 -7.82 46.27
C3' LMT Q . 25.49 -7.72 44.85
C4' LMT Q . 24.68 -8.63 43.93
C5' LMT Q . 23.17 -8.14 44.05
C6' LMT Q . 22.15 -8.91 43.20
O1' LMT Q . 22.86 -7.26 47.45
O2' LMT Q . 25.67 -7.09 47.12
O3' LMT Q . 26.81 -8.06 44.84
O5' LMT Q . 22.68 -8.09 45.40
O6' LMT Q . 21.98 -10.26 43.76
C1 LMT Q . 22.22 -6.04 47.74
C2 LMT Q . 21.57 -6.22 49.06
C3 LMT Q . 20.40 -5.33 49.31
C4 LMT Q . 19.99 -5.42 50.78
C5 LMT Q . 18.63 -4.82 50.97
C6 LMT Q . 18.22 -4.68 52.43
C7 LMT Q . 17.52 -5.93 52.89
C8 LMT Q . 16.37 -5.58 53.76
C9 LMT Q . 16.27 -6.41 55.01
C10 LMT Q . 17.15 -5.79 56.10
C11 LMT Q . 16.55 -5.94 57.49
C12 LMT Q . 17.46 -5.43 58.58
C1 PTY R . -23.22 0.69 56.08
C2 PTY R . -23.49 7.30 52.83
C3 PTY R . -23.53 6.30 54.00
O4 PTY R . -22.20 -0.15 55.60
C5 PTY R . -24.64 2.66 55.51
C6 PTY R . -23.45 1.82 55.08
O7 PTY R . -23.69 1.30 53.80
C8 PTY R . -22.58 1.23 52.93
O10 PTY R . -21.91 2.20 52.72
C11 PTY R . -22.24 -0.09 52.26
C12 PTY R . -20.82 -0.09 51.72
C13 PTY R . -20.77 -1.03 50.52
C14 PTY R . -19.81 -0.50 49.45
C15 PTY R . -19.75 -1.51 48.32
C16 PTY R . -18.32 -1.67 47.80
C17 PTY R . -18.13 -3.15 47.48
C18 PTY R . -17.49 -3.30 46.11
C19 PTY R . -16.58 -4.52 46.10
C20 PTY R . -15.95 -4.59 44.71
C21 PTY R . -15.44 -6.00 44.44
C22 PTY R . -14.92 -6.01 43.00
C23 PTY R . -15.34 -7.28 42.25
C24 PTY R . -14.85 -7.23 40.81
C25 PTY R . -15.22 -5.90 40.16
C30 PTY R . -22.14 -1.42 56.20
C31 PTY R . -22.64 -2.64 55.42
O30 PTY R . -21.69 -1.54 57.30
C32 PTY R . -24.14 -2.59 55.10
C33 PTY R . -24.36 -2.59 53.58
C34 PTY R . -23.99 -3.94 52.96
C35 PTY R . -23.76 -3.74 51.45
C36 PTY R . -23.15 -4.99 50.80
C37 PTY R . -22.51 -4.63 49.44
C38 PTY R . -21.90 -5.88 48.80
C39 PTY R . -20.98 -5.51 47.63
C40 PTY R . -20.54 -6.81 46.95
C41 PTY R . -19.34 -6.61 46.05
C42 PTY R . -19.76 -6.84 44.61
C43 PTY R . -19.39 -8.26 44.18
C44 PTY R . -18.58 -8.22 42.88
P1 PTY R . -25.59 5.10 55.15
O11 PTY R . -24.72 6.44 54.72
O12 PTY R . -25.74 4.99 56.65
O13 PTY R . -26.96 5.16 54.52
O14 PTY R . -24.80 3.74 54.63
N1 PTY R . -22.23 7.17 52.14
C1 GOL S . 46.69 -23.57 39.19
O1 GOL S . 47.76 -24.25 39.89
C2 GOL S . 45.39 -23.45 40.09
O2 GOL S . 44.19 -24.20 39.70
C3 GOL S . 45.83 -23.38 41.61
O3 GOL S . 46.10 -22.00 41.85
C1 GOL T . 28.35 -27.91 38.00
O1 GOL T . 29.84 -28.22 37.90
C2 GOL T . 27.60 -29.20 38.53
O2 GOL T . 27.73 -29.42 39.92
C3 GOL T . 26.12 -29.13 38.03
O3 GOL T . 25.86 -30.10 36.97
C1 GOL U . 22.92 10.19 3.28
O1 GOL U . 23.49 10.28 4.51
C2 GOL U . 23.38 8.82 2.71
O2 GOL U . 22.39 8.21 1.99
C3 GOL U . 24.73 9.08 1.88
O3 GOL U . 25.18 7.85 1.30
C1 GOL V . 33.11 -2.31 14.87
O1 GOL V . 32.31 -1.74 13.84
C2 GOL V . 33.39 -3.77 14.40
O2 GOL V . 33.11 -3.85 13.01
C3 GOL V . 34.95 -4.11 14.81
O3 GOL V . 35.01 -5.16 15.91
C1 GOL W . 39.67 -38.70 22.97
O1 GOL W . 38.76 -37.63 23.20
C2 GOL W . 40.58 -38.25 21.79
O2 GOL W . 41.63 -37.45 22.16
C3 GOL W . 41.00 -39.52 20.99
O3 GOL W . 41.39 -39.04 19.71
C1 GOL X . 23.18 -27.97 -6.31
O1 GOL X . 23.87 -29.21 -6.13
C2 GOL X . 22.91 -27.69 -7.80
O2 GOL X . 24.12 -27.77 -8.67
C3 GOL X . 22.10 -26.31 -7.84
O3 GOL X . 22.48 -25.61 -9.09
C1 GOL Y . 38.14 -25.00 9.53
O1 GOL Y . 39.12 -25.91 8.97
C2 GOL Y . 38.85 -24.45 10.89
O2 GOL Y . 40.19 -24.34 10.60
C3 GOL Y . 38.09 -23.07 11.29
O3 GOL Y . 38.65 -22.51 12.48
C1 GOL Z . 36.71 -36.86 2.15
O1 GOL Z . 36.62 -36.36 0.82
C2 GOL Z . 37.39 -38.24 2.04
O2 GOL Z . 38.82 -38.40 2.32
C3 GOL Z . 36.36 -39.22 2.66
O3 GOL Z . 35.96 -40.06 1.56
C1 GOL AA . 57.77 -31.06 -20.40
O1 GOL AA . 56.59 -30.29 -20.22
C2 GOL AA . 57.48 -32.50 -19.88
O2 GOL AA . 58.64 -33.24 -19.70
C3 GOL AA . 56.77 -32.27 -18.56
O3 GOL AA . 57.69 -32.49 -17.57
C1B LMT BA . -0.17 -44.80 31.63
C2B LMT BA . 0.30 -45.94 32.58
C3B LMT BA . 0.20 -47.30 31.85
C4B LMT BA . 1.17 -47.30 30.66
C5B LMT BA . 0.97 -45.96 29.87
C6B LMT BA . 0.94 -46.24 28.36
O1B LMT BA . 0.59 -43.64 31.81
O2B LMT BA . 1.60 -45.70 32.96
O3B LMT BA . -1.11 -47.61 31.50
O4' LMT BA . 2.48 -47.41 31.09
O5B LMT BA . -0.17 -45.20 30.29
O6B LMT BA . 0.67 -45.08 27.65
C1' LMT BA . -0.96 -41.58 35.19
C2' LMT BA . -1.83 -41.50 33.91
C3' LMT BA . -1.43 -42.60 32.89
C4' LMT BA . 0.11 -42.58 32.64
C5' LMT BA . 0.77 -42.71 34.03
C6' LMT BA . 2.27 -42.87 34.00
O1' LMT BA . -1.14 -40.51 36.02
O2' LMT BA . -3.16 -41.64 34.28
O3' LMT BA . -2.12 -42.43 31.72
O5' LMT BA . 0.44 -41.60 34.84
O6' LMT BA . 2.57 -44.19 34.23
C1 LMT BA . -1.42 -39.25 35.42
C2 LMT BA . -1.07 -38.22 36.47
C3 LMT BA . -1.37 -38.55 37.90
C4 LMT BA . -2.70 -37.94 38.30
C5 LMT BA . -2.91 -38.06 39.77
C6 LMT BA . -4.33 -37.87 40.17
C7 LMT BA . -4.39 -37.60 41.65
C8 LMT BA . -5.82 -37.59 42.11
C9 LMT BA . -6.03 -38.09 43.51
C10 LMT BA . -7.50 -38.34 43.72
C11 LMT BA . -8.26 -37.08 44.02
C12 LMT BA . -9.26 -37.28 45.12
C1B LMT CA . 27.21 -55.41 26.56
C2B LMT CA . 26.59 -53.99 26.75
C3B LMT CA . 26.51 -53.14 25.42
C4B LMT CA . 26.68 -53.94 24.04
C5B LMT CA . 27.10 -55.40 24.27
C6B LMT CA . 27.78 -55.90 23.03
O1B LMT CA . 26.22 -56.38 26.53
O2B LMT CA . 25.34 -54.11 27.36
O3B LMT CA . 27.37 -52.04 25.54
O4' LMT CA . 25.50 -53.94 23.30
O5B LMT CA . 27.95 -55.52 25.38
O6B LMT CA . 28.45 -54.88 22.46
C1' LMT CA . 25.45 -60.11 28.06
C2' LMT CA . 25.44 -58.96 29.12
C3' LMT CA . 25.36 -57.62 28.33
C4' LMT CA . 26.50 -57.52 27.30
C5' LMT CA . 26.50 -58.81 26.43
C6' LMT CA . 27.60 -58.85 25.38
O1' LMT CA . 25.53 -61.37 28.58
O2' LMT CA . 24.34 -59.04 30.03
O3' LMT CA . 25.47 -56.54 29.13
O5' LMT CA . 26.60 -59.95 27.24
O6' LMT CA . 28.82 -58.78 26.07
C1 LMT CA . 24.34 -62.14 28.49
C2 LMT CA . 24.15 -62.72 27.12
C3 LMT CA . 23.07 -63.78 27.01
C4 LMT CA . 22.19 -63.58 25.78
C5 LMT CA . 20.78 -64.07 25.98
C6 LMT CA . 20.25 -64.87 24.80
C7 LMT CA . 19.21 -65.88 25.27
C8 LMT CA . 19.09 -67.06 24.34
C9 LMT CA . 18.85 -68.35 25.03
C10 LMT CA . 18.41 -69.38 24.01
C11 LMT CA . 18.74 -70.72 24.56
C12 LMT CA . 17.61 -71.61 24.63
C1B LMT DA . 11.61 -64.66 40.30
C2B LMT DA . 11.98 -65.93 39.49
C3B LMT DA . 13.52 -66.13 39.47
C4B LMT DA . 14.23 -64.86 38.95
C5B LMT DA . 13.73 -63.68 39.80
C6B LMT DA . 14.32 -62.34 39.32
O1B LMT DA . 11.85 -64.84 41.67
O2B LMT DA . 11.32 -67.04 40.05
O3B LMT DA . 13.90 -67.30 38.82
O4' LMT DA . 15.63 -65.03 39.03
O5B LMT DA . 12.33 -63.55 39.82
O6B LMT DA . 14.35 -61.46 40.39
C1' LMT DA . 10.17 -64.81 45.39
C2' LMT DA . 9.46 -65.77 44.42
C3' LMT DA . 10.32 -65.95 43.17
C4' LMT DA . 10.76 -64.59 42.55
C5' LMT DA . 11.24 -63.63 43.67
C6' LMT DA . 11.49 -62.22 43.16
O1' LMT DA . 9.39 -64.58 46.49
O2' LMT DA . 9.33 -67.01 45.01
O3' LMT DA . 9.65 -66.71 42.26
O5' LMT DA . 10.34 -63.54 44.77
O6' LMT DA . 10.19 -61.57 43.05
C1 LMT DA . 10.02 -64.83 47.74
C2 LMT DA . 9.42 -63.84 48.68
C3 LMT DA . 9.76 -64.02 50.11
C4 LMT DA . 8.48 -63.89 50.91
C5 LMT DA . 8.75 -63.21 52.21
C6 LMT DA . 7.61 -63.31 53.18
C7 LMT DA . 7.87 -62.43 54.37
C8 LMT DA . 6.57 -62.00 54.94
C9 LMT DA . 6.46 -62.21 56.43
C10 LMT DA . 5.51 -63.39 56.68
C11 LMT DA . 4.09 -62.95 56.95
C12 LMT DA . 3.28 -63.99 57.68
C1B LMT EA . -0.87 -38.27 75.22
C2B LMT EA . -2.14 -38.22 76.08
C3B LMT EA . -2.37 -36.82 76.73
C4B LMT EA . -1.05 -36.19 77.27
C5B LMT EA . 0.04 -36.35 76.21
C6B LMT EA . 1.34 -35.76 76.73
O1B LMT EA . -1.11 -37.68 73.98
O2B LMT EA . -3.20 -38.55 75.26
O3B LMT EA . -3.34 -36.89 77.71
O4' LMT EA . -1.21 -34.86 77.55
O5B LMT EA . 0.22 -37.68 75.86
O6B LMT EA . 2.34 -35.85 75.80
C1' LMT EA . -0.77 -38.31 69.91
C2' LMT EA . -1.67 -39.36 70.65
C3' LMT EA . -1.96 -38.89 72.10
C4' LMT EA . -0.71 -38.41 72.83
C5' LMT EA . 0.02 -37.44 71.88
C6' LMT EA . 1.20 -36.74 72.52
O1' LMT EA . -0.35 -38.70 68.63
O2' LMT EA . -2.88 -39.48 70.01
O3' LMT EA . -2.59 -39.87 72.83
O5' LMT EA . 0.39 -38.11 70.69
O6' LMT EA . 2.13 -36.55 71.53
C1 LMT EA . -0.04 -37.60 67.77
C2 LMT EA . 0.60 -38.12 66.53
C3 LMT EA . 2.08 -37.85 66.41
C4 LMT EA . 2.39 -37.62 64.96
C5 LMT EA . 3.78 -37.05 64.81
C6 LMT EA . 3.80 -35.78 64.03
C7 LMT EA . 5.18 -35.49 63.56
C8 LMT EA . 5.07 -34.50 62.45
C9 LMT EA . 5.73 -33.20 62.73
C10 LMT EA . 4.94 -32.10 62.07
C11 LMT EA . 3.97 -31.52 63.04
C12 LMT EA . 2.93 -30.66 62.38
C1B LMT FA . 22.63 -57.28 13.00
C2B LMT FA . 21.66 -57.23 11.80
C3B LMT FA . 21.02 -58.64 11.65
C4B LMT FA . 22.17 -59.70 11.36
C5B LMT FA . 23.22 -59.59 12.53
C6B LMT FA . 24.47 -60.51 12.35
O1B LMT FA . 21.92 -57.52 14.18
O2B LMT FA . 20.72 -56.21 12.01
O3B LMT FA . 19.91 -58.61 10.82
O4' LMT FA . 21.72 -61.05 11.25
O5B LMT FA . 23.64 -58.25 12.82
O6B LMT FA . 24.81 -60.77 10.99
C1' LMT FA . 22.28 -56.30 18.13
C2' LMT FA . 21.62 -55.29 17.15
C3' LMT FA . 21.10 -56.05 15.89
C4' LMT FA . 22.33 -56.76 15.29
C5' LMT FA . 22.84 -57.73 16.38
C6' LMT FA . 23.84 -58.75 15.86
O1' LMT FA . 22.83 -55.63 19.19
O2' LMT FA . 20.56 -54.71 17.79
O3' LMT FA . 20.51 -55.21 14.99
O5' LMT FA . 23.33 -57.02 17.51
O6' LMT FA . 24.86 -58.95 16.75
C1 LMT FA . 23.64 -56.39 20.02
C2 LMT FA . 22.90 -56.50 21.31
C3 LMT FA . 23.52 -57.42 22.29
C4 LMT FA . 22.62 -57.54 23.48
C5 LMT FA . 22.17 -58.96 23.64
C6 LMT FA . 21.31 -59.40 22.51
C7 LMT FA . 20.38 -60.50 22.97
C8 LMT FA . 19.89 -61.25 21.78
C9 LMT FA . 19.46 -62.64 22.10
C10 LMT FA . 18.80 -63.23 20.90
C11 LMT FA . 19.34 -64.61 20.66
C12 LMT FA . 18.58 -65.32 19.55
C1B LMT GA . -2.02 -65.83 30.67
C2B LMT GA . -3.35 -66.35 30.07
C3B LMT GA . -3.73 -67.75 30.61
C4B LMT GA . -2.51 -68.72 30.53
C5B LMT GA . -1.37 -68.04 31.30
C6B LMT GA . -0.16 -68.97 31.41
O1B LMT GA . -2.24 -65.26 31.94
O2B LMT GA . -4.34 -65.43 30.37
O3B LMT GA . -4.84 -68.24 29.98
O4' LMT GA . -2.79 -69.93 31.12
O5B LMT GA . -1.00 -66.81 30.70
O6B LMT GA . 0.31 -69.29 30.16
C1' LMT GA . -1.68 -61.55 33.86
C2' LMT GA . -2.02 -61.51 32.35
C3' LMT GA . -2.58 -62.88 31.85
C4' LMT GA . -1.63 -64.02 32.24
C5' LMT GA . -1.43 -63.92 33.76
C6' LMT GA . -0.62 -65.07 34.34
O1' LMT GA . -0.91 -60.47 34.19
O2' LMT GA . -2.96 -60.52 32.10
O3' LMT GA . -2.78 -62.86 30.52
O5' LMT GA . -0.86 -62.67 34.13
O6' LMT GA . 0.14 -64.59 35.43
C1 LMT GA . -1.54 -59.30 34.66
C2 LMT GA . -0.93 -59.10 36.00
C3 LMT GA . -1.52 -59.88 37.14
C4 LMT GA . -0.72 -59.56 38.38
C5 LMT GA . -1.50 -59.70 39.64
C6 LMT GA . -0.65 -59.24 40.76
C7 LMT GA . -0.95 -59.97 42.03
C8 LMT GA . -2.20 -59.42 42.65
C9 LMT GA . -2.65 -60.16 43.87
C10 LMT GA . -4.14 -60.00 44.02
C11 LMT GA . -4.68 -61.01 44.98
C12 LMT GA . -5.51 -60.41 46.06
C1' LMT HA . 24.59 -52.18 53.76
C2' LMT HA . 25.60 -53.34 53.60
C3' LMT HA . 26.97 -52.83 53.07
O1' LMT HA . 23.45 -52.61 54.40
C1 LMT HA . 23.09 -51.84 55.53
C2 LMT HA . 21.75 -51.23 55.20
C3 LMT HA . 20.91 -50.80 56.37
C4 LMT HA . 20.82 -49.29 56.38
C5 LMT HA . 19.93 -48.82 57.50
C6 LMT HA . 18.95 -47.80 57.04
C7 LMT HA . 19.01 -46.59 57.91
C8 LMT HA . 17.72 -46.49 58.66
C9 LMT HA . 17.69 -47.24 59.96
C10 LMT HA . 16.40 -46.89 60.65
C11 LMT HA . 16.62 -46.40 62.05
C12 LMT HA . 15.33 -46.19 62.81
C1 LMT IA . 26.06 -47.34 48.64
C2 LMT IA . 25.36 -48.59 49.06
C3 LMT IA . 24.66 -48.57 50.39
C4 LMT IA . 23.88 -49.85 50.48
C5 LMT IA . 22.88 -49.84 51.59
C6 LMT IA . 21.51 -49.50 51.12
C7 LMT IA . 20.44 -50.27 51.88
C8 LMT IA . 19.14 -50.11 51.15
C9 LMT IA . 17.97 -50.83 51.74
C10 LMT IA . 16.78 -50.58 50.85
C11 LMT IA . 15.51 -51.12 51.44
C12 LMT IA . 14.53 -50.04 51.78
C1B LMT JA . 10.05 -44.57 35.51
C2B LMT JA . 9.61 -43.92 34.17
C3B LMT JA . 9.23 -45.03 33.15
C4B LMT JA . 8.27 -46.03 33.81
C5B LMT JA . 9.04 -46.69 34.99
C6B LMT JA . 9.39 -48.15 34.62
O1B LMT JA . 9.19 -44.21 36.56
O2B LMT JA . 8.54 -43.10 34.44
O3B LMT JA . 10.32 -45.65 32.59
O4' LMT JA . 7.13 -45.37 34.26
O5B LMT JA . 10.19 -45.96 35.40
O6B LMT JA . 10.29 -48.73 35.52
C1' LMT JA . 9.02 -42.05 40.12
C2' LMT JA . 8.68 -41.21 38.86
C3' LMT JA . 8.49 -42.14 37.62
C4' LMT JA . 9.61 -43.20 37.48
C5' LMT JA . 9.75 -43.86 38.87
C6' LMT JA . 10.68 -45.06 38.91
O1' LMT JA . 9.36 -41.22 41.16
O2' LMT JA . 7.51 -40.49 39.10
O3' LMT JA . 8.37 -41.40 36.45
O5' LMT JA . 10.15 -42.89 39.83
O6' LMT JA . 9.95 -46.16 38.48
C1 LMT JA . 8.93 -41.63 42.45
C2 LMT JA . 10.10 -41.33 43.35
C3 LMT JA . 10.00 -41.75 44.79
C4 LMT JA . 8.90 -40.96 45.44
C5 LMT JA . 8.51 -41.60 46.73
C6 LMT JA . 7.06 -41.98 46.79
C7 LMT JA . 6.52 -41.61 48.15
C8 LMT JA . 5.75 -42.76 48.71
C9 LMT JA . 4.27 -42.58 48.74
C10 LMT JA . 3.77 -43.07 50.09
C11 LMT JA . 2.43 -42.49 50.42
C12 LMT JA . 1.33 -42.98 49.52
C1B LMT KA . 26.37 -33.06 46.29
C2B LMT KA . 27.58 -33.01 45.32
C3B LMT KA . 28.44 -31.75 45.57
C4B LMT KA . 27.93 -30.93 46.79
C5B LMT KA . 27.73 -31.95 47.95
C6B LMT KA . 27.39 -31.24 49.26
O1B LMT KA . 25.66 -34.26 46.08
O2B LMT KA . 28.31 -34.15 45.51
O3B LMT KA . 28.55 -31.00 44.43
O4' LMT KA . 28.82 -29.95 47.18
O5B LMT KA . 26.77 -32.95 47.65
O6B LMT KA . 28.48 -30.55 49.73
C1' LMT KA . 22.09 -36.09 46.57
C2' LMT KA . 22.38 -35.75 45.09
C3' LMT KA . 23.87 -35.33 44.97
C4' LMT KA . 24.25 -34.21 45.98
C5' LMT KA . 23.61 -34.54 47.38
C6' LMT KA . 23.68 -33.41 48.38
O1' LMT KA . 20.80 -36.51 46.76
O2' LMT KA . 22.13 -36.84 44.29
O3' LMT KA . 24.17 -34.91 43.69
O5' LMT KA . 22.26 -34.91 47.33
O6' LMT KA . 24.87 -33.55 49.03
C1 LMT KA . 20.59 -37.24 47.95
C2 LMT KA . 19.72 -36.37 48.78
C3 LMT KA . 18.98 -37.04 49.87
C4 LMT KA . 17.53 -36.96 49.54
C5 LMT KA . 16.69 -37.19 50.78
C6 LMT KA . 15.22 -37.20 50.45
C7 LMT KA . 14.46 -37.80 51.58
C8 LMT KA . 13.00 -37.51 51.42
C9 LMT KA . 12.28 -37.49 52.75
C10 LMT KA . 10.84 -37.92 52.55
C11 LMT KA . 10.00 -37.64 53.77
C12 LMT KA . 9.01 -38.73 54.07
C1 PTY LA . 12.37 -28.99 81.36
C2 PTY LA . 9.82 -35.54 84.27
C3 PTY LA . 10.94 -35.51 83.22
O4 PTY LA . 11.18 -28.85 80.62
C5 PTY LA . 13.33 -31.01 82.48
C6 PTY LA . 13.02 -30.36 81.13
O7 PTY LA . 14.20 -30.20 80.37
C8 PTY LA . 14.37 -31.07 79.27
O10 PTY LA . 13.63 -31.02 78.34
C11 PTY LA . 15.54 -32.06 79.29
C12 PTY LA . 16.64 -31.58 78.35
C13 PTY LA . 16.64 -32.45 77.10
C14 PTY LA . 17.46 -31.77 76.00
C15 PTY LA . 18.62 -32.66 75.57
C16 PTY LA . 18.18 -33.58 74.42
C17 PTY LA . 18.81 -33.15 73.09
C18 PTY LA . 18.71 -34.30 72.09
C19 PTY LA . 19.66 -35.44 72.49
C20 PTY LA . 19.68 -36.58 71.45
C21 PTY LA . 19.85 -36.05 70.01
C22 PTY LA . 19.36 -37.14 69.03
C23 PTY LA . 19.93 -36.99 67.63
C24 PTY LA . 19.46 -38.17 66.78
C25 PTY LA . 19.57 -37.84 65.29
C30 PTY LA . 11.00 -27.63 79.96
C31 PTY LA . 11.80 -26.41 80.46
O30 PTY LA . 10.23 -27.54 79.06
C32 PTY LA . 11.92 -25.32 79.39
C33 PTY LA . 12.55 -25.88 78.12
C34 PTY LA . 14.07 -25.70 78.15
C35 PTY LA . 14.61 -26.27 76.84
C36 PTY LA . 14.19 -27.74 76.71
C37 PTY LA . 15.31 -28.54 76.06
C38 PTY LA . 15.55 -28.02 74.64
C39 PTY LA . 16.30 -29.05 73.78
C40 PTY LA . 16.03 -28.75 72.30
C41 PTY LA . 16.89 -29.57 71.34
C42 PTY LA . 16.81 -28.94 69.94
C43 PTY LA . 17.08 -29.97 68.84
C44 PTY LA . 17.42 -29.26 67.53
P1 PTY LA . 11.91 -33.25 82.25
O11 PTY LA . 11.76 -34.40 83.44
O12 PTY LA . 11.84 -33.92 80.90
O13 PTY LA . 10.75 -32.28 82.38
O14 PTY LA . 13.34 -32.41 82.42
N1 PTY LA . 8.83 -36.54 83.91
C1 PTY MA . -7.16 -50.18 28.98
C2 PTY MA . -0.92 -53.66 28.04
C3 PTY MA . -1.77 -53.93 29.28
O4 PTY MA . -7.43 -49.72 27.68
C5 PTY MA . -6.32 -52.19 27.72
C6 PTY MA . -6.95 -51.70 29.04
O7 PTY MA . -8.16 -52.36 29.32
C8 PTY MA . -8.59 -52.34 30.66
O10 PTY MA . -8.05 -53.00 31.49
C11 PTY MA . -9.79 -51.48 31.05
C12 PTY MA . -9.39 -50.42 32.05
C13 PTY MA . -9.48 -49.04 31.40
C14 PTY MA . -10.65 -48.26 31.99
C15 PTY MA . -10.56 -48.26 33.52
C16 PTY MA . -11.77 -47.52 34.08
C17 PTY MA . -11.42 -46.29 34.93
C18 PTY MA . -12.41 -46.28 36.10
C19 PTY MA . -12.76 -44.86 36.58
C20 PTY MA . -11.55 -44.26 37.28
C21 PTY MA . -12.02 -43.10 38.16
C22 PTY MA . -12.60 -43.70 39.42
C23 PTY MA . -11.59 -43.60 40.56
C24 PTY MA . -12.01 -42.46 41.50
C25 PTY MA . -11.43 -42.65 42.91
C26 PTY MA . -10.95 -41.32 43.49
C27 PTY MA . -10.97 -41.40 45.01
C30 PTY MA . -7.30 -48.33 27.50
C31 PTY MA . -7.86 -47.37 28.55
O30 PTY MA . -6.75 -47.88 26.54
C32 PTY MA . -6.71 -46.61 29.22
C33 PTY MA . -7.30 -45.65 30.25
C34 PTY MA . -6.36 -45.53 31.46
C35 PTY MA . -7.09 -44.71 32.52
C36 PTY MA . -7.31 -45.50 33.80
C37 PTY MA . -7.25 -44.55 35.01
C38 PTY MA . -7.08 -45.37 36.29
C39 PTY MA . -7.63 -44.66 37.54
C40 PTY MA . -6.74 -45.04 38.73
C41 PTY MA . -7.47 -44.83 40.05
C42 PTY MA . -6.55 -44.12 41.07
C43 PTY MA . -7.42 -43.55 42.20
C44 PTY MA . -6.60 -43.51 43.48
P1 PTY MA . -4.34 -53.33 29.19
O11 PTY MA . -3.06 -54.32 28.88
O12 PTY MA . -5.08 -53.87 30.39
O13 PTY MA . -3.77 -51.95 29.48
O14 PTY MA . -5.39 -53.25 27.90
N1 PTY MA . -0.77 -52.22 27.87
C1 GOL NA . -4.72 -42.17 76.23
O1 GOL NA . -3.79 -42.47 75.20
C2 GOL NA . -4.86 -43.43 77.13
O2 GOL NA . -3.64 -43.79 77.67
C3 GOL NA . -5.90 -43.06 78.24
O3 GOL NA . -7.17 -43.16 77.67
C1 GOL OA . -0.92 -44.60 92.93
O1 GOL OA . -1.68 -44.17 91.84
C2 GOL OA . -0.59 -46.11 92.66
O2 GOL OA . -0.52 -46.42 91.29
C3 GOL OA . 0.74 -46.41 93.46
O3 GOL OA . 1.83 -46.55 92.55
C1 GOL PA . 34.55 -59.88 -38.87
O1 GOL PA . 35.14 -59.23 -37.77
C2 GOL PA . 35.13 -61.30 -38.68
O2 GOL PA . 34.78 -61.95 -37.42
C3 GOL PA . 34.86 -62.05 -39.95
O3 GOL PA . 33.92 -63.01 -39.72
C1B LMT QA . -24.31 -48.72 21.50
C2B LMT QA . -25.24 -48.56 20.27
C3B LMT QA . -26.31 -49.70 20.17
C4B LMT QA . -25.80 -51.11 20.61
C5B LMT QA . -24.83 -50.98 21.82
C6B LMT QA . -24.19 -52.34 22.18
O1B LMT QA . -25.05 -48.42 22.63
O2B LMT QA . -25.84 -47.33 20.34
O3B LMT QA . -26.88 -49.72 18.91
O4' LMT QA . -26.88 -51.92 20.92
O5B LMT QA . -23.83 -50.02 21.62
O6B LMT QA . -22.88 -52.17 22.59
C1' LMT QA . -25.55 -46.14 25.97
C2' LMT QA . -25.64 -45.38 24.63
C3' LMT QA . -25.68 -46.36 23.44
C4' LMT QA . -24.59 -47.43 23.50
C5' LMT QA . -24.66 -48.03 24.92
C6' LMT QA . -23.75 -49.22 25.12
O1' LMT QA . -25.29 -45.25 27.00
O2' LMT QA . -26.80 -44.63 24.65
O3' LMT QA . -25.54 -45.73 22.26
O5' LMT QA . -24.46 -47.04 25.90
O6' LMT QA . -22.84 -48.91 26.08
C1 LMT QA . -26.39 -44.61 27.59
C2 LMT QA . -25.88 -44.13 28.90
C3 LMT QA . -25.05 -45.12 29.67
C4 LMT QA . -25.06 -44.67 31.11
C5 LMT QA . -24.81 -45.82 32.02
C6 LMT QA . -23.96 -45.42 33.18
C7 LMT QA . -24.66 -44.35 33.97
C8 LMT QA . -24.52 -44.61 35.42
C9 LMT QA . -25.64 -44.00 36.19
C10 LMT QA . -25.41 -44.35 37.63
C11 LMT QA . -26.71 -44.45 38.37
C12 LMT QA . -26.60 -43.89 39.74
C1B LMT RA . -28.59 -37.89 59.71
C2B LMT RA . -29.12 -37.16 60.97
C3B LMT RA . -28.73 -37.83 62.32
C4B LMT RA . -28.51 -39.38 62.26
C5B LMT RA . -27.99 -39.82 60.89
C6B LMT RA . -28.06 -41.36 60.82
O1B LMT RA . -27.27 -37.53 59.45
O2B LMT RA . -28.64 -35.88 60.91
O3B LMT RA . -29.64 -37.48 63.30
O4' LMT RA . -27.59 -39.77 63.22
O5B LMT RA . -28.72 -39.27 59.83
O6B LMT RA . -27.60 -41.84 59.58
C1' LMT RA . -24.73 -35.88 56.63
C2' LMT RA . -25.95 -35.00 57.00
C3' LMT RA . -26.61 -35.55 58.31
C4' LMT RA . -26.96 -37.03 58.17
C5' LMT RA . -25.66 -37.74 57.71
C6' LMT RA . -25.83 -39.24 57.55
O1' LMT RA . -24.21 -35.50 55.41
O2' LMT RA . -25.54 -33.70 57.22
O3' LMT RA . -27.73 -34.85 58.61
O5' LMT RA . -25.18 -37.22 56.50
O6' LMT RA . -24.64 -39.72 57.00
C1 LMT RA . -22.81 -35.76 55.20
C2 LMT RA . -22.77 -36.97 54.30
C3 LMT RA . -21.96 -36.88 53.04
C4 LMT RA . -20.99 -38.05 53.12
C5 LMT RA . -20.74 -38.80 51.84
C6 LMT RA . -19.52 -39.70 52.00
C7 LMT RA . -19.05 -40.33 50.72
C8 LMT RA . -17.67 -40.90 50.94
C9 LMT RA . -17.13 -41.72 49.83
C10 LMT RA . -17.09 -40.87 48.57
C11 LMT RA . -15.94 -41.26 47.63
C12 LMT RA . -16.25 -41.14 46.15
C1B LMT SA . -27.28 -48.75 61.48
C2B LMT SA . -28.36 -47.63 61.52
C3B LMT SA . -27.66 -46.29 61.31
C4B LMT SA . -26.67 -46.06 62.51
C5B LMT SA . -25.81 -47.32 62.73
C6B LMT SA . -25.02 -47.22 64.06
O1B LMT SA . -26.49 -48.73 60.28
O2B LMT SA . -29.36 -47.87 60.59
O3B LMT SA . -28.57 -45.27 61.10
O4' LMT SA . -25.77 -45.05 62.29
O5B LMT SA . -26.49 -48.58 62.62
O6B LMT SA . -23.76 -47.84 63.98
C1' LMT SA . -23.51 -50.76 58.20
C2' LMT SA . -24.54 -51.68 58.85
C3' LMT SA . -25.78 -50.82 59.25
C4' LMT SA . -25.38 -49.64 60.15
C5' LMT SA . -24.14 -48.91 59.51
C6' LMT SA . -23.58 -47.87 60.45
O1' LMT SA . -22.40 -51.45 57.77
O2' LMT SA . -24.95 -52.65 57.93
O3' LMT SA . -26.70 -51.58 59.87
O5' LMT SA . -23.10 -49.80 59.18
O6' LMT SA . -22.83 -46.93 59.78
C1 LMT SA . -21.39 -51.72 58.72
C2 LMT SA . -20.89 -53.09 58.31
C3 LMT SA . -19.49 -53.18 57.84
C4 LMT SA . -19.48 -54.10 56.62
C5 LMT SA . -18.22 -54.89 56.54
C6 LMT SA . -17.15 -54.19 55.78
C7 LMT SA . -16.95 -54.79 54.41
C8 LMT SA . -15.62 -54.35 53.88
C9 LMT SA . -15.20 -55.07 52.65
C10 LMT SA . -13.82 -54.61 52.24
C11 LMT SA . -13.22 -55.59 51.29
C12 LMT SA . -13.04 -55.04 49.92
C1B LMT TA . -21.81 -7.21 59.66
C2B LMT TA . -21.39 -5.91 60.36
C3B LMT TA . -19.96 -6.08 60.96
C4B LMT TA . -19.85 -7.37 61.82
C5B LMT TA . -20.35 -8.54 60.96
C6B LMT TA . -20.27 -9.87 61.73
O1B LMT TA . -20.96 -7.36 58.54
O2B LMT TA . -21.45 -4.89 59.37
O3B LMT TA . -19.56 -4.98 61.66
O4' LMT TA . -18.57 -7.61 62.23
O5B LMT TA . -21.68 -8.32 60.48
O6B LMT TA . -20.30 -10.98 60.86
C1' LMT TA . -20.94 -8.08 54.59
C2' LMT TA . -21.93 -6.97 54.97
C3' LMT TA . -21.54 -6.52 56.38
C4' LMT TA . -21.58 -7.73 57.33
C5' LMT TA . -20.74 -8.89 56.75
C6' LMT TA . -20.82 -10.13 57.60
O1' LMT TA . -21.10 -8.51 53.30
O2' LMT TA . -21.78 -5.88 54.11
O3' LMT TA . -22.36 -5.50 56.79
O5' LMT TA . -21.17 -9.19 55.44
O6' LMT TA . -19.98 -11.06 57.06
C1 LMT TA . -21.86 -9.66 53.27
C2 LMT TA . -22.92 -9.35 52.32
C3 LMT TA . -22.80 -10.24 51.15
C4 LMT TA . -22.80 -9.39 49.93
C5 LMT TA . -23.11 -10.31 48.81
C6 LMT TA . -22.50 -9.92 47.51
C7 LMT TA . -22.23 -11.20 46.78
C8 LMT TA . -21.67 -10.92 45.46
C9 LMT TA . -21.09 -12.14 44.81
C10 LMT TA . -20.52 -11.65 43.52
C11 LMT TA . -20.05 -12.75 42.59
C12 LMT TA . -19.87 -12.22 41.19
C1B LMT UA . -21.48 -25.59 16.77
C2B LMT UA . -21.78 -25.11 15.31
C3B LMT UA . -21.96 -26.31 14.36
C4B LMT UA . -20.79 -27.32 14.45
C5B LMT UA . -20.66 -27.71 15.95
C6B LMT UA . -19.48 -28.70 16.18
O1B LMT UA . -22.63 -26.09 17.39
O2B LMT UA . -22.91 -24.31 15.32
O3B LMT UA . -22.20 -25.91 13.03
O4' LMT UA . -21.07 -28.45 13.55
O5B LMT UA . -20.51 -26.59 16.80
O6B LMT UA . -19.74 -29.47 17.37
C1' LMT UA . -25.16 -25.51 20.57
C2' LMT UA . -24.87 -24.24 19.73
C3' LMT UA . -24.20 -24.61 18.41
C4' LMT UA . -23.00 -25.52 18.65
C5' LMT UA . -23.39 -26.68 19.62
C6' LMT UA . -22.20 -27.55 19.99
O1' LMT UA . -25.64 -25.22 21.82
O2' LMT UA . -26.08 -23.61 19.38
O3' LMT UA . -23.80 -23.44 17.78
O5' LMT UA . -23.98 -26.25 20.82
O6' LMT UA . -21.38 -26.75 20.87
C1 LMT UA . -26.34 -26.37 22.27
C2 LMT UA . -27.17 -25.99 23.45
C3 LMT UA . -27.41 -27.14 24.37
C4 LMT UA . -28.75 -27.01 24.98
C5 LMT UA . -28.67 -26.19 26.21
C6 LMT UA . -28.93 -27.03 27.42
C7 LMT UA . -29.85 -26.31 28.38
C8 LMT UA . -30.32 -27.30 29.41
C9 LMT UA . -30.65 -26.72 30.74
C10 LMT UA . -31.71 -25.66 30.57
C11 LMT UA . -31.87 -24.83 31.83
C12 LMT UA . -33.03 -23.87 31.82
C1B LMT VA . -4.27 -32.13 25.47
C2B LMT VA . -3.23 -30.97 25.61
C3B LMT VA . -3.32 -29.91 24.45
C4B LMT VA . -4.74 -29.67 23.81
C5B LMT VA . -5.65 -30.91 24.02
C6B LMT VA . -6.64 -31.07 22.85
O1B LMT VA . -5.20 -32.06 26.54
O2B LMT VA . -3.40 -30.39 26.87
O3B LMT VA . -2.35 -30.10 23.48
O4' LMT VA . -5.34 -28.50 24.31
O5B LMT VA . -4.91 -32.10 24.24
O6B LMT VA . -7.78 -31.77 23.23
C1' LMT VA . -6.01 -34.02 30.15
C2' LMT VA . -4.54 -34.11 29.67
C3' LMT VA . -4.24 -33.14 28.49
C4' LMT VA . -5.33 -33.20 27.38
C5' LMT VA . -6.73 -33.16 28.06
C6' LMT VA . -7.89 -33.37 27.09
O1' LMT VA . -6.31 -35.08 30.97
O2' LMT VA . -3.71 -33.77 30.73
O3' LMT VA . -3.01 -33.38 27.96
O5' LMT VA . -6.86 -34.17 29.03
O6' LMT VA . -8.28 -32.16 26.58
C1 LMT VA . -7.18 -34.82 32.05
C2 LMT VA . -7.63 -36.18 32.55
C3 LMT VA . -9.05 -36.31 33.03
C4 LMT VA . -8.95 -36.54 34.50
C5 LMT VA . -10.28 -36.43 35.20
C6 LMT VA . -10.53 -35.04 35.66
C7 LMT VA . -11.47 -35.08 36.81
C8 LMT VA . -12.06 -33.75 36.98
C9 LMT VA . -12.94 -33.61 38.18
C10 LMT VA . -12.69 -32.24 38.70
C11 LMT VA . -13.74 -31.83 39.67
C12 LMT VA . -13.46 -30.46 40.26
C1B LMT WA . -7.23 -39.10 4.67
C2B LMT WA . -6.33 -39.50 5.89
C3B LMT WA . -4.77 -39.38 5.61
C4B LMT WA . -4.31 -38.62 4.28
C5B LMT WA . -5.50 -38.20 3.41
C6B LMT WA . -5.00 -38.01 2.02
O1B LMT WA . -7.78 -37.82 4.84
O2B LMT WA . -6.72 -38.79 7.03
O3B LMT WA . -4.12 -40.62 5.82
O4' LMT WA . -3.62 -37.44 4.55
O5B LMT WA . -6.52 -39.15 3.45
O6B LMT WA . -4.07 -39.03 1.74
C1' LMT WA . -11.31 -35.66 4.39
C2' LMT WA . -11.35 -36.76 5.49
C3' LMT WA . -9.89 -37.20 5.81
C4' LMT WA . -9.15 -37.65 4.53
C5' LMT WA . -9.28 -36.50 3.49
C6' LMT WA . -8.62 -36.84 2.18
O1' LMT WA . -12.57 -35.25 3.97
O2' LMT WA . -11.91 -36.26 6.66
O3' LMT WA . -9.86 -38.21 6.75
O5' LMT WA . -10.62 -36.18 3.23
O6' LMT WA . -9.18 -38.05 1.80
C1 LMT WA . -12.76 -33.82 3.96
C2 LMT WA . -12.08 -33.34 2.71
C3 LMT WA . -12.44 -32.00 2.22
C4 LMT WA . -12.03 -30.95 3.22
C5 LMT WA . -12.01 -29.58 2.60
C6 LMT WA . -11.65 -28.48 3.56
C7 LMT WA . -11.47 -27.13 2.84
C8 LMT WA . -12.78 -26.64 2.34
C9 LMT WA . -12.74 -25.50 1.34
C10 LMT WA . -14.20 -25.02 1.19
C11 LMT WA . -14.20 -23.76 0.39
C12 LMT WA . -15.63 -23.33 0.05
C1B LMT XA . 1.35 -29.86 -2.53
C2B LMT XA . 2.57 -28.95 -2.74
C3B LMT XA . 2.10 -27.58 -3.28
C4B LMT XA . 1.42 -27.76 -4.68
C5B LMT XA . 0.36 -28.92 -4.60
C6B LMT XA . 0.47 -29.98 -5.73
O1B LMT XA . 0.97 -29.75 -1.17
O2B LMT XA . 3.20 -28.82 -1.50
O3B LMT XA . 3.09 -26.60 -3.22
O4' LMT XA . 0.72 -26.61 -5.09
O5B LMT XA . 0.20 -29.56 -3.34
O6B LMT XA . 0.88 -29.45 -6.92
C1' LMT XA . -1.17 -31.85 1.65
C2' LMT XA . 0.34 -31.63 2.00
C3' LMT XA . 0.97 -30.56 1.05
C4' LMT XA . 0.71 -30.92 -0.44
C5' LMT XA . -0.80 -31.31 -0.61
C6' LMT XA . -1.12 -31.94 -1.94
O1' LMT XA . -1.86 -32.85 2.36
O2' LMT XA . 0.48 -31.13 3.26
O3' LMT XA . 2.34 -30.34 1.27
O5' LMT XA . -1.22 -32.29 0.31
O6' LMT XA . -2.38 -31.57 -2.30
C1 LMT XA . -3.27 -32.56 2.64
C2 LMT XA . -3.71 -33.58 3.65
C3 LMT XA . -5.10 -34.18 3.44
C4 LMT XA . -6.11 -33.36 4.20
C5 LMT XA . -6.77 -32.39 3.31
C6 LMT XA . -7.08 -31.10 3.96
C7 LMT XA . -6.40 -30.03 3.17
C8 LMT XA . -7.41 -28.92 2.83
C9 LMT XA . -6.65 -27.63 2.61
C10 LMT XA . -7.51 -26.52 2.03
C11 LMT XA . -7.96 -26.81 0.63
C12 LMT XA . -8.32 -25.54 -0.12
C1B LMT YA . -1.29 -24.38 30.74
C2B LMT YA . -2.48 -25.33 30.43
C3B LMT YA . -2.52 -25.80 28.94
C4B LMT YA . -1.12 -25.97 28.28
C5B LMT YA . -0.17 -24.84 28.75
C6B LMT YA . 0.52 -24.18 27.55
O1B LMT YA . -0.28 -25.06 31.44
O2B LMT YA . -2.37 -26.41 31.29
O3B LMT YA . -3.40 -25.05 28.13
O4' LMT YA . -0.59 -27.22 28.59
O5B LMT YA . -0.79 -23.86 29.54
O6B LMT YA . 1.43 -23.25 27.98
C1' LMT YA . 0.32 -22.36 34.55
C2' LMT YA . 1.32 -22.16 33.39
C3' LMT YA . 0.87 -23.01 32.14
C4' LMT YA . 0.43 -24.44 32.51
C5' LMT YA . -0.51 -24.34 33.72
C6' LMT YA . -1.11 -25.65 34.17
O1' LMT YA . 0.76 -21.77 35.72
O2' LMT YA . 1.40 -20.80 33.08
O3' LMT YA . 1.85 -23.06 31.18
O5' LMT YA . 0.18 -23.75 34.80
O6' LMT YA . -0.06 -26.36 34.74
C1 LMT YA . 0.01 -22.16 36.84
C2 LMT YA . 0.09 -21.02 37.81
C3 LMT YA . -0.89 -21.04 38.92
C4 LMT YA . -0.22 -20.42 40.11
C5 LMT YA . -1.10 -20.39 41.32
C6 LMT YA . -0.29 -20.13 42.55
C7 LMT YA . -1.18 -19.82 43.70
C8 LMT YA . -0.35 -19.39 44.86
C9 LMT YA . -0.95 -19.75 46.19
C10 LMT YA . -0.29 -18.95 47.29
C11 LMT YA . 0.14 -19.82 48.43
C12 LMT YA . -0.67 -19.61 49.68
C1B LMT ZA . -11.84 -12.23 19.74
C2B LMT ZA . -10.51 -11.44 19.89
C3B LMT ZA . -10.79 -9.93 19.99
C4B LMT ZA . -11.46 -9.48 18.67
C5B LMT ZA . -12.77 -10.31 18.49
C6B LMT ZA . -12.94 -10.77 17.04
O1B LMT ZA . -12.06 -12.84 20.96
O2B LMT ZA . -9.91 -11.92 21.04
O3B LMT ZA . -9.68 -9.20 20.35
O4' LMT ZA . -11.76 -8.12 18.66
O5B LMT ZA . -12.96 -11.41 19.42
O6B LMT ZA . -13.30 -12.10 16.97
C1' LMT ZA . -13.35 -15.68 23.29
C2' LMT ZA . -12.02 -16.15 22.70
C3' LMT ZA . -11.43 -14.87 22.04
C4' LMT ZA . -12.41 -14.20 21.02
C5' LMT ZA . -13.88 -14.22 21.58
C6' LMT ZA . -14.97 -13.71 20.64
O1' LMT ZA . -13.90 -16.56 24.18
O2' LMT ZA . -11.16 -16.65 23.70
O3' LMT ZA . -10.18 -15.06 21.49
O5' LMT ZA . -14.23 -15.47 22.19
O6' LMT ZA . -15.44 -14.75 19.84
C1 LMT ZA . -14.66 -15.98 25.26
C2 LMT ZA . -15.25 -17.18 25.91
C3 LMT ZA . -16.47 -16.99 26.73
C4 LMT ZA . -16.97 -18.41 26.96
C5 LMT ZA . -18.22 -18.40 27.77
C6 LMT ZA . -18.18 -17.36 28.85
C7 LMT ZA . -19.47 -17.30 29.63
C8 LMT ZA . -19.42 -16.07 30.44
C9 LMT ZA . -20.76 -15.51 30.79
C10 LMT ZA . -20.96 -14.26 29.97
C11 LMT ZA . -20.60 -13.03 30.73
C12 LMT ZA . -21.78 -12.12 30.89
C1B LMT AB . -18.91 -47.05 18.02
C2B LMT AB . -17.50 -46.91 17.40
C3B LMT AB . -17.31 -45.50 16.78
C4B LMT AB . -18.43 -45.24 15.77
C5B LMT AB . -19.77 -45.38 16.54
C6B LMT AB . -20.93 -45.08 15.61
O1B LMT AB . -18.96 -46.26 19.17
O2B LMT AB . -16.58 -47.13 18.40
O3B LMT AB . -16.06 -45.31 16.25
O4' LMT AB . -18.29 -43.97 15.20
O5B LMT AB . -19.92 -46.67 17.12
O6B LMT AB . -21.82 -46.10 15.67
C1' LMT AB . -19.39 -46.26 23.20
C2' LMT AB . -18.53 -47.45 22.74
C3' LMT AB . -18.18 -47.30 21.22
C4' LMT AB . -19.42 -46.85 20.36
C5' LMT AB . -20.22 -45.75 21.14
C6' LMT AB . -21.44 -45.20 20.41
O1' LMT AB . -19.74 -46.38 24.52
O2' LMT AB . -17.36 -47.44 23.49
O3' LMT AB . -17.65 -48.46 20.75
O5' LMT AB . -20.58 -46.19 22.41
O6' LMT AB . -22.51 -45.83 20.96
C1 LMT AB . -21.00 -46.91 24.74
C2 LMT AB . -21.65 -45.94 25.63
C3 LMT AB . -21.27 -44.52 25.48
C4 LMT AB . -20.44 -44.17 26.69
C5 LMT AB . -21.10 -43.12 27.55
C6 LMT AB . -21.93 -42.20 26.75
C7 LMT AB . -22.22 -40.95 27.50
C8 LMT AB . -21.07 -40.55 28.33
C9 LMT AB . -20.93 -39.05 28.39
C10 LMT AB . -20.92 -38.69 29.84
C11 LMT AB . -20.73 -37.22 30.05
C12 LMT AB . -21.21 -36.77 31.41
C1B LMT BB . -4.18 -50.21 18.69
C2B LMT BB . -4.99 -48.88 18.82
C3B LMT BB . -4.61 -48.15 20.11
C4B LMT BB . -4.89 -49.08 21.32
C5B LMT BB . -4.15 -50.41 21.08
C6B LMT BB . -5.14 -51.57 21.19
O1B LMT BB . -3.38 -50.16 17.54
O2B LMT BB . -4.72 -48.07 17.74
O3B LMT BB . -5.24 -46.93 20.19
O4' LMT BB . -4.46 -48.51 22.51
O5B LMT BB . -3.43 -50.47 19.85
O6B LMT BB . -5.99 -51.36 22.25
C1' LMT BB . -1.01 -51.87 14.88
C2' LMT BB . -1.88 -52.93 15.59
C3' LMT BB . -2.66 -52.39 16.86
C4' LMT BB . -2.24 -51.00 17.43
C5' LMT BB . -1.36 -50.28 16.38
C6' LMT BB . -0.76 -49.00 16.88
O1' LMT BB . -0.04 -52.44 14.12
O2' LMT BB . -2.79 -53.45 14.68
O3' LMT BB . -2.58 -53.32 17.85
O5' LMT BB . -0.38 -51.12 15.89
O6' LMT BB . 0.03 -49.29 17.97
C1 LMT BB . 0.87 -51.54 13.54
C2 LMT BB . 0.99 -51.93 12.09
C3 LMT BB . 2.21 -51.45 11.36
C4 LMT BB . 1.94 -51.63 9.89
C5 LMT BB . 3.05 -52.35 9.17
C6 LMT BB . 3.83 -51.45 8.24
C7 LMT BB . 4.10 -52.16 6.93
C8 LMT BB . 5.58 -52.24 6.60
C9 LMT BB . 5.93 -51.91 5.15
C10 LMT BB . 6.71 -53.07 4.50
C11 LMT BB . 7.86 -52.67 3.66
C12 LMT BB . 7.75 -52.74 2.09
C1 PTY CB . -0.91 -13.41 27.47
C2 PTY CB . -3.24 -16.93 21.26
C3 PTY CB . -3.53 -15.44 21.46
O4 PTY CB . -0.87 -13.73 28.84
C5 PTY CB . -2.12 -12.67 25.44
C6 PTY CB . -2.30 -13.00 26.93
O7 PTY CB . -2.81 -11.86 27.55
C8 PTY CB . -3.55 -12.04 28.73
O10 PTY CB . -4.70 -12.40 28.66
C11 PTY CB . -2.91 -11.74 30.10
C12 PTY CB . -2.90 -12.94 31.06
C13 PTY CB . -1.97 -12.72 32.25
C14 PTY CB . -2.80 -12.30 33.48
C15 PTY CB . -2.26 -13.07 34.68
C16 PTY CB . -2.81 -12.60 36.05
C17 PTY CB . -2.18 -13.57 37.08
C18 PTY CB . -3.05 -13.85 38.28
C19 PTY CB . -2.60 -15.19 38.88
C20 PTY CB . -3.40 -15.50 40.16
C21 PTY CB . -2.51 -15.26 41.36
C22 PTY CB . -3.00 -16.01 42.62
C23 PTY CB . -2.73 -15.12 43.86
C24 PTY CB . -2.47 -15.82 45.21
C25 PTY CB . -3.78 -15.91 46.01
C26 PTY CB . -4.00 -14.78 47.04
C27 PTY CB . -5.50 -14.73 47.40
C30 PTY CB . -0.26 -14.97 29.17
C31 PTY CB . 0.48 -15.13 30.52
O30 PTY CB . -0.31 -15.90 28.42
C32 PTY CB . 0.25 -16.53 31.12
C33 PTY CB . -0.50 -16.29 32.42
C34 PTY CB . -0.69 -17.58 33.23
C35 PTY CB . -1.51 -17.22 34.48
C36 PTY CB . -2.09 -18.48 35.15
C37 PTY CB . -3.25 -18.01 36.01
C38 PTY CB . -3.77 -19.14 36.91
C39 PTY CB . -5.19 -18.78 37.34
C40 PTY CB . -5.95 -20.02 37.81
C41 PTY CB . -5.84 -20.18 39.34
C42 PTY CB . -6.51 -21.48 39.80
C43 PTY CB . -6.96 -21.35 41.27
C44 PTY CB . -8.05 -22.37 41.64
P1 PTY CB . -2.87 -13.34 22.95
O11 PTY CB . -2.64 -14.88 22.40
O12 PTY CB . -4.12 -12.73 22.35
O13 PTY CB . -1.68 -12.51 22.55
O14 PTY CB . -3.02 -13.37 24.61
N1 PTY CB . -3.20 -17.64 22.54
C1 GOL DB . -11.72 -10.82 1.59
O1 GOL DB . -12.10 -10.46 0.23
C2 GOL DB . -12.95 -11.59 2.19
O2 GOL DB . -13.23 -12.81 1.59
C3 GOL DB . -12.80 -11.60 3.77
O3 GOL DB . -13.72 -12.58 4.26
C1 GOL EB . 13.71 -16.72 -24.79
O1 GOL EB . 13.06 -15.43 -24.59
C2 GOL EB . 14.54 -16.78 -26.14
O2 GOL EB . 15.98 -16.61 -25.94
C3 GOL EB . 14.16 -18.24 -26.66
O3 GOL EB . 12.72 -18.46 -26.67
C1 GOL FB . -35.02 -45.14 58.07
O1 GOL FB . -35.12 -44.75 56.69
C2 GOL FB . -34.01 -44.17 58.73
O2 GOL FB . -34.55 -43.00 59.20
C3 GOL FB . -33.01 -44.90 59.65
O3 GOL FB . -31.77 -44.31 59.31
C1 GOL GB . -0.44 -57.18 -13.96
O1 GOL GB . -1.82 -56.90 -14.30
C2 GOL GB . 0.19 -55.97 -13.26
O2 GOL GB . 0.73 -55.13 -14.23
C3 GOL GB . 1.30 -56.55 -12.38
O3 GOL GB . 1.72 -55.64 -11.38
C1 GOL HB . -15.16 -48.84 -7.09
O1 GOL HB . -15.00 -48.76 -5.70
C2 GOL HB . -14.10 -47.97 -7.89
O2 GOL HB . -13.92 -48.44 -9.07
C3 GOL HB . -14.69 -46.56 -8.03
O3 GOL HB . -13.91 -45.86 -9.01
C1 GOL IB . -51.33 -20.63 47.65
O1 GOL IB . -52.37 -20.99 48.51
C2 GOL IB . -50.05 -20.97 48.41
O2 GOL IB . -49.19 -21.77 47.70
C3 GOL IB . -49.46 -19.60 48.86
O3 GOL IB . -49.25 -19.67 50.26
C1 GOL JB . -38.52 -32.64 57.71
O1 GOL JB . -39.44 -31.60 57.57
C2 GOL JB . -37.11 -32.10 57.35
O2 GOL JB . -36.44 -31.60 58.49
C3 GOL JB . -36.36 -33.31 56.67
O3 GOL JB . -34.96 -33.03 56.57
C1B LMT KB . -6.13 21.77 -77.71
C2B LMT KB . -5.40 20.42 -77.72
C3B LMT KB . -4.15 20.53 -76.82
C4B LMT KB . -3.21 21.65 -77.31
C5B LMT KB . -4.03 22.94 -77.47
C6B LMT KB . -3.17 24.08 -78.05
O1B LMT KB . -6.62 22.07 -76.40
O2B LMT KB . -6.26 19.44 -77.29
O3B LMT KB . -3.51 19.33 -76.67
O4' LMT KB . -2.18 21.91 -76.40
O5B LMT KB . -5.27 22.78 -78.19
O6B LMT KB . -3.34 25.25 -77.31
C1' LMT KB . -8.83 25.01 -74.40
C2' LMT KB . -9.41 24.52 -75.75
C3' LMT KB . -8.73 23.22 -76.23
C4' LMT KB . -7.19 23.35 -76.18
C5' LMT KB . -6.82 23.84 -74.75
C6' LMT KB . -5.33 23.84 -74.48
O1' LMT KB . -9.36 26.25 -74.15
O2' LMT KB . -10.74 24.26 -75.53
O3' LMT KB . -9.14 22.91 -77.50
O5' LMT KB . -7.39 25.11 -74.46
O6' LMT KB . -5.06 24.52 -73.32
C1 LMT KB . -9.84 26.38 -72.87
C2 LMT KB . -11.08 27.19 -73.06
C3 LMT KB . -10.97 28.62 -72.65
C4 LMT KB . -12.38 29.12 -72.51
C5 LMT KB . -12.51 29.77 -71.17
C6 LMT KB . -13.85 29.52 -70.57
C7 LMT KB . -13.74 29.71 -69.09
C8 LMT KB . -14.09 31.10 -68.75
C9 LMT KB . -13.85 31.45 -67.32
C10 LMT KB . -15.14 31.25 -66.59
C11 LMT KB . -15.04 31.77 -65.18
C12 LMT KB . -16.38 31.85 -64.51
C1B LMT LB . -26.39 52.36 -48.56
C2B LMT LB . -27.86 52.76 -48.18
C3B LMT LB . -27.85 54.10 -47.38
C4B LMT LB . -26.93 53.98 -46.15
C5B LMT LB . -25.52 53.64 -46.68
C6B LMT LB . -24.48 53.54 -45.52
O1B LMT LB . -25.89 53.14 -49.61
O2B LMT LB . -28.61 52.87 -49.37
O3B LMT LB . -29.10 54.55 -47.05
O4' LMT LB . -26.94 55.20 -45.43
O5B LMT LB . -25.50 52.44 -47.47
O6B LMT LB . -23.12 53.59 -46.03
C1' LMT LB . -24.14 53.02 -53.34
C2' LMT LB . -25.51 52.33 -53.20
C3' LMT LB . -26.18 52.82 -51.91
C4' LMT LB . -25.32 52.47 -50.72
C5' LMT LB . -23.92 53.10 -50.98
C6' LMT LB . -23.01 52.85 -49.82
O1' LMT LB . -23.50 52.61 -54.47
O2' LMT LB . -26.32 52.69 -54.27
O3' LMT LB . -27.39 52.26 -51.78
O5' LMT LB . -23.31 52.68 -52.22
O6' LMT LB . -22.79 51.46 -49.87
C1 LMT LB . -22.49 53.52 -54.85
C2 LMT LB . -22.25 53.32 -56.31
C3 LMT LB . -21.06 54.05 -56.86
C4 LMT LB . -20.64 53.35 -58.13
C5 LMT LB . -19.27 53.81 -58.56
C6 LMT LB . -18.77 53.01 -59.71
C7 LMT LB . -17.62 53.67 -60.40
C8 LMT LB . -17.02 52.69 -61.37
C9 LMT LB . -17.31 53.01 -62.83
C10 LMT LB . -16.94 51.80 -63.66
C11 LMT LB . -17.25 52.03 -65.11
C12 LMT LB . -18.68 51.78 -65.41
C1B LMT MB . -25.01 57.14 -25.98
C2B LMT MB . -23.63 56.46 -25.70
C3B LMT MB . -23.67 55.33 -24.61
C4B LMT MB . -25.09 54.98 -23.98
C5B LMT MB . -26.23 55.79 -24.60
C6B LMT MB . -27.38 55.79 -23.64
O1B LMT MB . -25.66 56.53 -27.03
O2B LMT MB . -23.08 55.99 -26.91
O3B LMT MB . -22.67 55.58 -23.66
O4' LMT MB . -25.43 53.66 -24.20
O5B LMT MB . -25.85 57.10 -24.85
O6B LMT MB . -26.90 56.23 -22.44
C1' LMT MB . -27.98 57.56 -30.30
C2' LMT MB . -26.44 57.73 -30.49
C3' LMT MB . -25.69 56.99 -29.34
C4' LMT MB . -26.25 57.40 -27.96
C5' LMT MB . -27.78 57.18 -27.99
C6' LMT MB . -28.49 57.40 -26.67
O1' LMT MB . -28.71 58.32 -31.19
O2' LMT MB . -26.03 57.20 -31.73
O3' LMT MB . -24.35 57.23 -29.37
O5' LMT MB . -28.36 58.00 -28.99
O6' LMT MB . -28.63 58.77 -26.53
C1 LMT MB . -29.53 57.55 -32.04
C2 LMT MB . -30.69 57.21 -31.19
C3 LMT MB . -31.91 56.79 -31.93
C4 LMT MB . -31.92 55.30 -32.02
C5 LMT MB . -33.18 54.82 -32.66
C6 LMT MB . -33.07 53.40 -33.17
C7 LMT MB . -34.44 52.74 -33.18
C8 LMT MB . -35.37 53.50 -34.09
C9 LMT MB . -36.79 52.99 -34.15
C10 LMT MB . -37.45 53.72 -35.31
C11 LMT MB . -38.91 53.33 -35.37
C12 LMT MB . -39.64 54.03 -36.52
C1B LMT NB . -34.16 47.81 -19.24
C2B LMT NB . -34.75 46.43 -18.89
C3B LMT NB . -36.19 46.29 -19.50
C4B LMT NB . -37.12 47.51 -19.14
C5B LMT NB . -36.34 48.82 -19.48
C6B LMT NB . -37.13 50.17 -19.33
O1B LMT NB . -33.77 47.85 -20.58
O2B LMT NB . -33.89 45.47 -19.38
O3B LMT NB . -36.75 45.05 -19.24
O4' LMT NB . -38.26 47.45 -19.93
O5B LMT NB . -35.03 48.88 -18.89
O6B LMT NB . -37.87 50.36 -18.08
C1' LMT NB . -30.70 49.75 -22.73
C2' LMT NB . -30.32 48.42 -21.97
C3' LMT NB . -31.59 47.62 -21.54
C4' LMT NB . -32.59 48.56 -20.84
C5' LMT NB . -32.86 49.67 -21.90
C6' LMT NB . -34.05 50.55 -21.61
O1' LMT NB . -29.64 50.59 -22.81
O2' LMT NB . -29.63 47.61 -22.80
O3' LMT NB . -31.26 46.57 -20.73
O5' LMT NB . -31.72 50.49 -22.06
O6' LMT NB . -35.12 49.75 -21.91
C1 LMT NB . -29.83 51.75 -23.61
C2 LMT NB . -28.91 51.62 -24.81
C3 LMT NB . -29.62 51.59 -26.11
C4 LMT NB . -29.17 52.79 -26.90
C5 LMT NB . -30.07 52.92 -28.09
C6 LMT NB . -30.55 51.61 -28.63
C7 LMT NB . -32.03 51.42 -28.42
C8 LMT NB . -32.76 51.10 -29.68
C9 LMT NB . -34.17 51.58 -29.67
C10 LMT NB . -35.17 50.45 -29.81
C11 LMT NB . -36.55 51.07 -29.89
C12 LMT NB . -37.71 50.08 -29.74
C1B LMT OB . -15.24 33.43 -38.91
C2B LMT OB . -16.60 33.74 -39.55
C3B LMT OB . -16.34 34.63 -40.77
C4B LMT OB . -15.54 35.94 -40.43
C5B LMT OB . -14.36 35.56 -39.47
C6B LMT OB . -13.73 36.81 -38.84
O1B LMT OB . -14.43 32.90 -39.91
O2B LMT OB . -17.10 32.53 -39.97
O3B LMT OB . -17.51 34.85 -41.48
O4' LMT OB . -15.08 36.56 -41.62
O5B LMT OB . -14.68 34.62 -38.44
O6B LMT OB . -12.46 36.55 -38.39
C1' LMT OB . -12.08 29.83 -41.04
C2' LMT OB . -13.19 29.37 -40.07
C3' LMT OB . -14.21 30.52 -39.80
C4' LMT OB . -13.51 31.89 -39.58
C5' LMT OB . -12.37 32.01 -40.62
C6' LMT OB . -11.63 33.30 -40.60
O1' LMT OB . -11.10 28.89 -41.18
O2' LMT OB . -13.88 28.31 -40.64
O3' LMT OB . -15.03 30.24 -38.74
O5' LMT OB . -11.46 30.97 -40.49
O6' LMT OB . -12.29 34.11 -41.46
C1 LMT OB . -10.32 29.06 -42.34
C2 LMT OB . -10.71 27.92 -43.21
C3 LMT OB . -9.59 27.23 -43.92
C4 LMT OB . -10.06 26.83 -45.29
C5 LMT OB . -8.97 27.02 -46.28
C6 LMT OB . -8.99 25.98 -47.37
C7 LMT OB . -7.89 25.00 -47.15
C8 LMT OB . -7.22 24.69 -48.45
C9 LMT OB . -6.40 23.44 -48.43
C10 LMT OB . -5.51 23.47 -49.64
C11 LMT OB . -4.77 22.17 -49.82
C12 LMT OB . -3.36 22.24 -49.32
C1B LMT PB . -31.76 36.84 -48.15
C2B LMT PB . -32.47 35.48 -47.92
C3B LMT PB . -33.54 35.17 -49.02
C4B LMT PB . -34.42 36.42 -49.30
C5B LMT PB . -33.43 37.51 -49.73
C6B LMT PB . -34.16 38.72 -50.31
O1B LMT PB . -30.64 36.66 -48.95
O2B LMT PB . -31.47 34.52 -47.86
O3B LMT PB . -34.30 34.06 -48.73
O4' LMT PB . -35.36 36.20 -50.29
O5B LMT PB . -32.60 37.87 -48.64
O6B LMT PB . -33.37 39.34 -51.26
C1' LMT PB . -26.72 37.73 -49.46
C2' LMT PB . -27.02 37.20 -48.04
C3' LMT PB . -28.38 36.42 -48.19
C4' LMT PB . -29.49 37.40 -48.67
C5' LMT PB . -28.98 38.02 -50.00
C6' LMT PB . -30.00 38.86 -50.76
O1' LMT PB . -25.47 38.29 -49.55
O2' LMT PB . -25.94 36.38 -47.59
O3' LMT PB . -28.80 35.77 -47.06
O5' LMT PB . -27.73 38.69 -49.84
O6' LMT PB . -29.67 40.20 -50.60
C1 LMT PB . -24.81 37.95 -50.76
C2 LMT PB . -24.25 39.22 -51.31
C3 LMT PB . -23.82 39.17 -52.75
C4 LMT PB . -22.79 40.28 -52.89
C5 LMT PB . -22.70 40.73 -54.31
C6 LMT PB . -22.33 39.64 -55.29
C7 LMT PB . -22.30 40.24 -56.69
C8 LMT PB . -21.53 39.38 -57.66
C9 LMT PB . -22.36 38.37 -58.42
C10 LMT PB . -22.82 38.99 -59.73
C11 LMT PB . -23.93 38.21 -60.36
C12 LMT PB . -24.76 39.02 -61.32
C1B LMT QB . -11.65 63.60 -37.43
C2B LMT QB . -13.08 63.22 -36.92
C3B LMT QB . -14.17 63.63 -37.93
C4B LMT QB . -13.99 65.11 -38.34
C5B LMT QB . -12.56 65.25 -38.87
C6B LMT QB . -12.31 66.64 -39.43
O1B LMT QB . -11.24 62.72 -38.45
O2B LMT QB . -13.12 61.87 -36.67
O3B LMT QB . -15.43 63.35 -37.46
O4' LMT QB . -14.88 65.47 -39.34
O5B LMT QB . -11.59 64.92 -37.87
O6B LMT QB . -11.05 66.71 -39.99
C1' LMT QB . -7.47 62.47 -40.39
C2' LMT QB . -7.58 61.89 -38.94
C3' LMT QB . -9.04 61.72 -38.42
C4' LMT QB . -9.91 62.87 -38.93
C5' LMT QB . -9.84 62.67 -40.46
C6' LMT QB . -10.97 63.24 -41.27
O1' LMT QB . -6.43 63.35 -40.44
O2' LMT QB . -6.90 60.67 -38.90
O3' LMT QB . -9.08 61.67 -37.06
O5' LMT QB . -8.61 63.19 -40.91
O6' LMT QB . -10.50 63.46 -42.54
C1 LMT QB . -6.15 63.85 -41.73
C2 LMT QB . -5.59 62.67 -42.44
C3 LMT QB . -6.25 62.27 -43.70
C4 LMT QB . -6.97 61.00 -43.43
C5 LMT QB . -7.87 60.77 -44.57
C6 LMT QB . -7.29 59.78 -45.51
C7 LMT QB . -8.25 59.57 -46.62
C8 LMT QB . -7.69 58.58 -47.56
C9 LMT QB . -8.03 57.15 -47.26
C10 LMT QB . -8.22 56.51 -48.61
C11 LMT QB . -8.96 55.20 -48.53
C12 LMT QB . -8.50 54.21 -49.56
C1B LMT RB . -13.32 41.72 -37.04
C2B LMT RB . -14.00 40.32 -36.89
C3B LMT RB . -15.11 40.09 -37.95
C4B LMT RB . -16.03 41.32 -38.19
C5B LMT RB . -15.13 42.59 -38.24
C6B LMT RB . -15.94 43.87 -38.50
O1B LMT RB . -12.52 41.73 -38.19
O2B LMT RB . -13.01 39.37 -37.00
O3B LMT RB . -15.84 38.92 -37.73
O4' LMT RB . -16.73 41.16 -39.38
O5B LMT RB . -14.29 42.72 -37.10
O6B LMT RB . -15.47 44.49 -39.64
C1' LMT RB . -8.75 42.60 -39.75
C2' LMT RB . -8.76 41.60 -38.57
C3' LMT RB . -10.20 41.08 -38.29
C4' LMT RB . -11.19 42.25 -38.14
C5' LMT RB . -11.01 43.18 -39.39
C6' LMT RB . -11.92 44.38 -39.41
O1' LMT RB . -7.52 43.19 -39.83
O2' LMT RB . -7.95 40.53 -38.91
O3' LMT RB . -10.22 40.29 -37.17
O5' LMT RB . -9.68 43.64 -39.50
O6' LMT RB . -12.69 44.33 -40.56
C1 LMT RB . -6.85 43.04 -41.06
C2 LMT RB . -5.83 44.14 -41.08
C3 LMT RB . -5.62 44.83 -42.39
C4 LMT RB . -4.48 44.13 -43.06
C5 LMT RB . -4.33 44.58 -44.46
C6 LMT RB . -4.18 43.45 -45.41
C7 LMT RB . -4.02 43.96 -46.82
C8 LMT RB . -4.19 42.82 -47.75
C9 LMT RB . -4.06 43.16 -49.22
C10 LMT RB . -4.47 41.94 -50.00
C11 LMT RB . -3.64 41.74 -51.21
C12 LMT RB . -3.95 40.44 -51.89
C1B LMT SB . -7.12 56.04 -25.32
C2B LMT SB . -7.97 55.33 -26.41
C3B LMT SB . -7.80 55.99 -27.79
C4B LMT SB . -6.51 56.88 -27.82
C5B LMT SB . -5.41 56.16 -27.00
C6B LMT SB . -4.08 56.89 -27.15
O1B LMT SB . -7.41 55.50 -24.04
O2B LMT SB . -7.58 54.02 -26.47
O3B LMT SB . -8.93 56.66 -28.20
O4' LMT SB . -6.07 57.05 -29.12
O5B LMT SB . -5.74 56.00 -25.61
O6B LMT SB . -3.66 56.84 -28.46
C1' LMT SB . -8.19 57.01 -20.57
C2' LMT SB . -7.19 57.97 -21.24
C3' LMT SB . -6.93 57.50 -22.70
C4' LMT SB . -6.74 55.95 -22.87
C5' LMT SB . -7.37 55.13 -21.68
C6' LMT SB . -6.67 53.80 -21.46
O1' LMT SB . -8.58 57.45 -19.32
O2' LMT SB . -7.71 59.25 -21.24
O3' LMT SB . -5.85 58.17 -23.23
O5' LMT SB . -7.48 55.80 -20.43
O6' LMT SB . -7.56 52.92 -20.86
C1 LMT SB . -9.16 56.47 -18.48
C2 LMT SB . -10.26 57.16 -17.71
C3 LMT SB . -10.63 56.56 -16.39
C4 LMT SB . -11.84 57.29 -15.86
C5 LMT SB . -11.87 57.32 -14.35
C6 LMT SB . -13.25 57.02 -13.83
C7 LMT SB . -13.41 57.44 -12.36
C8 LMT SB . -14.70 56.87 -11.83
C9 LMT SB . -14.73 56.26 -10.43
C10 LMT SB . -14.33 57.25 -9.36
C11 LMT SB . -14.69 56.75 -8.00
C12 LMT SB . -16.03 57.23 -7.50
C1 LMT TB . -33.35 72.57 -32.04
C2 LMT TB . -33.49 71.76 -30.78
C3 LMT TB . -33.46 70.30 -30.98
C4 LMT TB . -33.31 69.62 -29.64
C5 LMT TB . -33.02 68.18 -29.88
C6 LMT TB . -32.72 67.42 -28.62
C7 LMT TB . -32.77 65.96 -28.93
C8 LMT TB . -31.91 65.21 -27.99
C9 LMT TB . -31.31 63.99 -28.60
C10 LMT TB . -32.43 63.04 -28.79
C1B LMT UB . 13.07 45.62 -69.75
C2B LMT UB . 14.54 46.01 -69.63
C3B LMT UB . 15.34 45.70 -70.91
C4B LMT UB . 14.65 44.64 -71.81
C5B LMT UB . 13.18 45.04 -72.08
C6B LMT UB . 12.33 43.79 -72.36
O1B LMT UB . 12.37 46.43 -68.88
O2B LMT UB . 14.61 47.37 -69.34
O3B LMT UB . 16.62 45.34 -70.57
O4' LMT UB . 15.29 44.55 -73.02
O5B LMT UB . 12.60 45.83 -71.06
O6B LMT UB . 11.90 43.77 -73.68
C1' LMT UB . 10.04 44.24 -66.11
C2' LMT UB . 9.53 44.21 -67.57
C3' LMT UB . 10.67 44.59 -68.58
C4' LMT UB . 11.26 45.95 -68.11
C5' LMT UB . 11.77 45.68 -66.68
C6' LMT UB . 12.68 46.74 -66.13
O1' LMT UB . 8.99 44.11 -65.22
O2' LMT UB . 9.09 42.95 -67.85
O3' LMT UB . 10.18 44.65 -69.86
O5' LMT UB . 10.68 45.49 -65.83
O6' LMT UB . 12.51 46.74 -64.76
C1 LMT UB . 9.30 43.38 -64.06
C2 LMT UB . 9.37 44.41 -62.99
C3 LMT UB . 8.17 44.49 -62.12
C4 LMT UB . 8.45 45.56 -61.10
C5 LMT UB . 8.90 44.95 -59.83
C6 LMT UB . 9.03 45.96 -58.76
C7 LMT UB . 9.66 45.36 -57.53
C8 LMT UB . 9.15 46.08 -56.33
C9 LMT UB . 9.88 45.86 -55.03
C10 LMT UB . 10.58 44.52 -55.03
C11 LMT UB . 12.07 44.64 -55.07
C12 LMT UB . 12.75 43.47 -54.42
C1B LMT VB . -6.46 67.97 -42.10
C2B LMT VB . -5.01 68.45 -41.83
C3B LMT VB . -4.42 67.75 -40.59
C4B LMT VB . -5.42 67.81 -39.42
C5B LMT VB . -6.75 67.14 -39.87
C6B LMT VB . -7.97 67.92 -39.38
O1B LMT VB . -6.63 67.65 -43.45
O2B LMT VB . -4.26 68.18 -42.96
O3B LMT VB . -3.18 68.24 -40.25
O4' LMT VB . -4.90 67.13 -38.35
O5B LMT VB . -6.82 66.89 -41.26
O6B LMT VB . -7.75 69.28 -39.44
C1' LMT VB . -8.67 65.49 -46.26
C2' LMT VB . -9.61 66.18 -45.20
C3' LMT VB . -8.80 67.16 -44.31
C4' LMT VB . -7.45 66.56 -43.83
C5' LMT VB . -6.80 65.89 -45.08
C6' LMT VB . -5.39 65.36 -44.96
O1' LMT VB . -9.28 64.50 -46.99
O2' LMT VB . -10.59 66.93 -45.82
O3' LMT VB . -9.56 67.60 -43.27
O5' LMT VB . -7.62 64.87 -45.54
O6' LMT VB . -4.83 65.87 -43.83
C1 LMT VB . -8.97 64.39 -48.39
C2 LMT VB . -7.48 64.17 -48.50
C3 LMT VB . -6.93 62.84 -48.09
C4 LMT VB . -6.95 61.96 -49.31
C5 LMT VB . -6.07 62.51 -50.38
C6 LMT VB . -4.62 62.31 -50.07
C7 LMT VB . -4.27 60.86 -49.91
C8 LMT VB . -3.42 60.43 -51.06
C9 LMT VB . -2.11 59.77 -50.69
C10 LMT VB . -1.77 58.84 -51.83
C11 LMT VB . -0.29 58.62 -52.01
C12 LMT VB . 0.04 58.50 -53.46
C1 PTY WB . -22.22 26.43 -42.77
C2 PTY WB . -25.97 32.00 -41.33
C3 PTY WB . -24.53 32.50 -41.24
O4 PTY WB . -20.91 26.02 -43.16
C5 PTY WB . -23.77 28.38 -43.02
C6 PTY WB . -22.80 27.44 -43.77
O7 PTY WB . -23.48 26.84 -44.86
C8 PTY WB . -22.74 26.68 -46.07
O10 PTY WB . -22.91 27.42 -46.98
C11 PTY WB . -21.74 25.54 -46.21
C12 PTY WB . -20.64 25.88 -47.21
C13 PTY WB . -19.45 24.97 -46.91
C14 PTY WB . -18.84 24.61 -48.25
C15 PTY WB . -17.44 24.05 -48.02
C16 PTY WB . -16.59 24.11 -49.30
C17 PTY WB . -15.20 23.52 -49.05
C18 PTY WB . -14.19 24.01 -50.08
C19 PTY WB . -12.81 23.77 -49.48
C20 PTY WB . -11.72 24.25 -50.42
C21 PTY WB . -11.13 23.07 -51.19
C22 PTY WB . -9.62 23.24 -51.45
C23 PTY WB . -9.10 22.10 -52.34
C24 PTY WB . -7.57 21.91 -52.30
C25 PTY WB . -6.99 22.22 -53.68
C26 PTY WB . -7.50 21.24 -54.75
C27 PTY WB . -7.53 21.89 -56.15
C30 PTY WB . -19.86 26.32 -42.28
C31 PTY WB . -18.56 25.50 -42.32
O30 PTY WB . -19.97 27.20 -41.48
C32 PTY WB . -17.37 26.41 -42.64
C33 PTY WB . -17.14 26.38 -44.14
C34 PTY WB . -15.70 26.78 -44.45
C35 PTY WB . -15.37 26.57 -45.93
C36 PTY WB . -14.06 27.27 -46.27
C37 PTY WB . -14.14 27.91 -47.65
C38 PTY WB . -12.78 28.46 -48.09
C39 PTY WB . -13.00 29.47 -49.23
C40 PTY WB . -11.72 30.28 -49.40
C41 PTY WB . -10.60 29.31 -49.72
C42 PTY WB . -9.26 30.05 -49.69
C43 PTY WB . -8.40 29.63 -50.88
C44 PTY WB . -8.15 30.86 -51.77
P1 PTY WB . -22.82 30.65 -42.04
O11 PTY WB . -23.65 31.47 -40.86
O12 PTY WB . -23.29 31.18 -43.38
O13 PTY WB . -21.33 30.93 -41.88
O14 PTY WB . -23.12 29.02 -41.95
N1 PTY WB . -26.89 33.11 -41.30
C1 GOL XB . -45.82 42.55 -39.60
O1 GOL XB . -47.15 42.96 -39.31
C2 GOL XB . -45.22 43.67 -40.57
O2 GOL XB . -44.91 44.96 -39.97
C3 GOL XB . -43.97 43.01 -41.13
O3 GOL XB . -43.16 44.07 -41.71
C1 GOL YB . -52.29 50.74 -36.10
O1 GOL YB . -53.22 49.64 -36.08
C2 GOL YB . -52.41 51.48 -37.52
O2 GOL YB . -52.49 52.97 -37.42
C3 GOL YB . -51.21 50.92 -38.39
O3 GOL YB . -50.64 49.75 -37.75
C1 GOL ZB . -39.39 29.96 -20.89
O1 GOL ZB . -39.44 30.57 -22.19
C2 GOL ZB . -40.73 30.27 -20.16
O2 GOL ZB . -40.80 29.55 -18.96
C3 GOL ZB . -40.77 31.85 -19.93
O3 GOL ZB . -40.80 32.06 -18.50
C1 GOL AC . -58.72 42.10 -3.35
O1 GOL AC . -58.27 41.41 -4.56
C2 GOL AC . -59.83 41.16 -2.72
O2 GOL AC . -59.30 39.97 -2.14
C3 GOL AC . -60.61 42.04 -1.69
O3 GOL AC . -61.99 42.10 -2.11
C1B LMT BC . 28.51 12.15 -55.47
C2B LMT BC . 30.03 12.35 -55.21
C3B LMT BC . 30.33 13.84 -54.97
C4B LMT BC . 29.84 14.70 -56.15
C5B LMT BC . 28.34 14.37 -56.37
C6B LMT BC . 27.81 15.18 -57.56
O1B LMT BC . 27.79 12.39 -54.26
O2B LMT BC . 30.34 11.60 -54.06
O3B LMT BC . 31.65 14.09 -54.67
O4' LMT BC . 29.99 16.02 -55.83
O5B LMT BC . 28.07 12.98 -56.49
O6B LMT BC . 26.39 15.28 -57.51
C1' LMT BC . 24.82 11.11 -51.91
C2' LMT BC . 25.77 9.97 -52.34
C3' LMT BC . 27.06 10.65 -52.85
C4' LMT BC . 26.69 11.57 -54.04
C5' LMT BC . 25.53 12.50 -53.63
C6' LMT BC . 25.10 13.42 -54.76
O1' LMT BC . 23.71 10.64 -51.31
O2' LMT BC . 26.07 9.17 -51.27
O3' LMT BC . 27.99 9.73 -53.25
O5' LMT BC . 24.42 11.80 -53.10
O6' LMT BC . 24.10 14.21 -54.23
C1 LMT BC . 23.06 9.63 -52.03
C2 LMT BC . 22.11 8.99 -51.07
C3 LMT BC . 20.71 9.44 -51.16
C4 LMT BC . 19.80 8.47 -50.39
C5 LMT BC . 20.43 8.04 -49.09
C6 LMT BC . 19.42 7.42 -48.18
C7 LMT BC . 18.43 8.45 -47.76
C8 LMT BC . 17.38 7.77 -46.99
C9 LMT BC . 16.31 8.67 -46.49
C10 LMT BC . 16.05 8.22 -45.10
C11 LMT BC . 14.70 8.66 -44.63
C12 LMT BC . 14.51 8.23 -43.23
C1B LMT CC . 2.86 18.01 -72.43
C2B LMT CC . 1.93 18.78 -73.44
C3B LMT CC . 2.67 19.22 -74.75
C4B LMT CC . 3.75 18.23 -75.25
C5B LMT CC . 3.73 16.97 -74.37
C6B LMT CC . 4.76 15.94 -74.86
O1B LMT CC . 2.07 17.14 -71.69
O2B LMT CC . 0.82 18.00 -73.71
O3B LMT CC . 3.18 20.49 -74.62
O4' LMT CC . 3.55 17.90 -76.59
O5B LMT CC . 3.92 17.31 -73.03
O6B LMT CC . 5.05 16.09 -76.21
C1' LMT CC . 2.02 18.31 -67.59
C2' LMT CC . 3.05 17.22 -67.97
C3' LMT CC . 3.34 17.25 -69.50
C4' LMT CC . 1.98 17.20 -70.26
C5' LMT CC . 1.19 18.44 -69.73
C6' LMT CC . -0.06 18.84 -70.49
O1' LMT CC . 1.65 18.11 -66.29
O2' LMT CC . 4.23 17.41 -67.23
O3' LMT CC . 4.11 16.19 -69.80
O5' LMT CC . 0.85 18.20 -68.38
O6' LMT CC . -0.86 19.52 -69.58
C1 LMT CC . 2.28 18.99 -65.40
C2 LMT CC . 1.52 20.26 -65.54
C3 LMT CC . 0.13 20.18 -65.05
C4 LMT CC . 0.27 20.22 -63.56
C5 LMT CC . -0.69 19.27 -63.00
C6 LMT CC . -1.71 19.98 -62.17
C7 LMT CC . -2.68 20.61 -63.08
C8 LMT CC . -2.71 22.04 -62.79
C9 LMT CC . -3.76 22.38 -61.79
C10 LMT CC . -3.80 23.86 -61.79
C11 LMT CC . -5.02 24.28 -61.10
C12 LMT CC . -5.16 23.52 -59.83
C1B LMT DC . -10.43 1.03 -31.96
C2B LMT DC . -10.76 0.00 -30.82
C3B LMT DC . -12.29 -0.22 -30.71
C4B LMT DC . -13.05 1.12 -30.52
C5B LMT DC . -12.63 2.04 -31.69
C6B LMT DC . -13.27 3.46 -31.64
O1B LMT DC . -10.59 0.50 -33.28
O2B LMT DC . -10.09 -1.20 -31.04
O3B LMT DC . -12.61 -1.17 -29.76
O4' LMT DC . -14.48 0.88 -30.42
O5B LMT DC . -11.22 2.19 -31.83
O6B LMT DC . -13.30 4.03 -32.96
C1' LMT DC . -8.62 -0.83 -36.67
C2' LMT DC . -7.99 -1.20 -35.35
C3' LMT DC . -9.05 -1.04 -34.22
C4' LMT DC . -9.40 0.43 -34.06
C5' LMT DC . -9.62 1.08 -35.48
C6' LMT DC . -8.63 2.18 -35.86
O1' LMT DC . -7.70 -0.51 -37.63
O2' LMT DC . -7.66 -2.53 -35.45
O3' LMT DC . -8.55 -1.57 -33.07
O5' LMT DC . -9.67 0.17 -36.57
O6' LMT DC . -9.07 3.32 -35.28
C1 LMT DC . -8.26 -0.37 -38.90
C2 LMT DC . -7.75 -1.50 -39.72
C3 LMT DC . -8.24 -1.51 -41.13
C4 LMT DC . -7.01 -1.60 -42.01
C5 LMT DC . -7.29 -1.17 -43.43
C6 LMT DC . -6.02 -1.01 -44.24
C7 LMT DC . -6.27 -1.21 -45.69
C8 LMT DC . -5.20 -0.51 -46.47
C9 LMT DC . -3.78 -1.01 -46.25
C10 LMT DC . -3.68 -2.44 -46.75
C11 LMT DC . -2.25 -2.94 -46.80
C12 LMT DC . -1.74 -3.06 -48.20
C1B LMT EC . -26.73 13.33 -20.83
C2B LMT EC . -26.29 14.71 -21.38
C3B LMT EC . -25.21 15.30 -20.42
C4B LMT EC . -25.73 15.30 -18.92
C5B LMT EC . -26.26 13.88 -18.63
C6B LMT EC . -26.79 13.81 -17.25
O1B LMT EC . -25.59 12.50 -20.77
O2B LMT EC . -25.84 14.54 -22.71
O3B LMT EC . -24.73 16.53 -20.86
O4' LMT EC . -24.72 15.56 -18.02
O5B LMT EC . -27.25 13.46 -19.52
O6B LMT EC . -28.07 14.27 -17.26
C1' LMT EC . -24.46 8.56 -21.39
C2' LMT EC . -24.57 9.40 -22.69
C3' LMT EC . -24.67 10.92 -22.33
C4' LMT EC . -25.76 11.18 -21.26
C5' LMT EC . -25.51 10.20 -20.08
C6' LMT EC . -26.53 10.36 -19.00
O1' LMT EC . -24.53 7.21 -21.65
O2' LMT EC . -23.48 9.16 -23.54
O3' LMT EC . -24.99 11.68 -23.42
O5' LMT EC . -25.56 8.87 -20.53
O6' LMT EC . -27.66 9.76 -19.51
C1 LMT EC . -23.45 6.45 -21.14
C2 LMT EC . -23.66 6.33 -19.67
C3 LMT EC . -22.84 5.27 -19.01
C4 LMT EC . -21.38 5.61 -19.19
C5 LMT EC . -20.59 5.03 -18.03
C6 LMT EC . -19.12 4.93 -18.29
C7 LMT EC . -18.48 4.37 -17.07
C8 LMT EC . -18.41 2.86 -17.17
C9 LMT EC . -17.90 2.16 -15.91
C10 LMT EC . -17.71 0.72 -16.28
C11 LMT EC . -17.59 -0.11 -15.06
C12 LMT EC . -17.29 -1.55 -15.40
C1B LMT FC . -21.89 15.29 -7.61
C2B LMT FC . -21.01 16.50 -7.13
C3B LMT FC . -19.78 16.04 -6.35
C4B LMT FC . -20.17 14.98 -5.28
C5B LMT FC . -21.09 13.90 -5.86
C6B LMT FC . -21.47 12.93 -4.71
O1B LMT FC . -21.32 14.58 -8.69
O2B LMT FC . -20.64 17.30 -8.21
O3B LMT FC . -19.09 17.13 -5.81
O4' LMT FC . -19.04 14.35 -4.84
O5B LMT FC . -22.22 14.44 -6.54
O6B LMT FC . -21.39 11.55 -5.06
C1' LMT FC . -21.81 14.55 -12.87
C2' LMT FC . -21.24 15.85 -12.23
C3' LMT FC . -20.68 15.58 -10.82
C4' LMT FC . -21.80 14.94 -9.98
C5' LMT FC . -22.29 13.66 -10.75
C6' LMT FC . -23.29 12.82 -10.01
O1' LMT FC . -22.43 14.88 -14.04
O2' LMT FC . -20.22 16.36 -13.02
O3' LMT FC . -20.22 16.77 -10.27
O5' LMT FC . -22.79 13.97 -12.03
O6' LMT FC . -22.63 12.34 -8.86
C1 LMT FC . -23.21 13.89 -14.69
C2 LMT FC . -22.62 13.81 -16.08
C3 LMT FC . -21.84 12.58 -16.30
C4 LMT FC . -22.55 11.80 -17.36
C5 LMT FC . -21.86 10.46 -17.57
C6 LMT FC . -20.41 10.44 -17.19
C7 LMT FC . -20.20 9.77 -15.83
C8 LMT FC . -18.96 8.93 -15.86
C9 LMT FC . -19.08 7.60 -15.19
C10 LMT FC . -18.03 7.52 -14.10
C11 LMT FC . -18.32 6.42 -13.12
C12 LMT FC . -17.37 6.48 -11.93
C1B LMT GC . 0.92 24.46 -30.92
C2B LMT GC . -0.10 23.26 -31.11
C3B LMT GC . -0.80 22.81 -29.77
C4B LMT GC . -0.28 23.61 -28.56
C5B LMT GC . -0.39 25.07 -28.98
C6B LMT GC . -0.38 25.97 -27.76
O1B LMT GC . 1.13 25.18 -32.10
O2B LMT GC . -1.02 23.60 -32.09
O3B LMT GC . -0.71 21.44 -29.57
O4' LMT GC . -1.02 23.39 -27.43
O5B LMT GC . 0.64 25.39 -29.89
O6B LMT GC . 0.60 26.92 -27.86
C1' LMT GC . 4.63 26.74 -33.98
C2' LMT GC . 3.38 26.44 -34.86
C3' LMT GC . 2.11 26.14 -33.99
C4' LMT GC . 2.37 25.18 -32.81
C5' LMT GC . 3.60 25.82 -32.08
C6' LMT GC . 4.05 25.28 -30.73
O1' LMT GC . 5.78 26.69 -34.72
O2' LMT GC . 3.12 27.52 -35.72
O3' LMT GC . 1.06 25.69 -34.75
O5' LMT GC . 4.73 25.77 -32.94
O6' LMT GC . 4.84 26.26 -30.14
C1 LMT GC . 6.94 26.25 -34.03
C2 LMT GC . 7.97 26.00 -35.10
C3 LMT GC . 8.62 27.20 -35.71
C4 LMT GC . 9.63 26.74 -36.71
C5 LMT GC . 10.32 27.92 -37.32
C6 LMT GC . 10.93 27.60 -38.66
C7 LMT GC . 11.78 28.75 -39.13
C8 LMT GC . 12.61 28.34 -40.32
C9 LMT GC . 13.80 29.22 -40.60
C10 LMT GC . 14.11 29.18 -42.08
C11 LMT GC . 15.40 29.85 -42.43
C12 LMT GC . 15.39 30.41 -43.84
C1B LMT HC . 3.50 4.73 -22.88
C2B LMT HC . 4.92 4.51 -22.27
C3B LMT HC . 5.22 3.00 -21.99
C4B LMT HC . 4.50 2.04 -23.00
C5B LMT HC . 2.99 2.41 -23.15
C6B LMT HC . 2.11 1.33 -22.54
O1B LMT HC . 3.57 4.92 -24.25
O2B LMT HC . 5.86 5.06 -23.13
O3B LMT HC . 5.01 2.66 -20.67
O4' LMT HC . 5.11 2.09 -24.24
O5B LMT HC . 2.65 3.66 -22.58
O6B LMT HC . 1.27 1.90 -21.61
C1' LMT HC . 2.33 7.31 -27.32
C2' LMT HC . 2.64 8.06 -26.02
C3' LMT HC . 3.49 7.11 -25.14
C4' LMT HC . 2.70 5.84 -24.84
C5' LMT HC . 2.32 5.27 -26.23
C6' LMT HC . 1.64 3.91 -26.20
O1' LMT HC . 1.67 8.10 -28.24
O2' LMT HC . 3.34 9.22 -26.31
O3' LMT HC . 3.92 7.69 -24.00
O5' LMT HC . 1.55 6.18 -26.98
O6' LMT HC . 1.40 3.57 -27.50
C1 LMT HC . 1.38 7.44 -29.49
C2 LMT HC . 2.67 7.16 -30.26
C3 LMT HC . 2.63 6.14 -31.39
C4 LMT HC . 2.43 6.82 -32.73
C5 LMT HC . 1.67 5.94 -33.68
C6 LMT HC . 2.39 5.66 -34.97
C7 LMT HC . 3.74 5.02 -34.70
C8 LMT HC . 4.62 5.07 -35.93
C9 LMT HC . 5.66 3.99 -36.01
C10 LMT HC . 6.31 3.85 -34.66
C11 LMT HC . 6.95 2.51 -34.47
C12 LMT HC . 7.25 2.24 -33.03
C1B LMT IC . -27.48 11.86 -40.78
C2B LMT IC . -27.44 11.96 -39.24
C3B LMT IC . -26.76 10.70 -38.65
C4B LMT IC . -27.54 9.45 -39.12
C5B LMT IC . -27.44 9.47 -40.65
C6B LMT IC . -28.08 8.21 -41.24
O1B LMT IC . -26.18 12.05 -41.27
O2B LMT IC . -26.74 13.10 -38.94
O3B LMT IC . -26.59 10.75 -37.29
O4' LMT IC . -26.99 8.30 -38.64
O5B LMT IC . -28.02 10.64 -41.22
O6B LMT IC . -27.97 7.16 -40.38
C1' LMT IC . -23.97 13.12 -44.53
C2' LMT IC . -25.31 13.87 -44.46
C3' LMT IC . -25.93 13.67 -43.05
C4' LMT IC . -25.99 12.18 -42.67
C5' LMT IC . -24.61 11.52 -43.01
C6' LMT IC . -24.59 10.04 -42.78
O1' LMT IC . -23.41 13.26 -45.77
O2' LMT IC . -25.08 15.20 -44.69
O3' LMT IC . -27.18 14.22 -42.97
O5' LMT IC . -24.22 11.75 -44.34
O6' LMT IC . -24.88 9.40 -43.97
C1 LMT IC . -23.89 12.38 -46.73
C2 LMT IC . -22.73 11.50 -46.99
C3 LMT IC . -21.43 12.10 -46.67
C4 LMT IC . -20.58 10.95 -46.23
C5 LMT IC . -20.17 10.17 -47.41
C6 LMT IC . -18.80 10.52 -47.80
C7 LMT IC . -17.89 10.12 -46.69
C8 LMT IC . -17.23 11.33 -46.20
C9 LMT IC . -15.94 11.57 -46.82
C10 LMT IC . -14.90 10.82 -46.07
C11 LMT IC . -13.77 11.77 -45.93
C12 LMT IC . -12.48 11.09 -46.12
C1B LMT JC . -28.66 7.97 -44.68
C2B LMT JC . -30.09 7.35 -44.60
C3B LMT JC . -31.19 8.28 -45.21
C4B LMT JC . -30.99 9.80 -44.89
C5B LMT JC . -29.49 10.15 -45.01
C6B LMT JC . -29.25 11.65 -44.72
O1B LMT JC . -28.17 7.89 -45.98
O2B LMT JC . -30.05 6.12 -45.23
O3B LMT JC . -32.46 7.85 -44.86
O4' LMT JC . -31.73 10.59 -45.77
O5B LMT JC . -28.66 9.31 -44.24
O6B LMT JC . -30.00 12.07 -43.64
C1' LMT JC . -24.55 7.45 -47.96
C2' LMT JC . -24.95 6.28 -47.04
C3' LMT JC . -26.47 6.39 -46.70
C4' LMT JC . -26.77 7.79 -46.13
C5' LMT JC . -26.27 8.75 -47.23
C6' LMT JC . -26.70 10.19 -47.11
O1' LMT JC . -23.19 7.45 -48.24
O2' LMT JC . -24.73 5.11 -47.70
O3' LMT JC . -26.89 5.43 -45.82
O5' LMT JC . -24.87 8.68 -47.33
O6' LMT JC . -27.80 10.35 -47.92
C1 LMT JC . -22.79 8.50 -49.07
C2 LMT JC . -21.59 8.01 -49.85
C3 LMT JC . -20.99 9.05 -50.75
C4 LMT JC . -19.74 8.51 -51.37
C5 LMT JC . -19.31 9.41 -52.51
C6 LMT JC . -18.38 10.49 -52.07
C7 LMT JC . -18.24 11.56 -53.11
C8 LMT JC . -16.87 11.47 -53.73
C9 LMT JC . -16.52 12.55 -54.72
C10 LMT JC . -15.77 11.90 -55.84
C11 LMT JC . -15.45 12.87 -56.95
C12 LMT JC . -14.60 12.24 -58.01
C1B LMT KC . -9.24 21.57 -31.75
C2B LMT KC . -8.04 22.02 -30.86
C3B LMT KC . -7.11 20.84 -30.43
C4B LMT KC . -7.87 19.54 -30.02
C5B LMT KC . -8.98 19.29 -31.07
C6B LMT KC . -9.80 18.03 -30.70
O1B LMT KC . -8.79 21.35 -33.07
O2B LMT KC . -7.31 22.95 -31.60
O3B LMT KC . -6.19 21.22 -29.46
O4' LMT KC . -6.94 18.47 -29.98
O5B LMT KC . -9.86 20.41 -31.23
O6B LMT KC . -9.76 17.08 -31.71
C1' LMT KC . -8.76 22.61 -36.98
C2' LMT KC . -9.03 23.76 -36.01
C3' LMT KC . -8.80 23.28 -34.53
C4' LMT KC . -9.48 21.93 -34.19
C5' LMT KC . -9.31 20.94 -35.40
C6' LMT KC . -10.15 19.67 -35.25
O1' LMT KC . -9.08 23.03 -38.26
O2' LMT KC . -8.14 24.77 -36.32
O3' LMT KC . -9.22 24.25 -33.64
O5' LMT KC . -9.61 21.52 -36.65
O6' LMT KC . -9.43 18.66 -34.68
C1 LMT KC . -8.98 22.02 -39.25
C2 LMT KC . -8.74 22.72 -40.56
C3 LMT KC . -8.94 21.89 -41.81
C4 LMT KC . -7.93 22.32 -42.84
C5 LMT KC . -7.88 21.35 -43.98
C6 LMT KC . -6.69 21.57 -44.87
C7 LMT KC . -5.60 20.63 -44.48
C8 LMT KC . -4.61 20.47 -45.58
C9 LMT KC . -4.63 19.12 -46.20
C10 LMT KC . -3.22 18.66 -46.60
C11 LMT KC . -2.24 19.77 -46.86
C12 LMT KC . -0.84 19.35 -46.53
C1 LMT LC . 11.41 23.03 -61.81
C2 LMT LC . 11.31 21.92 -60.79
C3 LMT LC . 10.39 22.18 -59.62
C4 LMT LC . 10.72 21.13 -58.57
C5 LMT LC . 9.48 20.58 -57.92
C6 LMT LC . 9.60 20.54 -56.44
C7 LMT LC . 9.53 19.13 -55.93
C8 LMT LC . 8.88 19.13 -54.59
C9 LMT LC . 9.32 20.26 -53.70
C10 LMT LC . 9.32 19.76 -52.27
C11 LMT LC . 8.37 20.50 -51.38
C12 LMT LC . 9.04 20.96 -50.11
C1B LMT MC . 25.79 1.38 -54.40
C2B LMT MC . 25.31 0.69 -55.72
C3B LMT MC . 25.47 -0.85 -55.73
C4B LMT MC . 25.32 -1.50 -54.31
C5B LMT MC . 26.22 -0.76 -53.32
C6B LMT MC . 27.73 -0.95 -53.63
O1B LMT MC . 25.02 2.52 -54.17
O2B LMT MC . 24.00 1.06 -55.95
O3B LMT MC . 26.58 -1.26 -56.43
O4' LMT MC . 24.01 -1.38 -53.83
O5B LMT MC . 25.80 0.59 -53.23
O6B LMT MC . 28.18 -2.19 -53.20
C1' LMT MC . 25.07 5.60 -51.30
C2' LMT MC . 26.09 5.70 -52.48
C3' LMT MC . 25.68 4.76 -53.65
C4' LMT MC . 25.46 3.34 -53.10
C5' LMT MC . 24.37 3.50 -52.01
C6' LMT MC . 23.75 2.21 -51.51
O1' LMT MC . 25.55 6.27 -50.19
O2' LMT MC . 26.12 6.99 -52.95
O3' LMT MC . 26.63 4.76 -54.64
O5' LMT MC . 24.87 4.24 -50.93
O6' LMT MC . 22.81 2.56 -50.55
C1 LMT MC . 25.05 5.84 -48.95
C2 LMT MC . 24.42 7.05 -48.34
C3 LMT MC . 24.35 7.07 -46.84
C4 LMT MC . 23.05 7.73 -46.45
C5 LMT MC . 22.67 7.30 -45.07
C6 LMT MC . 21.36 7.84 -44.62
C7 LMT MC . 21.55 8.86 -43.53
C8 LMT MC . 20.25 9.01 -42.81
C9 LMT MC . 20.38 9.67 -41.45
C10 LMT MC . 19.03 10.22 -41.09
C11 LMT MC . 18.08 9.17 -40.62
C12 LMT MC . 17.34 9.59 -39.39
C3 LMT NC . 3.39 23.28 -65.78
C4 LMT NC . 3.20 24.02 -64.45
C5 LMT NC . 2.25 23.30 -63.56
C6 LMT NC . 2.45 23.67 -62.14
C7 LMT NC . 1.43 23.03 -61.25
C8 LMT NC . 1.28 23.89 -60.04
C9 LMT NC . 0.52 23.27 -58.90
C10 LMT NC . 1.21 23.65 -57.62
C11 LMT NC . 0.60 23.02 -56.39
C12 LMT NC . 1.08 23.66 -55.14
C1 PTY OC . -14.85 20.12 -79.82
C2 PTY OC . -19.19 22.26 -84.14
C3 PTY OC . -19.04 21.67 -82.74
O4 PTY OC . -13.98 19.96 -78.73
C5 PTY OC . -15.99 18.46 -81.27
C6 PTY OC . -15.90 19.02 -79.85
O7 PTY OC . -17.16 19.51 -79.46
C8 PTY OC . -17.60 19.16 -78.18
O10 PTY OC . -18.00 18.06 -77.95
C11 PTY OC . -17.58 20.20 -77.06
C12 PTY OC . -16.18 20.41 -76.51
C13 PTY OC . -16.28 21.36 -75.31
C14 PTY OC . -17.08 20.69 -74.18
C15 PTY OC . -16.89 21.46 -72.88
C16 PTY OC . -17.65 20.82 -71.72
C17 PTY OC . -17.65 21.80 -70.54
C18 PTY OC . -18.12 21.13 -69.22
C19 PTY OC . -17.86 19.61 -69.13
C20 PTY OC . -18.38 19.05 -67.80
C21 PTY OC . -17.96 19.97 -66.65
C22 PTY OC . -18.34 19.44 -65.26
C23 PTY OC . -18.06 17.93 -65.18
C24 PTY OC . -17.97 17.49 -63.71
C25 PTY OC . -18.60 16.10 -63.56
C30 PTY OC . -12.76 20.64 -78.87
C31 PTY OC . -12.60 21.77 -79.89
O30 PTY OC . -11.84 20.34 -78.18
C32 PTY OC . -12.67 23.12 -79.17
C33 PTY OC . -13.94 23.21 -78.33
C34 PTY OC . -13.57 23.63 -76.91
C35 PTY OC . -13.54 25.16 -76.82
C36 PTY OC . -14.04 25.58 -75.45
C37 PTY OC . -15.36 24.87 -75.16
C38 PTY OC . -16.05 25.60 -74.01
C39 PTY OC . -15.84 24.89 -72.67
C40 PTY OC . -15.30 25.90 -71.66
C41 PTY OC . -15.64 25.45 -70.23
C42 PTY OC . -16.37 26.61 -69.56
C43 PTY OC . -16.54 26.40 -68.05
C44 PTY OC . -17.62 27.35 -67.50
P1 PTY OC . -17.59 19.51 -83.06
O11 PTY OC . -17.77 21.08 -82.62
O12 PTY OC . -18.86 19.04 -83.73
O13 PTY OC . -16.44 19.38 -84.05
O14 PTY OC . -17.29 18.56 -81.74
N1 PTY OC . -20.59 22.52 -84.42
C1 PTY PC . 8.27 19.87 -24.47
C2 PTY PC . 2.28 15.82 -23.80
C3 PTY PC . 3.15 16.87 -24.53
O4 PTY PC . 7.36 20.66 -25.20
C5 PTY PC . 7.22 17.91 -23.34
C6 PTY PC . 7.94 18.38 -24.62
O7 PTY PC . 9.10 17.62 -24.84
C8 PTY PC . 9.19 16.94 -26.08
O10 PTY PC . 8.81 15.82 -26.20
C11 PTY PC . 9.79 17.66 -27.29
C12 PTY PC . 10.74 18.77 -26.84
C13 PTY PC . 10.70 19.91 -27.85
C14 PTY PC . 11.38 19.48 -29.15
C15 PTY PC . 12.13 20.69 -29.71
C16 PTY PC . 12.55 20.54 -31.17
C17 PTY PC . 12.25 21.86 -31.88
C18 PTY PC . 12.85 21.83 -33.28
C19 PTY PC . 12.14 22.82 -34.20
C20 PTY PC . 12.63 22.68 -35.65
C21 PTY PC . 13.50 23.87 -36.08
C22 PTY PC . 13.65 24.01 -37.61
C23 PTY PC . 15.01 24.62 -37.98
C24 PTY PC . 14.94 25.57 -39.19
C25 PTY PC . 16.19 25.44 -40.06
C26 PTY PC . 16.39 24.00 -40.54
C27 PTY PC . 17.32 23.88 -41.75
C30 PTY PC . 6.57 21.60 -24.50
C31 PTY PC . 5.74 22.63 -25.25
O30 PTY PC . 6.56 21.61 -23.30
C32 PTY PC . 5.59 22.32 -26.75
C33 PTY PC . 6.88 22.66 -27.51
C34 PTY PC . 6.66 22.73 -29.03
C35 PTY PC . 7.92 22.30 -29.79
C36 PTY PC . 7.84 22.77 -31.24
C37 PTY PC . 8.16 21.61 -32.19
C38 PTY PC . 7.84 21.95 -33.65
C39 PTY PC . 8.03 20.69 -34.51
C40 PTY PC . 7.12 20.69 -35.74
C41 PTY PC . 7.73 21.60 -36.82
C42 PTY PC . 6.93 21.44 -38.12
C43 PTY PC . 7.69 21.95 -39.36
C44 PTY PC . 6.91 21.59 -40.64
P1 PTY PC . 5.44 15.91 -23.46
O11 PTY PC . 4.33 17.11 -23.80
O12 PTY PC . 5.44 14.90 -24.58
O13 PTY PC . 5.08 15.19 -22.17
O14 PTY PC . 6.98 16.52 -23.33
N1 PTY PC . 0.87 16.11 -23.93
C1 GOL QC . -10.26 14.38 -76.36
O1 GOL QC . -11.60 14.41 -75.64
C2 GOL QC . -9.36 15.68 -76.32
O2 GOL QC . -10.01 16.88 -76.00
C3 GOL QC . -8.10 15.36 -75.38
O3 GOL QC . -7.00 14.96 -76.17
C1 GOL RC . -41.83 2.05 -16.05
O1 GOL RC . -42.91 1.72 -15.14
C2 GOL RC . -41.45 0.80 -16.88
O2 GOL RC . -42.53 0.36 -17.64
C3 GOL RC . -40.23 1.26 -17.80
O3 GOL RC . -39.02 1.23 -17.05
C1 GOL SC . -33.87 4.03 -15.59
O1 GOL SC . -35.14 4.50 -15.16
C2 GOL SC . -32.96 3.87 -14.28
O2 GOL SC . -33.51 3.00 -13.37
C3 GOL SC . -31.54 3.34 -14.72
O3 GOL SC . -30.64 3.72 -13.70
C1 GOL TC . -14.37 8.43 -22.70
O1 GOL TC . -15.41 9.47 -22.74
C2 GOL TC . -13.97 8.21 -24.13
O2 GOL TC . -14.45 9.22 -25.12
C3 GOL TC . -12.50 7.76 -24.10
O3 GOL TC . -12.55 6.42 -24.52
C1 GOL UC . 4.32 5.92 -72.50
O1 GOL UC . 5.43 5.03 -72.19
C2 GOL UC . 4.78 7.21 -71.78
O2 GOL UC . 6.01 7.65 -72.26
C3 GOL UC . 3.64 8.21 -71.96
O3 GOL UC . 4.01 9.32 -71.19
C1 GOL VC . -9.33 15.92 -27.35
O1 GOL VC . -10.58 15.41 -26.87
C2 GOL VC . -8.65 14.65 -27.93
O2 GOL VC . -8.92 14.42 -29.35
C3 GOL VC . -7.10 14.64 -27.49
O3 GOL VC . -6.88 14.53 -25.98
C1 GOL WC . -27.43 14.36 -1.74
O1 GOL WC . -27.74 13.94 -3.26
C2 GOL WC . -28.45 15.10 -0.66
O2 GOL WC . -29.44 14.28 0.04
C3 GOL WC . -27.55 15.77 0.57
O3 GOL WC . -26.38 16.51 0.10
C1 GOL XC . -22.20 14.93 -1.38
O1 GOL XC . -23.03 14.00 -2.13
C2 GOL XC . -23.01 15.22 0.00
O2 GOL XC . -22.43 14.68 1.11
C3 GOL XC . -23.23 16.75 0.20
O3 GOL XC . -23.05 16.94 1.61
C1B LMT YC . 29.30 23.16 -56.72
C2B LMT YC . 29.75 23.55 -58.14
C3B LMT YC . 29.10 22.61 -59.17
C4B LMT YC . 29.40 21.13 -58.83
C5B LMT YC . 29.01 20.89 -57.35
C6B LMT YC . 29.40 19.47 -56.95
O1B LMT YC . 27.95 23.43 -56.59
O2B LMT YC . 29.34 24.85 -58.31
O3B LMT YC . 29.42 22.94 -60.45
O4' LMT YC . 28.64 20.29 -59.60
O5B LMT YC . 29.56 21.80 -56.44
O6B LMT YC . 28.72 19.11 -55.83
C1' LMT YC . 25.27 25.26 -54.18
C2' LMT YC . 26.43 26.17 -54.63
C3' LMT YC . 27.09 25.48 -55.86
C4' LMT YC . 27.59 24.10 -55.42
C5' LMT YC . 26.42 23.32 -54.78
C6' LMT YC . 26.87 21.95 -54.35
O1' LMT YC . 24.57 25.82 -53.15
O2' LMT YC . 25.96 27.42 -54.99
O3' LMT YC . 28.11 26.21 -56.38
O5' LMT YC . 25.83 24.03 -53.71
O6' LMT YC . 25.88 21.43 -53.55
C1 LMT YC . 23.59 24.98 -52.52
C2 LMT YC . 23.20 25.75 -51.30
C3 LMT YC . 22.00 25.28 -50.56
C4 LMT YC . 22.41 24.26 -49.53
C5 LMT YC . 21.25 23.99 -48.61
C6 LMT YC . 20.53 22.75 -48.97
C7 LMT YC . 19.69 22.24 -47.82
C8 LMT YC . 18.28 22.46 -48.20
C9 LMT YC . 17.32 21.49 -47.59
C10 LMT YC . 16.11 21.45 -48.51
C11 LMT YC . 16.35 20.55 -49.71
C12 LMT YC . 15.54 20.95 -50.89
C1B LMT ZC . 21.51 51.94 -65.61
C2B LMT ZC . 20.99 52.87 -66.71
C3B LMT ZC . 19.55 52.48 -67.05
C4B LMT ZC . 19.48 50.99 -67.47
C5B LMT ZC . 20.16 50.18 -66.37
C6B LMT ZC . 20.17 48.69 -66.71
O1B LMT ZC . 20.67 52.09 -64.49
O2B LMT ZC . 21.08 54.17 -66.23
O3B LMT ZC . 18.99 53.33 -67.96
O4' LMT ZC . 18.17 50.59 -67.60
O5B LMT ZC . 21.46 50.63 -66.06
O6B LMT ZC . 20.16 47.94 -65.54
C1' LMT ZC . 20.99 52.66 -60.32
C2' LMT ZC . 21.61 53.74 -61.26
C3' LMT ZC . 21.11 53.63 -62.72
C4' LMT ZC . 21.29 52.19 -63.21
C5' LMT ZC . 20.52 51.30 -62.22
C6' LMT ZC . 20.41 49.84 -62.66
O1' LMT ZC . 21.77 52.63 -59.19
O2' LMT ZC . 21.28 54.97 -60.75
O3' LMT ZC . 21.78 54.50 -63.55
O5' LMT ZC . 21.09 51.35 -60.91
O6' LMT ZC . 19.60 49.14 -61.74
C1 LMT ZC . 21.29 51.89 -58.10
C2 LMT ZC . 22.34 52.15 -57.07
C3 LMT ZC . 22.05 51.69 -55.68
C4 LMT ZC . 22.67 52.69 -54.77
C5 LMT ZC . 21.86 52.79 -53.52
C6 LMT ZC . 22.44 51.97 -52.41
C7 LMT ZC . 21.34 51.41 -51.56
C8 LMT ZC . 21.11 52.27 -50.36
C9 LMT ZC . 20.36 51.52 -49.29
C10 LMT ZC . 20.00 52.49 -48.20
C11 LMT ZC . 19.48 51.73 -47.01
C12 LMT ZC . 19.29 52.61 -45.81
C1B LMT AD . 20.81 45.86 -18.89
C2B LMT AD . 21.10 47.27 -18.29
C3B LMT AD . 21.93 47.22 -17.01
C4B LMT AD . 21.16 46.32 -16.00
C5B LMT AD . 20.85 44.95 -16.68
C6B LMT AD . 20.14 44.05 -15.69
O1B LMT AD . 21.95 45.19 -19.48
O2B LMT AD . 21.64 48.11 -19.19
O3B LMT AD . 22.28 48.49 -16.53
O4' LMT AD . 21.88 46.12 -14.81
O5B LMT AD . 20.13 45.08 -17.89
O6B LMT AD . 20.88 43.97 -14.49
C1' LMT AD . 24.80 45.00 -22.44
C2' LMT AD . 24.91 46.29 -21.64
C3' LMT AD . 23.95 46.21 -20.40
C4' LMT AD . 22.53 45.67 -20.72
C5' LMT AD . 22.62 44.54 -21.81
C6' LMT AD . 21.26 44.14 -22.39
O1' LMT AD . 25.62 45.01 -23.53
O2' LMT AD . 26.19 46.38 -21.18
O3' LMT AD . 23.83 47.44 -19.87
O5' LMT AD . 23.48 44.94 -22.88
O6' LMT AD . 21.16 42.80 -22.35
C1 LMT AD . 26.51 43.93 -23.62
C2 LMT AD . 27.29 44.14 -24.90
C3 LMT AD . 27.84 42.92 -25.55
C4 LMT AD . 28.59 43.34 -26.81
C5 LMT AD . 29.25 42.13 -27.43
C6 LMT AD . 30.11 42.43 -28.63
C7 LMT AD . 29.29 42.44 -29.89
C8 LMT AD . 30.17 42.37 -31.09
C9 LMT AD . 31.07 41.18 -31.12
C10 LMT AD . 30.19 39.96 -31.21
C11 LMT AD . 30.88 38.78 -30.62
C12 LMT AD . 29.89 37.76 -30.16
C1B LMT BD . 6.82 36.14 -3.67
C2B LMT BD . 6.03 35.32 -4.73
C3B LMT BD . 4.51 35.64 -4.80
C4B LMT BD . 3.90 36.46 -3.57
C5B LMT BD . 4.99 37.25 -2.87
C6B LMT BD . 4.35 37.83 -1.65
O1B LMT BD . 7.30 37.36 -4.18
O2B LMT BD . 6.58 35.42 -6.01
O3B LMT BD . 3.90 34.42 -5.06
O4' LMT BD . 2.93 37.41 -3.93
O5B LMT BD . 6.04 36.41 -2.54
O6B LMT BD . 3.62 36.82 -1.09
C1' LMT BD . 10.78 39.52 -4.22
C2' LMT BD . 10.79 38.39 -5.29
C3' LMT BD . 9.33 37.80 -5.36
C4' LMT BD . 8.68 37.55 -3.97
C5' LMT BD . 8.96 38.75 -3.01
C6' LMT BD . 8.48 38.55 -1.58
O1' LMT BD . 12.02 40.06 -4.00
O2' LMT BD . 11.16 38.94 -6.56
O3' LMT BD . 9.25 36.62 -6.08
O5' LMT BD . 10.33 38.99 -2.97
O6' LMT BD . 8.93 37.26 -1.17
C1 LMT BD . 12.11 41.42 -4.35
C2 LMT BD . 11.68 42.16 -3.13
C3 LMT BD . 11.89 43.65 -3.15
C4 LMT BD . 11.14 44.26 -4.30
C5 LMT BD . 11.27 45.74 -4.19
C6 LMT BD . 10.86 46.52 -5.40
C7 LMT BD . 10.49 47.92 -4.96
C8 LMT BD . 11.73 48.76 -4.92
C9 LMT BD . 11.72 49.91 -3.94
C10 LMT BD . 13.15 50.43 -3.92
C11 LMT BD . 13.23 51.77 -3.26
C12 LMT BD . 14.68 52.23 -3.14
C1B LMT CD . -2.70 46.14 0.20
C2B LMT CD . -4.13 46.43 -0.36
C3B LMT CD . -4.77 47.75 0.17
C4B LMT CD . -3.75 48.92 0.47
C5B LMT CD . -2.40 48.41 1.06
C6B LMT CD . -2.13 49.23 2.35
O1B LMT CD . -1.73 46.10 -0.84
O2B LMT CD . -4.10 46.42 -1.74
O3B LMT CD . -5.67 47.55 1.21
O4' LMT CD . -3.52 49.73 -0.64
O5B LMT CD . -2.33 46.99 1.28
O6B LMT CD . -1.00 50.10 2.32
C1' LMT CD . 0.49 43.42 -3.08
C2' LMT CD . -1.00 43.58 -3.53
C3' LMT CD . -1.61 44.85 -2.89
C4' LMT CD . -1.39 44.82 -1.35
C5' LMT CD . 0.14 44.56 -1.10
C6' LMT CD . 0.57 44.59 0.34
O1' LMT CD . 1.01 42.27 -3.63
O2' LMT CD . -1.02 43.68 -4.89
O3' LMT CD . -2.94 44.95 -3.18
O5' LMT CD . 0.58 43.34 -1.66
O6' LMT CD . 0.42 45.90 0.76
C1 LMT CD . 2.17 41.73 -3.03
C2 LMT CD . 3.07 41.43 -4.16
C3 LMT CD . 3.95 42.53 -4.57
C4 LMT CD . 5.33 41.96 -4.82
C5 LMT CD . 6.38 42.98 -4.49
C6 LMT CD . 6.46 44.14 -5.45
C7 LMT CD . 5.72 45.34 -4.90
C8 LMT CD . 6.46 46.60 -5.24
C9 LMT CD . 6.90 47.36 -4.05
C10 LMT CD . 6.53 48.81 -4.26
C11 LMT CD . 7.04 49.63 -3.12
C12 LMT CD . 6.29 50.91 -2.98
C1B LMT DD . 4.50 37.13 -26.03
C2B LMT DD . 3.35 38.11 -26.47
C3B LMT DD . 3.60 39.62 -26.12
C4B LMT DD . 4.32 39.78 -24.76
C5B LMT DD . 5.62 38.96 -24.90
C6B LMT DD . 6.60 39.26 -23.78
O1B LMT DD . 5.28 36.72 -27.13
O2B LMT DD . 3.18 37.95 -27.83
O3B LMT DD . 2.44 40.36 -26.19
O4' LMT DD . 4.59 41.11 -24.45
O5B LMT DD . 5.32 37.58 -24.96
O6B LMT DD . 7.89 39.12 -24.25
C1' LMT DD . 6.07 33.92 -29.83
C2' LMT DD . 4.63 33.72 -29.31
C3' LMT DD . 4.28 34.95 -28.40
C4' LMT DD . 5.39 35.32 -27.38
C5' LMT DD . 6.81 35.08 -27.98
C6' LMT DD . 7.91 35.22 -26.97
O1' LMT DD . 6.39 33.01 -30.82
O2' LMT DD . 3.78 33.72 -30.39
O3' LMT DD . 3.11 34.73 -27.73
O5' LMT DD . 6.92 33.84 -28.67
O6' LMT DD . 8.12 36.59 -26.72
C1 LMT DD . 7.44 32.11 -30.57
C2 LMT DD . 8.36 32.18 -31.77
C3 LMT DD . 8.69 30.87 -32.42
C4 LMT DD . 10.15 30.87 -32.74
C5 LMT DD . 10.39 30.74 -34.20
C6 LMT DD . 11.23 31.86 -34.71
C7 LMT DD . 11.78 31.57 -36.08
C8 LMT DD . 12.81 32.60 -36.36
C9 LMT DD . 13.43 32.55 -37.70
C10 LMT DD . 12.82 33.66 -38.49
C11 LMT DD . 13.66 34.03 -39.69
C12 LMT DD . 13.08 35.20 -40.44
C1B LMT ED . 12.87 59.08 -24.37
C2B LMT ED . 12.79 60.61 -24.59
C3B LMT ED . 14.01 61.34 -23.98
C4B LMT ED . 15.37 60.72 -24.40
C5B LMT ED . 15.24 59.18 -24.49
C6B LMT ED . 16.50 58.50 -23.97
O1B LMT ED . 12.67 58.40 -25.57
O2B LMT ED . 12.69 60.85 -25.96
O3B LMT ED . 13.89 61.47 -22.61
O4' LMT ED . 15.78 61.23 -25.63
O5B LMT ED . 14.10 58.70 -23.82
O6B LMT ED . 17.25 57.98 -24.99
C1' LMT ED . 11.30 54.99 -27.36
C2' LMT ED . 10.19 56.01 -26.99
C3' LMT ED . 10.81 57.36 -26.52
C4' LMT ED . 11.98 57.19 -25.54
C5' LMT ED . 12.90 56.12 -26.20
C6' LMT ED . 14.21 55.90 -25.50
O1' LMT ED . 10.82 53.72 -27.55
O2' LMT ED . 9.44 56.29 -28.12
O3' LMT ED . 9.86 58.18 -25.98
O5' LMT ED . 12.23 54.91 -26.30
O6' LMT ED . 14.80 54.89 -26.21
C1 LMT ED . 11.35 53.03 -28.65
C2 LMT ED . 12.66 52.48 -28.19
C3 LMT ED . 13.89 52.90 -28.95
C4 LMT ED . 14.46 51.70 -29.67
C5 LMT ED . 15.57 52.10 -30.58
C6 LMT ED . 16.55 51.00 -30.77
C7 LMT ED . 17.03 51.01 -32.21
C8 LMT ED . 18.45 50.56 -32.30
C9 LMT ED . 19.00 50.44 -33.72
C10 LMT ED . 19.67 51.74 -34.11
C11 LMT ED . 18.76 52.68 -34.86
C12 LMT ED . 18.85 54.08 -34.33
O1' LMT FD . 18.19 23.80 -18.32
C1 LMT FD . 18.82 22.61 -18.73
C2 LMT FD . 20.20 23.05 -19.13
C3 LMT FD . 20.28 23.97 -20.29
C4 LMT FD . 21.17 23.30 -21.30
C5 LMT FD . 22.18 24.26 -21.81
C6 LMT FD . 21.52 25.43 -22.45
C7 LMT FD . 22.55 26.25 -23.18
C8 LMT FD . 21.89 26.98 -24.32
C9 LMT FD . 22.77 28.05 -24.88
C10 LMT FD . 21.92 29.21 -25.30
C11 LMT FD . 21.09 28.92 -26.50
C12 LMT FD . 20.98 30.13 -27.41
C1B LMT GD . 25.11 23.82 -14.33
C2B LMT GD . 25.57 22.94 -13.14
C3B LMT GD . 24.50 21.89 -12.76
C4B LMT GD . 23.12 22.61 -12.58
C5B LMT GD . 22.84 23.29 -13.93
C6B LMT GD . 21.41 23.85 -14.00
O1B LMT GD . 25.30 23.18 -15.57
O2B LMT GD . 26.76 22.33 -13.51
O3B LMT GD . 24.88 21.11 -11.67
O4' LMT GD . 22.11 21.73 -12.25
O5B LMT GD . 23.79 24.31 -14.20
O6B LMT GD . 21.10 24.16 -15.30
C1' LMT GD . 26.71 24.28 -19.35
C2' LMT GD . 27.28 25.03 -18.11
C3' LMT GD . 27.04 24.22 -16.83
C4' LMT GD . 25.52 24.01 -16.68
C5' LMT GD . 25.07 23.30 -18.00
C6' LMT GD . 23.63 22.87 -18.01
O1' LMT GD . 26.88 25.03 -20.49
O2' LMT GD . 28.65 25.27 -18.23
O3' LMT GD . 27.55 24.88 -15.73
O5' LMT GD . 25.32 24.11 -19.13
O6' LMT GD . 23.67 21.49 -17.95
C1 LMT GD . 25.96 24.79 -21.58
C2 LMT GD . 26.72 25.14 -22.83
C3 LMT GD . 25.92 25.33 -24.09
C4 LMT GD . 26.68 24.80 -25.30
C5 LMT GD . 25.70 24.34 -26.34
C6 LMT GD . 26.29 24.37 -27.69
C7 LMT GD . 25.34 23.82 -28.73
C8 LMT GD . 25.89 24.14 -30.07
C9 LMT GD . 25.51 23.21 -31.19
C10 LMT GD . 26.39 23.57 -32.38
C11 LMT GD . 26.05 22.73 -33.59
C12 LMT GD . 26.99 22.96 -34.76
C1B LMT HD . 3.25 20.63 -13.60
C2B LMT HD . 3.79 19.42 -14.43
C3B LMT HD . 5.03 19.73 -15.31
C4B LMT HD . 5.04 21.17 -15.88
C5B LMT HD . 4.73 22.16 -14.73
C6B LMT HD . 4.83 23.60 -15.21
O1B LMT HD . 3.69 20.59 -12.26
O2B LMT HD . 4.09 18.41 -13.51
O3B LMT HD . 5.18 18.78 -16.30
O4' LMT HD . 6.29 21.46 -16.39
O5B LMT HD . 3.45 21.92 -14.18
O6B LMT HD . 5.90 24.24 -14.64
C1' LMT HD . 0.41 20.41 -9.51
C2' LMT HD . 0.17 21.16 -10.89
C3' LMT HD . 1.44 21.47 -11.79
C4' LMT HD . 2.76 20.87 -11.22
C5' LMT HD . 2.34 19.53 -10.56
C6' LMT HD . 3.47 18.57 -10.33
O1' LMT HD . 0.29 21.28 -8.44
O2' LMT HD . -0.74 20.44 -11.67
O3' LMT HD . 1.58 22.82 -12.09
O5' LMT HD . 1.69 19.80 -9.34
O6' LMT HD . 3.47 18.31 -8.99
C1 LMT HD . -1.03 21.65 -8.03
C2 LMT HD . -1.02 21.64 -6.52
C3 LMT HD . -1.79 22.71 -5.82
C4 LMT HD . -2.48 22.08 -4.65
C5 LMT HD . -3.39 23.04 -3.94
C6 LMT HD . -4.11 22.34 -2.82
C7 LMT HD . -5.05 23.25 -2.08
C8 LMT HD . -5.53 22.56 -0.83
C9 LMT HD . -7.00 22.69 -0.56
C10 LMT HD . -7.34 22.24 0.83
C11 LMT HD . -7.70 23.39 1.72
C12 LMT HD . -8.08 22.96 3.07
C1' LMT ID . 16.96 33.95 14.14
C2' LMT ID . 15.44 34.24 13.97
C3' LMT ID . 14.71 34.32 15.34
O1' LMT ID . 17.67 34.49 13.10
O3' LMT ID . 14.26 33.09 15.72
C1 LMT ID . 19.05 34.71 13.34
C2 LMT ID . 19.77 34.38 12.06
C3 LMT ID . 19.08 34.73 10.76
C4 LMT ID . 20.04 34.53 9.59
C5 LMT ID . 19.84 35.52 8.48
C6 LMT ID . 20.84 35.36 7.37
C7 LMT ID . 20.66 36.42 6.30
C8 LMT ID . 20.95 35.83 4.94
C9 LMT ID . 22.41 35.67 4.61
C10 LMT ID . 22.52 34.95 3.29
C11 LMT ID . 23.17 35.78 2.22
C12 LMT ID . 24.66 35.69 2.22
C2 LMT JD . 42.75 27.50 -25.70
C3 LMT JD . 43.35 26.23 -25.20
C4 LMT JD . 42.55 25.88 -23.98
C5 LMT JD . 42.97 24.55 -23.43
C6 LMT JD . 43.48 24.66 -22.03
C7 LMT JD . 42.59 23.89 -21.10
C1B LMT KD . 47.38 40.56 -52.24
C2B LMT KD . 48.48 40.42 -53.29
C3B LMT KD . 49.59 41.48 -53.02
C4B LMT KD . 49.00 42.91 -52.88
C5B LMT KD . 47.80 42.88 -51.94
C6B LMT KD . 47.15 44.27 -51.81
O1B LMT KD . 47.95 40.21 -51.00
O2B LMT KD . 48.93 39.14 -53.18
O3B LMT KD . 50.62 41.43 -53.92
O4' LMT KD . 49.94 43.77 -52.34
O5B LMT KD . 46.86 41.86 -52.26
O6B LMT KD . 46.62 44.44 -50.52
C1' LMT KD . 47.12 38.62 -47.20
C2' LMT KD . 46.40 37.92 -48.40
C3' LMT KD . 47.05 38.33 -49.78
C4' LMT KD . 47.11 39.87 -49.90
C5' LMT KD . 47.77 40.43 -48.60
C6' LMT KD . 47.85 41.94 -48.61
O1' LMT KD . 46.46 38.33 -46.00
O2' LMT KD . 46.47 36.53 -48.26
O3' LMT KD . 46.33 37.80 -50.84
O5' LMT KD . 47.12 40.03 -47.39
O6' LMT KD . 49.12 42.24 -49.04
C1 LMT KD . 46.76 39.14 -44.89
C2 LMT KD . 46.96 38.22 -43.72
C3 LMT KD . 47.69 38.88 -42.58
C4 LMT KD . 47.65 37.98 -41.38
C5 LMT KD . 48.47 38.57 -40.28
C6 LMT KD . 47.63 39.10 -39.16
C7 LMT KD . 48.34 38.85 -37.86
C8 LMT KD . 47.50 39.36 -36.71
C9 LMT KD . 48.17 39.26 -35.35
C10 LMT KD . 49.04 40.49 -35.15
C11 LMT KD . 49.98 40.32 -34.01
C12 LMT KD . 49.31 39.72 -32.82
C1 PTY LD . 24.22 56.61 -62.98
O4 PTY LD . 24.08 55.29 -62.50
C6 PTY LD . 23.02 57.43 -62.54
O7 PTY LD . 23.41 58.47 -61.67
C8 PTY LD . 24.16 58.06 -60.54
O10 PTY LD . 25.24 58.53 -60.36
C11 PTY LD . 23.58 57.05 -59.56
C12 PTY LD . 23.56 57.58 -58.12
C13 PTY LD . 22.24 57.16 -57.48
C14 PTY LD . 22.40 56.91 -55.98
C15 PTY LD . 21.00 56.99 -55.36
C16 PTY LD . 20.98 56.37 -53.96
C17 PTY LD . 19.55 56.44 -53.40
C18 PTY LD . 19.55 56.07 -51.92
C19 PTY LD . 18.13 56.09 -51.38
C20 PTY LD . 18.16 55.95 -49.86
C21 PTY LD . 16.78 56.27 -49.32
C22 PTY LD . 16.84 56.50 -47.80
C23 PTY LD . 16.58 55.21 -47.04
C24 PTY LD . 15.39 55.42 -46.11
C25 PTY LD . 14.14 55.80 -46.90
C30 PTY LD . 25.26 54.65 -62.07
C31 PTY LD . 26.36 55.45 -61.37
O30 PTY LD . 25.40 53.48 -62.25
C32 PTY LD . 27.71 54.73 -61.45
C33 PTY LD . 28.80 55.60 -60.82
C34 PTY LD . 29.17 55.10 -59.43
C35 PTY LD . 28.30 55.76 -58.36
C36 PTY LD . 27.19 54.79 -57.93
C37 PTY LD . 26.23 55.44 -56.94
C38 PTY LD . 26.60 55.00 -55.53
C39 PTY LD . 25.42 55.16 -54.57
C40 PTY LD . 25.93 55.26 -53.13
C41 PTY LD . 24.94 54.61 -52.16
C42 PTY LD . 24.99 55.25 -50.77
C43 PTY LD . 23.60 55.25 -50.12
C44 PTY LD . 23.65 55.55 -48.62
C1 PTY MD . 0.34 53.90 -32.35
C2 PTY MD . 2.62 53.40 -25.41
C3 PTY MD . 3.20 52.86 -26.72
O4 PTY MD . -0.43 53.66 -33.49
C5 PTY MD . 2.50 54.91 -31.51
C6 PTY MD . 1.78 54.29 -32.72
O7 PTY MD . 1.78 55.17 -33.82
C8 PTY MD . 2.34 54.65 -35.01
O10 PTY MD . 3.49 54.77 -35.21
C11 PTY MD . 1.48 53.91 -36.04
C12 PTY MD . 2.20 53.82 -37.38
C13 PTY MD . 1.53 52.77 -38.27
C14 PTY MD . 1.83 53.05 -39.75
C15 PTY MD . 1.95 51.71 -40.50
C16 PTY MD . 2.05 51.88 -42.02
C17 PTY MD . 2.57 50.53 -42.54
C18 PTY MD . 2.29 50.31 -44.02
C19 PTY MD . 2.39 48.82 -44.33
C20 PTY MD . 3.08 48.61 -45.68
C21 PTY MD . 2.03 48.47 -46.79
C22 PTY MD . 2.08 47.06 -47.43
C23 PTY MD . 3.10 46.98 -48.55
C24 PTY MD . 2.42 46.63 -49.88
C25 PTY MD . 3.46 46.18 -50.93
C26 PTY MD . 4.23 47.34 -51.57
C27 PTY MD . 5.59 46.82 -52.05
C30 PTY MD . -1.04 52.39 -33.57
C31 PTY MD . -1.38 51.80 -34.94
O30 PTY MD . -1.29 51.79 -32.58
C32 PTY MD . -1.01 50.31 -35.02
C33 PTY MD . -0.99 49.91 -36.49
C34 PTY MD . -0.02 48.76 -36.71
C35 PTY MD . 0.86 49.05 -37.93
C36 PTY MD . 1.55 47.76 -38.38
C37 PTY MD . 2.62 48.03 -39.45
C38 PTY MD . 3.32 46.73 -39.86
C39 PTY MD . 4.85 46.85 -39.76
C40 PTY MD . 5.51 45.47 -39.91
C41 PTY MD . 5.85 45.17 -41.37
C42 PTY MD . 6.45 43.77 -41.51
C43 PTY MD . 6.80 43.46 -42.97
C44 PTY MD . 7.88 42.38 -43.04
P1 PTY MD . 3.19 54.32 -28.98
O11 PTY MD . 2.49 53.33 -27.85
O12 PTY MD . 2.80 55.76 -28.70
O13 PTY MD . 4.70 54.19 -28.89
O14 PTY MD . 2.69 53.93 -30.52
N1 PTY MD . 2.24 52.34 -24.49
C1 GOL ND . -21.62 42.93 19.67
O1 GOL ND . -20.91 44.08 19.59
C2 GOL ND . -22.21 42.75 18.14
O2 GOL ND . -22.52 43.97 17.48
C3 GOL ND . -21.16 41.91 17.33
O3 GOL ND . -21.77 41.73 16.01
C1 GOL OD . 9.49 31.24 -0.39
O1 GOL OD . 9.86 30.26 0.60
C2 GOL OD . 8.71 32.53 0.14
O2 GOL OD . 8.87 32.97 1.53
C3 GOL OD . 8.89 33.65 -1.00
O3 GOL OD . 7.86 34.62 -0.78
C1 GOL PD . 10.47 26.18 20.42
O1 GOL PD . 11.33 27.02 19.63
C2 GOL PD . 9.17 25.77 19.59
O2 GOL PD . 9.15 24.44 19.21
C3 GOL PD . 7.93 26.09 20.50
O3 GOL PD . 6.94 26.63 19.64
C1 GOL QD . -23.04 50.42 4.10
O1 GOL QD . -23.46 51.44 5.03
C2 GOL QD . -24.00 49.18 4.34
O2 GOL QD . -25.08 49.07 3.37
C3 GOL QD . -22.97 47.96 4.33
O3 GOL QD . -22.35 47.97 5.66
C1 GOL RD . 36.26 29.11 -54.81
O1 GOL RD . 35.01 28.66 -55.15
C2 GOL RD . 37.17 28.94 -56.02
O2 GOL RD . 36.80 29.80 -57.12
C3 GOL RD . 38.53 29.25 -55.39
O3 GOL RD . 39.36 29.66 -56.44
#